data_6TV5
#
_entry.id   6TV5
#
_cell.length_a   1.000
_cell.length_b   1.000
_cell.length_c   1.000
_cell.angle_alpha   90.00
_cell.angle_beta   90.00
_cell.angle_gamma   90.00
#
_symmetry.space_group_name_H-M   'P 1'
#
_entity_poly.entity_id   1
_entity_poly.type   'polypeptide(L)'
_entity_poly.pdbx_seq_one_letter_code
;GAVTAVPSVFSSPNLASGFLQCLTFGIGNSPAFPTQEQQDLDAIAQVILNAVSTNTGATASARAQALSTALASSLTDLLI
AESAESNYNNQLSELTGILSNCFIQTTGSDNPAFVSRIQSLISVLSQNTDVNIISTA
;
_entity_poly.pdbx_strand_id   A,B
#
# COMPACT_ATOMS: atom_id res chain seq x y z
N GLY A 1 15.72 -16.27 -1.98
CA GLY A 1 15.14 -15.34 -1.00
C GLY A 1 16.00 -15.20 0.25
N ALA A 2 15.35 -14.97 1.39
CA ALA A 2 16.03 -14.80 2.67
C ALA A 2 16.94 -13.58 2.66
N VAL A 3 16.35 -12.43 2.94
CA VAL A 3 17.07 -11.18 2.96
C VAL A 3 17.92 -11.08 4.23
N THR A 4 19.17 -10.63 4.09
CA THR A 4 20.08 -10.57 5.22
C THR A 4 20.34 -9.12 5.63
N ALA A 5 19.51 -8.23 5.09
CA ALA A 5 19.62 -6.81 5.37
C ALA A 5 18.24 -6.22 5.68
N VAL A 6 18.07 -5.73 6.89
CA VAL A 6 16.79 -5.19 7.31
C VAL A 6 16.77 -3.66 7.22
N PRO A 7 15.75 -3.09 6.56
CA PRO A 7 15.57 -1.64 6.49
C PRO A 7 15.04 -1.08 7.80
N SER A 8 15.89 -0.35 8.51
CA SER A 8 15.54 0.14 9.84
C SER A 8 14.74 1.44 9.74
N VAL A 9 14.59 1.95 8.52
CA VAL A 9 13.87 3.20 8.28
C VAL A 9 12.43 3.12 8.78
N PHE A 10 11.73 2.06 8.41
CA PHE A 10 10.31 1.92 8.74
C PHE A 10 10.12 1.56 10.21
N SER A 11 11.23 1.37 10.92
CA SER A 11 11.18 1.01 12.32
C SER A 11 11.69 2.17 13.19
N SER A 12 11.95 3.31 12.57
CA SER A 12 12.46 4.47 13.29
C SER A 12 11.87 5.77 12.72
N PRO A 13 11.09 6.50 13.54
CA PRO A 13 10.45 7.77 13.14
C PRO A 13 11.47 8.80 12.66
N ASN A 14 12.64 8.80 13.30
CA ASN A 14 13.70 9.74 12.95
C ASN A 14 14.23 9.46 11.54
N LEU A 15 14.31 8.18 11.19
CA LEU A 15 14.77 7.78 9.87
C LEU A 15 13.68 8.03 8.83
N ALA A 16 12.43 7.94 9.27
CA ALA A 16 11.30 8.21 8.40
C ALA A 16 11.37 9.63 7.85
N SER A 17 11.73 10.58 8.71
CA SER A 17 11.89 11.97 8.30
C SER A 17 12.98 12.08 7.23
N GLY A 18 14.12 11.45 7.49
CA GLY A 18 15.24 11.50 6.56
C GLY A 18 14.87 10.93 5.21
N PHE A 19 14.16 9.81 5.21
CA PHE A 19 13.75 9.15 3.97
C PHE A 19 12.72 10.00 3.23
N LEU A 20 11.77 10.54 3.98
CA LEU A 20 10.72 11.39 3.41
C LEU A 20 11.35 12.62 2.74
N GLN A 21 12.26 13.26 3.45
CA GLN A 21 12.89 14.47 2.95
C GLN A 21 13.90 14.17 1.85
N CYS A 22 14.17 12.89 1.63
CA CYS A 22 15.03 12.48 0.53
C CYS A 22 14.19 12.30 -0.71
N LEU A 23 13.02 11.71 -0.52
CA LEU A 23 12.07 11.49 -1.60
C LEU A 23 11.66 12.80 -2.24
N THR A 24 11.30 13.77 -1.40
CA THR A 24 10.82 15.06 -1.87
C THR A 24 11.92 15.86 -2.60
N PHE A 25 13.16 15.40 -2.45
CA PHE A 25 14.28 16.02 -3.14
C PHE A 25 14.62 15.24 -4.41
N GLY A 26 14.59 13.92 -4.29
CA GLY A 26 14.91 13.06 -5.42
C GLY A 26 13.88 13.16 -6.53
N ILE A 27 12.61 13.01 -6.18
CA ILE A 27 11.53 13.04 -7.17
C ILE A 27 11.48 14.39 -7.88
N GLY A 28 11.81 15.44 -7.15
CA GLY A 28 11.82 16.77 -7.73
C GLY A 28 13.13 17.12 -8.40
N ASN A 29 14.00 16.13 -8.53
CA ASN A 29 15.31 16.35 -9.12
C ASN A 29 15.45 15.58 -10.43
N SER A 30 14.75 14.44 -10.50
CA SER A 30 14.80 13.58 -11.67
C SER A 30 14.13 14.23 -12.88
N PRO A 31 14.68 14.01 -14.09
CA PRO A 31 14.16 14.61 -15.33
C PRO A 31 12.82 14.03 -15.74
N ALA A 32 12.53 12.82 -15.29
CA ALA A 32 11.33 12.10 -15.72
C ALA A 32 10.09 12.51 -14.93
N PHE A 33 10.29 13.25 -13.84
CA PHE A 33 9.19 13.60 -12.96
C PHE A 33 8.83 15.07 -13.06
N PRO A 34 7.70 15.36 -13.70
CA PRO A 34 7.18 16.71 -13.82
C PRO A 34 6.51 17.21 -12.54
N THR A 35 6.25 18.51 -12.49
CA THR A 35 5.83 19.16 -11.25
C THR A 35 4.44 18.72 -10.78
N GLN A 36 3.48 18.57 -11.69
CA GLN A 36 2.12 18.26 -11.28
C GLN A 36 2.01 16.79 -10.94
N GLU A 37 2.90 15.99 -11.53
CA GLU A 37 2.93 14.57 -11.23
C GLU A 37 3.72 14.32 -9.95
N GLN A 38 4.65 15.22 -9.64
CA GLN A 38 5.42 15.15 -8.40
C GLN A 38 4.51 15.37 -7.20
N GLN A 39 3.53 16.26 -7.38
CA GLN A 39 2.54 16.57 -6.35
C GLN A 39 2.03 15.31 -5.66
N ASP A 40 1.51 14.39 -6.45
CA ASP A 40 0.93 13.16 -5.93
C ASP A 40 1.97 12.26 -5.32
N LEU A 41 3.12 12.16 -5.98
CA LEU A 41 4.19 11.27 -5.52
C LEU A 41 4.66 11.69 -4.12
N ASP A 42 5.00 12.96 -3.97
CA ASP A 42 5.45 13.49 -2.69
C ASP A 42 4.35 13.38 -1.64
N ALA A 43 3.12 13.66 -2.06
CA ALA A 43 1.97 13.65 -1.15
C ALA A 43 1.69 12.25 -0.61
N ILE A 44 1.72 11.26 -1.48
CA ILE A 44 1.45 9.88 -1.07
C ILE A 44 2.60 9.34 -0.22
N ALA A 45 3.82 9.69 -0.61
CA ALA A 45 5.00 9.21 0.08
C ALA A 45 5.08 9.72 1.51
N GLN A 46 4.75 11.00 1.70
CA GLN A 46 4.84 11.61 3.03
C GLN A 46 3.87 10.95 4.00
N VAL A 47 2.77 10.41 3.50
CA VAL A 47 1.78 9.76 4.34
C VAL A 47 2.34 8.46 4.92
N ILE A 48 3.01 7.69 4.07
CA ILE A 48 3.58 6.41 4.50
C ILE A 48 4.64 6.62 5.57
N LEU A 49 5.52 7.58 5.36
CA LEU A 49 6.60 7.85 6.31
C LEU A 49 6.06 8.44 7.61
N ASN A 50 4.92 9.12 7.54
CA ASN A 50 4.29 9.65 8.74
C ASN A 50 3.68 8.53 9.57
N ALA A 51 3.32 7.44 8.90
CA ALA A 51 2.84 6.25 9.59
C ALA A 51 3.99 5.57 10.32
N VAL A 52 5.20 5.74 9.80
CA VAL A 52 6.40 5.25 10.46
C VAL A 52 6.67 6.09 11.71
N SER A 53 6.31 7.37 11.63
CA SER A 53 6.50 8.30 12.72
C SER A 53 5.63 7.94 13.92
N THR A 54 4.63 7.09 13.70
CA THR A 54 3.76 6.65 14.77
C THR A 54 3.95 5.16 15.05
N ASN A 55 5.07 4.61 14.60
CA ASN A 55 5.39 3.21 14.86
C ASN A 55 6.00 3.04 16.24
N THR A 56 5.33 2.23 17.04
CA THR A 56 5.81 1.87 18.36
C THR A 56 5.03 0.66 18.85
N GLY A 57 5.74 -0.29 19.41
CA GLY A 57 5.10 -1.50 19.91
C GLY A 57 5.68 -2.75 19.27
N ALA A 58 5.15 -3.90 19.65
CA ALA A 58 5.65 -5.18 19.15
C ALA A 58 5.23 -5.41 17.70
N THR A 59 4.20 -4.69 17.27
CA THR A 59 3.67 -4.82 15.92
C THR A 59 4.36 -3.87 14.94
N ALA A 60 5.35 -3.12 15.43
CA ALA A 60 6.06 -2.16 14.60
C ALA A 60 6.77 -2.85 13.44
N SER A 61 7.22 -4.08 13.68
CA SER A 61 7.90 -4.86 12.64
C SER A 61 6.94 -5.15 11.49
N ALA A 62 5.76 -5.64 11.82
CA ALA A 62 4.74 -5.94 10.81
C ALA A 62 4.30 -4.67 10.10
N ARG A 63 4.15 -3.58 10.85
CA ARG A 63 3.78 -2.30 10.27
C ARG A 63 4.83 -1.84 9.28
N ALA A 64 6.10 -2.03 9.66
CA ALA A 64 7.22 -1.67 8.80
C ALA A 64 7.16 -2.43 7.48
N GLN A 65 6.87 -3.72 7.55
CA GLN A 65 6.76 -4.56 6.37
C GLN A 65 5.59 -4.10 5.50
N ALA A 66 4.46 -3.85 6.15
CA ALA A 66 3.25 -3.41 5.45
C ALA A 66 3.47 -2.07 4.77
N LEU A 67 4.08 -1.13 5.47
CA LEU A 67 4.35 0.20 4.94
C LEU A 67 5.33 0.11 3.78
N SER A 68 6.25 -0.84 3.87
CA SER A 68 7.23 -1.07 2.82
C SER A 68 6.52 -1.38 1.50
N THR A 69 5.60 -2.34 1.53
CA THR A 69 4.87 -2.72 0.33
C THR A 69 3.82 -1.66 -0.03
N ALA A 70 3.19 -1.08 0.98
CA ALA A 70 2.17 -0.05 0.75
C ALA A 70 2.76 1.14 0.00
N LEU A 71 3.98 1.53 0.39
CA LEU A 71 4.70 2.61 -0.27
C LEU A 71 4.90 2.30 -1.75
N ALA A 72 5.48 1.13 -2.00
CA ALA A 72 5.75 0.69 -3.37
C ALA A 72 4.46 0.57 -4.17
N SER A 73 3.43 -0.01 -3.55
CA SER A 73 2.16 -0.25 -4.20
C SER A 73 1.49 1.05 -4.65
N SER A 74 1.30 1.96 -3.71
CA SER A 74 0.58 3.19 -3.97
C SER A 74 1.31 4.05 -5.00
N LEU A 75 2.62 4.21 -4.82
CA LEU A 75 3.43 5.03 -5.73
C LEU A 75 3.41 4.46 -7.13
N THR A 76 3.57 3.15 -7.26
CA THR A 76 3.62 2.50 -8.57
C THR A 76 2.25 2.53 -9.25
N ASP A 77 1.20 2.23 -8.49
CA ASP A 77 -0.16 2.21 -9.03
C ASP A 77 -0.52 3.58 -9.58
N LEU A 78 -0.23 4.62 -8.78
CA LEU A 78 -0.48 6.00 -9.16
C LEU A 78 0.31 6.33 -10.44
N LEU A 79 1.59 5.99 -10.43
CA LEU A 79 2.48 6.32 -11.53
C LEU A 79 2.00 5.67 -12.83
N ILE A 80 1.72 4.37 -12.78
CA ILE A 80 1.28 3.63 -13.96
C ILE A 80 0.07 4.29 -14.62
N ALA A 81 -0.93 4.61 -13.80
CA ALA A 81 -2.19 5.16 -14.28
C ALA A 81 -1.99 6.45 -15.08
N GLU A 82 -1.20 7.37 -14.53
CA GLU A 82 -1.05 8.69 -15.13
C GLU A 82 0.17 8.76 -16.06
N SER A 83 0.74 7.62 -16.39
CA SER A 83 1.85 7.56 -17.32
C SER A 83 1.47 6.84 -18.60
N ALA A 84 0.22 7.05 -19.01
CA ALA A 84 -0.29 6.58 -20.30
C ALA A 84 -0.41 5.06 -20.34
N GLU A 85 -0.40 4.45 -19.16
CA GLU A 85 -0.62 3.01 -18.99
C GLU A 85 0.58 2.18 -19.43
N SER A 86 1.11 2.49 -20.59
CA SER A 86 2.22 1.73 -21.16
C SER A 86 3.55 2.41 -20.88
N ASN A 87 3.52 3.73 -20.75
CA ASN A 87 4.76 4.51 -20.70
C ASN A 87 5.23 4.68 -19.25
N TYR A 88 4.61 3.96 -18.34
CA TYR A 88 4.92 4.07 -16.91
C TYR A 88 6.36 3.66 -16.62
N ASN A 89 6.92 2.82 -17.47
CA ASN A 89 8.28 2.32 -17.27
C ASN A 89 9.30 3.43 -17.48
N ASN A 90 8.88 4.49 -18.18
CA ASN A 90 9.74 5.62 -18.46
C ASN A 90 10.16 6.33 -17.18
N GLN A 91 9.22 6.43 -16.25
CA GLN A 91 9.47 7.11 -14.98
C GLN A 91 9.83 6.11 -13.89
N LEU A 92 9.45 4.85 -14.09
CA LEU A 92 9.71 3.79 -13.13
C LEU A 92 11.22 3.60 -12.92
N SER A 93 11.97 3.74 -14.00
CA SER A 93 13.43 3.62 -13.96
C SER A 93 14.04 4.65 -13.00
N GLU A 94 13.48 5.85 -12.99
CA GLU A 94 13.96 6.91 -12.11
C GLU A 94 13.46 6.69 -10.69
N LEU A 95 12.18 6.31 -10.57
CA LEU A 95 11.55 6.11 -9.28
C LEU A 95 12.33 5.08 -8.45
N THR A 96 12.63 3.95 -9.05
CA THR A 96 13.36 2.89 -8.36
C THR A 96 14.74 3.36 -7.93
N GLY A 97 15.35 4.20 -8.76
CA GLY A 97 16.65 4.75 -8.44
C GLY A 97 16.59 5.65 -7.21
N ILE A 98 15.64 6.56 -7.21
CA ILE A 98 15.43 7.47 -6.08
C ILE A 98 15.20 6.70 -4.79
N LEU A 99 14.26 5.76 -4.84
CA LEU A 99 13.91 4.94 -3.67
C LEU A 99 15.15 4.24 -3.11
N SER A 100 15.87 3.53 -3.97
CA SER A 100 17.04 2.78 -3.57
C SER A 100 18.13 3.71 -3.03
N ASN A 101 18.29 4.86 -3.69
CA ASN A 101 19.28 5.84 -3.28
C ASN A 101 18.95 6.40 -1.90
N CYS A 102 17.69 6.70 -1.67
CA CYS A 102 17.25 7.23 -0.40
C CYS A 102 17.46 6.21 0.72
N PHE A 103 17.23 4.93 0.42
CA PHE A 103 17.53 3.87 1.38
C PHE A 103 19.01 3.90 1.75
N ILE A 104 19.86 4.05 0.75
CA ILE A 104 21.30 4.13 0.97
C ILE A 104 21.63 5.28 1.92
N GLN A 105 21.02 6.42 1.68
CA GLN A 105 21.32 7.61 2.46
C GLN A 105 20.75 7.53 3.86
N THR A 106 19.59 6.90 4.00
CA THR A 106 18.85 6.92 5.24
C THR A 106 19.14 5.70 6.13
N THR A 107 19.08 4.50 5.55
CA THR A 107 19.26 3.29 6.35
C THR A 107 20.66 2.71 6.15
N GLY A 108 21.40 3.29 5.22
CA GLY A 108 22.77 2.88 4.98
C GLY A 108 22.88 1.61 4.17
N SER A 109 21.81 1.25 3.47
CA SER A 109 21.81 0.04 2.66
C SER A 109 20.77 0.16 1.55
N ASP A 110 20.82 -0.76 0.62
CA ASP A 110 19.94 -0.74 -0.54
C ASP A 110 18.60 -1.40 -0.25
N ASN A 111 18.63 -2.44 0.59
CA ASN A 111 17.43 -3.19 0.96
C ASN A 111 16.80 -3.87 -0.26
N PRO A 112 17.24 -5.09 -0.57
CA PRO A 112 16.76 -5.85 -1.72
C PRO A 112 15.30 -6.26 -1.57
N ALA A 113 14.83 -6.32 -0.34
CA ALA A 113 13.46 -6.73 -0.06
C ALA A 113 12.45 -5.74 -0.65
N PHE A 114 12.76 -4.45 -0.55
CA PHE A 114 11.84 -3.41 -1.00
C PHE A 114 11.62 -3.50 -2.51
N VAL A 115 12.71 -3.53 -3.26
CA VAL A 115 12.63 -3.56 -4.72
C VAL A 115 11.99 -4.87 -5.20
N SER A 116 12.16 -5.93 -4.44
CA SER A 116 11.54 -7.21 -4.77
C SER A 116 10.03 -7.12 -4.63
N ARG A 117 9.57 -6.41 -3.60
CA ARG A 117 8.15 -6.16 -3.40
C ARG A 117 7.60 -5.33 -4.55
N ILE A 118 8.38 -4.34 -4.99
CA ILE A 118 7.97 -3.49 -6.11
C ILE A 118 7.73 -4.31 -7.37
N GLN A 119 8.74 -5.08 -7.76
CA GLN A 119 8.67 -5.88 -8.99
C GLN A 119 7.45 -6.81 -8.99
N SER A 120 7.14 -7.34 -7.81
CA SER A 120 6.01 -8.23 -7.66
C SER A 120 4.69 -7.50 -7.88
N LEU A 121 4.63 -6.28 -7.38
CA LEU A 121 3.41 -5.47 -7.48
C LEU A 121 3.18 -4.98 -8.91
N ILE A 122 4.27 -4.57 -9.58
CA ILE A 122 4.19 -4.05 -10.95
C ILE A 122 3.44 -5.02 -11.86
N SER A 123 3.72 -6.31 -11.68
CA SER A 123 3.15 -7.36 -12.52
C SER A 123 1.62 -7.38 -12.42
N VAL A 124 1.10 -7.32 -11.19
CA VAL A 124 -0.34 -7.42 -10.97
C VAL A 124 -1.03 -6.08 -11.24
N LEU A 125 -0.31 -4.98 -11.06
CA LEU A 125 -0.87 -3.66 -11.30
C LEU A 125 -1.06 -3.41 -12.79
N SER A 126 -0.03 -3.70 -13.57
CA SER A 126 -0.06 -3.47 -15.01
C SER A 126 -0.97 -4.49 -15.69
N GLN A 127 -1.37 -5.52 -14.93
CA GLN A 127 -2.22 -6.59 -15.44
C GLN A 127 -3.62 -6.07 -15.74
N ASN A 128 -3.97 -4.99 -15.09
CA ASN A 128 -5.30 -4.40 -15.22
C ASN A 128 -5.33 -3.34 -16.31
N THR A 129 -4.81 -3.68 -17.48
CA THR A 129 -4.87 -2.81 -18.63
C THR A 129 -5.93 -3.30 -19.61
N ASP A 130 -6.89 -4.01 -19.05
CA ASP A 130 -8.01 -4.54 -19.80
C ASP A 130 -9.19 -3.58 -19.79
N VAL A 131 -8.87 -2.29 -19.73
CA VAL A 131 -9.87 -1.25 -19.56
C VAL A 131 -10.65 -0.96 -20.86
N ASN A 132 -10.61 -1.91 -21.79
CA ASN A 132 -11.34 -1.79 -23.04
C ASN A 132 -12.83 -2.11 -22.84
N ILE A 133 -13.30 -1.93 -21.61
CA ILE A 133 -14.67 -2.28 -21.22
C ILE A 133 -15.67 -1.20 -21.65
N ILE A 134 -15.22 -0.28 -22.48
CA ILE A 134 -16.05 0.83 -22.95
C ILE A 134 -17.29 0.29 -23.69
N SER A 135 -18.47 0.68 -23.21
CA SER A 135 -19.72 0.11 -23.72
C SER A 135 -20.24 0.84 -24.95
N THR A 136 -19.31 1.30 -25.77
CA THR A 136 -19.65 2.00 -26.98
C THR A 136 -19.85 1.04 -28.15
N ALA A 137 -19.15 -0.09 -28.11
CA ALA A 137 -19.26 -1.11 -29.15
C ALA A 137 -20.38 -2.09 -28.84
N GLY B 1 -13.98 -7.07 -19.41
CA GLY B 1 -15.27 -7.60 -19.82
C GLY B 1 -16.40 -7.15 -18.92
N ALA B 2 -16.06 -6.38 -17.89
CA ALA B 2 -17.05 -5.90 -16.94
C ALA B 2 -16.94 -4.39 -16.78
N VAL B 3 -18.09 -3.72 -16.77
CA VAL B 3 -18.13 -2.28 -16.60
C VAL B 3 -17.64 -1.91 -15.20
N THR B 4 -16.57 -1.14 -15.15
CA THR B 4 -15.98 -0.75 -13.88
C THR B 4 -16.71 0.45 -13.28
N ALA B 5 -17.23 0.27 -12.07
CA ALA B 5 -17.87 1.34 -11.34
C ALA B 5 -16.94 1.83 -10.23
N VAL B 6 -16.88 3.14 -10.06
CA VAL B 6 -15.97 3.74 -9.08
C VAL B 6 -16.68 3.96 -7.75
N PRO B 7 -16.23 3.27 -6.69
CA PRO B 7 -16.76 3.44 -5.34
C PRO B 7 -16.59 4.87 -4.84
N SER B 8 -17.69 5.47 -4.40
CA SER B 8 -17.67 6.86 -3.98
C SER B 8 -16.92 7.04 -2.67
N VAL B 9 -16.65 5.94 -1.98
CA VAL B 9 -15.94 5.99 -0.70
C VAL B 9 -14.53 6.56 -0.86
N PHE B 10 -13.94 6.39 -2.04
CA PHE B 10 -12.60 6.89 -2.31
C PHE B 10 -12.64 8.31 -2.89
N SER B 11 -13.85 8.81 -3.12
CA SER B 11 -14.02 10.14 -3.70
C SER B 11 -14.68 11.07 -2.68
N SER B 12 -15.02 10.52 -1.53
CA SER B 12 -15.70 11.28 -0.50
C SER B 12 -15.06 11.03 0.87
N PRO B 13 -14.41 12.05 1.45
CA PRO B 13 -13.78 11.94 2.77
C PRO B 13 -14.79 11.57 3.85
N ASN B 14 -16.03 12.02 3.69
CA ASN B 14 -17.09 11.70 4.63
C ASN B 14 -17.39 10.21 4.60
N LEU B 15 -17.27 9.59 3.43
CA LEU B 15 -17.49 8.16 3.29
C LEU B 15 -16.25 7.40 3.71
N ALA B 16 -15.08 7.99 3.46
CA ALA B 16 -13.83 7.41 3.89
C ALA B 16 -13.80 7.24 5.40
N SER B 17 -14.24 8.29 6.10
CA SER B 17 -14.34 8.25 7.55
C SER B 17 -15.36 7.21 7.98
N GLY B 18 -16.50 7.18 7.27
CA GLY B 18 -17.55 6.21 7.57
C GLY B 18 -17.10 4.78 7.35
N PHE B 19 -16.28 4.58 6.33
CA PHE B 19 -15.73 3.26 6.04
C PHE B 19 -14.86 2.79 7.20
N LEU B 20 -14.07 3.72 7.75
CA LEU B 20 -13.25 3.43 8.92
C LEU B 20 -14.13 3.13 10.13
N GLN B 21 -15.27 3.82 10.21
CA GLN B 21 -16.24 3.61 11.28
C GLN B 21 -16.89 2.24 11.15
N CYS B 22 -16.69 1.60 10.01
CA CYS B 22 -17.22 0.26 9.80
C CYS B 22 -16.14 -0.76 10.14
N LEU B 23 -14.93 -0.48 9.66
CA LEU B 23 -13.79 -1.36 9.90
C LEU B 23 -13.56 -1.57 11.39
N THR B 24 -13.52 -0.47 12.12
CA THR B 24 -13.25 -0.48 13.55
C THR B 24 -14.26 -1.34 14.32
N PHE B 25 -15.48 -1.47 13.76
CA PHE B 25 -16.52 -2.26 14.39
C PHE B 25 -16.48 -3.69 13.87
N GLY B 26 -16.28 -3.83 12.56
CA GLY B 26 -16.29 -5.14 11.93
C GLY B 26 -15.13 -6.00 12.38
N ILE B 27 -13.93 -5.44 12.39
CA ILE B 27 -12.74 -6.18 12.79
C ILE B 27 -12.83 -6.58 14.26
N GLY B 28 -13.36 -5.68 15.07
CA GLY B 28 -13.51 -5.95 16.50
C GLY B 28 -14.70 -6.83 16.80
N ASN B 29 -15.39 -7.28 15.79
CA ASN B 29 -16.54 -8.17 15.95
C ASN B 29 -16.29 -9.50 15.24
N SER B 30 -15.04 -9.73 14.86
CA SER B 30 -14.69 -10.96 14.17
C SER B 30 -13.82 -11.85 15.08
N PRO B 31 -14.21 -13.14 15.22
CA PRO B 31 -13.58 -14.06 16.17
C PRO B 31 -12.20 -14.56 15.74
N ALA B 32 -11.67 -13.99 14.66
CA ALA B 32 -10.35 -14.36 14.18
C ALA B 32 -9.33 -13.27 14.50
N PHE B 33 -9.82 -12.17 15.05
CA PHE B 33 -8.97 -11.03 15.34
C PHE B 33 -8.98 -10.70 16.82
N PRO B 34 -7.82 -10.84 17.47
CA PRO B 34 -7.64 -10.45 18.85
C PRO B 34 -7.81 -8.95 19.05
N THR B 35 -8.06 -8.53 20.28
CA THR B 35 -8.28 -7.13 20.59
C THR B 35 -7.04 -6.28 20.24
N GLN B 36 -5.87 -6.88 20.32
CA GLN B 36 -4.63 -6.17 20.05
C GLN B 36 -4.44 -6.03 18.56
N GLU B 37 -4.56 -7.15 17.85
CA GLU B 37 -4.39 -7.19 16.41
C GLU B 37 -5.44 -6.32 15.73
N GLN B 38 -6.65 -6.33 16.27
CA GLN B 38 -7.74 -5.49 15.75
C GLN B 38 -7.32 -4.03 15.73
N GLN B 39 -6.89 -3.53 16.89
CA GLN B 39 -6.55 -2.11 17.03
C GLN B 39 -5.41 -1.72 16.12
N ASP B 40 -4.48 -2.66 15.88
CA ASP B 40 -3.37 -2.40 14.97
C ASP B 40 -3.87 -2.31 13.54
N LEU B 41 -4.77 -3.21 13.17
CA LEU B 41 -5.39 -3.19 11.85
C LEU B 41 -6.12 -1.88 11.62
N ASP B 42 -6.90 -1.46 12.61
CA ASP B 42 -7.61 -0.18 12.55
C ASP B 42 -6.63 0.98 12.37
N ALA B 43 -5.51 0.91 13.09
CA ALA B 43 -4.50 1.96 13.03
C ALA B 43 -3.87 2.05 11.65
N ILE B 44 -3.68 0.91 10.99
CA ILE B 44 -3.10 0.89 9.66
C ILE B 44 -4.14 1.31 8.62
N ALA B 45 -5.35 0.80 8.77
CA ALA B 45 -6.43 1.08 7.83
C ALA B 45 -6.73 2.57 7.75
N GLN B 46 -6.78 3.22 8.91
CA GLN B 46 -7.13 4.64 8.98
C GLN B 46 -6.15 5.50 8.17
N VAL B 47 -4.91 5.03 8.05
CA VAL B 47 -3.89 5.75 7.29
C VAL B 47 -4.33 5.93 5.84
N ILE B 48 -4.88 4.88 5.26
CA ILE B 48 -5.35 4.92 3.88
C ILE B 48 -6.56 5.83 3.75
N LEU B 49 -7.50 5.73 4.69
CA LEU B 49 -8.70 6.55 4.66
C LEU B 49 -8.37 8.03 4.84
N ASN B 50 -7.34 8.31 5.63
CA ASN B 50 -6.88 9.68 5.81
C ASN B 50 -6.25 10.21 4.54
N ALA B 51 -5.71 9.31 3.73
CA ALA B 51 -5.18 9.67 2.43
C ALA B 51 -6.31 9.92 1.45
N VAL B 52 -7.40 9.15 1.59
CA VAL B 52 -8.60 9.39 0.80
C VAL B 52 -9.20 10.74 1.17
N SER B 53 -9.14 11.06 2.45
CA SER B 53 -9.67 12.31 2.97
C SER B 53 -8.89 13.50 2.40
N THR B 54 -7.63 13.29 2.05
CA THR B 54 -6.80 14.37 1.55
C THR B 54 -6.82 14.40 0.01
N ASN B 55 -7.73 13.63 -0.58
CA ASN B 55 -7.91 13.66 -2.02
C ASN B 55 -8.49 14.98 -2.47
N THR B 56 -7.61 15.85 -2.94
CA THR B 56 -8.01 17.11 -3.51
C THR B 56 -7.06 17.47 -4.63
N GLY B 57 -7.61 17.78 -5.80
CA GLY B 57 -6.80 18.09 -6.95
C GLY B 57 -7.29 17.39 -8.19
N ALA B 58 -6.57 17.56 -9.29
CA ALA B 58 -6.98 16.99 -10.57
C ALA B 58 -6.75 15.48 -10.61
N THR B 59 -5.68 15.05 -9.94
CA THR B 59 -5.26 13.65 -9.96
C THR B 59 -5.86 12.85 -8.81
N ALA B 60 -6.81 13.45 -8.11
CA ALA B 60 -7.45 12.79 -6.97
C ALA B 60 -8.13 11.50 -7.38
N SER B 61 -8.55 11.43 -8.63
CA SER B 61 -9.20 10.26 -9.18
C SER B 61 -8.25 9.06 -9.20
N ALA B 62 -7.02 9.31 -9.62
CA ALA B 62 -6.00 8.26 -9.68
C ALA B 62 -5.56 7.86 -8.29
N ARG B 63 -5.57 8.82 -7.37
CA ARG B 63 -5.23 8.55 -5.98
C ARG B 63 -6.19 7.52 -5.40
N ALA B 64 -7.48 7.70 -5.70
CA ALA B 64 -8.51 6.77 -5.25
C ALA B 64 -8.19 5.35 -5.68
N GLN B 65 -7.66 5.22 -6.89
CA GLN B 65 -7.29 3.92 -7.43
C GLN B 65 -6.10 3.34 -6.68
N ALA B 66 -5.05 4.14 -6.53
CA ALA B 66 -3.82 3.72 -5.87
C ALA B 66 -4.07 3.38 -4.41
N LEU B 67 -4.92 4.16 -3.76
CA LEU B 67 -5.26 3.94 -2.35
C LEU B 67 -6.03 2.66 -2.17
N SER B 68 -6.83 2.30 -3.17
CA SER B 68 -7.55 1.04 -3.18
C SER B 68 -6.57 -0.13 -3.09
N THR B 69 -5.52 -0.06 -3.92
CA THR B 69 -4.50 -1.09 -3.91
C THR B 69 -3.72 -1.06 -2.60
N ALA B 70 -3.40 0.14 -2.13
CA ALA B 70 -2.64 0.33 -0.91
C ALA B 70 -3.37 -0.24 0.30
N LEU B 71 -4.68 -0.05 0.34
CA LEU B 71 -5.50 -0.55 1.44
C LEU B 71 -5.42 -2.07 1.51
N ALA B 72 -5.62 -2.72 0.37
CA ALA B 72 -5.55 -4.18 0.29
C ALA B 72 -4.15 -4.66 0.64
N SER B 73 -3.14 -3.92 0.20
CA SER B 73 -1.75 -4.29 0.42
C SER B 73 -1.39 -4.23 1.90
N SER B 74 -1.55 -3.06 2.50
CA SER B 74 -1.11 -2.81 3.87
C SER B 74 -1.80 -3.73 4.88
N LEU B 75 -3.11 -3.87 4.76
CA LEU B 75 -3.88 -4.69 5.68
C LEU B 75 -3.47 -6.15 5.60
N THR B 76 -3.28 -6.66 4.39
CA THR B 76 -2.90 -8.05 4.19
C THR B 76 -1.47 -8.29 4.65
N ASP B 77 -0.59 -7.34 4.34
CA ASP B 77 0.83 -7.45 4.70
C ASP B 77 0.99 -7.49 6.22
N LEU B 78 0.31 -6.56 6.89
CA LEU B 78 0.29 -6.51 8.36
C LEU B 78 -0.18 -7.86 8.91
N LEU B 79 -1.25 -8.38 8.31
CA LEU B 79 -1.86 -9.61 8.76
C LEU B 79 -0.91 -10.80 8.62
N ILE B 80 -0.35 -10.97 7.42
CA ILE B 80 0.52 -12.10 7.13
C ILE B 80 1.74 -12.13 8.04
N ALA B 81 2.32 -10.96 8.27
CA ALA B 81 3.51 -10.83 9.11
C ALA B 81 3.28 -11.39 10.52
N GLU B 82 2.18 -10.98 11.15
CA GLU B 82 1.91 -11.36 12.53
C GLU B 82 1.25 -12.75 12.63
N SER B 83 1.16 -13.44 11.50
CA SER B 83 0.56 -14.77 11.48
C SER B 83 1.52 -15.79 10.91
N ALA B 84 2.80 -15.49 10.99
CA ALA B 84 3.87 -16.43 10.68
C ALA B 84 3.96 -16.73 9.19
N GLU B 85 3.21 -15.97 8.39
CA GLU B 85 3.20 -16.10 6.92
C GLU B 85 2.63 -17.43 6.47
N SER B 86 2.07 -18.16 7.41
CA SER B 86 1.44 -19.44 7.13
C SER B 86 0.04 -19.51 7.72
N ASN B 87 -0.16 -18.81 8.82
CA ASN B 87 -1.43 -18.84 9.53
C ASN B 87 -2.34 -17.70 9.07
N TYR B 88 -1.82 -16.88 8.17
CA TYR B 88 -2.52 -15.69 7.70
C TYR B 88 -3.86 -16.04 7.07
N ASN B 89 -3.94 -17.22 6.48
CA ASN B 89 -5.14 -17.66 5.76
C ASN B 89 -6.35 -17.75 6.69
N ASN B 90 -6.11 -18.03 7.97
CA ASN B 90 -7.17 -18.09 8.96
C ASN B 90 -7.87 -16.74 9.09
N GLN B 91 -7.08 -15.70 9.34
CA GLN B 91 -7.63 -14.36 9.56
C GLN B 91 -7.93 -13.67 8.24
N LEU B 92 -7.24 -14.09 7.18
CA LEU B 92 -7.42 -13.52 5.84
C LEU B 92 -8.86 -13.73 5.38
N SER B 93 -9.42 -14.87 5.73
CA SER B 93 -10.78 -15.22 5.35
C SER B 93 -11.80 -14.27 5.97
N GLU B 94 -11.50 -13.78 7.16
CA GLU B 94 -12.37 -12.82 7.84
C GLU B 94 -12.15 -11.41 7.32
N LEU B 95 -10.87 -11.02 7.23
CA LEU B 95 -10.49 -9.67 6.82
C LEU B 95 -11.11 -9.29 5.49
N THR B 96 -10.96 -10.17 4.50
CA THR B 96 -11.49 -9.94 3.17
C THR B 96 -13.00 -9.74 3.20
N GLY B 97 -13.68 -10.47 4.08
CA GLY B 97 -15.11 -10.33 4.22
C GLY B 97 -15.49 -8.98 4.79
N ILE B 98 -14.83 -8.61 5.88
CA ILE B 98 -15.09 -7.33 6.55
C ILE B 98 -14.96 -6.17 5.57
N LEU B 99 -13.88 -6.17 4.80
CA LEU B 99 -13.62 -5.12 3.83
C LEU B 99 -14.78 -4.99 2.84
N SER B 100 -15.17 -6.10 2.23
CA SER B 100 -16.24 -6.09 1.24
C SER B 100 -17.57 -5.71 1.89
N ASN B 101 -17.81 -6.21 3.10
CA ASN B 101 -19.03 -5.88 3.84
C ASN B 101 -19.10 -4.38 4.10
N CYS B 102 -17.97 -3.79 4.48
CA CYS B 102 -17.91 -2.36 4.72
C CYS B 102 -18.12 -1.57 3.43
N PHE B 103 -17.61 -2.08 2.31
CA PHE B 103 -17.88 -1.48 1.01
C PHE B 103 -19.37 -1.52 0.71
N ILE B 104 -19.98 -2.66 1.01
CA ILE B 104 -21.42 -2.85 0.82
C ILE B 104 -22.21 -1.81 1.58
N GLN B 105 -21.82 -1.55 2.82
CA GLN B 105 -22.57 -0.64 3.65
C GLN B 105 -22.22 0.82 3.34
N THR B 106 -20.94 1.08 3.12
CA THR B 106 -20.46 2.45 2.96
C THR B 106 -20.74 2.99 1.56
N THR B 107 -20.37 2.24 0.53
CA THR B 107 -20.49 2.73 -0.83
C THR B 107 -21.58 1.97 -1.60
N GLY B 108 -22.09 0.91 -0.99
CA GLY B 108 -23.21 0.19 -1.58
C GLY B 108 -22.79 -0.73 -2.70
N SER B 109 -21.68 -1.44 -2.53
CA SER B 109 -21.25 -2.42 -3.52
C SER B 109 -20.21 -3.36 -2.95
N ASP B 110 -20.02 -4.47 -3.64
CA ASP B 110 -19.08 -5.51 -3.22
C ASP B 110 -17.67 -5.09 -3.59
N ASN B 111 -17.58 -4.27 -4.63
CA ASN B 111 -16.31 -3.84 -5.20
C ASN B 111 -15.50 -5.05 -5.70
N PRO B 112 -15.85 -5.56 -6.89
CA PRO B 112 -15.20 -6.73 -7.47
C PRO B 112 -13.72 -6.47 -7.79
N ALA B 113 -13.39 -5.20 -8.05
CA ALA B 113 -12.03 -4.83 -8.38
C ALA B 113 -11.13 -4.94 -7.15
N PHE B 114 -11.64 -4.50 -6.00
CA PHE B 114 -10.88 -4.51 -4.77
C PHE B 114 -10.51 -5.93 -4.37
N VAL B 115 -11.51 -6.82 -4.35
CA VAL B 115 -11.29 -8.20 -3.95
C VAL B 115 -10.34 -8.91 -4.93
N SER B 116 -10.42 -8.55 -6.20
CA SER B 116 -9.54 -9.09 -7.22
C SER B 116 -8.11 -8.61 -6.99
N ARG B 117 -7.98 -7.34 -6.60
CA ARG B 117 -6.67 -6.77 -6.27
C ARG B 117 -6.09 -7.48 -5.04
N ILE B 118 -6.93 -7.76 -4.05
CA ILE B 118 -6.51 -8.49 -2.87
C ILE B 118 -5.87 -9.81 -3.25
N GLN B 119 -6.61 -10.62 -4.00
CA GLN B 119 -6.16 -11.95 -4.41
C GLN B 119 -4.88 -11.87 -5.23
N SER B 120 -4.78 -10.84 -6.06
CA SER B 120 -3.58 -10.62 -6.87
C SER B 120 -2.38 -10.30 -5.98
N LEU B 121 -2.62 -9.55 -4.93
CA LEU B 121 -1.57 -9.18 -3.99
C LEU B 121 -1.20 -10.37 -3.11
N ILE B 122 -2.12 -11.29 -2.93
CA ILE B 122 -1.85 -12.52 -2.19
C ILE B 122 -0.79 -13.32 -2.92
N SER B 123 -0.87 -13.29 -4.24
CA SER B 123 0.05 -14.02 -5.11
C SER B 123 1.49 -13.50 -4.95
N VAL B 124 1.64 -12.25 -4.52
CA VAL B 124 2.97 -11.67 -4.35
C VAL B 124 3.37 -11.64 -2.88
N LEU B 125 2.39 -11.47 -2.00
CA LEU B 125 2.63 -11.44 -0.56
C LEU B 125 3.05 -12.82 -0.05
N SER B 126 2.44 -13.85 -0.62
CA SER B 126 2.70 -15.22 -0.19
C SER B 126 3.75 -15.86 -1.10
N GLN B 127 4.54 -15.03 -1.78
CA GLN B 127 5.53 -15.52 -2.73
C GLN B 127 6.93 -15.36 -2.14
N ASN B 128 7.00 -14.77 -0.98
CA ASN B 128 8.26 -14.49 -0.30
C ASN B 128 8.05 -14.23 1.18
N THR B 129 8.97 -14.71 1.99
CA THR B 129 8.91 -14.52 3.43
C THR B 129 9.85 -13.40 3.86
N ASP B 130 9.34 -12.44 4.62
CA ASP B 130 10.13 -11.26 4.98
C ASP B 130 10.02 -10.93 6.47
N VAL B 131 9.08 -11.55 7.19
CA VAL B 131 8.89 -11.17 8.58
C VAL B 131 10.02 -11.67 9.47
N ASN B 132 10.74 -12.69 9.02
CA ASN B 132 11.86 -13.22 9.78
C ASN B 132 13.13 -13.27 8.94
N ILE B 133 13.36 -12.21 8.18
CA ILE B 133 14.65 -12.03 7.51
C ILE B 133 15.43 -10.91 8.20
N ILE B 134 14.88 -10.47 9.32
CA ILE B 134 15.45 -9.37 10.09
C ILE B 134 16.86 -9.71 10.56
N SER B 135 17.78 -8.79 10.34
CA SER B 135 19.15 -8.98 10.72
C SER B 135 19.64 -7.73 11.44
N THR B 136 19.09 -7.53 12.62
CA THR B 136 19.38 -6.36 13.45
C THR B 136 20.76 -6.44 14.10
N ALA B 137 21.74 -6.81 13.31
CA ALA B 137 23.12 -6.86 13.77
C ALA B 137 24.00 -6.07 12.82
N GLY A 1 17.64 -17.20 1.00
CA GLY A 1 17.16 -16.16 1.95
C GLY A 1 16.15 -15.23 1.32
N ALA A 2 14.87 -15.51 1.56
CA ALA A 2 13.79 -14.69 1.05
C ALA A 2 13.64 -13.41 1.87
N VAL A 3 12.62 -12.63 1.56
CA VAL A 3 12.39 -11.37 2.27
C VAL A 3 12.14 -11.61 3.76
N THR A 4 13.04 -11.10 4.56
CA THR A 4 12.97 -11.29 6.01
C THR A 4 13.69 -10.14 6.72
N ALA A 5 13.92 -9.07 5.99
CA ALA A 5 14.63 -7.92 6.53
C ALA A 5 13.68 -6.74 6.71
N VAL A 6 13.76 -6.09 7.85
CA VAL A 6 12.90 -4.96 8.16
C VAL A 6 13.69 -3.65 8.15
N PRO A 7 13.40 -2.78 7.18
CA PRO A 7 14.10 -1.50 7.04
C PRO A 7 13.97 -0.62 8.28
N SER A 8 15.11 -0.22 8.82
CA SER A 8 15.17 0.60 10.03
C SER A 8 14.47 1.95 9.85
N VAL A 9 14.43 2.42 8.61
CA VAL A 9 13.78 3.69 8.28
C VAL A 9 12.32 3.69 8.70
N PHE A 10 11.66 2.55 8.54
CA PHE A 10 10.23 2.44 8.80
C PHE A 10 9.96 2.16 10.28
N SER A 11 11.02 2.12 11.07
CA SER A 11 10.89 1.90 12.51
C SER A 11 11.61 2.99 13.29
N SER A 12 12.03 4.04 12.59
CA SER A 12 12.76 5.13 13.22
C SER A 12 12.30 6.48 12.65
N PRO A 13 11.72 7.35 13.51
CA PRO A 13 11.21 8.66 13.08
C PRO A 13 12.30 9.57 12.50
N ASN A 14 13.51 9.43 13.02
CA ASN A 14 14.63 10.24 12.56
C ASN A 14 15.03 9.85 11.14
N LEU A 15 14.97 8.56 10.85
CA LEU A 15 15.28 8.05 9.52
C LEU A 15 14.11 8.29 8.57
N ALA A 16 12.89 8.17 9.11
CA ALA A 16 11.67 8.41 8.33
C ALA A 16 11.69 9.80 7.73
N SER A 17 12.01 10.79 8.56
CA SER A 17 12.11 12.17 8.10
C SER A 17 13.20 12.30 7.04
N GLY A 18 14.34 11.66 7.29
CA GLY A 18 15.46 11.72 6.36
C GLY A 18 15.14 11.12 5.00
N PHE A 19 14.50 9.97 5.02
CA PHE A 19 14.09 9.29 3.79
C PHE A 19 13.11 10.16 3.01
N LEU A 20 12.17 10.74 3.72
CA LEU A 20 11.18 11.64 3.11
C LEU A 20 11.87 12.86 2.50
N GLN A 21 12.86 13.39 3.20
CA GLN A 21 13.59 14.55 2.72
C GLN A 21 14.53 14.18 1.57
N CYS A 22 14.71 12.88 1.34
CA CYS A 22 15.48 12.42 0.22
C CYS A 22 14.58 12.26 -1.00
N LEU A 23 13.36 11.80 -0.73
CA LEU A 23 12.37 11.57 -1.78
C LEU A 23 12.06 12.86 -2.54
N THR A 24 11.76 13.91 -1.78
CA THR A 24 11.45 15.22 -2.35
C THR A 24 12.57 15.70 -3.27
N PHE A 25 13.80 15.63 -2.80
CA PHE A 25 14.96 16.09 -3.55
C PHE A 25 15.26 15.14 -4.71
N GLY A 26 15.01 13.85 -4.51
CA GLY A 26 15.27 12.86 -5.53
C GLY A 26 14.32 12.94 -6.69
N ILE A 27 13.02 13.00 -6.39
CA ILE A 27 12.00 13.10 -7.43
C ILE A 27 12.16 14.43 -8.17
N GLY A 28 12.40 15.49 -7.43
CA GLY A 28 12.60 16.80 -8.01
C GLY A 28 14.02 16.99 -8.53
N ASN A 29 14.62 15.91 -9.01
CA ASN A 29 15.96 15.97 -9.54
C ASN A 29 15.99 15.35 -10.95
N SER A 30 14.96 14.61 -11.27
CA SER A 30 14.89 13.92 -12.55
C SER A 30 14.03 14.71 -13.55
N PRO A 31 14.46 14.77 -14.82
CA PRO A 31 13.70 15.43 -15.88
C PRO A 31 12.44 14.65 -16.27
N ALA A 32 12.35 13.41 -15.78
CA ALA A 32 11.22 12.54 -16.11
C ALA A 32 10.01 12.83 -15.22
N PHE A 33 10.21 13.64 -14.20
CA PHE A 33 9.15 13.95 -13.26
C PHE A 33 8.80 15.43 -13.28
N PRO A 34 7.62 15.76 -13.80
CA PRO A 34 7.09 17.12 -13.78
C PRO A 34 6.53 17.47 -12.41
N THR A 35 6.29 18.76 -12.19
CA THR A 35 5.91 19.26 -10.87
C THR A 35 4.60 18.64 -10.35
N GLN A 36 3.65 18.37 -11.25
CA GLN A 36 2.38 17.80 -10.83
C GLN A 36 2.55 16.34 -10.44
N GLU A 37 3.34 15.61 -11.22
CA GLU A 37 3.61 14.20 -10.94
C GLU A 37 4.80 14.08 -9.98
N GLN A 38 5.10 15.18 -9.30
CA GLN A 38 6.15 15.20 -8.31
C GLN A 38 5.56 15.38 -6.92
N GLN A 39 4.80 16.45 -6.76
CA GLN A 39 4.28 16.85 -5.44
C GLN A 39 3.28 15.84 -4.90
N ASP A 40 2.35 15.40 -5.76
CA ASP A 40 1.28 14.52 -5.30
C ASP A 40 1.78 13.12 -5.01
N LEU A 41 2.95 12.78 -5.53
CA LEU A 41 3.56 11.50 -5.26
C LEU A 41 4.17 11.48 -3.87
N ASP A 42 4.91 12.54 -3.54
CA ASP A 42 5.50 12.68 -2.22
C ASP A 42 4.42 12.87 -1.17
N ALA A 43 3.29 13.45 -1.59
CA ALA A 43 2.13 13.63 -0.72
C ALA A 43 1.65 12.30 -0.14
N ILE A 44 1.91 11.22 -0.86
CA ILE A 44 1.60 9.89 -0.36
C ILE A 44 2.77 9.34 0.45
N ALA A 45 3.98 9.62 -0.01
CA ALA A 45 5.19 9.18 0.66
C ALA A 45 5.25 9.72 2.08
N GLN A 46 4.92 11.00 2.24
CA GLN A 46 4.92 11.64 3.55
C GLN A 46 3.95 10.95 4.50
N VAL A 47 2.88 10.37 3.95
CA VAL A 47 1.88 9.67 4.76
C VAL A 47 2.45 8.37 5.28
N ILE A 48 3.16 7.64 4.41
CA ILE A 48 3.78 6.39 4.79
C ILE A 48 4.81 6.61 5.90
N LEU A 49 5.68 7.59 5.69
CA LEU A 49 6.71 7.91 6.67
C LEU A 49 6.13 8.62 7.88
N ASN A 50 4.90 9.11 7.74
CA ASN A 50 4.21 9.78 8.83
C ASN A 50 3.82 8.77 9.89
N ALA A 51 3.26 7.65 9.42
CA ALA A 51 2.87 6.56 10.30
C ALA A 51 4.09 5.97 10.99
N VAL A 52 5.25 6.09 10.34
CA VAL A 52 6.51 5.67 10.94
C VAL A 52 6.88 6.60 12.09
N SER A 53 6.72 7.89 11.86
CA SER A 53 7.09 8.90 12.85
C SER A 53 6.20 8.83 14.09
N THR A 54 4.99 8.30 13.91
CA THR A 54 4.04 8.19 15.01
C THR A 54 3.84 6.72 15.38
N ASN A 55 4.76 5.85 14.96
CA ASN A 55 4.67 4.44 15.24
C ASN A 55 4.77 4.17 16.74
N THR A 56 4.16 3.09 17.18
CA THR A 56 4.26 2.68 18.56
C THR A 56 3.72 1.26 18.70
N GLY A 57 4.32 0.52 19.61
CA GLY A 57 3.82 -0.80 19.93
C GLY A 57 4.78 -1.90 19.50
N ALA A 58 4.43 -3.14 19.82
CA ALA A 58 5.27 -4.28 19.50
C ALA A 58 5.12 -4.65 18.03
N THR A 59 4.00 -4.27 17.46
CA THR A 59 3.69 -4.55 16.06
C THR A 59 4.27 -3.48 15.14
N ALA A 60 5.08 -2.59 15.70
CA ALA A 60 5.66 -1.48 14.95
C ALA A 60 6.53 -1.98 13.79
N SER A 61 7.20 -3.10 13.99
CA SER A 61 8.08 -3.65 12.96
C SER A 61 7.27 -4.27 11.82
N ALA A 62 6.20 -4.97 12.16
CA ALA A 62 5.29 -5.52 11.16
C ALA A 62 4.60 -4.39 10.41
N ARG A 63 4.21 -3.36 11.16
CA ARG A 63 3.61 -2.16 10.58
C ARG A 63 4.62 -1.46 9.68
N ALA A 64 5.89 -1.52 10.06
CA ALA A 64 6.96 -0.97 9.24
C ALA A 64 7.04 -1.68 7.90
N GLN A 65 6.91 -3.00 7.93
CA GLN A 65 6.91 -3.81 6.72
C GLN A 65 5.68 -3.49 5.88
N ALA A 66 4.53 -3.39 6.55
CA ALA A 66 3.28 -3.05 5.90
C ALA A 66 3.38 -1.71 5.18
N LEU A 67 3.98 -0.73 5.85
CA LEU A 67 4.19 0.59 5.28
C LEU A 67 5.18 0.52 4.13
N SER A 68 6.21 -0.31 4.30
CA SER A 68 7.22 -0.50 3.28
C SER A 68 6.59 -1.00 1.98
N THR A 69 5.75 -2.03 2.09
CA THR A 69 5.07 -2.58 0.95
C THR A 69 4.04 -1.59 0.39
N ALA A 70 3.33 -0.91 1.28
CA ALA A 70 2.32 0.06 0.88
C ALA A 70 2.93 1.22 0.10
N LEU A 71 4.15 1.62 0.49
CA LEU A 71 4.87 2.70 -0.19
C LEU A 71 5.12 2.32 -1.65
N ALA A 72 5.64 1.11 -1.85
CA ALA A 72 5.92 0.62 -3.19
C ALA A 72 4.63 0.50 -4.01
N SER A 73 3.58 0.04 -3.36
CA SER A 73 2.31 -0.19 -4.02
C SER A 73 1.69 1.12 -4.51
N SER A 74 1.55 2.07 -3.60
CA SER A 74 0.85 3.32 -3.89
C SER A 74 1.59 4.15 -4.94
N LEU A 75 2.90 4.27 -4.77
CA LEU A 75 3.71 5.09 -5.68
C LEU A 75 3.67 4.53 -7.10
N THR A 76 3.80 3.22 -7.23
CA THR A 76 3.84 2.59 -8.54
C THR A 76 2.49 2.68 -9.25
N ASP A 77 1.41 2.37 -8.54
CA ASP A 77 0.07 2.39 -9.13
C ASP A 77 -0.29 3.78 -9.62
N LEU A 78 -0.06 4.77 -8.76
CA LEU A 78 -0.31 6.18 -9.09
C LEU A 78 0.48 6.58 -10.33
N LEU A 79 1.74 6.15 -10.38
CA LEU A 79 2.61 6.46 -11.50
C LEU A 79 2.08 5.84 -12.79
N ILE A 80 1.79 4.54 -12.74
CA ILE A 80 1.32 3.80 -13.91
C ILE A 80 0.08 4.46 -14.52
N ALA A 81 -0.88 4.80 -13.67
CA ALA A 81 -2.14 5.35 -14.15
C ALA A 81 -1.94 6.67 -14.89
N GLU A 82 -1.17 7.59 -14.32
CA GLU A 82 -1.03 8.92 -14.91
C GLU A 82 0.18 9.04 -15.84
N SER A 83 0.73 7.90 -16.24
CA SER A 83 1.75 7.86 -17.26
C SER A 83 1.19 7.21 -18.52
N ALA A 84 -0.13 7.33 -18.63
CA ALA A 84 -0.89 6.87 -19.80
C ALA A 84 -1.04 5.36 -19.79
N GLU A 85 -0.59 4.73 -18.70
CA GLU A 85 -0.75 3.29 -18.48
C GLU A 85 0.02 2.49 -19.53
N SER A 86 0.92 3.19 -20.21
CA SER A 86 1.79 2.57 -21.18
C SER A 86 3.20 3.15 -21.07
N ASN A 87 3.29 4.43 -20.73
CA ASN A 87 4.59 5.09 -20.62
C ASN A 87 5.08 5.01 -19.18
N TYR A 88 4.41 4.16 -18.41
CA TYR A 88 4.73 3.99 -17.00
C TYR A 88 6.14 3.43 -16.83
N ASN A 89 6.59 2.66 -17.81
CA ASN A 89 7.91 2.06 -17.76
C ASN A 89 8.99 3.13 -17.87
N ASN A 90 8.66 4.25 -18.51
CA ASN A 90 9.60 5.33 -18.71
C ASN A 90 9.98 5.95 -17.36
N GLN A 91 8.99 6.15 -16.51
CA GLN A 91 9.21 6.78 -15.22
C GLN A 91 9.54 5.74 -14.16
N LEU A 92 9.17 4.48 -14.42
CA LEU A 92 9.40 3.40 -13.47
C LEU A 92 10.88 3.26 -13.13
N SER A 93 11.72 3.35 -14.16
CA SER A 93 13.16 3.24 -14.00
C SER A 93 13.69 4.30 -13.02
N GLU A 94 13.18 5.52 -13.15
CA GLU A 94 13.62 6.61 -12.30
C GLU A 94 13.06 6.48 -10.89
N LEU A 95 11.77 6.15 -10.79
CA LEU A 95 11.11 6.00 -9.50
C LEU A 95 11.85 5.00 -8.62
N THR A 96 12.12 3.82 -9.18
CA THR A 96 12.83 2.77 -8.46
C THR A 96 14.25 3.21 -8.10
N GLY A 97 14.89 3.91 -9.02
CA GLY A 97 16.25 4.39 -8.78
C GLY A 97 16.31 5.40 -7.65
N ILE A 98 15.35 6.32 -7.62
CA ILE A 98 15.30 7.34 -6.58
C ILE A 98 15.14 6.71 -5.20
N LEU A 99 14.17 5.81 -5.08
CA LEU A 99 13.88 5.17 -3.79
C LEU A 99 15.06 4.34 -3.31
N SER A 100 15.65 3.55 -4.21
CA SER A 100 16.79 2.71 -3.85
C SER A 100 17.99 3.58 -3.45
N ASN A 101 18.16 4.70 -4.15
CA ASN A 101 19.19 5.66 -3.81
C ASN A 101 18.94 6.24 -2.43
N CYS A 102 17.67 6.54 -2.14
CA CYS A 102 17.29 7.07 -0.84
C CYS A 102 17.53 6.03 0.25
N PHE A 103 17.26 4.77 -0.04
CA PHE A 103 17.60 3.71 0.90
C PHE A 103 19.10 3.68 1.14
N ILE A 104 19.86 3.90 0.08
CA ILE A 104 21.31 4.03 0.19
C ILE A 104 21.68 5.19 1.12
N GLN A 105 21.05 6.33 0.91
CA GLN A 105 21.39 7.53 1.65
C GLN A 105 20.88 7.48 3.10
N THR A 106 19.82 6.72 3.34
CA THR A 106 19.20 6.70 4.65
C THR A 106 19.63 5.46 5.46
N THR A 107 19.58 4.27 4.85
CA THR A 107 20.00 3.06 5.54
C THR A 107 21.49 2.79 5.33
N GLY A 108 21.93 2.95 4.09
CA GLY A 108 23.29 2.61 3.74
C GLY A 108 23.37 1.40 2.82
N SER A 109 22.21 0.95 2.33
CA SER A 109 22.16 -0.21 1.44
C SER A 109 20.99 -0.11 0.47
N ASP A 110 21.12 -0.83 -0.64
CA ASP A 110 20.07 -0.90 -1.66
C ASP A 110 18.84 -1.62 -1.13
N ASN A 111 19.07 -2.79 -0.53
CA ASN A 111 18.00 -3.62 0.03
C ASN A 111 17.04 -4.10 -1.06
N PRO A 112 17.33 -5.27 -1.64
CA PRO A 112 16.53 -5.85 -2.73
C PRO A 112 15.14 -6.25 -2.27
N ALA A 113 14.98 -6.42 -0.97
CA ALA A 113 13.70 -6.83 -0.39
C ALA A 113 12.60 -5.83 -0.75
N PHE A 114 12.93 -4.56 -0.74
CA PHE A 114 11.96 -3.51 -1.04
C PHE A 114 11.59 -3.52 -2.52
N VAL A 115 12.58 -3.63 -3.38
CA VAL A 115 12.34 -3.61 -4.81
C VAL A 115 11.65 -4.89 -5.27
N SER A 116 11.86 -5.98 -4.53
CA SER A 116 11.16 -7.24 -4.78
C SER A 116 9.65 -7.04 -4.69
N ARG A 117 9.22 -6.26 -3.68
CA ARG A 117 7.83 -5.87 -3.56
C ARG A 117 7.39 -5.11 -4.81
N ILE A 118 8.17 -4.08 -5.17
CA ILE A 118 7.85 -3.23 -6.31
C ILE A 118 7.64 -4.05 -7.58
N GLN A 119 8.65 -4.82 -7.95
CA GLN A 119 8.64 -5.58 -9.21
C GLN A 119 7.42 -6.50 -9.28
N SER A 120 7.08 -7.12 -8.17
CA SER A 120 5.96 -8.05 -8.11
C SER A 120 4.62 -7.31 -8.22
N LEU A 121 4.59 -6.07 -7.73
CA LEU A 121 3.38 -5.26 -7.76
C LEU A 121 3.14 -4.68 -9.15
N ILE A 122 4.22 -4.38 -9.86
CA ILE A 122 4.12 -3.78 -11.20
C ILE A 122 3.29 -4.67 -12.10
N SER A 123 3.59 -5.96 -12.02
CA SER A 123 2.91 -6.97 -12.82
C SER A 123 1.40 -6.98 -12.59
N VAL A 124 0.98 -6.79 -11.35
CA VAL A 124 -0.44 -6.87 -11.02
C VAL A 124 -1.14 -5.50 -11.13
N LEU A 125 -0.40 -4.43 -10.88
CA LEU A 125 -0.96 -3.08 -10.98
C LEU A 125 -1.26 -2.73 -12.43
N SER A 126 -0.40 -3.18 -13.33
CA SER A 126 -0.57 -2.95 -14.75
C SER A 126 -1.50 -4.00 -15.36
N GLN A 127 -2.00 -4.89 -14.52
CA GLN A 127 -2.80 -6.02 -14.99
C GLN A 127 -4.29 -5.71 -14.88
N ASN A 128 -4.77 -4.95 -15.86
CA ASN A 128 -6.20 -4.78 -16.05
C ASN A 128 -6.65 -5.74 -17.14
N THR A 129 -7.55 -6.65 -16.80
CA THR A 129 -7.94 -7.72 -17.70
C THR A 129 -8.64 -7.17 -18.94
N ASP A 130 -8.25 -7.70 -20.11
CA ASP A 130 -8.68 -7.17 -21.39
C ASP A 130 -9.87 -7.94 -21.95
N VAL A 131 -10.64 -8.58 -21.07
CA VAL A 131 -11.80 -9.36 -21.49
C VAL A 131 -13.01 -8.44 -21.75
N ASN A 132 -12.71 -7.21 -22.15
CA ASN A 132 -13.72 -6.21 -22.50
C ASN A 132 -14.69 -5.96 -21.34
N ILE A 133 -14.15 -5.99 -20.13
CA ILE A 133 -14.94 -5.73 -18.94
C ILE A 133 -15.20 -4.23 -18.76
N ILE A 134 -14.73 -3.43 -19.71
CA ILE A 134 -14.94 -2.00 -19.68
C ILE A 134 -16.38 -1.66 -20.04
N SER A 135 -17.21 -1.55 -19.01
CA SER A 135 -18.61 -1.21 -19.18
C SER A 135 -18.94 0.00 -18.32
N THR A 136 -18.01 0.95 -18.33
CA THR A 136 -18.07 2.12 -17.47
C THR A 136 -18.86 3.25 -18.12
N ALA A 137 -19.22 3.08 -19.38
CA ALA A 137 -19.97 4.10 -20.11
C ALA A 137 -21.47 3.83 -20.02
N GLY B 1 -13.29 -11.17 -14.29
CA GLY B 1 -13.53 -11.41 -12.88
C GLY B 1 -13.60 -10.11 -12.10
N ALA B 2 -13.17 -9.03 -12.73
CA ALA B 2 -13.18 -7.72 -12.09
C ALA B 2 -13.35 -6.62 -13.13
N VAL B 3 -14.10 -5.59 -12.77
CA VAL B 3 -14.29 -4.45 -13.65
C VAL B 3 -13.44 -3.28 -13.17
N THR B 4 -12.80 -2.60 -14.11
CA THR B 4 -11.97 -1.44 -13.77
C THR B 4 -12.83 -0.30 -13.22
N ALA B 5 -12.96 -0.25 -11.91
CA ALA B 5 -13.76 0.78 -11.24
C ALA B 5 -13.29 0.94 -9.80
N VAL B 6 -12.90 2.17 -9.46
CA VAL B 6 -12.45 2.46 -8.10
C VAL B 6 -13.65 2.68 -7.18
N PRO B 7 -13.63 2.05 -5.99
CA PRO B 7 -14.68 2.21 -4.98
C PRO B 7 -14.91 3.68 -4.61
N SER B 8 -16.18 4.07 -4.55
CA SER B 8 -16.57 5.45 -4.25
C SER B 8 -15.99 5.94 -2.92
N VAL B 9 -15.66 5.00 -2.03
CA VAL B 9 -15.10 5.35 -0.72
C VAL B 9 -13.83 6.16 -0.87
N PHE B 10 -13.05 5.88 -1.91
CA PHE B 10 -11.78 6.53 -2.11
C PHE B 10 -11.93 7.83 -2.90
N SER B 11 -13.17 8.19 -3.19
CA SER B 11 -13.44 9.43 -3.91
C SER B 11 -14.32 10.36 -3.08
N SER B 12 -14.59 9.98 -1.84
CA SER B 12 -15.43 10.80 -0.97
C SER B 12 -14.98 10.67 0.49
N PRO B 13 -14.57 11.78 1.12
CA PRO B 13 -14.08 11.79 2.50
C PRO B 13 -15.11 11.28 3.49
N ASN B 14 -16.38 11.59 3.25
CA ASN B 14 -17.46 11.17 4.12
C ASN B 14 -17.62 9.66 4.07
N LEU B 15 -17.32 9.07 2.93
CA LEU B 15 -17.39 7.63 2.77
C LEU B 15 -16.15 6.98 3.37
N ALA B 16 -15.04 7.68 3.28
CA ALA B 16 -13.79 7.21 3.88
C ALA B 16 -13.95 7.02 5.38
N SER B 17 -14.54 8.03 6.03
CA SER B 17 -14.82 7.97 7.45
C SER B 17 -15.84 6.86 7.74
N GLY B 18 -16.88 6.78 6.92
CA GLY B 18 -17.91 5.78 7.10
C GLY B 18 -17.36 4.36 7.01
N PHE B 19 -16.54 4.12 6.00
CA PHE B 19 -15.91 2.83 5.81
C PHE B 19 -15.01 2.51 7.00
N LEU B 20 -14.27 3.53 7.44
CA LEU B 20 -13.40 3.39 8.61
C LEU B 20 -14.21 2.97 9.83
N GLN B 21 -15.35 3.61 10.03
CA GLN B 21 -16.18 3.34 11.20
C GLN B 21 -16.90 1.99 11.07
N CYS B 22 -16.85 1.40 9.89
CA CYS B 22 -17.44 0.10 9.67
C CYS B 22 -16.43 -0.99 9.99
N LEU B 23 -15.18 -0.69 9.67
CA LEU B 23 -14.08 -1.62 9.86
C LEU B 23 -13.95 -2.05 11.32
N THR B 24 -14.07 -1.09 12.22
CA THR B 24 -13.96 -1.36 13.65
C THR B 24 -14.98 -2.40 14.11
N PHE B 25 -16.20 -2.25 13.61
CA PHE B 25 -17.28 -3.15 13.98
C PHE B 25 -17.08 -4.52 13.34
N GLY B 26 -16.70 -4.53 12.07
CA GLY B 26 -16.51 -5.77 11.35
C GLY B 26 -15.41 -6.63 11.93
N ILE B 27 -14.23 -6.06 12.06
CA ILE B 27 -13.06 -6.80 12.55
C ILE B 27 -13.29 -7.28 13.98
N GLY B 28 -13.95 -6.44 14.79
CA GLY B 28 -14.19 -6.79 16.17
C GLY B 28 -15.26 -7.86 16.35
N ASN B 29 -15.95 -8.20 15.27
CA ASN B 29 -17.00 -9.21 15.33
C ASN B 29 -16.49 -10.56 14.86
N SER B 30 -15.21 -10.62 14.52
CA SER B 30 -14.60 -11.88 14.10
C SER B 30 -13.85 -12.51 15.26
N PRO B 31 -14.08 -13.81 15.51
CA PRO B 31 -13.41 -14.53 16.59
C PRO B 31 -11.96 -14.88 16.26
N ALA B 32 -11.55 -14.56 15.03
CA ALA B 32 -10.19 -14.86 14.58
C ALA B 32 -9.24 -13.72 14.87
N PHE B 33 -9.78 -12.62 15.40
CA PHE B 33 -8.98 -11.44 15.71
C PHE B 33 -9.07 -11.10 17.20
N PRO B 34 -8.07 -11.52 17.99
CA PRO B 34 -7.95 -11.11 19.38
C PRO B 34 -7.85 -9.60 19.49
N THR B 35 -8.42 -9.05 20.57
CA THR B 35 -8.50 -7.60 20.77
C THR B 35 -7.17 -6.90 20.48
N GLN B 36 -6.07 -7.49 20.93
CA GLN B 36 -4.75 -6.90 20.73
C GLN B 36 -4.46 -6.61 19.26
N GLU B 37 -4.59 -7.62 18.41
CA GLU B 37 -4.27 -7.45 17.00
C GLU B 37 -5.46 -6.90 16.21
N GLN B 38 -6.65 -7.08 16.77
CA GLN B 38 -7.86 -6.50 16.20
C GLN B 38 -7.73 -4.97 16.15
N GLN B 39 -7.15 -4.42 17.21
CA GLN B 39 -6.94 -2.98 17.32
C GLN B 39 -5.94 -2.48 16.29
N ASP B 40 -4.94 -3.30 15.98
CA ASP B 40 -3.83 -2.87 15.12
C ASP B 40 -4.29 -2.69 13.69
N LEU B 41 -5.16 -3.59 13.23
CA LEU B 41 -5.69 -3.53 11.87
C LEU B 41 -6.41 -2.21 11.60
N ASP B 42 -7.13 -1.71 12.61
CA ASP B 42 -7.85 -0.45 12.48
C ASP B 42 -6.86 0.71 12.36
N ALA B 43 -5.80 0.64 13.15
CA ALA B 43 -4.77 1.67 13.15
C ALA B 43 -4.08 1.77 11.78
N ILE B 44 -4.00 0.64 11.09
CA ILE B 44 -3.44 0.61 9.75
C ILE B 44 -4.45 1.17 8.74
N ALA B 45 -5.70 0.75 8.89
CA ALA B 45 -6.76 1.14 7.97
C ALA B 45 -7.00 2.65 7.98
N GLN B 46 -6.94 3.24 9.17
CA GLN B 46 -7.21 4.68 9.31
C GLN B 46 -6.17 5.52 8.57
N VAL B 47 -5.02 4.93 8.29
CA VAL B 47 -3.96 5.65 7.58
C VAL B 47 -4.35 5.87 6.12
N ILE B 48 -4.89 4.84 5.49
CA ILE B 48 -5.26 4.92 4.08
C ILE B 48 -6.48 5.81 3.89
N LEU B 49 -7.51 5.59 4.70
CA LEU B 49 -8.74 6.36 4.60
C LEU B 49 -8.50 7.83 4.98
N ASN B 50 -7.43 8.06 5.74
CA ASN B 50 -7.06 9.42 6.13
C ASN B 50 -6.66 10.22 4.89
N ALA B 51 -5.88 9.58 4.02
CA ALA B 51 -5.40 10.21 2.81
C ALA B 51 -6.55 10.47 1.84
N VAL B 52 -7.59 9.65 1.92
CA VAL B 52 -8.78 9.83 1.09
C VAL B 52 -9.48 11.14 1.44
N SER B 53 -9.39 11.51 2.71
CA SER B 53 -10.06 12.71 3.20
C SER B 53 -9.34 13.98 2.74
N THR B 54 -8.16 13.81 2.15
CA THR B 54 -7.39 14.93 1.65
C THR B 54 -7.00 14.69 0.19
N ASN B 55 -7.78 13.87 -0.50
CA ASN B 55 -7.53 13.55 -1.89
C ASN B 55 -7.96 14.70 -2.79
N THR B 56 -7.19 15.76 -2.73
CA THR B 56 -7.50 16.98 -3.46
C THR B 56 -6.54 17.18 -4.63
N GLY B 57 -7.07 17.09 -5.84
CA GLY B 57 -6.27 17.40 -7.00
C GLY B 57 -6.72 16.64 -8.22
N ALA B 58 -6.04 16.84 -9.34
CA ALA B 58 -6.34 16.10 -10.56
C ALA B 58 -5.87 14.66 -10.43
N THR B 59 -4.81 14.48 -9.67
CA THR B 59 -4.20 13.17 -9.43
C THR B 59 -5.08 12.31 -8.53
N ALA B 60 -6.14 12.90 -7.98
CA ALA B 60 -6.98 12.24 -6.99
C ALA B 60 -7.64 10.97 -7.53
N SER B 61 -7.83 10.91 -8.84
CA SER B 61 -8.47 9.75 -9.47
C SER B 61 -7.55 8.54 -9.41
N ALA B 62 -6.31 8.71 -9.87
CA ALA B 62 -5.33 7.65 -9.84
C ALA B 62 -4.87 7.38 -8.41
N ARG B 63 -4.77 8.45 -7.63
CA ARG B 63 -4.38 8.34 -6.23
C ARG B 63 -5.42 7.54 -5.45
N ALA B 64 -6.67 7.63 -5.85
CA ALA B 64 -7.74 6.84 -5.25
C ALA B 64 -7.50 5.36 -5.50
N GLN B 65 -7.07 5.04 -6.72
CA GLN B 65 -6.75 3.67 -7.09
C GLN B 65 -5.53 3.19 -6.31
N ALA B 66 -4.54 4.06 -6.20
CA ALA B 66 -3.34 3.78 -5.44
C ALA B 66 -3.68 3.47 -3.98
N LEU B 67 -4.51 4.31 -3.38
CA LEU B 67 -4.92 4.13 -1.99
C LEU B 67 -5.74 2.84 -1.85
N SER B 68 -6.57 2.57 -2.86
CA SER B 68 -7.38 1.37 -2.89
C SER B 68 -6.48 0.13 -2.81
N THR B 69 -5.39 0.14 -3.57
CA THR B 69 -4.46 -0.98 -3.58
C THR B 69 -3.60 -0.98 -2.33
N ALA B 70 -3.20 0.22 -1.89
CA ALA B 70 -2.36 0.36 -0.70
C ALA B 70 -3.07 -0.17 0.55
N LEU B 71 -4.38 0.00 0.60
CA LEU B 71 -5.18 -0.50 1.70
C LEU B 71 -5.06 -2.02 1.80
N ALA B 72 -5.31 -2.70 0.69
CA ALA B 72 -5.22 -4.15 0.64
C ALA B 72 -3.79 -4.60 0.89
N SER B 73 -2.84 -3.85 0.35
CA SER B 73 -1.42 -4.15 0.47
C SER B 73 -0.99 -4.16 1.94
N SER B 74 -1.21 -3.04 2.62
CA SER B 74 -0.74 -2.88 3.99
C SER B 74 -1.42 -3.86 4.94
N LEU B 75 -2.74 -4.01 4.79
CA LEU B 75 -3.50 -4.92 5.65
C LEU B 75 -3.04 -6.37 5.49
N THR B 76 -2.82 -6.79 4.25
CA THR B 76 -2.42 -8.16 3.99
C THR B 76 -0.98 -8.41 4.44
N ASP B 77 -0.11 -7.44 4.23
CA ASP B 77 1.29 -7.55 4.66
C ASP B 77 1.36 -7.75 6.17
N LEU B 78 0.69 -6.88 6.90
CA LEU B 78 0.60 -6.97 8.36
C LEU B 78 0.01 -8.31 8.78
N LEU B 79 -1.04 -8.73 8.07
CA LEU B 79 -1.78 -9.95 8.40
C LEU B 79 -0.91 -11.20 8.25
N ILE B 80 0.09 -11.12 7.38
CA ILE B 80 0.97 -12.27 7.19
C ILE B 80 1.95 -12.40 8.35
N ALA B 81 2.53 -11.27 8.74
CA ALA B 81 3.62 -11.26 9.71
C ALA B 81 3.18 -11.70 11.11
N GLU B 82 2.36 -10.89 11.76
CA GLU B 82 2.05 -11.12 13.18
C GLU B 82 0.96 -12.16 13.38
N SER B 83 0.44 -12.71 12.29
CA SER B 83 -0.61 -13.70 12.38
C SER B 83 -0.06 -15.11 12.20
N ALA B 84 1.14 -15.32 12.73
CA ALA B 84 1.75 -16.65 12.87
C ALA B 84 2.20 -17.24 11.53
N GLU B 85 2.26 -16.39 10.51
CA GLU B 85 2.84 -16.74 9.20
C GLU B 85 1.94 -17.66 8.39
N SER B 86 1.42 -18.69 9.02
CA SER B 86 0.61 -19.67 8.34
C SER B 86 -0.87 -19.51 8.70
N ASN B 87 -1.13 -18.82 9.81
CA ASN B 87 -2.50 -18.64 10.29
C ASN B 87 -3.14 -17.43 9.62
N TYR B 88 -2.35 -16.75 8.80
CA TYR B 88 -2.78 -15.51 8.17
C TYR B 88 -3.95 -15.75 7.24
N ASN B 89 -3.98 -16.92 6.61
CA ASN B 89 -5.04 -17.23 5.64
C ASN B 89 -6.38 -17.45 6.33
N ASN B 90 -6.33 -17.92 7.56
CA ASN B 90 -7.55 -18.14 8.36
C ASN B 90 -8.16 -16.79 8.74
N GLN B 91 -7.30 -15.81 8.96
CA GLN B 91 -7.73 -14.46 9.30
C GLN B 91 -8.02 -13.64 8.06
N LEU B 92 -7.28 -13.92 6.99
CA LEU B 92 -7.43 -13.22 5.72
C LEU B 92 -8.85 -13.41 5.18
N SER B 93 -9.37 -14.62 5.33
CA SER B 93 -10.73 -14.94 4.90
C SER B 93 -11.75 -14.07 5.63
N GLU B 94 -11.45 -13.74 6.88
CA GLU B 94 -12.32 -12.85 7.66
C GLU B 94 -12.20 -11.43 7.13
N LEU B 95 -10.95 -10.99 6.95
CA LEU B 95 -10.66 -9.63 6.49
C LEU B 95 -11.41 -9.30 5.20
N THR B 96 -11.33 -10.19 4.22
CA THR B 96 -11.99 -9.96 2.94
C THR B 96 -13.50 -9.78 3.10
N GLY B 97 -14.09 -10.57 3.99
CA GLY B 97 -15.52 -10.50 4.21
C GLY B 97 -15.93 -9.19 4.88
N ILE B 98 -15.10 -8.74 5.81
CA ILE B 98 -15.33 -7.47 6.49
C ILE B 98 -15.27 -6.32 5.48
N LEU B 99 -14.29 -6.38 4.59
CA LEU B 99 -14.09 -5.35 3.58
C LEU B 99 -15.31 -5.25 2.66
N SER B 100 -15.73 -6.38 2.09
CA SER B 100 -16.86 -6.39 1.16
C SER B 100 -18.14 -5.92 1.87
N ASN B 101 -18.33 -6.39 3.09
CA ASN B 101 -19.46 -5.97 3.91
C ASN B 101 -19.48 -4.45 4.07
N CYS B 102 -18.31 -3.89 4.39
CA CYS B 102 -18.19 -2.45 4.60
C CYS B 102 -18.39 -1.69 3.30
N PHE B 103 -17.84 -2.19 2.20
CA PHE B 103 -18.06 -1.55 0.90
C PHE B 103 -19.55 -1.52 0.58
N ILE B 104 -20.23 -2.63 0.83
CA ILE B 104 -21.67 -2.72 0.67
C ILE B 104 -22.40 -1.66 1.51
N GLN B 105 -22.01 -1.53 2.76
CA GLN B 105 -22.69 -0.63 3.67
C GLN B 105 -22.35 0.83 3.37
N THR B 106 -21.14 1.08 2.92
CA THR B 106 -20.67 2.44 2.71
C THR B 106 -21.02 2.95 1.30
N THR B 107 -20.65 2.18 0.28
CA THR B 107 -20.96 2.56 -1.10
C THR B 107 -22.37 2.16 -1.48
N GLY B 108 -22.77 0.97 -1.07
CA GLY B 108 -24.02 0.41 -1.49
C GLY B 108 -23.84 -0.63 -2.59
N SER B 109 -22.59 -1.04 -2.80
CA SER B 109 -22.27 -1.98 -3.86
C SER B 109 -21.09 -2.88 -3.45
N ASP B 110 -20.84 -3.90 -4.26
CA ASP B 110 -19.83 -4.92 -3.94
C ASP B 110 -18.44 -4.52 -4.44
N ASN B 111 -18.32 -4.35 -5.75
CA ASN B 111 -17.05 -4.00 -6.41
C ASN B 111 -16.06 -5.17 -6.36
N PRO B 112 -15.98 -5.95 -7.45
CA PRO B 112 -15.07 -7.09 -7.54
C PRO B 112 -13.63 -6.66 -7.84
N ALA B 113 -13.47 -5.39 -8.21
CA ALA B 113 -12.16 -4.85 -8.56
C ALA B 113 -11.21 -4.88 -7.36
N PHE B 114 -11.69 -4.38 -6.23
CA PHE B 114 -10.89 -4.35 -5.01
C PHE B 114 -10.45 -5.77 -4.64
N VAL B 115 -11.38 -6.71 -4.77
CA VAL B 115 -11.10 -8.10 -4.44
C VAL B 115 -10.00 -8.68 -5.31
N SER B 116 -10.01 -8.32 -6.60
CA SER B 116 -9.00 -8.78 -7.52
C SER B 116 -7.62 -8.27 -7.09
N ARG B 117 -7.55 -7.00 -6.70
CA ARG B 117 -6.32 -6.40 -6.23
C ARG B 117 -5.82 -7.11 -4.97
N ILE B 118 -6.75 -7.50 -4.10
CA ILE B 118 -6.39 -8.24 -2.89
C ILE B 118 -5.69 -9.54 -3.26
N GLN B 119 -6.37 -10.39 -4.03
CA GLN B 119 -5.84 -11.70 -4.42
C GLN B 119 -4.50 -11.57 -5.14
N SER B 120 -4.38 -10.56 -5.99
CA SER B 120 -3.16 -10.31 -6.74
C SER B 120 -2.00 -9.98 -5.80
N LEU B 121 -2.30 -9.23 -4.75
CA LEU B 121 -1.29 -8.82 -3.80
C LEU B 121 -0.93 -9.95 -2.84
N ILE B 122 -1.93 -10.76 -2.48
CA ILE B 122 -1.69 -11.89 -1.58
C ILE B 122 -0.65 -12.81 -2.19
N SER B 123 -0.77 -13.01 -3.49
CA SER B 123 0.10 -13.89 -4.23
C SER B 123 1.56 -13.42 -4.21
N VAL B 124 1.77 -12.11 -4.26
CA VAL B 124 3.12 -11.54 -4.31
C VAL B 124 3.65 -11.22 -2.92
N LEU B 125 2.76 -11.02 -1.96
CA LEU B 125 3.16 -10.78 -0.58
C LEU B 125 3.60 -12.09 0.05
N SER B 126 2.83 -13.15 -0.22
CA SER B 126 3.16 -14.48 0.26
C SER B 126 4.01 -15.19 -0.80
N GLN B 127 5.05 -14.51 -1.26
CA GLN B 127 5.90 -14.99 -2.33
C GLN B 127 7.35 -14.90 -1.90
N ASN B 128 7.89 -16.02 -1.47
CA ASN B 128 9.29 -16.09 -1.08
C ASN B 128 10.20 -15.87 -2.29
N THR B 129 10.98 -14.81 -2.24
CA THR B 129 11.92 -14.51 -3.31
C THR B 129 13.20 -15.32 -3.13
N ASP B 130 13.44 -16.23 -4.06
CA ASP B 130 14.57 -17.14 -3.97
C ASP B 130 15.82 -16.55 -4.63
N VAL B 131 15.74 -15.29 -5.04
CA VAL B 131 16.89 -14.62 -5.63
C VAL B 131 17.83 -14.12 -4.53
N ASN B 132 17.35 -14.22 -3.28
CA ASN B 132 18.08 -13.81 -2.10
C ASN B 132 18.19 -12.29 -2.00
N ILE B 133 17.58 -11.75 -0.96
CA ILE B 133 17.52 -10.30 -0.78
C ILE B 133 18.54 -9.83 0.26
N ILE B 134 19.52 -10.67 0.54
CA ILE B 134 20.52 -10.36 1.55
C ILE B 134 21.38 -9.19 1.12
N SER B 135 21.15 -8.05 1.77
CA SER B 135 21.96 -6.85 1.56
C SER B 135 22.47 -6.37 2.90
N THR B 136 22.45 -7.27 3.86
CA THR B 136 22.80 -6.94 5.23
C THR B 136 24.28 -7.21 5.49
N ALA B 137 24.81 -8.23 4.84
CA ALA B 137 26.21 -8.60 5.00
C ALA B 137 27.03 -8.00 3.86
N GLY A 1 18.15 -16.91 2.56
CA GLY A 1 18.88 -15.67 2.22
C GLY A 1 19.43 -14.97 3.44
N ALA A 2 18.59 -14.82 4.47
CA ALA A 2 18.94 -14.10 5.69
C ALA A 2 19.16 -12.62 5.40
N VAL A 3 18.09 -11.84 5.52
CA VAL A 3 18.14 -10.41 5.27
C VAL A 3 18.95 -9.71 6.35
N THR A 4 20.15 -9.31 6.00
CA THR A 4 21.03 -8.63 6.94
C THR A 4 20.94 -7.12 6.75
N ALA A 5 19.96 -6.71 5.97
CA ALA A 5 19.73 -5.30 5.72
C ALA A 5 18.42 -4.86 6.35
N VAL A 6 18.50 -4.38 7.57
CA VAL A 6 17.33 -3.91 8.29
C VAL A 6 17.12 -2.42 8.05
N PRO A 7 16.02 -2.05 7.40
CA PRO A 7 15.68 -0.66 7.15
C PRO A 7 15.37 0.09 8.43
N SER A 8 16.35 0.82 8.91
CA SER A 8 16.22 1.58 10.15
C SER A 8 15.31 2.78 9.93
N VAL A 9 15.06 3.08 8.66
CA VAL A 9 14.16 4.16 8.30
C VAL A 9 12.71 3.80 8.65
N PHE A 10 12.40 2.52 8.66
CA PHE A 10 11.04 2.06 8.94
C PHE A 10 10.87 1.79 10.43
N SER A 11 11.95 1.76 11.17
CA SER A 11 11.89 1.53 12.60
C SER A 11 12.07 2.85 13.37
N SER A 12 12.46 3.89 12.66
CA SER A 12 12.76 5.16 13.30
C SER A 12 11.96 6.30 12.66
N PRO A 13 11.11 6.97 13.44
CA PRO A 13 10.26 8.06 12.95
C PRO A 13 11.05 9.21 12.32
N ASN A 14 12.17 9.56 12.95
CA ASN A 14 13.02 10.64 12.48
C ASN A 14 13.70 10.26 11.16
N LEU A 15 14.10 9.01 11.04
CA LEU A 15 14.73 8.53 9.82
C LEU A 15 13.71 8.45 8.69
N ALA A 16 12.47 8.11 9.04
CA ALA A 16 11.38 8.13 8.08
C ALA A 16 11.22 9.54 7.51
N SER A 17 11.36 10.53 8.39
CA SER A 17 11.29 11.92 8.01
C SER A 17 12.50 12.31 7.16
N GLY A 18 13.65 11.73 7.50
CA GLY A 18 14.87 11.97 6.73
C GLY A 18 14.80 11.36 5.35
N PHE A 19 14.05 10.29 5.23
CA PHE A 19 13.84 9.64 3.94
C PHE A 19 12.84 10.45 3.14
N LEU A 20 11.79 10.90 3.82
CA LEU A 20 10.76 11.74 3.22
C LEU A 20 11.40 13.00 2.63
N GLN A 21 12.28 13.61 3.41
CA GLN A 21 12.93 14.86 3.02
C GLN A 21 13.92 14.64 1.87
N CYS A 22 14.32 13.39 1.66
CA CYS A 22 15.22 13.06 0.56
C CYS A 22 14.41 12.72 -0.67
N LEU A 23 13.30 12.04 -0.44
CA LEU A 23 12.44 11.57 -1.50
C LEU A 23 11.86 12.72 -2.31
N THR A 24 11.34 13.72 -1.63
CA THR A 24 10.75 14.88 -2.27
C THR A 24 11.78 15.61 -3.12
N PHE A 25 13.02 15.64 -2.64
CA PHE A 25 14.11 16.30 -3.35
C PHE A 25 14.57 15.45 -4.52
N GLY A 26 14.60 14.14 -4.31
CA GLY A 26 15.02 13.21 -5.34
C GLY A 26 14.06 13.18 -6.52
N ILE A 27 12.77 13.14 -6.24
CA ILE A 27 11.76 13.12 -7.30
C ILE A 27 11.86 14.37 -8.17
N GLY A 28 12.01 15.52 -7.51
CA GLY A 28 12.12 16.77 -8.24
C GLY A 28 13.51 17.00 -8.79
N ASN A 29 14.34 15.97 -8.74
CA ASN A 29 15.70 16.06 -9.25
C ASN A 29 15.80 15.32 -10.58
N SER A 30 14.73 14.63 -10.94
CA SER A 30 14.68 13.85 -12.17
C SER A 30 13.91 14.59 -13.25
N PRO A 31 14.43 14.58 -14.49
CA PRO A 31 13.78 15.22 -15.63
C PRO A 31 12.54 14.45 -16.11
N ALA A 32 12.29 13.31 -15.49
CA ALA A 32 11.16 12.47 -15.86
C ALA A 32 9.92 12.82 -15.04
N PHE A 33 10.08 13.75 -14.11
CA PHE A 33 9.00 14.12 -13.21
C PHE A 33 8.72 15.62 -13.26
N PRO A 34 7.54 15.99 -13.77
CA PRO A 34 7.06 17.36 -13.71
C PRO A 34 6.37 17.64 -12.39
N THR A 35 6.18 18.92 -12.07
CA THR A 35 5.64 19.32 -10.78
C THR A 35 4.23 18.74 -10.55
N GLN A 36 3.44 18.68 -11.62
CA GLN A 36 2.08 18.16 -11.53
C GLN A 36 2.08 16.68 -11.14
N GLU A 37 3.01 15.93 -11.71
CA GLU A 37 3.10 14.50 -11.46
C GLU A 37 4.08 14.21 -10.34
N GLN A 38 4.37 15.23 -9.56
CA GLN A 38 5.28 15.09 -8.43
C GLN A 38 4.54 15.25 -7.12
N GLN A 39 3.83 16.36 -6.99
CA GLN A 39 3.17 16.72 -5.74
C GLN A 39 2.00 15.81 -5.39
N ASP A 40 1.57 15.00 -6.35
CA ASP A 40 0.48 14.07 -6.12
C ASP A 40 1.02 12.75 -5.57
N LEU A 41 2.28 12.46 -5.90
CA LEU A 41 2.91 11.21 -5.52
C LEU A 41 3.55 11.31 -4.14
N ASP A 42 4.29 12.39 -3.91
CA ASP A 42 4.97 12.56 -2.62
C ASP A 42 3.96 12.82 -1.52
N ALA A 43 2.76 13.24 -1.92
CA ALA A 43 1.67 13.45 -0.98
C ALA A 43 1.29 12.15 -0.29
N ILE A 44 1.49 11.03 -0.99
CA ILE A 44 1.21 9.72 -0.43
C ILE A 44 2.42 9.19 0.33
N ALA A 45 3.61 9.56 -0.14
CA ALA A 45 4.85 9.15 0.50
C ALA A 45 4.89 9.62 1.95
N GLN A 46 4.45 10.84 2.18
CA GLN A 46 4.42 11.41 3.52
C GLN A 46 3.36 10.75 4.38
N VAL A 47 2.45 10.02 3.75
CA VAL A 47 1.40 9.31 4.46
C VAL A 47 1.91 7.96 4.95
N ILE A 48 2.59 7.23 4.06
CA ILE A 48 3.17 5.94 4.43
C ILE A 48 4.18 6.12 5.55
N LEU A 49 5.07 7.08 5.37
CA LEU A 49 6.12 7.36 6.34
C LEU A 49 5.55 7.99 7.60
N ASN A 50 4.33 8.50 7.50
CA ASN A 50 3.66 9.08 8.67
C ASN A 50 3.30 7.96 9.63
N ALA A 51 2.92 6.82 9.07
CA ALA A 51 2.62 5.63 9.86
C ALA A 51 3.91 5.05 10.44
N VAL A 52 5.00 5.19 9.68
CA VAL A 52 6.31 4.77 10.15
C VAL A 52 6.73 5.61 11.36
N SER A 53 6.36 6.87 11.33
CA SER A 53 6.70 7.81 12.40
C SER A 53 5.96 7.48 13.68
N THR A 54 5.04 6.53 13.62
CA THR A 54 4.32 6.10 14.80
C THR A 54 4.38 4.58 14.93
N ASN A 55 5.45 3.98 14.40
CA ASN A 55 5.64 2.54 14.52
C ASN A 55 6.00 2.15 15.94
N THR A 56 4.98 1.88 16.71
CA THR A 56 5.12 1.45 18.08
C THR A 56 4.49 0.07 18.28
N GLY A 57 5.22 -0.81 18.93
CA GLY A 57 4.68 -2.12 19.25
C GLY A 57 5.56 -3.24 18.75
N ALA A 58 5.27 -4.46 19.18
CA ALA A 58 6.04 -5.62 18.76
C ALA A 58 5.72 -5.99 17.32
N THR A 59 4.50 -5.72 16.92
CA THR A 59 4.03 -6.03 15.58
C THR A 59 4.49 -4.97 14.58
N ALA A 60 5.14 -3.92 15.08
CA ALA A 60 5.63 -2.83 14.24
C ALA A 60 6.71 -3.33 13.29
N SER A 61 7.36 -4.43 13.66
CA SER A 61 8.40 -5.02 12.83
C SER A 61 7.78 -5.55 11.54
N ALA A 62 6.65 -6.24 11.66
CA ALA A 62 5.93 -6.75 10.51
C ALA A 62 5.21 -5.62 9.78
N ARG A 63 4.74 -4.64 10.56
CA ARG A 63 4.06 -3.49 9.98
C ARG A 63 5.02 -2.66 9.15
N ALA A 64 6.29 -2.63 9.54
CA ALA A 64 7.34 -1.97 8.77
C ALA A 64 7.48 -2.65 7.41
N GLN A 65 7.36 -3.97 7.40
CA GLN A 65 7.38 -4.74 6.16
C GLN A 65 6.19 -4.36 5.30
N ALA A 66 5.01 -4.33 5.92
CA ALA A 66 3.78 -3.96 5.23
C ALA A 66 3.87 -2.55 4.66
N LEU A 67 4.41 -1.63 5.44
CA LEU A 67 4.58 -0.24 5.00
C LEU A 67 5.56 -0.15 3.83
N SER A 68 6.56 -1.02 3.83
CA SER A 68 7.51 -1.09 2.73
C SER A 68 6.78 -1.49 1.44
N THR A 69 5.94 -2.50 1.54
CA THR A 69 5.14 -2.95 0.41
C THR A 69 4.14 -1.87 0.01
N ALA A 70 3.48 -1.27 1.00
CA ALA A 70 2.49 -0.23 0.77
C ALA A 70 3.09 0.95 0.01
N LEU A 71 4.26 1.40 0.47
CA LEU A 71 4.96 2.52 -0.18
C LEU A 71 5.21 2.21 -1.64
N ALA A 72 5.75 1.03 -1.91
CA ALA A 72 6.03 0.59 -3.27
C ALA A 72 4.75 0.49 -4.08
N SER A 73 3.70 -0.03 -3.46
CA SER A 73 2.42 -0.22 -4.12
C SER A 73 1.81 1.12 -4.53
N SER A 74 1.64 2.02 -3.56
CA SER A 74 0.98 3.30 -3.81
C SER A 74 1.71 4.10 -4.89
N LEU A 75 3.03 4.17 -4.80
CA LEU A 75 3.82 4.94 -5.75
C LEU A 75 3.73 4.36 -7.16
N THR A 76 3.80 3.03 -7.25
CA THR A 76 3.80 2.37 -8.55
C THR A 76 2.40 2.39 -9.18
N ASP A 77 1.37 2.13 -8.37
CA ASP A 77 -0.01 2.09 -8.85
C ASP A 77 -0.40 3.44 -9.45
N LEU A 78 -0.21 4.49 -8.66
CA LEU A 78 -0.50 5.86 -9.08
C LEU A 78 0.30 6.23 -10.33
N LEU A 79 1.53 5.75 -10.40
CA LEU A 79 2.42 6.05 -11.51
C LEU A 79 1.89 5.42 -12.80
N ILE A 80 1.74 4.09 -12.80
CA ILE A 80 1.36 3.34 -14.00
C ILE A 80 0.09 3.89 -14.65
N ALA A 81 -0.91 4.16 -13.83
CA ALA A 81 -2.23 4.54 -14.32
C ALA A 81 -2.21 5.81 -15.16
N GLU A 82 -1.54 6.84 -14.66
CA GLU A 82 -1.60 8.16 -15.30
C GLU A 82 -0.40 8.39 -16.22
N SER A 83 0.42 7.37 -16.43
CA SER A 83 1.62 7.53 -17.27
C SER A 83 1.40 6.95 -18.65
N ALA A 84 0.15 6.98 -19.09
CA ALA A 84 -0.25 6.60 -20.44
C ALA A 84 -0.12 5.09 -20.66
N GLU A 85 0.12 4.35 -19.57
CA GLU A 85 0.11 2.89 -19.56
C GLU A 85 1.33 2.30 -20.26
N SER A 86 1.98 3.05 -21.13
CA SER A 86 3.14 2.54 -21.86
C SER A 86 4.36 3.43 -21.65
N ASN A 87 4.18 4.56 -20.98
CA ASN A 87 5.30 5.49 -20.74
C ASN A 87 5.74 5.40 -19.28
N TYR A 88 5.08 4.51 -18.54
CA TYR A 88 5.32 4.37 -17.11
C TYR A 88 6.77 3.97 -16.84
N ASN A 89 7.36 3.23 -17.77
CA ASN A 89 8.71 2.70 -17.61
C ASN A 89 9.72 3.82 -17.38
N ASN A 90 9.51 4.94 -18.07
CA ASN A 90 10.38 6.10 -17.95
C ASN A 90 10.41 6.62 -16.52
N GLN A 91 9.22 6.84 -15.97
CA GLN A 91 9.10 7.38 -14.62
C GLN A 91 9.49 6.32 -13.58
N LEU A 92 9.12 5.07 -13.87
CA LEU A 92 9.37 3.96 -12.97
C LEU A 92 10.88 3.79 -12.73
N SER A 93 11.64 3.81 -13.82
CA SER A 93 13.08 3.64 -13.76
C SER A 93 13.74 4.72 -12.90
N GLU A 94 13.20 5.93 -12.98
CA GLU A 94 13.74 7.05 -12.21
C GLU A 94 13.34 6.93 -10.74
N LEU A 95 12.05 6.70 -10.51
CA LEU A 95 11.51 6.62 -9.16
C LEU A 95 12.24 5.57 -8.32
N THR A 96 12.41 4.38 -8.89
CA THR A 96 13.08 3.29 -8.20
C THR A 96 14.52 3.66 -7.84
N GLY A 97 15.19 4.39 -8.72
CA GLY A 97 16.55 4.82 -8.45
C GLY A 97 16.60 5.79 -7.29
N ILE A 98 15.63 6.69 -7.25
CA ILE A 98 15.51 7.68 -6.17
C ILE A 98 15.31 6.99 -4.83
N LEU A 99 14.49 5.94 -4.83
CA LEU A 99 14.19 5.20 -3.62
C LEU A 99 15.47 4.65 -2.97
N SER A 100 16.18 3.81 -3.71
CA SER A 100 17.41 3.19 -3.20
C SER A 100 18.45 4.25 -2.86
N ASN A 101 18.44 5.35 -3.62
CA ASN A 101 19.32 6.48 -3.37
C ASN A 101 19.12 7.01 -1.96
N CYS A 102 17.87 7.27 -1.60
CA CYS A 102 17.55 7.81 -0.29
C CYS A 102 17.72 6.76 0.79
N PHE A 103 17.43 5.50 0.46
CA PHE A 103 17.64 4.40 1.40
C PHE A 103 19.09 4.39 1.88
N ILE A 104 20.03 4.43 0.94
CA ILE A 104 21.45 4.41 1.25
C ILE A 104 21.82 5.54 2.21
N GLN A 105 21.32 6.73 1.95
CA GLN A 105 21.70 7.90 2.73
C GLN A 105 21.02 7.91 4.10
N THR A 106 19.87 7.26 4.20
CA THR A 106 19.06 7.35 5.40
C THR A 106 19.30 6.17 6.36
N THR A 107 19.31 4.95 5.83
CA THR A 107 19.46 3.76 6.68
C THR A 107 20.80 3.06 6.43
N GLY A 108 21.56 3.57 5.47
CA GLY A 108 22.87 3.00 5.19
C GLY A 108 22.80 1.74 4.36
N SER A 109 21.65 1.49 3.74
CA SER A 109 21.46 0.30 2.94
C SER A 109 20.39 0.54 1.89
N ASP A 110 20.47 -0.20 0.80
CA ASP A 110 19.55 -0.05 -0.32
C ASP A 110 18.35 -0.96 -0.18
N ASN A 111 18.61 -2.21 0.19
CA ASN A 111 17.57 -3.22 0.39
C ASN A 111 16.91 -3.61 -0.93
N PRO A 112 17.51 -4.57 -1.65
CA PRO A 112 17.00 -5.03 -2.95
C PRO A 112 15.67 -5.77 -2.81
N ALA A 113 15.37 -6.22 -1.60
CA ALA A 113 14.10 -6.88 -1.32
C ALA A 113 12.94 -5.91 -1.50
N PHE A 114 13.23 -4.62 -1.30
CA PHE A 114 12.23 -3.57 -1.45
C PHE A 114 11.86 -3.43 -2.93
N VAL A 115 12.87 -3.31 -3.79
CA VAL A 115 12.64 -3.14 -5.22
C VAL A 115 12.11 -4.44 -5.83
N SER A 116 12.45 -5.58 -5.21
CA SER A 116 11.92 -6.87 -5.63
C SER A 116 10.40 -6.88 -5.47
N ARG A 117 9.92 -6.40 -4.32
CA ARG A 117 8.50 -6.26 -4.09
C ARG A 117 7.87 -5.36 -5.16
N ILE A 118 8.57 -4.26 -5.49
CA ILE A 118 8.10 -3.33 -6.50
C ILE A 118 7.83 -4.04 -7.83
N GLN A 119 8.85 -4.73 -8.34
CA GLN A 119 8.75 -5.43 -9.62
C GLN A 119 7.61 -6.44 -9.61
N SER A 120 7.40 -7.07 -8.46
CA SER A 120 6.33 -8.04 -8.30
C SER A 120 4.97 -7.36 -8.38
N LEU A 121 4.88 -6.15 -7.84
CA LEU A 121 3.63 -5.41 -7.83
C LEU A 121 3.33 -4.82 -9.20
N ILE A 122 4.38 -4.39 -9.90
CA ILE A 122 4.23 -3.82 -11.24
C ILE A 122 3.52 -4.83 -12.15
N SER A 123 3.92 -6.08 -12.00
CA SER A 123 3.40 -7.17 -12.80
C SER A 123 1.90 -7.36 -12.56
N VAL A 124 1.47 -7.31 -11.30
CA VAL A 124 0.07 -7.53 -10.97
C VAL A 124 -0.76 -6.26 -11.21
N LEU A 125 -0.10 -5.12 -11.22
CA LEU A 125 -0.76 -3.85 -11.49
C LEU A 125 -1.00 -3.69 -13.00
N SER A 126 -0.14 -4.29 -13.81
CA SER A 126 -0.28 -4.22 -15.24
C SER A 126 -1.51 -5.00 -15.71
N GLN A 127 -1.93 -5.98 -14.91
CA GLN A 127 -3.14 -6.73 -15.20
C GLN A 127 -4.36 -5.95 -14.73
N ASN A 128 -4.62 -4.83 -15.38
CA ASN A 128 -5.75 -3.98 -15.04
C ASN A 128 -6.85 -4.15 -16.08
N THR A 129 -7.49 -5.31 -16.07
CA THR A 129 -8.55 -5.60 -17.02
C THR A 129 -9.23 -6.93 -16.72
N ASP A 130 -10.55 -6.86 -16.52
CA ASP A 130 -11.45 -8.02 -16.40
C ASP A 130 -10.89 -9.17 -15.56
N VAL A 131 -10.13 -8.84 -14.53
CA VAL A 131 -9.60 -9.86 -13.64
C VAL A 131 -10.74 -10.50 -12.84
N ASN A 132 -11.45 -9.67 -12.09
CA ASN A 132 -12.66 -10.10 -11.38
C ASN A 132 -13.72 -9.02 -11.48
N ILE A 133 -14.59 -9.14 -12.47
CA ILE A 133 -15.62 -8.12 -12.71
C ILE A 133 -17.02 -8.66 -12.44
N ILE A 134 -17.09 -9.82 -11.81
CA ILE A 134 -18.38 -10.43 -11.51
C ILE A 134 -18.92 -9.88 -10.20
N SER A 135 -20.20 -9.54 -10.20
CA SER A 135 -20.81 -8.87 -9.05
C SER A 135 -21.39 -9.88 -8.05
N THR A 136 -20.67 -10.98 -7.86
CA THR A 136 -21.07 -12.00 -6.91
C THR A 136 -19.98 -12.24 -5.87
N ALA A 137 -19.04 -11.32 -5.80
CA ALA A 137 -17.90 -11.45 -4.89
C ALA A 137 -18.28 -11.07 -3.46
N GLY B 1 -13.47 -4.02 -19.40
CA GLY B 1 -12.30 -4.41 -18.64
C GLY B 1 -12.37 -3.91 -17.21
N ALA B 2 -13.33 -3.05 -16.95
CA ALA B 2 -13.50 -2.47 -15.62
C ALA B 2 -14.73 -3.04 -14.94
N VAL B 3 -14.78 -2.92 -13.62
CA VAL B 3 -15.91 -3.43 -12.85
C VAL B 3 -17.01 -2.39 -12.78
N THR B 4 -18.26 -2.81 -12.94
CA THR B 4 -19.38 -1.90 -12.95
C THR B 4 -19.88 -1.59 -11.54
N ALA B 5 -19.07 -1.92 -10.56
CA ALA B 5 -19.36 -1.64 -9.16
C ALA B 5 -18.24 -0.81 -8.56
N VAL B 6 -18.35 0.50 -8.71
CA VAL B 6 -17.28 1.41 -8.31
C VAL B 6 -17.49 1.90 -6.88
N PRO B 7 -16.43 1.84 -6.05
CA PRO B 7 -16.47 2.39 -4.70
C PRO B 7 -16.25 3.91 -4.68
N SER B 8 -17.29 4.65 -4.36
CA SER B 8 -17.22 6.09 -4.34
C SER B 8 -16.55 6.58 -3.06
N VAL B 9 -16.28 5.64 -2.16
CA VAL B 9 -15.67 5.95 -0.87
C VAL B 9 -14.24 6.51 -1.04
N PHE B 10 -13.54 6.06 -2.07
CA PHE B 10 -12.17 6.49 -2.29
C PHE B 10 -12.11 7.85 -2.98
N SER B 11 -13.27 8.37 -3.36
CA SER B 11 -13.34 9.66 -4.00
C SER B 11 -14.19 10.63 -3.19
N SER B 12 -14.56 10.22 -1.99
CA SER B 12 -15.44 11.02 -1.15
C SER B 12 -14.97 11.01 0.31
N PRO B 13 -14.54 12.17 0.83
CA PRO B 13 -14.06 12.30 2.21
C PRO B 13 -15.13 11.91 3.23
N ASN B 14 -16.38 12.27 2.94
CA ASN B 14 -17.49 11.98 3.84
C ASN B 14 -17.73 10.47 3.92
N LEU B 15 -17.60 9.79 2.80
CA LEU B 15 -17.78 8.35 2.76
C LEU B 15 -16.57 7.64 3.39
N ALA B 16 -15.39 8.21 3.18
CA ALA B 16 -14.17 7.64 3.75
C ALA B 16 -14.27 7.58 5.27
N SER B 17 -14.85 8.62 5.86
CA SER B 17 -15.06 8.67 7.30
C SER B 17 -16.00 7.54 7.73
N GLY B 18 -17.06 7.34 6.97
CA GLY B 18 -18.02 6.29 7.28
C GLY B 18 -17.42 4.90 7.22
N PHE B 19 -16.59 4.68 6.20
CA PHE B 19 -15.92 3.39 6.01
C PHE B 19 -14.93 3.15 7.13
N LEU B 20 -14.17 4.19 7.47
CA LEU B 20 -13.17 4.11 8.54
C LEU B 20 -13.85 3.70 9.84
N GLN B 21 -15.01 4.28 10.10
CA GLN B 21 -15.71 4.07 11.37
C GLN B 21 -16.38 2.70 11.44
N CYS B 22 -16.73 2.11 10.31
CA CYS B 22 -17.42 0.83 10.34
C CYS B 22 -16.40 -0.29 10.31
N LEU B 23 -15.30 -0.03 9.63
CA LEU B 23 -14.23 -1.00 9.47
C LEU B 23 -13.59 -1.31 10.81
N THR B 24 -13.24 -0.24 11.52
CA THR B 24 -12.60 -0.36 12.81
C THR B 24 -13.48 -1.12 13.80
N PHE B 25 -14.79 -0.92 13.69
CA PHE B 25 -15.74 -1.62 14.54
C PHE B 25 -15.89 -3.07 14.10
N GLY B 26 -15.92 -3.28 12.79
CA GLY B 26 -16.09 -4.61 12.23
C GLY B 26 -14.93 -5.54 12.56
N ILE B 27 -13.72 -5.01 12.49
CA ILE B 27 -12.53 -5.80 12.79
C ILE B 27 -12.54 -6.27 14.24
N GLY B 28 -12.91 -5.37 15.15
CA GLY B 28 -12.97 -5.72 16.55
C GLY B 28 -14.26 -6.42 16.92
N ASN B 29 -15.02 -6.80 15.91
CA ASN B 29 -16.30 -7.47 16.12
C ASN B 29 -16.21 -8.90 15.60
N SER B 30 -15.04 -9.28 15.10
CA SER B 30 -14.85 -10.59 14.51
C SER B 30 -14.11 -11.53 15.47
N PRO B 31 -14.50 -12.82 15.51
CA PRO B 31 -13.87 -13.83 16.36
C PRO B 31 -12.48 -14.24 15.86
N ALA B 32 -12.09 -13.74 14.69
CA ALA B 32 -10.78 -14.07 14.13
C ALA B 32 -9.74 -13.04 14.54
N PHE B 33 -10.17 -12.00 15.24
CA PHE B 33 -9.28 -10.90 15.57
C PHE B 33 -9.37 -10.56 17.06
N PRO B 34 -8.29 -10.81 17.79
CA PRO B 34 -8.15 -10.36 19.18
C PRO B 34 -7.79 -8.88 19.24
N THR B 35 -7.90 -8.30 20.43
CA THR B 35 -7.69 -6.86 20.61
C THR B 35 -6.32 -6.42 20.07
N GLN B 36 -5.29 -7.20 20.34
CA GLN B 36 -3.93 -6.83 19.95
C GLN B 36 -3.73 -6.86 18.44
N GLU B 37 -4.28 -7.86 17.77
CA GLU B 37 -4.12 -7.97 16.33
C GLU B 37 -5.09 -7.03 15.62
N GLN B 38 -6.24 -6.80 16.25
CA GLN B 38 -7.22 -5.84 15.74
C GLN B 38 -6.66 -4.44 15.79
N GLN B 39 -6.08 -4.08 16.93
CA GLN B 39 -5.61 -2.71 17.18
C GLN B 39 -4.64 -2.23 16.10
N ASP B 40 -3.78 -3.14 15.64
CA ASP B 40 -2.80 -2.79 14.62
C ASP B 40 -3.51 -2.51 13.30
N LEU B 41 -4.36 -3.44 12.89
CA LEU B 41 -5.15 -3.30 11.67
C LEU B 41 -6.04 -2.06 11.76
N ASP B 42 -6.58 -1.85 12.96
CA ASP B 42 -7.45 -0.72 13.24
C ASP B 42 -6.73 0.60 13.00
N ALA B 43 -5.47 0.65 13.44
CA ALA B 43 -4.63 1.83 13.29
C ALA B 43 -4.31 2.07 11.82
N ILE B 44 -4.14 1.00 11.05
CA ILE B 44 -3.84 1.13 9.63
C ILE B 44 -5.07 1.64 8.87
N ALA B 45 -6.24 1.21 9.29
CA ALA B 45 -7.50 1.59 8.65
C ALA B 45 -7.69 3.11 8.65
N GLN B 46 -7.27 3.76 9.74
CA GLN B 46 -7.47 5.19 9.87
C GLN B 46 -6.42 5.97 9.08
N VAL B 47 -5.47 5.26 8.49
CA VAL B 47 -4.42 5.90 7.71
C VAL B 47 -4.85 6.08 6.25
N ILE B 48 -5.27 4.99 5.63
CA ILE B 48 -5.64 5.01 4.21
C ILE B 48 -6.84 5.92 3.98
N LEU B 49 -7.90 5.75 4.78
CA LEU B 49 -9.12 6.54 4.63
C LEU B 49 -8.86 8.01 4.95
N ASN B 50 -7.85 8.27 5.78
CA ASN B 50 -7.48 9.63 6.14
C ASN B 50 -6.92 10.33 4.91
N ALA B 51 -6.10 9.61 4.17
CA ALA B 51 -5.53 10.10 2.93
C ALA B 51 -6.62 10.33 1.89
N VAL B 52 -7.62 9.47 1.89
CA VAL B 52 -8.76 9.60 1.00
C VAL B 52 -9.52 10.90 1.28
N SER B 53 -9.62 11.24 2.57
CA SER B 53 -10.35 12.43 2.99
C SER B 53 -9.66 13.71 2.49
N THR B 54 -8.39 13.59 2.12
CA THR B 54 -7.62 14.74 1.68
C THR B 54 -7.12 14.53 0.24
N ASN B 55 -7.87 13.78 -0.55
CA ASN B 55 -7.51 13.58 -1.95
C ASN B 55 -7.77 14.82 -2.78
N THR B 56 -6.81 15.71 -2.75
CA THR B 56 -6.82 16.91 -3.57
C THR B 56 -5.57 16.95 -4.41
N GLY B 57 -5.71 17.16 -5.72
CA GLY B 57 -4.56 17.22 -6.59
C GLY B 57 -4.90 17.03 -8.05
N ALA B 58 -4.02 16.34 -8.77
CA ALA B 58 -4.17 16.20 -10.21
C ALA B 58 -4.43 14.75 -10.60
N THR B 59 -3.72 13.83 -9.99
CA THR B 59 -3.88 12.43 -10.31
C THR B 59 -4.59 11.68 -9.19
N ALA B 60 -5.38 12.42 -8.41
CA ALA B 60 -6.15 11.86 -7.30
C ALA B 60 -7.05 10.72 -7.75
N SER B 61 -7.44 10.74 -9.03
CA SER B 61 -8.22 9.66 -9.61
C SER B 61 -7.49 8.32 -9.45
N ALA B 62 -6.26 8.27 -9.95
CA ALA B 62 -5.45 7.07 -9.85
C ALA B 62 -4.91 6.91 -8.43
N ARG B 63 -4.78 8.03 -7.73
CA ARG B 63 -4.32 8.02 -6.35
C ARG B 63 -5.29 7.22 -5.49
N ALA B 64 -6.58 7.36 -5.78
CA ALA B 64 -7.61 6.60 -5.09
C ALA B 64 -7.43 5.10 -5.33
N GLN B 65 -7.09 4.74 -6.56
CA GLN B 65 -6.81 3.36 -6.89
C GLN B 65 -5.56 2.87 -6.17
N ALA B 66 -4.53 3.71 -6.16
CA ALA B 66 -3.30 3.43 -5.44
C ALA B 66 -3.57 3.16 -3.96
N LEU B 67 -4.48 3.93 -3.39
CA LEU B 67 -4.87 3.74 -1.99
C LEU B 67 -5.67 2.45 -1.82
N SER B 68 -6.44 2.10 -2.85
CA SER B 68 -7.22 0.87 -2.83
C SER B 68 -6.31 -0.34 -2.81
N THR B 69 -5.36 -0.38 -3.74
CA THR B 69 -4.39 -1.45 -3.80
C THR B 69 -3.53 -1.46 -2.53
N ALA B 70 -3.18 -0.27 -2.04
CA ALA B 70 -2.38 -0.14 -0.82
C ALA B 70 -3.14 -0.70 0.38
N LEU B 71 -4.41 -0.35 0.50
CA LEU B 71 -5.24 -0.83 1.60
C LEU B 71 -5.29 -2.34 1.62
N ALA B 72 -5.52 -2.94 0.46
CA ALA B 72 -5.56 -4.39 0.34
C ALA B 72 -4.19 -5.00 0.63
N SER B 73 -3.14 -4.35 0.15
CA SER B 73 -1.79 -4.86 0.27
C SER B 73 -1.28 -4.78 1.71
N SER B 74 -1.31 -3.57 2.27
CA SER B 74 -0.74 -3.32 3.60
C SER B 74 -1.41 -4.18 4.67
N LEU B 75 -2.72 -4.35 4.56
CA LEU B 75 -3.46 -5.16 5.52
C LEU B 75 -3.06 -6.63 5.42
N THR B 76 -2.96 -7.13 4.19
CA THR B 76 -2.65 -8.53 3.97
C THR B 76 -1.18 -8.84 4.31
N ASP B 77 -0.27 -7.95 3.90
CA ASP B 77 1.17 -8.13 4.17
C ASP B 77 1.41 -8.28 5.67
N LEU B 78 0.90 -7.32 6.44
CA LEU B 78 1.02 -7.34 7.89
C LEU B 78 0.37 -8.58 8.48
N LEU B 79 -0.81 -8.93 7.96
CA LEU B 79 -1.59 -10.03 8.46
C LEU B 79 -0.82 -11.35 8.31
N ILE B 80 -0.27 -11.60 7.12
CA ILE B 80 0.45 -12.84 6.84
C ILE B 80 1.60 -13.06 7.82
N ALA B 81 2.33 -11.99 8.10
CA ALA B 81 3.52 -12.06 8.93
C ALA B 81 3.20 -12.54 10.36
N GLU B 82 2.15 -11.99 10.94
CA GLU B 82 1.81 -12.26 12.33
C GLU B 82 0.91 -13.49 12.48
N SER B 83 0.53 -14.09 11.37
CA SER B 83 -0.37 -15.24 11.40
C SER B 83 0.36 -16.54 11.10
N ALA B 84 1.67 -16.50 11.28
CA ALA B 84 2.52 -17.68 11.16
C ALA B 84 2.63 -18.16 9.71
N GLU B 85 2.18 -17.31 8.78
CA GLU B 85 2.31 -17.53 7.34
C GLU B 85 1.44 -18.69 6.86
N SER B 86 0.75 -19.33 7.77
CA SER B 86 -0.13 -20.43 7.41
C SER B 86 -1.54 -20.20 7.93
N ASN B 87 -1.64 -19.51 9.06
CA ASN B 87 -2.94 -19.36 9.72
C ASN B 87 -3.65 -18.09 9.24
N TYR B 88 -2.98 -17.40 8.32
CA TYR B 88 -3.48 -16.13 7.79
C TYR B 88 -4.86 -16.28 7.14
N ASN B 89 -5.18 -17.49 6.70
CA ASN B 89 -6.43 -17.74 5.99
C ASN B 89 -7.63 -17.54 6.92
N ASN B 90 -7.44 -17.80 8.20
CA ASN B 90 -8.49 -17.61 9.20
C ASN B 90 -8.83 -16.12 9.29
N GLN B 91 -7.79 -15.31 9.41
CA GLN B 91 -7.95 -13.87 9.54
C GLN B 91 -8.37 -13.26 8.20
N LEU B 92 -7.77 -13.74 7.12
CA LEU B 92 -8.07 -13.27 5.77
C LEU B 92 -9.55 -13.44 5.45
N SER B 93 -10.10 -14.58 5.86
CA SER B 93 -11.49 -14.90 5.61
C SER B 93 -12.40 -13.84 6.21
N GLU B 94 -12.11 -13.44 7.45
CA GLU B 94 -12.92 -12.45 8.14
C GLU B 94 -12.61 -11.04 7.63
N LEU B 95 -11.33 -10.74 7.44
CA LEU B 95 -10.90 -9.42 6.98
C LEU B 95 -11.63 -9.02 5.71
N THR B 96 -11.60 -9.92 4.72
CA THR B 96 -12.27 -9.66 3.45
C THR B 96 -13.78 -9.47 3.65
N GLY B 97 -14.37 -10.30 4.51
CA GLY B 97 -15.79 -10.18 4.79
C GLY B 97 -16.16 -8.83 5.38
N ILE B 98 -15.35 -8.36 6.32
CA ILE B 98 -15.57 -7.06 6.95
C ILE B 98 -15.44 -5.96 5.91
N LEU B 99 -14.42 -6.06 5.07
CA LEU B 99 -14.19 -5.09 4.01
C LEU B 99 -15.41 -4.98 3.10
N SER B 100 -15.79 -6.10 2.49
CA SER B 100 -16.91 -6.15 1.55
C SER B 100 -18.21 -5.67 2.23
N ASN B 101 -18.40 -6.05 3.50
CA ASN B 101 -19.58 -5.64 4.24
C ASN B 101 -19.61 -4.12 4.40
N CYS B 102 -18.48 -3.54 4.80
CA CYS B 102 -18.37 -2.10 4.95
C CYS B 102 -18.54 -1.40 3.62
N PHE B 103 -17.93 -1.94 2.57
CA PHE B 103 -18.10 -1.39 1.23
C PHE B 103 -19.57 -1.34 0.84
N ILE B 104 -20.28 -2.43 1.11
CA ILE B 104 -21.70 -2.51 0.83
C ILE B 104 -22.48 -1.41 1.55
N GLN B 105 -22.14 -1.17 2.80
CA GLN B 105 -22.88 -0.23 3.61
C GLN B 105 -22.49 1.21 3.29
N THR B 106 -21.24 1.41 2.90
CA THR B 106 -20.69 2.75 2.72
C THR B 106 -20.87 3.25 1.29
N THR B 107 -20.60 2.40 0.30
CA THR B 107 -20.68 2.83 -1.09
C THR B 107 -21.70 2.01 -1.88
N GLY B 108 -22.40 1.12 -1.19
CA GLY B 108 -23.48 0.37 -1.83
C GLY B 108 -22.99 -0.73 -2.75
N SER B 109 -21.71 -1.05 -2.66
CA SER B 109 -21.12 -2.09 -3.49
C SER B 109 -19.94 -2.71 -2.78
N ASP B 110 -19.71 -3.99 -3.00
CA ASP B 110 -18.65 -4.71 -2.31
C ASP B 110 -17.31 -4.48 -3.02
N ASN B 111 -17.41 -4.10 -4.29
CA ASN B 111 -16.24 -3.80 -5.12
C ASN B 111 -15.38 -5.05 -5.33
N PRO B 112 -15.72 -5.85 -6.35
CA PRO B 112 -14.99 -7.08 -6.68
C PRO B 112 -13.53 -6.78 -7.08
N ALA B 113 -13.30 -5.56 -7.52
CA ALA B 113 -11.96 -5.14 -7.90
C ALA B 113 -11.03 -5.08 -6.70
N PHE B 114 -11.61 -4.85 -5.52
CA PHE B 114 -10.83 -4.77 -4.30
C PHE B 114 -10.37 -6.16 -3.88
N VAL B 115 -11.29 -7.11 -3.83
CA VAL B 115 -10.97 -8.48 -3.48
C VAL B 115 -10.08 -9.11 -4.55
N SER B 116 -10.23 -8.63 -5.78
CA SER B 116 -9.37 -9.05 -6.88
C SER B 116 -7.92 -8.67 -6.57
N ARG B 117 -7.72 -7.44 -6.11
CA ARG B 117 -6.39 -6.99 -5.69
C ARG B 117 -5.87 -7.87 -4.57
N ILE B 118 -6.71 -8.10 -3.57
CA ILE B 118 -6.35 -8.92 -2.42
C ILE B 118 -5.81 -10.28 -2.87
N GLN B 119 -6.61 -11.02 -3.64
CA GLN B 119 -6.23 -12.36 -4.09
C GLN B 119 -4.91 -12.33 -4.86
N SER B 120 -4.72 -11.29 -5.66
CA SER B 120 -3.53 -11.14 -6.48
C SER B 120 -2.30 -10.90 -5.60
N LEU B 121 -2.48 -10.10 -4.55
CA LEU B 121 -1.37 -9.67 -3.72
C LEU B 121 -0.96 -10.76 -2.73
N ILE B 122 -1.92 -11.56 -2.28
CA ILE B 122 -1.67 -12.59 -1.27
C ILE B 122 -0.46 -13.45 -1.65
N SER B 123 -0.42 -13.86 -2.90
CA SER B 123 0.65 -14.70 -3.40
C SER B 123 2.00 -13.98 -3.33
N VAL B 124 2.09 -12.81 -3.96
CA VAL B 124 3.36 -12.10 -4.07
C VAL B 124 3.83 -11.54 -2.73
N LEU B 125 2.89 -11.36 -1.80
CA LEU B 125 3.23 -10.84 -0.47
C LEU B 125 3.99 -11.88 0.34
N SER B 126 3.47 -13.11 0.38
CA SER B 126 4.10 -14.17 1.16
C SER B 126 5.34 -14.69 0.45
N GLN B 127 5.42 -14.48 -0.85
CA GLN B 127 6.52 -14.98 -1.65
C GLN B 127 7.60 -13.92 -1.83
N ASN B 128 8.34 -13.67 -0.77
CA ASN B 128 9.47 -12.76 -0.83
C ASN B 128 10.74 -13.50 -1.23
N THR B 129 11.43 -12.99 -2.23
CA THR B 129 12.64 -13.64 -2.72
C THR B 129 13.84 -13.36 -1.82
N ASP B 130 14.25 -14.38 -1.09
CA ASP B 130 15.36 -14.27 -0.14
C ASP B 130 16.70 -14.18 -0.85
N VAL B 131 16.69 -14.43 -2.16
CA VAL B 131 17.90 -14.42 -2.96
C VAL B 131 18.21 -13.02 -3.47
N ASN B 132 17.29 -12.10 -3.26
CA ASN B 132 17.45 -10.75 -3.77
C ASN B 132 17.85 -9.79 -2.66
N ILE B 133 19.01 -10.05 -2.06
CA ILE B 133 19.57 -9.18 -1.04
C ILE B 133 20.96 -8.71 -1.47
N ILE B 134 21.18 -8.72 -2.78
CA ILE B 134 22.47 -8.35 -3.35
C ILE B 134 22.54 -6.83 -3.57
N SER B 135 23.38 -6.17 -2.79
CA SER B 135 23.46 -4.72 -2.79
C SER B 135 24.53 -4.21 -3.74
N THR B 136 24.59 -4.81 -4.91
CA THR B 136 25.53 -4.38 -5.93
C THR B 136 24.80 -3.86 -7.16
N ALA B 137 24.06 -2.77 -6.97
CA ALA B 137 23.35 -2.15 -8.07
C ALA B 137 24.27 -1.20 -8.83
N GLY A 1 11.66 -11.63 8.15
CA GLY A 1 13.02 -11.11 8.42
C GLY A 1 13.83 -10.99 7.15
N ALA A 2 13.37 -10.14 6.24
CA ALA A 2 14.06 -9.93 4.97
C ALA A 2 15.51 -9.49 5.17
N VAL A 3 16.44 -10.27 4.63
CA VAL A 3 17.87 -10.02 4.75
C VAL A 3 18.27 -9.91 6.22
N THR A 4 17.57 -10.70 7.02
CA THR A 4 17.81 -10.79 8.46
C THR A 4 17.77 -9.41 9.14
N ALA A 5 17.05 -8.47 8.54
CA ALA A 5 17.02 -7.11 9.07
C ALA A 5 15.61 -6.52 9.01
N VAL A 6 15.45 -5.38 9.66
CA VAL A 6 14.21 -4.64 9.63
C VAL A 6 14.43 -3.33 8.86
N PRO A 7 13.45 -2.88 8.07
CA PRO A 7 13.52 -1.57 7.41
C PRO A 7 13.76 -0.44 8.41
N SER A 8 14.99 0.01 8.48
CA SER A 8 15.42 1.00 9.47
C SER A 8 14.72 2.34 9.28
N VAL A 9 14.47 2.70 8.03
CA VAL A 9 13.82 3.97 7.73
C VAL A 9 12.38 3.96 8.24
N PHE A 10 11.80 2.78 8.40
CA PHE A 10 10.44 2.63 8.90
C PHE A 10 10.47 2.27 10.39
N SER A 11 11.66 2.34 10.97
CA SER A 11 11.84 2.00 12.38
C SER A 11 12.21 3.24 13.19
N SER A 12 12.94 4.16 12.57
CA SER A 12 13.37 5.38 13.25
C SER A 12 12.66 6.60 12.67
N PRO A 13 12.06 7.43 13.55
CA PRO A 13 11.28 8.61 13.13
C PRO A 13 12.14 9.64 12.37
N ASN A 14 13.37 9.80 12.80
CA ASN A 14 14.27 10.78 12.19
C ASN A 14 14.65 10.36 10.77
N LEU A 15 14.79 9.06 10.57
CA LEU A 15 15.10 8.53 9.25
C LEU A 15 13.92 8.71 8.32
N ALA A 16 12.72 8.59 8.86
CA ALA A 16 11.50 8.81 8.09
C ALA A 16 11.47 10.22 7.51
N SER A 17 11.81 11.19 8.35
CA SER A 17 11.87 12.58 7.93
C SER A 17 12.93 12.77 6.84
N GLY A 18 14.11 12.20 7.05
CA GLY A 18 15.19 12.33 6.09
C GLY A 18 14.85 11.69 4.76
N PHE A 19 14.23 10.52 4.83
CA PHE A 19 13.83 9.78 3.63
C PHE A 19 12.81 10.58 2.83
N LEU A 20 11.87 11.20 3.55
CA LEU A 20 10.84 12.03 2.93
C LEU A 20 11.49 13.20 2.18
N GLN A 21 12.45 13.85 2.84
CA GLN A 21 13.13 15.00 2.27
C GLN A 21 14.02 14.59 1.09
N CYS A 22 14.38 13.31 1.04
CA CYS A 22 15.17 12.80 -0.07
C CYS A 22 14.28 12.50 -1.26
N LEU A 23 13.10 11.95 -0.98
CA LEU A 23 12.15 11.59 -2.02
C LEU A 23 11.71 12.82 -2.81
N THR A 24 11.39 13.90 -2.09
CA THR A 24 10.97 15.14 -2.72
C THR A 24 12.04 15.66 -3.67
N PHE A 25 13.28 15.60 -3.22
CA PHE A 25 14.41 16.03 -4.02
C PHE A 25 14.63 15.08 -5.20
N GLY A 26 14.59 13.79 -4.93
CA GLY A 26 14.85 12.79 -5.94
C GLY A 26 13.85 12.84 -7.09
N ILE A 27 12.57 12.87 -6.77
CA ILE A 27 11.52 12.91 -7.79
C ILE A 27 11.66 14.19 -8.63
N GLY A 28 11.96 15.29 -7.96
CA GLY A 28 12.11 16.57 -8.64
C GLY A 28 13.47 16.74 -9.28
N ASN A 29 14.26 15.69 -9.26
CA ASN A 29 15.60 15.73 -9.82
C ASN A 29 15.69 14.84 -11.05
N SER A 30 14.65 14.05 -11.28
CA SER A 30 14.64 13.09 -12.36
C SER A 30 13.94 13.66 -13.60
N PRO A 31 14.46 13.35 -14.81
CA PRO A 31 13.97 13.91 -16.06
C PRO A 31 12.58 13.39 -16.47
N ALA A 32 12.18 12.26 -15.91
CA ALA A 32 10.93 11.62 -16.31
C ALA A 32 9.74 12.20 -15.55
N PHE A 33 10.00 12.99 -14.52
CA PHE A 33 8.96 13.48 -13.65
C PHE A 33 8.78 14.99 -13.79
N PRO A 34 7.67 15.41 -14.42
CA PRO A 34 7.26 16.80 -14.47
C PRO A 34 6.42 17.16 -13.24
N THR A 35 6.31 18.45 -12.94
CA THR A 35 5.59 18.93 -11.74
C THR A 35 4.27 18.19 -11.51
N GLN A 36 3.49 18.02 -12.57
CA GLN A 36 2.17 17.39 -12.48
C GLN A 36 2.27 15.94 -12.01
N GLU A 37 3.28 15.23 -12.49
CA GLU A 37 3.45 13.81 -12.19
C GLU A 37 4.54 13.62 -11.13
N GLN A 38 4.88 14.72 -10.47
CA GLN A 38 5.95 14.73 -9.48
C GLN A 38 5.43 14.98 -8.08
N GLN A 39 4.74 16.11 -7.89
CA GLN A 39 4.38 16.56 -6.55
C GLN A 39 3.24 15.74 -5.94
N ASP A 40 2.51 15.00 -6.76
CA ASP A 40 1.42 14.17 -6.24
C ASP A 40 2.00 12.93 -5.57
N LEU A 41 3.16 12.51 -6.04
CA LEU A 41 3.85 11.35 -5.46
C LEU A 41 4.27 11.67 -4.03
N ASP A 42 4.57 12.94 -3.78
CA ASP A 42 4.90 13.42 -2.45
C ASP A 42 3.73 13.25 -1.49
N ALA A 43 2.52 13.37 -2.04
CA ALA A 43 1.30 13.27 -1.25
C ALA A 43 1.17 11.90 -0.60
N ILE A 44 1.64 10.87 -1.29
CA ILE A 44 1.63 9.53 -0.75
C ILE A 44 2.84 9.32 0.17
N ALA A 45 3.98 9.84 -0.26
CA ALA A 45 5.23 9.67 0.48
C ALA A 45 5.10 10.24 1.90
N GLN A 46 4.55 11.44 2.01
CA GLN A 46 4.42 12.12 3.30
C GLN A 46 3.50 11.37 4.24
N VAL A 47 2.62 10.53 3.69
CA VAL A 47 1.68 9.77 4.50
C VAL A 47 2.33 8.50 5.04
N ILE A 48 3.07 7.80 4.18
CA ILE A 48 3.74 6.57 4.59
C ILE A 48 4.76 6.85 5.68
N LEU A 49 5.63 7.83 5.44
CA LEU A 49 6.68 8.17 6.40
C LEU A 49 6.09 8.85 7.65
N ASN A 50 4.84 9.29 7.54
CA ASN A 50 4.17 9.94 8.65
C ASN A 50 3.82 8.92 9.73
N ALA A 51 3.54 7.70 9.28
CA ALA A 51 3.17 6.63 10.19
C ALA A 51 4.38 6.08 10.91
N VAL A 52 5.55 6.25 10.32
CA VAL A 52 6.80 5.76 10.89
C VAL A 52 7.10 6.45 12.22
N SER A 53 6.94 7.76 12.25
CA SER A 53 7.28 8.56 13.40
C SER A 53 6.28 8.37 14.55
N THR A 54 5.23 7.61 14.29
CA THR A 54 4.21 7.36 15.31
C THR A 54 4.00 5.84 15.47
N ASN A 55 4.97 5.05 15.03
CA ASN A 55 4.90 3.61 15.15
C ASN A 55 4.81 3.21 16.61
N THR A 56 3.71 2.59 17.00
CA THR A 56 3.51 2.21 18.39
C THR A 56 2.91 0.80 18.49
N GLY A 57 3.59 -0.04 19.24
CA GLY A 57 3.11 -1.39 19.46
C GLY A 57 4.22 -2.41 19.38
N ALA A 58 3.95 -3.63 19.82
CA ALA A 58 4.93 -4.70 19.77
C ALA A 58 5.08 -5.21 18.34
N THR A 59 4.13 -4.84 17.51
CA THR A 59 4.12 -5.23 16.11
C THR A 59 4.71 -4.12 15.24
N ALA A 60 5.42 -3.18 15.87
CA ALA A 60 5.98 -2.03 15.16
C ALA A 60 6.90 -2.47 14.02
N SER A 61 7.59 -3.60 14.22
CA SER A 61 8.46 -4.15 13.18
C SER A 61 7.65 -4.56 11.95
N ALA A 62 6.47 -5.12 12.18
CA ALA A 62 5.57 -5.49 11.11
C ALA A 62 5.04 -4.26 10.40
N ARG A 63 4.82 -3.18 11.15
CA ARG A 63 4.41 -1.92 10.55
C ARG A 63 5.50 -1.40 9.62
N ALA A 64 6.75 -1.60 10.03
CA ALA A 64 7.89 -1.21 9.22
C ALA A 64 7.87 -1.95 7.88
N GLN A 65 7.44 -3.20 7.91
CA GLN A 65 7.34 -4.01 6.70
C GLN A 65 6.09 -3.65 5.93
N ALA A 66 4.99 -3.46 6.66
CA ALA A 66 3.71 -3.09 6.05
C ALA A 66 3.81 -1.76 5.33
N LEU A 67 4.54 -0.81 5.91
CA LEU A 67 4.76 0.48 5.29
C LEU A 67 5.73 0.34 4.12
N SER A 68 6.65 -0.60 4.24
CA SER A 68 7.60 -0.91 3.19
C SER A 68 6.86 -1.34 1.92
N THR A 69 6.07 -2.39 2.04
CA THR A 69 5.31 -2.92 0.91
C THR A 69 4.27 -1.89 0.43
N ALA A 70 3.64 -1.21 1.36
CA ALA A 70 2.62 -0.21 1.03
C ALA A 70 3.21 0.95 0.23
N LEU A 71 4.38 1.43 0.65
CA LEU A 71 5.06 2.53 -0.03
C LEU A 71 5.31 2.17 -1.48
N ALA A 72 5.95 1.03 -1.70
CA ALA A 72 6.26 0.56 -3.04
C ALA A 72 4.98 0.38 -3.86
N SER A 73 3.99 -0.23 -3.24
CA SER A 73 2.74 -0.54 -3.92
C SER A 73 2.00 0.73 -4.33
N SER A 74 1.78 1.62 -3.37
CA SER A 74 0.98 2.82 -3.59
C SER A 74 1.64 3.73 -4.63
N LEU A 75 2.98 3.85 -4.54
CA LEU A 75 3.72 4.67 -5.50
C LEU A 75 3.60 4.10 -6.91
N THR A 76 3.72 2.78 -7.02
CA THR A 76 3.62 2.11 -8.31
C THR A 76 2.23 2.29 -8.92
N ASP A 77 1.20 2.12 -8.09
CA ASP A 77 -0.19 2.28 -8.53
C ASP A 77 -0.42 3.68 -9.09
N LEU A 78 -0.15 4.68 -8.26
CA LEU A 78 -0.35 6.08 -8.62
C LEU A 78 0.43 6.43 -9.88
N LEU A 79 1.67 5.96 -9.95
CA LEU A 79 2.54 6.24 -11.09
C LEU A 79 1.92 5.69 -12.37
N ILE A 80 1.68 4.38 -12.42
CA ILE A 80 1.20 3.73 -13.62
C ILE A 80 -0.13 4.34 -14.08
N ALA A 81 -1.02 4.60 -13.14
CA ALA A 81 -2.35 5.10 -13.45
C ALA A 81 -2.30 6.49 -14.09
N GLU A 82 -1.48 7.38 -13.55
CA GLU A 82 -1.39 8.74 -14.08
C GLU A 82 -0.40 8.83 -15.24
N SER A 83 0.42 7.80 -15.39
CA SER A 83 1.48 7.82 -16.41
C SER A 83 0.97 7.25 -17.72
N ALA A 84 -0.17 6.57 -17.63
CA ALA A 84 -0.66 5.69 -18.68
C ALA A 84 0.20 4.44 -18.73
N GLU A 85 -0.44 3.29 -18.60
CA GLU A 85 0.22 1.99 -18.64
C GLU A 85 1.07 1.83 -19.91
N SER A 86 0.77 2.59 -20.94
CA SER A 86 1.55 2.54 -22.17
C SER A 86 2.86 3.31 -22.05
N ASN A 87 2.98 4.13 -21.01
CA ASN A 87 4.16 4.98 -20.85
C ASN A 87 4.74 4.88 -19.43
N TYR A 88 4.12 4.05 -18.60
CA TYR A 88 4.44 3.99 -17.18
C TYR A 88 5.89 3.58 -16.95
N ASN A 89 6.44 2.78 -17.86
CA ASN A 89 7.77 2.21 -17.67
C ASN A 89 8.84 3.31 -17.72
N ASN A 90 8.51 4.43 -18.35
CA ASN A 90 9.42 5.57 -18.41
C ASN A 90 9.71 6.09 -17.00
N GLN A 91 8.64 6.34 -16.26
CA GLN A 91 8.76 6.88 -14.91
C GLN A 91 9.07 5.78 -13.91
N LEU A 92 8.58 4.58 -14.18
CA LEU A 92 8.80 3.44 -13.29
C LEU A 92 10.30 3.18 -13.12
N SER A 93 11.04 3.26 -14.23
CA SER A 93 12.47 3.01 -14.21
C SER A 93 13.21 4.07 -13.38
N GLU A 94 12.60 5.24 -13.24
CA GLU A 94 13.18 6.32 -12.45
C GLU A 94 12.80 6.17 -10.99
N LEU A 95 11.53 5.86 -10.75
CA LEU A 95 10.99 5.75 -9.39
C LEU A 95 11.77 4.73 -8.59
N THR A 96 12.01 3.55 -9.19
CA THR A 96 12.74 2.49 -8.52
C THR A 96 14.15 2.95 -8.14
N GLY A 97 14.77 3.71 -9.04
CA GLY A 97 16.10 4.23 -8.79
C GLY A 97 16.11 5.22 -7.65
N ILE A 98 15.28 6.25 -7.74
CA ILE A 98 15.18 7.27 -6.71
C ILE A 98 14.95 6.65 -5.34
N LEU A 99 13.97 5.75 -5.29
CA LEU A 99 13.56 5.11 -4.06
C LEU A 99 14.71 4.30 -3.47
N SER A 100 15.47 3.63 -4.34
CA SER A 100 16.62 2.84 -3.92
C SER A 100 17.75 3.77 -3.46
N ASN A 101 17.91 4.89 -4.16
CA ASN A 101 18.95 5.87 -3.82
C ASN A 101 18.71 6.41 -2.42
N CYS A 102 17.48 6.84 -2.16
CA CYS A 102 17.14 7.44 -0.88
C CYS A 102 17.30 6.47 0.28
N PHE A 103 17.18 5.17 0.01
CA PHE A 103 17.49 4.18 1.03
C PHE A 103 18.95 4.28 1.44
N ILE A 104 19.84 4.17 0.47
CA ILE A 104 21.28 4.31 0.72
C ILE A 104 21.59 5.62 1.44
N GLN A 105 20.96 6.69 1.01
CA GLN A 105 21.25 8.00 1.55
C GLN A 105 20.71 8.17 2.96
N THR A 106 19.68 7.40 3.32
CA THR A 106 19.03 7.55 4.61
C THR A 106 19.40 6.43 5.58
N THR A 107 19.22 5.18 5.15
CA THR A 107 19.49 4.04 6.01
C THR A 107 20.98 3.81 6.13
N GLY A 108 21.70 4.16 5.06
CA GLY A 108 23.13 4.03 5.05
C GLY A 108 23.57 2.62 4.72
N SER A 109 22.74 1.91 3.97
CA SER A 109 23.04 0.53 3.63
C SER A 109 22.17 0.08 2.46
N ASP A 110 22.45 -1.12 1.96
CA ASP A 110 21.77 -1.66 0.80
C ASP A 110 20.47 -2.32 1.21
N ASN A 111 19.42 -2.07 0.44
CA ASN A 111 18.14 -2.71 0.66
C ASN A 111 17.53 -3.17 -0.66
N PRO A 112 18.12 -4.20 -1.30
CA PRO A 112 17.69 -4.67 -2.62
C PRO A 112 16.32 -5.33 -2.58
N ALA A 113 16.00 -5.96 -1.46
CA ALA A 113 14.72 -6.66 -1.29
C ALA A 113 13.55 -5.72 -1.44
N PHE A 114 13.76 -4.44 -1.14
CA PHE A 114 12.71 -3.44 -1.26
C PHE A 114 12.39 -3.22 -2.74
N VAL A 115 13.43 -3.12 -3.56
CA VAL A 115 13.26 -2.94 -5.00
C VAL A 115 12.61 -4.19 -5.60
N SER A 116 12.96 -5.34 -5.06
CA SER A 116 12.35 -6.59 -5.47
C SER A 116 10.84 -6.57 -5.22
N ARG A 117 10.44 -6.00 -4.08
CA ARG A 117 9.03 -5.85 -3.75
C ARG A 117 8.32 -5.02 -4.82
N ILE A 118 8.92 -3.89 -5.19
CA ILE A 118 8.37 -3.02 -6.21
C ILE A 118 8.09 -3.81 -7.49
N GLN A 119 9.12 -4.48 -7.98
CA GLN A 119 9.02 -5.25 -9.22
C GLN A 119 7.97 -6.35 -9.12
N SER A 120 7.78 -6.88 -7.92
CA SER A 120 6.77 -7.91 -7.67
C SER A 120 5.37 -7.31 -7.76
N LEU A 121 5.24 -6.07 -7.32
CA LEU A 121 3.94 -5.40 -7.27
C LEU A 121 3.57 -4.82 -8.62
N ILE A 122 4.57 -4.61 -9.47
CA ILE A 122 4.35 -4.10 -10.82
C ILE A 122 3.40 -5.00 -11.59
N SER A 123 3.58 -6.30 -11.44
CA SER A 123 2.77 -7.28 -12.16
C SER A 123 1.29 -7.15 -11.79
N VAL A 124 1.02 -6.70 -10.57
CA VAL A 124 -0.33 -6.51 -10.10
C VAL A 124 -1.02 -5.40 -10.89
N LEU A 125 -0.34 -4.27 -11.00
CA LEU A 125 -0.89 -3.11 -11.70
C LEU A 125 -0.80 -3.28 -13.22
N SER A 126 0.17 -4.06 -13.67
CA SER A 126 0.38 -4.27 -15.09
C SER A 126 -0.57 -5.33 -15.64
N GLN A 127 -1.38 -5.91 -14.76
CA GLN A 127 -2.35 -6.91 -15.18
C GLN A 127 -3.72 -6.25 -15.35
N ASN A 128 -3.85 -5.48 -16.40
CA ASN A 128 -5.10 -4.80 -16.70
C ASN A 128 -6.08 -5.75 -17.37
N THR A 129 -6.84 -6.46 -16.56
CA THR A 129 -7.83 -7.40 -17.04
C THR A 129 -9.22 -7.02 -16.53
N ASP A 130 -10.22 -7.11 -17.40
CA ASP A 130 -11.56 -6.65 -17.07
C ASP A 130 -12.57 -7.74 -17.37
N VAL A 131 -12.41 -8.87 -16.71
CA VAL A 131 -13.31 -10.01 -16.90
C VAL A 131 -14.72 -9.68 -16.36
N ASN A 132 -14.77 -9.08 -15.19
CA ASN A 132 -16.04 -8.74 -14.56
C ASN A 132 -16.10 -7.25 -14.25
N ILE A 133 -16.86 -6.53 -15.05
CA ILE A 133 -16.98 -5.09 -14.91
C ILE A 133 -18.40 -4.69 -14.53
N ILE A 134 -19.25 -5.68 -14.30
CA ILE A 134 -20.66 -5.40 -14.06
C ILE A 134 -20.95 -5.15 -12.60
N SER A 135 -20.82 -3.90 -12.22
CA SER A 135 -21.23 -3.43 -10.90
C SER A 135 -21.75 -2.01 -11.05
N THR A 136 -22.53 -1.81 -12.10
CA THR A 136 -23.00 -0.50 -12.51
C THR A 136 -24.19 -0.03 -11.68
N ALA A 137 -24.62 -0.86 -10.75
CA ALA A 137 -25.75 -0.55 -9.89
C ALA A 137 -25.52 -1.06 -8.48
N GLY B 1 -10.73 -2.95 -21.03
CA GLY B 1 -11.95 -2.18 -20.96
C GLY B 1 -11.92 -1.15 -19.85
N ALA B 2 -11.12 -1.42 -18.82
CA ALA B 2 -10.97 -0.54 -17.67
C ALA B 2 -12.27 -0.45 -16.88
N VAL B 3 -12.39 -1.31 -15.86
CA VAL B 3 -13.55 -1.30 -14.97
C VAL B 3 -13.84 0.10 -14.47
N THR B 4 -14.90 0.69 -14.98
CA THR B 4 -15.25 2.06 -14.63
C THR B 4 -16.11 2.08 -13.36
N ALA B 5 -15.46 1.78 -12.24
CA ALA B 5 -16.13 1.78 -10.95
C ALA B 5 -15.17 2.25 -9.87
N VAL B 6 -15.26 3.53 -9.53
CA VAL B 6 -14.39 4.11 -8.53
C VAL B 6 -15.01 3.97 -7.14
N PRO B 7 -14.24 3.40 -6.20
CA PRO B 7 -14.66 3.28 -4.80
C PRO B 7 -14.93 4.65 -4.18
N SER B 8 -16.21 4.97 -3.98
CA SER B 8 -16.63 6.26 -3.46
C SER B 8 -16.03 6.56 -2.09
N VAL B 9 -15.55 5.53 -1.41
CA VAL B 9 -14.96 5.69 -0.10
C VAL B 9 -13.68 6.51 -0.16
N PHE B 10 -12.96 6.39 -1.28
CA PHE B 10 -11.67 7.05 -1.43
C PHE B 10 -11.82 8.38 -2.15
N SER B 11 -13.04 8.69 -2.56
CA SER B 11 -13.32 9.94 -3.25
C SER B 11 -14.24 10.82 -2.41
N SER B 12 -14.57 10.35 -1.21
CA SER B 12 -15.44 11.11 -0.31
C SER B 12 -14.97 10.95 1.13
N PRO B 13 -14.50 12.06 1.75
CA PRO B 13 -13.98 12.06 3.12
C PRO B 13 -15.01 11.58 4.15
N ASN B 14 -16.28 11.88 3.90
CA ASN B 14 -17.35 11.48 4.80
C ASN B 14 -17.53 9.97 4.79
N LEU B 15 -17.35 9.37 3.61
CA LEU B 15 -17.47 7.92 3.47
C LEU B 15 -16.22 7.24 4.04
N ALA B 16 -15.09 7.92 3.92
CA ALA B 16 -13.83 7.42 4.48
C ALA B 16 -13.96 7.19 5.98
N SER B 17 -14.57 8.15 6.67
CA SER B 17 -14.79 8.06 8.10
C SER B 17 -15.70 6.88 8.44
N GLY B 18 -16.85 6.81 7.75
CA GLY B 18 -17.81 5.76 8.02
C GLY B 18 -17.28 4.37 7.70
N PHE B 19 -16.47 4.28 6.65
CA PHE B 19 -15.90 3.01 6.23
C PHE B 19 -14.98 2.45 7.31
N LEU B 20 -14.18 3.33 7.88
CA LEU B 20 -13.24 2.93 8.94
C LEU B 20 -14.03 2.46 10.17
N GLN B 21 -15.13 3.13 10.46
CA GLN B 21 -15.97 2.78 11.60
C GLN B 21 -16.82 1.55 11.30
N CYS B 22 -16.82 1.12 10.04
CA CYS B 22 -17.50 -0.11 9.67
C CYS B 22 -16.54 -1.27 9.83
N LEU B 23 -15.28 -0.99 9.49
CA LEU B 23 -14.22 -1.98 9.59
C LEU B 23 -14.04 -2.45 11.02
N THR B 24 -13.93 -1.51 11.95
CA THR B 24 -13.73 -1.85 13.36
C THR B 24 -14.85 -2.74 13.89
N PHE B 25 -16.08 -2.37 13.56
CA PHE B 25 -17.26 -3.14 13.96
C PHE B 25 -17.21 -4.54 13.36
N GLY B 26 -16.83 -4.62 12.09
CA GLY B 26 -16.73 -5.90 11.43
C GLY B 26 -15.63 -6.77 12.03
N ILE B 27 -14.45 -6.19 12.21
CA ILE B 27 -13.32 -6.91 12.77
C ILE B 27 -13.66 -7.44 14.17
N GLY B 28 -14.24 -6.58 15.00
CA GLY B 28 -14.56 -6.94 16.36
C GLY B 28 -15.78 -7.84 16.46
N ASN B 29 -16.44 -8.09 15.34
CA ASN B 29 -17.62 -8.95 15.31
C ASN B 29 -17.26 -10.31 14.75
N SER B 30 -15.98 -10.47 14.39
CA SER B 30 -15.50 -11.70 13.80
C SER B 30 -14.69 -12.50 14.82
N PRO B 31 -15.03 -13.79 15.01
CA PRO B 31 -14.35 -14.67 15.98
C PRO B 31 -12.92 -15.02 15.58
N ALA B 32 -12.48 -14.51 14.43
CA ALA B 32 -11.13 -14.76 13.97
C ALA B 32 -10.18 -13.64 14.36
N PHE B 33 -10.72 -12.61 15.00
CA PHE B 33 -9.94 -11.44 15.33
C PHE B 33 -9.96 -11.15 16.84
N PRO B 34 -8.80 -11.30 17.49
CA PRO B 34 -8.62 -10.83 18.85
C PRO B 34 -8.41 -9.32 18.85
N THR B 35 -8.82 -8.64 19.91
CA THR B 35 -8.80 -7.19 19.95
C THR B 35 -7.39 -6.63 19.75
N GLN B 36 -6.38 -7.39 20.14
CA GLN B 36 -4.99 -6.98 19.96
C GLN B 36 -4.66 -6.82 18.47
N GLU B 37 -5.17 -7.72 17.64
CA GLU B 37 -4.96 -7.64 16.20
C GLU B 37 -6.04 -6.75 15.58
N GLN B 38 -7.21 -6.77 16.20
CA GLN B 38 -8.33 -5.93 15.80
C GLN B 38 -7.92 -4.47 15.70
N GLN B 39 -7.41 -3.93 16.80
CA GLN B 39 -7.05 -2.52 16.85
C GLN B 39 -5.73 -2.27 16.14
N ASP B 40 -5.00 -3.33 15.84
CA ASP B 40 -3.78 -3.20 15.04
C ASP B 40 -4.17 -2.92 13.60
N LEU B 41 -5.10 -3.72 13.09
CA LEU B 41 -5.64 -3.54 11.75
C LEU B 41 -6.32 -2.18 11.65
N ASP B 42 -7.03 -1.80 12.71
CA ASP B 42 -7.64 -0.47 12.80
C ASP B 42 -6.58 0.61 12.65
N ALA B 43 -5.49 0.46 13.40
CA ALA B 43 -4.40 1.43 13.40
C ALA B 43 -3.80 1.61 12.00
N ILE B 44 -3.72 0.53 11.25
CA ILE B 44 -3.16 0.58 9.90
C ILE B 44 -4.21 1.09 8.91
N ALA B 45 -5.43 0.58 9.02
CA ALA B 45 -6.50 0.92 8.08
C ALA B 45 -6.88 2.39 8.18
N GLN B 46 -6.92 2.92 9.40
CA GLN B 46 -7.33 4.31 9.61
C GLN B 46 -6.39 5.28 8.88
N VAL B 47 -5.13 4.89 8.73
CA VAL B 47 -4.15 5.72 8.06
C VAL B 47 -4.53 5.92 6.59
N ILE B 48 -5.07 4.88 5.99
CA ILE B 48 -5.51 4.95 4.59
C ILE B 48 -6.72 5.88 4.47
N LEU B 49 -7.68 5.71 5.36
CA LEU B 49 -8.91 6.51 5.32
C LEU B 49 -8.63 7.97 5.68
N ASN B 50 -7.66 8.19 6.56
CA ASN B 50 -7.28 9.56 6.95
C ASN B 50 -6.44 10.22 5.86
N ALA B 51 -6.16 9.47 4.80
CA ALA B 51 -5.48 10.01 3.64
C ALA B 51 -6.51 10.37 2.57
N VAL B 52 -7.74 9.93 2.77
CA VAL B 52 -8.84 10.22 1.87
C VAL B 52 -9.43 11.59 2.18
N SER B 53 -9.40 11.95 3.45
CA SER B 53 -9.95 13.22 3.91
C SER B 53 -9.09 14.41 3.49
N THR B 54 -8.07 14.14 2.67
CA THR B 54 -7.22 15.18 2.15
C THR B 54 -7.10 15.06 0.62
N ASN B 55 -7.97 14.25 0.03
CA ASN B 55 -7.95 14.07 -1.42
C ASN B 55 -8.71 15.17 -2.12
N THR B 56 -7.96 16.05 -2.75
CA THR B 56 -8.52 17.12 -3.55
C THR B 56 -7.65 17.32 -4.80
N GLY B 57 -8.30 17.42 -5.94
CA GLY B 57 -7.57 17.60 -7.18
C GLY B 57 -8.00 16.63 -8.26
N ALA B 58 -7.40 16.74 -9.44
CA ALA B 58 -7.78 15.89 -10.57
C ALA B 58 -7.02 14.57 -10.54
N THR B 59 -5.86 14.59 -9.88
CA THR B 59 -5.03 13.41 -9.77
C THR B 59 -5.47 12.53 -8.60
N ALA B 60 -6.48 13.01 -7.87
CA ALA B 60 -7.01 12.29 -6.72
C ALA B 60 -7.68 10.98 -7.13
N SER B 61 -8.02 10.87 -8.41
CA SER B 61 -8.64 9.66 -8.94
C SER B 61 -7.69 8.47 -8.83
N ALA B 62 -6.50 8.62 -9.39
CA ALA B 62 -5.49 7.58 -9.34
C ALA B 62 -4.96 7.43 -7.92
N ARG B 63 -4.88 8.55 -7.20
CA ARG B 63 -4.41 8.52 -5.82
C ARG B 63 -5.35 7.71 -4.95
N ALA B 64 -6.65 7.78 -5.26
CA ALA B 64 -7.66 7.00 -4.57
C ALA B 64 -7.42 5.51 -4.78
N GLN B 65 -7.04 5.15 -6.00
CA GLN B 65 -6.71 3.76 -6.32
C GLN B 65 -5.45 3.34 -5.58
N ALA B 66 -4.46 4.25 -5.55
CA ALA B 66 -3.22 4.02 -4.85
C ALA B 66 -3.46 3.72 -3.36
N LEU B 67 -4.39 4.45 -2.77
CA LEU B 67 -4.77 4.21 -1.38
C LEU B 67 -5.51 2.89 -1.24
N SER B 68 -6.34 2.59 -2.23
CA SER B 68 -7.09 1.34 -2.24
C SER B 68 -6.14 0.15 -2.29
N THR B 69 -5.15 0.22 -3.19
CA THR B 69 -4.15 -0.83 -3.30
C THR B 69 -3.29 -0.89 -2.04
N ALA B 70 -2.94 0.27 -1.50
CA ALA B 70 -2.17 0.34 -0.26
C ALA B 70 -2.93 -0.33 0.88
N LEU B 71 -4.24 -0.10 0.92
CA LEU B 71 -5.11 -0.70 1.92
C LEU B 71 -5.03 -2.22 1.87
N ALA B 72 -5.20 -2.77 0.67
CA ALA B 72 -5.17 -4.21 0.49
C ALA B 72 -3.76 -4.78 0.72
N SER B 73 -2.75 -3.96 0.49
CA SER B 73 -1.37 -4.41 0.61
C SER B 73 -0.91 -4.37 2.06
N SER B 74 -1.02 -3.20 2.70
CA SER B 74 -0.46 -2.98 4.02
C SER B 74 -1.13 -3.87 5.08
N LEU B 75 -2.45 -3.98 4.99
CA LEU B 75 -3.20 -4.78 5.95
C LEU B 75 -2.83 -6.25 5.83
N THR B 76 -2.72 -6.73 4.60
CA THR B 76 -2.39 -8.13 4.35
C THR B 76 -0.94 -8.42 4.76
N ASP B 77 -0.05 -7.46 4.51
CA ASP B 77 1.36 -7.59 4.89
C ASP B 77 1.49 -7.92 6.37
N LEU B 78 0.97 -7.03 7.20
CA LEU B 78 1.04 -7.18 8.65
C LEU B 78 0.29 -8.44 9.08
N LEU B 79 -0.87 -8.67 8.47
CA LEU B 79 -1.72 -9.82 8.80
C LEU B 79 -0.94 -11.13 8.66
N ILE B 80 -0.19 -11.26 7.58
CA ILE B 80 0.57 -12.47 7.33
C ILE B 80 1.82 -12.51 8.21
N ALA B 81 2.51 -11.37 8.30
CA ALA B 81 3.78 -11.27 9.00
C ALA B 81 3.69 -11.71 10.45
N GLU B 82 2.71 -11.18 11.17
CA GLU B 82 2.59 -11.43 12.60
C GLU B 82 1.72 -12.65 12.88
N SER B 83 1.29 -13.31 11.84
CA SER B 83 0.52 -14.53 11.97
C SER B 83 1.41 -15.71 11.63
N ALA B 84 0.85 -16.61 10.85
CA ALA B 84 1.58 -17.71 10.28
C ALA B 84 1.08 -17.94 8.86
N GLU B 85 1.97 -18.32 7.99
CA GLU B 85 1.62 -18.63 6.59
C GLU B 85 0.64 -19.80 6.50
N SER B 86 0.40 -20.46 7.61
CA SER B 86 -0.58 -21.53 7.66
C SER B 86 -1.77 -21.15 8.54
N ASN B 87 -1.78 -19.90 9.02
CA ASN B 87 -2.81 -19.44 9.96
C ASN B 87 -3.50 -18.17 9.48
N TYR B 88 -2.79 -17.39 8.69
CA TYR B 88 -3.25 -16.08 8.24
C TYR B 88 -4.57 -16.19 7.48
N ASN B 89 -4.81 -17.37 6.92
CA ASN B 89 -6.02 -17.63 6.14
C ASN B 89 -7.28 -17.47 6.99
N ASN B 90 -7.12 -17.62 8.29
CA ASN B 90 -8.22 -17.46 9.22
C ASN B 90 -8.70 -16.01 9.21
N GLN B 91 -7.78 -15.09 9.49
CA GLN B 91 -8.09 -13.67 9.51
C GLN B 91 -8.33 -13.14 8.09
N LEU B 92 -7.60 -13.69 7.12
CA LEU B 92 -7.66 -13.21 5.74
C LEU B 92 -9.07 -13.35 5.17
N SER B 93 -9.67 -14.52 5.32
CA SER B 93 -11.00 -14.78 4.77
C SER B 93 -12.05 -13.88 5.42
N GLU B 94 -11.84 -13.57 6.69
CA GLU B 94 -12.77 -12.69 7.41
C GLU B 94 -12.57 -11.25 6.98
N LEU B 95 -11.31 -10.84 6.91
CA LEU B 95 -10.96 -9.46 6.57
C LEU B 95 -11.55 -9.07 5.21
N THR B 96 -11.40 -9.94 4.22
CA THR B 96 -11.94 -9.69 2.89
C THR B 96 -13.47 -9.60 2.94
N GLY B 97 -14.08 -10.43 3.77
CA GLY B 97 -15.52 -10.40 3.93
C GLY B 97 -15.99 -9.10 4.55
N ILE B 98 -15.37 -8.73 5.67
CA ILE B 98 -15.69 -7.47 6.34
C ILE B 98 -15.48 -6.29 5.40
N LEU B 99 -14.37 -6.32 4.69
CA LEU B 99 -14.01 -5.27 3.76
C LEU B 99 -15.07 -5.14 2.66
N SER B 100 -15.43 -6.28 2.07
CA SER B 100 -16.44 -6.31 1.02
C SER B 100 -17.79 -5.84 1.55
N ASN B 101 -18.13 -6.30 2.75
CA ASN B 101 -19.35 -5.91 3.44
C ASN B 101 -19.40 -4.39 3.58
N CYS B 102 -18.31 -3.82 4.10
CA CYS B 102 -18.24 -2.39 4.34
C CYS B 102 -18.32 -1.59 3.04
N PHE B 103 -17.73 -2.09 1.96
CA PHE B 103 -17.85 -1.42 0.68
C PHE B 103 -19.31 -1.28 0.28
N ILE B 104 -20.05 -2.36 0.39
CA ILE B 104 -21.49 -2.36 0.12
C ILE B 104 -22.22 -1.36 1.02
N GLN B 105 -21.88 -1.35 2.29
CA GLN B 105 -22.58 -0.53 3.26
C GLN B 105 -22.19 0.94 3.16
N THR B 106 -20.99 1.23 2.66
CA THR B 106 -20.51 2.60 2.61
C THR B 106 -20.72 3.22 1.22
N THR B 107 -20.31 2.50 0.16
CA THR B 107 -20.51 3.00 -1.20
C THR B 107 -21.93 2.75 -1.67
N GLY B 108 -22.50 1.64 -1.25
CA GLY B 108 -23.80 1.23 -1.73
C GLY B 108 -23.71 0.26 -2.89
N SER B 109 -22.50 -0.23 -3.15
CA SER B 109 -22.25 -1.14 -4.27
C SER B 109 -21.00 -1.97 -4.01
N ASP B 110 -20.67 -2.86 -4.94
CA ASP B 110 -19.52 -3.74 -4.80
C ASP B 110 -18.44 -3.39 -5.82
N ASN B 111 -17.21 -3.77 -5.51
CA ASN B 111 -16.08 -3.51 -6.40
C ASN B 111 -15.30 -4.80 -6.66
N PRO B 112 -15.67 -5.55 -7.71
CA PRO B 112 -15.01 -6.82 -8.05
C PRO B 112 -13.55 -6.63 -8.43
N ALA B 113 -13.25 -5.49 -9.03
CA ALA B 113 -11.88 -5.16 -9.44
C ALA B 113 -10.96 -5.05 -8.23
N PHE B 114 -11.53 -4.66 -7.10
CA PHE B 114 -10.75 -4.54 -5.87
C PHE B 114 -10.52 -5.92 -5.27
N VAL B 115 -11.49 -6.80 -5.44
CA VAL B 115 -11.36 -8.19 -4.99
C VAL B 115 -10.19 -8.85 -5.72
N SER B 116 -10.13 -8.63 -7.02
CA SER B 116 -9.02 -9.11 -7.84
C SER B 116 -7.70 -8.48 -7.38
N ARG B 117 -7.77 -7.19 -7.06
CA ARG B 117 -6.63 -6.46 -6.54
C ARG B 117 -6.13 -7.12 -5.25
N ILE B 118 -7.04 -7.33 -4.30
CA ILE B 118 -6.70 -7.95 -3.02
C ILE B 118 -6.00 -9.28 -3.21
N GLN B 119 -6.59 -10.15 -4.03
CA GLN B 119 -6.04 -11.47 -4.28
C GLN B 119 -4.60 -11.38 -4.78
N SER B 120 -4.36 -10.40 -5.64
CA SER B 120 -3.03 -10.18 -6.19
C SER B 120 -2.04 -9.81 -5.09
N LEU B 121 -2.47 -8.97 -4.16
CA LEU B 121 -1.61 -8.56 -3.05
C LEU B 121 -1.40 -9.72 -2.09
N ILE B 122 -2.44 -10.51 -1.87
CA ILE B 122 -2.35 -11.70 -1.02
C ILE B 122 -1.26 -12.64 -1.54
N SER B 123 -1.32 -12.93 -2.83
CA SER B 123 -0.41 -13.88 -3.45
C SER B 123 1.04 -13.39 -3.41
N VAL B 124 1.25 -12.09 -3.61
CA VAL B 124 2.58 -11.54 -3.63
C VAL B 124 3.14 -11.32 -2.23
N LEU B 125 2.26 -11.09 -1.26
CA LEU B 125 2.69 -10.91 0.13
C LEU B 125 2.92 -12.26 0.81
N SER B 126 2.09 -13.23 0.49
CA SER B 126 2.21 -14.57 1.06
C SER B 126 3.28 -15.37 0.32
N GLN B 127 4.15 -14.67 -0.39
CA GLN B 127 5.22 -15.30 -1.14
C GLN B 127 6.53 -14.55 -0.93
N ASN B 128 7.30 -15.03 0.02
CA ASN B 128 8.63 -14.50 0.28
C ASN B 128 9.67 -15.56 -0.07
N THR B 129 10.91 -15.16 -0.23
CA THR B 129 11.96 -16.08 -0.60
C THR B 129 13.33 -15.55 -0.19
N ASP B 130 14.27 -16.46 0.00
CA ASP B 130 15.61 -16.11 0.46
C ASP B 130 16.58 -16.03 -0.71
N VAL B 131 16.04 -16.03 -1.93
CA VAL B 131 16.86 -15.96 -3.14
C VAL B 131 17.81 -14.76 -3.10
N ASN B 132 17.33 -13.64 -2.58
CA ASN B 132 18.16 -12.45 -2.49
C ASN B 132 18.17 -11.88 -1.08
N ILE B 133 18.59 -12.70 -0.12
CA ILE B 133 18.82 -12.22 1.24
C ILE B 133 20.32 -12.02 1.45
N ILE B 134 21.05 -12.15 0.36
CA ILE B 134 22.49 -11.99 0.36
C ILE B 134 22.85 -10.55 0.00
N SER B 135 23.84 -9.99 0.69
CA SER B 135 24.20 -8.60 0.50
C SER B 135 25.43 -8.46 -0.40
N THR B 136 25.46 -9.25 -1.46
CA THR B 136 26.59 -9.24 -2.38
C THR B 136 26.24 -8.49 -3.67
N ALA B 137 25.02 -7.97 -3.75
CA ALA B 137 24.56 -7.28 -4.94
C ALA B 137 24.92 -5.79 -4.89
N GLY A 1 22.04 -6.77 -3.00
CA GLY A 1 23.31 -6.90 -2.24
C GLY A 1 23.09 -7.29 -0.79
N ALA A 2 22.56 -6.36 0.00
CA ALA A 2 22.29 -6.62 1.41
C ALA A 2 21.28 -7.76 1.57
N VAL A 3 21.70 -8.82 2.25
CA VAL A 3 20.86 -10.01 2.41
C VAL A 3 19.81 -9.80 3.48
N THR A 4 18.54 -9.88 3.07
CA THR A 4 17.38 -9.70 3.94
C THR A 4 17.54 -8.52 4.89
N ALA A 5 17.99 -7.40 4.35
CA ALA A 5 18.13 -6.19 5.14
C ALA A 5 16.77 -5.57 5.42
N VAL A 6 16.43 -5.46 6.69
CA VAL A 6 15.20 -4.82 7.10
C VAL A 6 15.40 -3.31 7.15
N PRO A 7 14.62 -2.55 6.36
CA PRO A 7 14.77 -1.11 6.28
C PRO A 7 14.52 -0.40 7.61
N SER A 8 15.61 0.00 8.25
CA SER A 8 15.57 0.67 9.54
C SER A 8 14.81 2.00 9.44
N VAL A 9 14.68 2.51 8.22
CA VAL A 9 13.99 3.76 7.98
C VAL A 9 12.51 3.67 8.38
N PHE A 10 11.95 2.46 8.30
CA PHE A 10 10.55 2.25 8.65
C PHE A 10 10.39 1.92 10.14
N SER A 11 11.49 1.95 10.85
CA SER A 11 11.48 1.67 12.28
C SER A 11 12.20 2.78 13.04
N SER A 12 12.37 3.93 12.38
CA SER A 12 13.06 5.05 12.99
C SER A 12 12.54 6.37 12.39
N PRO A 13 11.84 7.17 13.21
CA PRO A 13 11.20 8.42 12.75
C PRO A 13 12.18 9.40 12.10
N ASN A 14 13.37 9.51 12.69
CA ASN A 14 14.38 10.43 12.18
C ASN A 14 14.85 9.99 10.79
N LEU A 15 14.85 8.69 10.54
CA LEU A 15 15.23 8.16 9.24
C LEU A 15 14.10 8.35 8.25
N ALA A 16 12.86 8.28 8.75
CA ALA A 16 11.69 8.51 7.92
C ALA A 16 11.70 9.92 7.36
N SER A 17 11.94 10.90 8.22
CA SER A 17 12.05 12.28 7.79
C SER A 17 13.29 12.48 6.91
N GLY A 18 14.39 11.85 7.30
CA GLY A 18 15.62 11.91 6.53
C GLY A 18 15.48 11.26 5.17
N PHE A 19 14.50 10.38 5.03
CA PHE A 19 14.23 9.74 3.76
C PHE A 19 13.38 10.67 2.90
N LEU A 20 12.40 11.31 3.52
CA LEU A 20 11.54 12.28 2.84
C LEU A 20 12.35 13.43 2.28
N GLN A 21 13.29 13.93 3.07
CA GLN A 21 14.12 15.06 2.66
C GLN A 21 15.01 14.70 1.47
N CYS A 22 15.15 13.41 1.23
CA CYS A 22 15.94 12.92 0.11
C CYS A 22 15.02 12.60 -1.05
N LEU A 23 13.86 12.04 -0.72
CA LEU A 23 12.90 11.56 -1.70
C LEU A 23 12.35 12.71 -2.54
N THR A 24 11.88 13.75 -1.87
CA THR A 24 11.29 14.90 -2.55
C THR A 24 12.30 15.55 -3.49
N PHE A 25 13.57 15.50 -3.09
CA PHE A 25 14.65 16.03 -3.91
C PHE A 25 14.94 15.09 -5.06
N GLY A 26 14.98 13.79 -4.76
CA GLY A 26 15.32 12.80 -5.76
C GLY A 26 14.30 12.68 -6.87
N ILE A 27 13.02 12.70 -6.53
CA ILE A 27 11.97 12.58 -7.53
C ILE A 27 11.96 13.81 -8.44
N GLY A 28 12.11 14.98 -7.84
CA GLY A 28 12.16 16.22 -8.61
C GLY A 28 13.48 16.36 -9.35
N ASN A 29 14.41 15.48 -9.06
CA ASN A 29 15.73 15.50 -9.67
C ASN A 29 15.75 14.57 -10.88
N SER A 30 14.71 13.78 -11.02
CA SER A 30 14.61 12.81 -12.10
C SER A 30 13.89 13.42 -13.30
N PRO A 31 14.52 13.38 -14.49
CA PRO A 31 14.02 14.04 -15.70
C PRO A 31 12.84 13.30 -16.35
N ALA A 32 12.12 12.53 -15.55
CA ALA A 32 10.96 11.80 -16.03
C ALA A 32 9.70 12.28 -15.33
N PHE A 33 9.87 12.97 -14.21
CA PHE A 33 8.75 13.35 -13.37
C PHE A 33 8.36 14.80 -13.59
N PRO A 34 7.17 15.00 -14.13
CA PRO A 34 6.55 16.32 -14.21
C PRO A 34 5.89 16.66 -12.87
N THR A 35 5.77 17.95 -12.59
CA THR A 35 5.30 18.41 -11.28
C THR A 35 3.91 17.86 -10.94
N GLN A 36 3.01 17.81 -11.91
CA GLN A 36 1.65 17.34 -11.66
C GLN A 36 1.66 15.90 -11.17
N GLU A 37 2.51 15.08 -11.78
CA GLU A 37 2.66 13.68 -11.35
C GLU A 37 3.46 13.62 -10.05
N GLN A 38 4.65 14.22 -10.06
CA GLN A 38 5.59 14.13 -8.95
C GLN A 38 4.96 14.55 -7.62
N GLN A 39 4.32 15.71 -7.61
CA GLN A 39 3.88 16.33 -6.37
C GLN A 39 2.89 15.46 -5.61
N ASP A 40 2.20 14.56 -6.31
CA ASP A 40 1.23 13.68 -5.66
C ASP A 40 1.98 12.50 -5.04
N LEU A 41 3.03 12.07 -5.73
CA LEU A 41 3.89 11.00 -5.21
C LEU A 41 4.54 11.42 -3.90
N ASP A 42 5.12 12.62 -3.90
CA ASP A 42 5.74 13.19 -2.69
C ASP A 42 4.73 13.27 -1.56
N ALA A 43 3.49 13.62 -1.91
CA ALA A 43 2.42 13.76 -0.93
C ALA A 43 2.06 12.42 -0.32
N ILE A 44 1.92 11.39 -1.16
CA ILE A 44 1.58 10.06 -0.67
C ILE A 44 2.72 9.46 0.13
N ALA A 45 3.94 9.70 -0.33
CA ALA A 45 5.13 9.16 0.30
C ALA A 45 5.28 9.63 1.74
N GLN A 46 4.98 10.91 1.99
CA GLN A 46 5.14 11.46 3.32
C GLN A 46 4.10 10.88 4.28
N VAL A 47 2.93 10.55 3.75
CA VAL A 47 1.87 9.95 4.56
C VAL A 47 2.33 8.62 5.14
N ILE A 48 3.00 7.81 4.31
CA ILE A 48 3.51 6.52 4.74
C ILE A 48 4.52 6.68 5.88
N LEU A 49 5.47 7.60 5.68
CA LEU A 49 6.55 7.79 6.64
C LEU A 49 6.08 8.55 7.88
N ASN A 50 4.95 9.24 7.76
CA ASN A 50 4.32 9.85 8.93
C ASN A 50 3.81 8.77 9.86
N ALA A 51 3.33 7.68 9.28
CA ALA A 51 2.91 6.53 10.06
C ALA A 51 4.12 5.82 10.66
N VAL A 52 5.24 5.90 9.97
CA VAL A 52 6.50 5.37 10.47
C VAL A 52 6.96 6.13 11.70
N SER A 53 6.81 7.44 11.65
CA SER A 53 7.25 8.32 12.74
C SER A 53 6.43 8.08 14.00
N THR A 54 5.25 7.48 13.85
CA THR A 54 4.38 7.22 14.98
C THR A 54 4.35 5.72 15.31
N ASN A 55 5.32 4.97 14.79
CA ASN A 55 5.42 3.55 15.09
C ASN A 55 5.89 3.33 16.52
N THR A 56 5.12 2.56 17.27
CA THR A 56 5.47 2.21 18.62
C THR A 56 4.57 1.07 19.10
N GLY A 57 5.17 0.05 19.68
CA GLY A 57 4.41 -1.11 20.13
C GLY A 57 5.00 -2.40 19.61
N ALA A 58 4.35 -3.51 19.91
CA ALA A 58 4.84 -4.82 19.52
C ALA A 58 4.58 -5.08 18.04
N THR A 59 3.36 -4.82 17.61
CA THR A 59 2.94 -5.11 16.24
C THR A 59 3.50 -4.08 15.24
N ALA A 60 4.27 -3.14 15.75
CA ALA A 60 4.92 -2.14 14.91
C ALA A 60 5.90 -2.80 13.95
N SER A 61 6.38 -3.99 14.33
CA SER A 61 7.25 -4.77 13.47
C SER A 61 6.56 -5.07 12.14
N ALA A 62 5.35 -5.63 12.23
CA ALA A 62 4.56 -5.95 11.06
C ALA A 62 4.14 -4.68 10.32
N ARG A 63 3.87 -3.64 11.09
CA ARG A 63 3.43 -2.37 10.50
C ARG A 63 4.55 -1.76 9.66
N ALA A 64 5.78 -1.90 10.14
CA ALA A 64 6.94 -1.41 9.41
C ALA A 64 7.05 -2.11 8.06
N GLN A 65 6.79 -3.41 8.06
CA GLN A 65 6.78 -4.18 6.83
C GLN A 65 5.62 -3.74 5.94
N ALA A 66 4.44 -3.62 6.55
CA ALA A 66 3.24 -3.21 5.84
C ALA A 66 3.41 -1.84 5.19
N LEU A 67 4.00 -0.90 5.94
CA LEU A 67 4.25 0.43 5.42
C LEU A 67 5.24 0.40 4.27
N SER A 68 6.24 -0.48 4.38
CA SER A 68 7.19 -0.67 3.30
C SER A 68 6.46 -1.13 2.04
N THR A 69 5.60 -2.12 2.21
CA THR A 69 4.82 -2.65 1.11
C THR A 69 3.86 -1.58 0.56
N ALA A 70 3.17 -0.89 1.47
CA ALA A 70 2.20 0.13 1.09
C ALA A 70 2.87 1.26 0.31
N LEU A 71 4.07 1.65 0.75
CA LEU A 71 4.84 2.70 0.07
C LEU A 71 5.07 2.31 -1.38
N ALA A 72 5.68 1.14 -1.57
CA ALA A 72 5.98 0.64 -2.91
C ALA A 72 4.71 0.48 -3.74
N SER A 73 3.67 -0.03 -3.10
CA SER A 73 2.41 -0.31 -3.79
C SER A 73 1.74 0.99 -4.23
N SER A 74 1.46 1.88 -3.28
CA SER A 74 0.69 3.08 -3.55
C SER A 74 1.42 4.01 -4.53
N LEU A 75 2.73 4.15 -4.36
CA LEU A 75 3.53 5.00 -5.22
C LEU A 75 3.51 4.49 -6.67
N THR A 76 3.60 3.19 -6.83
CA THR A 76 3.60 2.58 -8.14
C THR A 76 2.23 2.67 -8.80
N ASP A 77 1.18 2.33 -8.04
CA ASP A 77 -0.19 2.36 -8.55
C ASP A 77 -0.54 3.77 -9.07
N LEU A 78 -0.20 4.77 -8.26
CA LEU A 78 -0.44 6.17 -8.62
C LEU A 78 0.33 6.50 -9.91
N LEU A 79 1.60 6.13 -9.93
CA LEU A 79 2.47 6.42 -11.07
C LEU A 79 1.88 5.83 -12.35
N ILE A 80 1.60 4.52 -12.32
CA ILE A 80 1.11 3.81 -13.50
C ILE A 80 -0.14 4.47 -14.08
N ALA A 81 -1.06 4.86 -13.21
CA ALA A 81 -2.33 5.43 -13.63
C ALA A 81 -2.13 6.73 -14.40
N GLU A 82 -1.47 7.70 -13.79
CA GLU A 82 -1.33 9.03 -14.39
C GLU A 82 -0.24 9.05 -15.46
N SER A 83 0.50 7.96 -15.57
CA SER A 83 1.58 7.85 -16.54
C SER A 83 1.09 7.15 -17.79
N ALA A 84 -0.10 6.57 -17.66
CA ALA A 84 -0.62 5.61 -18.63
C ALA A 84 0.15 4.29 -18.51
N GLU A 85 -0.61 3.24 -18.29
CA GLU A 85 -0.10 1.86 -18.23
C GLU A 85 0.89 1.53 -19.35
N SER A 86 0.84 2.28 -20.43
CA SER A 86 1.69 2.02 -21.59
C SER A 86 2.97 2.86 -21.57
N ASN A 87 3.04 3.83 -20.68
CA ASN A 87 4.16 4.77 -20.65
C ASN A 87 4.77 4.82 -19.24
N TYR A 88 4.17 4.09 -18.32
CA TYR A 88 4.55 4.14 -16.90
C TYR A 88 6.02 3.77 -16.68
N ASN A 89 6.57 2.99 -17.59
CA ASN A 89 7.92 2.46 -17.42
C ASN A 89 8.96 3.58 -17.47
N ASN A 90 8.59 4.72 -18.04
CA ASN A 90 9.51 5.85 -18.17
C ASN A 90 9.80 6.47 -16.81
N GLN A 91 8.75 6.68 -16.02
CA GLN A 91 8.93 7.23 -14.67
C GLN A 91 9.27 6.12 -13.68
N LEU A 92 8.78 4.92 -13.95
CA LEU A 92 9.01 3.77 -13.07
C LEU A 92 10.51 3.48 -12.92
N SER A 93 11.23 3.59 -14.01
CA SER A 93 12.67 3.31 -14.03
C SER A 93 13.44 4.30 -13.15
N GLU A 94 12.90 5.51 -13.01
CA GLU A 94 13.51 6.52 -12.18
C GLU A 94 13.11 6.33 -10.72
N LEU A 95 11.84 5.97 -10.53
CA LEU A 95 11.28 5.76 -9.19
C LEU A 95 12.15 4.79 -8.39
N THR A 96 12.52 3.68 -9.01
CA THR A 96 13.34 2.67 -8.35
C THR A 96 14.71 3.21 -7.98
N GLY A 97 15.24 4.10 -8.82
CA GLY A 97 16.55 4.67 -8.58
C GLY A 97 16.52 5.67 -7.43
N ILE A 98 15.45 6.44 -7.35
CA ILE A 98 15.29 7.44 -6.30
C ILE A 98 15.26 6.79 -4.93
N LEU A 99 14.36 5.83 -4.75
CA LEU A 99 14.19 5.16 -3.47
C LEU A 99 15.48 4.50 -3.01
N SER A 100 16.08 3.70 -3.88
CA SER A 100 17.31 2.98 -3.54
C SER A 100 18.44 3.95 -3.17
N ASN A 101 18.44 5.11 -3.83
CA ASN A 101 19.42 6.15 -3.55
C ASN A 101 19.25 6.68 -2.12
N CYS A 102 18.01 6.94 -1.76
CA CYS A 102 17.72 7.43 -0.42
C CYS A 102 17.87 6.34 0.63
N PHE A 103 17.60 5.08 0.25
CA PHE A 103 17.84 3.96 1.14
C PHE A 103 19.34 3.85 1.47
N ILE A 104 20.17 4.13 0.48
CA ILE A 104 21.61 4.15 0.67
C ILE A 104 22.01 5.10 1.80
N GLN A 105 21.35 6.24 1.87
CA GLN A 105 21.71 7.26 2.83
C GLN A 105 20.99 7.06 4.17
N THR A 106 19.89 6.33 4.16
CA THR A 106 19.11 6.11 5.37
C THR A 106 19.46 4.78 6.02
N THR A 107 19.51 3.71 5.23
CA THR A 107 19.82 2.39 5.74
C THR A 107 21.31 2.13 5.66
N GLY A 108 21.93 2.62 4.59
CA GLY A 108 23.35 2.42 4.37
C GLY A 108 23.62 1.32 3.36
N SER A 109 22.57 0.85 2.69
CA SER A 109 22.69 -0.27 1.77
C SER A 109 21.66 -0.16 0.64
N ASP A 110 21.73 -1.10 -0.29
CA ASP A 110 20.85 -1.11 -1.45
C ASP A 110 19.45 -1.56 -1.04
N ASN A 111 19.40 -2.40 0.00
CA ASN A 111 18.13 -2.87 0.59
C ASN A 111 17.23 -3.47 -0.49
N PRO A 112 17.68 -4.59 -1.11
CA PRO A 112 17.00 -5.17 -2.27
C PRO A 112 15.70 -5.87 -1.92
N ALA A 113 15.51 -6.16 -0.63
CA ALA A 113 14.29 -6.80 -0.18
C ALA A 113 13.09 -5.89 -0.44
N PHE A 114 13.33 -4.59 -0.40
CA PHE A 114 12.29 -3.62 -0.68
C PHE A 114 12.04 -3.54 -2.18
N VAL A 115 13.13 -3.57 -2.95
CA VAL A 115 13.06 -3.48 -4.40
C VAL A 115 12.33 -4.69 -4.97
N SER A 116 12.58 -5.86 -4.38
CA SER A 116 11.88 -7.08 -4.77
C SER A 116 10.37 -6.90 -4.63
N ARG A 117 9.95 -6.30 -3.52
CA ARG A 117 8.53 -6.01 -3.30
C ARG A 117 8.01 -5.09 -4.39
N ILE A 118 8.77 -4.03 -4.70
CA ILE A 118 8.38 -3.09 -5.73
C ILE A 118 8.16 -3.81 -7.07
N GLN A 119 9.21 -4.47 -7.56
CA GLN A 119 9.20 -5.10 -8.87
C GLN A 119 8.08 -6.14 -9.00
N SER A 120 7.84 -6.87 -7.93
CA SER A 120 6.80 -7.89 -7.93
C SER A 120 5.41 -7.25 -7.95
N LEU A 121 5.25 -6.19 -7.17
CA LEU A 121 3.97 -5.49 -7.07
C LEU A 121 3.65 -4.77 -8.38
N ILE A 122 4.68 -4.21 -9.02
CA ILE A 122 4.53 -3.52 -10.30
C ILE A 122 3.83 -4.41 -11.32
N SER A 123 4.25 -5.66 -11.38
CA SER A 123 3.72 -6.63 -12.34
C SER A 123 2.21 -6.77 -12.18
N VAL A 124 1.75 -6.79 -10.93
CA VAL A 124 0.34 -6.95 -10.64
C VAL A 124 -0.42 -5.64 -10.82
N LEU A 125 0.20 -4.55 -10.42
CA LEU A 125 -0.44 -3.23 -10.50
C LEU A 125 -0.60 -2.79 -11.95
N SER A 126 0.34 -3.18 -12.80
CA SER A 126 0.31 -2.81 -14.20
C SER A 126 -0.78 -3.58 -14.95
N GLN A 127 -1.34 -4.59 -14.29
CA GLN A 127 -2.42 -5.38 -14.89
C GLN A 127 -3.75 -4.67 -14.69
N ASN A 128 -3.92 -3.58 -15.41
CA ASN A 128 -5.14 -2.81 -15.36
C ASN A 128 -5.84 -2.84 -16.71
N THR A 129 -6.81 -3.73 -16.83
CA THR A 129 -7.60 -3.87 -18.05
C THR A 129 -8.83 -4.73 -17.79
N ASP A 130 -9.74 -4.17 -16.98
CA ASP A 130 -11.01 -4.82 -16.64
C ASP A 130 -10.82 -6.26 -16.19
N VAL A 131 -9.87 -6.46 -15.27
CA VAL A 131 -9.51 -7.79 -14.78
C VAL A 131 -10.71 -8.49 -14.16
N ASN A 132 -11.35 -7.82 -13.22
CA ASN A 132 -12.56 -8.36 -12.59
C ASN A 132 -13.63 -7.29 -12.48
N ILE A 133 -14.46 -7.20 -13.51
CA ILE A 133 -15.62 -6.31 -13.46
C ILE A 133 -16.85 -7.08 -13.03
N ILE A 134 -16.70 -8.39 -13.01
CA ILE A 134 -17.78 -9.28 -12.59
C ILE A 134 -17.92 -9.20 -11.07
N SER A 135 -19.08 -8.73 -10.64
CA SER A 135 -19.29 -8.37 -9.25
C SER A 135 -19.87 -9.54 -8.48
N THR A 136 -19.20 -10.67 -8.63
CA THR A 136 -19.58 -11.90 -7.96
C THR A 136 -18.79 -12.10 -6.66
N ALA A 137 -18.33 -11.01 -6.08
CA ALA A 137 -17.53 -11.07 -4.87
C ALA A 137 -18.40 -11.00 -3.62
N GLY B 1 -25.10 -8.31 -17.57
CA GLY B 1 -23.68 -8.03 -17.65
C GLY B 1 -23.17 -7.42 -16.36
N ALA B 2 -21.90 -7.07 -16.35
CA ALA B 2 -21.27 -6.47 -15.17
C ALA B 2 -20.57 -5.18 -15.53
N VAL B 3 -20.84 -4.14 -14.77
CA VAL B 3 -20.25 -2.83 -15.00
C VAL B 3 -19.04 -2.63 -14.10
N THR B 4 -17.98 -2.01 -14.64
CA THR B 4 -16.79 -1.70 -13.88
C THR B 4 -17.14 -0.84 -12.67
N ALA B 5 -17.17 -1.45 -11.48
CA ALA B 5 -17.52 -0.74 -10.27
C ALA B 5 -16.29 -0.16 -9.60
N VAL B 6 -16.19 1.16 -9.63
CA VAL B 6 -15.09 1.86 -9.00
C VAL B 6 -15.48 2.28 -7.59
N PRO B 7 -14.62 2.00 -6.60
CA PRO B 7 -14.87 2.33 -5.20
C PRO B 7 -15.13 3.83 -4.99
N SER B 8 -16.39 4.17 -4.83
CA SER B 8 -16.81 5.56 -4.65
C SER B 8 -16.43 6.06 -3.26
N VAL B 9 -16.14 5.13 -2.36
CA VAL B 9 -15.75 5.46 -1.00
C VAL B 9 -14.42 6.21 -0.97
N PHE B 10 -13.54 5.91 -1.93
CA PHE B 10 -12.24 6.57 -1.99
C PHE B 10 -12.34 7.91 -2.72
N SER B 11 -13.52 8.20 -3.25
CA SER B 11 -13.76 9.45 -3.93
C SER B 11 -14.62 10.37 -3.05
N SER B 12 -15.01 9.87 -1.88
CA SER B 12 -15.89 10.60 -0.99
C SER B 12 -15.36 10.58 0.44
N PRO B 13 -14.89 11.73 0.94
CA PRO B 13 -14.34 11.86 2.30
C PRO B 13 -15.31 11.35 3.38
N ASN B 14 -16.58 11.69 3.23
CA ASN B 14 -17.61 11.27 4.16
C ASN B 14 -17.75 9.74 4.15
N LEU B 15 -17.70 9.17 2.96
CA LEU B 15 -17.82 7.75 2.78
C LEU B 15 -16.61 7.03 3.34
N ALA B 16 -15.43 7.62 3.16
CA ALA B 16 -14.20 7.09 3.72
C ALA B 16 -14.31 6.99 5.24
N SER B 17 -14.85 8.04 5.84
CA SER B 17 -15.07 8.07 7.28
C SER B 17 -16.07 6.98 7.69
N GLY B 18 -17.16 6.88 6.93
CA GLY B 18 -18.17 5.88 7.21
C GLY B 18 -17.62 4.46 7.10
N PHE B 19 -16.78 4.25 6.09
CA PHE B 19 -16.14 2.96 5.89
C PHE B 19 -15.19 2.66 7.06
N LEU B 20 -14.47 3.67 7.50
CA LEU B 20 -13.55 3.55 8.63
C LEU B 20 -14.30 3.08 9.87
N GLN B 21 -15.46 3.69 10.10
CA GLN B 21 -16.27 3.39 11.28
C GLN B 21 -16.98 2.04 11.14
N CYS B 22 -16.84 1.41 9.98
CA CYS B 22 -17.44 0.11 9.74
C CYS B 22 -16.37 -0.97 9.78
N LEU B 23 -15.27 -0.68 9.09
CA LEU B 23 -14.15 -1.61 8.98
C LEU B 23 -13.66 -2.02 10.36
N THR B 24 -13.40 -1.04 11.20
CA THR B 24 -12.90 -1.28 12.56
C THR B 24 -13.92 -2.07 13.38
N PHE B 25 -15.19 -1.85 13.10
CA PHE B 25 -16.26 -2.53 13.83
C PHE B 25 -16.41 -3.97 13.34
N GLY B 26 -16.08 -4.19 12.06
CA GLY B 26 -16.13 -5.53 11.51
C GLY B 26 -14.97 -6.38 11.99
N ILE B 27 -13.79 -5.76 12.06
CA ILE B 27 -12.61 -6.44 12.59
C ILE B 27 -12.80 -6.70 14.08
N GLY B 28 -13.30 -5.68 14.79
CA GLY B 28 -13.60 -5.83 16.21
C GLY B 28 -14.92 -6.54 16.43
N ASN B 29 -15.10 -7.64 15.74
CA ASN B 29 -16.34 -8.40 15.79
C ASN B 29 -16.08 -9.83 15.34
N SER B 30 -15.25 -9.97 14.32
CA SER B 30 -14.87 -11.28 13.81
C SER B 30 -14.04 -12.02 14.84
N PRO B 31 -14.40 -13.29 15.13
CA PRO B 31 -13.77 -14.08 16.19
C PRO B 31 -12.33 -14.47 15.89
N ALA B 32 -11.92 -14.33 14.64
CA ALA B 32 -10.57 -14.70 14.23
C ALA B 32 -9.57 -13.60 14.54
N PHE B 33 -10.05 -12.46 15.04
CA PHE B 33 -9.20 -11.32 15.29
C PHE B 33 -9.21 -10.92 16.77
N PRO B 34 -8.15 -11.25 17.48
CA PRO B 34 -7.95 -10.81 18.87
C PRO B 34 -7.53 -9.35 18.96
N THR B 35 -7.50 -8.82 20.18
CA THR B 35 -7.17 -7.42 20.41
C THR B 35 -5.83 -7.03 19.76
N GLN B 36 -4.81 -7.86 19.97
CA GLN B 36 -3.47 -7.58 19.45
C GLN B 36 -3.50 -7.41 17.94
N GLU B 37 -4.16 -8.33 17.25
CA GLU B 37 -4.21 -8.30 15.80
C GLU B 37 -5.11 -7.17 15.31
N GLN B 38 -6.29 -7.07 15.91
CA GLN B 38 -7.30 -6.09 15.51
C GLN B 38 -6.77 -4.66 15.59
N GLN B 39 -6.16 -4.32 16.72
CA GLN B 39 -5.83 -2.93 17.02
C GLN B 39 -4.92 -2.30 15.97
N ASP B 40 -3.98 -3.07 15.43
CA ASP B 40 -3.06 -2.52 14.44
C ASP B 40 -3.74 -2.43 13.08
N LEU B 41 -4.66 -3.35 12.82
CA LEU B 41 -5.47 -3.30 11.61
C LEU B 41 -6.33 -2.06 11.61
N ASP B 42 -6.96 -1.80 12.76
CA ASP B 42 -7.74 -0.57 12.96
C ASP B 42 -6.85 0.66 12.76
N ALA B 43 -5.61 0.56 13.25
CA ALA B 43 -4.66 1.65 13.14
C ALA B 43 -4.29 1.92 11.69
N ILE B 44 -4.24 0.88 10.88
CA ILE B 44 -3.95 1.03 9.46
C ILE B 44 -5.13 1.67 8.73
N ALA B 45 -6.33 1.26 9.13
CA ALA B 45 -7.56 1.78 8.53
C ALA B 45 -7.63 3.30 8.64
N GLN B 46 -7.27 3.82 9.82
CA GLN B 46 -7.35 5.25 10.07
C GLN B 46 -6.16 6.00 9.46
N VAL B 47 -5.32 5.29 8.73
CA VAL B 47 -4.21 5.91 8.01
C VAL B 47 -4.56 6.09 6.53
N ILE B 48 -4.93 4.99 5.87
CA ILE B 48 -5.23 5.03 4.44
C ILE B 48 -6.44 5.90 4.16
N LEU B 49 -7.51 5.67 4.90
CA LEU B 49 -8.77 6.39 4.70
C LEU B 49 -8.65 7.84 5.13
N ASN B 50 -7.61 8.13 5.90
CA ASN B 50 -7.36 9.48 6.38
C ASN B 50 -6.76 10.32 5.26
N ALA B 51 -6.23 9.63 4.26
CA ALA B 51 -5.67 10.29 3.09
C ALA B 51 -6.73 10.41 2.00
N VAL B 52 -7.88 9.80 2.24
CA VAL B 52 -8.98 9.85 1.29
C VAL B 52 -9.79 11.14 1.47
N SER B 53 -9.88 11.58 2.72
CA SER B 53 -10.61 12.80 3.05
C SER B 53 -9.84 14.04 2.59
N THR B 54 -8.61 13.84 2.16
CA THR B 54 -7.77 14.93 1.71
C THR B 54 -7.50 14.81 0.20
N ASN B 55 -8.37 14.09 -0.49
CA ASN B 55 -8.26 13.96 -1.94
C ASN B 55 -8.72 15.24 -2.63
N THR B 56 -7.82 16.20 -2.70
CA THR B 56 -8.08 17.47 -3.38
C THR B 56 -7.07 17.67 -4.50
N GLY B 57 -7.58 17.93 -5.70
CA GLY B 57 -6.72 18.14 -6.84
C GLY B 57 -7.21 17.39 -8.06
N ALA B 58 -6.34 17.23 -9.05
CA ALA B 58 -6.70 16.52 -10.27
C ALA B 58 -6.21 15.08 -10.20
N THR B 59 -5.07 14.89 -9.55
CA THR B 59 -4.47 13.57 -9.40
C THR B 59 -5.17 12.77 -8.31
N ALA B 60 -6.10 13.40 -7.61
CA ALA B 60 -6.84 12.76 -6.53
C ALA B 60 -7.68 11.59 -7.03
N SER B 61 -8.03 11.62 -8.32
CA SER B 61 -8.80 10.56 -8.93
C SER B 61 -7.99 9.26 -8.92
N ALA B 62 -6.77 9.32 -9.44
CA ALA B 62 -5.88 8.17 -9.45
C ALA B 62 -5.40 7.86 -8.04
N ARG B 63 -5.31 8.88 -7.20
CA ARG B 63 -4.90 8.71 -5.82
C ARG B 63 -5.89 7.81 -5.09
N ALA B 64 -7.16 7.98 -5.39
CA ALA B 64 -8.22 7.14 -4.82
C ALA B 64 -7.97 5.67 -5.18
N GLN B 65 -7.57 5.43 -6.42
CA GLN B 65 -7.25 4.09 -6.88
C GLN B 65 -6.03 3.54 -6.14
N ALA B 66 -4.99 4.36 -6.05
CA ALA B 66 -3.76 3.98 -5.36
C ALA B 66 -4.03 3.64 -3.90
N LEU B 67 -4.85 4.46 -3.25
CA LEU B 67 -5.22 4.23 -1.86
C LEU B 67 -6.00 2.94 -1.70
N SER B 68 -6.79 2.60 -2.72
CA SER B 68 -7.54 1.36 -2.73
C SER B 68 -6.57 0.18 -2.68
N THR B 69 -5.58 0.21 -3.56
CA THR B 69 -4.56 -0.83 -3.62
C THR B 69 -3.74 -0.84 -2.32
N ALA B 70 -3.38 0.35 -1.84
CA ALA B 70 -2.58 0.49 -0.62
C ALA B 70 -3.31 -0.09 0.58
N LEU B 71 -4.60 0.19 0.69
CA LEU B 71 -5.43 -0.31 1.79
C LEU B 71 -5.39 -1.84 1.83
N ALA B 72 -5.75 -2.46 0.71
CA ALA B 72 -5.77 -3.90 0.60
C ALA B 72 -4.41 -4.50 0.88
N SER B 73 -3.37 -3.85 0.36
CA SER B 73 -2.01 -4.33 0.51
C SER B 73 -1.58 -4.27 1.98
N SER B 74 -1.77 -3.12 2.61
CA SER B 74 -1.31 -2.92 3.99
C SER B 74 -2.09 -3.81 4.95
N LEU B 75 -3.40 -3.93 4.74
CA LEU B 75 -4.24 -4.76 5.60
C LEU B 75 -3.80 -6.22 5.55
N THR B 76 -3.52 -6.72 4.36
CA THR B 76 -3.11 -8.10 4.19
C THR B 76 -1.71 -8.34 4.74
N ASP B 77 -0.78 -7.46 4.42
CA ASP B 77 0.62 -7.62 4.81
C ASP B 77 0.78 -7.54 6.33
N LEU B 78 0.04 -6.61 6.94
CA LEU B 78 0.03 -6.47 8.40
C LEU B 78 -0.39 -7.78 9.04
N LEU B 79 -1.43 -8.37 8.47
CA LEU B 79 -1.99 -9.62 8.96
C LEU B 79 -0.95 -10.74 8.84
N ILE B 80 -0.39 -10.91 7.64
CA ILE B 80 0.55 -12.00 7.36
C ILE B 80 1.70 -12.06 8.35
N ALA B 81 2.30 -10.91 8.62
CA ALA B 81 3.52 -10.85 9.42
C ALA B 81 3.29 -11.36 10.85
N GLU B 82 2.24 -10.90 11.50
CA GLU B 82 1.98 -11.27 12.90
C GLU B 82 1.24 -12.61 12.99
N SER B 83 0.76 -13.09 11.86
CA SER B 83 -0.04 -14.31 11.83
C SER B 83 0.83 -15.51 11.51
N ALA B 84 2.02 -15.22 11.00
CA ALA B 84 2.84 -16.21 10.31
C ALA B 84 2.20 -16.55 8.97
N GLU B 85 2.99 -16.45 7.92
CA GLU B 85 2.54 -16.67 6.54
C GLU B 85 1.96 -18.09 6.34
N SER B 86 2.08 -18.94 7.34
CA SER B 86 1.54 -20.28 7.25
C SER B 86 0.16 -20.36 7.90
N ASN B 87 -0.22 -19.34 8.66
CA ASN B 87 -1.49 -19.37 9.39
C ASN B 87 -2.37 -18.17 9.06
N TYR B 88 -1.85 -17.28 8.22
CA TYR B 88 -2.53 -16.02 7.89
C TYR B 88 -3.87 -16.29 7.20
N ASN B 89 -4.00 -17.47 6.60
CA ASN B 89 -5.20 -17.83 5.84
C ASN B 89 -6.43 -17.90 6.75
N ASN B 90 -6.21 -18.09 8.04
CA ASN B 90 -7.31 -18.16 9.00
C ASN B 90 -8.03 -16.81 9.08
N GLN B 91 -7.27 -15.77 9.35
CA GLN B 91 -7.83 -14.42 9.45
C GLN B 91 -8.22 -13.89 8.08
N LEU B 92 -7.50 -14.34 7.05
CA LEU B 92 -7.73 -13.87 5.69
C LEU B 92 -9.18 -14.06 5.25
N SER B 93 -9.76 -15.19 5.64
CA SER B 93 -11.14 -15.52 5.27
C SER B 93 -12.13 -14.51 5.84
N GLU B 94 -11.76 -13.87 6.95
CA GLU B 94 -12.64 -12.89 7.58
C GLU B 94 -12.35 -11.49 7.05
N LEU B 95 -11.07 -11.18 6.89
CA LEU B 95 -10.62 -9.85 6.49
C LEU B 95 -11.28 -9.42 5.18
N THR B 96 -11.32 -10.33 4.21
CA THR B 96 -11.92 -10.04 2.91
C THR B 96 -13.42 -9.77 3.05
N GLY B 97 -14.06 -10.50 3.94
CA GLY B 97 -15.49 -10.34 4.15
C GLY B 97 -15.82 -9.02 4.83
N ILE B 98 -15.00 -8.63 5.80
CA ILE B 98 -15.18 -7.37 6.50
C ILE B 98 -15.13 -6.19 5.52
N LEU B 99 -14.13 -6.22 4.64
CA LEU B 99 -13.96 -5.17 3.63
C LEU B 99 -15.21 -5.05 2.76
N SER B 100 -15.56 -6.14 2.08
CA SER B 100 -16.68 -6.14 1.15
C SER B 100 -18.00 -5.78 1.84
N ASN B 101 -18.15 -6.24 3.07
CA ASN B 101 -19.33 -5.92 3.88
C ASN B 101 -19.50 -4.42 4.02
N CYS B 102 -18.40 -3.74 4.32
CA CYS B 102 -18.44 -2.30 4.53
C CYS B 102 -18.56 -1.53 3.22
N PHE B 103 -18.00 -2.07 2.15
CA PHE B 103 -18.16 -1.48 0.82
C PHE B 103 -19.63 -1.45 0.43
N ILE B 104 -20.34 -2.52 0.77
CA ILE B 104 -21.77 -2.61 0.51
C ILE B 104 -22.51 -1.46 1.16
N GLN B 105 -22.21 -1.20 2.43
CA GLN B 105 -23.00 -0.25 3.18
C GLN B 105 -22.54 1.19 2.97
N THR B 106 -21.43 1.38 2.27
CA THR B 106 -20.95 2.71 1.94
C THR B 106 -21.23 3.05 0.47
N THR B 107 -20.77 2.19 -0.42
CA THR B 107 -20.91 2.43 -1.86
C THR B 107 -22.29 1.98 -2.33
N GLY B 108 -22.85 0.98 -1.65
CA GLY B 108 -24.10 0.40 -2.05
C GLY B 108 -23.91 -0.63 -3.14
N SER B 109 -22.72 -1.20 -3.21
CA SER B 109 -22.42 -2.17 -4.25
C SER B 109 -21.40 -3.19 -3.76
N ASP B 110 -21.24 -4.25 -4.54
CA ASP B 110 -20.36 -5.37 -4.22
C ASP B 110 -18.89 -4.98 -4.40
N ASN B 111 -18.63 -4.23 -5.47
CA ASN B 111 -17.30 -3.69 -5.77
C ASN B 111 -16.26 -4.80 -5.96
N PRO B 112 -16.21 -5.37 -7.18
CA PRO B 112 -15.30 -6.48 -7.49
C PRO B 112 -13.87 -6.02 -7.77
N ALA B 113 -13.71 -4.74 -8.07
CA ALA B 113 -12.40 -4.21 -8.41
C ALA B 113 -11.45 -4.24 -7.22
N PHE B 114 -11.99 -4.01 -6.04
CA PHE B 114 -11.18 -3.96 -4.83
C PHE B 114 -10.72 -5.35 -4.42
N VAL B 115 -11.63 -6.31 -4.45
CA VAL B 115 -11.31 -7.68 -4.06
C VAL B 115 -10.31 -8.30 -5.03
N SER B 116 -10.36 -7.86 -6.29
CA SER B 116 -9.42 -8.33 -7.30
C SER B 116 -8.00 -7.88 -6.93
N ARG B 117 -7.90 -6.66 -6.41
CA ARG B 117 -6.62 -6.15 -5.91
C ARG B 117 -6.13 -7.04 -4.77
N ILE B 118 -7.04 -7.33 -3.83
CA ILE B 118 -6.72 -8.15 -2.67
C ILE B 118 -6.17 -9.51 -3.09
N GLN B 119 -6.99 -10.29 -3.80
CA GLN B 119 -6.65 -11.65 -4.17
C GLN B 119 -5.28 -11.74 -4.84
N SER B 120 -5.04 -10.84 -5.78
CA SER B 120 -3.80 -10.81 -6.51
C SER B 120 -2.62 -10.47 -5.60
N LEU B 121 -2.82 -9.51 -4.71
CA LEU B 121 -1.76 -9.04 -3.83
C LEU B 121 -1.42 -10.05 -2.74
N ILE B 122 -2.43 -10.84 -2.32
CA ILE B 122 -2.26 -11.81 -1.25
C ILE B 122 -1.09 -12.74 -1.54
N SER B 123 -1.13 -13.36 -2.71
CA SER B 123 -0.14 -14.34 -3.10
C SER B 123 1.25 -13.72 -3.21
N VAL B 124 1.30 -12.50 -3.74
CA VAL B 124 2.55 -11.81 -3.98
C VAL B 124 3.18 -11.33 -2.66
N LEU B 125 2.35 -11.03 -1.68
CA LEU B 125 2.85 -10.55 -0.40
C LEU B 125 3.20 -11.72 0.52
N SER B 126 2.50 -12.83 0.37
CA SER B 126 2.67 -13.98 1.25
C SER B 126 3.87 -14.84 0.86
N GLN B 127 4.40 -14.63 -0.34
CA GLN B 127 5.57 -15.39 -0.79
C GLN B 127 6.85 -14.84 -0.15
N ASN B 128 6.93 -14.99 1.17
CA ASN B 128 8.10 -14.58 1.92
C ASN B 128 9.25 -15.57 1.70
N THR B 129 10.34 -15.10 1.14
CA THR B 129 11.46 -15.96 0.81
C THR B 129 12.78 -15.19 0.81
N ASP B 130 13.86 -15.88 1.14
CA ASP B 130 15.19 -15.28 1.20
C ASP B 130 15.86 -15.33 -0.17
N VAL B 131 15.17 -15.94 -1.13
CA VAL B 131 15.72 -16.13 -2.47
C VAL B 131 16.02 -14.82 -3.18
N ASN B 132 15.19 -13.82 -2.94
CA ASN B 132 15.29 -12.59 -3.70
C ASN B 132 15.93 -11.46 -2.91
N ILE B 133 17.25 -11.40 -2.99
CA ILE B 133 17.99 -10.29 -2.41
C ILE B 133 18.95 -9.73 -3.45
N ILE B 134 18.62 -10.01 -4.71
CA ILE B 134 19.41 -9.54 -5.84
C ILE B 134 18.59 -8.54 -6.66
N SER B 135 19.25 -7.56 -7.24
CA SER B 135 18.58 -6.59 -8.09
C SER B 135 19.51 -6.19 -9.23
N THR B 136 20.29 -7.15 -9.70
CA THR B 136 21.31 -6.91 -10.70
C THR B 136 21.20 -7.92 -11.83
N ALA B 137 20.23 -7.71 -12.69
CA ALA B 137 20.03 -8.55 -13.86
C ALA B 137 20.18 -7.74 -15.13
N GLY A 1 29.69 -10.72 5.03
CA GLY A 1 28.61 -10.38 5.97
C GLY A 1 27.41 -11.29 5.81
N ALA A 2 26.64 -11.07 4.74
CA ALA A 2 25.46 -11.86 4.43
C ALA A 2 24.34 -11.62 5.45
N VAL A 3 24.49 -10.55 6.20
CA VAL A 3 23.49 -10.16 7.18
C VAL A 3 22.87 -8.85 6.76
N THR A 4 21.70 -8.93 6.17
CA THR A 4 21.02 -7.76 5.64
C THR A 4 20.59 -6.82 6.75
N ALA A 5 21.20 -5.63 6.77
CA ALA A 5 20.79 -4.60 7.70
C ALA A 5 19.40 -4.10 7.35
N VAL A 6 18.42 -4.49 8.16
CA VAL A 6 17.05 -4.06 7.97
C VAL A 6 16.97 -2.54 8.08
N PRO A 7 16.33 -1.89 7.10
CA PRO A 7 16.22 -0.43 7.07
C PRO A 7 15.56 0.10 8.33
N SER A 8 16.36 0.71 9.19
CA SER A 8 15.89 1.21 10.47
C SER A 8 14.95 2.41 10.27
N VAL A 9 14.84 2.84 9.02
CA VAL A 9 13.92 3.90 8.63
C VAL A 9 12.50 3.56 9.05
N PHE A 10 12.10 2.32 8.81
CA PHE A 10 10.73 1.88 9.08
C PHE A 10 10.58 1.40 10.51
N SER A 11 11.62 1.59 11.31
CA SER A 11 11.60 1.17 12.71
C SER A 11 11.98 2.32 13.63
N SER A 12 12.21 3.50 13.05
CA SER A 12 12.58 4.66 13.84
C SER A 12 12.02 5.93 13.22
N PRO A 13 11.21 6.69 13.99
CA PRO A 13 10.53 7.91 13.50
C PRO A 13 11.50 8.98 13.01
N ASN A 14 12.68 9.02 13.61
CA ASN A 14 13.68 10.02 13.25
C ASN A 14 14.28 9.70 11.88
N LEU A 15 14.54 8.43 11.62
CA LEU A 15 15.07 8.01 10.34
C LEU A 15 14.00 8.05 9.27
N ALA A 16 12.75 7.90 9.70
CA ALA A 16 11.61 8.02 8.80
C ALA A 16 11.58 9.41 8.18
N SER A 17 11.65 10.43 9.02
CA SER A 17 11.68 11.81 8.54
C SER A 17 12.93 12.05 7.69
N GLY A 18 14.03 11.40 8.07
CA GLY A 18 15.26 11.53 7.31
C GLY A 18 15.16 10.92 5.93
N PHE A 19 14.25 9.98 5.77
CA PHE A 19 14.01 9.32 4.49
C PHE A 19 13.03 10.13 3.67
N LEU A 20 12.00 10.64 4.34
CA LEU A 20 11.00 11.46 3.68
C LEU A 20 11.63 12.71 3.09
N GLN A 21 12.58 13.29 3.81
CA GLN A 21 13.23 14.51 3.37
C GLN A 21 14.18 14.23 2.19
N CYS A 22 14.36 12.95 1.88
CA CYS A 22 15.16 12.56 0.74
C CYS A 22 14.25 12.28 -0.45
N LEU A 23 13.11 11.66 -0.17
CA LEU A 23 12.16 11.29 -1.19
C LEU A 23 11.72 12.49 -2.03
N THR A 24 11.36 13.58 -1.35
CA THR A 24 10.89 14.79 -2.01
C THR A 24 11.91 15.34 -2.99
N PHE A 25 13.16 15.44 -2.53
CA PHE A 25 14.24 15.93 -3.36
C PHE A 25 14.64 14.91 -4.42
N GLY A 26 14.41 13.64 -4.11
CA GLY A 26 14.75 12.57 -5.02
C GLY A 26 13.79 12.50 -6.20
N ILE A 27 12.49 12.59 -5.91
CA ILE A 27 11.48 12.58 -6.95
C ILE A 27 11.59 13.86 -7.78
N GLY A 28 11.70 14.98 -7.09
CA GLY A 28 11.83 16.27 -7.75
C GLY A 28 13.25 16.53 -8.21
N ASN A 29 13.88 15.52 -8.77
CA ASN A 29 15.24 15.65 -9.27
C ASN A 29 15.37 15.02 -10.65
N SER A 30 14.29 14.39 -11.11
CA SER A 30 14.28 13.76 -12.42
C SER A 30 13.20 14.39 -13.29
N PRO A 31 13.56 14.81 -14.52
CA PRO A 31 12.63 15.44 -15.46
C PRO A 31 11.55 14.48 -15.96
N ALA A 32 11.67 13.21 -15.58
CA ALA A 32 10.67 12.20 -15.93
C ALA A 32 9.37 12.47 -15.17
N PHE A 33 9.50 13.22 -14.07
CA PHE A 33 8.36 13.56 -13.25
C PHE A 33 8.10 15.04 -13.33
N PRO A 34 7.03 15.44 -14.02
CA PRO A 34 6.58 16.82 -14.06
C PRO A 34 6.25 17.30 -12.65
N THR A 35 6.92 18.34 -12.21
CA THR A 35 6.86 18.77 -10.81
C THR A 35 5.44 19.09 -10.36
N GLN A 36 4.59 19.50 -11.30
CA GLN A 36 3.20 19.78 -11.00
C GLN A 36 2.48 18.52 -10.54
N GLU A 37 2.69 17.42 -11.27
CA GLU A 37 2.05 16.14 -10.95
C GLU A 37 2.83 15.44 -9.85
N GLN A 38 4.13 15.71 -9.81
CA GLN A 38 5.05 15.13 -8.84
C GLN A 38 4.53 15.27 -7.41
N GLN A 39 4.00 16.44 -7.09
CA GLN A 39 3.59 16.76 -5.73
C GLN A 39 2.49 15.81 -5.22
N ASP A 40 1.84 15.10 -6.13
CA ASP A 40 0.86 14.10 -5.71
C ASP A 40 1.58 12.89 -5.14
N LEU A 41 2.67 12.52 -5.80
CA LEU A 41 3.48 11.38 -5.39
C LEU A 41 4.14 11.67 -4.05
N ASP A 42 4.67 12.89 -3.91
CA ASP A 42 5.27 13.33 -2.65
C ASP A 42 4.24 13.27 -1.53
N ALA A 43 3.01 13.69 -1.85
CA ALA A 43 1.92 13.66 -0.89
C ALA A 43 1.58 12.24 -0.48
N ILE A 44 1.64 11.31 -1.44
CA ILE A 44 1.38 9.91 -1.15
C ILE A 44 2.53 9.30 -0.35
N ALA A 45 3.76 9.64 -0.73
CA ALA A 45 4.94 9.11 -0.07
C ALA A 45 4.96 9.47 1.41
N GLN A 46 4.69 10.74 1.72
CA GLN A 46 4.76 11.22 3.10
C GLN A 46 3.69 10.56 3.97
N VAL A 47 2.65 10.00 3.35
CA VAL A 47 1.61 9.30 4.09
C VAL A 47 2.21 8.10 4.82
N ILE A 48 3.09 7.38 4.13
CA ILE A 48 3.74 6.21 4.71
C ILE A 48 4.64 6.60 5.87
N LEU A 49 5.38 7.69 5.70
CA LEU A 49 6.32 8.16 6.71
C LEU A 49 5.59 8.70 7.94
N ASN A 50 4.36 9.18 7.74
CA ASN A 50 3.56 9.70 8.85
C ASN A 50 2.95 8.55 9.66
N ALA A 51 3.07 7.33 9.13
CA ALA A 51 2.57 6.16 9.83
C ALA A 51 3.69 5.51 10.65
N VAL A 52 4.90 5.54 10.11
CA VAL A 52 6.04 4.93 10.79
C VAL A 52 6.54 5.80 11.95
N SER A 53 6.32 7.11 11.85
CA SER A 53 6.73 8.02 12.91
C SER A 53 5.96 7.78 14.20
N THR A 54 4.85 7.07 14.08
CA THR A 54 4.04 6.70 15.24
C THR A 54 3.96 5.18 15.37
N ASN A 55 5.00 4.51 14.89
CA ASN A 55 5.10 3.05 14.95
C ASN A 55 5.08 2.55 16.40
N THR A 56 4.74 1.29 16.61
CA THR A 56 4.55 0.79 17.97
C THR A 56 5.47 -0.38 18.32
N GLY A 57 6.64 -0.02 18.88
CA GLY A 57 7.54 -0.96 19.54
C GLY A 57 7.59 -2.37 18.95
N ALA A 58 6.80 -3.28 19.53
CA ALA A 58 6.85 -4.68 19.19
C ALA A 58 6.37 -4.95 17.76
N THR A 59 5.22 -4.41 17.41
CA THR A 59 4.63 -4.65 16.09
C THR A 59 5.24 -3.74 15.04
N ALA A 60 6.20 -2.92 15.46
CA ALA A 60 6.87 -2.00 14.56
C ALA A 60 7.64 -2.75 13.48
N SER A 61 8.15 -3.93 13.82
CA SER A 61 8.87 -4.76 12.87
C SER A 61 7.97 -5.21 11.72
N ALA A 62 6.74 -5.58 12.05
CA ALA A 62 5.77 -6.02 11.06
C ALA A 62 5.26 -4.85 10.25
N ARG A 63 5.01 -3.72 10.93
CA ARG A 63 4.57 -2.51 10.26
C ARG A 63 5.66 -2.02 9.30
N ALA A 64 6.91 -2.22 9.69
CA ALA A 64 8.05 -1.87 8.84
C ALA A 64 7.93 -2.57 7.49
N GLN A 65 7.63 -3.86 7.55
CA GLN A 65 7.44 -4.66 6.34
C GLN A 65 6.20 -4.19 5.57
N ALA A 66 5.10 -4.02 6.30
CA ALA A 66 3.84 -3.59 5.70
C ALA A 66 3.95 -2.24 5.02
N LEU A 67 4.63 -1.30 5.68
CA LEU A 67 4.82 0.03 5.13
C LEU A 67 5.70 0.00 3.89
N SER A 68 6.69 -0.90 3.88
CA SER A 68 7.56 -1.06 2.73
C SER A 68 6.74 -1.51 1.52
N THR A 69 5.89 -2.51 1.73
CA THR A 69 5.03 -2.99 0.67
C THR A 69 4.01 -1.92 0.27
N ALA A 70 3.46 -1.23 1.27
CA ALA A 70 2.47 -0.18 1.02
C ALA A 70 3.04 0.95 0.17
N LEU A 71 4.24 1.41 0.54
CA LEU A 71 4.90 2.49 -0.18
C LEU A 71 5.12 2.10 -1.63
N ALA A 72 5.71 0.92 -1.83
CA ALA A 72 5.99 0.42 -3.17
C ALA A 72 4.70 0.27 -3.98
N SER A 73 3.67 -0.26 -3.35
CA SER A 73 2.40 -0.52 -4.01
C SER A 73 1.71 0.77 -4.42
N SER A 74 1.46 1.64 -3.44
CA SER A 74 0.68 2.86 -3.67
C SER A 74 1.37 3.79 -4.67
N LEU A 75 2.69 3.91 -4.58
CA LEU A 75 3.43 4.79 -5.47
C LEU A 75 3.40 4.28 -6.91
N THR A 76 3.55 2.97 -7.08
CA THR A 76 3.58 2.39 -8.41
C THR A 76 2.18 2.39 -9.04
N ASP A 77 1.16 2.09 -8.24
CA ASP A 77 -0.22 2.09 -8.73
C ASP A 77 -0.59 3.48 -9.26
N LEU A 78 -0.37 4.49 -8.43
CA LEU A 78 -0.60 5.89 -8.81
C LEU A 78 0.18 6.22 -10.08
N LEU A 79 1.43 5.79 -10.11
CA LEU A 79 2.32 6.06 -11.24
C LEU A 79 1.75 5.45 -12.53
N ILE A 80 1.47 4.15 -12.50
CA ILE A 80 0.98 3.43 -13.66
C ILE A 80 -0.30 4.05 -14.21
N ALA A 81 -1.22 4.37 -13.30
CA ALA A 81 -2.53 4.89 -13.68
C ALA A 81 -2.42 6.20 -14.46
N GLU A 82 -1.61 7.14 -13.98
CA GLU A 82 -1.50 8.45 -14.62
C GLU A 82 -0.40 8.47 -15.68
N SER A 83 0.24 7.34 -15.90
CA SER A 83 1.29 7.24 -16.89
C SER A 83 0.78 6.56 -18.14
N ALA A 84 -0.35 5.88 -17.97
CA ALA A 84 -0.82 4.86 -18.92
C ALA A 84 0.04 3.61 -18.75
N GLU A 85 -0.64 2.48 -18.60
CA GLU A 85 -0.01 1.18 -18.37
C GLU A 85 1.03 0.78 -19.42
N SER A 86 1.13 1.56 -20.48
CA SER A 86 2.12 1.29 -21.51
C SER A 86 3.40 2.10 -21.30
N ASN A 87 3.28 3.22 -20.61
CA ASN A 87 4.39 4.19 -20.56
C ASN A 87 4.99 4.30 -19.17
N TYR A 88 4.43 3.57 -18.20
CA TYR A 88 4.86 3.71 -16.80
C TYR A 88 6.34 3.37 -16.61
N ASN A 89 6.91 2.64 -17.56
CA ASN A 89 8.30 2.19 -17.44
C ASN A 89 9.25 3.38 -17.44
N ASN A 90 8.80 4.49 -18.03
CA ASN A 90 9.58 5.72 -18.06
C ASN A 90 9.89 6.19 -16.64
N GLN A 91 8.84 6.30 -15.84
CA GLN A 91 8.99 6.77 -14.47
C GLN A 91 9.38 5.62 -13.54
N LEU A 92 9.06 4.39 -13.94
CA LEU A 92 9.35 3.20 -13.14
C LEU A 92 10.85 3.09 -12.86
N SER A 93 11.66 3.31 -13.88
CA SER A 93 13.10 3.25 -13.76
C SER A 93 13.62 4.33 -12.81
N GLU A 94 12.94 5.47 -12.79
CA GLU A 94 13.36 6.59 -11.95
C GLU A 94 12.91 6.36 -10.51
N LEU A 95 11.64 6.00 -10.34
CA LEU A 95 11.03 5.82 -9.03
C LEU A 95 11.83 4.82 -8.20
N THR A 96 12.17 3.70 -8.82
CA THR A 96 12.95 2.66 -8.15
C THR A 96 14.31 3.20 -7.72
N GLY A 97 14.95 3.95 -8.59
CA GLY A 97 16.26 4.52 -8.29
C GLY A 97 16.21 5.48 -7.12
N ILE A 98 15.15 6.26 -7.04
CA ILE A 98 14.95 7.22 -5.96
C ILE A 98 14.95 6.50 -4.61
N LEU A 99 14.14 5.46 -4.51
CA LEU A 99 14.04 4.68 -3.28
C LEU A 99 15.39 4.08 -2.89
N SER A 100 16.00 3.37 -3.84
CA SER A 100 17.30 2.73 -3.59
C SER A 100 18.35 3.76 -3.16
N ASN A 101 18.26 4.95 -3.72
CA ASN A 101 19.18 6.03 -3.40
C ASN A 101 18.96 6.52 -1.99
N CYS A 102 17.72 6.81 -1.63
CA CYS A 102 17.39 7.35 -0.31
C CYS A 102 17.70 6.36 0.79
N PHE A 103 17.56 5.06 0.52
CA PHE A 103 17.95 4.04 1.49
C PHE A 103 19.42 4.18 1.83
N ILE A 104 20.25 4.34 0.79
CA ILE A 104 21.67 4.58 0.97
C ILE A 104 21.90 5.81 1.82
N GLN A 105 21.20 6.88 1.50
CA GLN A 105 21.41 8.16 2.17
C GLN A 105 20.98 8.08 3.63
N THR A 106 19.79 7.55 3.88
CA THR A 106 19.20 7.58 5.20
C THR A 106 19.65 6.40 6.08
N THR A 107 19.50 5.16 5.61
CA THR A 107 19.78 4.02 6.46
C THR A 107 21.17 3.42 6.17
N GLY A 108 21.81 3.92 5.12
CA GLY A 108 23.20 3.57 4.86
C GLY A 108 23.37 2.34 4.00
N SER A 109 22.28 1.83 3.46
CA SER A 109 22.33 0.62 2.65
C SER A 109 21.26 0.63 1.57
N ASP A 110 21.52 -0.10 0.49
CA ASP A 110 20.62 -0.12 -0.66
C ASP A 110 19.30 -0.81 -0.30
N ASN A 111 19.42 -1.97 0.32
CA ASN A 111 18.26 -2.77 0.70
C ASN A 111 17.37 -3.09 -0.50
N PRO A 112 17.78 -4.09 -1.31
CA PRO A 112 17.07 -4.45 -2.54
C PRO A 112 15.73 -5.09 -2.26
N ALA A 113 15.53 -5.55 -1.02
CA ALA A 113 14.30 -6.21 -0.60
C ALA A 113 13.07 -5.35 -0.89
N PHE A 114 13.22 -4.03 -0.77
CA PHE A 114 12.14 -3.11 -1.06
C PHE A 114 11.75 -3.20 -2.52
N VAL A 115 12.75 -3.23 -3.39
CA VAL A 115 12.53 -3.29 -4.83
C VAL A 115 12.01 -4.66 -5.24
N SER A 116 12.40 -5.69 -4.50
CA SER A 116 11.95 -7.06 -4.76
C SER A 116 10.42 -7.14 -4.69
N ARG A 117 9.84 -6.50 -3.67
CA ARG A 117 8.39 -6.43 -3.56
C ARG A 117 7.81 -5.67 -4.75
N ILE A 118 8.46 -4.57 -5.11
CA ILE A 118 8.02 -3.72 -6.23
C ILE A 118 7.88 -4.53 -7.50
N GLN A 119 8.92 -5.28 -7.85
CA GLN A 119 8.95 -6.06 -9.09
C GLN A 119 7.73 -6.97 -9.22
N SER A 120 7.30 -7.52 -8.09
CA SER A 120 6.15 -8.41 -8.08
C SER A 120 4.84 -7.62 -8.16
N LEU A 121 4.84 -6.43 -7.55
CA LEU A 121 3.65 -5.60 -7.52
C LEU A 121 3.34 -5.02 -8.89
N ILE A 122 4.38 -4.69 -9.65
CA ILE A 122 4.23 -4.07 -10.96
C ILE A 122 3.25 -4.87 -11.84
N SER A 123 3.43 -6.18 -11.86
CA SER A 123 2.62 -7.05 -12.69
C SER A 123 1.15 -7.03 -12.26
N VAL A 124 0.90 -7.08 -10.96
CA VAL A 124 -0.47 -7.14 -10.45
C VAL A 124 -1.13 -5.76 -10.44
N LEU A 125 -0.32 -4.72 -10.39
CA LEU A 125 -0.82 -3.35 -10.43
C LEU A 125 -1.23 -2.98 -11.85
N SER A 126 -0.51 -3.52 -12.83
CA SER A 126 -0.80 -3.25 -14.24
C SER A 126 -2.05 -4.01 -14.67
N GLN A 127 -2.60 -4.82 -13.76
CA GLN A 127 -3.80 -5.58 -14.04
C GLN A 127 -5.03 -4.73 -13.73
N ASN A 128 -5.32 -3.83 -14.65
CA ASN A 128 -6.51 -3.01 -14.55
C ASN A 128 -7.62 -3.61 -15.42
N THR A 129 -8.77 -3.86 -14.80
CA THR A 129 -9.86 -4.54 -15.46
C THR A 129 -10.85 -3.56 -16.10
N ASP A 130 -11.87 -4.12 -16.75
CA ASP A 130 -12.84 -3.31 -17.49
C ASP A 130 -14.00 -2.88 -16.59
N VAL A 131 -13.78 -2.91 -15.28
CA VAL A 131 -14.82 -2.58 -14.31
C VAL A 131 -15.11 -1.07 -14.31
N ASN A 132 -14.27 -0.31 -14.98
CA ASN A 132 -14.49 1.12 -15.11
C ASN A 132 -15.13 1.44 -16.46
N ILE A 133 -16.44 1.67 -16.42
CA ILE A 133 -17.20 1.95 -17.63
C ILE A 133 -17.11 3.43 -18.03
N ILE A 134 -16.32 4.19 -17.29
CA ILE A 134 -16.16 5.60 -17.57
C ILE A 134 -15.29 5.81 -18.79
N SER A 135 -15.92 5.96 -19.94
CA SER A 135 -15.23 6.18 -21.19
C SER A 135 -15.59 7.53 -21.78
N THR A 136 -15.95 8.45 -20.89
CA THR A 136 -16.40 9.77 -21.30
C THR A 136 -15.23 10.67 -21.68
N ALA A 137 -14.03 10.22 -21.38
CA ALA A 137 -12.81 10.95 -21.74
C ALA A 137 -12.11 10.28 -22.92
N GLY B 1 -27.05 -2.99 -14.97
CA GLY B 1 -27.54 -1.67 -15.28
C GLY B 1 -26.69 -0.96 -16.31
N ALA B 2 -25.74 -1.71 -16.87
CA ALA B 2 -24.78 -1.21 -17.86
C ALA B 2 -23.89 -0.12 -17.27
N VAL B 3 -23.91 -0.02 -15.96
CA VAL B 3 -23.13 0.98 -15.24
C VAL B 3 -22.53 0.35 -14.00
N THR B 4 -21.25 0.55 -13.79
CA THR B 4 -20.59 0.07 -12.59
C THR B 4 -20.41 1.20 -11.60
N ALA B 5 -20.88 1.00 -10.38
CA ALA B 5 -20.77 2.02 -9.34
C ALA B 5 -19.32 2.22 -8.92
N VAL B 6 -18.76 3.37 -9.26
CA VAL B 6 -17.43 3.73 -8.82
C VAL B 6 -17.42 3.94 -7.32
N PRO B 7 -16.46 3.33 -6.60
CA PRO B 7 -16.38 3.45 -5.14
C PRO B 7 -16.22 4.88 -4.69
N SER B 8 -17.32 5.47 -4.23
CA SER B 8 -17.33 6.86 -3.82
C SER B 8 -16.53 7.06 -2.54
N VAL B 9 -16.28 5.96 -1.85
CA VAL B 9 -15.50 5.97 -0.62
C VAL B 9 -14.13 6.61 -0.85
N PHE B 10 -13.52 6.28 -1.98
CA PHE B 10 -12.18 6.75 -2.29
C PHE B 10 -12.20 8.04 -3.10
N SER B 11 -13.36 8.68 -3.15
CA SER B 11 -13.50 9.94 -3.88
C SER B 11 -14.21 10.98 -3.02
N SER B 12 -14.67 10.58 -1.85
CA SER B 12 -15.42 11.48 -0.97
C SER B 12 -14.99 11.32 0.49
N PRO B 13 -14.52 12.41 1.10
CA PRO B 13 -14.00 12.40 2.47
C PRO B 13 -15.02 11.97 3.52
N ASN B 14 -16.30 12.25 3.25
CA ASN B 14 -17.36 11.88 4.18
C ASN B 14 -17.52 10.37 4.22
N LEU B 15 -17.51 9.74 3.05
CA LEU B 15 -17.67 8.30 2.97
C LEU B 15 -16.39 7.60 3.40
N ALA B 16 -15.25 8.26 3.18
CA ALA B 16 -13.98 7.76 3.68
C ALA B 16 -14.04 7.56 5.19
N SER B 17 -14.61 8.55 5.88
CA SER B 17 -14.74 8.50 7.32
C SER B 17 -15.79 7.45 7.73
N GLY B 18 -16.89 7.41 6.98
CA GLY B 18 -17.93 6.44 7.27
C GLY B 18 -17.49 5.00 7.09
N PHE B 19 -16.60 4.79 6.12
CA PHE B 19 -16.05 3.47 5.85
C PHE B 19 -15.15 3.03 7.00
N LEU B 20 -14.34 3.97 7.50
CA LEU B 20 -13.45 3.68 8.61
C LEU B 20 -14.24 3.27 9.85
N GLN B 21 -15.40 3.89 10.03
CA GLN B 21 -16.27 3.58 11.15
C GLN B 21 -16.88 2.18 11.01
N CYS B 22 -16.83 1.62 9.82
CA CYS B 22 -17.32 0.28 9.59
C CYS B 22 -16.17 -0.70 9.70
N LEU B 23 -15.04 -0.29 9.16
CA LEU B 23 -13.85 -1.13 9.10
C LEU B 23 -13.37 -1.48 10.49
N THR B 24 -13.25 -0.48 11.35
CA THR B 24 -12.77 -0.65 12.71
C THR B 24 -13.67 -1.59 13.51
N PHE B 25 -14.96 -1.56 13.21
CA PHE B 25 -15.91 -2.41 13.90
C PHE B 25 -15.96 -3.78 13.23
N GLY B 26 -15.70 -3.81 11.94
CA GLY B 26 -15.71 -5.06 11.19
C GLY B 26 -14.51 -5.92 11.51
N ILE B 27 -13.33 -5.32 11.57
CA ILE B 27 -12.11 -6.06 11.88
C ILE B 27 -12.21 -6.63 13.28
N GLY B 28 -12.72 -5.83 14.21
CA GLY B 28 -12.87 -6.30 15.57
C GLY B 28 -14.18 -7.03 15.78
N ASN B 29 -14.85 -7.36 14.69
CA ASN B 29 -16.12 -8.09 14.78
C ASN B 29 -15.86 -9.58 14.74
N SER B 30 -14.77 -9.96 14.07
CA SER B 30 -14.40 -11.35 13.96
C SER B 30 -13.44 -11.72 15.09
N PRO B 31 -13.66 -12.89 15.72
CA PRO B 31 -12.82 -13.38 16.82
C PRO B 31 -11.47 -13.88 16.34
N ALA B 32 -11.21 -13.76 15.04
CA ALA B 32 -9.96 -14.22 14.45
C ALA B 32 -8.90 -13.14 14.53
N PHE B 33 -9.24 -12.01 15.13
CA PHE B 33 -8.33 -10.88 15.22
C PHE B 33 -8.08 -10.51 16.68
N PRO B 34 -6.91 -10.89 17.20
CA PRO B 34 -6.46 -10.52 18.55
C PRO B 34 -6.50 -9.01 18.74
N THR B 35 -6.94 -8.58 19.91
CA THR B 35 -7.26 -7.17 20.19
C THR B 35 -6.17 -6.19 19.70
N GLN B 36 -4.92 -6.45 20.07
CA GLN B 36 -3.84 -5.50 19.75
C GLN B 36 -3.45 -5.58 18.28
N GLU B 37 -3.46 -6.77 17.71
CA GLU B 37 -3.13 -6.94 16.31
C GLU B 37 -4.28 -6.45 15.43
N GLN B 38 -5.49 -6.57 15.97
CA GLN B 38 -6.67 -5.98 15.35
C GLN B 38 -6.51 -4.46 15.27
N GLN B 39 -6.19 -3.86 16.42
CA GLN B 39 -5.95 -2.42 16.49
C GLN B 39 -4.77 -2.01 15.61
N ASP B 40 -3.82 -2.92 15.44
CA ASP B 40 -2.66 -2.66 14.59
C ASP B 40 -3.12 -2.53 13.15
N LEU B 41 -3.99 -3.44 12.74
CA LEU B 41 -4.60 -3.42 11.42
C LEU B 41 -5.38 -2.11 11.23
N ASP B 42 -6.18 -1.75 12.24
CA ASP B 42 -6.93 -0.50 12.20
C ASP B 42 -6.00 0.69 12.06
N ALA B 43 -4.91 0.66 12.82
CA ALA B 43 -3.93 1.74 12.81
C ALA B 43 -3.32 1.93 11.43
N ILE B 44 -3.15 0.83 10.71
CA ILE B 44 -2.64 0.88 9.35
C ILE B 44 -3.74 1.31 8.39
N ALA B 45 -4.93 0.76 8.58
CA ALA B 45 -6.07 1.04 7.72
C ALA B 45 -6.46 2.52 7.76
N GLN B 46 -6.49 3.09 8.97
CA GLN B 46 -6.91 4.48 9.15
C GLN B 46 -5.99 5.44 8.41
N VAL B 47 -4.76 5.01 8.15
CA VAL B 47 -3.81 5.84 7.41
C VAL B 47 -4.33 6.08 6.00
N ILE B 48 -4.89 5.04 5.39
CA ILE B 48 -5.44 5.13 4.04
C ILE B 48 -6.67 6.05 4.04
N LEU B 49 -7.54 5.88 5.02
CA LEU B 49 -8.78 6.65 5.11
C LEU B 49 -8.50 8.12 5.44
N ASN B 50 -7.30 8.41 5.89
CA ASN B 50 -6.91 9.80 6.13
C ASN B 50 -6.31 10.40 4.87
N ALA B 51 -5.64 9.58 4.08
CA ALA B 51 -5.00 10.04 2.85
C ALA B 51 -6.05 10.37 1.77
N VAL B 52 -7.19 9.71 1.86
CA VAL B 52 -8.27 9.91 0.88
C VAL B 52 -9.07 11.17 1.17
N SER B 53 -8.98 11.67 2.40
CA SER B 53 -9.74 12.85 2.80
C SER B 53 -9.25 14.09 2.06
N THR B 54 -8.13 13.95 1.36
CA THR B 54 -7.52 15.06 0.65
C THR B 54 -7.38 14.73 -0.84
N ASN B 55 -8.16 13.76 -1.30
CA ASN B 55 -8.17 13.40 -2.72
C ASN B 55 -8.82 14.51 -3.55
N THR B 56 -8.00 15.34 -4.14
CA THR B 56 -8.49 16.44 -4.95
C THR B 56 -8.74 15.98 -6.39
N GLY B 57 -9.82 16.47 -6.96
CA GLY B 57 -10.21 16.11 -8.31
C GLY B 57 -9.28 16.66 -9.37
N ALA B 58 -8.05 16.17 -9.36
CA ALA B 58 -7.08 16.44 -10.39
C ALA B 58 -6.31 15.16 -10.67
N THR B 59 -5.95 14.49 -9.58
CA THR B 59 -5.32 13.19 -9.65
C THR B 59 -6.19 12.15 -8.96
N ALA B 60 -7.37 12.58 -8.49
CA ALA B 60 -8.26 11.72 -7.70
C ALA B 60 -8.59 10.42 -8.42
N SER B 61 -8.64 10.45 -9.74
CA SER B 61 -8.94 9.26 -10.54
C SER B 61 -7.97 8.13 -10.20
N ALA B 62 -6.68 8.44 -10.16
CA ALA B 62 -5.67 7.45 -9.85
C ALA B 62 -5.51 7.30 -8.34
N ARG B 63 -5.70 8.39 -7.62
CA ARG B 63 -5.61 8.40 -6.16
C ARG B 63 -6.57 7.38 -5.55
N ALA B 64 -7.79 7.33 -6.08
CA ALA B 64 -8.80 6.40 -5.60
C ALA B 64 -8.33 4.97 -5.76
N GLN B 65 -7.83 4.64 -6.94
CA GLN B 65 -7.31 3.31 -7.23
C GLN B 65 -6.10 2.99 -6.36
N ALA B 66 -5.16 3.92 -6.31
CA ALA B 66 -3.92 3.75 -5.56
C ALA B 66 -4.20 3.46 -4.09
N LEU B 67 -5.13 4.21 -3.51
CA LEU B 67 -5.49 4.04 -2.10
C LEU B 67 -6.20 2.71 -1.90
N SER B 68 -7.00 2.29 -2.88
CA SER B 68 -7.67 1.01 -2.82
C SER B 68 -6.64 -0.12 -2.78
N THR B 69 -5.67 -0.05 -3.69
CA THR B 69 -4.60 -1.02 -3.75
C THR B 69 -3.76 -0.99 -2.46
N ALA B 70 -3.41 0.21 -2.02
CA ALA B 70 -2.59 0.39 -0.83
C ALA B 70 -3.25 -0.21 0.40
N LEU B 71 -4.55 0.07 0.56
CA LEU B 71 -5.32 -0.45 1.69
C LEU B 71 -5.24 -1.97 1.73
N ALA B 72 -5.55 -2.60 0.60
CA ALA B 72 -5.54 -4.05 0.51
C ALA B 72 -4.14 -4.61 0.74
N SER B 73 -3.15 -3.98 0.10
CA SER B 73 -1.77 -4.47 0.15
C SER B 73 -1.19 -4.39 1.56
N SER B 74 -1.32 -3.24 2.20
CA SER B 74 -0.67 -3.01 3.48
C SER B 74 -1.34 -3.84 4.58
N LEU B 75 -2.66 -3.93 4.54
CA LEU B 75 -3.41 -4.71 5.53
C LEU B 75 -3.07 -6.19 5.42
N THR B 76 -2.94 -6.69 4.21
CA THR B 76 -2.62 -8.09 3.98
C THR B 76 -1.20 -8.40 4.47
N ASP B 77 -0.27 -7.50 4.21
CA ASP B 77 1.13 -7.69 4.62
C ASP B 77 1.22 -7.86 6.13
N LEU B 78 0.62 -6.92 6.86
CA LEU B 78 0.59 -6.96 8.32
C LEU B 78 -0.10 -8.23 8.78
N LEU B 79 -1.21 -8.58 8.12
CA LEU B 79 -2.00 -9.75 8.47
C LEU B 79 -1.15 -11.01 8.40
N ILE B 80 -0.57 -11.28 7.24
CA ILE B 80 0.20 -12.51 7.01
C ILE B 80 1.24 -12.72 8.11
N ALA B 81 1.93 -11.65 8.47
CA ALA B 81 3.03 -11.73 9.43
C ALA B 81 2.56 -12.08 10.84
N GLU B 82 1.68 -11.27 11.40
CA GLU B 82 1.33 -11.42 12.81
C GLU B 82 0.21 -12.45 13.03
N SER B 83 -0.23 -13.10 11.97
CA SER B 83 -1.27 -14.12 12.06
C SER B 83 -0.66 -15.51 12.04
N ALA B 84 0.65 -15.56 11.90
CA ALA B 84 1.37 -16.80 11.60
C ALA B 84 1.05 -17.23 10.17
N GLU B 85 2.05 -17.13 9.32
CA GLU B 85 1.95 -17.50 7.91
C GLU B 85 1.23 -18.83 7.63
N SER B 86 1.22 -19.73 8.60
CA SER B 86 0.56 -21.02 8.43
C SER B 86 -0.95 -20.93 8.69
N ASN B 87 -1.38 -19.86 9.35
CA ASN B 87 -2.78 -19.73 9.75
C ASN B 87 -3.40 -18.48 9.12
N TYR B 88 -2.60 -17.71 8.40
CA TYR B 88 -3.03 -16.43 7.85
C TYR B 88 -4.24 -16.59 6.94
N ASN B 89 -4.40 -17.79 6.37
CA ASN B 89 -5.49 -18.06 5.44
C ASN B 89 -6.84 -17.85 6.11
N ASN B 90 -6.90 -18.07 7.42
CA ASN B 90 -8.13 -17.91 8.17
C ASN B 90 -8.54 -16.45 8.21
N GLN B 91 -7.64 -15.61 8.69
CA GLN B 91 -7.90 -14.17 8.76
C GLN B 91 -8.03 -13.55 7.37
N LEU B 92 -7.34 -14.14 6.40
CA LEU B 92 -7.41 -13.70 5.02
C LEU B 92 -8.85 -13.80 4.51
N SER B 93 -9.55 -14.84 4.94
CA SER B 93 -10.93 -15.05 4.54
C SER B 93 -11.86 -14.08 5.25
N GLU B 94 -11.51 -13.73 6.49
CA GLU B 94 -12.28 -12.78 7.27
C GLU B 94 -12.13 -11.37 6.71
N LEU B 95 -10.87 -10.96 6.53
CA LEU B 95 -10.52 -9.62 6.09
C LEU B 95 -11.24 -9.27 4.79
N THR B 96 -11.20 -10.17 3.82
CA THR B 96 -11.80 -9.93 2.52
C THR B 96 -13.32 -9.76 2.63
N GLY B 97 -13.93 -10.51 3.56
CA GLY B 97 -15.36 -10.40 3.76
C GLY B 97 -15.74 -9.08 4.42
N ILE B 98 -14.96 -8.69 5.43
CA ILE B 98 -15.18 -7.44 6.15
C ILE B 98 -15.18 -6.25 5.20
N LEU B 99 -14.17 -6.18 4.34
CA LEU B 99 -14.05 -5.10 3.37
C LEU B 99 -15.27 -5.03 2.47
N SER B 100 -15.63 -6.17 1.87
CA SER B 100 -16.77 -6.25 0.97
C SER B 100 -18.06 -5.80 1.68
N ASN B 101 -18.17 -6.15 2.94
CA ASN B 101 -19.33 -5.77 3.75
C ASN B 101 -19.41 -4.27 3.93
N CYS B 102 -18.28 -3.65 4.25
CA CYS B 102 -18.24 -2.21 4.47
C CYS B 102 -18.46 -1.43 3.18
N PHE B 103 -18.00 -1.99 2.06
CA PHE B 103 -18.29 -1.38 0.77
C PHE B 103 -19.79 -1.35 0.52
N ILE B 104 -20.45 -2.47 0.82
CA ILE B 104 -21.90 -2.55 0.72
C ILE B 104 -22.57 -1.47 1.56
N GLN B 105 -22.06 -1.27 2.77
CA GLN B 105 -22.66 -0.31 3.69
C GLN B 105 -22.37 1.13 3.29
N THR B 106 -21.09 1.43 3.06
CA THR B 106 -20.65 2.80 2.87
C THR B 106 -20.88 3.30 1.44
N THR B 107 -20.59 2.50 0.44
CA THR B 107 -20.73 2.96 -0.94
C THR B 107 -21.93 2.31 -1.63
N GLY B 108 -22.49 1.28 -0.99
CA GLY B 108 -23.74 0.71 -1.46
C GLY B 108 -23.54 -0.40 -2.48
N SER B 109 -22.31 -0.86 -2.64
CA SER B 109 -22.02 -1.93 -3.58
C SER B 109 -20.78 -2.69 -3.14
N ASP B 110 -20.67 -3.94 -3.57
CA ASP B 110 -19.56 -4.81 -3.17
C ASP B 110 -18.30 -4.48 -3.96
N ASN B 111 -18.49 -4.23 -5.26
CA ASN B 111 -17.39 -3.84 -6.16
C ASN B 111 -16.24 -4.84 -6.16
N PRO B 112 -16.31 -5.83 -7.06
CA PRO B 112 -15.31 -6.90 -7.16
C PRO B 112 -13.91 -6.36 -7.48
N ALA B 113 -13.85 -5.17 -8.05
CA ALA B 113 -12.59 -4.57 -8.47
C ALA B 113 -11.60 -4.46 -7.31
N PHE B 114 -12.13 -4.23 -6.10
CA PHE B 114 -11.28 -4.08 -4.93
C PHE B 114 -10.68 -5.42 -4.53
N VAL B 115 -11.52 -6.45 -4.47
CA VAL B 115 -11.07 -7.77 -4.05
C VAL B 115 -10.19 -8.42 -5.12
N SER B 116 -10.43 -8.08 -6.38
CA SER B 116 -9.60 -8.57 -7.47
C SER B 116 -8.13 -8.20 -7.25
N ARG B 117 -7.89 -6.94 -6.87
CA ARG B 117 -6.55 -6.50 -6.54
C ARG B 117 -5.99 -7.32 -5.39
N ILE B 118 -6.82 -7.55 -4.37
CA ILE B 118 -6.41 -8.32 -3.20
C ILE B 118 -5.95 -9.71 -3.61
N GLN B 119 -6.77 -10.39 -4.41
CA GLN B 119 -6.50 -11.75 -4.86
C GLN B 119 -5.12 -11.86 -5.52
N SER B 120 -4.76 -10.84 -6.29
CA SER B 120 -3.47 -10.81 -6.96
C SER B 120 -2.35 -10.45 -5.98
N LEU B 121 -2.67 -9.61 -5.01
CA LEU B 121 -1.68 -9.17 -4.02
C LEU B 121 -1.29 -10.33 -3.10
N ILE B 122 -2.26 -11.17 -2.76
CA ILE B 122 -2.02 -12.31 -1.87
C ILE B 122 -0.83 -13.13 -2.34
N SER B 123 -0.81 -13.43 -3.62
CA SER B 123 0.24 -14.24 -4.22
C SER B 123 1.62 -13.59 -4.07
N VAL B 124 1.70 -12.31 -4.44
CA VAL B 124 2.99 -11.62 -4.46
C VAL B 124 3.41 -11.16 -3.05
N LEU B 125 2.44 -11.01 -2.16
CA LEU B 125 2.73 -10.66 -0.78
C LEU B 125 3.32 -11.84 -0.04
N SER B 126 2.97 -13.03 -0.49
CA SER B 126 3.47 -14.26 0.12
C SER B 126 4.90 -14.55 -0.38
N GLN B 127 5.33 -13.79 -1.39
CA GLN B 127 6.64 -13.97 -1.97
C GLN B 127 7.67 -13.11 -1.27
N ASN B 128 8.07 -13.54 -0.08
CA ASN B 128 9.13 -12.88 0.65
C ASN B 128 10.48 -13.40 0.21
N THR B 129 11.52 -12.60 0.40
CA THR B 129 12.84 -12.93 -0.11
C THR B 129 13.76 -13.45 1.00
N ASP B 130 14.94 -13.92 0.60
CA ASP B 130 15.95 -14.37 1.56
C ASP B 130 16.80 -13.17 2.00
N VAL B 131 16.37 -11.98 1.59
CA VAL B 131 17.05 -10.75 1.96
C VAL B 131 16.65 -10.34 3.37
N ASN B 132 15.93 -11.23 4.04
CA ASN B 132 15.42 -10.97 5.37
C ASN B 132 15.86 -12.10 6.30
N ILE B 133 16.92 -11.85 7.05
CA ILE B 133 17.55 -12.87 7.88
C ILE B 133 17.23 -12.66 9.36
N ILE B 134 16.22 -11.85 9.65
CA ILE B 134 15.85 -11.54 11.02
C ILE B 134 14.90 -12.60 11.56
N SER B 135 15.19 -13.09 12.75
CA SER B 135 14.39 -14.13 13.37
C SER B 135 14.53 -14.03 14.89
N THR B 136 13.91 -13.01 15.46
CA THR B 136 14.01 -12.73 16.89
C THR B 136 13.02 -13.55 17.72
N ALA B 137 12.80 -14.80 17.31
CA ALA B 137 11.91 -15.68 18.04
C ALA B 137 12.48 -17.09 18.05
N GLY A 1 27.09 -8.72 -0.50
CA GLY A 1 26.34 -8.18 -1.65
C GLY A 1 24.89 -7.96 -1.32
N ALA A 2 24.04 -7.96 -2.34
CA ALA A 2 22.61 -7.76 -2.14
C ALA A 2 21.98 -8.95 -1.44
N VAL A 3 21.41 -8.70 -0.27
CA VAL A 3 20.76 -9.74 0.50
C VAL A 3 19.36 -9.28 0.91
N THR A 4 18.42 -10.21 0.97
CA THR A 4 17.06 -9.91 1.39
C THR A 4 17.04 -9.40 2.83
N ALA A 5 17.01 -8.09 2.98
CA ALA A 5 16.98 -7.47 4.30
C ALA A 5 15.85 -6.47 4.38
N VAL A 6 15.10 -6.52 5.47
CA VAL A 6 14.01 -5.58 5.71
C VAL A 6 14.54 -4.15 5.78
N PRO A 7 13.87 -3.21 5.08
CA PRO A 7 14.26 -1.79 5.08
C PRO A 7 14.38 -1.23 6.50
N SER A 8 15.61 -0.98 6.92
CA SER A 8 15.89 -0.50 8.26
C SER A 8 15.32 0.91 8.48
N VAL A 9 15.10 1.63 7.39
CA VAL A 9 14.52 2.97 7.44
C VAL A 9 13.14 2.95 8.11
N PHE A 10 12.40 1.89 7.86
CA PHE A 10 11.06 1.78 8.40
C PHE A 10 11.07 1.24 9.83
N SER A 11 12.25 0.93 10.31
CA SER A 11 12.42 0.48 11.68
C SER A 11 12.96 1.62 12.53
N SER A 12 13.09 2.79 11.92
CA SER A 12 13.60 3.96 12.61
C SER A 12 12.91 5.24 12.13
N PRO A 13 12.03 5.81 12.97
CA PRO A 13 11.31 7.05 12.65
C PRO A 13 12.23 8.19 12.23
N ASN A 14 13.45 8.21 12.77
CA ASN A 14 14.41 9.26 12.43
C ASN A 14 14.82 9.13 10.95
N LEU A 15 14.91 7.90 10.48
CA LEU A 15 15.28 7.64 9.09
C LEU A 15 14.10 7.88 8.18
N ALA A 16 12.89 7.61 8.70
CA ALA A 16 11.67 7.86 7.96
C ALA A 16 11.57 9.33 7.58
N SER A 17 11.90 10.21 8.52
CA SER A 17 11.89 11.63 8.29
C SER A 17 12.96 12.02 7.26
N GLY A 18 14.16 11.51 7.46
CA GLY A 18 15.26 11.81 6.54
C GLY A 18 15.02 11.28 5.14
N PHE A 19 14.37 10.13 5.06
CA PHE A 19 14.05 9.52 3.78
C PHE A 19 13.11 10.42 2.99
N LEU A 20 12.15 11.01 3.68
CA LEU A 20 11.21 11.93 3.05
C LEU A 20 11.93 13.18 2.55
N GLN A 21 12.89 13.66 3.33
CA GLN A 21 13.66 14.84 2.97
C GLN A 21 14.57 14.57 1.78
N CYS A 22 14.82 13.30 1.52
CA CYS A 22 15.65 12.91 0.39
C CYS A 22 14.77 12.62 -0.81
N LEU A 23 13.62 12.00 -0.54
CA LEU A 23 12.69 11.61 -1.58
C LEU A 23 12.16 12.83 -2.32
N THR A 24 11.73 13.84 -1.55
CA THR A 24 11.25 15.09 -2.13
C THR A 24 12.30 15.73 -3.03
N PHE A 25 13.56 15.59 -2.64
CA PHE A 25 14.68 16.08 -3.43
C PHE A 25 14.86 15.21 -4.66
N GLY A 26 14.92 13.90 -4.45
CA GLY A 26 15.15 12.97 -5.53
C GLY A 26 14.11 13.06 -6.62
N ILE A 27 12.84 12.99 -6.26
CA ILE A 27 11.75 13.01 -7.23
C ILE A 27 11.74 14.34 -7.99
N GLY A 28 11.79 15.43 -7.26
CA GLY A 28 11.73 16.74 -7.88
C GLY A 28 12.94 17.08 -8.72
N ASN A 29 14.08 16.47 -8.39
CA ASN A 29 15.33 16.74 -9.09
C ASN A 29 15.42 15.91 -10.37
N SER A 30 14.72 14.79 -10.40
CA SER A 30 14.77 13.90 -11.55
C SER A 30 13.95 14.46 -12.71
N PRO A 31 14.55 14.51 -13.92
CA PRO A 31 13.91 15.10 -15.09
C PRO A 31 12.76 14.27 -15.63
N ALA A 32 12.50 13.14 -15.00
CA ALA A 32 11.38 12.28 -15.38
C ALA A 32 10.16 12.56 -14.50
N PHE A 33 10.34 13.43 -13.52
CA PHE A 33 9.25 13.76 -12.60
C PHE A 33 9.07 15.27 -12.50
N PRO A 34 8.07 15.81 -13.21
CA PRO A 34 7.71 17.22 -13.12
C PRO A 34 7.08 17.56 -11.76
N THR A 35 6.92 18.85 -11.50
CA THR A 35 6.38 19.33 -10.23
C THR A 35 4.98 18.77 -9.98
N GLN A 36 4.21 18.65 -11.06
CA GLN A 36 2.84 18.15 -10.97
C GLN A 36 2.79 16.74 -10.39
N GLU A 37 3.66 15.87 -10.91
CA GLU A 37 3.68 14.48 -10.47
C GLU A 37 4.16 14.38 -9.04
N GLN A 38 5.23 15.12 -8.72
CA GLN A 38 5.79 15.14 -7.38
C GLN A 38 4.74 15.53 -6.35
N GLN A 39 3.78 16.34 -6.76
CA GLN A 39 2.76 16.84 -5.86
C GLN A 39 1.92 15.70 -5.27
N ASP A 40 1.60 14.72 -6.08
CA ASP A 40 0.81 13.58 -5.60
C ASP A 40 1.71 12.42 -5.19
N LEU A 41 2.85 12.27 -5.85
CA LEU A 41 3.79 11.21 -5.52
C LEU A 41 4.33 11.37 -4.11
N ASP A 42 4.81 12.57 -3.79
CA ASP A 42 5.37 12.81 -2.46
C ASP A 42 4.26 12.95 -1.43
N ALA A 43 3.06 13.24 -1.90
CA ALA A 43 1.90 13.32 -1.03
C ALA A 43 1.60 11.96 -0.43
N ILE A 44 1.66 10.93 -1.26
CA ILE A 44 1.44 9.56 -0.79
C ILE A 44 2.63 9.11 0.07
N ALA A 45 3.83 9.50 -0.36
CA ALA A 45 5.05 9.13 0.33
C ALA A 45 5.04 9.60 1.79
N GLN A 46 4.68 10.86 1.99
CA GLN A 46 4.67 11.43 3.35
C GLN A 46 3.59 10.78 4.21
N VAL A 47 2.54 10.27 3.58
CA VAL A 47 1.48 9.57 4.31
C VAL A 47 2.04 8.27 4.91
N ILE A 48 2.73 7.50 4.08
CA ILE A 48 3.35 6.26 4.53
C ILE A 48 4.34 6.53 5.66
N LEU A 49 5.17 7.55 5.46
CA LEU A 49 6.23 7.88 6.39
C LEU A 49 5.69 8.57 7.64
N ASN A 50 4.40 8.91 7.64
CA ASN A 50 3.77 9.51 8.82
C ASN A 50 3.17 8.43 9.70
N ALA A 51 3.23 7.20 9.24
CA ALA A 51 2.78 6.06 10.04
C ALA A 51 3.97 5.41 10.74
N VAL A 52 5.09 5.32 10.03
CA VAL A 52 6.30 4.73 10.59
C VAL A 52 6.92 5.67 11.63
N SER A 53 6.65 6.96 11.51
CA SER A 53 7.18 7.96 12.42
C SER A 53 6.70 7.75 13.85
N THR A 54 5.62 6.99 14.01
CA THR A 54 5.06 6.73 15.32
C THR A 54 5.21 5.25 15.70
N ASN A 55 5.90 4.50 14.84
CA ASN A 55 6.10 3.08 15.08
C ASN A 55 7.38 2.84 15.87
N THR A 56 7.26 2.92 17.18
CA THR A 56 8.38 2.72 18.07
C THR A 56 8.11 1.57 19.02
N GLY A 57 8.57 0.38 18.65
CA GLY A 57 8.32 -0.79 19.46
C GLY A 57 8.88 -2.05 18.83
N ALA A 58 8.59 -3.19 19.43
CA ALA A 58 9.13 -4.47 18.96
C ALA A 58 8.35 -5.00 17.75
N THR A 59 7.03 -5.03 17.88
CA THR A 59 6.17 -5.54 16.82
C THR A 59 6.01 -4.50 15.70
N ALA A 60 6.56 -3.32 15.94
CA ALA A 60 6.49 -2.24 14.98
C ALA A 60 7.23 -2.59 13.69
N SER A 61 8.22 -3.47 13.80
CA SER A 61 9.03 -3.89 12.65
C SER A 61 8.14 -4.48 11.54
N ALA A 62 7.30 -5.44 11.90
CA ALA A 62 6.43 -6.10 10.93
C ALA A 62 5.33 -5.14 10.47
N ARG A 63 4.89 -4.28 11.38
CA ARG A 63 3.86 -3.30 11.05
C ARG A 63 4.40 -2.20 10.15
N ALA A 64 5.72 -2.06 10.15
CA ALA A 64 6.39 -1.11 9.27
C ALA A 64 6.65 -1.72 7.91
N GLN A 65 6.77 -3.05 7.87
CA GLN A 65 6.93 -3.78 6.62
C GLN A 65 5.74 -3.52 5.71
N ALA A 66 4.56 -3.52 6.31
CA ALA A 66 3.32 -3.22 5.60
C ALA A 66 3.36 -1.82 4.99
N LEU A 67 4.11 -0.93 5.63
CA LEU A 67 4.24 0.44 5.14
C LEU A 67 5.15 0.50 3.92
N SER A 68 6.28 -0.19 3.99
CA SER A 68 7.20 -0.24 2.86
C SER A 68 6.52 -0.89 1.66
N THR A 69 5.68 -1.87 1.92
CA THR A 69 4.91 -2.52 0.87
C THR A 69 3.88 -1.55 0.29
N ALA A 70 3.18 -0.83 1.16
CA ALA A 70 2.18 0.14 0.73
C ALA A 70 2.80 1.26 -0.07
N LEU A 71 3.97 1.72 0.36
CA LEU A 71 4.71 2.78 -0.32
C LEU A 71 4.98 2.38 -1.77
N ALA A 72 5.55 1.20 -1.96
CA ALA A 72 5.84 0.70 -3.30
C ALA A 72 4.57 0.53 -4.12
N SER A 73 3.55 -0.05 -3.49
CA SER A 73 2.28 -0.34 -4.16
C SER A 73 1.62 0.94 -4.67
N SER A 74 1.50 1.93 -3.80
CA SER A 74 0.81 3.18 -4.13
C SER A 74 1.51 3.92 -5.26
N LEU A 75 2.84 3.99 -5.16
CA LEU A 75 3.64 4.68 -6.17
C LEU A 75 3.50 4.00 -7.53
N THR A 76 3.44 2.67 -7.53
CA THR A 76 3.32 1.93 -8.77
C THR A 76 1.94 2.08 -9.38
N ASP A 77 0.90 1.89 -8.56
CA ASP A 77 -0.49 1.98 -9.04
C ASP A 77 -0.76 3.33 -9.70
N LEU A 78 -0.36 4.40 -9.01
CA LEU A 78 -0.57 5.76 -9.49
C LEU A 78 0.14 5.96 -10.83
N LEU A 79 1.41 5.56 -10.90
CA LEU A 79 2.20 5.74 -12.12
C LEU A 79 1.57 5.03 -13.31
N ILE A 80 1.16 3.78 -13.11
CA ILE A 80 0.57 2.99 -14.19
C ILE A 80 -0.65 3.67 -14.78
N ALA A 81 -1.53 4.15 -13.91
CA ALA A 81 -2.80 4.73 -14.34
C ALA A 81 -2.63 6.13 -14.91
N GLU A 82 -1.73 6.92 -14.35
CA GLU A 82 -1.57 8.31 -14.76
C GLU A 82 -0.64 8.44 -15.96
N SER A 83 0.13 7.42 -16.24
CA SER A 83 1.15 7.51 -17.27
C SER A 83 0.85 6.59 -18.45
N ALA A 84 -0.39 6.68 -18.93
CA ALA A 84 -0.80 6.03 -20.19
C ALA A 84 -0.55 4.53 -20.20
N GLU A 85 -0.38 3.95 -19.02
CA GLU A 85 -0.23 2.50 -18.85
C GLU A 85 1.15 1.99 -19.28
N SER A 86 1.74 2.62 -20.29
CA SER A 86 3.01 2.18 -20.81
C SER A 86 4.11 3.20 -20.53
N ASN A 87 3.72 4.44 -20.32
CA ASN A 87 4.69 5.54 -20.17
C ASN A 87 5.26 5.55 -18.75
N TYR A 88 4.60 4.83 -17.86
CA TYR A 88 5.00 4.77 -16.46
C TYR A 88 6.36 4.09 -16.33
N ASN A 89 6.70 3.23 -17.29
CA ASN A 89 7.94 2.47 -17.25
C ASN A 89 9.15 3.40 -17.25
N ASN A 90 9.00 4.54 -17.90
CA ASN A 90 10.08 5.51 -18.02
C ASN A 90 10.36 6.16 -16.67
N GLN A 91 9.30 6.37 -15.91
CA GLN A 91 9.39 7.03 -14.62
C GLN A 91 9.69 6.01 -13.51
N LEU A 92 9.18 4.79 -13.70
CA LEU A 92 9.40 3.71 -12.75
C LEU A 92 10.89 3.45 -12.57
N SER A 93 11.60 3.40 -13.69
CA SER A 93 13.04 3.12 -13.68
C SER A 93 13.83 4.25 -13.03
N GLU A 94 13.21 5.42 -12.91
CA GLU A 94 13.84 6.54 -12.23
C GLU A 94 13.56 6.45 -10.73
N LEU A 95 12.33 6.06 -10.41
CA LEU A 95 11.90 5.94 -9.02
C LEU A 95 12.79 4.98 -8.24
N THR A 96 13.07 3.84 -8.84
CA THR A 96 13.93 2.83 -8.22
C THR A 96 15.30 3.40 -7.84
N GLY A 97 15.83 4.25 -8.71
CA GLY A 97 17.11 4.89 -8.46
C GLY A 97 17.05 5.90 -7.33
N ILE A 98 15.95 6.65 -7.28
CA ILE A 98 15.73 7.62 -6.23
C ILE A 98 15.61 6.94 -4.88
N LEU A 99 14.82 5.87 -4.84
CA LEU A 99 14.60 5.12 -3.62
C LEU A 99 15.89 4.55 -3.06
N SER A 100 16.64 3.84 -3.90
CA SER A 100 17.90 3.22 -3.48
C SER A 100 18.89 4.28 -3.01
N ASN A 101 18.91 5.41 -3.70
CA ASN A 101 19.75 6.55 -3.33
C ASN A 101 19.43 7.00 -1.90
N CYS A 102 18.15 7.21 -1.64
CA CYS A 102 17.69 7.71 -0.35
C CYS A 102 17.88 6.68 0.76
N PHE A 103 17.63 5.40 0.47
CA PHE A 103 17.91 4.34 1.42
C PHE A 103 19.37 4.37 1.86
N ILE A 104 20.27 4.55 0.90
CA ILE A 104 21.70 4.63 1.19
C ILE A 104 22.00 5.80 2.12
N GLN A 105 21.41 6.95 1.84
CA GLN A 105 21.71 8.15 2.60
C GLN A 105 20.99 8.17 3.95
N THR A 106 20.11 7.22 4.19
CA THR A 106 19.43 7.14 5.48
C THR A 106 20.01 6.04 6.34
N THR A 107 19.86 4.80 5.90
CA THR A 107 20.25 3.66 6.72
C THR A 107 21.69 3.25 6.45
N GLY A 108 22.32 3.90 5.48
CA GLY A 108 23.70 3.62 5.16
C GLY A 108 23.90 2.24 4.57
N SER A 109 22.87 1.75 3.87
CA SER A 109 22.92 0.42 3.28
C SER A 109 21.85 0.29 2.21
N ASP A 110 21.94 -0.79 1.46
CA ASP A 110 21.01 -1.06 0.39
C ASP A 110 19.95 -2.06 0.82
N ASN A 111 18.74 -1.87 0.33
CA ASN A 111 17.62 -2.73 0.69
C ASN A 111 16.96 -3.32 -0.56
N PRO A 112 17.49 -4.46 -1.04
CA PRO A 112 16.97 -5.13 -2.24
C PRO A 112 15.52 -5.61 -2.04
N ALA A 113 15.19 -5.97 -0.81
CA ALA A 113 13.87 -6.50 -0.48
C ALA A 113 12.78 -5.47 -0.79
N PHE A 114 13.09 -4.19 -0.65
CA PHE A 114 12.12 -3.14 -0.92
C PHE A 114 11.83 -3.07 -2.42
N VAL A 115 12.90 -3.04 -3.22
CA VAL A 115 12.76 -2.96 -4.67
C VAL A 115 12.16 -4.24 -5.23
N SER A 116 12.49 -5.36 -4.60
CA SER A 116 11.94 -6.65 -4.98
C SER A 116 10.42 -6.65 -4.84
N ARG A 117 9.93 -5.99 -3.77
CA ARG A 117 8.51 -5.82 -3.58
C ARG A 117 7.90 -5.04 -4.74
N ILE A 118 8.60 -4.01 -5.17
CA ILE A 118 8.14 -3.17 -6.28
C ILE A 118 7.98 -4.00 -7.55
N GLN A 119 9.04 -4.72 -7.92
CA GLN A 119 9.07 -5.50 -9.15
C GLN A 119 7.92 -6.50 -9.22
N SER A 120 7.64 -7.15 -8.10
CA SER A 120 6.59 -8.15 -8.04
C SER A 120 5.21 -7.50 -8.10
N LEU A 121 5.08 -6.33 -7.47
CA LEU A 121 3.82 -5.59 -7.50
C LEU A 121 3.52 -5.07 -8.90
N ILE A 122 4.53 -4.54 -9.58
CA ILE A 122 4.39 -4.01 -10.93
C ILE A 122 3.67 -5.01 -11.84
N SER A 123 4.04 -6.27 -11.69
CA SER A 123 3.47 -7.33 -12.49
C SER A 123 1.96 -7.40 -12.28
N VAL A 124 1.55 -7.72 -11.06
CA VAL A 124 0.14 -7.94 -10.75
C VAL A 124 -0.68 -6.65 -10.84
N LEU A 125 -0.01 -5.52 -10.66
CA LEU A 125 -0.67 -4.21 -10.76
C LEU A 125 -1.08 -3.92 -12.19
N SER A 126 -0.17 -4.17 -13.14
CA SER A 126 -0.40 -3.82 -14.52
C SER A 126 -1.21 -4.90 -15.24
N GLN A 127 -1.34 -6.07 -14.63
CA GLN A 127 -2.08 -7.18 -15.22
C GLN A 127 -3.56 -7.09 -14.91
N ASN A 128 -4.02 -5.91 -14.53
CA ASN A 128 -5.43 -5.67 -14.24
C ASN A 128 -6.21 -5.58 -15.54
N THR A 129 -6.85 -6.67 -15.92
CA THR A 129 -7.61 -6.72 -17.16
C THR A 129 -9.09 -6.97 -16.88
N ASP A 130 -9.93 -6.12 -17.44
CA ASP A 130 -11.39 -6.24 -17.26
C ASP A 130 -11.92 -7.46 -18.01
N VAL A 131 -11.16 -7.94 -18.97
CA VAL A 131 -11.57 -9.08 -19.77
C VAL A 131 -11.36 -10.41 -19.02
N ASN A 132 -10.51 -10.39 -18.00
CA ASN A 132 -10.18 -11.61 -17.28
C ASN A 132 -10.66 -11.54 -15.83
N ILE A 133 -11.77 -10.85 -15.61
CA ILE A 133 -12.33 -10.69 -14.27
C ILE A 133 -13.19 -11.88 -13.87
N ILE A 134 -12.89 -13.05 -14.41
CA ILE A 134 -13.66 -14.24 -14.11
C ILE A 134 -13.21 -14.83 -12.77
N SER A 135 -14.16 -15.23 -11.94
CA SER A 135 -13.87 -15.66 -10.59
C SER A 135 -13.60 -17.15 -10.52
N THR A 136 -12.80 -17.61 -11.46
CA THR A 136 -12.38 -19.00 -11.51
C THR A 136 -11.11 -19.21 -10.71
N ALA A 137 -10.35 -18.14 -10.51
CA ALA A 137 -9.11 -18.20 -9.77
C ALA A 137 -9.35 -18.06 -8.27
N GLY B 1 -16.51 -13.15 -12.73
CA GLY B 1 -17.39 -12.92 -11.59
C GLY B 1 -16.96 -11.72 -10.76
N ALA B 2 -15.73 -11.28 -10.96
CA ALA B 2 -15.22 -10.13 -10.23
C ALA B 2 -15.50 -8.84 -11.00
N VAL B 3 -16.72 -8.35 -10.82
CA VAL B 3 -17.17 -7.15 -11.54
C VAL B 3 -16.28 -5.95 -11.23
N THR B 4 -15.68 -5.40 -12.28
CA THR B 4 -14.84 -4.22 -12.16
C THR B 4 -15.68 -2.99 -11.87
N ALA B 5 -15.42 -2.33 -10.75
CA ALA B 5 -16.13 -1.12 -10.38
C ALA B 5 -15.23 -0.18 -9.61
N VAL B 6 -15.42 1.11 -9.83
CA VAL B 6 -14.67 2.13 -9.10
C VAL B 6 -15.29 2.37 -7.73
N PRO B 7 -14.52 2.18 -6.66
CA PRO B 7 -14.97 2.42 -5.30
C PRO B 7 -15.34 3.89 -5.08
N SER B 8 -16.64 4.17 -5.08
CA SER B 8 -17.14 5.52 -4.89
C SER B 8 -16.75 6.06 -3.51
N VAL B 9 -16.52 5.14 -2.58
CA VAL B 9 -16.12 5.49 -1.23
C VAL B 9 -14.80 6.26 -1.23
N PHE B 10 -13.92 5.89 -2.15
CA PHE B 10 -12.59 6.49 -2.23
C PHE B 10 -12.62 7.80 -3.02
N SER B 11 -13.81 8.20 -3.47
CA SER B 11 -13.94 9.45 -4.18
C SER B 11 -14.88 10.39 -3.41
N SER B 12 -15.18 10.03 -2.18
CA SER B 12 -16.03 10.86 -1.33
C SER B 12 -15.64 10.72 0.13
N PRO B 13 -15.05 11.78 0.71
CA PRO B 13 -14.55 11.79 2.10
C PRO B 13 -15.60 11.34 3.12
N ASN B 14 -16.86 11.70 2.89
CA ASN B 14 -17.93 11.32 3.81
C ASN B 14 -18.09 9.80 3.87
N LEU B 15 -17.89 9.16 2.72
CA LEU B 15 -18.00 7.71 2.64
C LEU B 15 -16.74 7.06 3.20
N ALA B 16 -15.60 7.69 2.94
CA ALA B 16 -14.32 7.23 3.47
C ALA B 16 -14.37 7.18 4.99
N SER B 17 -14.86 8.27 5.59
CA SER B 17 -15.01 8.34 7.03
C SER B 17 -16.00 7.28 7.52
N GLY B 18 -17.11 7.15 6.82
CA GLY B 18 -18.09 6.14 7.18
C GLY B 18 -17.55 4.73 7.04
N PHE B 19 -16.73 4.52 6.02
CA PHE B 19 -16.11 3.22 5.77
C PHE B 19 -15.18 2.85 6.93
N LEU B 20 -14.40 3.83 7.39
CA LEU B 20 -13.48 3.62 8.50
C LEU B 20 -14.25 3.29 9.78
N GLN B 21 -15.40 3.93 9.95
CA GLN B 21 -16.24 3.71 11.12
C GLN B 21 -16.97 2.36 11.02
N CYS B 22 -16.89 1.73 9.85
CA CYS B 22 -17.47 0.42 9.66
C CYS B 22 -16.39 -0.63 9.81
N LEU B 23 -15.24 -0.35 9.22
CA LEU B 23 -14.12 -1.26 9.20
C LEU B 23 -13.68 -1.60 10.62
N THR B 24 -13.54 -0.57 11.44
CA THR B 24 -13.12 -0.75 12.83
C THR B 24 -14.16 -1.55 13.62
N PHE B 25 -15.43 -1.36 13.26
CA PHE B 25 -16.52 -2.09 13.89
C PHE B 25 -16.51 -3.55 13.45
N GLY B 26 -16.31 -3.75 12.14
CA GLY B 26 -16.26 -5.10 11.59
C GLY B 26 -15.12 -5.92 12.16
N ILE B 27 -13.95 -5.31 12.28
CA ILE B 27 -12.79 -5.98 12.85
C ILE B 27 -13.04 -6.30 14.33
N GLY B 28 -13.76 -5.38 14.99
CA GLY B 28 -14.11 -5.57 16.39
C GLY B 28 -15.13 -6.67 16.59
N ASN B 29 -15.93 -6.94 15.57
CA ASN B 29 -16.95 -7.97 15.63
C ASN B 29 -16.39 -9.34 15.28
N SER B 30 -15.39 -9.35 14.41
CA SER B 30 -14.82 -10.60 13.92
C SER B 30 -14.09 -11.37 15.03
N PRO B 31 -14.48 -12.63 15.24
CA PRO B 31 -13.96 -13.46 16.34
C PRO B 31 -12.53 -13.95 16.08
N ALA B 32 -12.01 -13.66 14.89
CA ALA B 32 -10.66 -14.09 14.53
C ALA B 32 -9.66 -12.96 14.73
N PHE B 33 -10.12 -11.83 15.27
CA PHE B 33 -9.27 -10.68 15.49
C PHE B 33 -9.31 -10.22 16.94
N PRO B 34 -8.26 -10.53 17.70
CA PRO B 34 -8.10 -10.01 19.06
C PRO B 34 -7.52 -8.60 19.05
N THR B 35 -7.47 -7.96 20.20
CA THR B 35 -7.02 -6.57 20.29
C THR B 35 -5.59 -6.40 19.76
N GLN B 36 -4.74 -7.40 20.00
CA GLN B 36 -3.34 -7.35 19.58
C GLN B 36 -3.24 -7.33 18.06
N GLU B 37 -4.20 -7.99 17.41
CA GLU B 37 -4.21 -8.10 15.96
C GLU B 37 -5.34 -7.25 15.40
N GLN B 38 -5.68 -6.21 16.14
CA GLN B 38 -6.77 -5.33 15.78
C GLN B 38 -6.30 -3.88 15.79
N GLN B 39 -5.64 -3.49 16.87
CA GLN B 39 -5.20 -2.10 17.07
C GLN B 39 -4.30 -1.64 15.93
N ASP B 40 -3.56 -2.56 15.34
CA ASP B 40 -2.69 -2.23 14.22
C ASP B 40 -3.47 -2.11 12.92
N LEU B 41 -4.37 -3.05 12.68
CA LEU B 41 -5.25 -3.00 11.53
C LEU B 41 -6.05 -1.70 11.54
N ASP B 42 -6.66 -1.41 12.68
CA ASP B 42 -7.41 -0.16 12.89
C ASP B 42 -6.54 1.05 12.59
N ALA B 43 -5.30 1.00 13.05
CA ALA B 43 -4.38 2.11 12.91
C ALA B 43 -3.98 2.33 11.46
N ILE B 44 -3.58 1.26 10.78
CA ILE B 44 -3.13 1.36 9.39
C ILE B 44 -4.30 1.74 8.48
N ALA B 45 -5.47 1.20 8.76
CA ALA B 45 -6.66 1.50 7.97
C ALA B 45 -7.02 2.97 8.04
N GLN B 46 -6.93 3.55 9.23
CA GLN B 46 -7.30 4.94 9.44
C GLN B 46 -6.32 5.86 8.71
N VAL B 47 -5.17 5.32 8.33
CA VAL B 47 -4.17 6.07 7.57
C VAL B 47 -4.61 6.18 6.11
N ILE B 48 -5.04 5.07 5.54
CA ILE B 48 -5.53 5.06 4.16
C ILE B 48 -6.76 5.93 4.03
N LEU B 49 -7.69 5.76 4.96
CA LEU B 49 -8.93 6.54 4.97
C LEU B 49 -8.67 7.97 5.42
N ASN B 50 -7.47 8.24 5.90
CA ASN B 50 -7.12 9.59 6.33
C ASN B 50 -6.83 10.45 5.11
N ALA B 51 -6.10 9.88 4.16
CA ALA B 51 -5.66 10.61 2.97
C ALA B 51 -6.84 10.89 2.03
N VAL B 52 -7.69 9.89 1.86
CA VAL B 52 -8.83 10.01 0.96
C VAL B 52 -9.83 11.06 1.44
N SER B 53 -9.83 11.32 2.74
CA SER B 53 -10.78 12.26 3.34
C SER B 53 -10.41 13.71 3.04
N THR B 54 -9.31 13.93 2.32
CA THR B 54 -8.94 15.27 1.92
C THR B 54 -8.75 15.35 0.40
N ASN B 55 -9.14 14.30 -0.30
CA ASN B 55 -9.02 14.26 -1.76
C ASN B 55 -10.13 15.07 -2.42
N THR B 56 -9.75 16.14 -3.09
CA THR B 56 -10.69 16.97 -3.81
C THR B 56 -10.28 17.11 -5.27
N GLY B 57 -11.24 17.01 -6.18
CA GLY B 57 -10.96 17.12 -7.60
C GLY B 57 -11.47 15.92 -8.37
N ALA B 58 -11.23 15.91 -9.68
CA ALA B 58 -11.66 14.82 -10.54
C ALA B 58 -10.59 13.75 -10.65
N THR B 59 -9.34 14.16 -10.39
CA THR B 59 -8.22 13.24 -10.41
C THR B 59 -8.07 12.54 -9.07
N ALA B 60 -8.98 12.85 -8.15
CA ALA B 60 -8.99 12.25 -6.82
C ALA B 60 -9.20 10.75 -6.93
N SER B 61 -10.08 10.35 -7.83
CA SER B 61 -10.34 8.93 -8.09
C SER B 61 -9.06 8.17 -8.38
N ALA B 62 -8.21 8.74 -9.24
CA ALA B 62 -6.96 8.10 -9.63
C ALA B 62 -6.01 8.02 -8.44
N ARG B 63 -5.92 9.11 -7.67
CA ARG B 63 -5.05 9.15 -6.50
C ARG B 63 -5.52 8.16 -5.44
N ALA B 64 -6.84 8.03 -5.31
CA ALA B 64 -7.43 7.16 -4.32
C ALA B 64 -7.43 5.70 -4.78
N GLN B 65 -7.27 5.49 -6.08
CA GLN B 65 -7.14 4.15 -6.62
C GLN B 65 -5.89 3.49 -6.04
N ALA B 66 -4.81 4.26 -5.98
CA ALA B 66 -3.57 3.82 -5.37
C ALA B 66 -3.80 3.48 -3.90
N LEU B 67 -4.62 4.28 -3.23
CA LEU B 67 -4.95 4.04 -1.84
C LEU B 67 -5.78 2.76 -1.69
N SER B 68 -6.62 2.49 -2.68
CA SER B 68 -7.43 1.28 -2.69
C SER B 68 -6.53 0.05 -2.76
N THR B 69 -5.58 0.07 -3.67
CA THR B 69 -4.62 -1.01 -3.80
C THR B 69 -3.71 -1.08 -2.57
N ALA B 70 -3.33 0.08 -2.04
CA ALA B 70 -2.52 0.15 -0.84
C ALA B 70 -3.23 -0.47 0.35
N LEU B 71 -4.51 -0.16 0.50
CA LEU B 71 -5.32 -0.72 1.57
C LEU B 71 -5.35 -2.24 1.47
N ALA B 72 -5.51 -2.73 0.24
CA ALA B 72 -5.58 -4.16 -0.01
C ALA B 72 -4.23 -4.84 0.16
N SER B 73 -3.16 -4.06 -0.01
CA SER B 73 -1.81 -4.60 0.06
C SER B 73 -1.26 -4.53 1.49
N SER B 74 -1.23 -3.32 2.05
CA SER B 74 -0.59 -3.06 3.33
C SER B 74 -1.20 -3.91 4.45
N LEU B 75 -2.53 -3.90 4.53
CA LEU B 75 -3.22 -4.63 5.59
C LEU B 75 -3.00 -6.13 5.47
N THR B 76 -2.92 -6.61 4.24
CA THR B 76 -2.72 -8.03 3.99
C THR B 76 -1.29 -8.45 4.31
N ASP B 77 -0.32 -7.63 3.91
CA ASP B 77 1.10 -7.92 4.17
C ASP B 77 1.36 -8.05 5.66
N LEU B 78 0.85 -7.10 6.43
CA LEU B 78 0.96 -7.15 7.89
C LEU B 78 0.27 -8.41 8.43
N LEU B 79 -0.92 -8.67 7.91
CA LEU B 79 -1.72 -9.80 8.37
C LEU B 79 -0.98 -11.12 8.11
N ILE B 80 -0.41 -11.26 6.93
CA ILE B 80 0.29 -12.49 6.56
C ILE B 80 1.43 -12.80 7.52
N ALA B 81 2.30 -11.82 7.72
CA ALA B 81 3.55 -12.03 8.45
C ALA B 81 3.33 -12.36 9.92
N GLU B 82 2.48 -11.59 10.57
CA GLU B 82 2.28 -11.76 12.01
C GLU B 82 1.41 -12.96 12.33
N SER B 83 0.60 -13.41 11.39
CA SER B 83 -0.41 -14.42 11.69
C SER B 83 0.10 -15.83 11.43
N ALA B 84 1.12 -16.20 12.20
CA ALA B 84 1.66 -17.57 12.23
C ALA B 84 2.16 -18.02 10.86
N GLU B 85 2.32 -17.07 9.95
CA GLU B 85 2.90 -17.30 8.62
C GLU B 85 1.96 -18.07 7.69
N SER B 86 1.21 -19.02 8.23
CA SER B 86 0.29 -19.81 7.43
C SER B 86 -1.15 -19.57 7.87
N ASN B 87 -1.33 -19.11 9.11
CA ASN B 87 -2.67 -19.01 9.69
C ASN B 87 -3.35 -17.72 9.23
N TYR B 88 -2.60 -16.89 8.54
CA TYR B 88 -3.09 -15.60 8.08
C TYR B 88 -4.32 -15.77 7.20
N ASN B 89 -4.40 -16.89 6.49
CA ASN B 89 -5.50 -17.14 5.57
C ASN B 89 -6.83 -17.17 6.31
N ASN B 90 -6.81 -17.67 7.54
CA ASN B 90 -8.01 -17.74 8.37
C ASN B 90 -8.56 -16.35 8.64
N GLN B 91 -7.66 -15.43 8.97
CA GLN B 91 -8.03 -14.07 9.28
C GLN B 91 -8.23 -13.26 8.00
N LEU B 92 -7.56 -13.69 6.94
CA LEU B 92 -7.66 -13.04 5.63
C LEU B 92 -9.09 -13.15 5.11
N SER B 93 -9.71 -14.30 5.34
CA SER B 93 -11.10 -14.53 4.91
C SER B 93 -12.05 -13.60 5.66
N GLU B 94 -11.74 -13.32 6.93
CA GLU B 94 -12.54 -12.40 7.72
C GLU B 94 -12.36 -10.98 7.19
N LEU B 95 -11.10 -10.57 7.06
CA LEU B 95 -10.74 -9.22 6.63
C LEU B 95 -11.40 -8.85 5.31
N THR B 96 -11.25 -9.73 4.31
CA THR B 96 -11.83 -9.49 2.99
C THR B 96 -13.35 -9.37 3.07
N GLY B 97 -13.96 -10.14 3.96
CA GLY B 97 -15.40 -10.06 4.15
C GLY B 97 -15.80 -8.72 4.75
N ILE B 98 -15.08 -8.30 5.78
CA ILE B 98 -15.33 -7.02 6.43
C ILE B 98 -15.25 -5.87 5.42
N LEU B 99 -14.18 -5.87 4.62
CA LEU B 99 -13.98 -4.84 3.60
C LEU B 99 -15.19 -4.77 2.66
N SER B 100 -15.55 -5.91 2.09
CA SER B 100 -16.65 -5.99 1.14
C SER B 100 -17.97 -5.56 1.80
N ASN B 101 -18.16 -5.96 3.06
CA ASN B 101 -19.37 -5.60 3.80
C ASN B 101 -19.45 -4.09 4.00
N CYS B 102 -18.32 -3.48 4.32
CA CYS B 102 -18.29 -2.04 4.56
C CYS B 102 -18.55 -1.25 3.28
N PHE B 103 -18.16 -1.81 2.14
CA PHE B 103 -18.53 -1.21 0.85
C PHE B 103 -20.04 -1.19 0.71
N ILE B 104 -20.68 -2.29 1.08
CA ILE B 104 -22.13 -2.37 1.11
C ILE B 104 -22.73 -1.32 2.03
N GLN B 105 -22.09 -1.11 3.16
CA GLN B 105 -22.61 -0.19 4.16
C GLN B 105 -22.50 1.26 3.70
N THR B 106 -21.50 1.54 2.88
CA THR B 106 -21.23 2.91 2.46
C THR B 106 -21.84 3.23 1.10
N THR B 107 -21.45 2.48 0.06
CA THR B 107 -21.89 2.80 -1.29
C THR B 107 -23.05 1.88 -1.72
N GLY B 108 -23.52 1.06 -0.78
CA GLY B 108 -24.70 0.24 -1.02
C GLY B 108 -24.51 -0.83 -2.08
N SER B 109 -23.26 -1.13 -2.41
CA SER B 109 -22.97 -2.09 -3.46
C SER B 109 -21.66 -2.81 -3.19
N ASP B 110 -21.53 -4.01 -3.75
CA ASP B 110 -20.34 -4.82 -3.56
C ASP B 110 -19.34 -4.57 -4.67
N ASN B 111 -18.09 -4.94 -4.43
CA ASN B 111 -17.03 -4.75 -5.41
C ASN B 111 -16.10 -5.96 -5.42
N PRO B 112 -16.39 -6.94 -6.28
CA PRO B 112 -15.59 -8.17 -6.37
C PRO B 112 -14.21 -7.92 -7.00
N ALA B 113 -14.07 -6.81 -7.69
CA ALA B 113 -12.79 -6.46 -8.30
C ALA B 113 -11.77 -6.08 -7.22
N PHE B 114 -12.27 -5.51 -6.12
CA PHE B 114 -11.42 -5.09 -5.02
C PHE B 114 -10.71 -6.29 -4.40
N VAL B 115 -11.47 -7.36 -4.16
CA VAL B 115 -10.89 -8.56 -3.55
C VAL B 115 -10.00 -9.29 -4.56
N SER B 116 -10.30 -9.14 -5.85
CA SER B 116 -9.49 -9.72 -6.90
C SER B 116 -8.07 -9.16 -6.84
N ARG B 117 -7.96 -7.86 -6.60
CA ARG B 117 -6.66 -7.22 -6.40
C ARG B 117 -5.95 -7.87 -5.22
N ILE B 118 -6.68 -8.04 -4.12
CA ILE B 118 -6.14 -8.64 -2.90
C ILE B 118 -5.58 -10.02 -3.18
N GLN B 119 -6.37 -10.86 -3.83
CA GLN B 119 -5.97 -12.24 -4.13
C GLN B 119 -4.65 -12.27 -4.89
N SER B 120 -4.48 -11.33 -5.80
CA SER B 120 -3.31 -11.27 -6.66
C SER B 120 -2.11 -10.70 -5.91
N LEU B 121 -2.37 -10.03 -4.80
CA LEU B 121 -1.30 -9.42 -4.01
C LEU B 121 -0.75 -10.40 -2.98
N ILE B 122 -1.60 -11.31 -2.51
CA ILE B 122 -1.25 -12.24 -1.43
C ILE B 122 0.03 -13.00 -1.77
N SER B 123 0.07 -13.50 -2.99
CA SER B 123 1.19 -14.25 -3.49
C SER B 123 2.51 -13.49 -3.35
N VAL B 124 2.54 -12.25 -3.84
CA VAL B 124 3.77 -11.47 -3.87
C VAL B 124 4.09 -10.88 -2.50
N LEU B 125 3.07 -10.73 -1.67
CA LEU B 125 3.25 -10.21 -0.31
C LEU B 125 4.01 -11.21 0.55
N SER B 126 3.68 -12.48 0.40
CA SER B 126 4.32 -13.53 1.18
C SER B 126 5.68 -13.92 0.60
N GLN B 127 6.10 -13.23 -0.46
CA GLN B 127 7.35 -13.56 -1.12
C GLN B 127 8.55 -12.93 -0.43
N ASN B 128 8.83 -13.39 0.78
CA ASN B 128 10.09 -13.08 1.43
C ASN B 128 11.13 -14.05 0.91
N THR B 129 11.69 -13.73 -0.23
CA THR B 129 12.50 -14.67 -0.98
C THR B 129 13.91 -14.15 -1.20
N ASP B 130 14.82 -15.06 -1.51
CA ASP B 130 16.22 -14.73 -1.73
C ASP B 130 16.57 -14.78 -3.22
N VAL B 131 15.67 -15.38 -4.01
CA VAL B 131 15.93 -15.56 -5.44
C VAL B 131 15.68 -14.26 -6.21
N ASN B 132 15.17 -13.26 -5.51
CA ASN B 132 14.84 -11.99 -6.14
C ASN B 132 15.59 -10.84 -5.47
N ILE B 133 16.85 -11.10 -5.14
CA ILE B 133 17.71 -10.07 -4.55
C ILE B 133 18.24 -9.12 -5.63
N ILE B 134 17.82 -9.37 -6.86
CA ILE B 134 18.23 -8.54 -7.99
C ILE B 134 17.36 -7.29 -8.04
N SER B 135 17.87 -6.18 -7.54
CA SER B 135 17.10 -4.96 -7.46
C SER B 135 17.78 -3.86 -8.25
N THR B 136 17.97 -4.11 -9.52
CA THR B 136 18.53 -3.12 -10.43
C THR B 136 17.47 -2.10 -10.85
N ALA B 137 16.39 -2.60 -11.42
CA ALA B 137 15.26 -1.78 -11.80
C ALA B 137 14.01 -2.62 -11.92
N GLY A 1 13.89 -19.00 0.33
CA GLY A 1 14.19 -18.42 1.66
C GLY A 1 13.44 -17.13 1.89
N ALA A 2 14.13 -16.13 2.39
CA ALA A 2 13.52 -14.84 2.67
C ALA A 2 14.56 -13.72 2.57
N VAL A 3 14.12 -12.50 2.82
CA VAL A 3 15.02 -11.37 2.79
C VAL A 3 15.81 -11.28 4.09
N THR A 4 17.11 -11.49 4.00
CA THR A 4 17.96 -11.51 5.19
C THR A 4 18.41 -10.10 5.57
N ALA A 5 17.68 -9.11 5.10
CA ALA A 5 17.99 -7.72 5.38
C ALA A 5 16.73 -6.96 5.79
N VAL A 6 16.73 -6.42 7.01
CA VAL A 6 15.59 -5.67 7.51
C VAL A 6 15.75 -4.19 7.19
N PRO A 7 14.70 -3.55 6.65
CA PRO A 7 14.73 -2.13 6.34
C PRO A 7 14.74 -1.27 7.59
N SER A 8 15.91 -0.70 7.89
CA SER A 8 16.09 0.11 9.08
C SER A 8 15.16 1.32 9.07
N VAL A 9 14.91 1.86 7.87
CA VAL A 9 14.07 3.04 7.70
C VAL A 9 12.64 2.78 8.19
N PHE A 10 12.15 1.57 7.95
CA PHE A 10 10.79 1.23 8.29
C PHE A 10 10.69 0.73 9.72
N SER A 11 11.83 0.61 10.38
CA SER A 11 11.86 0.17 11.76
C SER A 11 12.36 1.30 12.67
N SER A 12 12.53 2.49 12.10
CA SER A 12 13.02 3.63 12.85
C SER A 12 12.36 4.92 12.38
N PRO A 13 11.51 5.51 13.24
CA PRO A 13 10.75 6.73 12.94
C PRO A 13 11.64 7.92 12.55
N ASN A 14 12.84 7.97 13.10
CA ASN A 14 13.79 9.04 12.81
C ASN A 14 14.25 8.95 11.36
N LEU A 15 14.49 7.74 10.88
CA LEU A 15 14.92 7.53 9.51
C LEU A 15 13.77 7.78 8.55
N ALA A 16 12.56 7.47 9.01
CA ALA A 16 11.35 7.71 8.23
C ALA A 16 11.23 9.19 7.88
N SER A 17 11.47 10.04 8.87
CA SER A 17 11.41 11.49 8.68
C SER A 17 12.44 11.94 7.64
N GLY A 18 13.66 11.44 7.77
CA GLY A 18 14.74 11.80 6.86
C GLY A 18 14.46 11.36 5.43
N PHE A 19 13.92 10.16 5.27
CA PHE A 19 13.62 9.62 3.95
C PHE A 19 12.55 10.45 3.25
N LEU A 20 11.54 10.86 4.01
CA LEU A 20 10.46 11.67 3.45
C LEU A 20 11.00 13.04 3.02
N GLN A 21 11.95 13.56 3.79
CA GLN A 21 12.56 14.85 3.47
C GLN A 21 13.54 14.72 2.31
N CYS A 22 13.85 13.49 1.92
CA CYS A 22 14.76 13.27 0.82
C CYS A 22 14.00 13.08 -0.47
N LEU A 23 12.90 12.34 -0.39
CA LEU A 23 12.13 11.96 -1.56
C LEU A 23 11.57 13.19 -2.27
N THR A 24 11.00 14.09 -1.49
CA THR A 24 10.42 15.32 -2.02
C THR A 24 11.45 16.17 -2.77
N PHE A 25 12.70 16.02 -2.38
CA PHE A 25 13.79 16.74 -3.02
C PHE A 25 14.34 15.92 -4.19
N GLY A 26 14.50 14.62 -3.97
CA GLY A 26 15.06 13.74 -4.97
C GLY A 26 14.22 13.63 -6.22
N ILE A 27 12.91 13.45 -6.05
CA ILE A 27 12.02 13.33 -7.20
C ILE A 27 12.01 14.61 -8.02
N GLY A 28 12.12 15.74 -7.32
CA GLY A 28 12.16 17.03 -7.99
C GLY A 28 13.48 17.29 -8.71
N ASN A 29 14.42 16.35 -8.60
CA ASN A 29 15.72 16.49 -9.22
C ASN A 29 15.79 15.75 -10.56
N SER A 30 14.75 14.99 -10.87
CA SER A 30 14.73 14.21 -12.10
C SER A 30 13.90 14.90 -13.18
N PRO A 31 14.46 15.02 -14.39
CA PRO A 31 13.78 15.65 -15.52
C PRO A 31 12.60 14.84 -16.04
N ALA A 32 12.50 13.60 -15.59
CA ALA A 32 11.44 12.72 -16.03
C ALA A 32 10.15 12.98 -15.27
N PHE A 33 10.27 13.56 -14.08
CA PHE A 33 9.14 13.77 -13.21
C PHE A 33 8.61 15.20 -13.32
N PRO A 34 7.41 15.34 -13.87
CA PRO A 34 6.71 16.60 -13.93
C PRO A 34 6.18 17.01 -12.57
N THR A 35 5.83 18.28 -12.44
CA THR A 35 5.36 18.84 -11.18
C THR A 35 4.16 18.07 -10.62
N GLN A 36 3.22 17.72 -11.50
CA GLN A 36 2.01 17.01 -11.09
C GLN A 36 2.34 15.61 -10.54
N GLU A 37 3.14 14.85 -11.27
CA GLU A 37 3.49 13.50 -10.85
C GLU A 37 4.31 13.52 -9.56
N GLN A 38 5.24 14.47 -9.47
CA GLN A 38 6.04 14.64 -8.27
C GLN A 38 5.13 14.85 -7.06
N GLN A 39 4.13 15.71 -7.24
CA GLN A 39 3.18 16.03 -6.18
C GLN A 39 2.47 14.78 -5.65
N ASP A 40 1.89 13.99 -6.56
CA ASP A 40 1.08 12.85 -6.15
C ASP A 40 1.94 11.72 -5.59
N LEU A 41 3.14 11.56 -6.16
CA LEU A 41 4.07 10.53 -5.69
C LEU A 41 4.44 10.75 -4.24
N ASP A 42 4.88 11.97 -3.91
CA ASP A 42 5.26 12.30 -2.54
C ASP A 42 4.03 12.39 -1.65
N ALA A 43 2.88 12.71 -2.25
CA ALA A 43 1.63 12.73 -1.52
C ALA A 43 1.31 11.32 -1.00
N ILE A 44 1.62 10.32 -1.79
CA ILE A 44 1.48 8.93 -1.38
C ILE A 44 2.57 8.56 -0.38
N ALA A 45 3.78 9.03 -0.65
CA ALA A 45 4.93 8.73 0.21
C ALA A 45 4.67 9.11 1.65
N GLN A 46 4.25 10.35 1.88
CA GLN A 46 4.01 10.84 3.23
C GLN A 46 2.97 10.01 3.96
N VAL A 47 2.04 9.41 3.22
CA VAL A 47 1.03 8.55 3.81
C VAL A 47 1.68 7.38 4.55
N ILE A 48 2.68 6.78 3.92
CA ILE A 48 3.40 5.67 4.50
C ILE A 48 4.39 6.15 5.55
N LEU A 49 5.12 7.22 5.23
CA LEU A 49 6.16 7.73 6.10
C LEU A 49 5.58 8.31 7.40
N ASN A 50 4.31 8.70 7.38
CA ASN A 50 3.65 9.20 8.58
C ASN A 50 3.15 8.05 9.45
N ALA A 51 3.10 6.86 8.88
CA ALA A 51 2.66 5.68 9.62
C ALA A 51 3.85 4.99 10.28
N VAL A 52 4.98 5.03 9.62
CA VAL A 52 6.20 4.41 10.14
C VAL A 52 6.86 5.29 11.21
N SER A 53 6.62 6.59 11.14
CA SER A 53 7.20 7.52 12.11
C SER A 53 6.48 7.42 13.45
N THR A 54 5.55 6.49 13.57
CA THR A 54 4.79 6.32 14.79
C THR A 54 4.41 4.84 15.00
N ASN A 55 5.20 3.93 14.45
CA ASN A 55 4.88 2.51 14.56
C ASN A 55 5.25 1.96 15.93
N THR A 56 4.34 2.14 16.88
CA THR A 56 4.50 1.55 18.19
C THR A 56 3.21 0.84 18.59
N GLY A 57 3.33 -0.43 18.93
CA GLY A 57 2.16 -1.21 19.30
C GLY A 57 2.48 -2.68 19.42
N ALA A 58 1.76 -3.49 18.67
CA ALA A 58 1.93 -4.94 18.74
C ALA A 58 2.69 -5.47 17.53
N THR A 59 2.05 -5.39 16.36
CA THR A 59 2.62 -5.95 15.15
C THR A 59 3.39 -4.90 14.36
N ALA A 60 4.11 -4.04 15.09
CA ALA A 60 4.88 -2.96 14.48
C ALA A 60 5.96 -3.48 13.54
N SER A 61 6.51 -4.66 13.86
CA SER A 61 7.55 -5.26 13.03
C SER A 61 6.96 -5.71 11.69
N ALA A 62 5.73 -6.20 11.74
CA ALA A 62 5.02 -6.58 10.52
C ALA A 62 4.55 -5.33 9.79
N ARG A 63 4.18 -4.30 10.54
CA ARG A 63 3.82 -3.02 9.95
C ARG A 63 4.99 -2.45 9.16
N ALA A 64 6.20 -2.66 9.67
CA ALA A 64 7.40 -2.24 8.95
C ALA A 64 7.48 -2.91 7.58
N GLN A 65 7.18 -4.20 7.56
CA GLN A 65 7.17 -4.96 6.32
C GLN A 65 6.02 -4.48 5.42
N ALA A 66 4.84 -4.36 6.02
CA ALA A 66 3.64 -3.95 5.30
C ALA A 66 3.80 -2.57 4.68
N LEU A 67 4.40 -1.64 5.42
CA LEU A 67 4.63 -0.29 4.92
C LEU A 67 5.63 -0.31 3.77
N SER A 68 6.63 -1.18 3.87
CA SER A 68 7.60 -1.34 2.80
C SER A 68 6.92 -1.86 1.55
N THR A 69 5.92 -2.71 1.73
CA THR A 69 5.16 -3.26 0.63
C THR A 69 4.20 -2.20 0.08
N ALA A 70 3.44 -1.56 0.96
CA ALA A 70 2.43 -0.58 0.58
C ALA A 70 3.04 0.61 -0.16
N LEU A 71 4.17 1.11 0.35
CA LEU A 71 4.85 2.25 -0.27
C LEU A 71 5.25 1.90 -1.70
N ALA A 72 5.80 0.71 -1.88
CA ALA A 72 6.21 0.25 -3.19
C ALA A 72 5.01 0.08 -4.11
N SER A 73 3.96 -0.54 -3.58
CA SER A 73 2.76 -0.84 -4.35
C SER A 73 2.03 0.44 -4.78
N SER A 74 1.79 1.33 -3.83
CA SER A 74 1.01 2.53 -4.12
C SER A 74 1.77 3.48 -5.05
N LEU A 75 3.09 3.51 -4.92
CA LEU A 75 3.93 4.33 -5.79
C LEU A 75 3.86 3.85 -7.23
N THR A 76 3.97 2.54 -7.42
CA THR A 76 3.96 1.97 -8.76
C THR A 76 2.56 2.02 -9.37
N ASP A 77 1.55 1.67 -8.59
CA ASP A 77 0.16 1.71 -9.04
C ASP A 77 -0.18 3.08 -9.62
N LEU A 78 0.16 4.12 -8.88
CA LEU A 78 -0.09 5.49 -9.30
C LEU A 78 0.74 5.82 -10.55
N LEU A 79 2.02 5.45 -10.51
CA LEU A 79 2.95 5.75 -11.59
C LEU A 79 2.47 5.11 -12.90
N ILE A 80 2.10 3.85 -12.84
CA ILE A 80 1.63 3.12 -14.03
C ILE A 80 0.44 3.84 -14.67
N ALA A 81 -0.52 4.22 -13.86
CA ALA A 81 -1.77 4.77 -14.35
C ALA A 81 -1.60 6.16 -14.98
N GLU A 82 -0.94 7.07 -14.27
CA GLU A 82 -0.88 8.45 -14.71
C GLU A 82 0.18 8.68 -15.79
N SER A 83 0.99 7.67 -16.05
CA SER A 83 2.04 7.79 -17.07
C SER A 83 1.68 6.97 -18.30
N ALA A 84 0.46 7.17 -18.78
CA ALA A 84 -0.01 6.60 -20.05
C ALA A 84 -0.08 5.08 -20.03
N GLU A 85 -0.01 4.50 -18.83
CA GLU A 85 -0.18 3.06 -18.59
C GLU A 85 1.02 2.25 -19.07
N SER A 86 1.50 2.54 -20.26
CA SER A 86 2.61 1.78 -20.83
C SER A 86 3.87 2.64 -20.90
N ASN A 87 3.73 3.93 -20.66
CA ASN A 87 4.85 4.87 -20.76
C ASN A 87 5.48 5.07 -19.38
N TYR A 88 4.92 4.39 -18.39
CA TYR A 88 5.34 4.55 -16.99
C TYR A 88 6.78 4.13 -16.78
N ASN A 89 7.29 3.27 -17.67
CA ASN A 89 8.63 2.73 -17.53
C ASN A 89 9.69 3.83 -17.59
N ASN A 90 9.38 4.91 -18.29
CA ASN A 90 10.31 6.02 -18.42
C ASN A 90 10.62 6.62 -17.06
N GLN A 91 9.59 6.96 -16.29
CA GLN A 91 9.78 7.54 -14.97
C GLN A 91 10.06 6.46 -13.93
N LEU A 92 9.53 5.26 -14.15
CA LEU A 92 9.69 4.17 -13.19
C LEU A 92 11.16 3.87 -12.93
N SER A 93 11.95 3.87 -13.99
CA SER A 93 13.39 3.59 -13.87
C SER A 93 14.06 4.64 -13.01
N GLU A 94 13.66 5.89 -13.18
CA GLU A 94 14.18 7.00 -12.39
C GLU A 94 13.67 6.88 -10.96
N LEU A 95 12.39 6.53 -10.84
CA LEU A 95 11.71 6.41 -9.56
C LEU A 95 12.44 5.43 -8.65
N THR A 96 12.72 4.24 -9.16
CA THR A 96 13.43 3.22 -8.39
C THR A 96 14.83 3.70 -8.00
N GLY A 97 15.47 4.42 -8.90
CA GLY A 97 16.81 4.93 -8.63
C GLY A 97 16.79 5.99 -7.53
N ILE A 98 15.82 6.88 -7.60
CA ILE A 98 15.69 7.95 -6.61
C ILE A 98 15.36 7.37 -5.23
N LEU A 99 14.48 6.38 -5.19
CA LEU A 99 14.14 5.71 -3.93
C LEU A 99 15.38 5.14 -3.27
N SER A 100 16.13 4.35 -4.04
CA SER A 100 17.34 3.73 -3.52
C SER A 100 18.36 4.79 -3.10
N ASN A 101 18.46 5.85 -3.90
CA ASN A 101 19.35 6.95 -3.57
C ASN A 101 18.98 7.56 -2.22
N CYS A 102 17.70 7.79 -2.00
CA CYS A 102 17.23 8.33 -0.73
C CYS A 102 17.47 7.36 0.40
N PHE A 103 17.27 6.06 0.17
CA PHE A 103 17.65 5.06 1.16
C PHE A 103 19.12 5.19 1.51
N ILE A 104 19.94 5.35 0.47
CA ILE A 104 21.38 5.56 0.63
C ILE A 104 21.65 6.76 1.53
N GLN A 105 21.01 7.88 1.21
CA GLN A 105 21.25 9.11 1.92
C GLN A 105 20.72 9.05 3.35
N THR A 106 19.63 8.31 3.53
CA THR A 106 18.95 8.28 4.81
C THR A 106 19.57 7.24 5.77
N THR A 107 19.57 5.97 5.37
CA THR A 107 19.99 4.92 6.28
C THR A 107 21.43 4.48 6.00
N GLY A 108 22.02 5.04 4.94
CA GLY A 108 23.38 4.72 4.62
C GLY A 108 23.53 3.39 3.92
N SER A 109 22.45 2.92 3.30
CA SER A 109 22.47 1.66 2.58
C SER A 109 21.40 1.66 1.50
N ASP A 110 21.54 0.76 0.54
CA ASP A 110 20.63 0.69 -0.60
C ASP A 110 19.25 0.22 -0.18
N ASN A 111 19.20 -0.58 0.88
CA ASN A 111 17.94 -1.12 1.41
C ASN A 111 17.19 -1.91 0.32
N PRO A 112 17.68 -3.11 0.01
CA PRO A 112 17.20 -3.89 -1.13
C PRO A 112 15.84 -4.53 -0.90
N ALA A 113 15.48 -4.74 0.37
CA ALA A 113 14.23 -5.40 0.72
C ALA A 113 13.02 -4.67 0.13
N PHE A 114 13.10 -3.35 0.10
CA PHE A 114 12.04 -2.53 -0.43
C PHE A 114 11.91 -2.73 -1.94
N VAL A 115 13.05 -2.84 -2.60
CA VAL A 115 13.09 -2.99 -4.05
C VAL A 115 12.50 -4.34 -4.47
N SER A 116 12.72 -5.35 -3.64
CA SER A 116 12.17 -6.68 -3.88
C SER A 116 10.64 -6.63 -4.00
N ARG A 117 10.01 -5.85 -3.12
CA ARG A 117 8.57 -5.64 -3.20
C ARG A 117 8.20 -4.93 -4.50
N ILE A 118 8.94 -3.87 -4.82
CA ILE A 118 8.66 -3.06 -6.01
C ILE A 118 8.54 -3.92 -7.26
N GLN A 119 9.62 -4.65 -7.54
CA GLN A 119 9.74 -5.42 -8.78
C GLN A 119 8.58 -6.39 -8.96
N SER A 120 8.23 -7.08 -7.89
CA SER A 120 7.19 -8.10 -7.94
C SER A 120 5.82 -7.46 -8.13
N LEU A 121 5.59 -6.34 -7.48
CA LEU A 121 4.29 -5.69 -7.51
C LEU A 121 4.04 -5.00 -8.86
N ILE A 122 5.11 -4.55 -9.51
CA ILE A 122 4.98 -3.85 -10.80
C ILE A 122 4.17 -4.68 -11.79
N SER A 123 4.49 -5.96 -11.87
CA SER A 123 3.88 -6.84 -12.85
C SER A 123 2.40 -7.09 -12.51
N VAL A 124 2.10 -7.33 -11.24
CA VAL A 124 0.74 -7.67 -10.84
C VAL A 124 -0.17 -6.44 -10.78
N LEU A 125 0.43 -5.27 -10.63
CA LEU A 125 -0.33 -4.03 -10.62
C LEU A 125 -0.66 -3.60 -12.04
N SER A 126 0.13 -4.07 -13.00
CA SER A 126 -0.12 -3.79 -14.40
C SER A 126 -1.01 -4.87 -15.02
N GLN A 127 -0.90 -6.08 -14.51
CA GLN A 127 -1.65 -7.22 -15.02
C GLN A 127 -3.09 -7.18 -14.50
N ASN A 128 -3.85 -6.25 -15.04
CA ASN A 128 -5.26 -6.11 -14.68
C ASN A 128 -6.14 -6.76 -15.74
N THR A 129 -7.23 -7.36 -15.30
CA THR A 129 -8.15 -8.00 -16.22
C THR A 129 -9.60 -7.81 -15.76
N ASP A 130 -10.46 -7.46 -16.70
CA ASP A 130 -11.89 -7.36 -16.44
C ASP A 130 -12.58 -8.60 -16.97
N VAL A 131 -11.82 -9.43 -17.68
CA VAL A 131 -12.33 -10.66 -18.25
C VAL A 131 -12.63 -11.67 -17.16
N ASN A 132 -11.69 -11.82 -16.24
CA ASN A 132 -11.87 -12.71 -15.11
C ASN A 132 -11.85 -11.95 -13.81
N ILE A 133 -13.02 -11.44 -13.43
CA ILE A 133 -13.18 -10.76 -12.15
C ILE A 133 -13.86 -11.69 -11.14
N ILE A 134 -13.98 -12.95 -11.54
CA ILE A 134 -14.57 -13.97 -10.70
C ILE A 134 -13.54 -14.47 -9.68
N SER A 135 -14.01 -15.08 -8.61
CA SER A 135 -13.13 -15.56 -7.55
C SER A 135 -12.67 -16.98 -7.83
N THR A 136 -12.31 -17.22 -9.08
CA THR A 136 -11.83 -18.52 -9.52
C THR A 136 -10.37 -18.75 -9.12
N ALA A 137 -9.69 -17.66 -8.77
CA ALA A 137 -8.29 -17.75 -8.37
C ALA A 137 -8.16 -17.66 -6.86
N GLY B 1 -21.83 -9.48 -12.94
CA GLY B 1 -22.69 -8.46 -12.36
C GLY B 1 -21.97 -7.15 -12.14
N ALA B 2 -21.48 -6.96 -10.91
CA ALA B 2 -20.78 -5.74 -10.56
C ALA B 2 -19.31 -5.84 -10.94
N VAL B 3 -19.02 -5.56 -12.20
CA VAL B 3 -17.66 -5.64 -12.72
C VAL B 3 -16.99 -4.28 -12.63
N THR B 4 -17.77 -3.25 -12.84
CA THR B 4 -17.27 -1.89 -12.85
C THR B 4 -17.57 -1.18 -11.52
N ALA B 5 -17.71 -1.97 -10.47
CA ALA B 5 -17.99 -1.43 -9.15
C ALA B 5 -16.74 -0.83 -8.52
N VAL B 6 -16.44 0.39 -8.95
CA VAL B 6 -15.29 1.12 -8.45
C VAL B 6 -15.55 1.58 -7.01
N PRO B 7 -14.53 1.47 -6.14
CA PRO B 7 -14.61 1.97 -4.77
C PRO B 7 -14.94 3.46 -4.71
N SER B 8 -16.21 3.75 -4.52
CA SER B 8 -16.69 5.12 -4.44
C SER B 8 -16.21 5.77 -3.14
N VAL B 9 -15.94 4.91 -2.16
CA VAL B 9 -15.44 5.34 -0.86
C VAL B 9 -14.12 6.09 -1.00
N PHE B 10 -13.34 5.70 -2.01
CA PHE B 10 -12.03 6.30 -2.23
C PHE B 10 -12.14 7.52 -3.15
N SER B 11 -13.33 7.75 -3.69
CA SER B 11 -13.55 8.87 -4.59
C SER B 11 -14.30 10.00 -3.86
N SER B 12 -14.77 9.71 -2.65
CA SER B 12 -15.52 10.68 -1.88
C SER B 12 -15.14 10.63 -0.40
N PRO B 13 -14.53 11.72 0.11
CA PRO B 13 -14.10 11.82 1.51
C PRO B 13 -15.22 11.55 2.50
N ASN B 14 -16.45 11.89 2.12
CA ASN B 14 -17.61 11.66 2.98
C ASN B 14 -17.84 10.17 3.21
N LEU B 15 -17.58 9.37 2.18
CA LEU B 15 -17.74 7.92 2.30
C LEU B 15 -16.55 7.33 3.03
N ALA B 16 -15.38 7.93 2.83
CA ALA B 16 -14.17 7.51 3.53
C ALA B 16 -14.38 7.57 5.03
N SER B 17 -14.98 8.66 5.49
CA SER B 17 -15.31 8.82 6.89
C SER B 17 -16.20 7.68 7.38
N GLY B 18 -17.27 7.41 6.64
CA GLY B 18 -18.20 6.37 7.03
C GLY B 18 -17.55 4.99 7.07
N PHE B 19 -16.69 4.72 6.10
CA PHE B 19 -16.02 3.42 6.02
C PHE B 19 -15.09 3.23 7.21
N LEU B 20 -14.36 4.30 7.56
CA LEU B 20 -13.45 4.26 8.70
C LEU B 20 -14.22 4.03 10.01
N GLN B 21 -15.42 4.57 10.07
CA GLN B 21 -16.27 4.42 11.25
C GLN B 21 -16.82 3.00 11.36
N CYS B 22 -16.80 2.26 10.26
CA CYS B 22 -17.31 0.90 10.26
C CYS B 22 -16.17 -0.08 10.45
N LEU B 23 -15.08 0.17 9.73
CA LEU B 23 -13.94 -0.73 9.67
C LEU B 23 -13.40 -1.03 11.07
N THR B 24 -13.21 0.01 11.85
CA THR B 24 -12.66 -0.12 13.20
C THR B 24 -13.55 -1.01 14.08
N PHE B 25 -14.84 -1.00 13.82
CA PHE B 25 -15.78 -1.81 14.60
C PHE B 25 -15.95 -3.18 13.96
N GLY B 26 -15.74 -3.25 12.66
CA GLY B 26 -15.88 -4.50 11.93
C GLY B 26 -14.77 -5.47 12.25
N ILE B 27 -13.53 -4.99 12.20
CA ILE B 27 -12.38 -5.81 12.52
C ILE B 27 -12.47 -6.30 13.97
N GLY B 28 -12.93 -5.42 14.84
CA GLY B 28 -13.13 -5.78 16.23
C GLY B 28 -14.46 -6.45 16.48
N ASN B 29 -15.09 -6.94 15.42
CA ASN B 29 -16.40 -7.58 15.55
C ASN B 29 -16.29 -9.08 15.29
N SER B 30 -15.35 -9.45 14.43
CA SER B 30 -15.16 -10.85 14.08
C SER B 30 -14.31 -11.55 15.14
N PRO B 31 -14.69 -12.79 15.53
CA PRO B 31 -13.97 -13.56 16.54
C PRO B 31 -12.62 -14.08 16.04
N ALA B 32 -12.34 -13.84 14.76
CA ALA B 32 -11.09 -14.29 14.16
C ALA B 32 -9.97 -13.27 14.39
N PHE B 33 -10.34 -12.06 14.75
CA PHE B 33 -9.38 -10.99 14.95
C PHE B 33 -9.32 -10.59 16.41
N PRO B 34 -8.15 -10.77 17.03
CA PRO B 34 -7.89 -10.34 18.40
C PRO B 34 -7.88 -8.82 18.54
N THR B 35 -7.61 -8.35 19.75
CA THR B 35 -7.57 -6.92 20.01
C THR B 35 -6.27 -6.30 19.48
N GLN B 36 -5.20 -7.07 19.52
CA GLN B 36 -3.90 -6.56 19.09
C GLN B 36 -3.85 -6.48 17.57
N GLU B 37 -4.42 -7.48 16.92
CA GLU B 37 -4.51 -7.51 15.47
C GLU B 37 -5.74 -6.72 15.00
N GLN B 38 -6.26 -5.90 15.89
CA GLN B 38 -7.29 -4.93 15.54
C GLN B 38 -6.67 -3.54 15.54
N GLN B 39 -6.13 -3.16 16.69
CA GLN B 39 -5.59 -1.82 16.90
C GLN B 39 -4.40 -1.55 15.99
N ASP B 40 -3.59 -2.57 15.74
CA ASP B 40 -2.39 -2.39 14.92
C ASP B 40 -2.75 -2.36 13.43
N LEU B 41 -3.89 -2.97 13.10
CA LEU B 41 -4.34 -3.01 11.72
C LEU B 41 -5.11 -1.73 11.38
N ASP B 42 -6.04 -1.35 12.24
CA ASP B 42 -6.80 -0.11 12.07
C ASP B 42 -5.87 1.10 12.12
N ALA B 43 -4.70 0.90 12.72
CA ALA B 43 -3.68 1.94 12.76
C ALA B 43 -3.29 2.36 11.35
N ILE B 44 -3.23 1.39 10.44
CA ILE B 44 -2.93 1.67 9.04
C ILE B 44 -4.19 2.10 8.31
N ALA B 45 -5.32 1.50 8.69
CA ALA B 45 -6.61 1.80 8.07
C ALA B 45 -6.95 3.27 8.18
N GLN B 46 -6.77 3.84 9.37
CA GLN B 46 -7.11 5.24 9.61
C GLN B 46 -6.11 6.18 8.93
N VAL B 47 -5.09 5.61 8.29
CA VAL B 47 -4.15 6.39 7.52
C VAL B 47 -4.60 6.45 6.05
N ILE B 48 -4.97 5.29 5.52
CA ILE B 48 -5.45 5.21 4.14
C ILE B 48 -6.76 5.99 3.99
N LEU B 49 -7.67 5.79 4.93
CA LEU B 49 -8.95 6.48 4.91
C LEU B 49 -8.80 7.96 5.26
N ASN B 50 -7.59 8.35 5.65
CA ASN B 50 -7.32 9.73 5.98
C ASN B 50 -6.77 10.46 4.76
N ALA B 51 -6.04 9.72 3.93
CA ALA B 51 -5.44 10.28 2.73
C ALA B 51 -6.51 10.55 1.67
N VAL B 52 -7.54 9.72 1.67
CA VAL B 52 -8.66 9.90 0.76
C VAL B 52 -9.56 11.05 1.23
N SER B 53 -9.52 11.34 2.52
CA SER B 53 -10.32 12.42 3.08
C SER B 53 -9.64 13.77 2.88
N THR B 54 -8.62 13.80 2.04
CA THR B 54 -7.90 15.04 1.75
C THR B 54 -7.35 15.02 0.32
N ASN B 55 -8.00 14.29 -0.56
CA ASN B 55 -7.58 14.23 -1.96
C ASN B 55 -8.23 15.34 -2.77
N THR B 56 -7.58 15.70 -3.86
CA THR B 56 -8.08 16.72 -4.76
C THR B 56 -7.16 16.85 -5.97
N GLY B 57 -7.74 17.03 -7.13
CA GLY B 57 -6.95 17.21 -8.34
C GLY B 57 -7.32 16.17 -9.39
N ALA B 58 -6.71 16.31 -10.58
CA ALA B 58 -6.98 15.39 -11.67
C ALA B 58 -6.38 14.01 -11.39
N THR B 59 -5.23 14.01 -10.72
CA THR B 59 -4.53 12.78 -10.42
C THR B 59 -5.14 12.08 -9.20
N ALA B 60 -6.04 12.78 -8.50
CA ALA B 60 -6.67 12.24 -7.30
C ALA B 60 -7.50 11.00 -7.61
N SER B 61 -8.07 10.96 -8.81
CA SER B 61 -8.86 9.81 -9.25
C SER B 61 -7.99 8.54 -9.28
N ALA B 62 -6.74 8.70 -9.70
CA ALA B 62 -5.80 7.60 -9.76
C ALA B 62 -5.23 7.34 -8.37
N ARG B 63 -5.07 8.40 -7.59
CA ARG B 63 -4.61 8.30 -6.22
C ARG B 63 -5.57 7.42 -5.41
N ALA B 64 -6.85 7.53 -5.72
CA ALA B 64 -7.88 6.70 -5.10
C ALA B 64 -7.62 5.24 -5.39
N GLN B 65 -7.23 4.94 -6.63
CA GLN B 65 -6.91 3.59 -7.04
C GLN B 65 -5.68 3.09 -6.28
N ALA B 66 -4.66 3.95 -6.21
CA ALA B 66 -3.43 3.63 -5.50
C ALA B 66 -3.70 3.34 -4.02
N LEU B 67 -4.54 4.15 -3.40
CA LEU B 67 -4.93 3.94 -2.01
C LEU B 67 -5.68 2.63 -1.85
N SER B 68 -6.51 2.32 -2.84
CA SER B 68 -7.27 1.07 -2.86
C SER B 68 -6.30 -0.11 -2.86
N THR B 69 -5.29 -0.05 -3.72
CA THR B 69 -4.28 -1.10 -3.79
C THR B 69 -3.46 -1.15 -2.50
N ALA B 70 -3.06 0.03 -2.03
CA ALA B 70 -2.25 0.14 -0.82
C ALA B 70 -2.95 -0.48 0.39
N LEU B 71 -4.23 -0.18 0.56
CA LEU B 71 -5.00 -0.69 1.69
C LEU B 71 -5.04 -2.21 1.62
N ALA B 72 -5.41 -2.75 0.46
CA ALA B 72 -5.50 -4.18 0.26
C ALA B 72 -4.14 -4.85 0.51
N SER B 73 -3.09 -4.22 0.02
CA SER B 73 -1.74 -4.76 0.15
C SER B 73 -1.27 -4.73 1.61
N SER B 74 -1.27 -3.55 2.21
CA SER B 74 -0.70 -3.36 3.53
C SER B 74 -1.41 -4.20 4.58
N LEU B 75 -2.73 -4.25 4.52
CA LEU B 75 -3.50 -4.98 5.52
C LEU B 75 -3.29 -6.49 5.39
N THR B 76 -3.21 -6.97 4.16
CA THR B 76 -3.02 -8.39 3.92
C THR B 76 -1.59 -8.82 4.31
N ASP B 77 -0.61 -8.01 3.93
CA ASP B 77 0.79 -8.31 4.23
C ASP B 77 1.02 -8.34 5.75
N LEU B 78 0.45 -7.35 6.43
CA LEU B 78 0.49 -7.26 7.89
C LEU B 78 -0.17 -8.49 8.52
N LEU B 79 -1.24 -8.97 7.89
CA LEU B 79 -1.98 -10.11 8.40
C LEU B 79 -1.20 -11.41 8.20
N ILE B 80 -0.71 -11.63 6.97
CA ILE B 80 -0.03 -12.87 6.61
C ILE B 80 1.13 -13.20 7.55
N ALA B 81 2.00 -12.22 7.77
CA ALA B 81 3.21 -12.43 8.55
C ALA B 81 2.91 -12.87 9.98
N GLU B 82 2.06 -12.12 10.66
CA GLU B 82 1.79 -12.36 12.07
C GLU B 82 0.88 -13.57 12.27
N SER B 83 0.34 -14.09 11.17
CA SER B 83 -0.51 -15.26 11.22
C SER B 83 0.30 -16.54 10.97
N ALA B 84 1.60 -16.47 11.28
CA ALA B 84 2.48 -17.64 11.24
C ALA B 84 2.65 -18.19 9.83
N GLU B 85 2.22 -17.40 8.84
CA GLU B 85 2.36 -17.75 7.41
C GLU B 85 1.45 -18.90 6.99
N SER B 86 0.98 -19.68 7.95
CA SER B 86 0.15 -20.83 7.63
C SER B 86 -1.26 -20.67 8.17
N ASN B 87 -1.51 -19.63 8.95
CA ASN B 87 -2.84 -19.43 9.54
C ASN B 87 -3.53 -18.23 8.90
N TYR B 88 -2.84 -17.57 7.98
CA TYR B 88 -3.35 -16.32 7.41
C TYR B 88 -4.58 -16.57 6.55
N ASN B 89 -4.69 -17.77 6.01
CA ASN B 89 -5.81 -18.15 5.15
C ASN B 89 -7.13 -18.07 5.91
N ASN B 90 -7.06 -18.22 7.23
CA ASN B 90 -8.27 -18.19 8.05
C ASN B 90 -8.83 -16.77 8.13
N GLN B 91 -7.98 -15.83 8.54
CA GLN B 91 -8.40 -14.44 8.69
C GLN B 91 -8.73 -13.78 7.34
N LEU B 92 -8.16 -14.30 6.26
CA LEU B 92 -8.46 -13.78 4.92
C LEU B 92 -9.95 -13.88 4.63
N SER B 93 -10.56 -14.95 5.10
CA SER B 93 -11.98 -15.18 4.92
C SER B 93 -12.79 -14.06 5.57
N GLU B 94 -12.41 -13.68 6.77
CA GLU B 94 -13.17 -12.71 7.55
C GLU B 94 -12.81 -11.29 7.15
N LEU B 95 -11.53 -11.05 6.89
CA LEU B 95 -11.06 -9.73 6.51
C LEU B 95 -11.80 -9.21 5.28
N THR B 96 -11.85 -10.04 4.24
CA THR B 96 -12.54 -9.68 3.01
C THR B 96 -14.02 -9.44 3.26
N GLY B 97 -14.62 -10.27 4.09
CA GLY B 97 -16.02 -10.14 4.43
C GLY B 97 -16.31 -8.85 5.16
N ILE B 98 -15.52 -8.56 6.20
CA ILE B 98 -15.70 -7.37 7.00
C ILE B 98 -15.65 -6.10 6.15
N LEU B 99 -14.63 -6.02 5.30
CA LEU B 99 -14.46 -4.87 4.43
C LEU B 99 -15.68 -4.70 3.52
N SER B 100 -16.14 -5.80 2.94
CA SER B 100 -17.29 -5.77 2.06
C SER B 100 -18.55 -5.37 2.84
N ASN B 101 -18.68 -5.90 4.06
CA ASN B 101 -19.78 -5.52 4.95
C ASN B 101 -19.80 -4.01 5.17
N CYS B 102 -18.63 -3.45 5.42
CA CYS B 102 -18.51 -2.01 5.62
C CYS B 102 -18.81 -1.25 4.35
N PHE B 103 -18.31 -1.73 3.21
CA PHE B 103 -18.65 -1.12 1.92
C PHE B 103 -20.16 -1.06 1.74
N ILE B 104 -20.83 -2.14 2.17
CA ILE B 104 -22.29 -2.22 2.11
C ILE B 104 -22.92 -1.08 2.91
N GLN B 105 -22.50 -0.93 4.15
CA GLN B 105 -23.12 0.06 5.02
C GLN B 105 -22.67 1.48 4.67
N THR B 106 -21.53 1.59 4.00
CA THR B 106 -20.98 2.90 3.67
C THR B 106 -21.56 3.45 2.36
N THR B 107 -21.35 2.75 1.26
CA THR B 107 -21.79 3.25 -0.04
C THR B 107 -22.98 2.47 -0.59
N GLY B 108 -23.34 1.39 0.08
CA GLY B 108 -24.50 0.61 -0.32
C GLY B 108 -24.18 -0.43 -1.38
N SER B 109 -22.96 -0.96 -1.34
CA SER B 109 -22.56 -2.00 -2.29
C SER B 109 -21.46 -2.86 -1.70
N ASP B 110 -21.32 -4.08 -2.21
CA ASP B 110 -20.34 -5.02 -1.70
C ASP B 110 -18.94 -4.67 -2.24
N ASN B 111 -18.92 -4.02 -3.40
CA ASN B 111 -17.69 -3.48 -3.98
C ASN B 111 -16.64 -4.58 -4.21
N PRO B 112 -16.90 -5.50 -5.15
CA PRO B 112 -16.04 -6.66 -5.40
C PRO B 112 -14.65 -6.29 -5.91
N ALA B 113 -14.56 -5.16 -6.61
CA ALA B 113 -13.30 -4.73 -7.22
C ALA B 113 -12.16 -4.62 -6.21
N PHE B 114 -12.50 -4.26 -4.97
CA PHE B 114 -11.50 -4.11 -3.92
C PHE B 114 -10.97 -5.48 -3.52
N VAL B 115 -11.85 -6.47 -3.53
CA VAL B 115 -11.50 -7.84 -3.17
C VAL B 115 -10.63 -8.47 -4.25
N SER B 116 -10.89 -8.09 -5.51
CA SER B 116 -10.11 -8.58 -6.64
C SER B 116 -8.62 -8.29 -6.45
N ARG B 117 -8.31 -7.06 -6.02
CA ARG B 117 -6.93 -6.70 -5.71
C ARG B 117 -6.38 -7.58 -4.60
N ILE B 118 -7.17 -7.77 -3.55
CA ILE B 118 -6.76 -8.58 -2.40
C ILE B 118 -6.33 -9.98 -2.83
N GLN B 119 -7.23 -10.68 -3.52
CA GLN B 119 -7.00 -12.07 -3.93
C GLN B 119 -5.70 -12.21 -4.73
N SER B 120 -5.43 -11.23 -5.58
CA SER B 120 -4.26 -11.25 -6.43
C SER B 120 -2.99 -11.01 -5.60
N LEU B 121 -3.06 -10.05 -4.68
CA LEU B 121 -1.88 -9.65 -3.92
C LEU B 121 -1.49 -10.71 -2.89
N ILE B 122 -2.44 -11.56 -2.51
CA ILE B 122 -2.19 -12.60 -1.51
C ILE B 122 -1.05 -13.50 -1.96
N SER B 123 -0.98 -13.75 -3.25
CA SER B 123 -0.02 -14.67 -3.82
C SER B 123 1.38 -14.05 -3.93
N VAL B 124 1.48 -12.72 -3.88
CA VAL B 124 2.78 -12.07 -4.00
C VAL B 124 3.26 -11.54 -2.64
N LEU B 125 2.33 -11.21 -1.76
CA LEU B 125 2.68 -10.70 -0.43
C LEU B 125 3.34 -11.80 0.40
N SER B 126 2.84 -13.02 0.26
CA SER B 126 3.38 -14.15 0.98
C SER B 126 4.58 -14.74 0.24
N GLN B 127 4.89 -14.16 -0.91
CA GLN B 127 5.95 -14.66 -1.77
C GLN B 127 7.19 -13.79 -1.64
N ASN B 128 7.92 -13.99 -0.56
CA ASN B 128 9.17 -13.30 -0.34
C ASN B 128 10.31 -14.02 -1.04
N THR B 129 10.45 -13.78 -2.33
CA THR B 129 11.45 -14.46 -3.14
C THR B 129 12.84 -13.85 -2.97
N ASP B 130 13.77 -14.65 -2.49
CA ASP B 130 15.15 -14.21 -2.28
C ASP B 130 15.93 -14.21 -3.59
N VAL B 131 15.24 -14.35 -4.69
CA VAL B 131 15.85 -14.33 -6.02
C VAL B 131 16.25 -12.91 -6.37
N ASN B 132 15.45 -11.95 -5.95
CA ASN B 132 15.66 -10.57 -6.33
C ASN B 132 15.71 -9.68 -5.11
N ILE B 133 16.51 -10.09 -4.13
CA ILE B 133 16.72 -9.31 -2.92
C ILE B 133 17.86 -8.31 -3.12
N ILE B 134 18.13 -7.98 -4.38
CA ILE B 134 19.16 -7.03 -4.74
C ILE B 134 18.51 -5.79 -5.36
N SER B 135 19.01 -4.62 -4.99
CA SER B 135 18.38 -3.36 -5.41
C SER B 135 18.76 -2.98 -6.84
N THR B 136 19.58 -3.80 -7.47
CA THR B 136 20.05 -3.49 -8.82
C THR B 136 19.81 -4.65 -9.78
N ALA B 137 19.02 -5.62 -9.35
CA ALA B 137 18.77 -6.81 -10.15
C ALA B 137 17.36 -6.78 -10.72
N GLY A 1 15.33 -14.59 2.71
CA GLY A 1 16.35 -15.13 3.63
C GLY A 1 17.01 -14.02 4.44
N ALA A 2 18.10 -14.35 5.11
CA ALA A 2 18.84 -13.36 5.88
C ALA A 2 19.60 -12.41 4.96
N VAL A 3 19.07 -11.21 4.79
CA VAL A 3 19.66 -10.24 3.89
C VAL A 3 20.79 -9.49 4.57
N THR A 4 21.88 -9.27 3.86
CA THR A 4 23.04 -8.57 4.39
C THR A 4 22.87 -7.05 4.24
N ALA A 5 21.62 -6.62 4.10
CA ALA A 5 21.30 -5.21 3.94
C ALA A 5 19.88 -4.93 4.42
N VAL A 6 19.75 -4.53 5.67
CA VAL A 6 18.46 -4.25 6.26
C VAL A 6 18.28 -2.75 6.54
N PRO A 7 17.34 -2.12 5.82
CA PRO A 7 17.02 -0.71 6.01
C PRO A 7 16.07 -0.49 7.19
N SER A 8 16.61 0.00 8.29
CA SER A 8 15.84 0.23 9.50
C SER A 8 15.02 1.52 9.41
N VAL A 9 14.91 2.07 8.21
CA VAL A 9 14.24 3.36 8.01
C VAL A 9 12.75 3.27 8.35
N PHE A 10 12.18 2.07 8.26
CA PHE A 10 10.77 1.87 8.57
C PHE A 10 10.57 1.50 10.04
N SER A 11 11.67 1.38 10.78
CA SER A 11 11.61 1.06 12.19
C SER A 11 12.05 2.27 13.02
N SER A 12 12.89 3.11 12.44
CA SER A 12 13.45 4.25 13.14
C SER A 12 12.82 5.54 12.63
N PRO A 13 12.08 6.24 13.50
CA PRO A 13 11.38 7.49 13.14
C PRO A 13 12.34 8.56 12.64
N ASN A 14 13.54 8.58 13.18
CA ASN A 14 14.56 9.56 12.79
C ASN A 14 14.98 9.33 11.34
N LEU A 15 14.96 8.08 10.91
CA LEU A 15 15.34 7.75 9.54
C LEU A 15 14.19 8.05 8.59
N ALA A 16 12.98 7.80 9.04
CA ALA A 16 11.78 8.10 8.27
C ALA A 16 11.73 9.58 7.92
N SER A 17 12.08 10.42 8.89
CA SER A 17 12.12 11.85 8.69
C SER A 17 13.14 12.21 7.60
N GLY A 18 14.35 11.66 7.72
CA GLY A 18 15.40 11.95 6.76
C GLY A 18 15.08 11.44 5.37
N PHE A 19 14.48 10.26 5.30
CA PHE A 19 14.10 9.66 4.03
C PHE A 19 13.07 10.52 3.33
N LEU A 20 12.12 11.03 4.10
CA LEU A 20 11.07 11.91 3.56
C LEU A 20 11.72 13.16 2.97
N GLN A 21 12.64 13.75 3.72
CA GLN A 21 13.31 14.97 3.32
C GLN A 21 14.24 14.75 2.12
N CYS A 22 14.49 13.48 1.81
CA CYS A 22 15.31 13.14 0.66
C CYS A 22 14.41 12.85 -0.54
N LEU A 23 13.33 12.15 -0.28
CA LEU A 23 12.43 11.67 -1.32
C LEU A 23 11.80 12.85 -2.08
N THR A 24 11.45 13.89 -1.35
CA THR A 24 10.87 15.09 -1.95
C THR A 24 11.86 15.77 -2.88
N PHE A 25 13.15 15.66 -2.54
CA PHE A 25 14.21 16.23 -3.35
C PHE A 25 14.52 15.33 -4.54
N GLY A 26 14.25 14.05 -4.39
CA GLY A 26 14.50 13.11 -5.46
C GLY A 26 13.43 13.17 -6.53
N ILE A 27 12.18 13.08 -6.13
CA ILE A 27 11.06 13.08 -7.08
C ILE A 27 10.93 14.44 -7.74
N GLY A 28 11.03 15.49 -6.93
CA GLY A 28 10.93 16.85 -7.44
C GLY A 28 12.26 17.34 -8.00
N ASN A 29 12.83 16.54 -8.88
CA ASN A 29 14.12 16.86 -9.48
C ASN A 29 14.35 16.01 -10.73
N SER A 30 14.09 14.72 -10.60
CA SER A 30 14.26 13.77 -11.69
C SER A 30 13.43 14.17 -12.91
N PRO A 31 14.04 14.17 -14.10
CA PRO A 31 13.42 14.65 -15.35
C PRO A 31 12.21 13.83 -15.78
N ALA A 32 12.11 12.60 -15.28
CA ALA A 32 11.02 11.72 -15.66
C ALA A 32 9.72 12.09 -14.97
N PHE A 33 9.79 12.98 -13.99
CA PHE A 33 8.62 13.33 -13.21
C PHE A 33 8.18 14.76 -13.48
N PRO A 34 7.03 14.92 -14.11
CA PRO A 34 6.38 16.21 -14.28
C PRO A 34 5.74 16.65 -12.96
N THR A 35 5.51 17.96 -12.81
CA THR A 35 5.07 18.51 -11.53
C THR A 35 3.79 17.84 -11.00
N GLN A 36 2.82 17.63 -11.88
CA GLN A 36 1.56 17.00 -11.49
C GLN A 36 1.76 15.55 -11.10
N GLU A 37 2.63 14.86 -11.82
CA GLU A 37 2.95 13.46 -11.55
C GLU A 37 4.12 13.36 -10.57
N GLN A 38 4.36 14.46 -9.86
CA GLN A 38 5.41 14.51 -8.87
C GLN A 38 4.83 14.87 -7.51
N GLN A 39 4.14 16.01 -7.46
CA GLN A 39 3.65 16.57 -6.21
C GLN A 39 2.65 15.63 -5.52
N ASP A 40 1.93 14.84 -6.32
CA ASP A 40 0.94 13.91 -5.79
C ASP A 40 1.64 12.76 -5.05
N LEU A 41 2.82 12.40 -5.56
CA LEU A 41 3.60 11.30 -4.99
C LEU A 41 4.19 11.70 -3.64
N ASP A 42 4.69 12.92 -3.56
CA ASP A 42 5.22 13.47 -2.31
C ASP A 42 4.18 13.40 -1.21
N ALA A 43 2.92 13.65 -1.59
CA ALA A 43 1.81 13.62 -0.66
C ALA A 43 1.60 12.23 -0.07
N ILE A 44 1.89 11.20 -0.87
CA ILE A 44 1.74 9.82 -0.41
C ILE A 44 3.00 9.38 0.35
N ALA A 45 4.14 9.87 -0.10
CA ALA A 45 5.42 9.52 0.50
C ALA A 45 5.44 9.87 1.99
N GLN A 46 4.87 11.02 2.32
CA GLN A 46 4.87 11.50 3.70
C GLN A 46 3.97 10.64 4.58
N VAL A 47 2.86 10.14 4.02
CA VAL A 47 1.85 9.46 4.83
C VAL A 47 2.37 8.12 5.35
N ILE A 48 3.15 7.44 4.53
CA ILE A 48 3.75 6.16 4.92
C ILE A 48 4.77 6.38 6.04
N LEU A 49 5.64 7.36 5.84
CA LEU A 49 6.72 7.64 6.78
C LEU A 49 6.19 8.26 8.07
N ASN A 50 5.05 8.93 7.98
CA ASN A 50 4.38 9.46 9.16
C ASN A 50 3.95 8.32 10.07
N ALA A 51 3.52 7.21 9.47
CA ALA A 51 3.14 6.03 10.21
C ALA A 51 4.37 5.38 10.85
N VAL A 52 5.50 5.45 10.15
CA VAL A 52 6.77 4.95 10.68
C VAL A 52 7.15 5.71 11.94
N SER A 53 6.91 7.02 11.91
CA SER A 53 7.28 7.90 13.02
C SER A 53 6.37 7.69 14.23
N THR A 54 5.35 6.85 14.07
CA THR A 54 4.46 6.53 15.16
C THR A 54 4.31 5.02 15.30
N ASN A 55 5.34 4.29 14.87
CA ASN A 55 5.33 2.83 14.99
C ASN A 55 5.55 2.39 16.41
N THR A 56 4.45 2.21 17.12
CA THR A 56 4.49 1.73 18.48
C THR A 56 3.93 0.32 18.56
N GLY A 57 4.65 -0.55 19.24
CA GLY A 57 4.22 -1.93 19.37
C GLY A 57 5.39 -2.90 19.25
N ALA A 58 5.25 -4.07 19.85
CA ALA A 58 6.32 -5.05 19.83
C ALA A 58 6.62 -5.52 18.41
N THR A 59 5.57 -5.63 17.60
CA THR A 59 5.70 -6.13 16.25
C THR A 59 5.69 -5.00 15.22
N ALA A 60 6.19 -3.84 15.64
CA ALA A 60 6.28 -2.66 14.76
C ALA A 60 7.12 -2.96 13.51
N SER A 61 7.96 -3.98 13.59
CA SER A 61 8.79 -4.39 12.46
C SER A 61 7.93 -5.03 11.37
N ALA A 62 6.89 -5.74 11.78
CA ALA A 62 5.97 -6.36 10.84
C ALA A 62 5.13 -5.31 10.15
N ARG A 63 4.68 -4.33 10.94
CA ARG A 63 3.93 -3.20 10.40
C ARG A 63 4.83 -2.40 9.46
N ALA A 64 6.11 -2.33 9.81
CA ALA A 64 7.10 -1.66 8.97
C ALA A 64 7.20 -2.32 7.60
N GLN A 65 7.16 -3.66 7.59
CA GLN A 65 7.17 -4.41 6.34
C GLN A 65 5.94 -4.06 5.51
N ALA A 66 4.78 -4.00 6.18
CA ALA A 66 3.54 -3.62 5.52
C ALA A 66 3.65 -2.20 4.94
N LEU A 67 4.29 -1.32 5.69
CA LEU A 67 4.47 0.07 5.27
C LEU A 67 5.37 0.15 4.03
N SER A 68 6.48 -0.58 4.04
CA SER A 68 7.38 -0.58 2.89
C SER A 68 6.66 -1.14 1.66
N THR A 69 5.83 -2.15 1.87
CA THR A 69 5.04 -2.73 0.81
C THR A 69 4.02 -1.72 0.28
N ALA A 70 3.32 -1.07 1.20
CA ALA A 70 2.31 -0.07 0.84
C ALA A 70 2.95 1.10 0.11
N LEU A 71 4.13 1.53 0.57
CA LEU A 71 4.86 2.60 -0.07
C LEU A 71 5.14 2.27 -1.53
N ALA A 72 5.77 1.12 -1.76
CA ALA A 72 6.09 0.67 -3.10
C ALA A 72 4.82 0.46 -3.93
N SER A 73 3.81 -0.13 -3.30
CA SER A 73 2.56 -0.45 -3.97
C SER A 73 1.85 0.82 -4.44
N SER A 74 1.59 1.74 -3.52
CA SER A 74 0.84 2.96 -3.82
C SER A 74 1.59 3.82 -4.84
N LEU A 75 2.90 3.92 -4.67
CA LEU A 75 3.71 4.69 -5.60
C LEU A 75 3.65 4.12 -7.02
N THR A 76 3.81 2.81 -7.13
CA THR A 76 3.83 2.15 -8.43
C THR A 76 2.45 2.20 -9.10
N ASP A 77 1.40 1.92 -8.32
CA ASP A 77 0.03 1.91 -8.85
C ASP A 77 -0.32 3.28 -9.46
N LEU A 78 -0.13 4.33 -8.66
CA LEU A 78 -0.40 5.70 -9.11
C LEU A 78 0.45 6.06 -10.32
N LEU A 79 1.74 5.69 -10.24
CA LEU A 79 2.69 5.99 -11.31
C LEU A 79 2.22 5.38 -12.62
N ILE A 80 1.96 4.08 -12.63
CA ILE A 80 1.56 3.38 -13.85
C ILE A 80 0.28 3.98 -14.42
N ALA A 81 -0.66 4.29 -13.55
CA ALA A 81 -1.96 4.81 -13.96
C ALA A 81 -1.83 6.14 -14.70
N GLU A 82 -1.16 7.10 -14.09
CA GLU A 82 -1.07 8.44 -14.67
C GLU A 82 0.00 8.50 -15.77
N SER A 83 0.83 7.48 -15.83
CA SER A 83 1.91 7.45 -16.80
C SER A 83 1.49 6.71 -18.05
N ALA A 84 0.46 5.89 -17.89
CA ALA A 84 0.09 4.87 -18.86
C ALA A 84 1.12 3.76 -18.86
N GLU A 85 0.65 2.52 -18.76
CA GLU A 85 1.52 1.34 -18.74
C GLU A 85 2.56 1.36 -19.85
N SER A 86 2.23 1.99 -20.98
CA SER A 86 3.13 2.07 -22.11
C SER A 86 4.31 3.00 -21.82
N ASN A 87 4.15 3.91 -20.88
CA ASN A 87 5.17 4.92 -20.62
C ASN A 87 5.68 4.86 -19.18
N TYR A 88 5.05 4.03 -18.35
CA TYR A 88 5.36 4.00 -16.92
C TYR A 88 6.84 3.69 -16.69
N ASN A 89 7.45 3.04 -17.67
CA ASN A 89 8.86 2.68 -17.61
C ASN A 89 9.73 3.93 -17.47
N ASN A 90 9.26 5.06 -18.00
CA ASN A 90 9.99 6.32 -17.91
C ASN A 90 10.19 6.72 -16.45
N GLN A 91 9.09 6.73 -15.71
CA GLN A 91 9.11 7.17 -14.32
C GLN A 91 9.61 6.07 -13.40
N LEU A 92 9.28 4.82 -13.73
CA LEU A 92 9.71 3.68 -12.94
C LEU A 92 11.24 3.62 -12.87
N SER A 93 11.86 3.98 -14.00
CA SER A 93 13.32 3.97 -14.11
C SER A 93 13.95 4.93 -13.10
N GLU A 94 13.34 6.11 -12.95
CA GLU A 94 13.86 7.11 -12.03
C GLU A 94 13.40 6.86 -10.60
N LEU A 95 12.16 6.45 -10.44
CA LEU A 95 11.57 6.21 -9.11
C LEU A 95 12.46 5.27 -8.31
N THR A 96 12.83 4.15 -8.91
CA THR A 96 13.68 3.17 -8.27
C THR A 96 15.03 3.77 -7.91
N GLY A 97 15.60 4.54 -8.83
CA GLY A 97 16.87 5.21 -8.58
C GLY A 97 16.79 6.19 -7.43
N ILE A 98 15.70 6.94 -7.37
CA ILE A 98 15.44 7.88 -6.28
C ILE A 98 15.35 7.15 -4.95
N LEU A 99 14.53 6.12 -4.92
CA LEU A 99 14.34 5.31 -3.72
C LEU A 99 15.67 4.74 -3.25
N SER A 100 16.40 4.10 -4.16
CA SER A 100 17.69 3.52 -3.82
C SER A 100 18.67 4.58 -3.32
N ASN A 101 18.61 5.76 -3.93
CA ASN A 101 19.45 6.87 -3.52
C ASN A 101 19.14 7.29 -2.10
N CYS A 102 17.87 7.56 -1.84
CA CYS A 102 17.45 8.00 -0.52
C CYS A 102 17.65 6.90 0.53
N PHE A 103 17.48 5.65 0.14
CA PHE A 103 17.79 4.54 1.04
C PHE A 103 19.24 4.59 1.47
N ILE A 104 20.14 4.68 0.51
CA ILE A 104 21.57 4.82 0.78
C ILE A 104 21.83 6.04 1.66
N GLN A 105 21.31 7.19 1.26
CA GLN A 105 21.62 8.44 1.91
C GLN A 105 20.91 8.59 3.25
N THR A 106 20.12 7.60 3.64
CA THR A 106 19.43 7.65 4.92
C THR A 106 19.85 6.47 5.81
N THR A 107 19.87 5.27 5.25
CA THR A 107 20.24 4.08 6.02
C THR A 107 21.76 3.92 6.08
N GLY A 108 22.44 4.31 5.00
CA GLY A 108 23.88 4.16 4.95
C GLY A 108 24.29 2.79 4.47
N SER A 109 23.39 2.14 3.73
CA SER A 109 23.62 0.78 3.24
C SER A 109 22.74 0.51 2.03
N ASP A 110 23.05 -0.55 1.29
CA ASP A 110 22.30 -0.90 0.10
C ASP A 110 20.98 -1.56 0.48
N ASN A 111 20.12 -1.75 -0.51
CA ASN A 111 18.80 -2.32 -0.25
C ASN A 111 18.20 -2.91 -1.53
N PRO A 112 18.40 -4.22 -1.74
CA PRO A 112 17.85 -4.93 -2.89
C PRO A 112 16.48 -5.53 -2.61
N ALA A 113 16.12 -5.61 -1.32
CA ALA A 113 14.87 -6.25 -0.91
C ALA A 113 13.66 -5.43 -1.32
N PHE A 114 13.73 -4.12 -1.10
CA PHE A 114 12.64 -3.22 -1.42
C PHE A 114 12.38 -3.23 -2.93
N VAL A 115 13.46 -3.23 -3.71
CA VAL A 115 13.36 -3.24 -5.15
C VAL A 115 12.71 -4.53 -5.64
N SER A 116 13.03 -5.63 -4.98
CA SER A 116 12.44 -6.92 -5.32
C SER A 116 10.95 -6.91 -5.01
N ARG A 117 10.55 -6.26 -3.92
CA ARG A 117 9.15 -6.08 -3.60
C ARG A 117 8.45 -5.27 -4.70
N ILE A 118 9.09 -4.19 -5.13
CA ILE A 118 8.53 -3.31 -6.17
C ILE A 118 8.15 -4.13 -7.41
N GLN A 119 9.08 -4.96 -7.87
CA GLN A 119 8.86 -5.78 -9.06
C GLN A 119 7.67 -6.71 -8.87
N SER A 120 7.47 -7.13 -7.63
CA SER A 120 6.38 -8.02 -7.30
C SER A 120 5.04 -7.30 -7.43
N LEU A 121 5.00 -6.04 -7.02
CA LEU A 121 3.78 -5.24 -7.15
C LEU A 121 3.52 -4.90 -8.60
N ILE A 122 4.60 -4.57 -9.33
CA ILE A 122 4.50 -4.24 -10.75
C ILE A 122 3.80 -5.37 -11.52
N SER A 123 4.00 -6.60 -11.06
CA SER A 123 3.45 -7.77 -11.72
C SER A 123 1.92 -7.70 -11.80
N VAL A 124 1.29 -7.14 -10.77
CA VAL A 124 -0.16 -7.07 -10.71
C VAL A 124 -0.67 -5.65 -10.98
N LEU A 125 0.18 -4.67 -10.76
CA LEU A 125 -0.22 -3.28 -10.94
C LEU A 125 -0.17 -2.86 -12.41
N SER A 126 0.44 -3.71 -13.24
CA SER A 126 0.49 -3.45 -14.67
C SER A 126 -0.77 -3.97 -15.35
N GLN A 127 -1.71 -4.47 -14.55
CA GLN A 127 -2.96 -4.99 -15.03
C GLN A 127 -4.02 -3.91 -14.98
N ASN A 128 -4.04 -3.10 -16.03
CA ASN A 128 -5.05 -2.06 -16.17
C ASN A 128 -6.44 -2.69 -16.26
N THR A 129 -7.46 -1.90 -15.86
CA THR A 129 -8.82 -2.39 -15.65
C THR A 129 -8.83 -3.78 -14.97
N ASP A 130 -8.45 -3.77 -13.70
CA ASP A 130 -8.36 -4.99 -12.90
C ASP A 130 -9.75 -5.45 -12.48
N VAL A 131 -10.73 -4.60 -12.73
CA VAL A 131 -12.12 -4.87 -12.38
C VAL A 131 -12.81 -5.66 -13.51
N ASN A 132 -11.99 -6.16 -14.43
CA ASN A 132 -12.46 -6.93 -15.57
C ASN A 132 -13.30 -8.15 -15.14
N ILE A 133 -14.61 -7.94 -15.10
CA ILE A 133 -15.56 -9.00 -14.76
C ILE A 133 -15.92 -9.82 -15.98
N ILE A 134 -15.29 -9.50 -17.11
CA ILE A 134 -15.55 -10.18 -18.36
C ILE A 134 -14.87 -11.55 -18.37
N SER A 135 -15.63 -12.57 -18.05
CA SER A 135 -15.13 -13.94 -18.09
C SER A 135 -16.05 -14.80 -18.95
N THR A 136 -16.53 -14.18 -20.02
CA THR A 136 -17.47 -14.83 -20.92
C THR A 136 -16.78 -15.91 -21.75
N ALA A 137 -15.67 -15.54 -22.36
CA ALA A 137 -14.90 -16.49 -23.15
C ALA A 137 -13.68 -16.98 -22.37
N GLY B 1 -21.33 -9.62 -6.17
CA GLY B 1 -19.93 -9.28 -6.06
C GLY B 1 -19.20 -9.44 -7.38
N ALA B 2 -19.96 -9.71 -8.44
CA ALA B 2 -19.37 -9.96 -9.74
C ALA B 2 -19.88 -8.95 -10.76
N VAL B 3 -20.29 -7.78 -10.28
CA VAL B 3 -20.78 -6.73 -11.15
C VAL B 3 -20.06 -5.42 -10.83
N THR B 4 -19.52 -4.78 -11.87
CA THR B 4 -18.75 -3.57 -11.70
C THR B 4 -19.63 -2.41 -11.23
N ALA B 5 -19.50 -2.05 -9.97
CA ALA B 5 -20.15 -0.88 -9.42
C ALA B 5 -19.11 0.16 -9.07
N VAL B 6 -19.50 1.41 -9.03
CA VAL B 6 -18.58 2.50 -8.72
C VAL B 6 -18.37 2.62 -7.22
N PRO B 7 -17.12 2.40 -6.75
CA PRO B 7 -16.78 2.54 -5.34
C PRO B 7 -16.75 4.00 -4.91
N SER B 8 -17.88 4.44 -4.38
CA SER B 8 -18.06 5.82 -3.97
C SER B 8 -17.18 6.17 -2.77
N VAL B 9 -16.78 5.15 -2.01
CA VAL B 9 -16.01 5.36 -0.79
C VAL B 9 -14.64 5.99 -1.09
N PHE B 10 -14.07 5.68 -2.25
CA PHE B 10 -12.76 6.20 -2.62
C PHE B 10 -12.90 7.51 -3.40
N SER B 11 -14.14 7.93 -3.61
CA SER B 11 -14.41 9.13 -4.38
C SER B 11 -15.26 10.11 -3.57
N SER B 12 -15.39 9.84 -2.29
CA SER B 12 -16.17 10.68 -1.40
C SER B 12 -15.62 10.63 0.03
N PRO B 13 -15.15 11.78 0.53
CA PRO B 13 -14.51 11.89 1.86
C PRO B 13 -15.42 11.41 2.99
N ASN B 14 -16.73 11.63 2.85
CA ASN B 14 -17.68 11.25 3.88
C ASN B 14 -17.76 9.74 4.01
N LEU B 15 -17.81 9.05 2.87
CA LEU B 15 -17.91 7.60 2.88
C LEU B 15 -16.61 6.95 3.31
N ALA B 16 -15.50 7.64 3.03
CA ALA B 16 -14.20 7.19 3.50
C ALA B 16 -14.15 7.20 5.03
N SER B 17 -14.77 8.23 5.61
CA SER B 17 -14.86 8.35 7.05
C SER B 17 -15.83 7.30 7.59
N GLY B 18 -16.98 7.16 6.93
CA GLY B 18 -17.96 6.17 7.34
C GLY B 18 -17.44 4.76 7.25
N PHE B 19 -16.56 4.51 6.28
CA PHE B 19 -15.93 3.21 6.13
C PHE B 19 -15.07 2.90 7.35
N LEU B 20 -14.35 3.90 7.82
CA LEU B 20 -13.50 3.79 9.01
C LEU B 20 -14.37 3.41 10.21
N GLN B 21 -15.54 4.05 10.30
CA GLN B 21 -16.47 3.81 11.39
C GLN B 21 -16.97 2.37 11.38
N CYS B 22 -17.02 1.76 10.20
CA CYS B 22 -17.56 0.42 10.06
C CYS B 22 -16.45 -0.59 10.26
N LEU B 23 -15.29 -0.27 9.73
CA LEU B 23 -14.15 -1.18 9.75
C LEU B 23 -13.73 -1.48 11.18
N THR B 24 -13.58 -0.43 11.98
CA THR B 24 -13.21 -0.56 13.38
C THR B 24 -14.26 -1.37 14.15
N PHE B 25 -15.51 -1.18 13.77
CA PHE B 25 -16.61 -1.90 14.39
C PHE B 25 -16.60 -3.36 13.98
N GLY B 26 -16.31 -3.62 12.72
CA GLY B 26 -16.30 -4.98 12.20
C GLY B 26 -15.15 -5.79 12.74
N ILE B 27 -13.94 -5.28 12.63
CA ILE B 27 -12.75 -6.00 13.08
C ILE B 27 -12.82 -6.24 14.59
N GLY B 28 -13.38 -5.27 15.30
CA GLY B 28 -13.51 -5.39 16.75
C GLY B 28 -14.70 -6.25 17.17
N ASN B 29 -15.38 -6.85 16.19
CA ASN B 29 -16.52 -7.71 16.48
C ASN B 29 -16.25 -9.15 16.04
N SER B 30 -15.68 -9.32 14.85
CA SER B 30 -15.38 -10.64 14.32
C SER B 30 -14.44 -11.41 15.25
N PRO B 31 -14.87 -12.61 15.69
CA PRO B 31 -14.14 -13.40 16.70
C PRO B 31 -12.94 -14.15 16.13
N ALA B 32 -12.46 -13.72 14.97
CA ALA B 32 -11.29 -14.34 14.36
C ALA B 32 -10.06 -13.46 14.55
N PHE B 33 -10.25 -12.33 15.21
CA PHE B 33 -9.18 -11.37 15.37
C PHE B 33 -8.83 -11.19 16.83
N PRO B 34 -7.61 -11.58 17.21
CA PRO B 34 -7.06 -11.31 18.53
C PRO B 34 -6.81 -9.82 18.70
N THR B 35 -6.65 -9.38 19.95
CA THR B 35 -6.47 -7.96 20.24
C THR B 35 -5.32 -7.37 19.43
N GLN B 36 -4.20 -8.08 19.37
CA GLN B 36 -3.04 -7.62 18.61
C GLN B 36 -3.35 -7.54 17.12
N GLU B 37 -3.99 -8.58 16.59
CA GLU B 37 -4.32 -8.64 15.17
C GLU B 37 -5.61 -7.87 14.86
N GLN B 38 -6.03 -7.03 15.80
CA GLN B 38 -7.20 -6.20 15.62
C GLN B 38 -6.80 -4.73 15.69
N GLN B 39 -6.29 -4.33 16.86
CA GLN B 39 -6.00 -2.93 17.16
C GLN B 39 -5.02 -2.32 16.14
N ASP B 40 -4.09 -3.13 15.65
CA ASP B 40 -3.08 -2.63 14.73
C ASP B 40 -3.68 -2.35 13.37
N LEU B 41 -4.62 -3.20 12.97
CA LEU B 41 -5.27 -3.08 11.66
C LEU B 41 -6.09 -1.80 11.59
N ASP B 42 -6.79 -1.49 12.67
CA ASP B 42 -7.58 -0.27 12.76
C ASP B 42 -6.67 0.95 12.62
N ALA B 43 -5.48 0.84 13.19
CA ALA B 43 -4.51 1.93 13.14
C ALA B 43 -4.04 2.19 11.72
N ILE B 44 -3.91 1.12 10.93
CA ILE B 44 -3.48 1.24 9.54
C ILE B 44 -4.65 1.69 8.66
N ALA B 45 -5.85 1.24 8.99
CA ALA B 45 -7.04 1.54 8.21
C ALA B 45 -7.29 3.04 8.12
N GLN B 46 -7.13 3.74 9.23
CA GLN B 46 -7.40 5.16 9.29
C GLN B 46 -6.40 5.95 8.43
N VAL B 47 -5.23 5.37 8.21
CA VAL B 47 -4.18 6.05 7.45
C VAL B 47 -4.59 6.23 5.99
N ILE B 48 -5.00 5.14 5.35
CA ILE B 48 -5.36 5.17 3.95
C ILE B 48 -6.60 6.04 3.72
N LEU B 49 -7.58 5.91 4.60
CA LEU B 49 -8.86 6.60 4.45
C LEU B 49 -8.71 8.11 4.60
N ASN B 50 -7.74 8.55 5.38
CA ASN B 50 -7.48 9.98 5.54
C ASN B 50 -6.89 10.56 4.27
N ALA B 51 -6.28 9.71 3.45
CA ALA B 51 -5.72 10.14 2.18
C ALA B 51 -6.82 10.26 1.14
N VAL B 52 -7.92 9.55 1.36
CA VAL B 52 -9.07 9.58 0.45
C VAL B 52 -9.84 10.88 0.62
N SER B 53 -9.98 11.33 1.86
CA SER B 53 -10.73 12.54 2.15
C SER B 53 -9.95 13.79 1.75
N THR B 54 -8.68 13.61 1.40
CA THR B 54 -7.84 14.71 0.97
C THR B 54 -7.44 14.55 -0.49
N ASN B 55 -8.29 13.86 -1.26
CA ASN B 55 -8.04 13.65 -2.68
C ASN B 55 -8.22 14.93 -3.48
N THR B 56 -7.16 15.69 -3.59
CA THR B 56 -7.15 16.89 -4.40
C THR B 56 -5.95 16.87 -5.35
N GLY B 57 -6.20 17.05 -6.63
CA GLY B 57 -5.14 17.01 -7.61
C GLY B 57 -5.67 17.12 -9.01
N ALA B 58 -5.11 16.34 -9.93
CA ALA B 58 -5.56 16.35 -11.30
C ALA B 58 -6.35 15.08 -11.58
N THR B 59 -5.81 13.97 -11.11
CA THR B 59 -6.46 12.70 -11.29
C THR B 59 -6.47 11.90 -9.99
N ALA B 60 -7.10 12.48 -8.97
CA ALA B 60 -7.27 11.84 -7.68
C ALA B 60 -8.05 10.53 -7.82
N SER B 61 -8.79 10.41 -8.92
CA SER B 61 -9.50 9.18 -9.24
C SER B 61 -8.52 8.03 -9.43
N ALA B 62 -7.32 8.35 -9.93
CA ALA B 62 -6.27 7.36 -10.11
C ALA B 62 -5.54 7.12 -8.79
N ARG B 63 -5.40 8.18 -8.00
CA ARG B 63 -4.80 8.04 -6.67
C ARG B 63 -5.69 7.14 -5.80
N ALA B 64 -7.00 7.26 -6.01
CA ALA B 64 -7.98 6.41 -5.32
C ALA B 64 -7.72 4.94 -5.62
N GLN B 65 -7.37 4.65 -6.87
CA GLN B 65 -7.01 3.30 -7.27
C GLN B 65 -5.79 2.83 -6.49
N ALA B 66 -4.78 3.68 -6.42
CA ALA B 66 -3.56 3.38 -5.67
C ALA B 66 -3.86 3.16 -4.20
N LEU B 67 -4.75 3.98 -3.65
CA LEU B 67 -5.15 3.86 -2.26
C LEU B 67 -5.87 2.54 -2.02
N SER B 68 -6.67 2.13 -3.00
CA SER B 68 -7.36 0.85 -2.94
C SER B 68 -6.34 -0.29 -2.86
N THR B 69 -5.35 -0.23 -3.73
CA THR B 69 -4.29 -1.23 -3.75
C THR B 69 -3.48 -1.19 -2.45
N ALA B 70 -3.11 0.01 -2.02
CA ALA B 70 -2.32 0.18 -0.80
C ALA B 70 -3.06 -0.36 0.42
N LEU B 71 -4.34 -0.05 0.50
CA LEU B 71 -5.18 -0.51 1.62
C LEU B 71 -5.15 -2.03 1.71
N ALA B 72 -5.49 -2.69 0.61
CA ALA B 72 -5.53 -4.14 0.57
C ALA B 72 -4.16 -4.74 0.87
N SER B 73 -3.11 -4.13 0.31
CA SER B 73 -1.76 -4.63 0.46
C SER B 73 -1.29 -4.52 1.91
N SER B 74 -1.39 -3.33 2.49
CA SER B 74 -0.86 -3.07 3.81
C SER B 74 -1.57 -3.92 4.86
N LEU B 75 -2.88 -4.04 4.74
CA LEU B 75 -3.66 -4.81 5.71
C LEU B 75 -3.33 -6.30 5.62
N THR B 76 -3.21 -6.81 4.41
CA THR B 76 -2.99 -8.23 4.20
C THR B 76 -1.57 -8.64 4.60
N ASP B 77 -0.56 -7.90 4.13
CA ASP B 77 0.84 -8.26 4.38
C ASP B 77 1.14 -8.28 5.87
N LEU B 78 0.66 -7.25 6.57
CA LEU B 78 0.80 -7.17 8.02
C LEU B 78 0.15 -8.39 8.69
N LEU B 79 -1.07 -8.69 8.26
CA LEU B 79 -1.83 -9.80 8.80
C LEU B 79 -1.06 -11.11 8.60
N ILE B 80 -0.65 -11.37 7.35
CA ILE B 80 0.06 -12.60 7.01
C ILE B 80 1.24 -12.85 7.94
N ALA B 81 2.02 -11.79 8.18
CA ALA B 81 3.25 -11.91 8.95
C ALA B 81 3.01 -12.40 10.37
N GLU B 82 2.21 -11.65 11.13
CA GLU B 82 2.00 -11.97 12.55
C GLU B 82 1.04 -13.14 12.73
N SER B 83 0.31 -13.47 11.68
CA SER B 83 -0.71 -14.51 11.78
C SER B 83 -0.13 -15.85 11.44
N ALA B 84 1.06 -15.81 10.84
CA ALA B 84 1.66 -16.97 10.20
C ALA B 84 0.88 -17.32 8.94
N GLU B 85 1.59 -17.39 7.83
CA GLU B 85 0.99 -17.72 6.53
C GLU B 85 0.20 -19.03 6.52
N SER B 86 0.34 -19.83 7.56
CA SER B 86 -0.41 -21.06 7.69
C SER B 86 -1.80 -20.78 8.29
N ASN B 87 -1.93 -19.69 9.03
CA ASN B 87 -3.16 -19.40 9.77
C ASN B 87 -3.84 -18.13 9.27
N TYR B 88 -3.11 -17.34 8.50
CA TYR B 88 -3.59 -16.03 8.05
C TYR B 88 -4.85 -16.17 7.20
N ASN B 89 -5.01 -17.33 6.57
CA ASN B 89 -6.14 -17.58 5.70
C ASN B 89 -7.47 -17.57 6.47
N ASN B 90 -7.38 -17.80 7.77
CA ASN B 90 -8.55 -17.74 8.64
C ASN B 90 -8.97 -16.30 8.84
N GLN B 91 -8.04 -15.48 9.30
CA GLN B 91 -8.30 -14.06 9.54
C GLN B 91 -8.65 -13.35 8.23
N LEU B 92 -7.94 -13.70 7.17
CA LEU B 92 -8.15 -13.07 5.86
C LEU B 92 -9.59 -13.26 5.38
N SER B 93 -10.13 -14.46 5.61
CA SER B 93 -11.48 -14.79 5.17
C SER B 93 -12.52 -13.91 5.86
N GLU B 94 -12.22 -13.50 7.09
CA GLU B 94 -13.10 -12.60 7.82
C GLU B 94 -12.85 -11.16 7.41
N LEU B 95 -11.57 -10.82 7.22
CA LEU B 95 -11.17 -9.48 6.84
C LEU B 95 -11.88 -9.04 5.56
N THR B 96 -11.86 -9.90 4.55
CA THR B 96 -12.53 -9.62 3.29
C THR B 96 -14.03 -9.42 3.49
N GLY B 97 -14.61 -10.21 4.39
CA GLY B 97 -16.02 -10.10 4.69
C GLY B 97 -16.36 -8.77 5.33
N ILE B 98 -15.54 -8.36 6.29
CA ILE B 98 -15.71 -7.08 6.96
C ILE B 98 -15.58 -5.94 5.96
N LEU B 99 -14.52 -6.00 5.15
CA LEU B 99 -14.29 -5.00 4.10
C LEU B 99 -15.50 -4.90 3.18
N SER B 100 -15.90 -6.05 2.63
CA SER B 100 -17.03 -6.11 1.71
C SER B 100 -18.30 -5.55 2.36
N ASN B 101 -18.52 -5.90 3.62
CA ASN B 101 -19.67 -5.42 4.37
C ASN B 101 -19.62 -3.91 4.49
N CYS B 102 -18.45 -3.38 4.83
CA CYS B 102 -18.29 -1.94 5.02
C CYS B 102 -18.40 -1.19 3.69
N PHE B 103 -17.98 -1.81 2.60
CA PHE B 103 -18.22 -1.24 1.27
C PHE B 103 -19.71 -1.13 1.01
N ILE B 104 -20.43 -2.18 1.38
CA ILE B 104 -21.89 -2.19 1.29
C ILE B 104 -22.50 -1.09 2.16
N GLN B 105 -21.98 -0.93 3.36
CA GLN B 105 -22.53 0.03 4.30
C GLN B 105 -22.32 1.46 3.81
N THR B 106 -21.24 1.67 3.06
CA THR B 106 -20.89 3.00 2.58
C THR B 106 -21.41 3.25 1.17
N THR B 107 -20.93 2.46 0.21
CA THR B 107 -21.26 2.67 -1.18
C THR B 107 -22.69 2.20 -1.47
N GLY B 108 -23.16 1.25 -0.68
CA GLY B 108 -24.47 0.68 -0.89
C GLY B 108 -24.46 -0.36 -2.00
N SER B 109 -23.26 -0.81 -2.35
CA SER B 109 -23.09 -1.76 -3.44
C SER B 109 -21.80 -2.54 -3.25
N ASP B 110 -21.58 -3.52 -4.12
CA ASP B 110 -20.38 -4.34 -4.05
C ASP B 110 -19.32 -3.81 -4.99
N ASN B 111 -18.06 -3.89 -4.55
CA ASN B 111 -16.94 -3.40 -5.35
C ASN B 111 -15.97 -4.53 -5.66
N PRO B 112 -16.14 -5.15 -6.85
CA PRO B 112 -15.30 -6.27 -7.29
C PRO B 112 -13.86 -5.84 -7.54
N ALA B 113 -13.65 -4.58 -7.87
CA ALA B 113 -12.32 -4.06 -8.19
C ALA B 113 -11.38 -4.21 -7.00
N PHE B 114 -11.90 -3.98 -5.80
CA PHE B 114 -11.11 -4.10 -4.60
C PHE B 114 -10.82 -5.57 -4.32
N VAL B 115 -11.80 -6.41 -4.60
CA VAL B 115 -11.66 -7.85 -4.40
C VAL B 115 -10.60 -8.42 -5.34
N SER B 116 -10.61 -7.94 -6.59
CA SER B 116 -9.59 -8.31 -7.57
C SER B 116 -8.20 -7.95 -7.05
N ARG B 117 -8.05 -6.70 -6.61
CA ARG B 117 -6.82 -6.24 -6.00
C ARG B 117 -6.40 -7.14 -4.85
N ILE B 118 -7.34 -7.46 -3.96
CA ILE B 118 -7.06 -8.33 -2.82
C ILE B 118 -6.46 -9.65 -3.29
N GLN B 119 -7.19 -10.38 -4.13
CA GLN B 119 -6.76 -11.70 -4.57
C GLN B 119 -5.40 -11.64 -5.27
N SER B 120 -5.21 -10.62 -6.11
CA SER B 120 -3.97 -10.46 -6.85
C SER B 120 -2.82 -10.12 -5.90
N LEU B 121 -3.12 -9.31 -4.89
CA LEU B 121 -2.11 -8.88 -3.93
C LEU B 121 -1.75 -10.01 -2.97
N ILE B 122 -2.72 -10.85 -2.64
CA ILE B 122 -2.49 -11.99 -1.75
C ILE B 122 -1.31 -12.82 -2.24
N SER B 123 -1.25 -13.01 -3.55
CA SER B 123 -0.20 -13.80 -4.15
C SER B 123 1.17 -13.13 -3.99
N VAL B 124 1.25 -11.84 -4.30
CA VAL B 124 2.53 -11.12 -4.26
C VAL B 124 2.95 -10.81 -2.82
N LEU B 125 2.01 -10.89 -1.90
CA LEU B 125 2.31 -10.70 -0.48
C LEU B 125 2.81 -12.00 0.13
N SER B 126 2.15 -13.11 -0.22
CA SER B 126 2.60 -14.42 0.25
C SER B 126 3.94 -14.77 -0.38
N GLN B 127 4.13 -14.35 -1.64
CA GLN B 127 5.42 -14.43 -2.29
C GLN B 127 6.32 -13.30 -1.80
N ASN B 128 6.62 -13.34 -0.50
CA ASN B 128 7.43 -12.32 0.14
C ASN B 128 8.84 -12.33 -0.45
N THR B 129 9.47 -11.17 -0.49
CA THR B 129 10.78 -11.04 -1.11
C THR B 129 11.86 -11.78 -0.32
N ASP B 130 12.20 -12.97 -0.79
CA ASP B 130 13.27 -13.74 -0.20
C ASP B 130 14.61 -13.10 -0.54
N VAL B 131 14.63 -12.47 -1.72
CA VAL B 131 15.79 -11.80 -2.29
C VAL B 131 17.08 -12.57 -2.03
N ASN B 132 17.18 -13.64 -2.78
CA ASN B 132 18.37 -14.47 -2.87
C ASN B 132 19.66 -13.68 -2.73
N ILE B 133 20.21 -13.71 -1.53
CA ILE B 133 21.50 -13.08 -1.25
C ILE B 133 22.63 -13.90 -1.88
N ILE B 134 22.25 -15.05 -2.43
CA ILE B 134 23.18 -15.94 -3.10
C ILE B 134 22.96 -15.83 -4.61
N SER B 135 24.01 -16.01 -5.39
CA SER B 135 23.90 -15.88 -6.83
C SER B 135 24.41 -17.16 -7.48
N THR B 136 23.71 -18.24 -7.18
CA THR B 136 24.05 -19.56 -7.70
C THR B 136 23.74 -19.68 -9.19
N ALA B 137 23.05 -18.68 -9.74
CA ALA B 137 22.73 -18.66 -11.16
C ALA B 137 23.57 -17.61 -11.86
N GLY A 1 13.84 -16.20 1.99
CA GLY A 1 15.28 -16.02 2.27
C GLY A 1 15.56 -14.75 3.04
N ALA A 2 16.77 -14.64 3.57
CA ALA A 2 17.14 -13.47 4.33
C ALA A 2 18.15 -12.61 3.58
N VAL A 3 17.72 -11.42 3.20
CA VAL A 3 18.61 -10.47 2.54
C VAL A 3 19.57 -9.87 3.58
N THR A 4 20.80 -9.63 3.16
CA THR A 4 21.84 -9.12 4.05
C THR A 4 21.76 -7.60 4.22
N ALA A 5 20.60 -7.04 3.94
CA ALA A 5 20.38 -5.61 4.07
C ALA A 5 18.97 -5.32 4.58
N VAL A 6 18.86 -5.05 5.87
CA VAL A 6 17.58 -4.76 6.48
C VAL A 6 17.34 -3.25 6.55
N PRO A 7 16.24 -2.76 5.95
CA PRO A 7 15.90 -1.35 5.98
C PRO A 7 15.34 -0.91 7.32
N SER A 8 16.17 -0.26 8.11
CA SER A 8 15.78 0.20 9.44
C SER A 8 14.90 1.43 9.36
N VAL A 9 14.80 2.00 8.16
CA VAL A 9 14.01 3.20 7.93
C VAL A 9 12.57 3.03 8.39
N PHE A 10 11.98 1.88 8.08
CA PHE A 10 10.59 1.62 8.40
C PHE A 10 10.43 1.13 9.83
N SER A 11 11.54 1.10 10.56
CA SER A 11 11.51 0.65 11.94
C SER A 11 12.00 1.75 12.88
N SER A 12 12.21 2.94 12.33
CA SER A 12 12.67 4.07 13.11
C SER A 12 12.06 5.38 12.61
N PRO A 13 11.38 6.13 13.50
CA PRO A 13 10.69 7.38 13.14
C PRO A 13 11.64 8.43 12.59
N ASN A 14 12.81 8.53 13.20
CA ASN A 14 13.82 9.50 12.78
C ASN A 14 14.32 9.19 11.36
N LEU A 15 14.52 7.90 11.09
CA LEU A 15 14.98 7.47 9.77
C LEU A 15 13.88 7.65 8.73
N ALA A 16 12.64 7.45 9.15
CA ALA A 16 11.49 7.67 8.26
C ALA A 16 11.49 9.10 7.73
N SER A 17 11.69 10.06 8.62
CA SER A 17 11.75 11.46 8.23
C SER A 17 12.95 11.70 7.33
N GLY A 18 14.06 11.05 7.63
CA GLY A 18 15.28 11.21 6.83
C GLY A 18 15.10 10.65 5.43
N PHE A 19 14.26 9.65 5.29
CA PHE A 19 13.99 9.06 4.00
C PHE A 19 13.01 9.92 3.22
N LEU A 20 11.94 10.33 3.89
CA LEU A 20 10.91 11.15 3.27
C LEU A 20 11.49 12.47 2.75
N GLN A 21 12.38 13.06 3.53
CA GLN A 21 13.00 14.33 3.18
C GLN A 21 13.88 14.17 1.94
N CYS A 22 14.37 12.95 1.71
CA CYS A 22 15.22 12.68 0.58
C CYS A 22 14.37 12.30 -0.62
N LEU A 23 13.30 11.58 -0.34
CA LEU A 23 12.40 11.07 -1.36
C LEU A 23 11.82 12.20 -2.20
N THR A 24 11.22 13.18 -1.53
CA THR A 24 10.58 14.29 -2.22
C THR A 24 11.62 15.16 -2.93
N PHE A 25 12.80 15.26 -2.32
CA PHE A 25 13.90 16.02 -2.89
C PHE A 25 14.41 15.32 -4.16
N GLY A 26 14.46 14.00 -4.12
CA GLY A 26 14.85 13.23 -5.27
C GLY A 26 13.87 13.36 -6.41
N ILE A 27 12.57 13.34 -6.07
CA ILE A 27 11.51 13.54 -7.04
C ILE A 27 11.64 14.94 -7.65
N GLY A 28 11.95 15.91 -6.78
CA GLY A 28 12.08 17.29 -7.22
C GLY A 28 13.45 17.60 -7.76
N ASN A 29 14.00 16.68 -8.53
CA ASN A 29 15.34 16.82 -9.07
C ASN A 29 15.50 15.94 -10.31
N SER A 30 14.81 14.81 -10.29
CA SER A 30 14.78 13.93 -11.45
C SER A 30 13.88 14.52 -12.53
N PRO A 31 14.43 14.76 -13.74
CA PRO A 31 13.74 15.48 -14.81
C PRO A 31 12.56 14.72 -15.43
N ALA A 32 12.25 13.55 -14.88
CA ALA A 32 11.15 12.74 -15.41
C ALA A 32 9.87 12.99 -14.62
N PHE A 33 9.94 13.86 -13.63
CA PHE A 33 8.79 14.16 -12.78
C PHE A 33 8.46 15.64 -12.76
N PRO A 34 7.44 16.04 -13.55
CA PRO A 34 6.88 17.40 -13.50
C PRO A 34 6.25 17.72 -12.15
N THR A 35 5.84 18.97 -11.98
CA THR A 35 5.26 19.45 -10.72
C THR A 35 4.07 18.61 -10.28
N GLN A 36 3.22 18.23 -11.23
CA GLN A 36 2.04 17.44 -10.93
C GLN A 36 2.41 16.09 -10.33
N GLU A 37 3.37 15.41 -10.95
CA GLU A 37 3.79 14.10 -10.47
C GLU A 37 4.38 14.23 -9.07
N GLN A 38 5.20 15.26 -8.87
CA GLN A 38 5.79 15.55 -7.57
C GLN A 38 4.72 15.65 -6.49
N GLN A 39 3.75 16.53 -6.68
CA GLN A 39 2.75 16.79 -5.66
C GLN A 39 1.94 15.56 -5.30
N ASP A 40 1.66 14.72 -6.28
CA ASP A 40 0.90 13.50 -6.03
C ASP A 40 1.74 12.51 -5.23
N LEU A 41 2.94 12.24 -5.74
CA LEU A 41 3.84 11.28 -5.10
C LEU A 41 4.25 11.77 -3.70
N ASP A 42 4.48 13.08 -3.58
CA ASP A 42 4.80 13.71 -2.30
C ASP A 42 3.70 13.47 -1.29
N ALA A 43 2.46 13.62 -1.74
CA ALA A 43 1.31 13.46 -0.88
C ALA A 43 1.17 12.01 -0.42
N ILE A 44 1.37 11.08 -1.34
CA ILE A 44 1.24 9.66 -1.03
C ILE A 44 2.40 9.17 -0.17
N ALA A 45 3.61 9.63 -0.50
CA ALA A 45 4.81 9.20 0.19
C ALA A 45 4.77 9.55 1.68
N GLN A 46 4.39 10.80 1.98
CA GLN A 46 4.37 11.26 3.36
C GLN A 46 3.39 10.44 4.20
N VAL A 47 2.31 9.99 3.56
CA VAL A 47 1.29 9.18 4.23
C VAL A 47 1.90 7.88 4.78
N ILE A 48 2.76 7.27 3.98
CA ILE A 48 3.40 6.01 4.38
C ILE A 48 4.41 6.25 5.50
N LEU A 49 5.25 7.26 5.33
CA LEU A 49 6.31 7.56 6.29
C LEU A 49 5.73 8.04 7.62
N ASN A 50 4.59 8.73 7.58
CA ASN A 50 3.93 9.18 8.80
C ASN A 50 3.38 8.00 9.58
N ALA A 51 3.16 6.88 8.90
CA ALA A 51 2.72 5.66 9.55
C ALA A 51 3.91 4.91 10.15
N VAL A 52 5.11 5.29 9.72
CA VAL A 52 6.33 4.69 10.24
C VAL A 52 6.71 5.32 11.56
N SER A 53 6.53 6.64 11.66
CA SER A 53 6.87 7.36 12.87
C SER A 53 5.97 6.95 14.03
N THR A 54 4.81 6.41 13.72
CA THR A 54 3.86 5.99 14.74
C THR A 54 3.95 4.48 14.99
N ASN A 55 5.02 3.85 14.48
CA ASN A 55 5.25 2.43 14.74
C ASN A 55 5.57 2.20 16.20
N THR A 56 4.62 1.60 16.91
CA THR A 56 4.79 1.36 18.34
C THR A 56 4.33 -0.05 18.71
N GLY A 57 5.27 -0.86 19.17
CA GLY A 57 4.93 -2.19 19.65
C GLY A 57 5.63 -3.27 18.87
N ALA A 58 5.19 -4.51 19.08
CA ALA A 58 5.78 -5.67 18.43
C ALA A 58 5.32 -5.77 16.98
N THR A 59 4.25 -5.07 16.66
CA THR A 59 3.71 -5.07 15.32
C THR A 59 4.49 -4.14 14.40
N ALA A 60 5.34 -3.31 14.99
CA ALA A 60 6.10 -2.31 14.24
C ALA A 60 6.99 -2.97 13.18
N SER A 61 7.70 -4.02 13.56
CA SER A 61 8.61 -4.71 12.65
C SER A 61 7.86 -5.35 11.49
N ALA A 62 6.65 -5.81 11.77
CA ALA A 62 5.81 -6.44 10.77
C ALA A 62 5.17 -5.39 9.88
N ARG A 63 4.77 -4.28 10.48
CA ARG A 63 4.14 -3.21 9.74
C ARG A 63 5.17 -2.48 8.89
N ALA A 64 6.42 -2.55 9.29
CA ALA A 64 7.53 -2.03 8.49
C ALA A 64 7.57 -2.74 7.14
N GLN A 65 7.32 -4.04 7.19
CA GLN A 65 7.27 -4.87 5.99
C GLN A 65 6.05 -4.50 5.14
N ALA A 66 4.94 -4.24 5.81
CA ALA A 66 3.71 -3.86 5.13
C ALA A 66 3.82 -2.46 4.51
N LEU A 67 4.38 -1.52 5.28
CA LEU A 67 4.50 -0.14 4.84
C LEU A 67 5.42 0.00 3.64
N SER A 68 6.50 -0.77 3.63
CA SER A 68 7.43 -0.74 2.52
C SER A 68 6.77 -1.24 1.24
N THR A 69 5.95 -2.28 1.39
CA THR A 69 5.20 -2.82 0.26
C THR A 69 4.11 -1.83 -0.17
N ALA A 70 3.41 -1.26 0.81
CA ALA A 70 2.36 -0.29 0.55
C ALA A 70 2.92 0.94 -0.17
N LEU A 71 4.11 1.36 0.24
CA LEU A 71 4.81 2.47 -0.40
C LEU A 71 5.00 2.16 -1.88
N ALA A 72 5.57 1.00 -2.16
CA ALA A 72 5.80 0.57 -3.54
C ALA A 72 4.48 0.48 -4.30
N SER A 73 3.47 -0.09 -3.66
CA SER A 73 2.17 -0.28 -4.29
C SER A 73 1.54 1.05 -4.67
N SER A 74 1.42 1.93 -3.69
CA SER A 74 0.74 3.22 -3.88
C SER A 74 1.42 4.04 -4.96
N LEU A 75 2.74 4.15 -4.86
CA LEU A 75 3.52 4.96 -5.79
C LEU A 75 3.44 4.42 -7.21
N THR A 76 3.57 3.10 -7.36
CA THR A 76 3.63 2.48 -8.68
C THR A 76 2.28 2.48 -9.39
N ASP A 77 1.20 2.15 -8.66
CA ASP A 77 -0.13 2.06 -9.26
C ASP A 77 -0.53 3.43 -9.82
N LEU A 78 -0.30 4.47 -9.02
CA LEU A 78 -0.57 5.84 -9.43
C LEU A 78 0.30 6.20 -10.63
N LEU A 79 1.59 5.89 -10.51
CA LEU A 79 2.58 6.22 -11.53
C LEU A 79 2.20 5.67 -12.90
N ILE A 80 1.94 4.37 -12.96
CA ILE A 80 1.64 3.70 -14.24
C ILE A 80 0.40 4.28 -14.90
N ALA A 81 -0.63 4.52 -14.10
CA ALA A 81 -1.91 4.96 -14.62
C ALA A 81 -1.81 6.28 -15.39
N GLU A 82 -1.26 7.30 -14.75
CA GLU A 82 -1.25 8.65 -15.32
C GLU A 82 -0.08 8.86 -16.29
N SER A 83 0.76 7.85 -16.46
CA SER A 83 1.91 7.97 -17.35
C SER A 83 1.65 7.27 -18.67
N ALA A 84 0.36 7.08 -18.95
CA ALA A 84 -0.10 6.52 -20.22
C ALA A 84 0.23 5.04 -20.34
N GLU A 85 0.76 4.47 -19.25
CA GLU A 85 1.09 3.04 -19.18
C GLU A 85 2.24 2.68 -20.13
N SER A 86 2.73 3.66 -20.86
CA SER A 86 3.84 3.45 -21.76
C SER A 86 5.05 4.28 -21.31
N ASN A 87 4.77 5.40 -20.66
CA ASN A 87 5.84 6.29 -20.22
C ASN A 87 6.23 5.96 -18.79
N TYR A 88 5.52 5.00 -18.21
CA TYR A 88 5.74 4.63 -16.83
C TYR A 88 7.16 4.12 -16.61
N ASN A 89 7.71 3.50 -17.64
CA ASN A 89 9.09 3.00 -17.59
C ASN A 89 10.06 4.15 -17.35
N ASN A 90 9.77 5.30 -17.95
CA ASN A 90 10.63 6.47 -17.82
C ASN A 90 10.64 6.95 -16.37
N GLN A 91 9.46 7.00 -15.78
CA GLN A 91 9.31 7.42 -14.39
C GLN A 91 9.80 6.33 -13.45
N LEU A 92 9.52 5.08 -13.80
CA LEU A 92 9.88 3.91 -13.00
C LEU A 92 11.39 3.90 -12.74
N SER A 93 12.16 4.13 -13.79
CA SER A 93 13.62 4.13 -13.70
C SER A 93 14.11 5.18 -12.71
N GLU A 94 13.52 6.37 -12.77
CA GLU A 94 13.90 7.46 -11.88
C GLU A 94 13.39 7.21 -10.47
N LEU A 95 12.13 6.82 -10.36
CA LEU A 95 11.48 6.60 -9.09
C LEU A 95 12.24 5.57 -8.25
N THR A 96 12.55 4.43 -8.85
CA THR A 96 13.30 3.39 -8.17
C THR A 96 14.71 3.87 -7.83
N GLY A 97 15.29 4.65 -8.73
CA GLY A 97 16.60 5.23 -8.49
C GLY A 97 16.60 6.12 -7.26
N ILE A 98 15.56 6.95 -7.14
CA ILE A 98 15.41 7.82 -5.98
C ILE A 98 15.29 7.00 -4.70
N LEU A 99 14.48 5.96 -4.75
CA LEU A 99 14.25 5.08 -3.61
C LEU A 99 15.57 4.50 -3.09
N SER A 100 16.23 3.70 -3.94
CA SER A 100 17.46 3.03 -3.55
C SER A 100 18.54 4.04 -3.13
N ASN A 101 18.57 5.18 -3.81
CA ASN A 101 19.52 6.23 -3.50
C ASN A 101 19.28 6.79 -2.09
N CYS A 102 18.01 7.07 -1.78
CA CYS A 102 17.67 7.57 -0.47
C CYS A 102 17.86 6.49 0.59
N PHE A 103 17.51 5.25 0.26
CA PHE A 103 17.78 4.13 1.16
C PHE A 103 19.26 4.09 1.52
N ILE A 104 20.11 4.27 0.52
CA ILE A 104 21.56 4.30 0.72
C ILE A 104 21.97 5.32 1.78
N GLN A 105 21.40 6.50 1.70
CA GLN A 105 21.80 7.58 2.58
C GLN A 105 21.05 7.55 3.91
N THR A 106 20.01 6.73 4.00
CA THR A 106 19.18 6.72 5.20
C THR A 106 19.38 5.44 6.02
N THR A 107 19.44 4.29 5.36
CA THR A 107 19.61 3.01 6.05
C THR A 107 20.96 2.39 5.72
N GLY A 108 21.70 3.02 4.80
CA GLY A 108 23.05 2.57 4.49
C GLY A 108 23.09 1.45 3.47
N SER A 109 21.96 1.19 2.81
CA SER A 109 21.88 0.14 1.81
C SER A 109 20.76 0.43 0.84
N ASP A 110 20.88 -0.09 -0.38
CA ASP A 110 19.88 0.16 -1.42
C ASP A 110 18.66 -0.72 -1.21
N ASN A 111 18.91 -1.90 -0.66
CA ASN A 111 17.86 -2.86 -0.33
C ASN A 111 17.14 -3.34 -1.59
N PRO A 112 17.73 -4.33 -2.27
CA PRO A 112 17.17 -4.86 -3.52
C PRO A 112 15.89 -5.66 -3.28
N ALA A 113 15.64 -6.00 -2.02
CA ALA A 113 14.42 -6.69 -1.64
C ALA A 113 13.23 -5.76 -1.82
N PHE A 114 13.47 -4.47 -1.69
CA PHE A 114 12.42 -3.47 -1.84
C PHE A 114 11.96 -3.40 -3.30
N VAL A 115 12.92 -3.30 -4.21
CA VAL A 115 12.60 -3.21 -5.63
C VAL A 115 12.01 -4.51 -6.14
N SER A 116 12.31 -5.61 -5.46
CA SER A 116 11.70 -6.90 -5.76
C SER A 116 10.18 -6.81 -5.59
N ARG A 117 9.76 -6.25 -4.47
CA ARG A 117 8.34 -6.04 -4.19
C ARG A 117 7.72 -5.11 -5.25
N ILE A 118 8.47 -4.09 -5.63
CA ILE A 118 8.03 -3.15 -6.66
C ILE A 118 7.75 -3.89 -7.97
N GLN A 119 8.77 -4.56 -8.50
CA GLN A 119 8.68 -5.22 -9.80
C GLN A 119 7.60 -6.29 -9.80
N SER A 120 7.43 -6.96 -8.67
CA SER A 120 6.41 -7.99 -8.53
C SER A 120 5.02 -7.36 -8.65
N LEU A 121 4.84 -6.24 -7.97
CA LEU A 121 3.56 -5.54 -7.96
C LEU A 121 3.27 -4.88 -9.30
N ILE A 122 4.32 -4.62 -10.08
CA ILE A 122 4.15 -4.00 -11.40
C ILE A 122 3.26 -4.86 -12.28
N SER A 123 3.46 -6.17 -12.17
CA SER A 123 2.71 -7.14 -12.96
C SER A 123 1.24 -7.18 -12.55
N VAL A 124 0.92 -6.58 -11.41
CA VAL A 124 -0.44 -6.51 -10.93
C VAL A 124 -1.05 -5.13 -11.23
N LEU A 125 -0.21 -4.10 -11.11
CA LEU A 125 -0.68 -2.73 -11.24
C LEU A 125 -0.73 -2.29 -12.70
N SER A 126 0.16 -2.84 -13.52
CA SER A 126 0.21 -2.50 -14.94
C SER A 126 -0.73 -3.42 -15.73
N GLN A 127 -1.26 -4.41 -15.04
CA GLN A 127 -2.15 -5.38 -15.63
C GLN A 127 -3.53 -5.24 -15.02
N ASN A 128 -4.34 -4.42 -15.64
CA ASN A 128 -5.70 -4.18 -15.20
C ASN A 128 -6.45 -5.51 -15.02
N THR A 129 -6.91 -5.74 -13.80
CA THR A 129 -7.54 -7.00 -13.45
C THR A 129 -8.94 -7.12 -14.05
N ASP A 130 -9.05 -7.87 -15.14
CA ASP A 130 -10.33 -8.10 -15.80
C ASP A 130 -10.77 -9.54 -15.60
N VAL A 131 -9.95 -10.33 -14.91
CA VAL A 131 -10.21 -11.75 -14.74
C VAL A 131 -11.54 -11.99 -14.04
N ASN A 132 -11.67 -11.45 -12.83
CA ASN A 132 -12.93 -11.54 -12.09
C ASN A 132 -13.39 -10.17 -11.64
N ILE A 133 -14.28 -9.59 -12.43
CA ILE A 133 -14.90 -8.31 -12.08
C ILE A 133 -16.35 -8.55 -11.69
N ILE A 134 -16.72 -9.82 -11.63
CA ILE A 134 -18.10 -10.20 -11.31
C ILE A 134 -18.18 -10.75 -9.90
N SER A 135 -19.18 -10.33 -9.15
CA SER A 135 -19.42 -10.84 -7.81
C SER A 135 -20.91 -10.92 -7.55
N THR A 136 -21.54 -11.86 -8.23
CA THR A 136 -22.96 -12.09 -8.07
C THR A 136 -23.24 -12.85 -6.77
N ALA A 137 -22.71 -14.06 -6.68
CA ALA A 137 -22.88 -14.90 -5.51
C ALA A 137 -21.81 -15.98 -5.47
N GLY B 1 -9.10 -3.62 -12.88
CA GLY B 1 -10.26 -3.26 -12.10
C GLY B 1 -11.33 -2.57 -12.94
N ALA B 2 -11.50 -3.03 -14.16
CA ALA B 2 -12.50 -2.45 -15.06
C ALA B 2 -13.87 -3.05 -14.78
N VAL B 3 -14.62 -2.39 -13.92
CA VAL B 3 -15.94 -2.86 -13.55
C VAL B 3 -16.89 -1.67 -13.33
N THR B 4 -18.19 -1.91 -13.47
CA THR B 4 -19.17 -0.84 -13.33
C THR B 4 -19.46 -0.54 -11.85
N ALA B 5 -18.68 -1.14 -10.99
CA ALA B 5 -18.80 -0.93 -9.55
C ALA B 5 -17.61 -0.15 -9.03
N VAL B 6 -17.71 1.16 -9.09
CA VAL B 6 -16.65 2.04 -8.65
C VAL B 6 -16.83 2.39 -7.17
N PRO B 7 -15.84 2.05 -6.33
CA PRO B 7 -15.87 2.35 -4.91
C PRO B 7 -15.82 3.85 -4.64
N SER B 8 -16.95 4.43 -4.30
CA SER B 8 -17.04 5.86 -4.07
C SER B 8 -16.38 6.24 -2.74
N VAL B 9 -16.08 5.22 -1.94
CA VAL B 9 -15.43 5.39 -0.65
C VAL B 9 -14.09 6.11 -0.81
N PHE B 10 -13.38 5.80 -1.90
CA PHE B 10 -12.05 6.35 -2.13
C PHE B 10 -12.13 7.66 -2.91
N SER B 11 -13.33 8.08 -3.26
CA SER B 11 -13.53 9.29 -4.03
C SER B 11 -14.14 10.39 -3.16
N SER B 12 -14.91 9.98 -2.15
CA SER B 12 -15.58 10.94 -1.28
C SER B 12 -15.05 10.82 0.16
N PRO B 13 -14.58 11.93 0.73
CA PRO B 13 -14.00 11.96 2.08
C PRO B 13 -14.99 11.54 3.16
N ASN B 14 -16.26 11.87 2.96
CA ASN B 14 -17.31 11.53 3.91
C ASN B 14 -17.53 10.02 3.95
N LEU B 15 -17.46 9.39 2.78
CA LEU B 15 -17.62 7.96 2.69
C LEU B 15 -16.37 7.26 3.22
N ALA B 16 -15.22 7.88 3.05
CA ALA B 16 -13.98 7.39 3.62
C ALA B 16 -14.10 7.27 5.13
N SER B 17 -14.61 8.33 5.75
CA SER B 17 -14.83 8.35 7.19
C SER B 17 -15.87 7.29 7.57
N GLY B 18 -16.93 7.21 6.76
CA GLY B 18 -17.99 6.23 7.00
C GLY B 18 -17.52 4.80 6.86
N PHE B 19 -16.46 4.60 6.09
CA PHE B 19 -15.90 3.27 5.92
C PHE B 19 -14.98 2.95 7.09
N LEU B 20 -14.17 3.92 7.47
CA LEU B 20 -13.26 3.78 8.60
C LEU B 20 -14.04 3.46 9.87
N GLN B 21 -15.17 4.14 10.06
CA GLN B 21 -15.99 3.97 11.24
C GLN B 21 -16.68 2.59 11.22
N CYS B 22 -16.79 2.00 10.03
CA CYS B 22 -17.42 0.70 9.89
C CYS B 22 -16.38 -0.39 10.05
N LEU B 23 -15.23 -0.16 9.45
CA LEU B 23 -14.13 -1.12 9.42
C LEU B 23 -13.72 -1.51 10.83
N THR B 24 -13.56 -0.52 11.69
CA THR B 24 -13.17 -0.75 13.08
C THR B 24 -14.23 -1.58 13.81
N PHE B 25 -15.49 -1.36 13.45
CA PHE B 25 -16.59 -2.11 14.03
C PHE B 25 -16.60 -3.53 13.51
N GLY B 26 -16.28 -3.69 12.23
CA GLY B 26 -16.22 -5.00 11.61
C GLY B 26 -15.08 -5.84 12.15
N ILE B 27 -13.91 -5.23 12.30
CA ILE B 27 -12.76 -5.94 12.86
C ILE B 27 -13.04 -6.39 14.29
N GLY B 28 -13.84 -5.59 15.00
CA GLY B 28 -14.26 -5.97 16.35
C GLY B 28 -15.46 -6.87 16.33
N ASN B 29 -16.05 -7.05 15.16
CA ASN B 29 -17.26 -7.83 15.02
C ASN B 29 -16.93 -9.29 14.75
N SER B 30 -15.80 -9.50 14.08
CA SER B 30 -15.33 -10.85 13.81
C SER B 30 -14.41 -11.33 14.92
N PRO B 31 -14.73 -12.47 15.53
CA PRO B 31 -14.02 -13.00 16.71
C PRO B 31 -12.71 -13.69 16.36
N ALA B 32 -12.10 -13.30 15.26
CA ALA B 32 -10.83 -13.88 14.84
C ALA B 32 -9.71 -12.86 14.97
N PHE B 33 -10.03 -11.69 15.50
CA PHE B 33 -9.06 -10.62 15.63
C PHE B 33 -8.89 -10.19 17.09
N PRO B 34 -7.69 -10.42 17.64
CA PRO B 34 -7.33 -9.94 18.97
C PRO B 34 -7.04 -8.44 18.96
N THR B 35 -6.93 -7.85 20.14
CA THR B 35 -6.67 -6.42 20.26
C THR B 35 -5.33 -6.04 19.62
N GLN B 36 -4.43 -7.00 19.53
CA GLN B 36 -3.10 -6.76 18.99
C GLN B 36 -3.20 -6.40 17.52
N GLU B 37 -3.98 -7.17 16.79
CA GLU B 37 -4.20 -6.91 15.38
C GLU B 37 -5.28 -5.85 15.21
N GLN B 38 -6.26 -5.87 16.10
CA GLN B 38 -7.39 -4.93 16.08
C GLN B 38 -6.93 -3.49 15.92
N GLN B 39 -6.17 -2.99 16.87
CA GLN B 39 -5.85 -1.57 16.91
C GLN B 39 -4.71 -1.21 15.97
N ASP B 40 -3.98 -2.20 15.47
CA ASP B 40 -2.91 -1.93 14.52
C ASP B 40 -3.49 -1.86 13.11
N LEU B 41 -4.45 -2.72 12.83
CA LEU B 41 -5.18 -2.66 11.57
C LEU B 41 -6.01 -1.39 11.51
N ASP B 42 -6.55 -1.00 12.66
CA ASP B 42 -7.24 0.28 12.81
C ASP B 42 -6.31 1.43 12.44
N ALA B 43 -5.06 1.32 12.88
CA ALA B 43 -4.04 2.32 12.57
C ALA B 43 -3.82 2.42 11.08
N ILE B 44 -3.67 1.27 10.42
CA ILE B 44 -3.50 1.24 8.97
C ILE B 44 -4.72 1.80 8.26
N ALA B 45 -5.90 1.39 8.72
CA ALA B 45 -7.16 1.82 8.12
C ALA B 45 -7.30 3.34 8.13
N GLN B 46 -7.11 3.94 9.30
CA GLN B 46 -7.29 5.39 9.45
C GLN B 46 -6.30 6.15 8.56
N VAL B 47 -5.13 5.56 8.34
CA VAL B 47 -4.11 6.17 7.51
C VAL B 47 -4.58 6.25 6.04
N ILE B 48 -5.04 5.12 5.51
CA ILE B 48 -5.48 5.05 4.11
C ILE B 48 -6.69 5.93 3.88
N LEU B 49 -7.67 5.83 4.77
CA LEU B 49 -8.93 6.56 4.61
C LEU B 49 -8.73 8.07 4.77
N ASN B 50 -7.72 8.48 5.53
CA ASN B 50 -7.42 9.90 5.66
C ASN B 50 -6.76 10.42 4.39
N ALA B 51 -6.07 9.55 3.68
CA ALA B 51 -5.50 9.91 2.38
C ALA B 51 -6.62 10.18 1.39
N VAL B 52 -7.74 9.51 1.59
CA VAL B 52 -8.94 9.76 0.80
C VAL B 52 -9.55 11.10 1.20
N SER B 53 -9.42 11.43 2.48
CA SER B 53 -9.96 12.67 3.03
C SER B 53 -9.16 13.88 2.54
N THR B 54 -8.03 13.61 1.91
CA THR B 54 -7.21 14.66 1.33
C THR B 54 -7.02 14.41 -0.17
N ASN B 55 -7.94 13.65 -0.77
CA ASN B 55 -7.88 13.38 -2.20
C ASN B 55 -8.30 14.60 -3.00
N THR B 56 -7.34 15.45 -3.28
CA THR B 56 -7.58 16.62 -4.07
C THR B 56 -6.77 16.59 -5.35
N GLY B 57 -7.42 16.78 -6.48
CA GLY B 57 -6.72 16.87 -7.73
C GLY B 57 -7.38 16.08 -8.84
N ALA B 58 -6.87 16.24 -10.05
CA ALA B 58 -7.43 15.58 -11.22
C ALA B 58 -7.05 14.10 -11.22
N THR B 59 -5.93 13.80 -10.58
CA THR B 59 -5.41 12.44 -10.52
C THR B 59 -6.02 11.66 -9.36
N ALA B 60 -6.99 12.27 -8.67
CA ALA B 60 -7.63 11.65 -7.52
C ALA B 60 -8.27 10.32 -7.88
N SER B 61 -8.71 10.21 -9.14
CA SER B 61 -9.30 8.97 -9.63
C SER B 61 -8.30 7.83 -9.60
N ALA B 62 -7.11 8.08 -10.14
CA ALA B 62 -6.05 7.08 -10.16
C ALA B 62 -5.47 6.90 -8.77
N ARG B 63 -5.47 7.98 -8.00
CA ARG B 63 -4.95 7.95 -6.64
C ARG B 63 -5.84 7.08 -5.76
N ALA B 64 -7.14 7.14 -5.99
CA ALA B 64 -8.10 6.31 -5.28
C ALA B 64 -7.83 4.83 -5.55
N GLN B 65 -7.47 4.54 -6.80
CA GLN B 65 -7.12 3.19 -7.21
C GLN B 65 -5.87 2.73 -6.47
N ALA B 66 -4.86 3.58 -6.42
CA ALA B 66 -3.62 3.28 -5.71
C ALA B 66 -3.90 3.00 -4.23
N LEU B 67 -4.81 3.78 -3.65
CA LEU B 67 -5.16 3.63 -2.25
C LEU B 67 -5.85 2.29 -1.98
N SER B 68 -6.67 1.83 -2.91
CA SER B 68 -7.38 0.56 -2.72
C SER B 68 -6.38 -0.60 -2.68
N THR B 69 -5.38 -0.55 -3.55
CA THR B 69 -4.34 -1.56 -3.58
C THR B 69 -3.48 -1.47 -2.31
N ALA B 70 -3.17 -0.24 -1.90
CA ALA B 70 -2.39 0.00 -0.69
C ALA B 70 -3.11 -0.54 0.54
N LEU B 71 -4.40 -0.27 0.63
CA LEU B 71 -5.22 -0.75 1.73
C LEU B 71 -5.17 -2.27 1.80
N ALA B 72 -5.43 -2.91 0.66
CA ALA B 72 -5.43 -4.37 0.58
C ALA B 72 -4.06 -4.94 0.94
N SER B 73 -3.01 -4.30 0.44
CA SER B 73 -1.64 -4.75 0.68
C SER B 73 -1.30 -4.65 2.16
N SER B 74 -1.52 -3.47 2.74
CA SER B 74 -1.17 -3.21 4.14
C SER B 74 -1.93 -4.14 5.07
N LEU B 75 -3.22 -4.31 4.82
CA LEU B 75 -4.07 -5.16 5.64
C LEU B 75 -3.60 -6.61 5.61
N THR B 76 -3.30 -7.10 4.43
CA THR B 76 -2.95 -8.51 4.25
C THR B 76 -1.52 -8.81 4.73
N ASP B 77 -0.57 -7.99 4.31
CA ASP B 77 0.86 -8.24 4.60
C ASP B 77 1.12 -8.18 6.10
N LEU B 78 0.66 -7.12 6.73
CA LEU B 78 0.80 -6.95 8.19
C LEU B 78 0.14 -8.11 8.93
N LEU B 79 -1.00 -8.54 8.42
CA LEU B 79 -1.76 -9.61 9.03
C LEU B 79 -0.94 -10.90 9.03
N ILE B 80 -0.38 -11.26 7.88
CA ILE B 80 0.36 -12.50 7.71
C ILE B 80 1.49 -12.63 8.73
N ALA B 81 2.22 -11.56 8.93
CA ALA B 81 3.39 -11.58 9.81
C ALA B 81 3.02 -11.87 11.26
N GLU B 82 2.06 -11.13 11.80
CA GLU B 82 1.73 -11.23 13.22
C GLU B 82 0.72 -12.33 13.50
N SER B 83 0.32 -13.07 12.48
CA SER B 83 -0.61 -14.18 12.67
C SER B 83 0.13 -15.51 12.63
N ALA B 84 1.43 -15.43 12.83
CA ALA B 84 2.29 -16.60 12.96
C ALA B 84 2.54 -17.28 11.62
N GLU B 85 2.19 -16.58 10.54
CA GLU B 85 2.46 -17.04 9.17
C GLU B 85 1.55 -18.20 8.75
N SER B 86 1.13 -19.00 9.71
CA SER B 86 0.30 -20.16 9.44
C SER B 86 -1.17 -19.85 9.65
N ASN B 87 -1.46 -18.90 10.53
CA ASN B 87 -2.84 -18.63 10.94
C ASN B 87 -3.42 -17.44 10.17
N TYR B 88 -2.68 -16.92 9.19
CA TYR B 88 -3.09 -15.71 8.51
C TYR B 88 -4.35 -15.95 7.67
N ASN B 89 -4.48 -17.16 7.11
CA ASN B 89 -5.61 -17.48 6.24
C ASN B 89 -6.91 -17.39 7.04
N ASN B 90 -6.82 -17.83 8.29
CA ASN B 90 -7.95 -17.81 9.21
C ASN B 90 -8.46 -16.38 9.40
N GLN B 91 -7.55 -15.46 9.63
CA GLN B 91 -7.91 -14.07 9.86
C GLN B 91 -8.28 -13.40 8.54
N LEU B 92 -7.57 -13.77 7.47
CA LEU B 92 -7.80 -13.21 6.15
C LEU B 92 -9.24 -13.45 5.69
N SER B 93 -9.75 -14.64 6.01
CA SER B 93 -11.12 -15.01 5.67
C SER B 93 -12.11 -14.04 6.28
N GLU B 94 -11.86 -13.64 7.52
CA GLU B 94 -12.73 -12.68 8.21
C GLU B 94 -12.50 -11.28 7.66
N LEU B 95 -11.23 -10.94 7.43
CA LEU B 95 -10.85 -9.62 6.98
C LEU B 95 -11.57 -9.24 5.69
N THR B 96 -11.58 -10.15 4.72
CA THR B 96 -12.23 -9.88 3.44
C THR B 96 -13.73 -9.66 3.63
N GLY B 97 -14.34 -10.43 4.54
CA GLY B 97 -15.76 -10.28 4.79
C GLY B 97 -16.09 -8.94 5.41
N ILE B 98 -15.24 -8.49 6.33
CA ILE B 98 -15.41 -7.21 6.99
C ILE B 98 -15.41 -6.07 5.98
N LEU B 99 -14.46 -6.08 5.06
CA LEU B 99 -14.35 -5.04 4.05
C LEU B 99 -15.59 -5.00 3.17
N SER B 100 -15.98 -6.14 2.62
CA SER B 100 -17.14 -6.20 1.74
C SER B 100 -18.42 -5.80 2.48
N ASN B 101 -18.49 -6.17 3.76
CA ASN B 101 -19.61 -5.79 4.62
C ASN B 101 -19.74 -4.27 4.64
N CYS B 102 -18.63 -3.60 4.90
CA CYS B 102 -18.62 -2.14 4.95
C CYS B 102 -18.81 -1.53 3.57
N PHE B 103 -18.24 -2.16 2.54
CA PHE B 103 -18.47 -1.72 1.17
C PHE B 103 -19.96 -1.66 0.87
N ILE B 104 -20.70 -2.68 1.30
CA ILE B 104 -22.15 -2.70 1.14
C ILE B 104 -22.81 -1.50 1.78
N GLN B 105 -22.39 -1.18 3.00
CA GLN B 105 -23.00 -0.10 3.74
C GLN B 105 -22.56 1.27 3.22
N THR B 106 -21.28 1.40 2.91
CA THR B 106 -20.70 2.68 2.57
C THR B 106 -20.83 3.01 1.08
N THR B 107 -20.48 2.07 0.20
CA THR B 107 -20.51 2.35 -1.23
C THR B 107 -21.65 1.61 -1.92
N GLY B 108 -22.31 0.72 -1.20
CA GLY B 108 -23.52 0.09 -1.69
C GLY B 108 -23.28 -1.08 -2.63
N SER B 109 -22.15 -1.75 -2.50
CA SER B 109 -21.85 -2.89 -3.35
C SER B 109 -20.85 -3.84 -2.69
N ASP B 110 -20.80 -5.07 -3.17
CA ASP B 110 -19.83 -6.06 -2.70
C ASP B 110 -18.44 -5.65 -3.17
N ASN B 111 -18.40 -5.14 -4.40
CA ASN B 111 -17.19 -4.58 -5.01
C ASN B 111 -16.09 -5.65 -5.15
N PRO B 112 -16.21 -6.47 -6.22
CA PRO B 112 -15.28 -7.58 -6.46
C PRO B 112 -13.88 -7.12 -6.82
N ALA B 113 -13.77 -5.96 -7.42
CA ALA B 113 -12.48 -5.44 -7.88
C ALA B 113 -11.48 -5.35 -6.74
N PHE B 114 -11.97 -5.06 -5.54
CA PHE B 114 -11.10 -4.93 -4.39
C PHE B 114 -10.61 -6.30 -3.92
N VAL B 115 -11.53 -7.25 -3.79
CA VAL B 115 -11.16 -8.58 -3.31
C VAL B 115 -10.28 -9.30 -4.34
N SER B 116 -10.48 -9.01 -5.62
CA SER B 116 -9.64 -9.54 -6.68
C SER B 116 -8.20 -9.03 -6.52
N ARG B 117 -8.07 -7.74 -6.18
CA ARG B 117 -6.77 -7.16 -5.89
C ARG B 117 -6.14 -7.86 -4.68
N ILE B 118 -6.96 -8.06 -3.64
CA ILE B 118 -6.50 -8.74 -2.43
C ILE B 118 -5.94 -10.12 -2.75
N GLN B 119 -6.74 -10.95 -3.39
CA GLN B 119 -6.38 -12.34 -3.67
C GLN B 119 -5.09 -12.42 -4.49
N SER B 120 -4.93 -11.50 -5.42
CA SER B 120 -3.74 -11.45 -6.25
C SER B 120 -2.52 -11.04 -5.41
N LEU B 121 -2.73 -10.09 -4.51
CA LEU B 121 -1.65 -9.59 -3.66
C LEU B 121 -1.26 -10.62 -2.60
N ILE B 122 -2.22 -11.45 -2.18
CA ILE B 122 -1.95 -12.48 -1.18
C ILE B 122 -0.78 -13.35 -1.61
N SER B 123 -0.79 -13.76 -2.87
CA SER B 123 0.27 -14.61 -3.41
C SER B 123 1.63 -13.92 -3.32
N VAL B 124 1.64 -12.61 -3.55
CA VAL B 124 2.86 -11.84 -3.55
C VAL B 124 3.30 -11.50 -2.13
N LEU B 125 2.35 -11.17 -1.28
CA LEU B 125 2.65 -10.80 0.10
C LEU B 125 3.10 -12.03 0.89
N SER B 126 2.55 -13.18 0.54
CA SER B 126 2.97 -14.44 1.14
C SER B 126 4.20 -14.99 0.41
N GLN B 127 4.84 -14.12 -0.38
CA GLN B 127 6.01 -14.48 -1.14
C GLN B 127 7.15 -13.56 -0.74
N ASN B 128 7.98 -14.06 0.16
CA ASN B 128 9.18 -13.35 0.57
C ASN B 128 10.01 -13.04 -0.66
N THR B 129 9.94 -11.80 -1.10
CA THR B 129 10.55 -11.39 -2.34
C THR B 129 12.02 -11.05 -2.17
N ASP B 130 12.81 -12.04 -1.77
CA ASP B 130 14.25 -11.91 -1.69
C ASP B 130 14.89 -12.41 -2.97
N VAL B 131 14.10 -12.38 -4.04
CA VAL B 131 14.55 -12.89 -5.33
C VAL B 131 15.66 -12.03 -5.91
N ASN B 132 15.66 -10.76 -5.54
CA ASN B 132 16.70 -9.86 -5.98
C ASN B 132 17.54 -9.44 -4.78
N ILE B 133 18.69 -10.08 -4.63
CA ILE B 133 19.60 -9.76 -3.53
C ILE B 133 20.93 -9.25 -4.07
N ILE B 134 20.94 -8.92 -5.35
CA ILE B 134 22.15 -8.44 -6.00
C ILE B 134 22.33 -6.94 -5.76
N SER B 135 23.50 -6.58 -5.27
CA SER B 135 23.82 -5.19 -4.99
C SER B 135 25.33 -4.99 -5.09
N THR B 136 25.81 -4.97 -6.32
CA THR B 136 27.23 -4.78 -6.57
C THR B 136 27.56 -3.31 -6.81
N ALA B 137 26.54 -2.45 -6.70
CA ALA B 137 26.69 -1.01 -6.90
C ALA B 137 27.22 -0.71 -8.31
N GLY A 1 8.83 -12.65 6.20
CA GLY A 1 9.94 -11.97 5.49
C GLY A 1 11.23 -11.98 6.30
N ALA A 2 11.93 -13.10 6.27
CA ALA A 2 13.16 -13.24 7.03
C ALA A 2 14.37 -12.97 6.14
N VAL A 3 14.82 -11.72 6.15
CA VAL A 3 16.00 -11.32 5.39
C VAL A 3 16.88 -10.45 6.30
N THR A 4 18.18 -10.44 6.05
CA THR A 4 19.11 -9.65 6.87
C THR A 4 19.04 -8.17 6.49
N ALA A 5 18.20 -7.87 5.53
CA ALA A 5 18.07 -6.51 5.03
C ALA A 5 16.63 -6.03 5.17
N VAL A 6 16.23 -5.78 6.40
CA VAL A 6 14.94 -5.18 6.69
C VAL A 6 15.06 -3.66 6.62
N PRO A 7 14.16 -2.99 5.89
CA PRO A 7 14.20 -1.53 5.75
C PRO A 7 14.14 -0.82 7.10
N SER A 8 15.31 -0.41 7.58
CA SER A 8 15.43 0.28 8.86
C SER A 8 14.71 1.63 8.82
N VAL A 9 14.50 2.12 7.61
CA VAL A 9 13.79 3.38 7.40
C VAL A 9 12.40 3.33 8.02
N PHE A 10 11.80 2.15 7.98
CA PHE A 10 10.44 1.97 8.49
C PHE A 10 10.45 1.50 9.93
N SER A 11 11.63 1.49 10.54
CA SER A 11 11.77 1.10 11.92
C SER A 11 12.27 2.27 12.77
N SER A 12 12.85 3.27 12.12
CA SER A 12 13.41 4.42 12.80
C SER A 12 12.87 5.72 12.22
N PRO A 13 12.25 6.56 13.08
CA PRO A 13 11.62 7.83 12.67
C PRO A 13 12.60 8.80 12.02
N ASN A 14 13.84 8.82 12.50
CA ASN A 14 14.86 9.72 11.98
C ASN A 14 15.21 9.36 10.55
N LEU A 15 15.20 8.07 10.26
CA LEU A 15 15.49 7.60 8.91
C LEU A 15 14.30 7.86 8.00
N ALA A 16 13.09 7.69 8.54
CA ALA A 16 11.86 7.94 7.80
C ALA A 16 11.81 9.39 7.31
N SER A 17 12.15 10.31 8.20
CA SER A 17 12.13 11.73 7.87
C SER A 17 13.20 12.04 6.81
N GLY A 18 14.41 11.54 7.02
CA GLY A 18 15.48 11.76 6.06
C GLY A 18 15.16 11.14 4.71
N PHE A 19 14.51 9.99 4.75
CA PHE A 19 14.11 9.28 3.53
C PHE A 19 13.14 10.14 2.72
N LEU A 20 12.27 10.85 3.42
CA LEU A 20 11.30 11.74 2.76
C LEU A 20 12.01 12.94 2.16
N GLN A 21 13.02 13.43 2.85
CA GLN A 21 13.74 14.62 2.43
C GLN A 21 14.64 14.35 1.23
N CYS A 22 14.97 13.09 0.98
CA CYS A 22 15.76 12.74 -0.18
C CYS A 22 14.84 12.36 -1.33
N LEU A 23 13.67 11.82 -1.00
CA LEU A 23 12.66 11.53 -1.99
C LEU A 23 12.20 12.80 -2.67
N THR A 24 11.87 13.81 -1.86
CA THR A 24 11.41 15.08 -2.36
C THR A 24 12.49 15.75 -3.23
N PHE A 25 13.73 15.68 -2.76
CA PHE A 25 14.85 16.27 -3.48
C PHE A 25 15.12 15.48 -4.77
N GLY A 26 14.96 14.18 -4.71
CA GLY A 26 15.20 13.34 -5.88
C GLY A 26 14.12 13.49 -6.93
N ILE A 27 12.86 13.30 -6.53
CA ILE A 27 11.75 13.40 -7.46
C ILE A 27 11.68 14.82 -8.04
N GLY A 28 11.97 15.80 -7.21
CA GLY A 28 11.93 17.18 -7.64
C GLY A 28 13.21 17.63 -8.31
N ASN A 29 13.92 16.69 -8.91
CA ASN A 29 15.18 16.99 -9.58
C ASN A 29 15.41 16.02 -10.73
N SER A 30 14.41 15.21 -11.05
CA SER A 30 14.54 14.22 -12.10
C SER A 30 13.78 14.64 -13.35
N PRO A 31 14.41 14.47 -14.52
CA PRO A 31 13.82 14.87 -15.80
C PRO A 31 12.46 14.22 -16.06
N ALA A 32 12.31 12.97 -15.64
CA ALA A 32 11.08 12.22 -15.86
C ALA A 32 9.95 12.70 -14.95
N PHE A 33 10.27 13.53 -13.97
CA PHE A 33 9.29 13.98 -12.99
C PHE A 33 9.16 15.49 -12.98
N PRO A 34 8.05 15.99 -13.55
CA PRO A 34 7.73 17.42 -13.52
C PRO A 34 7.16 17.82 -12.16
N THR A 35 7.01 19.12 -11.94
CA THR A 35 6.53 19.63 -10.66
C THR A 35 5.16 19.05 -10.30
N GLN A 36 4.28 18.96 -11.29
CA GLN A 36 2.94 18.41 -11.06
C GLN A 36 3.01 16.97 -10.54
N GLU A 37 3.77 16.12 -11.23
CA GLU A 37 3.88 14.72 -10.84
C GLU A 37 4.64 14.59 -9.52
N GLN A 38 5.64 15.44 -9.32
CA GLN A 38 6.40 15.45 -8.07
C GLN A 38 5.48 15.78 -6.90
N GLN A 39 4.59 16.74 -7.09
CA GLN A 39 3.71 17.22 -6.04
C GLN A 39 2.76 16.13 -5.56
N ASP A 40 2.34 15.25 -6.46
CA ASP A 40 1.41 14.19 -6.08
C ASP A 40 2.16 13.04 -5.42
N LEU A 41 3.33 12.72 -5.98
CA LEU A 41 4.14 11.63 -5.48
C LEU A 41 4.65 11.89 -4.06
N ASP A 42 5.13 13.11 -3.81
CA ASP A 42 5.66 13.43 -2.49
C ASP A 42 4.55 13.42 -1.45
N ALA A 43 3.35 13.74 -1.92
CA ALA A 43 2.18 13.78 -1.04
C ALA A 43 1.81 12.39 -0.55
N ILE A 44 1.85 11.41 -1.45
CA ILE A 44 1.53 10.04 -1.09
C ILE A 44 2.66 9.44 -0.24
N ALA A 45 3.89 9.74 -0.61
CA ALA A 45 5.06 9.20 0.06
C ALA A 45 5.12 9.62 1.52
N GLN A 46 4.80 10.89 1.80
CA GLN A 46 4.88 11.40 3.16
C GLN A 46 3.84 10.77 4.06
N VAL A 47 2.76 10.24 3.48
CA VAL A 47 1.71 9.59 4.25
C VAL A 47 2.24 8.31 4.88
N ILE A 48 2.92 7.50 4.08
CA ILE A 48 3.47 6.23 4.54
C ILE A 48 4.52 6.47 5.62
N LEU A 49 5.41 7.42 5.37
CA LEU A 49 6.52 7.68 6.26
C LEU A 49 6.06 8.32 7.57
N ASN A 50 4.93 9.01 7.55
CA ASN A 50 4.41 9.64 8.76
C ASN A 50 3.80 8.61 9.70
N ALA A 51 3.60 7.39 9.19
CA ALA A 51 3.15 6.28 10.00
C ALA A 51 4.34 5.58 10.64
N VAL A 52 5.53 5.91 10.14
CA VAL A 52 6.76 5.32 10.65
C VAL A 52 7.28 6.11 11.86
N SER A 53 7.04 7.41 11.84
CA SER A 53 7.49 8.28 12.92
C SER A 53 6.57 8.16 14.14
N THR A 54 5.63 7.23 14.08
CA THR A 54 4.68 7.05 15.17
C THR A 54 4.29 5.57 15.33
N ASN A 55 5.14 4.66 14.87
CA ASN A 55 4.84 3.24 14.97
C ASN A 55 5.17 2.70 16.37
N THR A 56 4.25 2.88 17.28
CA THR A 56 4.44 2.46 18.66
C THR A 56 3.94 1.02 18.88
N GLY A 57 4.81 0.18 19.41
CA GLY A 57 4.42 -1.17 19.76
C GLY A 57 5.43 -2.20 19.31
N ALA A 58 5.16 -3.47 19.61
CA ALA A 58 6.03 -4.56 19.22
C ALA A 58 5.59 -5.13 17.88
N THR A 59 4.40 -4.73 17.47
CA THR A 59 3.87 -5.11 16.18
C THR A 59 4.27 -4.10 15.11
N ALA A 60 5.06 -3.11 15.53
CA ALA A 60 5.51 -2.06 14.62
C ALA A 60 6.45 -2.60 13.56
N SER A 61 7.19 -3.65 13.92
CA SER A 61 8.09 -4.32 12.98
C SER A 61 7.28 -4.89 11.80
N ALA A 62 6.11 -5.42 12.10
CA ALA A 62 5.20 -5.92 11.08
C ALA A 62 4.65 -4.76 10.26
N ARG A 63 4.35 -3.66 10.93
CA ARG A 63 3.88 -2.45 10.26
C ARG A 63 4.94 -1.94 9.29
N ALA A 64 6.20 -2.07 9.68
CA ALA A 64 7.33 -1.66 8.83
C ALA A 64 7.31 -2.43 7.52
N GLN A 65 7.04 -3.73 7.62
CA GLN A 65 6.96 -4.59 6.44
C GLN A 65 5.76 -4.19 5.57
N ALA A 66 4.64 -3.91 6.24
CA ALA A 66 3.43 -3.49 5.55
C ALA A 66 3.60 -2.12 4.89
N LEU A 67 4.17 -1.18 5.65
CA LEU A 67 4.36 0.18 5.17
C LEU A 67 5.31 0.23 3.99
N SER A 68 6.39 -0.54 4.06
CA SER A 68 7.37 -0.57 2.99
C SER A 68 6.75 -1.08 1.70
N THR A 69 6.00 -2.16 1.80
CA THR A 69 5.29 -2.71 0.65
C THR A 69 4.22 -1.72 0.17
N ALA A 70 3.50 -1.13 1.11
CA ALA A 70 2.45 -0.16 0.79
C ALA A 70 3.03 1.06 0.07
N LEU A 71 4.22 1.49 0.49
CA LEU A 71 4.89 2.62 -0.15
C LEU A 71 5.12 2.34 -1.63
N ALA A 72 5.78 1.23 -1.91
CA ALA A 72 6.07 0.84 -3.28
C ALA A 72 4.79 0.59 -4.06
N SER A 73 3.80 0.02 -3.38
CA SER A 73 2.53 -0.30 -4.01
C SER A 73 1.78 0.96 -4.42
N SER A 74 1.53 1.85 -3.47
CA SER A 74 0.75 3.05 -3.72
C SER A 74 1.43 3.97 -4.74
N LEU A 75 2.72 4.20 -4.56
CA LEU A 75 3.47 5.09 -5.45
C LEU A 75 3.47 4.55 -6.89
N THR A 76 3.72 3.26 -7.05
CA THR A 76 3.80 2.67 -8.36
C THR A 76 2.41 2.57 -9.01
N ASP A 77 1.40 2.25 -8.22
CA ASP A 77 0.03 2.12 -8.73
C ASP A 77 -0.47 3.50 -9.20
N LEU A 78 -0.25 4.51 -8.36
CA LEU A 78 -0.54 5.90 -8.73
C LEU A 78 0.20 6.28 -9.99
N LEU A 79 1.46 5.86 -10.07
CA LEU A 79 2.32 6.14 -11.20
C LEU A 79 1.72 5.54 -12.47
N ILE A 80 1.61 4.21 -12.51
CA ILE A 80 1.15 3.49 -13.70
C ILE A 80 -0.13 4.08 -14.28
N ALA A 81 -1.07 4.40 -13.39
CA ALA A 81 -2.39 4.90 -13.79
C ALA A 81 -2.30 6.12 -14.70
N GLU A 82 -1.76 7.22 -14.18
CA GLU A 82 -1.75 8.49 -14.91
C GLU A 82 -0.53 8.61 -15.81
N SER A 83 0.30 7.58 -15.84
CA SER A 83 1.55 7.62 -16.58
C SER A 83 1.36 7.12 -17.99
N ALA A 84 0.23 6.46 -18.22
CA ALA A 84 -0.02 5.68 -19.41
C ALA A 84 0.75 4.37 -19.35
N GLU A 85 -0.01 3.30 -19.46
CA GLU A 85 0.48 1.92 -19.44
C GLU A 85 1.81 1.72 -20.19
N SER A 86 1.98 2.40 -21.32
CA SER A 86 3.18 2.19 -22.13
C SER A 86 4.24 3.28 -21.90
N ASN A 87 4.00 4.14 -20.91
CA ASN A 87 4.92 5.25 -20.67
C ASN A 87 5.41 5.24 -19.22
N TYR A 88 4.76 4.44 -18.37
CA TYR A 88 5.05 4.45 -16.94
C TYR A 88 6.48 4.03 -16.64
N ASN A 89 7.07 3.24 -17.53
CA ASN A 89 8.43 2.73 -17.33
C ASN A 89 9.45 3.86 -17.40
N ASN A 90 9.07 4.96 -18.04
CA ASN A 90 9.93 6.13 -18.13
C ASN A 90 10.12 6.75 -16.75
N GLN A 91 9.01 6.95 -16.04
CA GLN A 91 9.05 7.47 -14.69
C GLN A 91 9.62 6.44 -13.72
N LEU A 92 9.13 5.21 -13.82
CA LEU A 92 9.51 4.13 -12.90
C LEU A 92 11.02 3.94 -12.87
N SER A 93 11.68 4.17 -14.00
CA SER A 93 13.13 4.02 -14.10
C SER A 93 13.83 4.92 -13.08
N GLU A 94 13.50 6.20 -13.07
CA GLU A 94 14.12 7.15 -12.15
C GLU A 94 13.55 6.98 -10.75
N LEU A 95 12.27 6.64 -10.67
CA LEU A 95 11.57 6.50 -9.39
C LEU A 95 12.29 5.48 -8.50
N THR A 96 12.41 4.25 -9.01
CA THR A 96 13.10 3.19 -8.29
C THR A 96 14.55 3.58 -8.01
N GLY A 97 15.16 4.32 -8.94
CA GLY A 97 16.52 4.79 -8.75
C GLY A 97 16.63 5.68 -7.53
N ILE A 98 15.79 6.71 -7.47
CA ILE A 98 15.75 7.63 -6.33
C ILE A 98 15.45 6.87 -5.04
N LEU A 99 14.48 5.97 -5.13
CA LEU A 99 14.03 5.19 -3.99
C LEU A 99 15.17 4.37 -3.40
N SER A 100 15.83 3.57 -4.24
CA SER A 100 16.94 2.73 -3.81
C SER A 100 18.11 3.59 -3.32
N ASN A 101 18.34 4.73 -3.97
CA ASN A 101 19.39 5.65 -3.55
C ASN A 101 19.10 6.21 -2.17
N CYS A 102 17.82 6.43 -1.89
CA CYS A 102 17.40 6.92 -0.59
C CYS A 102 17.67 5.88 0.50
N PHE A 103 17.41 4.61 0.20
CA PHE A 103 17.71 3.54 1.15
C PHE A 103 19.20 3.51 1.45
N ILE A 104 20.00 3.72 0.40
CA ILE A 104 21.45 3.78 0.53
C ILE A 104 21.88 4.85 1.52
N GLN A 105 21.23 6.00 1.46
CA GLN A 105 21.65 7.12 2.27
C GLN A 105 21.07 7.05 3.68
N THR A 106 19.97 6.32 3.83
CA THR A 106 19.32 6.18 5.12
C THR A 106 19.82 4.95 5.87
N THR A 107 19.79 3.80 5.24
CA THR A 107 20.23 2.56 5.89
C THR A 107 21.72 2.35 5.68
N GLY A 108 22.20 2.64 4.48
CA GLY A 108 23.59 2.40 4.14
C GLY A 108 23.73 1.37 3.04
N SER A 109 22.58 0.86 2.60
CA SER A 109 22.52 -0.16 1.56
C SER A 109 21.13 -0.17 0.96
N ASP A 110 20.89 -1.01 -0.02
CA ASP A 110 19.55 -1.16 -0.56
C ASP A 110 18.92 -2.41 0.01
N ASN A 111 17.60 -2.51 -0.09
CA ASN A 111 16.90 -3.66 0.45
C ASN A 111 16.42 -4.57 -0.66
N PRO A 112 17.11 -5.70 -0.88
CA PRO A 112 16.75 -6.67 -1.92
C PRO A 112 15.33 -7.17 -1.77
N ALA A 113 14.89 -7.34 -0.53
CA ALA A 113 13.52 -7.77 -0.25
C ALA A 113 12.53 -6.70 -0.70
N PHE A 114 12.91 -5.44 -0.54
CA PHE A 114 12.05 -4.32 -0.88
C PHE A 114 11.89 -4.23 -2.41
N VAL A 115 13.00 -4.28 -3.13
CA VAL A 115 12.96 -4.17 -4.58
C VAL A 115 12.30 -5.39 -5.21
N SER A 116 12.39 -6.53 -4.55
CA SER A 116 11.69 -7.73 -4.99
C SER A 116 10.18 -7.54 -4.83
N ARG A 117 9.78 -6.90 -3.74
CA ARG A 117 8.39 -6.53 -3.53
C ARG A 117 7.90 -5.62 -4.63
N ILE A 118 8.70 -4.60 -4.96
CA ILE A 118 8.38 -3.67 -6.03
C ILE A 118 8.10 -4.40 -7.34
N GLN A 119 9.05 -5.21 -7.78
CA GLN A 119 8.94 -5.96 -9.02
C GLN A 119 7.68 -6.83 -9.05
N SER A 120 7.40 -7.46 -7.91
CA SER A 120 6.22 -8.31 -7.80
C SER A 120 4.94 -7.48 -7.88
N LEU A 121 4.97 -6.29 -7.29
CA LEU A 121 3.82 -5.40 -7.30
C LEU A 121 3.55 -4.89 -8.72
N ILE A 122 4.61 -4.55 -9.45
CA ILE A 122 4.49 -4.00 -10.80
C ILE A 122 3.62 -4.90 -11.68
N SER A 123 3.75 -6.20 -11.51
CA SER A 123 3.02 -7.16 -12.31
C SER A 123 1.55 -7.22 -11.90
N VAL A 124 1.27 -7.11 -10.61
CA VAL A 124 -0.10 -7.25 -10.11
C VAL A 124 -0.85 -5.91 -10.15
N LEU A 125 -0.11 -4.81 -10.17
CA LEU A 125 -0.71 -3.49 -10.25
C LEU A 125 -1.27 -3.25 -11.66
N SER A 126 -0.53 -3.72 -12.65
CA SER A 126 -0.96 -3.58 -14.03
C SER A 126 -1.87 -4.74 -14.43
N GLN A 127 -1.49 -5.95 -13.98
CA GLN A 127 -2.27 -7.18 -14.20
C GLN A 127 -2.59 -7.39 -15.69
N ASN A 128 -1.76 -6.79 -16.55
CA ASN A 128 -1.95 -6.85 -18.00
C ASN A 128 -3.36 -6.38 -18.38
N THR A 129 -3.75 -5.23 -17.86
CA THR A 129 -4.99 -4.60 -18.24
C THR A 129 -4.91 -4.15 -19.69
N ASP A 130 -5.90 -4.53 -20.48
CA ASP A 130 -5.89 -4.25 -21.91
C ASP A 130 -6.00 -2.75 -22.16
N VAL A 131 -6.84 -2.10 -21.35
CA VAL A 131 -6.99 -0.65 -21.36
C VAL A 131 -7.80 -0.14 -22.56
N ASN A 132 -7.92 -0.94 -23.60
CA ASN A 132 -8.65 -0.51 -24.79
C ASN A 132 -10.15 -0.73 -24.60
N ILE A 133 -10.73 0.00 -23.67
CA ILE A 133 -12.16 -0.07 -23.40
C ILE A 133 -12.92 0.85 -24.35
N ILE A 134 -12.18 1.48 -25.26
CA ILE A 134 -12.76 2.41 -26.20
C ILE A 134 -12.77 1.82 -27.59
N SER A 135 -13.94 1.34 -28.02
CA SER A 135 -14.06 0.78 -29.36
C SER A 135 -15.08 1.57 -30.18
N THR A 136 -15.25 2.82 -29.80
CA THR A 136 -16.22 3.69 -30.46
C THR A 136 -15.57 4.44 -31.62
N ALA A 137 -14.44 3.93 -32.09
CA ALA A 137 -13.73 4.53 -33.21
C ALA A 137 -14.04 3.80 -34.51
N GLY B 1 -14.76 -3.07 -12.53
CA GLY B 1 -14.39 -3.89 -13.67
C GLY B 1 -13.17 -3.36 -14.37
N ALA B 2 -13.09 -3.54 -15.68
CA ALA B 2 -11.95 -3.07 -16.46
C ALA B 2 -12.19 -1.65 -16.97
N VAL B 3 -13.21 -1.03 -16.41
CA VAL B 3 -13.57 0.33 -16.78
C VAL B 3 -13.11 1.30 -15.69
N THR B 4 -12.70 2.49 -16.08
CA THR B 4 -12.22 3.48 -15.14
C THR B 4 -13.35 3.99 -14.24
N ALA B 5 -13.52 3.32 -13.10
CA ALA B 5 -14.55 3.68 -12.14
C ALA B 5 -13.93 4.20 -10.87
N VAL B 6 -14.28 5.43 -10.50
CA VAL B 6 -13.75 6.06 -9.31
C VAL B 6 -14.51 5.58 -8.08
N PRO B 7 -13.82 4.91 -7.15
CA PRO B 7 -14.41 4.46 -5.88
C PRO B 7 -14.95 5.62 -5.06
N SER B 8 -16.28 5.67 -4.94
CA SER B 8 -16.95 6.74 -4.19
C SER B 8 -16.40 6.85 -2.77
N VAL B 9 -16.09 5.70 -2.17
CA VAL B 9 -15.59 5.67 -0.80
C VAL B 9 -14.25 6.39 -0.70
N PHE B 10 -13.45 6.25 -1.74
CA PHE B 10 -12.08 6.76 -1.73
C PHE B 10 -12.00 8.16 -2.34
N SER B 11 -13.14 8.78 -2.55
CA SER B 11 -13.15 10.14 -3.06
C SER B 11 -14.20 10.98 -2.35
N SER B 12 -14.82 10.41 -1.32
CA SER B 12 -15.80 11.14 -0.52
C SER B 12 -15.55 10.90 0.97
N PRO B 13 -15.20 11.97 1.70
CA PRO B 13 -14.85 11.89 3.12
C PRO B 13 -15.98 11.30 3.98
N ASN B 14 -17.21 11.65 3.66
CA ASN B 14 -18.36 11.19 4.43
C ASN B 14 -18.54 9.68 4.28
N LEU B 15 -18.19 9.15 3.11
CA LEU B 15 -18.28 7.72 2.87
C LEU B 15 -17.07 7.02 3.47
N ALA B 16 -15.91 7.66 3.39
CA ALA B 16 -14.69 7.13 3.99
C ALA B 16 -14.87 6.96 5.49
N SER B 17 -15.51 7.94 6.11
CA SER B 17 -15.79 7.88 7.54
C SER B 17 -16.73 6.72 7.85
N GLY B 18 -17.80 6.59 7.06
CA GLY B 18 -18.74 5.51 7.26
C GLY B 18 -18.11 4.14 7.06
N PHE B 19 -17.25 4.04 6.06
CA PHE B 19 -16.52 2.81 5.76
C PHE B 19 -15.61 2.45 6.94
N LEU B 20 -14.97 3.46 7.52
CA LEU B 20 -14.09 3.27 8.66
C LEU B 20 -14.88 2.72 9.85
N GLN B 21 -16.07 3.27 10.06
CA GLN B 21 -16.92 2.83 11.17
C GLN B 21 -17.35 1.38 11.00
N CYS B 22 -17.40 0.92 9.75
CA CYS B 22 -17.78 -0.45 9.47
C CYS B 22 -16.59 -1.35 9.70
N LEU B 23 -15.43 -0.86 9.31
CA LEU B 23 -14.18 -1.58 9.48
C LEU B 23 -13.96 -1.91 10.95
N THR B 24 -14.08 -0.91 11.79
CA THR B 24 -13.88 -1.08 13.22
C THR B 24 -14.91 -2.01 13.83
N PHE B 25 -16.09 -2.06 13.22
CA PHE B 25 -17.16 -2.92 13.70
C PHE B 25 -16.92 -4.37 13.26
N GLY B 26 -16.60 -4.54 11.99
CA GLY B 26 -16.36 -5.85 11.44
C GLY B 26 -15.19 -6.56 12.11
N ILE B 27 -14.05 -5.88 12.17
CA ILE B 27 -12.86 -6.45 12.78
C ILE B 27 -13.10 -6.71 14.27
N GLY B 28 -13.89 -5.86 14.89
CA GLY B 28 -14.19 -5.99 16.31
C GLY B 28 -15.30 -7.01 16.57
N ASN B 29 -15.77 -7.64 15.52
CA ASN B 29 -16.79 -8.68 15.63
C ASN B 29 -16.30 -9.99 15.02
N SER B 30 -15.03 -10.01 14.65
CA SER B 30 -14.45 -11.19 14.03
C SER B 30 -13.68 -12.03 15.05
N PRO B 31 -13.92 -13.35 15.08
CA PRO B 31 -13.30 -14.26 16.06
C PRO B 31 -11.82 -14.45 15.83
N ALA B 32 -11.35 -14.15 14.63
CA ALA B 32 -9.95 -14.36 14.27
C ALA B 32 -9.11 -13.14 14.61
N PHE B 33 -9.74 -12.09 15.08
CA PHE B 33 -9.05 -10.83 15.35
C PHE B 33 -9.10 -10.50 16.84
N PRO B 34 -7.96 -10.66 17.52
CA PRO B 34 -7.82 -10.31 18.93
C PRO B 34 -7.71 -8.80 19.11
N THR B 35 -7.99 -8.33 20.32
CA THR B 35 -8.03 -6.89 20.62
C THR B 35 -6.74 -6.19 20.20
N GLN B 36 -5.59 -6.78 20.51
CA GLN B 36 -4.30 -6.17 20.17
C GLN B 36 -4.15 -5.98 18.67
N GLU B 37 -4.42 -7.02 17.91
CA GLU B 37 -4.26 -6.96 16.46
C GLU B 37 -5.42 -6.19 15.82
N GLN B 38 -6.57 -6.21 16.46
CA GLN B 38 -7.71 -5.43 16.00
C GLN B 38 -7.37 -3.94 16.07
N GLN B 39 -6.78 -3.52 17.18
CA GLN B 39 -6.41 -2.13 17.38
C GLN B 39 -5.24 -1.71 16.49
N ASP B 40 -4.56 -2.70 15.91
CA ASP B 40 -3.44 -2.41 15.03
C ASP B 40 -3.93 -2.18 13.62
N LEU B 41 -4.81 -3.07 13.16
CA LEU B 41 -5.35 -2.99 11.81
C LEU B 41 -6.21 -1.75 11.62
N ASP B 42 -7.06 -1.42 12.59
CA ASP B 42 -7.94 -0.25 12.45
C ASP B 42 -7.11 1.03 12.47
N ALA B 43 -5.95 0.97 13.11
CA ALA B 43 -5.04 2.10 13.16
C ALA B 43 -4.48 2.40 11.78
N ILE B 44 -4.10 1.35 11.06
CA ILE B 44 -3.56 1.49 9.72
C ILE B 44 -4.66 1.85 8.72
N ALA B 45 -5.81 1.20 8.87
CA ALA B 45 -6.93 1.41 7.97
C ALA B 45 -7.42 2.85 7.97
N GLN B 46 -7.48 3.45 9.16
CA GLN B 46 -7.97 4.82 9.28
C GLN B 46 -7.01 5.81 8.62
N VAL B 47 -5.72 5.45 8.60
CA VAL B 47 -4.71 6.30 7.98
C VAL B 47 -5.00 6.47 6.48
N ILE B 48 -5.35 5.36 5.83
CA ILE B 48 -5.69 5.38 4.41
C ILE B 48 -6.90 6.27 4.17
N LEU B 49 -7.94 6.07 4.98
CA LEU B 49 -9.19 6.79 4.83
C LEU B 49 -9.05 8.27 5.20
N ASN B 50 -8.03 8.59 5.97
CA ASN B 50 -7.73 9.99 6.28
C ASN B 50 -7.20 10.70 5.03
N ALA B 51 -6.38 9.99 4.26
CA ALA B 51 -5.88 10.52 2.99
C ALA B 51 -6.98 10.52 1.94
N VAL B 52 -7.99 9.69 2.16
CA VAL B 52 -9.17 9.67 1.33
C VAL B 52 -9.98 10.95 1.52
N SER B 53 -10.14 11.33 2.77
CA SER B 53 -10.99 12.46 3.15
C SER B 53 -10.31 13.80 2.87
N THR B 54 -9.73 13.94 1.68
CA THR B 54 -9.09 15.19 1.31
C THR B 54 -8.82 15.29 -0.21
N ASN B 55 -8.71 14.15 -0.90
CA ASN B 55 -8.33 14.19 -2.31
C ASN B 55 -9.35 14.92 -3.16
N THR B 56 -8.86 15.85 -3.96
CA THR B 56 -9.68 16.57 -4.92
C THR B 56 -8.79 17.08 -6.06
N GLY B 57 -9.23 16.86 -7.29
CA GLY B 57 -8.47 17.29 -8.43
C GLY B 57 -8.51 16.26 -9.55
N ALA B 58 -7.67 16.43 -10.55
CA ALA B 58 -7.64 15.51 -11.69
C ALA B 58 -6.96 14.20 -11.32
N THR B 59 -6.05 14.27 -10.36
CA THR B 59 -5.30 13.10 -9.95
C THR B 59 -6.00 12.34 -8.83
N ALA B 60 -7.13 12.87 -8.37
CA ALA B 60 -7.86 12.27 -7.25
C ALA B 60 -8.35 10.86 -7.61
N SER B 61 -8.68 10.67 -8.88
CA SER B 61 -9.12 9.37 -9.36
C SER B 61 -8.01 8.34 -9.17
N ALA B 62 -6.80 8.68 -9.63
CA ALA B 62 -5.64 7.82 -9.49
C ALA B 62 -5.29 7.63 -8.01
N ARG B 63 -5.43 8.69 -7.22
CA ARG B 63 -5.19 8.62 -5.79
C ARG B 63 -6.14 7.63 -5.14
N ALA B 64 -7.42 7.73 -5.50
CA ALA B 64 -8.44 6.82 -4.98
C ALA B 64 -8.09 5.38 -5.26
N GLN B 65 -7.59 5.12 -6.47
CA GLN B 65 -7.15 3.78 -6.84
C GLN B 65 -5.96 3.36 -5.98
N ALA B 66 -4.94 4.21 -5.95
CA ALA B 66 -3.73 3.93 -5.18
C ALA B 66 -4.05 3.72 -3.70
N LEU B 67 -5.05 4.46 -3.20
CA LEU B 67 -5.46 4.33 -1.81
C LEU B 67 -6.11 2.96 -1.56
N SER B 68 -6.94 2.52 -2.49
CA SER B 68 -7.56 1.21 -2.35
C SER B 68 -6.51 0.10 -2.45
N THR B 69 -5.54 0.30 -3.34
CA THR B 69 -4.43 -0.61 -3.47
C THR B 69 -3.59 -0.65 -2.18
N ALA B 70 -3.30 0.52 -1.65
CA ALA B 70 -2.52 0.63 -0.42
C ALA B 70 -3.26 0.02 0.76
N LEU B 71 -4.58 0.23 0.80
CA LEU B 71 -5.41 -0.31 1.87
C LEU B 71 -5.34 -1.84 1.87
N ALA B 72 -5.53 -2.43 0.70
CA ALA B 72 -5.48 -3.88 0.56
C ALA B 72 -4.08 -4.42 0.88
N SER B 73 -3.07 -3.70 0.42
CA SER B 73 -1.69 -4.12 0.59
C SER B 73 -1.26 -4.09 2.05
N SER B 74 -1.40 -2.92 2.69
CA SER B 74 -0.88 -2.72 4.03
C SER B 74 -1.61 -3.60 5.05
N LEU B 75 -2.94 -3.63 4.98
CA LEU B 75 -3.74 -4.38 5.93
C LEU B 75 -3.44 -5.88 5.85
N THR B 76 -3.41 -6.41 4.64
CA THR B 76 -3.20 -7.83 4.45
C THR B 76 -1.77 -8.25 4.85
N ASP B 77 -0.79 -7.43 4.51
CA ASP B 77 0.60 -7.73 4.82
C ASP B 77 0.83 -7.73 6.33
N LEU B 78 0.33 -6.67 6.98
CA LEU B 78 0.40 -6.56 8.44
C LEU B 78 -0.24 -7.79 9.09
N LEU B 79 -1.38 -8.19 8.53
CA LEU B 79 -2.10 -9.38 8.98
C LEU B 79 -1.20 -10.61 8.89
N ILE B 80 -0.63 -10.83 7.71
CA ILE B 80 0.22 -11.99 7.46
C ILE B 80 1.43 -12.02 8.40
N ALA B 81 2.04 -10.86 8.57
CA ALA B 81 3.28 -10.73 9.35
C ALA B 81 3.15 -11.29 10.77
N GLU B 82 2.22 -10.78 11.55
CA GLU B 82 2.10 -11.18 12.95
C GLU B 82 1.26 -12.45 13.11
N SER B 83 0.82 -13.00 12.00
CA SER B 83 0.07 -14.25 12.00
C SER B 83 0.98 -15.41 11.65
N ALA B 84 2.16 -15.06 11.19
CA ALA B 84 3.03 -15.99 10.47
C ALA B 84 2.41 -16.32 9.13
N GLU B 85 3.21 -16.23 8.10
CA GLU B 85 2.80 -16.43 6.71
C GLU B 85 2.23 -17.83 6.44
N SER B 86 2.18 -18.66 7.45
CA SER B 86 1.60 -19.98 7.33
C SER B 86 0.26 -20.07 8.06
N ASN B 87 -0.02 -19.11 8.94
CA ASN B 87 -1.23 -19.15 9.77
C ASN B 87 -2.12 -17.94 9.50
N TYR B 88 -1.66 -17.06 8.62
CA TYR B 88 -2.37 -15.84 8.26
C TYR B 88 -3.77 -16.14 7.72
N ASN B 89 -3.97 -17.37 7.26
CA ASN B 89 -5.23 -17.79 6.65
C ASN B 89 -6.39 -17.64 7.64
N ASN B 90 -6.07 -17.72 8.92
CA ASN B 90 -7.08 -17.60 9.97
C ASN B 90 -7.79 -16.24 9.90
N GLN B 91 -7.00 -15.18 9.78
CA GLN B 91 -7.54 -13.84 9.74
C GLN B 91 -7.95 -13.44 8.33
N LEU B 92 -7.24 -13.99 7.34
CA LEU B 92 -7.51 -13.68 5.94
C LEU B 92 -8.96 -14.01 5.59
N SER B 93 -9.47 -15.08 6.19
CA SER B 93 -10.86 -15.49 6.02
C SER B 93 -11.82 -14.35 6.34
N GLU B 94 -11.71 -13.82 7.55
CA GLU B 94 -12.66 -12.83 8.03
C GLU B 94 -12.35 -11.46 7.43
N LEU B 95 -11.07 -11.17 7.23
CA LEU B 95 -10.62 -9.88 6.71
C LEU B 95 -11.29 -9.57 5.37
N THR B 96 -11.22 -10.52 4.44
CA THR B 96 -11.78 -10.33 3.11
C THR B 96 -13.30 -10.15 3.18
N GLY B 97 -13.92 -10.86 4.11
CA GLY B 97 -15.35 -10.73 4.32
C GLY B 97 -15.73 -9.34 4.80
N ILE B 98 -15.00 -8.85 5.80
CA ILE B 98 -15.26 -7.54 6.38
C ILE B 98 -15.23 -6.45 5.32
N LEU B 99 -14.15 -6.43 4.54
CA LEU B 99 -13.98 -5.42 3.49
C LEU B 99 -15.14 -5.46 2.49
N SER B 100 -15.46 -6.66 2.01
CA SER B 100 -16.54 -6.83 1.06
C SER B 100 -17.88 -6.39 1.66
N ASN B 101 -18.10 -6.76 2.92
CA ASN B 101 -19.31 -6.39 3.64
C ASN B 101 -19.42 -4.88 3.78
N CYS B 102 -18.31 -4.24 4.12
CA CYS B 102 -18.30 -2.81 4.36
C CYS B 102 -18.59 -2.03 3.09
N PHE B 103 -18.00 -2.43 1.97
CA PHE B 103 -18.29 -1.78 0.70
C PHE B 103 -19.78 -1.86 0.39
N ILE B 104 -20.37 -3.02 0.65
CA ILE B 104 -21.79 -3.23 0.46
C ILE B 104 -22.61 -2.24 1.29
N GLN B 105 -22.21 -2.04 2.53
CA GLN B 105 -22.96 -1.19 3.43
C GLN B 105 -22.75 0.29 3.10
N THR B 106 -21.55 0.62 2.64
CA THR B 106 -21.18 2.01 2.43
C THR B 106 -21.56 2.49 1.03
N THR B 107 -21.33 1.66 0.01
CA THR B 107 -21.65 2.04 -1.36
C THR B 107 -23.01 1.50 -1.79
N GLY B 108 -23.44 0.41 -1.17
CA GLY B 108 -24.64 -0.27 -1.59
C GLY B 108 -24.34 -1.38 -2.59
N SER B 109 -23.04 -1.58 -2.83
CA SER B 109 -22.57 -2.54 -3.82
C SER B 109 -21.15 -2.98 -3.44
N ASP B 110 -20.49 -3.74 -4.30
CA ASP B 110 -19.12 -4.13 -4.04
C ASP B 110 -18.22 -3.72 -5.20
N ASN B 111 -16.96 -3.50 -4.91
CA ASN B 111 -15.98 -3.16 -5.95
C ASN B 111 -15.14 -4.39 -6.27
N PRO B 112 -15.44 -5.06 -7.39
CA PRO B 112 -14.74 -6.29 -7.81
C PRO B 112 -13.25 -6.06 -8.00
N ALA B 113 -12.89 -4.85 -8.38
CA ALA B 113 -11.50 -4.48 -8.59
C ALA B 113 -10.73 -4.51 -7.27
N PHE B 114 -11.43 -4.26 -6.17
CA PHE B 114 -10.80 -4.22 -4.86
C PHE B 114 -10.49 -5.62 -4.36
N VAL B 115 -11.48 -6.50 -4.39
CA VAL B 115 -11.30 -7.88 -3.95
C VAL B 115 -10.28 -8.60 -4.85
N SER B 116 -10.26 -8.26 -6.13
CA SER B 116 -9.27 -8.80 -7.04
C SER B 116 -7.88 -8.27 -6.71
N ARG B 117 -7.81 -6.98 -6.39
CA ARG B 117 -6.57 -6.36 -5.95
C ARG B 117 -6.03 -7.08 -4.71
N ILE B 118 -6.92 -7.32 -3.74
CA ILE B 118 -6.54 -8.04 -2.51
C ILE B 118 -5.92 -9.38 -2.85
N GLN B 119 -6.64 -10.19 -3.63
CA GLN B 119 -6.18 -11.54 -4.00
C GLN B 119 -4.82 -11.49 -4.69
N SER B 120 -4.62 -10.48 -5.53
CA SER B 120 -3.36 -10.30 -6.23
C SER B 120 -2.24 -9.95 -5.25
N LEU B 121 -2.58 -9.15 -4.25
CA LEU B 121 -1.62 -8.73 -3.23
C LEU B 121 -1.28 -9.89 -2.30
N ILE B 122 -2.25 -10.75 -2.03
CA ILE B 122 -2.06 -11.87 -1.11
C ILE B 122 -0.89 -12.74 -1.57
N SER B 123 -0.85 -12.96 -2.87
CA SER B 123 0.19 -13.77 -3.48
C SER B 123 1.59 -13.18 -3.26
N VAL B 124 1.70 -11.85 -3.26
CA VAL B 124 3.00 -11.20 -3.14
C VAL B 124 3.32 -10.79 -1.70
N LEU B 125 2.28 -10.69 -0.88
CA LEU B 125 2.47 -10.35 0.53
C LEU B 125 2.90 -11.58 1.34
N SER B 126 2.53 -12.75 0.84
CA SER B 126 2.94 -14.01 1.46
C SER B 126 4.27 -14.46 0.86
N GLN B 127 4.91 -13.56 0.13
CA GLN B 127 6.14 -13.84 -0.56
C GLN B 127 7.32 -13.57 0.37
N ASN B 128 7.67 -14.56 1.14
CA ASN B 128 8.89 -14.53 1.93
C ASN B 128 10.09 -14.71 1.00
N THR B 129 10.63 -13.60 0.53
CA THR B 129 11.71 -13.61 -0.43
C THR B 129 12.95 -14.31 0.10
N ASP B 130 13.26 -15.44 -0.50
CA ASP B 130 14.40 -16.26 -0.10
C ASP B 130 15.56 -16.05 -1.06
N VAL B 131 15.21 -15.76 -2.31
CA VAL B 131 16.20 -15.65 -3.40
C VAL B 131 17.29 -14.61 -3.10
N ASN B 132 16.89 -13.51 -2.46
CA ASN B 132 17.84 -12.45 -2.17
C ASN B 132 17.85 -12.10 -0.69
N ILE B 133 18.75 -12.74 0.04
CA ILE B 133 18.95 -12.45 1.46
C ILE B 133 20.29 -11.79 1.66
N ILE B 134 21.05 -11.69 0.58
CA ILE B 134 22.35 -11.02 0.60
C ILE B 134 22.15 -9.52 0.84
N SER B 135 22.66 -9.03 1.95
CA SER B 135 22.43 -7.65 2.34
C SER B 135 23.69 -6.80 2.17
N THR B 136 24.62 -7.30 1.39
CA THR B 136 25.91 -6.66 1.24
C THR B 136 26.05 -6.06 -0.15
N ALA B 137 25.19 -5.11 -0.45
CA ALA B 137 25.17 -4.44 -1.74
C ALA B 137 25.97 -3.15 -1.69
N GLY A 1 8.28 -11.44 -3.58
CA GLY A 1 9.68 -11.66 -3.15
C GLY A 1 10.18 -10.55 -2.27
N ALA A 2 11.13 -10.86 -1.39
CA ALA A 2 11.70 -9.90 -0.47
C ALA A 2 12.90 -10.50 0.25
N VAL A 3 13.77 -9.65 0.75
CA VAL A 3 14.93 -10.11 1.51
C VAL A 3 14.58 -10.15 2.99
N THR A 4 15.02 -11.20 3.68
CA THR A 4 14.76 -11.31 5.11
C THR A 4 15.69 -10.37 5.89
N ALA A 5 15.33 -9.11 5.90
CA ALA A 5 16.07 -8.08 6.62
C ALA A 5 15.13 -6.93 6.96
N VAL A 6 15.39 -6.26 8.07
CA VAL A 6 14.53 -5.17 8.50
C VAL A 6 15.07 -3.82 8.02
N PRO A 7 14.29 -3.13 7.17
CA PRO A 7 14.64 -1.80 6.70
C PRO A 7 14.68 -0.80 7.85
N SER A 8 15.88 -0.32 8.16
CA SER A 8 16.08 0.56 9.31
C SER A 8 15.28 1.86 9.20
N VAL A 9 14.96 2.25 7.98
CA VAL A 9 14.20 3.48 7.76
C VAL A 9 12.75 3.31 8.23
N PHE A 10 12.32 2.06 8.37
CA PHE A 10 10.97 1.77 8.82
C PHE A 10 10.96 1.37 10.29
N SER A 11 12.12 1.36 10.91
CA SER A 11 12.23 1.08 12.33
C SER A 11 12.73 2.30 13.09
N SER A 12 13.20 3.31 12.34
CA SER A 12 13.75 4.51 12.93
C SER A 12 12.95 5.75 12.48
N PRO A 13 12.23 6.39 13.42
CA PRO A 13 11.40 7.56 13.13
C PRO A 13 12.21 8.74 12.59
N ASN A 14 13.46 8.82 12.98
CA ASN A 14 14.35 9.87 12.49
C ASN A 14 14.74 9.62 11.05
N LEU A 15 14.98 8.36 10.70
CA LEU A 15 15.29 7.99 9.32
C LEU A 15 14.07 8.20 8.43
N ALA A 16 12.90 7.95 8.99
CA ALA A 16 11.65 8.13 8.26
C ALA A 16 11.53 9.55 7.71
N SER A 17 11.78 10.53 8.57
CA SER A 17 11.69 11.93 8.19
C SER A 17 12.76 12.27 7.15
N GLY A 18 13.97 11.74 7.35
CA GLY A 18 15.07 12.00 6.44
C GLY A 18 14.83 11.42 5.06
N PHE A 19 14.18 10.26 5.03
CA PHE A 19 13.87 9.60 3.77
C PHE A 19 12.73 10.33 3.06
N LEU A 20 11.74 10.74 3.85
CA LEU A 20 10.61 11.49 3.34
C LEU A 20 11.09 12.73 2.60
N GLN A 21 11.99 13.47 3.25
CA GLN A 21 12.49 14.73 2.70
C GLN A 21 13.51 14.50 1.60
N CYS A 22 13.90 13.25 1.38
CA CYS A 22 14.84 12.93 0.33
C CYS A 22 14.08 12.51 -0.91
N LEU A 23 13.03 11.74 -0.68
CA LEU A 23 12.21 11.20 -1.74
C LEU A 23 11.59 12.31 -2.59
N THR A 24 11.01 13.29 -1.91
CA THR A 24 10.36 14.40 -2.58
C THR A 24 11.39 15.23 -3.35
N PHE A 25 12.59 15.33 -2.79
CA PHE A 25 13.67 16.08 -3.41
C PHE A 25 14.19 15.33 -4.64
N GLY A 26 14.32 14.02 -4.51
CA GLY A 26 14.77 13.19 -5.61
C GLY A 26 13.81 13.22 -6.78
N ILE A 27 12.51 13.09 -6.48
CA ILE A 27 11.48 13.14 -7.52
C ILE A 27 11.56 14.46 -8.28
N GLY A 28 11.84 15.55 -7.57
CA GLY A 28 11.94 16.85 -8.19
C GLY A 28 13.26 17.07 -8.89
N ASN A 29 14.07 16.04 -8.97
CA ASN A 29 15.38 16.13 -9.62
C ASN A 29 15.41 15.25 -10.87
N SER A 30 14.27 14.72 -11.25
CA SER A 30 14.18 13.88 -12.44
C SER A 30 13.28 14.52 -13.49
N PRO A 31 13.73 14.56 -14.75
CA PRO A 31 12.97 15.16 -15.85
C PRO A 31 11.89 14.23 -16.40
N ALA A 32 11.61 13.15 -15.67
CA ALA A 32 10.64 12.16 -16.11
C ALA A 32 9.30 12.36 -15.41
N PHE A 33 9.29 13.26 -14.42
CA PHE A 33 8.12 13.47 -13.59
C PHE A 33 7.54 14.86 -13.83
N PRO A 34 6.46 14.94 -14.62
CA PRO A 34 5.70 16.17 -14.80
C PRO A 34 5.20 16.72 -13.48
N THR A 35 5.22 18.05 -13.34
CA THR A 35 4.89 18.72 -12.09
C THR A 35 3.58 18.22 -11.47
N GLN A 36 2.60 17.87 -12.31
CA GLN A 36 1.30 17.43 -11.83
C GLN A 36 1.40 16.13 -11.03
N GLU A 37 2.23 15.20 -11.47
CA GLU A 37 2.40 13.94 -10.76
C GLU A 37 3.53 14.05 -9.74
N GLN A 38 4.54 14.85 -10.08
CA GLN A 38 5.66 15.11 -9.18
C GLN A 38 5.17 15.57 -7.81
N GLN A 39 4.28 16.56 -7.82
CA GLN A 39 3.76 17.13 -6.58
C GLN A 39 2.75 16.21 -5.92
N ASP A 40 2.26 15.22 -6.65
CA ASP A 40 1.31 14.27 -6.09
C ASP A 40 2.06 13.20 -5.32
N LEU A 41 3.09 12.64 -5.96
CA LEU A 41 3.97 11.67 -5.33
C LEU A 41 4.59 12.27 -4.08
N ASP A 42 4.91 13.56 -4.18
CA ASP A 42 5.43 14.35 -3.05
C ASP A 42 4.51 14.23 -1.84
N ALA A 43 3.22 14.37 -2.08
CA ALA A 43 2.23 14.36 -0.99
C ALA A 43 1.97 12.94 -0.48
N ILE A 44 2.14 11.95 -1.35
CA ILE A 44 1.92 10.56 -0.97
C ILE A 44 3.06 10.05 -0.09
N ALA A 45 4.27 10.57 -0.35
CA ALA A 45 5.45 10.15 0.38
C ALA A 45 5.31 10.39 1.89
N GLN A 46 4.67 11.49 2.26
CA GLN A 46 4.54 11.85 3.68
C GLN A 46 3.44 11.04 4.35
N VAL A 47 2.75 10.19 3.59
CA VAL A 47 1.68 9.37 4.14
C VAL A 47 2.24 8.10 4.76
N ILE A 48 3.05 7.38 4.01
CA ILE A 48 3.62 6.12 4.50
C ILE A 48 4.67 6.40 5.57
N LEU A 49 5.49 7.41 5.34
CA LEU A 49 6.55 7.77 6.28
C LEU A 49 5.96 8.43 7.54
N ASN A 50 4.66 8.69 7.51
CA ASN A 50 3.98 9.29 8.64
C ASN A 50 3.74 8.24 9.71
N ALA A 51 3.44 7.03 9.26
CA ALA A 51 3.03 5.95 10.16
C ALA A 51 4.23 5.37 10.89
N VAL A 52 5.36 5.31 10.21
CA VAL A 52 6.60 4.80 10.80
C VAL A 52 7.12 5.75 11.87
N SER A 53 6.90 7.04 11.68
CA SER A 53 7.34 8.05 12.64
C SER A 53 6.60 7.89 13.97
N THR A 54 5.41 7.33 13.91
CA THR A 54 4.58 7.15 15.09
C THR A 54 4.32 5.66 15.34
N ASN A 55 5.26 4.82 14.91
CA ASN A 55 5.13 3.39 15.04
C ASN A 55 5.26 2.96 16.49
N THR A 56 4.13 2.71 17.12
CA THR A 56 4.09 2.31 18.51
C THR A 56 3.38 0.97 18.67
N GLY A 57 4.09 -0.02 19.17
CA GLY A 57 3.46 -1.30 19.46
C GLY A 57 4.40 -2.47 19.29
N ALA A 58 3.95 -3.66 19.68
CA ALA A 58 4.77 -4.86 19.57
C ALA A 58 4.78 -5.37 18.14
N THR A 59 3.74 -5.03 17.40
CA THR A 59 3.62 -5.44 16.01
C THR A 59 4.31 -4.44 15.08
N ALA A 60 5.02 -3.50 15.67
CA ALA A 60 5.69 -2.45 14.91
C ALA A 60 6.74 -3.05 13.98
N SER A 61 7.27 -4.21 14.35
CA SER A 61 8.22 -4.94 13.51
C SER A 61 7.56 -5.35 12.19
N ALA A 62 6.37 -5.93 12.29
CA ALA A 62 5.63 -6.35 11.11
C ALA A 62 5.14 -5.14 10.32
N ARG A 63 4.84 -4.06 11.04
CA ARG A 63 4.42 -2.82 10.40
C ARG A 63 5.52 -2.29 9.49
N ALA A 64 6.77 -2.42 9.93
CA ALA A 64 7.92 -1.99 9.14
C ALA A 64 7.90 -2.68 7.78
N GLN A 65 7.58 -3.97 7.79
CA GLN A 65 7.43 -4.74 6.56
C GLN A 65 6.25 -4.19 5.75
N ALA A 66 5.10 -4.08 6.39
CA ALA A 66 3.89 -3.62 5.73
C ALA A 66 4.07 -2.22 5.13
N LEU A 67 4.88 -1.39 5.79
CA LEU A 67 5.14 -0.04 5.33
C LEU A 67 5.95 -0.05 4.04
N SER A 68 6.94 -0.93 3.95
CA SER A 68 7.75 -1.03 2.74
C SER A 68 6.88 -1.55 1.59
N THR A 69 5.96 -2.45 1.91
CA THR A 69 5.02 -2.97 0.94
C THR A 69 4.04 -1.89 0.50
N ALA A 70 3.53 -1.14 1.48
CA ALA A 70 2.56 -0.08 1.20
C ALA A 70 3.19 1.04 0.38
N LEU A 71 4.42 1.41 0.74
CA LEU A 71 5.14 2.48 0.04
C LEU A 71 5.35 2.09 -1.43
N ALA A 72 5.78 0.86 -1.65
CA ALA A 72 5.97 0.35 -3.00
C ALA A 72 4.64 0.32 -3.76
N SER A 73 3.62 -0.19 -3.09
CA SER A 73 2.30 -0.35 -3.69
C SER A 73 1.70 0.99 -4.12
N SER A 74 1.53 1.89 -3.16
CA SER A 74 0.83 3.14 -3.39
C SER A 74 1.51 3.98 -4.47
N LEU A 75 2.82 4.14 -4.36
CA LEU A 75 3.57 4.98 -5.30
C LEU A 75 3.56 4.38 -6.71
N THR A 76 3.77 3.07 -6.81
CA THR A 76 3.86 2.42 -8.10
C THR A 76 2.52 2.40 -8.82
N ASP A 77 1.46 1.98 -8.13
CA ASP A 77 0.14 1.85 -8.75
C ASP A 77 -0.38 3.21 -9.21
N LEU A 78 -0.17 4.23 -8.38
CA LEU A 78 -0.53 5.60 -8.72
C LEU A 78 0.25 6.06 -9.95
N LEU A 79 1.55 5.74 -9.95
CA LEU A 79 2.42 6.11 -11.05
C LEU A 79 1.96 5.47 -12.35
N ILE A 80 1.70 4.16 -12.31
CA ILE A 80 1.28 3.42 -13.49
C ILE A 80 0.01 4.02 -14.10
N ALA A 81 -0.97 4.32 -13.24
CA ALA A 81 -2.25 4.85 -13.68
C ALA A 81 -2.09 6.14 -14.50
N GLU A 82 -1.45 7.13 -13.90
CA GLU A 82 -1.29 8.43 -14.54
C GLU A 82 -0.30 8.37 -15.70
N SER A 83 0.46 7.28 -15.79
CA SER A 83 1.44 7.13 -16.85
C SER A 83 0.92 6.24 -17.97
N ALA A 84 -0.41 6.21 -18.10
CA ALA A 84 -1.07 5.54 -19.24
C ALA A 84 -0.80 4.03 -19.26
N GLU A 85 -0.32 3.50 -18.14
CA GLU A 85 -0.13 2.05 -17.94
C GLU A 85 1.05 1.49 -18.75
N SER A 86 1.36 2.10 -19.87
CA SER A 86 2.45 1.62 -20.71
C SER A 86 3.67 2.55 -20.64
N ASN A 87 3.45 3.81 -20.28
CA ASN A 87 4.52 4.80 -20.27
C ASN A 87 5.23 4.81 -18.92
N TYR A 88 4.65 4.07 -17.98
CA TYR A 88 5.11 4.05 -16.58
C TYR A 88 6.57 3.60 -16.47
N ASN A 89 7.03 2.82 -17.46
CA ASN A 89 8.40 2.33 -17.50
C ASN A 89 9.39 3.50 -17.42
N ASN A 90 9.01 4.59 -18.08
CA ASN A 90 9.85 5.79 -18.13
C ASN A 90 10.09 6.35 -16.74
N GLN A 91 9.02 6.46 -15.97
CA GLN A 91 9.10 7.01 -14.62
C GLN A 91 9.78 6.02 -13.68
N LEU A 92 9.43 4.74 -13.78
CA LEU A 92 9.98 3.72 -12.89
C LEU A 92 11.50 3.66 -12.96
N SER A 93 12.04 3.85 -14.15
CA SER A 93 13.50 3.81 -14.35
C SER A 93 14.20 4.85 -13.48
N GLU A 94 13.52 5.97 -13.25
CA GLU A 94 14.02 7.04 -12.40
C GLU A 94 13.63 6.79 -10.95
N LEU A 95 12.36 6.42 -10.77
CA LEU A 95 11.74 6.29 -9.46
C LEU A 95 12.50 5.31 -8.57
N THR A 96 12.81 4.13 -9.10
CA THR A 96 13.49 3.11 -8.30
C THR A 96 14.92 3.55 -7.97
N GLY A 97 15.51 4.33 -8.88
CA GLY A 97 16.83 4.86 -8.63
C GLY A 97 16.83 5.86 -7.50
N ILE A 98 15.81 6.72 -7.49
CA ILE A 98 15.62 7.70 -6.42
C ILE A 98 15.43 6.99 -5.07
N LEU A 99 14.58 5.98 -5.08
CA LEU A 99 14.30 5.19 -3.87
C LEU A 99 15.59 4.66 -3.25
N SER A 100 16.30 3.85 -4.01
CA SER A 100 17.51 3.20 -3.53
C SER A 100 18.58 4.22 -3.14
N ASN A 101 18.64 5.31 -3.89
CA ASN A 101 19.55 6.40 -3.59
C ASN A 101 19.25 6.98 -2.22
N CYS A 102 17.98 7.33 -1.98
CA CYS A 102 17.57 7.90 -0.70
C CYS A 102 17.75 6.92 0.44
N PHE A 103 17.54 5.62 0.18
CA PHE A 103 17.86 4.60 1.16
C PHE A 103 19.32 4.69 1.58
N ILE A 104 20.20 4.72 0.59
CA ILE A 104 21.63 4.87 0.83
C ILE A 104 21.92 6.14 1.62
N GLN A 105 21.33 7.24 1.19
CA GLN A 105 21.63 8.54 1.79
C GLN A 105 21.09 8.62 3.22
N THR A 106 19.96 7.97 3.48
CA THR A 106 19.31 8.07 4.77
C THR A 106 19.76 6.96 5.72
N THR A 107 19.60 5.71 5.30
CA THR A 107 19.90 4.58 6.17
C THR A 107 21.40 4.29 6.19
N GLY A 108 22.04 4.47 5.03
CA GLY A 108 23.43 4.10 4.88
C GLY A 108 23.57 2.77 4.19
N SER A 109 22.47 2.28 3.64
CA SER A 109 22.46 1.00 2.93
C SER A 109 21.43 1.02 1.81
N ASP A 110 21.57 0.12 0.86
CA ASP A 110 20.66 0.06 -0.29
C ASP A 110 19.33 -0.57 0.08
N ASN A 111 19.38 -1.65 0.87
CA ASN A 111 18.18 -2.36 1.32
C ASN A 111 17.41 -2.93 0.12
N PRO A 112 17.83 -4.10 -0.37
CA PRO A 112 17.26 -4.71 -1.58
C PRO A 112 15.83 -5.21 -1.36
N ALA A 113 15.49 -5.47 -0.11
CA ALA A 113 14.19 -6.01 0.25
C ALA A 113 13.06 -5.14 -0.27
N PHE A 114 13.29 -3.84 -0.29
CA PHE A 114 12.29 -2.89 -0.75
C PHE A 114 12.11 -3.00 -2.26
N VAL A 115 13.23 -3.03 -2.97
CA VAL A 115 13.22 -3.14 -4.42
C VAL A 115 12.57 -4.44 -4.87
N SER A 116 12.90 -5.52 -4.16
CA SER A 116 12.32 -6.83 -4.43
C SER A 116 10.79 -6.78 -4.28
N ARG A 117 10.33 -6.10 -3.24
CA ARG A 117 8.91 -5.93 -2.98
C ARG A 117 8.25 -5.16 -4.13
N ILE A 118 8.94 -4.13 -4.62
CA ILE A 118 8.43 -3.32 -5.71
C ILE A 118 8.15 -4.18 -6.94
N GLN A 119 9.18 -4.86 -7.44
CA GLN A 119 9.07 -5.68 -8.64
C GLN A 119 8.01 -6.77 -8.49
N SER A 120 7.83 -7.24 -7.27
CA SER A 120 6.81 -8.25 -6.98
C SER A 120 5.41 -7.69 -7.25
N LEU A 121 5.23 -6.42 -6.93
CA LEU A 121 3.94 -5.77 -7.10
C LEU A 121 3.80 -5.19 -8.51
N ILE A 122 4.91 -4.80 -9.12
CA ILE A 122 4.91 -4.31 -10.49
C ILE A 122 4.30 -5.37 -11.41
N SER A 123 4.69 -6.61 -11.15
CA SER A 123 4.26 -7.74 -11.94
C SER A 123 2.73 -7.90 -11.94
N VAL A 124 2.08 -7.55 -10.83
CA VAL A 124 0.66 -7.72 -10.72
C VAL A 124 -0.09 -6.42 -11.04
N LEU A 125 0.46 -5.28 -10.62
CA LEU A 125 -0.22 -4.00 -10.78
C LEU A 125 -0.16 -3.52 -12.23
N SER A 126 0.86 -3.95 -12.95
CA SER A 126 1.00 -3.59 -14.36
C SER A 126 0.28 -4.62 -15.24
N GLN A 127 -0.65 -5.33 -14.64
CA GLN A 127 -1.41 -6.35 -15.34
C GLN A 127 -2.89 -6.01 -15.30
N ASN A 128 -3.32 -5.19 -16.26
CA ASN A 128 -4.71 -4.83 -16.38
C ASN A 128 -5.53 -6.05 -16.79
N THR A 129 -6.43 -6.47 -15.91
CA THR A 129 -7.11 -7.74 -16.06
C THR A 129 -8.55 -7.59 -16.52
N ASP A 130 -9.15 -8.71 -16.92
CA ASP A 130 -10.55 -8.76 -17.33
C ASP A 130 -11.45 -8.63 -16.10
N VAL A 131 -10.87 -8.88 -14.94
CA VAL A 131 -11.59 -8.74 -13.68
C VAL A 131 -11.64 -7.28 -13.27
N ASN A 132 -10.51 -6.60 -13.36
CA ASN A 132 -10.43 -5.17 -13.05
C ASN A 132 -10.05 -4.39 -14.29
N ILE A 133 -11.04 -4.09 -15.11
CA ILE A 133 -10.83 -3.41 -16.38
C ILE A 133 -10.82 -1.90 -16.16
N ILE A 134 -10.00 -1.48 -15.23
CA ILE A 134 -9.78 -0.07 -14.99
C ILE A 134 -9.09 0.55 -16.19
N SER A 135 -9.43 1.77 -16.53
CA SER A 135 -8.87 2.41 -17.72
C SER A 135 -8.51 3.85 -17.40
N THR A 136 -7.48 3.99 -16.60
CA THR A 136 -6.96 5.29 -16.22
C THR A 136 -5.92 5.79 -17.24
N ALA A 137 -5.58 4.91 -18.18
CA ALA A 137 -4.66 5.27 -19.26
C ALA A 137 -5.22 6.42 -20.08
N GLY B 1 -14.35 -6.74 -10.03
CA GLY B 1 -14.34 -5.37 -10.49
C GLY B 1 -15.25 -5.17 -11.69
N ALA B 2 -15.07 -4.05 -12.38
CA ALA B 2 -15.88 -3.74 -13.53
C ALA B 2 -15.09 -2.89 -14.52
N VAL B 3 -15.73 -2.44 -15.59
CA VAL B 3 -15.05 -1.66 -16.62
C VAL B 3 -15.00 -0.19 -16.23
N THR B 4 -13.79 0.31 -16.02
CA THR B 4 -13.55 1.70 -15.65
C THR B 4 -14.35 2.09 -14.39
N ALA B 5 -14.53 1.13 -13.50
CA ALA B 5 -15.25 1.37 -12.26
C ALA B 5 -14.28 1.66 -11.12
N VAL B 6 -14.35 2.87 -10.59
CA VAL B 6 -13.50 3.28 -9.49
C VAL B 6 -14.30 3.31 -8.19
N PRO B 7 -13.74 2.76 -7.10
CA PRO B 7 -14.38 2.79 -5.78
C PRO B 7 -14.67 4.22 -5.32
N SER B 8 -15.94 4.59 -5.33
CA SER B 8 -16.36 5.96 -5.00
C SER B 8 -15.99 6.33 -3.57
N VAL B 9 -15.81 5.34 -2.72
CA VAL B 9 -15.47 5.58 -1.31
C VAL B 9 -14.09 6.23 -1.19
N PHE B 10 -13.26 6.04 -2.21
CA PHE B 10 -11.93 6.65 -2.23
C PHE B 10 -11.95 7.98 -2.96
N SER B 11 -13.14 8.45 -3.28
CA SER B 11 -13.32 9.74 -3.92
C SER B 11 -14.22 10.64 -3.09
N SER B 12 -14.48 10.21 -1.86
CA SER B 12 -15.33 10.95 -0.95
C SER B 12 -14.82 10.82 0.49
N PRO B 13 -14.33 11.92 1.08
CA PRO B 13 -13.79 11.93 2.44
C PRO B 13 -14.82 11.50 3.49
N ASN B 14 -16.07 11.89 3.26
CA ASN B 14 -17.16 11.54 4.15
C ASN B 14 -17.41 10.03 4.11
N LEU B 15 -17.39 9.47 2.90
CA LEU B 15 -17.53 8.03 2.72
C LEU B 15 -16.34 7.30 3.34
N ALA B 16 -15.16 7.87 3.15
CA ALA B 16 -13.93 7.31 3.68
C ALA B 16 -14.01 7.15 5.20
N SER B 17 -14.43 8.23 5.86
CA SER B 17 -14.55 8.23 7.31
C SER B 17 -15.57 7.19 7.76
N GLY B 18 -16.71 7.14 7.07
CA GLY B 18 -17.75 6.18 7.41
C GLY B 18 -17.29 4.75 7.20
N PHE B 19 -16.53 4.52 6.15
CA PHE B 19 -16.01 3.18 5.85
C PHE B 19 -14.96 2.79 6.89
N LEU B 20 -14.11 3.75 7.24
CA LEU B 20 -13.09 3.57 8.25
C LEU B 20 -13.74 3.09 9.56
N GLN B 21 -14.78 3.81 9.96
CA GLN B 21 -15.44 3.55 11.24
C GLN B 21 -16.37 2.33 11.16
N CYS B 22 -16.48 1.75 9.97
CA CYS B 22 -17.26 0.53 9.81
C CYS B 22 -16.31 -0.65 9.83
N LEU B 23 -15.24 -0.51 9.06
CA LEU B 23 -14.24 -1.54 8.91
C LEU B 23 -13.62 -1.92 10.24
N THR B 24 -13.08 -0.93 10.93
CA THR B 24 -12.39 -1.14 12.19
C THR B 24 -13.32 -1.76 13.23
N PHE B 25 -14.60 -1.40 13.16
CA PHE B 25 -15.59 -1.94 14.07
C PHE B 25 -15.89 -3.40 13.70
N GLY B 26 -16.02 -3.64 12.40
CA GLY B 26 -16.27 -4.99 11.91
C GLY B 26 -15.15 -5.95 12.25
N ILE B 27 -13.91 -5.48 12.14
CA ILE B 27 -12.75 -6.28 12.49
C ILE B 27 -12.85 -6.73 13.95
N GLY B 28 -13.33 -5.82 14.81
CA GLY B 28 -13.47 -6.14 16.22
C GLY B 28 -14.72 -6.94 16.51
N ASN B 29 -15.48 -7.27 15.47
CA ASN B 29 -16.68 -8.08 15.61
C ASN B 29 -16.45 -9.48 15.07
N SER B 30 -15.19 -9.79 14.77
CA SER B 30 -14.83 -11.09 14.24
C SER B 30 -14.06 -11.91 15.28
N PRO B 31 -14.42 -13.19 15.43
CA PRO B 31 -13.75 -14.10 16.36
C PRO B 31 -12.38 -14.55 15.86
N ALA B 32 -12.04 -14.15 14.64
CA ALA B 32 -10.78 -14.55 14.03
C ALA B 32 -9.70 -13.49 14.26
N PHE B 33 -10.08 -12.38 14.87
CA PHE B 33 -9.15 -11.30 15.13
C PHE B 33 -9.07 -11.02 16.62
N PRO B 34 -7.96 -11.45 17.25
CA PRO B 34 -7.68 -11.13 18.65
C PRO B 34 -7.68 -9.63 18.89
N THR B 35 -8.24 -9.21 20.01
CA THR B 35 -8.54 -7.81 20.25
C THR B 35 -7.34 -6.87 20.10
N GLN B 36 -6.17 -7.28 20.59
CA GLN B 36 -5.00 -6.42 20.54
C GLN B 36 -4.37 -6.40 19.15
N GLU B 37 -4.52 -7.51 18.42
CA GLU B 37 -4.05 -7.56 17.04
C GLU B 37 -5.04 -6.82 16.15
N GLN B 38 -6.31 -6.86 16.54
CA GLN B 38 -7.36 -6.12 15.87
C GLN B 38 -7.05 -4.63 15.89
N GLN B 39 -6.51 -4.17 17.01
CA GLN B 39 -6.08 -2.78 17.16
C GLN B 39 -5.01 -2.41 16.14
N ASP B 40 -4.25 -3.39 15.67
CA ASP B 40 -3.23 -3.14 14.66
C ASP B 40 -3.89 -2.86 13.32
N LEU B 41 -4.76 -3.78 12.89
CA LEU B 41 -5.52 -3.61 11.66
C LEU B 41 -6.29 -2.28 11.69
N ASP B 42 -6.82 -1.96 12.87
CA ASP B 42 -7.51 -0.69 13.10
C ASP B 42 -6.58 0.48 12.76
N ALA B 43 -5.40 0.46 13.36
CA ALA B 43 -4.45 1.57 13.25
C ALA B 43 -3.87 1.69 11.84
N ILE B 44 -3.73 0.56 11.15
CA ILE B 44 -3.18 0.58 9.80
C ILE B 44 -4.24 1.00 8.78
N ALA B 45 -5.47 0.55 8.98
CA ALA B 45 -6.56 0.85 8.05
C ALA B 45 -6.88 2.33 8.02
N GLN B 46 -6.90 2.96 9.19
CA GLN B 46 -7.23 4.37 9.31
C GLN B 46 -6.24 5.23 8.53
N VAL B 47 -5.00 4.78 8.44
CA VAL B 47 -3.97 5.49 7.68
C VAL B 47 -4.39 5.69 6.23
N ILE B 48 -4.92 4.63 5.62
CA ILE B 48 -5.31 4.68 4.22
C ILE B 48 -6.51 5.60 4.02
N LEU B 49 -7.48 5.51 4.92
CA LEU B 49 -8.68 6.33 4.82
C LEU B 49 -8.40 7.80 5.18
N ASN B 50 -7.26 8.04 5.82
CA ASN B 50 -6.83 9.40 6.13
C ASN B 50 -6.19 10.04 4.91
N ALA B 51 -5.78 9.22 3.95
CA ALA B 51 -5.14 9.70 2.74
C ALA B 51 -6.20 10.15 1.74
N VAL B 52 -7.31 9.43 1.70
CA VAL B 52 -8.42 9.79 0.85
C VAL B 52 -9.17 11.01 1.42
N SER B 53 -9.13 11.15 2.73
CA SER B 53 -9.76 12.27 3.40
C SER B 53 -8.98 13.57 3.17
N THR B 54 -7.90 13.49 2.40
CA THR B 54 -7.12 14.67 2.05
C THR B 54 -6.87 14.72 0.55
N ASN B 55 -7.64 13.93 -0.21
CA ASN B 55 -7.51 13.91 -1.66
C ASN B 55 -8.02 15.21 -2.27
N THR B 56 -7.25 15.76 -3.19
CA THR B 56 -7.62 16.97 -3.88
C THR B 56 -6.91 17.05 -5.21
N GLY B 57 -7.62 17.56 -6.22
CA GLY B 57 -7.03 17.73 -7.54
C GLY B 57 -7.65 16.82 -8.56
N ALA B 58 -6.96 16.64 -9.68
CA ALA B 58 -7.45 15.79 -10.75
C ALA B 58 -6.86 14.39 -10.63
N THR B 59 -5.82 14.27 -9.82
CA THR B 59 -5.16 12.99 -9.59
C THR B 59 -5.91 12.18 -8.53
N ALA B 60 -7.00 12.76 -8.01
CA ALA B 60 -7.80 12.11 -7.00
C ALA B 60 -8.36 10.79 -7.50
N SER B 61 -8.60 10.70 -8.80
CA SER B 61 -9.10 9.49 -9.43
C SER B 61 -8.06 8.38 -9.35
N ALA B 62 -6.82 8.70 -9.74
CA ALA B 62 -5.73 7.74 -9.67
C ALA B 62 -5.40 7.39 -8.23
N ARG B 63 -5.51 8.38 -7.35
CA ARG B 63 -5.31 8.17 -5.92
C ARG B 63 -6.30 7.14 -5.39
N ALA B 64 -7.55 7.27 -5.82
CA ALA B 64 -8.60 6.35 -5.40
C ALA B 64 -8.23 4.91 -5.75
N GLN B 65 -7.69 4.73 -6.94
CA GLN B 65 -7.19 3.43 -7.38
C GLN B 65 -6.04 2.97 -6.49
N ALA B 66 -5.04 3.83 -6.35
CA ALA B 66 -3.85 3.50 -5.59
C ALA B 66 -4.17 3.17 -4.13
N LEU B 67 -5.18 3.84 -3.58
CA LEU B 67 -5.55 3.63 -2.19
C LEU B 67 -6.20 2.28 -1.98
N SER B 68 -7.02 1.85 -2.94
CA SER B 68 -7.65 0.53 -2.85
C SER B 68 -6.58 -0.56 -2.93
N THR B 69 -5.53 -0.29 -3.68
CA THR B 69 -4.40 -1.19 -3.79
C THR B 69 -3.57 -1.15 -2.52
N ALA B 70 -3.27 0.05 -2.04
CA ALA B 70 -2.45 0.23 -0.85
C ALA B 70 -3.09 -0.41 0.38
N LEU B 71 -4.40 -0.22 0.54
CA LEU B 71 -5.12 -0.78 1.67
C LEU B 71 -5.03 -2.31 1.62
N ALA B 72 -5.36 -2.86 0.45
CA ALA B 72 -5.32 -4.30 0.26
C ALA B 72 -3.91 -4.85 0.46
N SER B 73 -2.92 -4.08 0.04
CA SER B 73 -1.53 -4.51 0.12
C SER B 73 -1.03 -4.52 1.57
N SER B 74 -1.12 -3.37 2.24
CA SER B 74 -0.54 -3.20 3.56
C SER B 74 -1.22 -4.08 4.60
N LEU B 75 -2.55 -4.03 4.62
CA LEU B 75 -3.32 -4.78 5.62
C LEU B 75 -3.13 -6.28 5.47
N THR B 76 -3.05 -6.75 4.23
CA THR B 76 -2.86 -8.18 3.98
C THR B 76 -1.44 -8.62 4.34
N ASP B 77 -0.45 -7.84 3.89
CA ASP B 77 0.96 -8.16 4.15
C ASP B 77 1.23 -8.22 5.65
N LEU B 78 0.65 -7.25 6.37
CA LEU B 78 0.70 -7.24 7.83
C LEU B 78 0.06 -8.51 8.39
N LEU B 79 -1.14 -8.80 7.91
CA LEU B 79 -1.91 -9.93 8.40
C LEU B 79 -1.18 -11.24 8.16
N ILE B 80 -0.54 -11.37 6.99
CA ILE B 80 0.20 -12.57 6.64
C ILE B 80 1.28 -12.87 7.67
N ALA B 81 2.14 -11.89 7.92
CA ALA B 81 3.29 -12.07 8.80
C ALA B 81 2.88 -12.50 10.20
N GLU B 82 1.90 -11.80 10.76
CA GLU B 82 1.50 -12.05 12.15
C GLU B 82 0.57 -13.25 12.27
N SER B 83 0.16 -13.81 11.13
CA SER B 83 -0.67 -15.00 11.13
C SER B 83 0.14 -16.20 10.66
N ALA B 84 1.42 -16.18 10.99
CA ALA B 84 2.33 -17.31 10.74
C ALA B 84 2.55 -17.56 9.25
N GLU B 85 2.08 -16.63 8.42
CA GLU B 85 2.27 -16.67 6.96
C GLU B 85 1.52 -17.85 6.34
N SER B 86 0.76 -18.56 7.15
CA SER B 86 -0.01 -19.70 6.68
C SER B 86 -1.44 -19.64 7.20
N ASN B 87 -1.62 -19.03 8.37
CA ASN B 87 -2.95 -18.97 9.00
C ASN B 87 -3.70 -17.74 8.54
N TYR B 88 -3.00 -16.90 7.79
CA TYR B 88 -3.54 -15.63 7.30
C TYR B 88 -4.77 -15.87 6.44
N ASN B 89 -4.80 -17.02 5.76
CA ASN B 89 -5.93 -17.39 4.91
C ASN B 89 -7.24 -17.42 5.70
N ASN B 90 -7.14 -17.80 6.97
CA ASN B 90 -8.31 -17.86 7.84
C ASN B 90 -8.84 -16.46 8.11
N GLN B 91 -7.94 -15.57 8.49
CA GLN B 91 -8.29 -14.19 8.81
C GLN B 91 -8.75 -13.45 7.56
N LEU B 92 -8.15 -13.77 6.41
CA LEU B 92 -8.53 -13.15 5.15
C LEU B 92 -9.99 -13.42 4.81
N SER B 93 -10.48 -14.57 5.24
CA SER B 93 -11.88 -14.94 5.02
C SER B 93 -12.81 -13.96 5.73
N GLU B 94 -12.38 -13.49 6.89
CA GLU B 94 -13.13 -12.51 7.65
C GLU B 94 -12.88 -11.11 7.10
N LEU B 95 -11.61 -10.78 6.90
CA LEU B 95 -11.19 -9.45 6.47
C LEU B 95 -11.93 -9.03 5.21
N THR B 96 -12.00 -9.92 4.23
CA THR B 96 -12.67 -9.63 2.97
C THR B 96 -14.18 -9.47 3.16
N GLY B 97 -14.76 -10.31 4.02
CA GLY B 97 -16.19 -10.27 4.27
C GLY B 97 -16.62 -9.01 4.99
N ILE B 98 -15.74 -8.47 5.82
CA ILE B 98 -16.00 -7.23 6.51
C ILE B 98 -15.96 -6.06 5.52
N LEU B 99 -14.98 -6.11 4.62
CA LEU B 99 -14.82 -5.09 3.60
C LEU B 99 -16.07 -4.95 2.74
N SER B 100 -16.48 -6.05 2.11
CA SER B 100 -17.62 -6.05 1.21
C SER B 100 -18.88 -5.57 1.94
N ASN B 101 -19.03 -5.97 3.19
CA ASN B 101 -20.15 -5.55 4.01
C ASN B 101 -20.15 -4.03 4.17
N CYS B 102 -19.00 -3.49 4.58
CA CYS B 102 -18.88 -2.06 4.79
C CYS B 102 -19.01 -1.28 3.48
N PHE B 103 -18.52 -1.85 2.39
CA PHE B 103 -18.73 -1.24 1.07
C PHE B 103 -20.22 -1.10 0.79
N ILE B 104 -20.95 -2.16 1.04
CA ILE B 104 -22.41 -2.17 0.86
C ILE B 104 -23.05 -1.08 1.72
N GLN B 105 -22.64 -1.00 2.97
CA GLN B 105 -23.27 -0.07 3.90
C GLN B 105 -22.89 1.38 3.57
N THR B 106 -21.63 1.59 3.23
CA THR B 106 -21.12 2.94 3.05
C THR B 106 -21.33 3.46 1.62
N THR B 107 -20.94 2.67 0.63
CA THR B 107 -21.00 3.12 -0.76
C THR B 107 -22.36 2.77 -1.38
N GLY B 108 -22.96 1.70 -0.88
CA GLY B 108 -24.23 1.23 -1.42
C GLY B 108 -24.02 0.18 -2.49
N SER B 109 -22.83 -0.38 -2.55
CA SER B 109 -22.52 -1.40 -3.54
C SER B 109 -21.47 -2.38 -3.03
N ASP B 110 -21.41 -3.55 -3.67
CA ASP B 110 -20.48 -4.61 -3.31
C ASP B 110 -19.04 -4.17 -3.55
N ASN B 111 -18.80 -3.61 -4.74
CA ASN B 111 -17.48 -3.14 -5.15
C ASN B 111 -16.45 -4.29 -5.08
N PRO B 112 -16.53 -5.25 -6.01
CA PRO B 112 -15.65 -6.42 -6.02
C PRO B 112 -14.24 -6.08 -6.46
N ALA B 113 -14.06 -4.89 -7.00
CA ALA B 113 -12.77 -4.43 -7.49
C ALA B 113 -11.72 -4.47 -6.38
N PHE B 114 -12.13 -4.03 -5.19
CA PHE B 114 -11.23 -3.99 -4.05
C PHE B 114 -10.80 -5.40 -3.66
N VAL B 115 -11.76 -6.32 -3.62
CA VAL B 115 -11.50 -7.70 -3.26
C VAL B 115 -10.60 -8.37 -4.29
N SER B 116 -10.75 -7.96 -5.54
CA SER B 116 -9.93 -8.49 -6.63
C SER B 116 -8.47 -8.09 -6.42
N ARG B 117 -8.24 -6.83 -6.04
CA ARG B 117 -6.90 -6.35 -5.75
C ARG B 117 -6.27 -7.17 -4.63
N ILE B 118 -7.05 -7.45 -3.60
CA ILE B 118 -6.59 -8.26 -2.46
C ILE B 118 -6.06 -9.60 -2.94
N GLN B 119 -6.94 -10.37 -3.58
CA GLN B 119 -6.62 -11.73 -4.00
C GLN B 119 -5.40 -11.76 -4.92
N SER B 120 -5.29 -10.76 -5.79
CA SER B 120 -4.19 -10.69 -6.73
C SER B 120 -2.86 -10.47 -6.01
N LEU B 121 -2.90 -9.68 -4.94
CA LEU B 121 -1.69 -9.35 -4.20
C LEU B 121 -1.34 -10.45 -3.19
N ILE B 122 -2.33 -11.25 -2.81
CA ILE B 122 -2.11 -12.34 -1.85
C ILE B 122 -1.03 -13.27 -2.37
N SER B 123 -1.12 -13.57 -3.66
CA SER B 123 -0.18 -14.46 -4.31
C SER B 123 1.26 -13.94 -4.23
N VAL B 124 1.46 -12.69 -4.60
CA VAL B 124 2.81 -12.13 -4.66
C VAL B 124 3.39 -11.86 -3.27
N LEU B 125 2.52 -11.66 -2.29
CA LEU B 125 2.96 -11.39 -0.92
C LEU B 125 3.33 -12.67 -0.19
N SER B 126 2.64 -13.76 -0.49
CA SER B 126 2.90 -15.03 0.17
C SER B 126 4.11 -15.74 -0.45
N GLN B 127 4.35 -15.47 -1.72
CA GLN B 127 5.45 -16.10 -2.45
C GLN B 127 6.77 -15.37 -2.20
N ASN B 128 7.08 -15.12 -0.94
CA ASN B 128 8.34 -14.48 -0.59
C ASN B 128 9.46 -15.49 -0.47
N THR B 129 10.06 -15.80 -1.61
CA THR B 129 11.19 -16.69 -1.66
C THR B 129 12.48 -15.88 -1.72
N ASP B 130 13.57 -16.43 -1.18
CA ASP B 130 14.85 -15.73 -1.17
C ASP B 130 15.45 -15.70 -2.58
N VAL B 131 14.86 -16.49 -3.47
CA VAL B 131 15.26 -16.48 -4.87
C VAL B 131 14.95 -15.13 -5.50
N ASN B 132 13.84 -14.56 -5.08
CA ASN B 132 13.34 -13.33 -5.68
C ASN B 132 13.70 -12.12 -4.84
N ILE B 133 15.00 -11.93 -4.66
CA ILE B 133 15.53 -10.77 -3.97
C ILE B 133 16.18 -9.82 -4.98
N ILE B 134 15.75 -9.97 -6.23
CA ILE B 134 16.28 -9.20 -7.35
C ILE B 134 16.14 -7.70 -7.08
N SER B 135 17.23 -6.97 -7.28
CA SER B 135 17.25 -5.53 -7.05
C SER B 135 18.03 -4.82 -8.15
N THR B 136 17.93 -5.35 -9.36
CA THR B 136 18.68 -4.82 -10.50
C THR B 136 17.86 -3.77 -11.25
N ALA B 137 16.63 -3.58 -10.84
CA ALA B 137 15.72 -2.67 -11.53
C ALA B 137 14.95 -1.83 -10.53
N GLY A 1 17.08 -17.65 10.36
CA GLY A 1 17.66 -17.33 9.03
C GLY A 1 16.58 -17.07 7.99
N ALA A 2 16.00 -15.88 8.03
CA ALA A 2 15.00 -15.47 7.05
C ALA A 2 15.17 -13.99 6.75
N VAL A 3 16.39 -13.62 6.37
CA VAL A 3 16.74 -12.24 6.15
C VAL A 3 16.29 -11.77 4.77
N THR A 4 15.46 -10.75 4.76
CA THR A 4 14.97 -10.15 3.54
C THR A 4 15.50 -8.71 3.43
N ALA A 5 16.65 -8.50 4.07
CA ALA A 5 17.26 -7.17 4.20
C ALA A 5 16.35 -6.21 4.94
N VAL A 6 16.59 -6.06 6.24
CA VAL A 6 15.77 -5.22 7.09
C VAL A 6 15.84 -3.76 6.67
N PRO A 7 14.67 -3.17 6.38
CA PRO A 7 14.57 -1.75 6.10
C PRO A 7 14.63 -0.93 7.36
N SER A 8 15.82 -0.48 7.70
CA SER A 8 16.07 0.26 8.93
C SER A 8 15.18 1.51 9.01
N VAL A 9 14.89 2.10 7.86
CA VAL A 9 14.14 3.34 7.80
C VAL A 9 12.71 3.17 8.32
N PHE A 10 12.11 2.01 8.05
CA PHE A 10 10.74 1.76 8.46
C PHE A 10 10.69 1.25 9.91
N SER A 11 11.85 1.04 10.49
CA SER A 11 11.94 0.54 11.85
C SER A 11 12.56 1.62 12.76
N SER A 12 12.76 2.80 12.20
CA SER A 12 13.35 3.91 12.95
C SER A 12 12.65 5.21 12.62
N PRO A 13 11.91 5.78 13.58
CA PRO A 13 11.14 7.03 13.40
C PRO A 13 11.99 8.17 12.85
N ASN A 14 13.21 8.31 13.37
CA ASN A 14 14.11 9.36 12.95
C ASN A 14 14.58 9.15 11.52
N LEU A 15 14.86 7.90 11.17
CA LEU A 15 15.28 7.56 9.82
C LEU A 15 14.17 7.83 8.82
N ALA A 16 12.94 7.55 9.22
CA ALA A 16 11.78 7.77 8.36
C ALA A 16 11.74 9.21 7.87
N SER A 17 11.96 10.14 8.78
CA SER A 17 11.97 11.55 8.46
C SER A 17 13.14 11.90 7.54
N GLY A 18 14.29 11.31 7.82
CA GLY A 18 15.47 11.56 7.02
C GLY A 18 15.30 11.05 5.60
N PHE A 19 14.63 9.92 5.47
CA PHE A 19 14.32 9.34 4.17
C PHE A 19 13.37 10.25 3.40
N LEU A 20 12.37 10.76 4.12
CA LEU A 20 11.38 11.66 3.54
C LEU A 20 12.06 12.92 2.99
N GLN A 21 13.01 13.45 3.75
CA GLN A 21 13.71 14.67 3.36
C GLN A 21 14.68 14.42 2.22
N CYS A 22 14.89 13.15 1.89
CA CYS A 22 15.72 12.80 0.73
C CYS A 22 14.83 12.54 -0.46
N LEU A 23 13.77 11.78 -0.20
CA LEU A 23 12.87 11.33 -1.24
C LEU A 23 12.21 12.50 -1.95
N THR A 24 11.60 13.39 -1.17
CA THR A 24 10.88 14.54 -1.73
C THR A 24 11.81 15.44 -2.53
N PHE A 25 13.06 15.53 -2.08
CA PHE A 25 14.05 16.36 -2.76
C PHE A 25 14.54 15.66 -4.03
N GLY A 26 14.82 14.36 -3.91
CA GLY A 26 15.31 13.59 -5.04
C GLY A 26 14.31 13.52 -6.19
N ILE A 27 13.02 13.40 -5.85
CA ILE A 27 11.98 13.37 -6.87
C ILE A 27 11.97 14.68 -7.64
N GLY A 28 12.18 15.79 -6.93
CA GLY A 28 12.24 17.10 -7.56
C GLY A 28 13.48 17.26 -8.43
N ASN A 29 14.52 16.49 -8.10
CA ASN A 29 15.76 16.53 -8.88
C ASN A 29 15.65 15.66 -10.12
N SER A 30 14.61 14.82 -10.16
CA SER A 30 14.42 13.93 -11.28
C SER A 30 13.62 14.63 -12.39
N PRO A 31 14.15 14.60 -13.63
CA PRO A 31 13.60 15.37 -14.74
C PRO A 31 12.45 14.66 -15.45
N ALA A 32 11.94 13.60 -14.84
CA ALA A 32 10.84 12.85 -15.42
C ALA A 32 9.56 13.06 -14.63
N PHE A 33 9.64 13.88 -13.60
CA PHE A 33 8.50 14.10 -12.73
C PHE A 33 7.99 15.53 -12.83
N PRO A 34 6.83 15.69 -13.45
CA PRO A 34 6.11 16.95 -13.49
C PRO A 34 5.46 17.25 -12.15
N THR A 35 4.99 18.48 -11.99
CA THR A 35 4.38 18.92 -10.73
C THR A 35 3.26 17.99 -10.28
N GLN A 36 2.55 17.40 -11.22
CA GLN A 36 1.43 16.53 -10.90
C GLN A 36 1.94 15.22 -10.30
N GLU A 37 2.79 14.51 -11.04
CA GLU A 37 3.28 13.21 -10.58
C GLU A 37 4.23 13.39 -9.40
N GLN A 38 4.98 14.48 -9.40
CA GLN A 38 5.91 14.78 -8.32
C GLN A 38 5.14 14.93 -7.00
N GLN A 39 4.17 15.83 -6.98
CA GLN A 39 3.47 16.18 -5.76
C GLN A 39 2.61 15.03 -5.25
N ASP A 40 2.06 14.23 -6.15
CA ASP A 40 1.26 13.08 -5.76
C ASP A 40 2.10 12.09 -4.97
N LEU A 41 3.21 11.67 -5.58
CA LEU A 41 4.12 10.72 -4.94
C LEU A 41 4.75 11.34 -3.70
N ASP A 42 5.01 12.64 -3.79
CA ASP A 42 5.54 13.42 -2.66
C ASP A 42 4.59 13.34 -1.46
N ALA A 43 3.30 13.53 -1.75
CA ALA A 43 2.27 13.50 -0.72
C ALA A 43 2.15 12.13 -0.10
N ILE A 44 2.25 11.09 -0.92
CA ILE A 44 2.17 9.72 -0.43
C ILE A 44 3.38 9.38 0.43
N ALA A 45 4.53 9.87 0.01
CA ALA A 45 5.77 9.64 0.73
C ALA A 45 5.69 10.17 2.15
N GLN A 46 5.23 11.41 2.30
CA GLN A 46 5.17 12.04 3.61
C GLN A 46 4.12 11.39 4.51
N VAL A 47 3.20 10.65 3.90
CA VAL A 47 2.17 9.93 4.65
C VAL A 47 2.74 8.63 5.21
N ILE A 48 3.37 7.83 4.33
CA ILE A 48 3.93 6.55 4.73
C ILE A 48 5.01 6.74 5.79
N LEU A 49 5.94 7.63 5.51
CA LEU A 49 7.07 7.87 6.41
C LEU A 49 6.63 8.61 7.68
N ASN A 50 5.37 9.04 7.71
CA ASN A 50 4.83 9.68 8.89
C ASN A 50 4.37 8.61 9.88
N ALA A 51 3.95 7.47 9.35
CA ALA A 51 3.46 6.38 10.18
C ALA A 51 4.60 5.67 10.90
N VAL A 52 5.81 5.83 10.40
CA VAL A 52 6.98 5.22 11.00
C VAL A 52 7.34 5.93 12.31
N SER A 53 6.86 7.16 12.44
CA SER A 53 7.13 7.98 13.63
C SER A 53 6.39 7.43 14.86
N THR A 54 5.67 6.33 14.68
CA THR A 54 5.04 5.65 15.81
C THR A 54 5.38 4.17 15.78
N ASN A 55 6.41 3.81 15.02
CA ASN A 55 6.87 2.43 14.94
C ASN A 55 7.90 2.16 16.02
N THR A 56 7.42 2.01 17.24
CA THR A 56 8.28 1.76 18.38
C THR A 56 7.79 0.55 19.16
N GLY A 57 8.38 -0.60 18.89
CA GLY A 57 8.00 -1.82 19.58
C GLY A 57 8.32 -3.06 18.78
N ALA A 58 7.82 -4.20 19.24
CA ALA A 58 8.08 -5.48 18.58
C ALA A 58 7.40 -5.55 17.22
N THR A 59 6.11 -5.22 17.18
CA THR A 59 5.32 -5.34 15.97
C THR A 59 5.70 -4.27 14.94
N ALA A 60 6.63 -3.39 15.32
CA ALA A 60 7.09 -2.34 14.45
C ALA A 60 7.72 -2.90 13.18
N SER A 61 8.33 -4.08 13.30
CA SER A 61 8.98 -4.72 12.17
C SER A 61 7.96 -5.15 11.13
N ALA A 62 6.91 -5.83 11.57
CA ALA A 62 5.85 -6.29 10.69
C ALA A 62 5.11 -5.10 10.07
N ARG A 63 4.85 -4.08 10.89
CA ARG A 63 4.19 -2.89 10.40
C ARG A 63 5.10 -2.15 9.41
N ALA A 64 6.41 -2.26 9.64
CA ALA A 64 7.41 -1.69 8.74
C ALA A 64 7.34 -2.34 7.38
N GLN A 65 7.14 -3.66 7.37
CA GLN A 65 6.97 -4.40 6.13
C GLN A 65 5.73 -3.90 5.39
N ALA A 66 4.64 -3.75 6.13
CA ALA A 66 3.40 -3.24 5.59
C ALA A 66 3.59 -1.86 4.97
N LEU A 67 4.29 -0.98 5.69
CA LEU A 67 4.56 0.36 5.21
C LEU A 67 5.45 0.32 3.97
N SER A 68 6.42 -0.59 3.98
CA SER A 68 7.31 -0.77 2.85
C SER A 68 6.52 -1.17 1.62
N THR A 69 5.59 -2.11 1.78
CA THR A 69 4.74 -2.55 0.69
C THR A 69 3.76 -1.44 0.28
N ALA A 70 3.18 -0.77 1.26
CA ALA A 70 2.21 0.31 1.00
C ALA A 70 2.86 1.44 0.21
N LEU A 71 4.08 1.81 0.59
CA LEU A 71 4.82 2.85 -0.12
C LEU A 71 5.01 2.47 -1.58
N ALA A 72 5.50 1.26 -1.81
CA ALA A 72 5.72 0.76 -3.16
C ALA A 72 4.39 0.65 -3.92
N SER A 73 3.35 0.24 -3.22
CA SER A 73 2.04 0.04 -3.81
C SER A 73 1.48 1.34 -4.37
N SER A 74 1.27 2.33 -3.51
CA SER A 74 0.61 3.56 -3.90
C SER A 74 1.50 4.36 -4.87
N LEU A 75 2.82 4.17 -4.76
CA LEU A 75 3.76 4.77 -5.70
C LEU A 75 3.57 4.19 -7.10
N THR A 76 3.68 2.87 -7.20
CA THR A 76 3.63 2.19 -8.48
C THR A 76 2.26 2.30 -9.14
N ASP A 77 1.20 2.09 -8.36
CA ASP A 77 -0.17 2.10 -8.88
C ASP A 77 -0.48 3.42 -9.56
N LEU A 78 -0.23 4.51 -8.85
CA LEU A 78 -0.49 5.84 -9.38
C LEU A 78 0.45 6.14 -10.55
N LEU A 79 1.71 5.76 -10.40
CA LEU A 79 2.73 6.01 -11.41
C LEU A 79 2.30 5.45 -12.76
N ILE A 80 1.82 4.21 -12.77
CA ILE A 80 1.35 3.58 -14.00
C ILE A 80 0.19 4.39 -14.61
N ALA A 81 -0.74 4.79 -13.76
CA ALA A 81 -1.96 5.44 -14.22
C ALA A 81 -1.71 6.83 -14.80
N GLU A 82 -1.04 7.69 -14.04
CA GLU A 82 -0.87 9.08 -14.44
C GLU A 82 0.23 9.24 -15.50
N SER A 83 0.97 8.18 -15.76
CA SER A 83 2.01 8.22 -16.79
C SER A 83 1.51 7.61 -18.09
N ALA A 84 0.19 7.74 -18.32
CA ALA A 84 -0.44 7.35 -19.57
C ALA A 84 -0.44 5.84 -19.80
N GLU A 85 -0.22 5.09 -18.72
CA GLU A 85 -0.35 3.63 -18.70
C GLU A 85 0.83 2.94 -19.39
N SER A 86 1.15 3.37 -20.59
CA SER A 86 2.19 2.74 -21.38
C SER A 86 3.54 3.39 -21.13
N ASN A 87 3.52 4.66 -20.76
CA ASN A 87 4.75 5.45 -20.65
C ASN A 87 5.18 5.56 -19.20
N TYR A 88 4.66 4.67 -18.35
CA TYR A 88 4.97 4.72 -16.91
C TYR A 88 6.42 4.33 -16.66
N ASN A 89 6.94 3.44 -17.50
CA ASN A 89 8.31 2.94 -17.34
C ASN A 89 9.33 4.05 -17.50
N ASN A 90 8.95 5.11 -18.21
CA ASN A 90 9.82 6.25 -18.42
C ASN A 90 10.12 6.96 -17.11
N GLN A 91 9.08 7.12 -16.28
CA GLN A 91 9.25 7.76 -14.98
C GLN A 91 9.72 6.74 -13.95
N LEU A 92 9.31 5.49 -14.14
CA LEU A 92 9.71 4.39 -13.27
C LEU A 92 11.23 4.24 -13.27
N SER A 93 11.83 4.54 -14.43
CA SER A 93 13.29 4.55 -14.58
C SER A 93 13.95 5.41 -13.50
N GLU A 94 13.42 6.60 -13.29
CA GLU A 94 13.99 7.54 -12.33
C GLU A 94 13.51 7.22 -10.91
N LEU A 95 12.24 6.86 -10.81
CA LEU A 95 11.59 6.60 -9.53
C LEU A 95 12.38 5.55 -8.74
N THR A 96 12.72 4.44 -9.39
CA THR A 96 13.42 3.35 -8.73
C THR A 96 14.80 3.79 -8.24
N GLY A 97 15.43 4.70 -8.97
CA GLY A 97 16.75 5.17 -8.61
C GLY A 97 16.74 6.12 -7.43
N ILE A 98 15.64 6.84 -7.26
CA ILE A 98 15.52 7.79 -6.15
C ILE A 98 15.45 7.06 -4.81
N LEU A 99 14.49 6.17 -4.69
CA LEU A 99 14.23 5.48 -3.44
C LEU A 99 15.44 4.66 -2.98
N SER A 100 16.03 3.90 -3.91
CA SER A 100 17.18 3.06 -3.60
C SER A 100 18.34 3.92 -3.11
N ASN A 101 18.49 5.10 -3.72
CA ASN A 101 19.51 6.04 -3.34
C ASN A 101 19.25 6.58 -1.94
N CYS A 102 18.02 7.00 -1.69
CA CYS A 102 17.65 7.55 -0.40
C CYS A 102 17.74 6.50 0.71
N PHE A 103 17.48 5.23 0.38
CA PHE A 103 17.74 4.15 1.32
C PHE A 103 19.20 4.19 1.77
N ILE A 104 20.08 4.22 0.79
CA ILE A 104 21.52 4.33 1.04
C ILE A 104 21.84 5.54 1.91
N GLN A 105 21.26 6.68 1.57
CA GLN A 105 21.57 7.93 2.24
C GLN A 105 21.08 7.94 3.69
N THR A 106 20.03 7.19 3.96
CA THR A 106 19.39 7.24 5.26
C THR A 106 19.77 6.04 6.14
N THR A 107 19.58 4.83 5.61
CA THR A 107 19.84 3.62 6.38
C THR A 107 21.32 3.24 6.32
N GLY A 108 21.94 3.56 5.19
CA GLY A 108 23.32 3.16 4.96
C GLY A 108 23.41 2.01 3.99
N SER A 109 22.26 1.57 3.48
CA SER A 109 22.21 0.44 2.57
C SER A 109 20.94 0.48 1.73
N ASP A 110 20.91 -0.32 0.68
CA ASP A 110 19.74 -0.41 -0.18
C ASP A 110 19.01 -1.72 0.05
N ASN A 111 17.71 -1.69 -0.11
CA ASN A 111 16.86 -2.79 0.27
C ASN A 111 16.22 -3.45 -0.96
N PRO A 112 16.67 -4.66 -1.32
CA PRO A 112 16.14 -5.39 -2.47
C PRO A 112 14.68 -5.80 -2.28
N ALA A 113 14.29 -6.00 -1.02
CA ALA A 113 12.93 -6.40 -0.70
C ALA A 113 11.92 -5.38 -1.20
N PHE A 114 12.28 -4.10 -1.08
CA PHE A 114 11.40 -3.02 -1.48
C PHE A 114 11.17 -3.05 -2.99
N VAL A 115 12.26 -3.05 -3.75
CA VAL A 115 12.18 -3.02 -5.20
C VAL A 115 11.59 -4.33 -5.74
N SER A 116 11.81 -5.42 -5.02
CA SER A 116 11.26 -6.72 -5.42
C SER A 116 9.74 -6.69 -5.26
N ARG A 117 9.25 -6.10 -4.17
CA ARG A 117 7.83 -5.94 -3.96
C ARG A 117 7.24 -5.10 -5.09
N ILE A 118 7.95 -4.04 -5.48
CA ILE A 118 7.53 -3.19 -6.58
C ILE A 118 7.30 -4.02 -7.84
N GLN A 119 8.32 -4.75 -8.27
CA GLN A 119 8.26 -5.56 -9.49
C GLN A 119 7.13 -6.57 -9.43
N SER A 120 6.94 -7.15 -8.25
CA SER A 120 5.89 -8.14 -8.03
C SER A 120 4.51 -7.52 -8.22
N LEU A 121 4.36 -6.28 -7.77
CA LEU A 121 3.10 -5.56 -7.91
C LEU A 121 2.90 -5.09 -9.35
N ILE A 122 3.99 -4.70 -9.99
CA ILE A 122 3.94 -4.30 -11.40
C ILE A 122 3.33 -5.41 -12.26
N SER A 123 3.69 -6.65 -11.94
CA SER A 123 3.22 -7.81 -12.68
C SER A 123 1.70 -7.90 -12.67
N VAL A 124 1.07 -7.55 -11.55
CA VAL A 124 -0.38 -7.67 -11.44
C VAL A 124 -1.09 -6.37 -11.80
N LEU A 125 -0.43 -5.24 -11.56
CA LEU A 125 -1.03 -3.94 -11.84
C LEU A 125 -1.02 -3.63 -13.33
N SER A 126 0.08 -3.94 -14.00
CA SER A 126 0.21 -3.64 -15.41
C SER A 126 -0.39 -4.75 -16.27
N GLN A 127 -1.05 -5.71 -15.63
CA GLN A 127 -1.66 -6.81 -16.36
C GLN A 127 -3.18 -6.67 -16.34
N ASN A 128 -3.64 -5.51 -15.92
CA ASN A 128 -5.08 -5.24 -15.88
C ASN A 128 -5.58 -4.92 -17.28
N THR A 129 -6.73 -5.47 -17.61
CA THR A 129 -7.26 -5.36 -18.95
C THR A 129 -8.71 -4.88 -18.94
N ASP A 130 -9.14 -4.27 -20.03
CA ASP A 130 -10.51 -3.83 -20.18
C ASP A 130 -11.28 -4.80 -21.07
N VAL A 131 -10.57 -5.39 -22.01
CA VAL A 131 -11.20 -6.21 -23.03
C VAL A 131 -11.53 -7.62 -22.52
N ASN A 132 -10.54 -8.35 -22.01
CA ASN A 132 -10.76 -9.73 -21.62
C ASN A 132 -10.89 -9.89 -20.11
N ILE A 133 -12.05 -9.49 -19.58
CA ILE A 133 -12.35 -9.68 -18.17
C ILE A 133 -13.12 -10.99 -17.97
N ILE A 134 -13.33 -11.69 -19.07
CA ILE A 134 -14.05 -12.97 -19.06
C ILE A 134 -13.31 -13.99 -18.21
N SER A 135 -13.90 -14.35 -17.08
CA SER A 135 -13.24 -15.22 -16.12
C SER A 135 -13.68 -16.66 -16.29
N THR A 136 -13.68 -17.12 -17.52
CA THR A 136 -14.03 -18.48 -17.84
C THR A 136 -12.82 -19.41 -17.74
N ALA A 137 -11.64 -18.85 -17.91
CA ALA A 137 -10.40 -19.62 -17.82
C ALA A 137 -9.67 -19.33 -16.51
N GLY B 1 -14.40 -10.53 -10.50
CA GLY B 1 -14.79 -10.67 -11.89
C GLY B 1 -13.76 -10.07 -12.83
N ALA B 2 -12.65 -9.64 -12.24
CA ALA B 2 -11.53 -9.05 -12.99
C ALA B 2 -11.92 -7.73 -13.65
N VAL B 3 -13.00 -7.15 -13.18
CA VAL B 3 -13.47 -5.88 -13.70
C VAL B 3 -12.83 -4.73 -12.93
N THR B 4 -12.07 -3.92 -13.64
CA THR B 4 -11.39 -2.79 -13.03
C THR B 4 -12.31 -1.58 -12.96
N ALA B 5 -12.86 -1.34 -11.77
CA ALA B 5 -13.78 -0.22 -11.58
C ALA B 5 -13.27 0.68 -10.45
N VAL B 6 -13.76 1.92 -10.44
CA VAL B 6 -13.35 2.88 -9.44
C VAL B 6 -14.26 2.82 -8.22
N PRO B 7 -13.71 2.42 -7.07
CA PRO B 7 -14.45 2.38 -5.81
C PRO B 7 -14.82 3.78 -5.32
N SER B 8 -16.12 4.04 -5.23
CA SER B 8 -16.64 5.34 -4.84
C SER B 8 -16.06 5.82 -3.51
N VAL B 9 -15.82 4.88 -2.61
CA VAL B 9 -15.35 5.22 -1.25
C VAL B 9 -13.97 5.89 -1.28
N PHE B 10 -13.16 5.56 -2.28
CA PHE B 10 -11.82 6.12 -2.37
C PHE B 10 -11.82 7.42 -3.15
N SER B 11 -13.01 7.88 -3.51
CA SER B 11 -13.15 9.13 -4.25
C SER B 11 -14.13 10.05 -3.51
N SER B 12 -14.37 9.76 -2.24
CA SER B 12 -15.29 10.56 -1.44
C SER B 12 -14.86 10.58 0.04
N PRO B 13 -14.52 11.78 0.55
CA PRO B 13 -14.06 11.96 1.94
C PRO B 13 -15.07 11.45 2.97
N ASN B 14 -16.35 11.73 2.72
CA ASN B 14 -17.42 11.30 3.60
C ASN B 14 -17.51 9.77 3.64
N LEU B 15 -17.37 9.16 2.47
CA LEU B 15 -17.38 7.71 2.36
C LEU B 15 -16.16 7.11 3.06
N ALA B 16 -15.03 7.78 2.94
CA ALA B 16 -13.81 7.34 3.60
C ALA B 16 -14.01 7.23 5.11
N SER B 17 -14.63 8.25 5.69
CA SER B 17 -14.93 8.25 7.11
C SER B 17 -15.93 7.16 7.43
N GLY B 18 -17.01 7.08 6.64
CA GLY B 18 -18.04 6.08 6.86
C GLY B 18 -17.50 4.67 6.77
N PHE B 19 -16.59 4.44 5.84
CA PHE B 19 -15.97 3.13 5.65
C PHE B 19 -15.10 2.78 6.85
N LEU B 20 -14.34 3.76 7.32
CA LEU B 20 -13.47 3.58 8.48
C LEU B 20 -14.31 3.29 9.71
N GLN B 21 -15.45 3.97 9.82
CA GLN B 21 -16.36 3.79 10.95
C GLN B 21 -17.05 2.42 10.88
N CYS B 22 -16.92 1.75 9.75
CA CYS B 22 -17.46 0.42 9.60
C CYS B 22 -16.38 -0.61 9.93
N LEU B 23 -15.16 -0.30 9.52
CA LEU B 23 -14.02 -1.17 9.75
C LEU B 23 -13.84 -1.49 11.22
N THR B 24 -13.95 -0.48 12.07
CA THR B 24 -13.79 -0.64 13.50
C THR B 24 -14.82 -1.61 14.07
N PHE B 25 -16.06 -1.50 13.59
CA PHE B 25 -17.15 -2.36 14.04
C PHE B 25 -17.03 -3.76 13.44
N GLY B 26 -16.40 -3.83 12.27
CA GLY B 26 -16.22 -5.10 11.60
C GLY B 26 -15.10 -5.92 12.22
N ILE B 27 -13.92 -5.31 12.35
CA ILE B 27 -12.77 -5.98 12.91
C ILE B 27 -13.02 -6.28 14.39
N GLY B 28 -13.65 -5.33 15.07
CA GLY B 28 -14.01 -5.52 16.47
C GLY B 28 -15.30 -6.30 16.61
N ASN B 29 -15.37 -7.42 15.94
CA ASN B 29 -16.58 -8.23 15.93
C ASN B 29 -16.24 -9.70 15.75
N SER B 30 -15.64 -10.02 14.60
CA SER B 30 -15.23 -11.39 14.31
C SER B 30 -14.18 -11.87 15.31
N PRO B 31 -14.45 -13.00 15.99
CA PRO B 31 -13.55 -13.56 17.01
C PRO B 31 -12.30 -14.20 16.43
N ALA B 32 -11.92 -13.77 15.23
CA ALA B 32 -10.71 -14.25 14.58
C ALA B 32 -9.61 -13.20 14.68
N PHE B 33 -9.95 -12.07 15.30
CA PHE B 33 -9.02 -10.97 15.44
C PHE B 33 -8.81 -10.63 16.90
N PRO B 34 -7.60 -10.89 17.41
CA PRO B 34 -7.24 -10.50 18.76
C PRO B 34 -7.08 -8.99 18.83
N THR B 35 -7.55 -8.39 19.93
CA THR B 35 -7.66 -6.94 20.05
C THR B 35 -6.33 -6.23 19.75
N GLN B 36 -5.21 -6.86 20.09
CA GLN B 36 -3.91 -6.27 19.85
C GLN B 36 -3.63 -6.13 18.35
N GLU B 37 -3.85 -7.20 17.60
CA GLU B 37 -3.67 -7.19 16.16
C GLU B 37 -4.77 -6.36 15.50
N GLN B 38 -5.96 -6.48 16.07
CA GLN B 38 -7.12 -5.69 15.67
C GLN B 38 -6.80 -4.20 15.69
N GLN B 39 -6.10 -3.76 16.72
CA GLN B 39 -5.75 -2.36 16.89
C GLN B 39 -4.75 -1.90 15.83
N ASP B 40 -3.70 -2.70 15.60
CA ASP B 40 -2.66 -2.33 14.65
C ASP B 40 -3.24 -2.23 13.24
N LEU B 41 -4.17 -3.13 12.92
CA LEU B 41 -4.87 -3.10 11.64
C LEU B 41 -5.67 -1.80 11.50
N ASP B 42 -6.39 -1.44 12.55
CA ASP B 42 -7.17 -0.19 12.57
C ASP B 42 -6.25 1.02 12.40
N ALA B 43 -5.11 0.97 13.08
CA ALA B 43 -4.12 2.04 13.02
C ALA B 43 -3.62 2.25 11.58
N ILE B 44 -3.52 1.17 10.84
CA ILE B 44 -3.10 1.23 9.45
C ILE B 44 -4.26 1.67 8.55
N ALA B 45 -5.46 1.14 8.84
CA ALA B 45 -6.64 1.43 8.04
C ALA B 45 -6.93 2.91 7.97
N GLN B 46 -6.90 3.59 9.13
CA GLN B 46 -7.21 5.01 9.19
C GLN B 46 -6.26 5.83 8.30
N VAL B 47 -5.04 5.35 8.14
CA VAL B 47 -4.03 6.06 7.34
C VAL B 47 -4.49 6.19 5.89
N ILE B 48 -5.03 5.11 5.34
CA ILE B 48 -5.47 5.11 3.96
C ILE B 48 -6.71 5.99 3.78
N LEU B 49 -7.69 5.82 4.66
CA LEU B 49 -8.96 6.53 4.55
C LEU B 49 -8.77 8.04 4.76
N ASN B 50 -7.81 8.42 5.59
CA ASN B 50 -7.49 9.82 5.81
C ASN B 50 -7.00 10.47 4.52
N ALA B 51 -6.23 9.71 3.74
CA ALA B 51 -5.69 10.22 2.48
C ALA B 51 -6.79 10.41 1.44
N VAL B 52 -7.88 9.66 1.59
CA VAL B 52 -9.02 9.77 0.68
C VAL B 52 -9.71 11.12 0.84
N SER B 53 -9.62 11.68 2.04
CA SER B 53 -10.33 12.90 2.38
C SER B 53 -9.70 14.15 1.76
N THR B 54 -8.76 13.97 0.84
CA THR B 54 -8.15 15.11 0.18
C THR B 54 -7.97 14.86 -1.33
N ASN B 55 -8.70 13.87 -1.85
CA ASN B 55 -8.64 13.56 -3.28
C ASN B 55 -9.43 14.59 -4.08
N THR B 56 -8.71 15.51 -4.70
CA THR B 56 -9.32 16.55 -5.51
C THR B 56 -8.75 16.54 -6.92
N GLY B 57 -9.62 16.35 -7.91
CA GLY B 57 -9.18 16.36 -9.29
C GLY B 57 -9.99 15.43 -10.16
N ALA B 58 -9.66 15.36 -11.43
CA ALA B 58 -10.37 14.49 -12.37
C ALA B 58 -9.82 13.08 -12.30
N THR B 59 -8.50 12.97 -12.22
CA THR B 59 -7.83 11.68 -12.18
C THR B 59 -7.73 11.16 -10.75
N ALA B 60 -8.63 11.62 -9.89
CA ALA B 60 -8.69 11.15 -8.52
C ALA B 60 -9.06 9.67 -8.48
N SER B 61 -9.59 9.17 -9.60
CA SER B 61 -9.90 7.75 -9.74
C SER B 61 -8.62 6.92 -9.71
N ALA B 62 -7.54 7.47 -10.25
CA ALA B 62 -6.26 6.80 -10.27
C ALA B 62 -5.68 6.75 -8.86
N ARG B 63 -5.75 7.87 -8.15
CA ARG B 63 -5.32 7.91 -6.76
C ARG B 63 -6.22 6.99 -5.92
N ALA B 64 -7.49 6.93 -6.28
CA ALA B 64 -8.44 6.04 -5.63
C ALA B 64 -7.98 4.59 -5.78
N GLN B 65 -7.52 4.24 -6.96
CA GLN B 65 -6.98 2.91 -7.22
C GLN B 65 -5.72 2.69 -6.38
N ALA B 66 -4.85 3.70 -6.38
CA ALA B 66 -3.59 3.65 -5.64
C ALA B 66 -3.82 3.51 -4.14
N LEU B 67 -4.99 3.93 -3.68
CA LEU B 67 -5.37 3.77 -2.28
C LEU B 67 -6.07 2.43 -2.08
N SER B 68 -6.84 2.03 -3.07
CA SER B 68 -7.53 0.74 -3.05
C SER B 68 -6.52 -0.40 -2.99
N THR B 69 -5.54 -0.34 -3.86
CA THR B 69 -4.48 -1.34 -3.88
C THR B 69 -3.67 -1.29 -2.58
N ALA B 70 -3.37 -0.08 -2.13
CA ALA B 70 -2.56 0.10 -0.92
C ALA B 70 -3.28 -0.44 0.32
N LEU B 71 -4.57 -0.16 0.44
CA LEU B 71 -5.36 -0.60 1.58
C LEU B 71 -5.32 -2.12 1.70
N ALA B 72 -5.68 -2.78 0.60
CA ALA B 72 -5.70 -4.23 0.56
C ALA B 72 -4.31 -4.81 0.81
N SER B 73 -3.31 -4.16 0.23
CA SER B 73 -1.94 -4.63 0.33
C SER B 73 -1.42 -4.51 1.76
N SER B 74 -1.47 -3.31 2.31
CA SER B 74 -0.90 -3.04 3.62
C SER B 74 -1.57 -3.85 4.71
N LEU B 75 -2.89 -4.03 4.60
CA LEU B 75 -3.62 -4.80 5.60
C LEU B 75 -3.26 -6.28 5.52
N THR B 76 -3.20 -6.82 4.30
CA THR B 76 -2.86 -8.22 4.11
C THR B 76 -1.41 -8.49 4.52
N ASP B 77 -0.54 -7.52 4.25
CA ASP B 77 0.87 -7.61 4.60
C ASP B 77 1.03 -7.85 6.10
N LEU B 78 0.53 -6.90 6.89
CA LEU B 78 0.60 -6.99 8.34
C LEU B 78 -0.17 -8.20 8.86
N LEU B 79 -1.25 -8.54 8.16
CA LEU B 79 -2.10 -9.66 8.52
C LEU B 79 -1.29 -10.96 8.56
N ILE B 80 -0.65 -11.28 7.44
CA ILE B 80 0.08 -12.54 7.29
C ILE B 80 1.19 -12.65 8.35
N ALA B 81 1.94 -11.57 8.52
CA ALA B 81 3.08 -11.56 9.43
C ALA B 81 2.66 -11.87 10.87
N GLU B 82 1.73 -11.10 11.40
CA GLU B 82 1.28 -11.27 12.77
C GLU B 82 0.47 -12.55 12.95
N SER B 83 0.02 -13.13 11.86
CA SER B 83 -0.74 -14.35 11.91
C SER B 83 0.19 -15.57 11.84
N ALA B 84 1.46 -15.35 12.14
CA ALA B 84 2.44 -16.45 12.27
C ALA B 84 2.65 -17.18 10.95
N GLU B 85 2.27 -16.52 9.85
CA GLU B 85 2.42 -17.06 8.49
C GLU B 85 1.42 -18.18 8.21
N SER B 86 1.29 -19.10 9.15
CA SER B 86 0.46 -20.28 8.97
C SER B 86 -1.01 -19.99 9.28
N ASN B 87 -1.25 -19.04 10.17
CA ASN B 87 -2.59 -18.83 10.71
C ASN B 87 -3.29 -17.65 10.02
N TYR B 88 -2.66 -17.12 8.97
CA TYR B 88 -3.17 -15.92 8.31
C TYR B 88 -4.51 -16.19 7.63
N ASN B 89 -4.75 -17.44 7.27
CA ASN B 89 -5.96 -17.81 6.55
C ASN B 89 -7.21 -17.60 7.39
N ASN B 90 -7.09 -17.81 8.70
CA ASN B 90 -8.22 -17.67 9.61
C ASN B 90 -8.66 -16.21 9.70
N GLN B 91 -7.71 -15.30 9.72
CA GLN B 91 -8.01 -13.87 9.81
C GLN B 91 -8.35 -13.31 8.43
N LEU B 92 -7.63 -13.77 7.40
CA LEU B 92 -7.84 -13.32 6.04
C LEU B 92 -9.29 -13.56 5.61
N SER B 93 -9.84 -14.68 6.06
CA SER B 93 -11.23 -15.03 5.79
C SER B 93 -12.18 -13.91 6.24
N GLU B 94 -12.00 -13.47 7.47
CA GLU B 94 -12.89 -12.46 8.04
C GLU B 94 -12.55 -11.08 7.50
N LEU B 95 -11.25 -10.80 7.36
CA LEU B 95 -10.77 -9.51 6.91
C LEU B 95 -11.40 -9.13 5.58
N THR B 96 -11.32 -10.04 4.61
CA THR B 96 -11.87 -9.80 3.28
C THR B 96 -13.39 -9.63 3.33
N GLY B 97 -14.03 -10.36 4.24
CA GLY B 97 -15.47 -10.26 4.38
C GLY B 97 -15.91 -8.94 4.97
N ILE B 98 -15.19 -8.50 6.01
CA ILE B 98 -15.50 -7.23 6.67
C ILE B 98 -15.47 -6.07 5.68
N LEU B 99 -14.39 -5.97 4.93
CA LEU B 99 -14.24 -4.88 3.96
C LEU B 99 -15.31 -4.95 2.89
N SER B 100 -15.59 -6.15 2.38
CA SER B 100 -16.63 -6.33 1.37
C SER B 100 -18.00 -5.90 1.92
N ASN B 101 -18.22 -6.18 3.19
CA ASN B 101 -19.44 -5.79 3.87
C ASN B 101 -19.50 -4.28 4.03
N CYS B 102 -18.38 -3.69 4.44
CA CYS B 102 -18.28 -2.25 4.61
C CYS B 102 -18.50 -1.51 3.30
N PHE B 103 -18.04 -2.09 2.20
CA PHE B 103 -18.36 -1.55 0.88
C PHE B 103 -19.87 -1.46 0.71
N ILE B 104 -20.55 -2.54 1.03
CA ILE B 104 -22.01 -2.57 0.97
C ILE B 104 -22.62 -1.50 1.87
N GLN B 105 -22.08 -1.36 3.08
CA GLN B 105 -22.64 -0.43 4.04
C GLN B 105 -22.38 1.03 3.62
N THR B 106 -21.15 1.31 3.24
CA THR B 106 -20.73 2.68 2.95
C THR B 106 -21.12 3.10 1.52
N THR B 107 -20.79 2.28 0.53
CA THR B 107 -21.05 2.65 -0.86
C THR B 107 -22.46 2.24 -1.27
N GLY B 108 -22.90 1.10 -0.75
CA GLY B 108 -24.20 0.57 -1.13
C GLY B 108 -24.08 -0.46 -2.23
N SER B 109 -22.87 -0.92 -2.47
CA SER B 109 -22.62 -1.87 -3.54
C SER B 109 -21.41 -2.77 -3.21
N ASP B 110 -21.32 -3.88 -3.94
CA ASP B 110 -20.22 -4.82 -3.77
C ASP B 110 -19.06 -4.42 -4.68
N ASN B 111 -17.87 -4.90 -4.39
CA ASN B 111 -16.69 -4.48 -5.13
C ASN B 111 -15.82 -5.66 -5.53
N PRO B 112 -15.95 -6.12 -6.80
CA PRO B 112 -15.14 -7.21 -7.33
C PRO B 112 -13.70 -6.80 -7.58
N ALA B 113 -13.49 -5.51 -7.86
CA ALA B 113 -12.17 -4.99 -8.16
C ALA B 113 -11.27 -5.04 -6.94
N PHE B 114 -11.84 -4.75 -5.77
CA PHE B 114 -11.08 -4.77 -4.53
C PHE B 114 -10.70 -6.20 -4.18
N VAL B 115 -11.61 -7.13 -4.42
CA VAL B 115 -11.34 -8.55 -4.21
C VAL B 115 -10.20 -9.00 -5.12
N SER B 116 -10.21 -8.51 -6.35
CA SER B 116 -9.15 -8.77 -7.31
C SER B 116 -7.82 -8.25 -6.77
N ARG B 117 -7.84 -7.06 -6.19
CA ARG B 117 -6.65 -6.49 -5.56
C ARG B 117 -6.09 -7.45 -4.53
N ILE B 118 -6.94 -7.82 -3.57
CA ILE B 118 -6.53 -8.65 -2.46
C ILE B 118 -5.89 -9.96 -2.93
N GLN B 119 -6.60 -10.72 -3.75
CA GLN B 119 -6.15 -12.05 -4.17
C GLN B 119 -4.75 -12.01 -4.80
N SER B 120 -4.51 -11.04 -5.65
CA SER B 120 -3.22 -10.93 -6.33
C SER B 120 -2.13 -10.48 -5.36
N LEU B 121 -2.52 -9.72 -4.36
CA LEU B 121 -1.57 -9.16 -3.40
C LEU B 121 -1.22 -10.19 -2.33
N ILE B 122 -2.13 -11.12 -2.07
CA ILE B 122 -1.89 -12.19 -1.12
C ILE B 122 -0.68 -13.03 -1.55
N SER B 123 -0.63 -13.35 -2.83
CA SER B 123 0.41 -14.21 -3.37
C SER B 123 1.79 -13.53 -3.30
N VAL B 124 1.86 -12.26 -3.69
CA VAL B 124 3.12 -11.54 -3.68
C VAL B 124 3.58 -11.26 -2.25
N LEU B 125 2.62 -11.25 -1.32
CA LEU B 125 2.92 -11.06 0.08
C LEU B 125 3.46 -12.35 0.69
N SER B 126 2.80 -13.47 0.39
CA SER B 126 3.15 -14.76 0.96
C SER B 126 4.43 -15.32 0.33
N GLN B 127 5.12 -14.49 -0.42
CA GLN B 127 6.35 -14.89 -1.09
C GLN B 127 7.56 -14.37 -0.32
N ASN B 128 7.28 -13.72 0.80
CA ASN B 128 8.32 -13.16 1.64
C ASN B 128 8.02 -13.41 3.11
N THR B 129 9.00 -13.15 3.97
CA THR B 129 8.82 -13.30 5.40
C THR B 129 9.72 -12.31 6.15
N ASP B 130 9.28 -11.89 7.33
CA ASP B 130 10.05 -10.96 8.15
C ASP B 130 10.31 -11.53 9.52
N VAL B 131 10.07 -12.82 9.67
CA VAL B 131 10.16 -13.48 10.98
C VAL B 131 11.51 -13.19 11.67
N ASN B 132 12.59 -13.17 10.89
CA ASN B 132 13.88 -12.75 11.41
C ASN B 132 14.79 -12.26 10.29
N ILE B 133 14.58 -11.01 9.89
CA ILE B 133 15.40 -10.37 8.87
C ILE B 133 16.61 -9.71 9.54
N ILE B 134 17.18 -10.43 10.48
CA ILE B 134 18.24 -9.92 11.34
C ILE B 134 19.48 -9.50 10.57
N SER B 135 19.65 -8.19 10.43
CA SER B 135 20.87 -7.60 9.89
C SER B 135 21.28 -6.43 10.77
N THR B 136 20.93 -6.54 12.03
CA THR B 136 21.12 -5.46 12.99
C THR B 136 22.60 -5.26 13.32
N ALA B 137 23.33 -6.36 13.42
CA ALA B 137 24.75 -6.32 13.73
C ALA B 137 25.52 -7.09 12.68
N GLY A 1 17.91 -15.34 0.24
CA GLY A 1 19.04 -15.94 0.97
C GLY A 1 19.50 -15.10 2.13
N ALA A 2 18.63 -14.98 3.15
CA ALA A 2 18.95 -14.25 4.38
C ALA A 2 19.42 -12.82 4.10
N VAL A 3 18.48 -11.89 4.01
CA VAL A 3 18.81 -10.49 3.81
C VAL A 3 19.29 -9.86 5.10
N THR A 4 20.57 -9.51 5.16
CA THR A 4 21.16 -8.96 6.36
C THR A 4 21.01 -7.44 6.39
N ALA A 5 20.27 -6.93 5.42
CA ALA A 5 20.01 -5.50 5.31
C ALA A 5 18.59 -5.18 5.74
N VAL A 6 18.44 -4.75 6.98
CA VAL A 6 17.14 -4.39 7.51
C VAL A 6 16.93 -2.88 7.46
N PRO A 7 15.83 -2.42 6.85
CA PRO A 7 15.52 -1.01 6.74
C PRO A 7 15.21 -0.37 8.08
N SER A 8 16.17 0.39 8.59
CA SER A 8 16.01 1.03 9.89
C SER A 8 15.07 2.23 9.78
N VAL A 9 14.84 2.66 8.54
CA VAL A 9 13.93 3.77 8.26
C VAL A 9 12.53 3.47 8.79
N PHE A 10 12.07 2.25 8.56
CA PHE A 10 10.73 1.85 8.97
C PHE A 10 10.72 1.41 10.43
N SER A 11 11.87 1.49 11.08
CA SER A 11 11.99 1.08 12.46
C SER A 11 12.21 2.28 13.38
N SER A 12 12.36 3.46 12.78
CA SER A 12 12.61 4.66 13.56
C SER A 12 11.95 5.88 12.91
N PRO A 13 11.01 6.53 13.63
CA PRO A 13 10.28 7.71 13.14
C PRO A 13 11.20 8.82 12.64
N ASN A 14 12.30 9.04 13.36
CA ASN A 14 13.26 10.08 12.99
C ASN A 14 13.87 9.79 11.62
N LEU A 15 14.07 8.50 11.33
CA LEU A 15 14.63 8.10 10.05
C LEU A 15 13.56 8.11 8.97
N ALA A 16 12.34 7.77 9.37
CA ALA A 16 11.21 7.80 8.44
C ALA A 16 10.99 9.22 7.90
N SER A 17 11.09 10.20 8.79
CA SER A 17 10.94 11.59 8.40
C SER A 17 12.13 12.06 7.56
N GLY A 18 13.30 11.51 7.87
CA GLY A 18 14.49 11.84 7.12
C GLY A 18 14.44 11.32 5.70
N PHE A 19 13.87 10.13 5.54
CA PHE A 19 13.70 9.53 4.23
C PHE A 19 12.81 10.39 3.36
N LEU A 20 11.76 10.95 3.96
CA LEU A 20 10.84 11.83 3.24
C LEU A 20 11.56 13.07 2.71
N GLN A 21 12.51 13.56 3.49
CA GLN A 21 13.26 14.76 3.12
C GLN A 21 14.14 14.52 1.90
N CYS A 22 14.44 13.25 1.63
CA CYS A 22 15.25 12.91 0.47
C CYS A 22 14.34 12.47 -0.66
N LEU A 23 13.38 11.63 -0.32
CA LEU A 23 12.49 11.01 -1.29
C LEU A 23 11.80 12.05 -2.16
N THR A 24 11.11 12.97 -1.52
CA THR A 24 10.32 13.97 -2.22
C THR A 24 11.22 14.92 -3.01
N PHE A 25 12.43 15.13 -2.51
CA PHE A 25 13.41 15.97 -3.17
C PHE A 25 13.95 15.28 -4.41
N GLY A 26 14.26 13.99 -4.26
CA GLY A 26 14.76 13.20 -5.37
C GLY A 26 13.75 13.08 -6.50
N ILE A 27 12.48 12.93 -6.14
CA ILE A 27 11.41 12.89 -7.12
C ILE A 27 11.40 14.19 -7.93
N GLY A 28 11.73 15.29 -7.27
CA GLY A 28 11.77 16.58 -7.92
C GLY A 28 13.08 16.81 -8.68
N ASN A 29 13.97 15.84 -8.64
CA ASN A 29 15.25 15.95 -9.34
C ASN A 29 15.17 15.24 -10.69
N SER A 30 14.40 14.16 -10.75
CA SER A 30 14.26 13.37 -11.96
C SER A 30 13.43 14.12 -13.01
N PRO A 31 13.94 14.20 -14.25
CA PRO A 31 13.27 14.93 -15.35
C PRO A 31 12.06 14.19 -15.90
N ALA A 32 11.61 13.17 -15.20
CA ALA A 32 10.44 12.40 -15.61
C ALA A 32 9.24 12.75 -14.76
N PHE A 33 9.45 13.62 -13.77
CA PHE A 33 8.39 13.97 -12.83
C PHE A 33 8.12 15.47 -12.85
N PRO A 34 7.03 15.87 -13.51
CA PRO A 34 6.58 17.26 -13.54
C PRO A 34 5.91 17.67 -12.24
N THR A 35 5.60 18.96 -12.11
CA THR A 35 5.02 19.51 -10.88
C THR A 35 3.82 18.70 -10.40
N GLN A 36 2.84 18.51 -11.28
CA GLN A 36 1.61 17.78 -10.93
C GLN A 36 1.90 16.36 -10.49
N GLU A 37 2.69 15.63 -11.29
CA GLU A 37 2.93 14.22 -11.00
C GLU A 37 3.88 14.05 -9.83
N GLN A 38 4.78 15.00 -9.65
CA GLN A 38 5.69 15.00 -8.50
C GLN A 38 4.91 15.14 -7.20
N GLN A 39 4.04 16.15 -7.16
CA GLN A 39 3.31 16.48 -5.93
C GLN A 39 2.28 15.40 -5.57
N ASP A 40 1.71 14.74 -6.57
CA ASP A 40 0.74 13.68 -6.30
C ASP A 40 1.44 12.51 -5.62
N LEU A 41 2.65 12.21 -6.10
CA LEU A 41 3.47 11.16 -5.50
C LEU A 41 4.02 11.62 -4.15
N ASP A 42 4.40 12.90 -4.09
CA ASP A 42 4.88 13.54 -2.85
C ASP A 42 3.88 13.34 -1.72
N ALA A 43 2.61 13.54 -2.06
CA ALA A 43 1.53 13.45 -1.09
C ALA A 43 1.35 12.03 -0.57
N ILE A 44 1.57 11.04 -1.43
CA ILE A 44 1.42 9.65 -1.04
C ILE A 44 2.64 9.15 -0.27
N ALA A 45 3.82 9.60 -0.72
CA ALA A 45 5.09 9.19 -0.10
C ALA A 45 5.10 9.46 1.40
N GLN A 46 4.66 10.66 1.77
CA GLN A 46 4.66 11.06 3.18
C GLN A 46 3.70 10.20 4.00
N VAL A 47 2.59 9.79 3.39
CA VAL A 47 1.55 9.03 4.09
C VAL A 47 2.12 7.78 4.75
N ILE A 48 2.91 7.04 3.98
CA ILE A 48 3.47 5.78 4.46
C ILE A 48 4.44 6.01 5.62
N LEU A 49 5.33 6.98 5.45
CA LEU A 49 6.36 7.23 6.45
C LEU A 49 5.77 7.90 7.70
N ASN A 50 4.66 8.62 7.53
CA ASN A 50 3.95 9.19 8.67
C ASN A 50 3.41 8.08 9.54
N ALA A 51 2.94 7.00 8.91
CA ALA A 51 2.47 5.83 9.63
C ALA A 51 3.62 5.16 10.38
N VAL A 52 4.80 5.20 9.77
CA VAL A 52 6.01 4.68 10.41
C VAL A 52 6.33 5.47 11.67
N SER A 53 6.19 6.79 11.57
CA SER A 53 6.47 7.67 12.69
C SER A 53 5.53 7.37 13.87
N THR A 54 4.32 6.93 13.57
CA THR A 54 3.34 6.66 14.60
C THR A 54 3.22 5.15 14.87
N ASN A 55 4.24 4.40 14.49
CA ASN A 55 4.24 2.96 14.75
C ASN A 55 4.44 2.69 16.24
N THR A 56 3.33 2.50 16.92
CA THR A 56 3.33 2.10 18.30
C THR A 56 2.21 1.09 18.52
N GLY A 57 2.53 -0.04 19.13
CA GLY A 57 1.56 -1.08 19.35
C GLY A 57 2.20 -2.39 19.73
N ALA A 58 1.79 -3.47 19.09
CA ALA A 58 2.34 -4.78 19.38
C ALA A 58 3.13 -5.31 18.20
N THR A 59 2.44 -5.51 17.07
CA THR A 59 3.06 -6.10 15.89
C THR A 59 3.60 -5.02 14.96
N ALA A 60 4.03 -3.92 15.55
CA ALA A 60 4.56 -2.78 14.79
C ALA A 60 5.78 -3.18 13.96
N SER A 61 6.48 -4.22 14.41
CA SER A 61 7.63 -4.74 13.69
C SER A 61 7.22 -5.20 12.28
N ALA A 62 6.05 -5.82 12.18
CA ALA A 62 5.55 -6.29 10.90
C ALA A 62 4.85 -5.15 10.16
N ARG A 63 4.37 -4.17 10.91
CA ARG A 63 3.79 -2.97 10.30
C ARG A 63 4.84 -2.24 9.48
N ALA A 64 6.08 -2.26 9.95
CA ALA A 64 7.19 -1.71 9.20
C ALA A 64 7.33 -2.40 7.85
N GLN A 65 7.16 -3.71 7.84
CA GLN A 65 7.21 -4.50 6.62
C GLN A 65 6.02 -4.17 5.73
N ALA A 66 4.82 -4.15 6.33
CA ALA A 66 3.60 -3.83 5.61
C ALA A 66 3.68 -2.45 4.95
N LEU A 67 4.23 -1.49 5.68
CA LEU A 67 4.41 -0.14 5.15
C LEU A 67 5.46 -0.12 4.04
N SER A 68 6.46 -0.99 4.18
CA SER A 68 7.48 -1.14 3.15
C SER A 68 6.82 -1.57 1.83
N THR A 69 5.92 -2.54 1.92
CA THR A 69 5.18 -3.00 0.76
C THR A 69 4.19 -1.94 0.29
N ALA A 70 3.49 -1.32 1.24
CA ALA A 70 2.49 -0.30 0.94
C ALA A 70 3.08 0.86 0.15
N LEU A 71 4.29 1.28 0.54
CA LEU A 71 4.99 2.37 -0.13
C LEU A 71 5.19 2.04 -1.61
N ALA A 72 5.68 0.84 -1.89
CA ALA A 72 5.93 0.41 -3.25
C ALA A 72 4.63 0.28 -4.04
N SER A 73 3.62 -0.29 -3.40
CA SER A 73 2.34 -0.55 -4.05
C SER A 73 1.64 0.75 -4.46
N SER A 74 1.49 1.66 -3.51
CA SER A 74 0.72 2.88 -3.73
C SER A 74 1.36 3.77 -4.79
N LEU A 75 2.69 3.92 -4.70
CA LEU A 75 3.41 4.77 -5.64
C LEU A 75 3.35 4.21 -7.06
N THR A 76 3.53 2.91 -7.20
CA THR A 76 3.60 2.28 -8.51
C THR A 76 2.23 2.27 -9.21
N ASP A 77 1.18 1.92 -8.47
CA ASP A 77 -0.17 1.80 -9.05
C ASP A 77 -0.62 3.14 -9.63
N LEU A 78 -0.46 4.20 -8.84
CA LEU A 78 -0.80 5.56 -9.28
C LEU A 78 0.00 5.94 -10.52
N LEU A 79 1.28 5.59 -10.50
CA LEU A 79 2.18 5.92 -11.61
C LEU A 79 1.70 5.26 -12.90
N ILE A 80 1.43 3.96 -12.82
CA ILE A 80 1.01 3.18 -13.99
C ILE A 80 -0.28 3.75 -14.61
N ALA A 81 -1.26 4.03 -13.75
CA ALA A 81 -2.58 4.46 -14.20
C ALA A 81 -2.51 5.74 -15.03
N GLU A 82 -1.75 6.72 -14.57
CA GLU A 82 -1.69 8.00 -15.25
C GLU A 82 -0.59 8.04 -16.29
N SER A 83 0.17 6.98 -16.41
CA SER A 83 1.29 6.94 -17.33
C SER A 83 0.96 6.05 -18.54
N ALA A 84 -0.31 6.12 -18.96
CA ALA A 84 -0.77 5.51 -20.20
C ALA A 84 -0.68 3.98 -20.18
N GLU A 85 -0.57 3.44 -18.97
CA GLU A 85 -0.59 1.98 -18.75
C GLU A 85 0.72 1.31 -19.17
N SER A 86 1.26 1.72 -20.32
CA SER A 86 2.47 1.10 -20.85
C SER A 86 3.68 2.02 -20.71
N ASN A 87 3.43 3.32 -20.57
CA ASN A 87 4.51 4.30 -20.58
C ASN A 87 5.06 4.53 -19.18
N TYR A 88 4.49 3.81 -18.22
CA TYR A 88 4.83 3.99 -16.81
C TYR A 88 6.31 3.68 -16.54
N ASN A 89 6.89 2.83 -17.38
CA ASN A 89 8.27 2.40 -17.19
C ASN A 89 9.25 3.55 -17.44
N ASN A 90 8.78 4.59 -18.12
CA ASN A 90 9.58 5.80 -18.32
C ASN A 90 9.92 6.42 -16.96
N GLN A 91 8.89 6.68 -16.18
CA GLN A 91 9.07 7.29 -14.87
C GLN A 91 9.57 6.26 -13.85
N LEU A 92 9.17 5.01 -14.05
CA LEU A 92 9.57 3.92 -13.17
C LEU A 92 11.09 3.81 -13.12
N SER A 93 11.73 3.93 -14.29
CA SER A 93 13.19 3.81 -14.39
C SER A 93 13.91 4.80 -13.46
N GLU A 94 13.30 5.95 -13.25
CA GLU A 94 13.89 6.99 -12.42
C GLU A 94 13.56 6.75 -10.94
N LEU A 95 12.33 6.31 -10.69
CA LEU A 95 11.82 6.16 -9.33
C LEU A 95 12.70 5.24 -8.49
N THR A 96 12.99 4.06 -9.01
CA THR A 96 13.80 3.08 -8.30
C THR A 96 15.17 3.62 -7.92
N GLY A 97 15.70 4.53 -8.74
CA GLY A 97 16.99 5.12 -8.46
C GLY A 97 16.92 6.13 -7.34
N ILE A 98 15.77 6.76 -7.19
CA ILE A 98 15.57 7.76 -6.15
C ILE A 98 15.51 7.09 -4.78
N LEU A 99 14.69 6.06 -4.66
CA LEU A 99 14.49 5.37 -3.39
C LEU A 99 15.80 4.80 -2.86
N SER A 100 16.54 4.11 -3.72
CA SER A 100 17.81 3.50 -3.32
C SER A 100 18.80 4.57 -2.84
N ASN A 101 18.82 5.69 -3.54
CA ASN A 101 19.64 6.84 -3.15
C ASN A 101 19.30 7.26 -1.73
N CYS A 102 18.02 7.43 -1.46
CA CYS A 102 17.55 7.89 -0.16
C CYS A 102 17.81 6.85 0.92
N PHE A 103 17.58 5.58 0.61
CA PHE A 103 17.88 4.51 1.55
C PHE A 103 19.34 4.57 1.98
N ILE A 104 20.23 4.76 1.01
CA ILE A 104 21.66 4.90 1.30
C ILE A 104 21.91 6.02 2.31
N GLN A 105 21.29 7.16 2.08
CA GLN A 105 21.56 8.33 2.90
C GLN A 105 20.82 8.28 4.24
N THR A 106 19.76 7.47 4.31
CA THR A 106 18.93 7.44 5.49
C THR A 106 19.23 6.23 6.39
N THR A 107 19.28 5.03 5.81
CA THR A 107 19.50 3.82 6.60
C THR A 107 20.91 3.26 6.37
N GLY A 108 21.65 3.87 5.45
CA GLY A 108 23.04 3.50 5.24
C GLY A 108 23.23 2.43 4.20
N SER A 109 22.16 2.02 3.54
CA SER A 109 22.23 1.00 2.50
C SER A 109 21.04 1.13 1.57
N ASP A 110 21.21 0.68 0.35
CA ASP A 110 20.17 0.79 -0.68
C ASP A 110 19.01 -0.16 -0.40
N ASN A 111 19.33 -1.28 0.22
CA ASN A 111 18.34 -2.28 0.63
C ASN A 111 17.59 -2.84 -0.58
N PRO A 112 18.24 -3.76 -1.31
CA PRO A 112 17.70 -4.33 -2.55
C PRO A 112 16.38 -5.08 -2.33
N ALA A 113 16.22 -5.64 -1.13
CA ALA A 113 15.01 -6.40 -0.79
C ALA A 113 13.74 -5.55 -0.95
N PHE A 114 13.89 -4.25 -0.82
CA PHE A 114 12.75 -3.33 -0.99
C PHE A 114 12.33 -3.32 -2.46
N VAL A 115 13.32 -3.33 -3.35
CA VAL A 115 13.08 -3.30 -4.78
C VAL A 115 12.41 -4.60 -5.22
N SER A 116 12.78 -5.69 -4.57
CA SER A 116 12.19 -7.01 -4.84
C SER A 116 10.68 -6.96 -4.70
N ARG A 117 10.19 -6.39 -3.60
CA ARG A 117 8.76 -6.21 -3.40
C ARG A 117 8.17 -5.35 -4.50
N ILE A 118 8.89 -4.30 -4.89
CA ILE A 118 8.44 -3.40 -5.95
C ILE A 118 8.20 -4.17 -7.24
N GLN A 119 9.22 -4.89 -7.70
CA GLN A 119 9.13 -5.67 -8.93
C GLN A 119 7.95 -6.63 -8.89
N SER A 120 7.74 -7.23 -7.72
CA SER A 120 6.65 -8.18 -7.52
C SER A 120 5.28 -7.49 -7.65
N LEU A 121 5.19 -6.27 -7.14
CA LEU A 121 3.94 -5.53 -7.17
C LEU A 121 3.67 -4.94 -8.56
N ILE A 122 4.73 -4.54 -9.25
CA ILE A 122 4.60 -4.00 -10.60
C ILE A 122 3.91 -5.02 -11.49
N SER A 123 4.30 -6.26 -11.30
CA SER A 123 3.85 -7.37 -12.13
C SER A 123 2.34 -7.63 -11.97
N VAL A 124 1.75 -7.18 -10.87
CA VAL A 124 0.33 -7.39 -10.65
C VAL A 124 -0.48 -6.11 -10.85
N LEU A 125 0.16 -4.97 -10.68
CA LEU A 125 -0.53 -3.69 -10.81
C LEU A 125 -0.83 -3.38 -12.27
N SER A 126 0.12 -3.67 -13.15
CA SER A 126 -0.09 -3.49 -14.58
C SER A 126 -0.60 -4.78 -15.21
N GLN A 127 -1.34 -5.56 -14.43
CA GLN A 127 -1.90 -6.82 -14.89
C GLN A 127 -3.36 -6.94 -14.47
N ASN A 128 -4.25 -6.52 -15.35
CA ASN A 128 -5.68 -6.66 -15.11
C ASN A 128 -6.30 -7.53 -16.20
N THR A 129 -7.26 -8.35 -15.83
CA THR A 129 -7.92 -9.21 -16.79
C THR A 129 -9.13 -8.51 -17.38
N ASP A 130 -9.64 -9.03 -18.49
CA ASP A 130 -10.78 -8.43 -19.17
C ASP A 130 -12.09 -8.93 -18.57
N VAL A 131 -11.99 -9.61 -17.43
CA VAL A 131 -13.17 -10.11 -16.74
C VAL A 131 -13.36 -9.38 -15.41
N ASN A 132 -12.45 -8.44 -15.12
CA ASN A 132 -12.54 -7.66 -13.89
C ASN A 132 -13.58 -6.57 -14.03
N ILE A 133 -14.84 -6.95 -13.84
CA ILE A 133 -16.02 -6.16 -14.19
C ILE A 133 -15.89 -5.49 -15.57
N ILE A 134 -15.02 -6.07 -16.39
CA ILE A 134 -14.80 -5.60 -17.75
C ILE A 134 -15.59 -6.48 -18.71
N SER A 135 -16.05 -5.90 -19.81
CA SER A 135 -16.72 -6.68 -20.85
C SER A 135 -16.61 -5.95 -22.18
N THR A 136 -15.52 -5.23 -22.34
CA THR A 136 -15.27 -4.45 -23.54
C THR A 136 -14.39 -5.24 -24.50
N ALA A 137 -13.44 -5.96 -23.94
CA ALA A 137 -12.56 -6.81 -24.73
C ALA A 137 -12.36 -8.14 -24.03
N GLY B 1 -23.29 -5.73 -20.44
CA GLY B 1 -22.42 -4.58 -20.59
C GLY B 1 -21.22 -4.66 -19.67
N ALA B 2 -20.61 -3.52 -19.38
CA ALA B 2 -19.46 -3.46 -18.52
C ALA B 2 -19.84 -2.87 -17.17
N VAL B 3 -19.26 -3.39 -16.10
CA VAL B 3 -19.64 -2.94 -14.77
C VAL B 3 -18.81 -1.74 -14.36
N THR B 4 -19.43 -0.58 -14.36
CA THR B 4 -18.77 0.63 -13.90
C THR B 4 -19.23 0.96 -12.48
N ALA B 5 -18.47 0.45 -11.53
CA ALA B 5 -18.76 0.69 -10.13
C ALA B 5 -17.54 1.28 -9.44
N VAL B 6 -17.54 2.59 -9.30
CA VAL B 6 -16.43 3.28 -8.68
C VAL B 6 -16.73 3.53 -7.20
N PRO B 7 -15.99 2.84 -6.31
CA PRO B 7 -16.17 3.00 -4.87
C PRO B 7 -15.92 4.43 -4.44
N SER B 8 -17.00 5.13 -4.12
CA SER B 8 -16.94 6.55 -3.80
C SER B 8 -16.31 6.78 -2.43
N VAL B 9 -15.93 5.70 -1.76
CA VAL B 9 -15.24 5.78 -0.49
C VAL B 9 -13.91 6.51 -0.66
N PHE B 10 -13.20 6.18 -1.73
CA PHE B 10 -11.90 6.77 -2.02
C PHE B 10 -12.04 8.02 -2.86
N SER B 11 -13.26 8.27 -3.34
CA SER B 11 -13.52 9.42 -4.19
C SER B 11 -14.28 10.48 -3.41
N SER B 12 -14.55 10.21 -2.15
CA SER B 12 -15.24 11.16 -1.28
C SER B 12 -14.77 11.03 0.15
N PRO B 13 -14.08 12.07 0.66
CA PRO B 13 -13.57 12.11 2.04
C PRO B 13 -14.63 11.76 3.08
N ASN B 14 -15.87 12.18 2.85
CA ASN B 14 -16.95 11.91 3.81
C ASN B 14 -17.22 10.41 3.91
N LEU B 15 -17.08 9.71 2.79
CA LEU B 15 -17.31 8.27 2.76
C LEU B 15 -16.09 7.53 3.26
N ALA B 16 -14.91 8.12 3.05
CA ALA B 16 -13.69 7.56 3.60
C ALA B 16 -13.76 7.52 5.12
N SER B 17 -14.29 8.59 5.69
CA SER B 17 -14.47 8.69 7.13
C SER B 17 -15.56 7.70 7.58
N GLY B 18 -16.62 7.58 6.79
CA GLY B 18 -17.70 6.66 7.10
C GLY B 18 -17.26 5.22 7.07
N PHE B 19 -16.46 4.88 6.06
CA PHE B 19 -15.92 3.53 5.92
C PHE B 19 -15.01 3.22 7.10
N LEU B 20 -14.25 4.22 7.54
CA LEU B 20 -13.36 4.07 8.68
C LEU B 20 -14.15 3.71 9.93
N GLN B 21 -15.33 4.31 10.07
CA GLN B 21 -16.18 4.08 11.22
C GLN B 21 -16.74 2.65 11.21
N CYS B 22 -16.83 2.06 10.04
CA CYS B 22 -17.35 0.70 9.91
C CYS B 22 -16.22 -0.29 10.02
N LEU B 23 -15.08 0.09 9.46
CA LEU B 23 -13.93 -0.78 9.37
C LEU B 23 -13.39 -1.11 10.75
N THR B 24 -13.16 -0.07 11.55
CA THR B 24 -12.62 -0.24 12.89
C THR B 24 -13.58 -1.05 13.78
N PHE B 25 -14.87 -0.96 13.47
CA PHE B 25 -15.88 -1.69 14.22
C PHE B 25 -15.96 -3.13 13.72
N GLY B 26 -15.68 -3.32 12.44
CA GLY B 26 -15.76 -4.65 11.84
C GLY B 26 -14.58 -5.53 12.18
N ILE B 27 -13.37 -4.96 12.14
CA ILE B 27 -12.18 -5.74 12.44
C ILE B 27 -12.22 -6.31 13.85
N GLY B 28 -12.77 -5.51 14.78
CA GLY B 28 -12.91 -5.97 16.15
C GLY B 28 -14.18 -6.76 16.37
N ASN B 29 -14.88 -7.05 15.29
CA ASN B 29 -16.14 -7.78 15.36
C ASN B 29 -15.92 -9.24 15.00
N SER B 30 -15.06 -9.48 14.02
CA SER B 30 -14.72 -10.83 13.59
C SER B 30 -13.94 -11.57 14.67
N PRO B 31 -14.30 -12.84 14.94
CA PRO B 31 -13.71 -13.64 16.00
C PRO B 31 -12.31 -14.16 15.65
N ALA B 32 -11.78 -13.75 14.50
CA ALA B 32 -10.47 -14.22 14.06
C ALA B 32 -9.41 -13.16 14.29
N PHE B 33 -9.80 -12.02 14.83
CA PHE B 33 -8.87 -10.93 15.07
C PHE B 33 -8.78 -10.61 16.55
N PRO B 34 -7.73 -11.12 17.21
CA PRO B 34 -7.45 -10.78 18.61
C PRO B 34 -7.07 -9.31 18.74
N THR B 35 -7.49 -8.70 19.84
CA THR B 35 -7.31 -7.26 20.03
C THR B 35 -5.84 -6.84 19.92
N GLN B 36 -4.94 -7.69 20.38
CA GLN B 36 -3.52 -7.38 20.37
C GLN B 36 -2.98 -7.23 18.95
N GLU B 37 -3.59 -7.91 18.00
CA GLU B 37 -3.19 -7.81 16.60
C GLU B 37 -4.12 -6.87 15.84
N GLN B 38 -5.35 -6.77 16.33
CA GLN B 38 -6.36 -5.91 15.73
C GLN B 38 -5.93 -4.45 15.73
N GLN B 39 -5.40 -3.99 16.85
CA GLN B 39 -5.05 -2.57 17.02
C GLN B 39 -4.02 -2.13 15.98
N ASP B 40 -3.08 -3.01 15.66
CA ASP B 40 -2.07 -2.71 14.65
C ASP B 40 -2.69 -2.64 13.26
N LEU B 41 -3.78 -3.38 13.07
CA LEU B 41 -4.51 -3.37 11.81
C LEU B 41 -5.29 -2.06 11.66
N ASP B 42 -6.05 -1.72 12.70
CA ASP B 42 -6.83 -0.47 12.71
C ASP B 42 -5.94 0.73 12.45
N ALA B 43 -4.73 0.69 13.04
CA ALA B 43 -3.77 1.76 12.91
C ALA B 43 -3.42 2.04 11.45
N ILE B 44 -3.29 0.98 10.66
CA ILE B 44 -2.94 1.12 9.24
C ILE B 44 -4.16 1.45 8.41
N ALA B 45 -5.30 0.85 8.77
CA ALA B 45 -6.52 0.99 8.01
C ALA B 45 -6.99 2.45 7.96
N GLN B 46 -6.84 3.14 9.08
CA GLN B 46 -7.26 4.54 9.17
C GLN B 46 -6.37 5.44 8.32
N VAL B 47 -5.10 5.08 8.19
CA VAL B 47 -4.13 5.90 7.47
C VAL B 47 -4.52 6.05 6.00
N ILE B 48 -4.91 4.94 5.38
CA ILE B 48 -5.28 4.95 3.97
C ILE B 48 -6.51 5.85 3.74
N LEU B 49 -7.45 5.78 4.67
CA LEU B 49 -8.69 6.52 4.53
C LEU B 49 -8.49 8.00 4.90
N ASN B 50 -7.62 8.26 5.86
CA ASN B 50 -7.28 9.63 6.21
C ASN B 50 -6.55 10.31 5.06
N ALA B 51 -5.90 9.51 4.23
CA ALA B 51 -5.25 10.02 3.02
C ALA B 51 -6.29 10.47 1.99
N VAL B 52 -7.42 9.76 1.96
CA VAL B 52 -8.51 10.10 1.06
C VAL B 52 -9.12 11.44 1.46
N SER B 53 -9.10 11.71 2.76
CA SER B 53 -9.67 12.93 3.33
C SER B 53 -8.89 14.16 2.87
N THR B 54 -7.73 13.95 2.27
CA THR B 54 -6.90 15.04 1.80
C THR B 54 -6.57 14.88 0.31
N ASN B 55 -7.41 14.15 -0.40
CA ASN B 55 -7.21 13.94 -1.83
C ASN B 55 -7.62 15.18 -2.62
N THR B 56 -6.68 16.10 -2.73
CA THR B 56 -6.87 17.28 -3.54
C THR B 56 -5.99 17.20 -4.79
N GLY B 57 -6.56 17.55 -5.92
CA GLY B 57 -5.80 17.55 -7.15
C GLY B 57 -6.65 17.19 -8.35
N ALA B 58 -6.00 16.91 -9.46
CA ALA B 58 -6.70 16.53 -10.69
C ALA B 58 -6.65 15.03 -10.88
N THR B 59 -5.55 14.43 -10.49
CA THR B 59 -5.34 13.00 -10.65
C THR B 59 -5.72 12.24 -9.37
N ALA B 60 -6.48 12.91 -8.50
CA ALA B 60 -6.90 12.34 -7.23
C ALA B 60 -7.75 11.08 -7.44
N SER B 61 -8.46 11.02 -8.55
CA SER B 61 -9.27 9.86 -8.88
C SER B 61 -8.38 8.61 -9.05
N ALA B 62 -7.24 8.78 -9.71
CA ALA B 62 -6.30 7.68 -9.89
C ALA B 62 -5.54 7.42 -8.60
N ARG B 63 -5.29 8.48 -7.85
CA ARG B 63 -4.65 8.36 -6.54
C ARG B 63 -5.54 7.52 -5.63
N ALA B 64 -6.85 7.68 -5.77
CA ALA B 64 -7.82 6.90 -5.02
C ALA B 64 -7.69 5.42 -5.34
N GLN B 65 -7.44 5.12 -6.61
CA GLN B 65 -7.23 3.74 -7.04
C GLN B 65 -5.99 3.17 -6.36
N ALA B 66 -4.92 3.98 -6.33
CA ALA B 66 -3.68 3.60 -5.68
C ALA B 66 -3.90 3.31 -4.19
N LEU B 67 -4.71 4.15 -3.55
CA LEU B 67 -5.03 3.98 -2.14
C LEU B 67 -5.90 2.74 -1.94
N SER B 68 -6.80 2.50 -2.88
CA SER B 68 -7.66 1.32 -2.85
C SER B 68 -6.80 0.06 -2.84
N THR B 69 -5.78 0.04 -3.68
CA THR B 69 -4.84 -1.07 -3.72
C THR B 69 -3.94 -1.08 -2.48
N ALA B 70 -3.52 0.11 -2.05
CA ALA B 70 -2.64 0.25 -0.89
C ALA B 70 -3.29 -0.31 0.38
N LEU B 71 -4.60 -0.10 0.51
CA LEU B 71 -5.34 -0.61 1.66
C LEU B 71 -5.25 -2.13 1.71
N ALA B 72 -5.52 -2.76 0.58
CA ALA B 72 -5.47 -4.21 0.47
C ALA B 72 -4.04 -4.72 0.69
N SER B 73 -3.08 -4.03 0.09
CA SER B 73 -1.68 -4.42 0.15
C SER B 73 -1.16 -4.42 1.58
N SER B 74 -1.28 -3.28 2.25
CA SER B 74 -0.69 -3.10 3.58
C SER B 74 -1.32 -4.04 4.61
N LEU B 75 -2.64 -4.11 4.61
CA LEU B 75 -3.35 -4.95 5.57
C LEU B 75 -3.01 -6.43 5.38
N THR B 76 -2.91 -6.87 4.13
CA THR B 76 -2.62 -8.26 3.84
C THR B 76 -1.17 -8.63 4.21
N ASP B 77 -0.23 -7.76 3.84
CA ASP B 77 1.19 -8.00 4.14
C ASP B 77 1.39 -8.20 5.64
N LEU B 78 0.85 -7.26 6.42
CA LEU B 78 0.93 -7.30 7.88
C LEU B 78 0.29 -8.59 8.41
N LEU B 79 -0.86 -8.94 7.85
CA LEU B 79 -1.61 -10.10 8.31
C LEU B 79 -0.86 -11.40 8.03
N ILE B 80 -0.26 -11.50 6.85
CA ILE B 80 0.47 -12.72 6.46
C ILE B 80 1.65 -12.98 7.38
N ALA B 81 2.44 -11.94 7.61
CA ALA B 81 3.69 -12.06 8.37
C ALA B 81 3.45 -12.57 9.79
N GLU B 82 2.55 -11.93 10.51
CA GLU B 82 2.35 -12.24 11.93
C GLU B 82 1.39 -13.41 12.13
N SER B 83 0.90 -13.98 11.05
CA SER B 83 -0.07 -15.07 11.15
C SER B 83 0.53 -16.37 10.60
N ALA B 84 1.82 -16.57 10.88
CA ALA B 84 2.51 -17.83 10.61
C ALA B 84 2.58 -18.17 9.12
N GLU B 85 2.22 -17.20 8.27
CA GLU B 85 2.27 -17.36 6.81
C GLU B 85 1.27 -18.42 6.31
N SER B 86 0.54 -19.03 7.24
CA SER B 86 -0.41 -20.07 6.87
C SER B 86 -1.69 -19.99 7.70
N ASN B 87 -1.74 -19.06 8.66
CA ASN B 87 -2.94 -18.90 9.47
C ASN B 87 -3.71 -17.67 9.03
N TYR B 88 -3.05 -16.82 8.25
CA TYR B 88 -3.61 -15.55 7.82
C TYR B 88 -4.83 -15.76 6.92
N ASN B 89 -4.89 -16.92 6.27
CA ASN B 89 -5.95 -17.21 5.32
C ASN B 89 -7.30 -17.40 6.03
N ASN B 90 -7.24 -17.74 7.32
CA ASN B 90 -8.44 -17.84 8.13
C ASN B 90 -8.96 -16.44 8.46
N GLN B 91 -8.01 -15.55 8.74
CA GLN B 91 -8.32 -14.17 9.07
C GLN B 91 -8.65 -13.36 7.82
N LEU B 92 -8.05 -13.74 6.71
CA LEU B 92 -8.23 -13.06 5.43
C LEU B 92 -9.69 -13.08 5.03
N SER B 93 -10.34 -14.23 5.25
CA SER B 93 -11.75 -14.38 4.91
C SER B 93 -12.62 -13.43 5.72
N GLU B 94 -12.17 -13.12 6.94
CA GLU B 94 -12.87 -12.16 7.78
C GLU B 94 -12.63 -10.76 7.26
N LEU B 95 -11.37 -10.44 7.03
CA LEU B 95 -10.96 -9.11 6.56
C LEU B 95 -11.71 -8.72 5.29
N THR B 96 -11.71 -9.62 4.30
CA THR B 96 -12.39 -9.37 3.04
C THR B 96 -13.88 -9.17 3.25
N GLY B 97 -14.46 -9.96 4.15
CA GLY B 97 -15.87 -9.85 4.46
C GLY B 97 -16.19 -8.51 5.09
N ILE B 98 -15.35 -8.08 6.03
CA ILE B 98 -15.50 -6.79 6.68
C ILE B 98 -15.45 -5.66 5.65
N LEU B 99 -14.44 -5.73 4.78
CA LEU B 99 -14.23 -4.72 3.75
C LEU B 99 -15.46 -4.59 2.85
N SER B 100 -15.87 -5.69 2.24
CA SER B 100 -16.99 -5.67 1.30
C SER B 100 -18.28 -5.27 2.00
N ASN B 101 -18.45 -5.72 3.24
CA ASN B 101 -19.61 -5.37 4.04
C ASN B 101 -19.67 -3.86 4.26
N CYS B 102 -18.56 -3.29 4.69
CA CYS B 102 -18.49 -1.86 4.95
C CYS B 102 -18.63 -1.07 3.65
N PHE B 103 -18.09 -1.61 2.56
CA PHE B 103 -18.26 -0.99 1.24
C PHE B 103 -19.75 -0.85 0.90
N ILE B 104 -20.50 -1.92 1.17
CA ILE B 104 -21.94 -1.93 0.94
C ILE B 104 -22.62 -0.77 1.67
N GLN B 105 -22.32 -0.63 2.95
CA GLN B 105 -22.98 0.36 3.77
C GLN B 105 -22.49 1.77 3.48
N THR B 106 -21.28 1.88 2.96
CA THR B 106 -20.68 3.19 2.75
C THR B 106 -20.90 3.70 1.32
N THR B 107 -20.51 2.91 0.31
CA THR B 107 -20.60 3.37 -1.07
C THR B 107 -21.75 2.69 -1.80
N GLY B 108 -22.43 1.75 -1.13
CA GLY B 108 -23.59 1.13 -1.70
C GLY B 108 -23.30 -0.15 -2.48
N SER B 109 -22.04 -0.54 -2.50
CA SER B 109 -21.62 -1.69 -3.29
C SER B 109 -20.35 -2.30 -2.72
N ASP B 110 -20.21 -3.61 -2.91
CA ASP B 110 -19.06 -4.35 -2.39
C ASP B 110 -17.95 -4.42 -3.43
N ASN B 111 -18.33 -4.68 -4.67
CA ASN B 111 -17.39 -4.75 -5.80
C ASN B 111 -16.39 -5.89 -5.63
N PRO B 112 -16.67 -7.06 -6.24
CA PRO B 112 -15.80 -8.23 -6.15
C PRO B 112 -14.41 -7.99 -6.74
N ALA B 113 -14.31 -6.99 -7.62
CA ALA B 113 -13.04 -6.67 -8.25
C ALA B 113 -12.02 -6.19 -7.22
N PHE B 114 -12.51 -5.61 -6.13
CA PHE B 114 -11.63 -5.18 -5.05
C PHE B 114 -11.03 -6.40 -4.36
N VAL B 115 -11.86 -7.42 -4.15
CA VAL B 115 -11.42 -8.67 -3.55
C VAL B 115 -10.41 -9.36 -4.45
N SER B 116 -10.66 -9.31 -5.75
CA SER B 116 -9.75 -9.87 -6.74
C SER B 116 -8.36 -9.23 -6.61
N ARG B 117 -8.33 -7.91 -6.50
CA ARG B 117 -7.07 -7.19 -6.30
C ARG B 117 -6.36 -7.68 -5.04
N ILE B 118 -7.12 -7.86 -3.96
CA ILE B 118 -6.56 -8.38 -2.71
C ILE B 118 -5.90 -9.74 -2.94
N GLN B 119 -6.69 -10.68 -3.44
CA GLN B 119 -6.23 -12.06 -3.65
C GLN B 119 -5.05 -12.13 -4.60
N SER B 120 -5.04 -11.26 -5.60
CA SER B 120 -3.95 -11.22 -6.56
C SER B 120 -2.66 -10.76 -5.89
N LEU B 121 -2.78 -9.82 -4.96
CA LEU B 121 -1.64 -9.31 -4.22
C LEU B 121 -1.15 -10.33 -3.20
N ILE B 122 -2.09 -11.04 -2.58
CA ILE B 122 -1.77 -12.08 -1.59
C ILE B 122 -0.72 -13.04 -2.13
N SER B 123 -0.86 -13.40 -3.40
CA SER B 123 0.03 -14.35 -4.06
C SER B 123 1.47 -13.83 -4.07
N VAL B 124 1.66 -12.54 -4.35
CA VAL B 124 3.00 -11.98 -4.47
C VAL B 124 3.51 -11.45 -3.13
N LEU B 125 2.58 -11.18 -2.21
CA LEU B 125 2.96 -10.74 -0.87
C LEU B 125 3.54 -11.90 -0.07
N SER B 126 2.92 -13.06 -0.18
CA SER B 126 3.39 -14.26 0.51
C SER B 126 4.65 -14.80 -0.16
N GLN B 127 4.73 -14.60 -1.48
CA GLN B 127 5.90 -15.00 -2.24
C GLN B 127 6.95 -13.89 -2.18
N ASN B 128 7.56 -13.77 -1.02
CA ASN B 128 8.57 -12.76 -0.78
C ASN B 128 9.85 -13.10 -1.53
N THR B 129 10.40 -12.10 -2.23
CA THR B 129 11.63 -12.28 -2.95
C THR B 129 12.83 -11.80 -2.13
N ASP B 130 13.38 -12.69 -1.32
CA ASP B 130 14.55 -12.37 -0.51
C ASP B 130 15.79 -12.91 -1.18
N VAL B 131 15.62 -13.38 -2.41
CA VAL B 131 16.70 -13.93 -3.19
C VAL B 131 17.53 -12.82 -3.82
N ASN B 132 17.11 -11.58 -3.60
CA ASN B 132 17.75 -10.45 -4.23
C ASN B 132 18.33 -9.51 -3.19
N ILE B 133 19.57 -9.78 -2.81
CA ILE B 133 20.31 -8.90 -1.92
C ILE B 133 21.25 -8.03 -2.73
N ILE B 134 21.12 -8.12 -4.05
CA ILE B 134 21.92 -7.33 -4.97
C ILE B 134 21.01 -6.39 -5.77
N SER B 135 21.25 -5.09 -5.67
CA SER B 135 20.42 -4.11 -6.36
C SER B 135 20.95 -3.81 -7.76
N THR B 136 21.93 -4.57 -8.19
CA THR B 136 22.55 -4.35 -9.48
C THR B 136 22.33 -5.54 -10.42
N ALA B 137 21.62 -6.55 -9.92
CA ALA B 137 21.34 -7.75 -10.69
C ALA B 137 20.09 -8.44 -10.17
N GLY A 1 23.20 -14.86 -4.74
CA GLY A 1 22.53 -14.84 -3.43
C GLY A 1 22.76 -13.54 -2.68
N ALA A 2 21.78 -12.66 -2.72
CA ALA A 2 21.87 -11.40 -1.99
C ALA A 2 20.89 -11.41 -0.82
N VAL A 3 21.42 -11.32 0.39
CA VAL A 3 20.60 -11.34 1.59
C VAL A 3 19.67 -10.13 1.62
N THR A 4 18.39 -10.39 1.84
CA THR A 4 17.37 -9.36 1.84
C THR A 4 17.53 -8.42 3.03
N ALA A 5 18.23 -7.31 2.81
CA ALA A 5 18.44 -6.32 3.85
C ALA A 5 17.16 -5.56 4.16
N VAL A 6 16.87 -5.43 5.44
CA VAL A 6 15.67 -4.73 5.90
C VAL A 6 15.98 -3.24 6.11
N PRO A 7 15.12 -2.35 5.59
CA PRO A 7 15.29 -0.90 5.75
C PRO A 7 15.19 -0.44 7.21
N SER A 8 16.28 0.13 7.72
CA SER A 8 16.31 0.63 9.08
C SER A 8 15.50 1.92 9.21
N VAL A 9 15.11 2.47 8.05
CA VAL A 9 14.28 3.65 7.99
C VAL A 9 12.94 3.40 8.65
N PHE A 10 12.38 2.23 8.39
CA PHE A 10 11.08 1.85 8.91
C PHE A 10 11.24 1.29 10.31
N SER A 11 11.73 2.15 11.19
CA SER A 11 11.98 1.78 12.58
C SER A 11 12.45 3.01 13.38
N SER A 12 13.10 3.93 12.70
CA SER A 12 13.62 5.13 13.34
C SER A 12 13.04 6.38 12.70
N PRO A 13 12.33 7.21 13.50
CA PRO A 13 11.67 8.43 13.02
C PRO A 13 12.64 9.42 12.39
N ASN A 14 13.86 9.49 12.93
CA ASN A 14 14.87 10.42 12.42
C ASN A 14 15.28 10.05 11.01
N LEU A 15 15.36 8.74 10.74
CA LEU A 15 15.69 8.26 9.41
C LEU A 15 14.49 8.41 8.49
N ALA A 16 13.31 8.19 9.04
CA ALA A 16 12.06 8.35 8.29
C ALA A 16 11.91 9.78 7.80
N SER A 17 12.22 10.74 8.66
CA SER A 17 12.20 12.14 8.29
C SER A 17 13.15 12.41 7.13
N GLY A 18 14.40 11.99 7.28
CA GLY A 18 15.40 12.19 6.25
C GLY A 18 15.03 11.49 4.96
N PHE A 19 14.40 10.32 5.08
CA PHE A 19 13.97 9.56 3.93
C PHE A 19 12.90 10.33 3.16
N LEU A 20 11.94 10.89 3.90
CA LEU A 20 10.88 11.68 3.31
C LEU A 20 11.43 12.92 2.62
N GLN A 21 12.42 13.54 3.25
CA GLN A 21 13.03 14.75 2.71
C GLN A 21 13.94 14.40 1.52
N CYS A 22 14.11 13.12 1.26
CA CYS A 22 14.89 12.65 0.14
C CYS A 22 13.97 12.32 -1.02
N LEU A 23 12.83 11.71 -0.69
CA LEU A 23 11.84 11.32 -1.68
C LEU A 23 11.38 12.51 -2.51
N THR A 24 11.13 13.62 -1.84
CA THR A 24 10.68 14.83 -2.51
C THR A 24 11.73 15.31 -3.52
N PHE A 25 12.98 15.31 -3.10
CA PHE A 25 14.09 15.70 -3.97
C PHE A 25 14.28 14.68 -5.09
N GLY A 26 14.20 13.41 -4.75
CA GLY A 26 14.37 12.36 -5.74
C GLY A 26 13.37 12.46 -6.88
N ILE A 27 12.10 12.65 -6.53
CA ILE A 27 11.05 12.76 -7.53
C ILE A 27 11.22 14.03 -8.36
N GLY A 28 11.50 15.13 -7.68
CA GLY A 28 11.62 16.42 -8.35
C GLY A 28 12.87 16.51 -9.21
N ASN A 29 13.87 15.71 -8.90
CA ASN A 29 15.14 15.76 -9.60
C ASN A 29 15.16 14.81 -10.80
N SER A 30 14.26 13.82 -10.79
CA SER A 30 14.20 12.84 -11.86
C SER A 30 13.45 13.41 -13.07
N PRO A 31 13.95 13.14 -14.29
CA PRO A 31 13.45 13.77 -15.51
C PRO A 31 12.18 13.12 -16.08
N ALA A 32 11.72 12.04 -15.46
CA ALA A 32 10.54 11.34 -15.95
C ALA A 32 9.27 11.79 -15.24
N PHE A 33 9.43 12.71 -14.31
CA PHE A 33 8.33 13.14 -13.45
C PHE A 33 7.91 14.58 -13.77
N PRO A 34 6.67 14.72 -14.27
CA PRO A 34 6.01 16.03 -14.48
C PRO A 34 5.94 16.91 -13.22
N THR A 35 4.97 17.81 -13.23
CA THR A 35 4.62 18.56 -12.03
C THR A 35 3.35 17.97 -11.42
N GLN A 36 2.53 17.39 -12.29
CA GLN A 36 1.23 16.86 -11.91
C GLN A 36 1.33 15.72 -10.92
N GLU A 37 2.21 14.75 -11.18
CA GLU A 37 2.31 13.60 -10.28
C GLU A 37 3.21 13.92 -9.07
N GLN A 38 4.17 14.80 -9.30
CA GLN A 38 5.19 15.13 -8.32
C GLN A 38 4.58 15.56 -6.99
N GLN A 39 3.60 16.46 -7.05
CA GLN A 39 3.00 17.01 -5.85
C GLN A 39 2.11 15.98 -5.17
N ASP A 40 1.54 15.05 -5.93
CA ASP A 40 0.63 14.07 -5.37
C ASP A 40 1.41 12.89 -4.79
N LEU A 41 2.49 12.52 -5.47
CA LEU A 41 3.41 11.49 -4.97
C LEU A 41 4.03 11.95 -3.65
N ASP A 42 4.32 13.24 -3.57
CA ASP A 42 4.78 13.87 -2.33
C ASP A 42 3.78 13.62 -1.21
N ALA A 43 2.50 13.80 -1.53
CA ALA A 43 1.43 13.63 -0.56
C ALA A 43 1.35 12.19 -0.07
N ILE A 44 1.42 11.25 -1.02
CA ILE A 44 1.38 9.83 -0.68
C ILE A 44 2.59 9.43 0.16
N ALA A 45 3.76 9.90 -0.24
CA ALA A 45 5.00 9.57 0.44
C ALA A 45 4.97 9.99 1.90
N GLN A 46 4.54 11.22 2.17
CA GLN A 46 4.56 11.74 3.53
C GLN A 46 3.56 11.03 4.43
N VAL A 47 2.54 10.42 3.85
CA VAL A 47 1.58 9.64 4.63
C VAL A 47 2.26 8.46 5.30
N ILE A 48 2.99 7.69 4.52
CA ILE A 48 3.68 6.51 5.02
C ILE A 48 4.75 6.90 6.06
N LEU A 49 5.50 7.95 5.75
CA LEU A 49 6.59 8.39 6.62
C LEU A 49 6.07 9.07 7.89
N ASN A 50 4.79 9.43 7.91
CA ASN A 50 4.18 10.01 9.11
C ASN A 50 3.66 8.90 10.02
N ALA A 51 3.62 7.68 9.50
CA ALA A 51 3.18 6.54 10.28
C ALA A 51 4.35 5.89 10.99
N VAL A 52 5.47 5.76 10.28
CA VAL A 52 6.68 5.16 10.85
C VAL A 52 7.27 6.04 11.96
N SER A 53 7.12 7.34 11.82
CA SER A 53 7.66 8.29 12.78
C SER A 53 6.87 8.27 14.10
N THR A 54 5.78 7.52 14.11
CA THR A 54 4.97 7.40 15.31
C THR A 54 4.73 5.93 15.65
N ASN A 55 5.67 5.09 15.26
CA ASN A 55 5.58 3.67 15.54
C ASN A 55 5.67 3.38 17.03
N THR A 56 4.75 2.56 17.50
CA THR A 56 4.73 2.14 18.89
C THR A 56 3.99 0.82 19.02
N GLY A 57 4.52 -0.07 19.85
CA GLY A 57 3.90 -1.37 20.05
C GLY A 57 4.84 -2.51 19.69
N ALA A 58 4.48 -3.71 20.11
CA ALA A 58 5.30 -4.89 19.85
C ALA A 58 5.19 -5.31 18.39
N THR A 59 4.00 -5.17 17.83
CA THR A 59 3.76 -5.59 16.47
C THR A 59 4.01 -4.46 15.47
N ALA A 60 4.65 -3.39 15.97
CA ALA A 60 5.00 -2.25 15.13
C ALA A 60 6.00 -2.65 14.06
N SER A 61 6.73 -3.73 14.29
CA SER A 61 7.70 -4.22 13.33
C SER A 61 7.00 -4.67 12.04
N ALA A 62 5.95 -5.45 12.19
CA ALA A 62 5.15 -5.90 11.05
C ALA A 62 4.40 -4.72 10.44
N ARG A 63 4.01 -3.78 11.30
CA ARG A 63 3.35 -2.56 10.86
C ARG A 63 4.26 -1.76 9.94
N ALA A 64 5.53 -1.67 10.32
CA ALA A 64 6.53 -0.98 9.52
C ALA A 64 6.79 -1.70 8.20
N GLN A 65 6.74 -3.03 8.25
CA GLN A 65 6.87 -3.85 7.05
C GLN A 65 5.71 -3.56 6.11
N ALA A 66 4.50 -3.54 6.66
CA ALA A 66 3.30 -3.22 5.90
C ALA A 66 3.41 -1.84 5.27
N LEU A 67 3.98 -0.90 6.02
CA LEU A 67 4.22 0.44 5.50
C LEU A 67 5.15 0.41 4.30
N SER A 68 6.13 -0.48 4.35
CA SER A 68 7.09 -0.62 3.25
C SER A 68 6.39 -1.09 1.98
N THR A 69 5.64 -2.17 2.09
CA THR A 69 4.91 -2.71 0.94
C THR A 69 3.81 -1.75 0.48
N ALA A 70 3.22 -1.02 1.43
CA ALA A 70 2.23 -0.01 1.11
C ALA A 70 2.85 1.13 0.32
N LEU A 71 4.02 1.59 0.77
CA LEU A 71 4.76 2.66 0.10
C LEU A 71 5.10 2.26 -1.33
N ALA A 72 5.67 1.06 -1.48
CA ALA A 72 6.06 0.55 -2.78
C ALA A 72 4.84 0.41 -3.70
N SER A 73 3.73 -0.04 -3.13
CA SER A 73 2.52 -0.28 -3.90
C SER A 73 1.88 1.03 -4.37
N SER A 74 1.63 1.93 -3.43
CA SER A 74 0.90 3.16 -3.71
C SER A 74 1.64 4.05 -4.70
N LEU A 75 2.94 4.21 -4.50
CA LEU A 75 3.77 5.04 -5.38
C LEU A 75 3.77 4.49 -6.80
N THR A 76 3.96 3.18 -6.92
CA THR A 76 4.03 2.53 -8.22
C THR A 76 2.67 2.55 -8.93
N ASP A 77 1.61 2.21 -8.20
CA ASP A 77 0.28 2.11 -8.80
C ASP A 77 -0.21 3.46 -9.30
N LEU A 78 -0.05 4.49 -8.48
CA LEU A 78 -0.45 5.85 -8.86
C LEU A 78 0.32 6.26 -10.11
N LEU A 79 1.62 5.96 -10.13
CA LEU A 79 2.47 6.27 -11.26
C LEU A 79 1.94 5.61 -12.53
N ILE A 80 1.68 4.30 -12.45
CA ILE A 80 1.20 3.54 -13.61
C ILE A 80 -0.06 4.14 -14.20
N ALA A 81 -0.97 4.54 -13.33
CA ALA A 81 -2.25 5.12 -13.75
C ALA A 81 -2.05 6.42 -14.54
N GLU A 82 -1.04 7.19 -14.16
CA GLU A 82 -0.81 8.50 -14.77
C GLU A 82 0.25 8.47 -15.85
N SER A 83 0.68 7.28 -16.24
CA SER A 83 1.72 7.14 -17.25
C SER A 83 1.25 6.32 -18.44
N ALA A 84 0.00 6.52 -18.79
CA ALA A 84 -0.58 6.00 -20.03
C ALA A 84 -0.71 4.49 -20.02
N GLU A 85 -0.66 3.90 -18.83
CA GLU A 85 -0.95 2.47 -18.63
C GLU A 85 0.15 1.55 -19.15
N SER A 86 0.81 1.95 -20.24
CA SER A 86 1.87 1.13 -20.82
C SER A 86 3.19 1.90 -20.94
N ASN A 87 3.21 3.12 -20.43
CA ASN A 87 4.42 3.93 -20.47
C ASN A 87 4.98 4.08 -19.05
N TYR A 88 4.38 3.36 -18.13
CA TYR A 88 4.70 3.46 -16.72
C TYR A 88 6.13 3.01 -16.43
N ASN A 89 6.63 2.06 -17.22
CA ASN A 89 7.97 1.51 -17.02
C ASN A 89 9.02 2.61 -17.12
N ASN A 90 8.77 3.58 -17.98
CA ASN A 90 9.70 4.70 -18.20
C ASN A 90 9.90 5.51 -16.92
N GLN A 91 8.81 5.70 -16.18
CA GLN A 91 8.87 6.47 -14.95
C GLN A 91 9.31 5.61 -13.77
N LEU A 92 8.91 4.34 -13.77
CA LEU A 92 9.33 3.41 -12.72
C LEU A 92 10.84 3.24 -12.71
N SER A 93 11.44 3.39 -13.88
CA SER A 93 12.88 3.37 -14.03
C SER A 93 13.54 4.35 -13.06
N GLU A 94 12.98 5.55 -12.97
CA GLU A 94 13.54 6.59 -12.14
C GLU A 94 13.04 6.43 -10.70
N LEU A 95 11.76 6.09 -10.56
CA LEU A 95 11.12 5.95 -9.26
C LEU A 95 11.88 4.95 -8.38
N THR A 96 12.19 3.79 -8.96
CA THR A 96 12.94 2.76 -8.23
C THR A 96 14.32 3.26 -7.81
N GLY A 97 14.94 4.05 -8.69
CA GLY A 97 16.23 4.63 -8.39
C GLY A 97 16.16 5.59 -7.22
N ILE A 98 15.11 6.42 -7.21
CA ILE A 98 14.87 7.37 -6.13
C ILE A 98 14.86 6.66 -4.78
N LEU A 99 14.04 5.61 -4.69
CA LEU A 99 13.94 4.82 -3.46
C LEU A 99 15.30 4.26 -3.09
N SER A 100 16.00 3.66 -4.06
CA SER A 100 17.31 3.10 -3.83
C SER A 100 18.27 4.16 -3.30
N ASN A 101 18.21 5.35 -3.91
CA ASN A 101 19.04 6.48 -3.50
C ASN A 101 18.76 6.85 -2.05
N CYS A 102 17.49 6.99 -1.72
CA CYS A 102 17.09 7.43 -0.40
C CYS A 102 17.44 6.42 0.68
N PHE A 103 17.24 5.12 0.39
CA PHE A 103 17.63 4.08 1.34
C PHE A 103 19.13 4.13 1.59
N ILE A 104 19.90 4.38 0.54
CA ILE A 104 21.34 4.52 0.67
C ILE A 104 21.71 5.67 1.60
N GLN A 105 21.00 6.79 1.48
CA GLN A 105 21.34 7.99 2.23
C GLN A 105 20.82 7.92 3.67
N THR A 106 19.94 6.98 3.95
CA THR A 106 19.37 6.84 5.28
C THR A 106 19.92 5.61 6.02
N THR A 107 19.81 4.45 5.39
CA THR A 107 20.25 3.21 6.03
C THR A 107 21.77 3.08 5.93
N GLY A 108 22.33 3.60 4.84
CA GLY A 108 23.75 3.45 4.59
C GLY A 108 24.04 2.22 3.76
N SER A 109 23.01 1.67 3.13
CA SER A 109 23.12 0.46 2.36
C SER A 109 21.91 0.34 1.42
N ASP A 110 21.86 -0.73 0.64
CA ASP A 110 20.74 -0.98 -0.24
C ASP A 110 19.74 -1.90 0.46
N ASN A 111 18.49 -1.83 0.05
CA ASN A 111 17.45 -2.66 0.63
C ASN A 111 16.72 -3.45 -0.45
N PRO A 112 17.26 -4.62 -0.83
CA PRO A 112 16.69 -5.45 -1.88
C PRO A 112 15.29 -5.94 -1.53
N ALA A 113 15.02 -6.07 -0.23
CA ALA A 113 13.72 -6.55 0.24
C ALA A 113 12.61 -5.59 -0.18
N PHE A 114 12.89 -4.29 -0.13
CA PHE A 114 11.92 -3.29 -0.51
C PHE A 114 11.72 -3.30 -2.02
N VAL A 115 12.82 -3.36 -2.75
CA VAL A 115 12.78 -3.38 -4.21
C VAL A 115 12.04 -4.62 -4.71
N SER A 116 12.17 -5.71 -3.97
CA SER A 116 11.49 -6.96 -4.31
C SER A 116 9.97 -6.78 -4.25
N ARG A 117 9.49 -5.95 -3.32
CA ARG A 117 8.06 -5.69 -3.22
C ARG A 117 7.60 -4.94 -4.45
N ILE A 118 8.35 -3.90 -4.83
CA ILE A 118 7.99 -3.07 -5.97
C ILE A 118 7.77 -3.89 -7.22
N GLN A 119 8.79 -4.65 -7.61
CA GLN A 119 8.78 -5.39 -8.87
C GLN A 119 7.68 -6.46 -8.91
N SER A 120 7.37 -7.05 -7.76
CA SER A 120 6.36 -8.10 -7.71
C SER A 120 4.95 -7.50 -7.62
N LEU A 121 4.83 -6.36 -6.95
CA LEU A 121 3.55 -5.67 -6.84
C LEU A 121 3.07 -5.18 -8.20
N ILE A 122 4.02 -4.84 -9.07
CA ILE A 122 3.71 -4.42 -10.43
C ILE A 122 2.83 -5.44 -11.15
N SER A 123 3.04 -6.72 -10.84
CA SER A 123 2.30 -7.81 -11.48
C SER A 123 0.80 -7.72 -11.18
N VAL A 124 0.46 -7.07 -10.06
CA VAL A 124 -0.91 -6.89 -9.67
C VAL A 124 -1.40 -5.49 -10.03
N LEU A 125 -0.48 -4.53 -9.99
CA LEU A 125 -0.81 -3.15 -10.30
C LEU A 125 -1.13 -2.97 -11.78
N SER A 126 -0.30 -3.55 -12.63
CA SER A 126 -0.53 -3.49 -14.07
C SER A 126 -1.22 -4.76 -14.56
N GLN A 127 -1.98 -5.39 -13.66
CA GLN A 127 -2.69 -6.62 -13.95
C GLN A 127 -4.03 -6.32 -14.64
N ASN A 128 -4.13 -5.14 -15.21
CA ASN A 128 -5.35 -4.73 -15.87
C ASN A 128 -5.49 -5.43 -17.22
N THR A 129 -6.46 -6.34 -17.30
CA THR A 129 -6.71 -7.08 -18.52
C THR A 129 -8.18 -6.97 -18.92
N ASP A 130 -8.81 -5.92 -18.39
CA ASP A 130 -10.20 -5.55 -18.70
C ASP A 130 -11.22 -6.53 -18.08
N VAL A 131 -10.83 -7.79 -18.02
CA VAL A 131 -11.71 -8.84 -17.54
C VAL A 131 -11.45 -9.14 -16.06
N ASN A 132 -10.61 -8.33 -15.44
CA ASN A 132 -10.27 -8.51 -14.03
C ASN A 132 -11.34 -7.89 -13.15
N ILE A 133 -12.50 -8.52 -13.11
CA ILE A 133 -13.60 -8.09 -12.27
C ILE A 133 -14.23 -9.27 -11.57
N ILE A 134 -13.45 -9.90 -10.69
CA ILE A 134 -13.91 -11.06 -9.94
C ILE A 134 -14.98 -10.65 -8.94
N SER A 135 -16.22 -10.98 -9.24
CA SER A 135 -17.36 -10.53 -8.46
C SER A 135 -17.79 -11.57 -7.45
N THR A 136 -16.83 -12.23 -6.84
CA THR A 136 -17.10 -13.25 -5.84
C THR A 136 -17.33 -12.61 -4.47
N ALA A 137 -16.93 -11.35 -4.36
CA ALA A 137 -17.13 -10.58 -3.14
C ALA A 137 -17.29 -9.10 -3.49
N GLY B 1 -21.38 -7.77 -8.98
CA GLY B 1 -21.01 -7.88 -10.38
C GLY B 1 -20.99 -6.53 -11.08
N ALA B 2 -20.63 -5.48 -10.34
CA ALA B 2 -20.53 -4.15 -10.92
C ALA B 2 -19.28 -4.05 -11.81
N VAL B 3 -19.51 -3.85 -13.11
CA VAL B 3 -18.45 -3.90 -14.10
C VAL B 3 -17.44 -2.77 -13.90
N THR B 4 -16.24 -3.16 -13.47
CA THR B 4 -15.12 -2.25 -13.31
C THR B 4 -15.48 -1.06 -12.40
N ALA B 5 -16.37 -1.31 -11.45
CA ALA B 5 -16.83 -0.28 -10.53
C ALA B 5 -15.71 0.23 -9.64
N VAL B 6 -15.28 1.45 -9.90
CA VAL B 6 -14.26 2.11 -9.09
C VAL B 6 -14.83 2.51 -7.74
N PRO B 7 -14.13 2.18 -6.65
CA PRO B 7 -14.54 2.55 -5.30
C PRO B 7 -14.69 4.06 -5.11
N SER B 8 -15.93 4.52 -5.06
CA SER B 8 -16.23 5.93 -4.89
C SER B 8 -15.82 6.42 -3.50
N VAL B 9 -15.70 5.49 -2.57
CA VAL B 9 -15.34 5.81 -1.19
C VAL B 9 -13.97 6.49 -1.12
N PHE B 10 -13.10 6.18 -2.07
CA PHE B 10 -11.75 6.74 -2.08
C PHE B 10 -11.72 8.11 -2.75
N SER B 11 -12.88 8.57 -3.18
CA SER B 11 -12.99 9.87 -3.84
C SER B 11 -13.85 10.82 -3.03
N SER B 12 -14.24 10.40 -1.83
CA SER B 12 -15.07 11.24 -0.98
C SER B 12 -14.73 11.04 0.50
N PRO B 13 -14.28 12.11 1.18
CA PRO B 13 -13.87 12.07 2.58
C PRO B 13 -14.99 11.61 3.51
N ASN B 14 -16.23 11.98 3.17
CA ASN B 14 -17.38 11.60 3.97
C ASN B 14 -17.62 10.10 3.89
N LEU B 15 -17.46 9.55 2.70
CA LEU B 15 -17.61 8.11 2.51
C LEU B 15 -16.44 7.38 3.15
N ALA B 16 -15.25 7.96 3.02
CA ALA B 16 -14.04 7.41 3.63
C ALA B 16 -14.21 7.28 5.14
N SER B 17 -14.71 8.34 5.77
CA SER B 17 -14.95 8.34 7.20
C SER B 17 -15.96 7.24 7.56
N GLY B 18 -17.01 7.12 6.76
CA GLY B 18 -18.02 6.10 7.00
C GLY B 18 -17.48 4.70 6.82
N PHE B 19 -16.69 4.52 5.77
CA PHE B 19 -16.05 3.24 5.50
C PHE B 19 -15.12 2.86 6.64
N LEU B 20 -14.39 3.84 7.14
CA LEU B 20 -13.49 3.63 8.28
C LEU B 20 -14.27 3.18 9.51
N GLN B 21 -15.48 3.70 9.65
CA GLN B 21 -16.35 3.32 10.77
C GLN B 21 -16.82 1.88 10.65
N CYS B 22 -16.89 1.37 9.42
CA CYS B 22 -17.35 0.01 9.19
C CYS B 22 -16.17 -0.94 9.25
N LEU B 23 -15.07 -0.52 8.66
CA LEU B 23 -13.88 -1.34 8.54
C LEU B 23 -13.36 -1.74 9.92
N THR B 24 -13.20 -0.75 10.79
CA THR B 24 -12.69 -0.99 12.13
C THR B 24 -13.65 -1.87 12.92
N PHE B 25 -14.95 -1.63 12.74
CA PHE B 25 -15.98 -2.41 13.41
C PHE B 25 -15.98 -3.85 12.90
N GLY B 26 -15.87 -3.99 11.58
CA GLY B 26 -15.82 -5.31 10.98
C GLY B 26 -14.68 -6.14 11.53
N ILE B 27 -13.50 -5.55 11.59
CA ILE B 27 -12.31 -6.25 12.08
C ILE B 27 -12.46 -6.61 13.56
N GLY B 28 -12.92 -5.65 14.34
CA GLY B 28 -13.02 -5.83 15.78
C GLY B 28 -14.16 -6.76 16.19
N ASN B 29 -15.11 -6.96 15.29
CA ASN B 29 -16.29 -7.76 15.60
C ASN B 29 -16.11 -9.20 15.12
N SER B 30 -15.18 -9.41 14.20
CA SER B 30 -14.96 -10.74 13.64
C SER B 30 -14.20 -11.64 14.62
N PRO B 31 -14.67 -12.89 14.80
CA PRO B 31 -14.10 -13.83 15.79
C PRO B 31 -12.80 -14.48 15.32
N ALA B 32 -12.13 -13.83 14.38
CA ALA B 32 -10.85 -14.34 13.88
C ALA B 32 -9.74 -13.34 14.15
N PHE B 33 -10.09 -12.20 14.72
CA PHE B 33 -9.12 -11.15 14.96
C PHE B 33 -8.93 -10.92 16.46
N PRO B 34 -7.75 -11.31 16.97
CA PRO B 34 -7.39 -11.10 18.37
C PRO B 34 -7.12 -9.63 18.65
N THR B 35 -7.09 -9.27 19.93
CA THR B 35 -6.94 -7.89 20.34
C THR B 35 -5.67 -7.25 19.79
N GLN B 36 -4.63 -8.07 19.63
CA GLN B 36 -3.34 -7.56 19.18
C GLN B 36 -3.44 -7.14 17.72
N GLU B 37 -3.95 -8.02 16.88
CA GLU B 37 -4.08 -7.73 15.46
C GLU B 37 -5.25 -6.79 15.19
N GLN B 38 -6.26 -6.85 16.05
CA GLN B 38 -7.41 -5.96 15.97
C GLN B 38 -6.94 -4.51 15.99
N GLN B 39 -6.10 -4.17 16.96
CA GLN B 39 -5.64 -2.80 17.14
C GLN B 39 -4.67 -2.38 16.05
N ASP B 40 -3.90 -3.32 15.53
CA ASP B 40 -2.90 -2.98 14.52
C ASP B 40 -3.56 -2.76 13.17
N LEU B 41 -4.50 -3.63 12.83
CA LEU B 41 -5.28 -3.47 11.60
C LEU B 41 -6.12 -2.21 11.67
N ASP B 42 -6.68 -1.94 12.86
CA ASP B 42 -7.41 -0.70 13.13
C ASP B 42 -6.51 0.51 12.89
N ALA B 43 -5.25 0.37 13.30
CA ALA B 43 -4.28 1.44 13.16
C ALA B 43 -3.98 1.72 11.68
N ILE B 44 -3.75 0.68 10.91
CA ILE B 44 -3.47 0.82 9.49
C ILE B 44 -4.68 1.39 8.74
N ALA B 45 -5.85 0.87 9.09
CA ALA B 45 -7.09 1.29 8.45
C ALA B 45 -7.31 2.80 8.60
N GLN B 46 -7.07 3.31 9.80
CA GLN B 46 -7.32 4.72 10.08
C GLN B 46 -6.24 5.61 9.49
N VAL B 47 -5.27 5.01 8.80
CA VAL B 47 -4.24 5.76 8.11
C VAL B 47 -4.63 5.96 6.66
N ILE B 48 -4.99 4.88 5.98
CA ILE B 48 -5.39 4.96 4.58
C ILE B 48 -6.65 5.79 4.44
N LEU B 49 -7.64 5.52 5.29
CA LEU B 49 -8.92 6.22 5.26
C LEU B 49 -8.78 7.64 5.81
N ASN B 50 -7.59 7.99 6.28
CA ASN B 50 -7.33 9.31 6.80
C ASN B 50 -6.79 10.20 5.69
N ALA B 51 -5.97 9.62 4.83
CA ALA B 51 -5.35 10.35 3.73
C ALA B 51 -6.39 10.70 2.67
N VAL B 52 -7.36 9.81 2.50
CA VAL B 52 -8.43 10.02 1.54
C VAL B 52 -9.41 11.08 2.04
N SER B 53 -9.41 11.32 3.34
CA SER B 53 -10.31 12.30 3.93
C SER B 53 -9.86 13.74 3.65
N THR B 54 -8.87 13.89 2.77
CA THR B 54 -8.42 15.21 2.35
C THR B 54 -8.06 15.20 0.87
N ASN B 55 -8.67 14.29 0.11
CA ASN B 55 -8.40 14.20 -1.32
C ASN B 55 -9.08 15.32 -2.08
N THR B 56 -8.32 16.37 -2.33
CA THR B 56 -8.76 17.45 -3.18
C THR B 56 -7.56 18.03 -3.92
N GLY B 57 -7.70 18.19 -5.22
CA GLY B 57 -6.63 18.75 -6.03
C GLY B 57 -6.87 18.54 -7.51
N ALA B 58 -6.08 17.68 -8.12
CA ALA B 58 -6.22 17.39 -9.53
C ALA B 58 -5.96 15.91 -9.82
N THR B 59 -4.91 15.38 -9.19
CA THR B 59 -4.51 14.00 -9.42
C THR B 59 -5.03 13.07 -8.33
N ALA B 60 -6.04 13.54 -7.60
CA ALA B 60 -6.63 12.77 -6.51
C ALA B 60 -7.32 11.51 -7.04
N SER B 61 -7.64 11.52 -8.32
CA SER B 61 -8.27 10.37 -8.96
C SER B 61 -7.32 9.16 -8.94
N ALA B 62 -6.07 9.39 -9.34
CA ALA B 62 -5.07 8.34 -9.31
C ALA B 62 -4.67 8.02 -7.87
N ARG B 63 -4.68 9.06 -7.03
CA ARG B 63 -4.39 8.89 -5.61
C ARG B 63 -5.39 7.94 -4.97
N ALA B 64 -6.66 8.11 -5.32
CA ALA B 64 -7.72 7.24 -4.82
C ALA B 64 -7.43 5.79 -5.17
N GLN B 65 -6.98 5.57 -6.39
CA GLN B 65 -6.64 4.23 -6.85
C GLN B 65 -5.44 3.68 -6.08
N ALA B 66 -4.46 4.54 -5.87
CA ALA B 66 -3.26 4.16 -5.12
C ALA B 66 -3.61 3.78 -3.68
N LEU B 67 -4.46 4.58 -3.04
CA LEU B 67 -4.90 4.31 -1.68
C LEU B 67 -5.73 3.05 -1.63
N SER B 68 -6.51 2.83 -2.68
CA SER B 68 -7.33 1.63 -2.81
C SER B 68 -6.45 0.38 -2.72
N THR B 69 -5.38 0.37 -3.49
CA THR B 69 -4.46 -0.75 -3.49
C THR B 69 -3.62 -0.77 -2.21
N ALA B 70 -3.19 0.40 -1.76
CA ALA B 70 -2.38 0.51 -0.55
C ALA B 70 -3.09 -0.08 0.66
N LEU B 71 -4.40 0.13 0.73
CA LEU B 71 -5.21 -0.41 1.81
C LEU B 71 -5.10 -1.93 1.86
N ALA B 72 -5.40 -2.56 0.74
CA ALA B 72 -5.35 -4.02 0.64
C ALA B 72 -3.93 -4.54 0.87
N SER B 73 -2.96 -3.81 0.34
CA SER B 73 -1.56 -4.19 0.45
C SER B 73 -1.11 -4.22 1.91
N SER B 74 -1.29 -3.10 2.60
CA SER B 74 -0.80 -2.96 3.97
C SER B 74 -1.51 -3.90 4.93
N LEU B 75 -2.83 -4.02 4.78
CA LEU B 75 -3.62 -4.92 5.63
C LEU B 75 -3.16 -6.37 5.47
N THR B 76 -2.92 -6.79 4.24
CA THR B 76 -2.52 -8.16 3.97
C THR B 76 -1.10 -8.43 4.44
N ASP B 77 -0.20 -7.49 4.18
CA ASP B 77 1.22 -7.63 4.55
C ASP B 77 1.36 -7.89 6.05
N LEU B 78 0.84 -6.97 6.85
CA LEU B 78 0.92 -7.04 8.30
C LEU B 78 0.29 -8.33 8.81
N LEU B 79 -0.87 -8.67 8.25
CA LEU B 79 -1.61 -9.84 8.66
C LEU B 79 -0.77 -11.11 8.47
N ILE B 80 -0.21 -11.29 7.28
CA ILE B 80 0.56 -12.47 6.96
C ILE B 80 1.79 -12.60 7.86
N ALA B 81 2.50 -11.49 8.02
CA ALA B 81 3.74 -11.46 8.79
C ALA B 81 3.56 -12.02 10.20
N GLU B 82 2.57 -11.53 10.92
CA GLU B 82 2.37 -11.93 12.31
C GLU B 82 1.53 -13.20 12.41
N SER B 83 1.15 -13.76 11.27
CA SER B 83 0.36 -14.99 11.27
C SER B 83 1.18 -16.18 10.78
N ALA B 84 2.49 -16.09 10.94
CA ALA B 84 3.40 -17.21 10.71
C ALA B 84 3.42 -17.67 9.25
N GLU B 85 3.00 -16.78 8.36
CA GLU B 85 3.08 -16.99 6.90
C GLU B 85 2.01 -17.95 6.38
N SER B 86 1.78 -19.04 7.07
CA SER B 86 0.83 -20.04 6.59
C SER B 86 -0.51 -19.96 7.33
N ASN B 87 -0.52 -19.32 8.49
CA ASN B 87 -1.72 -19.28 9.31
C ASN B 87 -2.53 -18.00 9.05
N TYR B 88 -2.06 -17.21 8.11
CA TYR B 88 -2.68 -15.91 7.79
C TYR B 88 -4.10 -16.11 7.24
N ASN B 89 -4.33 -17.27 6.63
CA ASN B 89 -5.61 -17.56 5.99
C ASN B 89 -6.73 -17.63 7.02
N ASN B 90 -6.36 -17.86 8.28
CA ASN B 90 -7.32 -17.92 9.37
C ASN B 90 -8.05 -16.58 9.53
N GLN B 91 -7.33 -15.50 9.29
CA GLN B 91 -7.90 -14.17 9.41
C GLN B 91 -8.30 -13.63 8.04
N LEU B 92 -7.56 -14.04 7.01
CA LEU B 92 -7.84 -13.61 5.64
C LEU B 92 -9.27 -14.02 5.24
N SER B 93 -9.71 -15.15 5.75
CA SER B 93 -11.06 -15.67 5.51
C SER B 93 -12.13 -14.62 5.80
N GLU B 94 -11.94 -13.87 6.88
CA GLU B 94 -12.93 -12.89 7.29
C GLU B 94 -12.58 -11.51 6.73
N LEU B 95 -11.29 -11.28 6.54
CA LEU B 95 -10.78 -9.99 6.06
C LEU B 95 -11.45 -9.59 4.74
N THR B 96 -11.48 -10.51 3.80
CA THR B 96 -12.08 -10.24 2.49
C THR B 96 -13.56 -9.92 2.60
N GLY B 97 -14.23 -10.57 3.55
CA GLY B 97 -15.65 -10.35 3.75
C GLY B 97 -15.94 -8.97 4.31
N ILE B 98 -15.16 -8.57 5.31
CA ILE B 98 -15.30 -7.26 5.94
C ILE B 98 -15.22 -6.15 4.91
N LEU B 99 -14.20 -6.21 4.07
CA LEU B 99 -14.01 -5.22 3.02
C LEU B 99 -15.22 -5.15 2.10
N SER B 100 -15.61 -6.30 1.56
CA SER B 100 -16.73 -6.36 0.63
C SER B 100 -18.02 -5.85 1.27
N ASN B 101 -18.21 -6.19 2.53
CA ASN B 101 -19.38 -5.78 3.28
C ASN B 101 -19.41 -4.26 3.44
N CYS B 102 -18.29 -3.70 3.86
CA CYS B 102 -18.19 -2.27 4.12
C CYS B 102 -18.39 -1.46 2.85
N PHE B 103 -17.90 -1.95 1.72
CA PHE B 103 -18.14 -1.28 0.45
C PHE B 103 -19.64 -1.16 0.18
N ILE B 104 -20.35 -2.27 0.35
CA ILE B 104 -21.80 -2.28 0.19
C ILE B 104 -22.45 -1.24 1.08
N GLN B 105 -22.02 -1.16 2.33
CA GLN B 105 -22.65 -0.30 3.31
C GLN B 105 -22.21 1.16 3.16
N THR B 106 -21.21 1.41 2.32
CA THR B 106 -20.67 2.75 2.17
C THR B 106 -20.92 3.30 0.76
N THR B 107 -20.66 2.49 -0.26
CA THR B 107 -20.83 2.93 -1.63
C THR B 107 -22.24 2.63 -2.12
N GLY B 108 -22.85 1.63 -1.52
CA GLY B 108 -24.18 1.20 -1.93
C GLY B 108 -24.12 0.20 -3.06
N SER B 109 -22.97 -0.42 -3.25
CA SER B 109 -22.77 -1.39 -4.31
C SER B 109 -21.52 -2.21 -4.04
N ASP B 110 -21.31 -3.22 -4.86
CA ASP B 110 -20.12 -4.04 -4.76
C ASP B 110 -19.03 -3.48 -5.64
N ASN B 111 -17.78 -3.71 -5.24
CA ASN B 111 -16.64 -3.29 -6.02
C ASN B 111 -15.70 -4.48 -6.25
N PRO B 112 -16.02 -5.32 -7.23
CA PRO B 112 -15.26 -6.54 -7.52
C PRO B 112 -13.81 -6.26 -7.90
N ALA B 113 -13.58 -5.08 -8.47
CA ALA B 113 -12.25 -4.67 -8.88
C ALA B 113 -11.30 -4.60 -7.69
N PHE B 114 -11.84 -4.17 -6.55
CA PHE B 114 -11.06 -4.06 -5.32
C PHE B 114 -10.69 -5.45 -4.82
N VAL B 115 -11.67 -6.34 -4.85
CA VAL B 115 -11.46 -7.71 -4.39
C VAL B 115 -10.49 -8.44 -5.30
N SER B 116 -10.56 -8.13 -6.60
CA SER B 116 -9.62 -8.71 -7.57
C SER B 116 -8.19 -8.31 -7.23
N ARG B 117 -8.00 -7.04 -6.84
CA ARG B 117 -6.71 -6.57 -6.38
C ARG B 117 -6.23 -7.39 -5.20
N ILE B 118 -7.11 -7.57 -4.21
CA ILE B 118 -6.78 -8.32 -3.00
C ILE B 118 -6.31 -9.73 -3.33
N GLN B 119 -7.18 -10.49 -4.00
CA GLN B 119 -6.93 -11.91 -4.27
C GLN B 119 -5.57 -12.15 -4.92
N SER B 120 -5.26 -11.37 -5.94
CA SER B 120 -4.00 -11.51 -6.65
C SER B 120 -2.83 -11.02 -5.81
N LEU B 121 -3.04 -9.92 -5.10
CA LEU B 121 -1.98 -9.31 -4.29
C LEU B 121 -1.59 -10.23 -3.14
N ILE B 122 -2.56 -11.00 -2.64
CA ILE B 122 -2.31 -11.98 -1.59
C ILE B 122 -1.20 -12.95 -2.01
N SER B 123 -1.24 -13.38 -3.27
CA SER B 123 -0.30 -14.36 -3.77
C SER B 123 1.12 -13.76 -3.85
N VAL B 124 1.18 -12.44 -3.98
CA VAL B 124 2.44 -11.74 -4.07
C VAL B 124 2.99 -11.42 -2.67
N LEU B 125 2.08 -11.20 -1.72
CA LEU B 125 2.48 -10.96 -0.34
C LEU B 125 2.85 -12.27 0.35
N SER B 126 2.06 -13.29 0.09
CA SER B 126 2.28 -14.61 0.68
C SER B 126 3.27 -15.40 -0.17
N GLN B 127 4.07 -14.70 -0.95
CA GLN B 127 5.04 -15.31 -1.85
C GLN B 127 6.38 -15.49 -1.15
N ASN B 128 6.30 -15.79 0.14
CA ASN B 128 7.49 -16.00 0.96
C ASN B 128 8.14 -17.34 0.63
N THR B 129 9.10 -17.30 -0.29
CA THR B 129 9.85 -18.48 -0.65
C THR B 129 11.15 -18.05 -1.32
N ASP B 130 12.27 -18.50 -0.77
CA ASP B 130 13.62 -18.09 -1.23
C ASP B 130 13.85 -16.59 -0.96
N VAL B 131 12.93 -15.99 -0.22
CA VAL B 131 12.99 -14.57 0.09
C VAL B 131 13.66 -14.34 1.43
N ASN B 132 13.45 -15.26 2.33
CA ASN B 132 13.97 -15.14 3.68
C ASN B 132 15.23 -15.96 3.84
N ILE B 133 16.36 -15.32 3.62
CA ILE B 133 17.64 -15.99 3.71
C ILE B 133 18.53 -15.35 4.76
N ILE B 134 17.93 -14.49 5.57
CA ILE B 134 18.66 -13.80 6.62
C ILE B 134 19.11 -14.77 7.69
N SER B 135 20.36 -15.22 7.58
CA SER B 135 20.92 -16.16 8.52
C SER B 135 21.86 -15.45 9.48
N THR B 136 21.73 -14.13 9.52
CA THR B 136 22.64 -13.29 10.28
C THR B 136 22.01 -12.85 11.60
N ALA B 137 20.79 -13.33 11.86
CA ALA B 137 20.07 -12.95 13.06
C ALA B 137 19.28 -14.15 13.58
N GLY A 1 18.65 -17.36 0.23
CA GLY A 1 19.26 -16.02 0.47
C GLY A 1 18.64 -15.32 1.64
N ALA A 2 19.23 -14.20 2.03
CA ALA A 2 18.70 -13.40 3.14
C ALA A 2 19.22 -11.97 3.03
N VAL A 3 18.31 -11.02 3.06
CA VAL A 3 18.69 -9.61 3.01
C VAL A 3 19.43 -9.22 4.28
N THR A 4 20.66 -8.75 4.11
CA THR A 4 21.55 -8.49 5.23
C THR A 4 21.29 -7.10 5.84
N ALA A 5 20.08 -6.59 5.62
CA ALA A 5 19.72 -5.27 6.12
C ALA A 5 18.23 -5.20 6.42
N VAL A 6 17.91 -4.62 7.57
CA VAL A 6 16.52 -4.41 7.97
C VAL A 6 16.18 -2.92 7.81
N PRO A 7 15.10 -2.59 7.10
CA PRO A 7 14.71 -1.20 6.85
C PRO A 7 14.56 -0.40 8.13
N SER A 8 15.62 0.33 8.46
CA SER A 8 15.69 1.06 9.72
C SER A 8 14.91 2.35 9.65
N VAL A 9 14.49 2.71 8.44
CA VAL A 9 13.72 3.94 8.24
C VAL A 9 12.29 3.78 8.77
N PHE A 10 11.80 2.54 8.78
CA PHE A 10 10.45 2.27 9.24
C PHE A 10 10.41 1.91 10.72
N SER A 11 11.60 1.78 11.30
CA SER A 11 11.71 1.50 12.72
C SER A 11 12.15 2.75 13.48
N SER A 12 12.77 3.68 12.76
CA SER A 12 13.26 4.91 13.35
C SER A 12 12.52 6.12 12.77
N PRO A 13 11.67 6.77 13.59
CA PRO A 13 10.84 7.90 13.15
C PRO A 13 11.65 9.06 12.55
N ASN A 14 12.87 9.27 13.04
CA ASN A 14 13.70 10.35 12.57
C ASN A 14 14.19 10.09 11.15
N LEU A 15 14.49 8.83 10.85
CA LEU A 15 14.92 8.43 9.53
C LEU A 15 13.78 8.52 8.54
N ALA A 16 12.57 8.25 9.02
CA ALA A 16 11.36 8.32 8.20
C ALA A 16 11.19 9.73 7.64
N SER A 17 11.38 10.73 8.48
CA SER A 17 11.23 12.11 8.08
C SER A 17 12.29 12.48 7.04
N GLY A 18 13.52 12.04 7.27
CA GLY A 18 14.61 12.34 6.35
C GLY A 18 14.47 11.61 5.03
N PHE A 19 13.95 10.38 5.12
CA PHE A 19 13.72 9.55 3.93
C PHE A 19 12.72 10.22 3.01
N LEU A 20 11.68 10.79 3.60
CA LEU A 20 10.66 11.49 2.84
C LEU A 20 11.24 12.70 2.12
N GLN A 21 12.13 13.41 2.80
CA GLN A 21 12.65 14.67 2.28
C GLN A 21 13.79 14.47 1.29
N CYS A 22 14.23 13.24 1.11
CA CYS A 22 15.22 12.95 0.07
C CYS A 22 14.52 12.37 -1.15
N LEU A 23 13.39 11.69 -0.92
CA LEU A 23 12.58 11.20 -2.00
C LEU A 23 12.14 12.36 -2.90
N THR A 24 11.64 13.41 -2.27
CA THR A 24 11.17 14.58 -2.97
C THR A 24 12.32 15.28 -3.70
N PHE A 25 13.51 15.22 -3.13
CA PHE A 25 14.69 15.77 -3.76
C PHE A 25 15.00 15.01 -5.04
N GLY A 26 14.83 13.69 -5.00
CA GLY A 26 15.06 12.86 -6.17
C GLY A 26 13.96 13.01 -7.21
N ILE A 27 12.71 12.97 -6.76
CA ILE A 27 11.57 13.15 -7.66
C ILE A 27 11.67 14.50 -8.35
N GLY A 28 11.94 15.52 -7.57
CA GLY A 28 12.07 16.87 -8.12
C GLY A 28 13.46 17.17 -8.61
N ASN A 29 14.06 16.21 -9.29
CA ASN A 29 15.42 16.37 -9.81
C ASN A 29 15.52 15.73 -11.18
N SER A 30 14.82 14.62 -11.36
CA SER A 30 14.85 13.89 -12.62
C SER A 30 13.91 14.52 -13.64
N PRO A 31 14.33 14.57 -14.91
CA PRO A 31 13.50 15.09 -16.01
C PRO A 31 12.28 14.20 -16.28
N ALA A 32 12.27 13.02 -15.67
CA ALA A 32 11.18 12.07 -15.84
C ALA A 32 10.07 12.34 -14.82
N PHE A 33 10.16 13.46 -14.13
CA PHE A 33 9.13 13.84 -13.19
C PHE A 33 8.76 15.31 -13.36
N PRO A 34 7.54 15.56 -13.83
CA PRO A 34 7.01 16.92 -13.92
C PRO A 34 6.60 17.44 -12.54
N THR A 35 6.45 18.75 -12.42
CA THR A 35 6.25 19.39 -11.13
C THR A 35 4.93 18.99 -10.47
N GLN A 36 3.88 18.83 -11.27
CA GLN A 36 2.57 18.50 -10.73
C GLN A 36 2.53 17.03 -10.34
N GLU A 37 3.14 16.20 -11.16
CA GLU A 37 3.24 14.77 -10.90
C GLU A 37 4.10 14.54 -9.66
N GLN A 38 5.16 15.33 -9.52
CA GLN A 38 5.99 15.31 -8.33
C GLN A 38 5.14 15.56 -7.10
N GLN A 39 4.27 16.55 -7.20
CA GLN A 39 3.39 16.95 -6.10
C GLN A 39 2.44 15.82 -5.73
N ASP A 40 2.09 15.00 -6.71
CA ASP A 40 1.15 13.91 -6.50
C ASP A 40 1.81 12.76 -5.76
N LEU A 41 2.99 12.37 -6.24
CA LEU A 41 3.77 11.32 -5.61
C LEU A 41 4.21 11.76 -4.21
N ASP A 42 4.49 13.05 -4.09
CA ASP A 42 4.83 13.66 -2.80
C ASP A 42 3.71 13.44 -1.78
N ALA A 43 2.47 13.50 -2.28
CA ALA A 43 1.30 13.39 -1.42
C ALA A 43 1.15 11.99 -0.85
N ILE A 44 1.42 10.98 -1.66
CA ILE A 44 1.31 9.60 -1.22
C ILE A 44 2.49 9.21 -0.33
N ALA A 45 3.68 9.60 -0.75
CA ALA A 45 4.90 9.23 -0.02
C ALA A 45 4.91 9.81 1.40
N GLN A 46 4.40 11.03 1.55
CA GLN A 46 4.44 11.71 2.84
C GLN A 46 3.55 11.01 3.87
N VAL A 47 2.54 10.29 3.39
CA VAL A 47 1.61 9.61 4.28
C VAL A 47 2.24 8.36 4.88
N ILE A 48 2.93 7.58 4.05
CA ILE A 48 3.55 6.35 4.51
C ILE A 48 4.59 6.62 5.59
N LEU A 49 5.49 7.54 5.31
CA LEU A 49 6.56 7.88 6.25
C LEU A 49 6.00 8.57 7.49
N ASN A 50 4.85 9.21 7.34
CA ASN A 50 4.18 9.87 8.46
C ASN A 50 3.72 8.85 9.49
N ALA A 51 3.39 7.66 9.00
CA ALA A 51 2.90 6.60 9.86
C ALA A 51 4.02 6.03 10.72
N VAL A 52 5.26 6.20 10.27
CA VAL A 52 6.41 5.71 11.01
C VAL A 52 6.65 6.55 12.26
N SER A 53 6.54 7.86 12.10
CA SER A 53 6.75 8.79 13.22
C SER A 53 5.71 8.59 14.31
N THR A 54 4.56 8.04 13.94
CA THR A 54 3.49 7.82 14.88
C THR A 54 3.25 6.32 15.10
N ASN A 55 4.19 5.50 14.63
CA ASN A 55 4.07 4.07 14.78
C ASN A 55 4.41 3.65 16.20
N THR A 56 3.41 3.72 17.04
CA THR A 56 3.55 3.36 18.45
C THR A 56 2.68 2.17 18.78
N GLY A 57 3.31 1.02 18.95
CA GLY A 57 2.59 -0.17 19.30
C GLY A 57 3.50 -1.34 19.55
N ALA A 58 3.02 -2.34 20.27
CA ALA A 58 3.80 -3.53 20.56
C ALA A 58 4.04 -4.34 19.29
N THR A 59 3.15 -4.15 18.32
CA THR A 59 3.23 -4.85 17.05
C THR A 59 3.67 -3.90 15.94
N ALA A 60 4.24 -2.76 16.34
CA ALA A 60 4.67 -1.75 15.38
C ALA A 60 5.74 -2.28 14.41
N SER A 61 6.39 -3.37 14.80
CA SER A 61 7.39 -4.01 13.97
C SER A 61 6.77 -4.57 12.69
N ALA A 62 5.60 -5.20 12.83
CA ALA A 62 4.90 -5.75 11.69
C ALA A 62 4.26 -4.63 10.87
N ARG A 63 3.90 -3.55 11.55
CA ARG A 63 3.33 -2.38 10.90
C ARG A 63 4.37 -1.72 10.01
N ALA A 64 5.61 -1.73 10.45
CA ALA A 64 6.71 -1.18 9.67
C ALA A 64 6.88 -1.95 8.36
N GLN A 65 6.66 -3.26 8.44
CA GLN A 65 6.71 -4.13 7.27
C GLN A 65 5.62 -3.74 6.27
N ALA A 66 4.41 -3.59 6.79
CA ALA A 66 3.27 -3.20 5.96
C ALA A 66 3.50 -1.86 5.28
N LEU A 67 4.15 -0.95 6.00
CA LEU A 67 4.44 0.39 5.49
C LEU A 67 5.35 0.30 4.27
N SER A 68 6.42 -0.50 4.35
CA SER A 68 7.34 -0.65 3.23
C SER A 68 6.64 -1.29 2.03
N THR A 69 5.73 -2.22 2.30
CA THR A 69 4.98 -2.86 1.23
C THR A 69 4.03 -1.86 0.57
N ALA A 70 3.29 -1.12 1.40
CA ALA A 70 2.33 -0.16 0.90
C ALA A 70 3.01 0.96 0.12
N LEU A 71 4.19 1.36 0.57
CA LEU A 71 4.95 2.42 -0.08
C LEU A 71 5.23 2.06 -1.54
N ALA A 72 5.87 0.91 -1.73
CA ALA A 72 6.22 0.45 -3.07
C ALA A 72 4.98 0.22 -3.93
N SER A 73 3.94 -0.34 -3.30
CA SER A 73 2.71 -0.66 -3.99
C SER A 73 2.00 0.61 -4.48
N SER A 74 1.76 1.54 -3.57
CA SER A 74 0.95 2.70 -3.88
C SER A 74 1.65 3.64 -4.87
N LEU A 75 2.93 3.88 -4.65
CA LEU A 75 3.69 4.78 -5.52
C LEU A 75 3.73 4.28 -6.96
N THR A 76 3.95 2.98 -7.11
CA THR A 76 4.03 2.39 -8.44
C THR A 76 2.68 2.36 -9.12
N ASP A 77 1.64 1.99 -8.38
CA ASP A 77 0.30 1.86 -8.94
C ASP A 77 -0.22 3.19 -9.47
N LEU A 78 0.00 4.25 -8.70
CA LEU A 78 -0.41 5.59 -9.11
C LEU A 78 0.34 6.00 -10.37
N LEU A 79 1.65 5.76 -10.38
CA LEU A 79 2.50 6.13 -11.51
C LEU A 79 2.01 5.44 -12.79
N ILE A 80 1.73 4.15 -12.69
CA ILE A 80 1.23 3.40 -13.84
C ILE A 80 -0.05 4.03 -14.38
N ALA A 81 -0.93 4.41 -13.47
CA ALA A 81 -2.24 4.92 -13.84
C ALA A 81 -2.16 6.27 -14.56
N GLU A 82 -1.46 7.23 -13.97
CA GLU A 82 -1.42 8.57 -14.55
C GLU A 82 -0.47 8.64 -15.75
N SER A 83 0.38 7.64 -15.89
CA SER A 83 1.33 7.59 -17.00
C SER A 83 0.76 6.80 -18.17
N ALA A 84 -0.56 6.92 -18.36
CA ALA A 84 -1.25 6.38 -19.53
C ALA A 84 -1.21 4.86 -19.58
N GLU A 85 -0.96 4.25 -18.42
CA GLU A 85 -1.05 2.79 -18.25
C GLU A 85 0.12 2.04 -18.87
N SER A 86 0.58 2.47 -20.04
CA SER A 86 1.66 1.78 -20.74
C SER A 86 2.93 2.63 -20.81
N ASN A 87 2.81 3.91 -20.49
CA ASN A 87 3.95 4.82 -20.63
C ASN A 87 4.65 5.01 -19.28
N TYR A 88 4.20 4.27 -18.30
CA TYR A 88 4.70 4.39 -16.93
C TYR A 88 6.17 3.99 -16.83
N ASN A 89 6.57 3.04 -17.67
CA ASN A 89 7.91 2.47 -17.60
C ASN A 89 8.99 3.51 -17.90
N ASN A 90 8.62 4.58 -18.59
CA ASN A 90 9.55 5.65 -18.91
C ASN A 90 10.04 6.35 -17.64
N GLN A 91 9.13 6.50 -16.68
CA GLN A 91 9.43 7.27 -15.47
C GLN A 91 9.57 6.34 -14.26
N LEU A 92 9.15 5.09 -14.43
CA LEU A 92 9.20 4.10 -13.36
C LEU A 92 10.65 3.81 -12.95
N SER A 93 11.53 3.74 -13.94
CA SER A 93 12.94 3.42 -13.70
C SER A 93 13.57 4.43 -12.73
N GLU A 94 13.16 5.69 -12.85
CA GLU A 94 13.69 6.75 -12.01
C GLU A 94 13.24 6.59 -10.57
N LEU A 95 11.93 6.46 -10.38
CA LEU A 95 11.35 6.35 -9.04
C LEU A 95 12.01 5.23 -8.23
N THR A 96 12.14 4.07 -8.86
CA THR A 96 12.76 2.92 -8.25
C THR A 96 14.15 3.25 -7.70
N GLY A 97 14.95 3.98 -8.48
CA GLY A 97 16.31 4.30 -8.07
C GLY A 97 16.35 5.28 -6.91
N ILE A 98 15.40 6.21 -6.89
CA ILE A 98 15.35 7.23 -5.84
C ILE A 98 15.00 6.58 -4.50
N LEU A 99 14.11 5.59 -4.54
CA LEU A 99 13.66 4.90 -3.35
C LEU A 99 14.82 4.15 -2.67
N SER A 100 15.51 3.31 -3.43
CA SER A 100 16.59 2.51 -2.89
C SER A 100 17.76 3.39 -2.46
N ASN A 101 18.00 4.45 -3.22
CA ASN A 101 19.04 5.41 -2.89
C ASN A 101 18.81 5.99 -1.49
N CYS A 102 17.58 6.43 -1.24
CA CYS A 102 17.22 7.00 0.05
C CYS A 102 17.38 5.98 1.18
N PHE A 103 17.13 4.71 0.90
CA PHE A 103 17.37 3.65 1.89
C PHE A 103 18.82 3.64 2.32
N ILE A 104 19.72 3.70 1.35
CA ILE A 104 21.15 3.76 1.60
C ILE A 104 21.50 4.95 2.48
N GLN A 105 20.90 6.08 2.18
CA GLN A 105 21.23 7.31 2.86
C GLN A 105 20.70 7.33 4.30
N THR A 106 19.59 6.65 4.53
CA THR A 106 18.95 6.67 5.84
C THR A 106 19.35 5.47 6.70
N THR A 107 19.25 4.27 6.14
CA THR A 107 19.52 3.06 6.90
C THR A 107 21.01 2.76 6.93
N GLY A 108 21.76 3.35 5.99
CA GLY A 108 23.17 3.06 5.85
C GLY A 108 23.39 1.69 5.25
N SER A 109 22.38 1.18 4.56
CA SER A 109 22.42 -0.15 3.97
C SER A 109 21.46 -0.24 2.79
N ASP A 110 21.48 -1.35 2.09
CA ASP A 110 20.61 -1.54 0.94
C ASP A 110 19.57 -2.61 1.23
N ASN A 111 18.36 -2.39 0.76
CA ASN A 111 17.27 -3.33 0.94
C ASN A 111 16.74 -3.82 -0.40
N PRO A 112 17.35 -4.87 -0.95
CA PRO A 112 16.96 -5.44 -2.25
C PRO A 112 15.54 -6.00 -2.21
N ALA A 113 15.07 -6.33 -1.01
CA ALA A 113 13.72 -6.83 -0.82
C ALA A 113 12.70 -5.80 -1.25
N PHE A 114 13.02 -4.53 -1.02
CA PHE A 114 12.12 -3.44 -1.39
C PHE A 114 12.06 -3.29 -2.91
N VAL A 115 13.22 -3.37 -3.54
CA VAL A 115 13.31 -3.30 -5.00
C VAL A 115 12.60 -4.51 -5.61
N SER A 116 12.71 -5.65 -4.94
CA SER A 116 12.03 -6.86 -5.36
C SER A 116 10.52 -6.67 -5.31
N ARG A 117 10.03 -5.98 -4.27
CA ARG A 117 8.61 -5.67 -4.16
C ARG A 117 8.15 -4.90 -5.38
N ILE A 118 8.81 -3.77 -5.64
CA ILE A 118 8.44 -2.90 -6.76
C ILE A 118 8.26 -3.68 -8.05
N GLN A 119 9.30 -4.39 -8.47
CA GLN A 119 9.28 -5.14 -9.73
C GLN A 119 8.16 -6.18 -9.75
N SER A 120 7.97 -6.86 -8.64
CA SER A 120 7.00 -7.94 -8.57
C SER A 120 5.57 -7.40 -8.50
N LEU A 121 5.43 -6.12 -8.18
CA LEU A 121 4.12 -5.50 -8.07
C LEU A 121 3.69 -4.93 -9.43
N ILE A 122 4.67 -4.61 -10.27
CA ILE A 122 4.40 -3.94 -11.54
C ILE A 122 3.52 -4.81 -12.43
N SER A 123 3.73 -6.10 -12.33
CA SER A 123 3.01 -7.07 -13.14
C SER A 123 1.51 -7.06 -12.83
N VAL A 124 1.17 -7.16 -11.55
CA VAL A 124 -0.22 -7.21 -11.13
C VAL A 124 -0.88 -5.85 -11.17
N LEU A 125 -0.10 -4.80 -10.97
CA LEU A 125 -0.62 -3.43 -11.01
C LEU A 125 -0.94 -3.01 -12.44
N SER A 126 -0.24 -3.60 -13.39
CA SER A 126 -0.48 -3.31 -14.80
C SER A 126 -1.51 -4.30 -15.36
N GLN A 127 -2.10 -5.11 -14.50
CA GLN A 127 -3.05 -6.11 -14.92
C GLN A 127 -4.47 -5.59 -14.73
N ASN A 128 -4.65 -4.29 -14.93
CA ASN A 128 -5.96 -3.66 -14.86
C ASN A 128 -6.78 -4.06 -16.08
N THR A 129 -7.38 -5.24 -16.00
CA THR A 129 -8.12 -5.79 -17.12
C THR A 129 -9.51 -5.18 -17.23
N ASP A 130 -9.58 -4.08 -17.98
CA ASP A 130 -10.86 -3.51 -18.37
C ASP A 130 -11.24 -4.07 -19.74
N VAL A 131 -10.30 -4.83 -20.30
CA VAL A 131 -10.52 -5.47 -21.59
C VAL A 131 -11.27 -6.76 -21.42
N ASN A 132 -10.74 -7.64 -20.58
CA ASN A 132 -11.36 -8.91 -20.30
C ASN A 132 -12.24 -8.79 -19.08
N ILE A 133 -13.30 -8.03 -19.20
CA ILE A 133 -14.27 -7.88 -18.12
C ILE A 133 -15.40 -8.87 -18.30
N ILE A 134 -15.25 -9.75 -19.27
CA ILE A 134 -16.28 -10.72 -19.56
C ILE A 134 -15.90 -12.10 -19.01
N SER A 135 -16.25 -12.32 -17.76
CA SER A 135 -16.10 -13.62 -17.13
C SER A 135 -17.46 -14.05 -16.62
N THR A 136 -18.47 -13.42 -17.18
CA THR A 136 -19.84 -13.58 -16.75
C THR A 136 -20.45 -14.87 -17.28
N ALA A 137 -19.91 -15.35 -18.39
CA ALA A 137 -20.40 -16.57 -19.03
C ALA A 137 -19.25 -17.27 -19.75
N GLY B 1 -19.13 -10.70 -11.07
CA GLY B 1 -18.48 -11.59 -12.01
C GLY B 1 -17.44 -10.86 -12.84
N ALA B 2 -16.44 -10.30 -12.16
CA ALA B 2 -15.38 -9.51 -12.81
C ALA B 2 -15.98 -8.27 -13.47
N VAL B 3 -16.11 -7.20 -12.69
CA VAL B 3 -16.70 -5.96 -13.17
C VAL B 3 -15.83 -4.77 -12.79
N THR B 4 -15.68 -3.83 -13.70
CA THR B 4 -14.95 -2.60 -13.43
C THR B 4 -15.76 -1.72 -12.50
N ALA B 5 -15.58 -1.89 -11.20
CA ALA B 5 -16.33 -1.15 -10.21
C ALA B 5 -15.45 -0.13 -9.51
N VAL B 6 -15.95 1.09 -9.38
CA VAL B 6 -15.21 2.16 -8.72
C VAL B 6 -15.79 2.40 -7.33
N PRO B 7 -14.99 2.18 -6.29
CA PRO B 7 -15.38 2.42 -4.90
C PRO B 7 -15.50 3.91 -4.58
N SER B 8 -16.73 4.39 -4.44
CA SER B 8 -16.98 5.80 -4.16
C SER B 8 -16.46 6.20 -2.78
N VAL B 9 -16.10 5.21 -1.98
CA VAL B 9 -15.57 5.46 -0.64
C VAL B 9 -14.19 6.13 -0.72
N PHE B 10 -13.47 5.88 -1.81
CA PHE B 10 -12.13 6.44 -1.97
C PHE B 10 -12.17 7.79 -2.67
N SER B 11 -13.36 8.24 -3.02
CA SER B 11 -13.54 9.51 -3.69
C SER B 11 -14.35 10.49 -2.84
N SER B 12 -14.58 10.13 -1.57
CA SER B 12 -15.36 10.98 -0.68
C SER B 12 -14.91 10.80 0.77
N PRO B 13 -14.44 11.89 1.40
CA PRO B 13 -13.96 11.89 2.80
C PRO B 13 -15.02 11.40 3.80
N ASN B 14 -16.27 11.74 3.55
CA ASN B 14 -17.36 11.34 4.43
C ASN B 14 -17.54 9.83 4.39
N LEU B 15 -17.41 9.25 3.21
CA LEU B 15 -17.53 7.81 3.07
C LEU B 15 -16.29 7.12 3.60
N ALA B 16 -15.14 7.76 3.42
CA ALA B 16 -13.89 7.26 3.98
C ALA B 16 -14.00 7.14 5.50
N SER B 17 -14.53 8.18 6.12
CA SER B 17 -14.75 8.19 7.56
C SER B 17 -15.76 7.11 7.95
N GLY B 18 -16.81 6.98 7.14
CA GLY B 18 -17.83 5.97 7.40
C GLY B 18 -17.31 4.56 7.22
N PHE B 19 -16.26 4.43 6.41
CA PHE B 19 -15.64 3.12 6.18
C PHE B 19 -14.73 2.78 7.34
N LEU B 20 -13.93 3.76 7.75
CA LEU B 20 -13.00 3.60 8.86
C LEU B 20 -13.74 3.25 10.15
N GLN B 21 -14.89 3.88 10.35
CA GLN B 21 -15.69 3.66 11.55
C GLN B 21 -16.40 2.31 11.51
N CYS B 22 -16.50 1.73 10.33
CA CYS B 22 -17.20 0.47 10.14
C CYS B 22 -16.22 -0.68 10.21
N LEU B 23 -15.07 -0.45 9.60
CA LEU B 23 -14.05 -1.48 9.48
C LEU B 23 -13.60 -1.97 10.84
N THR B 24 -13.33 -1.05 11.75
CA THR B 24 -12.85 -1.39 13.08
C THR B 24 -13.92 -2.17 13.85
N PHE B 25 -15.18 -1.85 13.59
CA PHE B 25 -16.29 -2.54 14.24
C PHE B 25 -16.37 -3.98 13.71
N GLY B 26 -16.12 -4.13 12.41
CA GLY B 26 -16.13 -5.45 11.81
C GLY B 26 -14.93 -6.28 12.24
N ILE B 27 -13.74 -5.68 12.18
CA ILE B 27 -12.53 -6.37 12.58
C ILE B 27 -12.60 -6.79 14.05
N GLY B 28 -13.06 -5.86 14.89
CA GLY B 28 -13.17 -6.14 16.31
C GLY B 28 -14.45 -6.89 16.65
N ASN B 29 -15.06 -7.51 15.64
CA ASN B 29 -16.24 -8.34 15.86
C ASN B 29 -15.99 -9.74 15.33
N SER B 30 -14.82 -9.92 14.72
CA SER B 30 -14.46 -11.19 14.13
C SER B 30 -13.62 -12.02 15.11
N PRO B 31 -13.84 -13.34 15.16
CA PRO B 31 -13.12 -14.24 16.07
C PRO B 31 -11.67 -14.48 15.63
N ALA B 32 -11.31 -13.97 14.46
CA ALA B 32 -9.96 -14.16 13.93
C ALA B 32 -9.04 -12.99 14.28
N PHE B 33 -9.62 -11.91 14.79
CA PHE B 33 -8.87 -10.70 15.01
C PHE B 33 -8.81 -10.35 16.49
N PRO B 34 -7.63 -10.51 17.09
CA PRO B 34 -7.38 -10.17 18.49
C PRO B 34 -7.31 -8.65 18.68
N THR B 35 -7.81 -8.17 19.81
CA THR B 35 -7.95 -6.73 20.05
C THR B 35 -6.62 -5.98 19.91
N GLN B 36 -5.56 -6.54 20.48
CA GLN B 36 -4.26 -5.87 20.48
C GLN B 36 -3.76 -5.65 19.04
N GLU B 37 -3.95 -6.66 18.20
CA GLU B 37 -3.47 -6.60 16.82
C GLU B 37 -4.58 -6.09 15.90
N GLN B 38 -5.76 -5.86 16.47
CA GLN B 38 -6.86 -5.26 15.74
C GLN B 38 -6.55 -3.80 15.46
N GLN B 39 -5.88 -3.17 16.44
CA GLN B 39 -5.42 -1.79 16.29
C GLN B 39 -4.40 -1.69 15.16
N ASP B 40 -3.82 -2.80 14.76
CA ASP B 40 -2.89 -2.82 13.63
C ASP B 40 -3.64 -2.60 12.34
N LEU B 41 -4.72 -3.32 12.16
CA LEU B 41 -5.58 -3.14 10.99
C LEU B 41 -6.19 -1.74 11.02
N ASP B 42 -6.59 -1.30 12.22
CA ASP B 42 -7.10 0.06 12.43
C ASP B 42 -6.05 1.09 12.02
N ALA B 43 -4.80 0.81 12.36
CA ALA B 43 -3.70 1.72 12.07
C ALA B 43 -3.51 1.89 10.57
N ILE B 44 -3.45 0.77 9.85
CA ILE B 44 -3.30 0.81 8.40
C ILE B 44 -4.50 1.49 7.76
N ALA B 45 -5.69 1.14 8.25
CA ALA B 45 -6.92 1.69 7.71
C ALA B 45 -6.98 3.21 7.89
N GLN B 46 -6.66 3.68 9.10
CA GLN B 46 -6.75 5.10 9.41
C GLN B 46 -5.74 5.89 8.56
N VAL B 47 -4.66 5.24 8.17
CA VAL B 47 -3.65 5.87 7.32
C VAL B 47 -4.18 6.02 5.89
N ILE B 48 -4.68 4.93 5.32
CA ILE B 48 -5.19 4.94 3.96
C ILE B 48 -6.39 5.86 3.82
N LEU B 49 -7.38 5.66 4.68
CA LEU B 49 -8.61 6.45 4.63
C LEU B 49 -8.34 7.91 4.97
N ASN B 50 -7.20 8.17 5.61
CA ASN B 50 -6.81 9.54 5.93
C ASN B 50 -6.48 10.29 4.65
N ALA B 51 -5.68 9.64 3.81
CA ALA B 51 -5.30 10.19 2.52
C ALA B 51 -6.52 10.36 1.63
N VAL B 52 -7.50 9.48 1.81
CA VAL B 52 -8.76 9.57 1.09
C VAL B 52 -9.53 10.81 1.52
N SER B 53 -9.55 11.05 2.83
CA SER B 53 -10.27 12.19 3.39
C SER B 53 -9.67 13.52 2.94
N THR B 54 -8.39 13.49 2.60
CA THR B 54 -7.69 14.71 2.19
C THR B 54 -7.41 14.67 0.68
N ASN B 55 -8.04 13.75 -0.03
CA ASN B 55 -7.84 13.60 -1.46
C ASN B 55 -8.38 14.81 -2.21
N THR B 56 -7.48 15.63 -2.71
CA THR B 56 -7.85 16.86 -3.40
C THR B 56 -7.22 16.95 -4.79
N GLY B 57 -8.06 17.03 -5.81
CA GLY B 57 -7.55 17.21 -7.16
C GLY B 57 -8.21 16.30 -8.17
N ALA B 58 -7.93 16.51 -9.44
CA ALA B 58 -8.50 15.68 -10.50
C ALA B 58 -7.84 14.31 -10.52
N THR B 59 -6.62 14.25 -10.03
CA THR B 59 -5.87 13.00 -9.96
C THR B 59 -6.28 12.18 -8.73
N ALA B 60 -7.30 12.66 -8.03
CA ALA B 60 -7.82 11.97 -6.85
C ALA B 60 -8.28 10.56 -7.21
N SER B 61 -8.70 10.38 -8.47
CA SER B 61 -9.14 9.09 -8.96
C SER B 61 -7.98 8.09 -8.98
N ALA B 62 -6.85 8.52 -9.54
CA ALA B 62 -5.65 7.68 -9.61
C ALA B 62 -5.13 7.39 -8.22
N ARG B 63 -5.19 8.40 -7.35
CA ARG B 63 -4.76 8.23 -5.97
C ARG B 63 -5.67 7.23 -5.25
N ALA B 64 -6.97 7.33 -5.51
CA ALA B 64 -7.94 6.41 -4.93
C ALA B 64 -7.58 4.97 -5.25
N GLN B 65 -7.23 4.72 -6.51
CA GLN B 65 -6.80 3.40 -6.94
C GLN B 65 -5.55 2.97 -6.17
N ALA B 66 -4.54 3.83 -6.16
CA ALA B 66 -3.28 3.55 -5.47
C ALA B 66 -3.50 3.30 -3.98
N LEU B 67 -4.45 4.03 -3.41
CA LEU B 67 -4.76 3.88 -1.99
C LEU B 67 -5.45 2.55 -1.73
N SER B 68 -6.40 2.18 -2.58
CA SER B 68 -7.09 0.90 -2.43
C SER B 68 -6.11 -0.25 -2.61
N THR B 69 -5.14 -0.07 -3.50
CA THR B 69 -4.08 -1.04 -3.71
C THR B 69 -3.21 -1.17 -2.46
N ALA B 70 -2.78 -0.03 -1.94
CA ALA B 70 -1.98 0.01 -0.72
C ALA B 70 -2.73 -0.62 0.44
N LEU B 71 -4.00 -0.27 0.57
CA LEU B 71 -4.86 -0.83 1.61
C LEU B 71 -4.91 -2.34 1.50
N ALA B 72 -5.25 -2.83 0.31
CA ALA B 72 -5.34 -4.27 0.06
C ALA B 72 -4.01 -4.96 0.38
N SER B 73 -2.93 -4.43 -0.15
CA SER B 73 -1.60 -5.01 0.02
C SER B 73 -1.20 -5.01 1.50
N SER B 74 -1.29 -3.85 2.13
CA SER B 74 -0.81 -3.66 3.49
C SER B 74 -1.62 -4.48 4.48
N LEU B 75 -2.91 -4.65 4.22
CA LEU B 75 -3.76 -5.45 5.09
C LEU B 75 -3.48 -6.94 4.90
N THR B 76 -2.85 -7.28 3.79
CA THR B 76 -2.56 -8.67 3.50
C THR B 76 -1.19 -9.07 4.04
N ASP B 77 -0.15 -8.28 3.76
CA ASP B 77 1.21 -8.65 4.15
C ASP B 77 1.35 -8.59 5.68
N LEU B 78 0.67 -7.65 6.29
CA LEU B 78 0.59 -7.56 7.74
C LEU B 78 -0.07 -8.81 8.31
N LEU B 79 -1.12 -9.26 7.62
CA LEU B 79 -1.93 -10.38 8.07
C LEU B 79 -1.21 -11.71 7.80
N ILE B 80 -0.20 -11.68 6.95
CA ILE B 80 0.63 -12.85 6.73
C ILE B 80 1.65 -12.98 7.85
N ALA B 81 2.17 -11.83 8.27
CA ALA B 81 3.25 -11.78 9.26
C ALA B 81 2.83 -12.35 10.61
N GLU B 82 1.78 -11.79 11.21
CA GLU B 82 1.40 -12.19 12.55
C GLU B 82 0.62 -13.51 12.55
N SER B 83 0.27 -14.00 11.38
CA SER B 83 -0.43 -15.26 11.26
C SER B 83 0.54 -16.39 10.94
N ALA B 84 1.82 -16.17 11.25
CA ALA B 84 2.84 -17.20 11.16
C ALA B 84 3.10 -17.62 9.71
N GLU B 85 2.64 -16.79 8.79
CA GLU B 85 2.89 -16.96 7.35
C GLU B 85 2.07 -18.08 6.74
N SER B 86 1.79 -19.14 7.50
CA SER B 86 1.00 -20.24 7.00
C SER B 86 -0.47 -20.08 7.39
N ASN B 87 -0.72 -19.52 8.56
CA ASN B 87 -2.07 -19.49 9.12
C ASN B 87 -2.83 -18.24 8.66
N TYR B 88 -2.21 -17.48 7.77
CA TYR B 88 -2.78 -16.20 7.32
C TYR B 88 -4.14 -16.40 6.64
N ASN B 89 -4.36 -17.60 6.11
CA ASN B 89 -5.60 -17.91 5.41
C ASN B 89 -6.79 -17.82 6.38
N ASN B 90 -6.51 -17.99 7.67
CA ASN B 90 -7.54 -17.92 8.71
C ASN B 90 -8.16 -16.54 8.78
N GLN B 91 -7.32 -15.52 8.88
CA GLN B 91 -7.80 -14.15 9.01
C GLN B 91 -8.14 -13.54 7.65
N LEU B 92 -7.46 -14.01 6.60
CA LEU B 92 -7.71 -13.52 5.25
C LEU B 92 -9.18 -13.74 4.86
N SER B 93 -9.72 -14.86 5.32
CA SER B 93 -11.12 -15.21 5.07
C SER B 93 -12.07 -14.17 5.65
N GLU B 94 -11.73 -13.63 6.81
CA GLU B 94 -12.62 -12.73 7.52
C GLU B 94 -12.39 -11.29 7.07
N LEU B 95 -11.13 -10.92 6.86
CA LEU B 95 -10.78 -9.57 6.45
C LEU B 95 -11.54 -9.17 5.18
N THR B 96 -11.52 -10.07 4.19
CA THR B 96 -12.20 -9.82 2.92
C THR B 96 -13.70 -9.63 3.10
N GLY B 97 -14.27 -10.35 4.05
CA GLY B 97 -15.70 -10.23 4.31
C GLY B 97 -16.04 -8.93 5.02
N ILE B 98 -15.20 -8.55 5.97
CA ILE B 98 -15.38 -7.30 6.70
C ILE B 98 -15.26 -6.11 5.76
N LEU B 99 -14.27 -6.16 4.88
CA LEU B 99 -14.05 -5.11 3.90
C LEU B 99 -15.29 -4.90 3.03
N SER B 100 -15.75 -5.97 2.40
CA SER B 100 -16.88 -5.90 1.48
C SER B 100 -18.16 -5.45 2.21
N ASN B 101 -18.32 -5.89 3.45
CA ASN B 101 -19.45 -5.49 4.28
C ASN B 101 -19.51 -3.97 4.39
N CYS B 102 -18.39 -3.37 4.76
CA CYS B 102 -18.32 -1.92 4.94
C CYS B 102 -18.34 -1.18 3.60
N PHE B 103 -17.83 -1.82 2.55
CA PHE B 103 -17.94 -1.25 1.20
C PHE B 103 -19.40 -1.09 0.82
N ILE B 104 -20.22 -2.09 1.11
CA ILE B 104 -21.66 -2.01 0.90
C ILE B 104 -22.26 -0.80 1.60
N GLN B 105 -21.89 -0.63 2.87
CA GLN B 105 -22.47 0.41 3.70
C GLN B 105 -22.03 1.81 3.26
N THR B 106 -20.90 1.89 2.58
CA THR B 106 -20.36 3.18 2.17
C THR B 106 -20.61 3.46 0.69
N THR B 107 -20.13 2.58 -0.17
CA THR B 107 -20.22 2.79 -1.62
C THR B 107 -21.63 2.53 -2.12
N GLY B 108 -22.37 1.69 -1.40
CA GLY B 108 -23.70 1.31 -1.84
C GLY B 108 -23.65 0.19 -2.86
N SER B 109 -22.55 -0.56 -2.86
CA SER B 109 -22.38 -1.66 -3.80
C SER B 109 -21.38 -2.67 -3.24
N ASP B 110 -21.31 -3.83 -3.86
CA ASP B 110 -20.45 -4.93 -3.40
C ASP B 110 -18.98 -4.57 -3.58
N ASN B 111 -18.65 -4.09 -4.79
CA ASN B 111 -17.28 -3.71 -5.14
C ASN B 111 -16.33 -4.92 -5.11
N PRO B 112 -16.32 -5.70 -6.20
CA PRO B 112 -15.45 -6.87 -6.30
C PRO B 112 -14.02 -6.50 -6.72
N ALA B 113 -13.85 -5.29 -7.24
CA ALA B 113 -12.56 -4.85 -7.75
C ALA B 113 -11.49 -4.83 -6.66
N PHE B 114 -11.90 -4.46 -5.45
CA PHE B 114 -10.97 -4.42 -4.33
C PHE B 114 -10.50 -5.84 -4.00
N VAL B 115 -11.42 -6.79 -4.09
CA VAL B 115 -11.10 -8.19 -3.80
C VAL B 115 -10.18 -8.76 -4.87
N SER B 116 -10.38 -8.32 -6.11
CA SER B 116 -9.52 -8.70 -7.21
C SER B 116 -8.07 -8.31 -6.93
N ARG B 117 -7.90 -7.09 -6.40
CA ARG B 117 -6.58 -6.60 -6.03
C ARG B 117 -5.94 -7.49 -4.96
N ILE B 118 -6.70 -7.76 -3.90
CA ILE B 118 -6.22 -8.58 -2.80
C ILE B 118 -5.68 -9.93 -3.30
N GLN B 119 -6.52 -10.67 -4.00
CA GLN B 119 -6.19 -12.03 -4.44
C GLN B 119 -4.96 -12.04 -5.36
N SER B 120 -4.77 -10.96 -6.10
CA SER B 120 -3.66 -10.85 -7.03
C SER B 120 -2.37 -10.46 -6.33
N LEU B 121 -2.51 -9.90 -5.13
CA LEU B 121 -1.36 -9.44 -4.37
C LEU B 121 -0.92 -10.47 -3.33
N ILE B 122 -1.75 -11.48 -3.12
CA ILE B 122 -1.46 -12.50 -2.12
C ILE B 122 -0.29 -13.36 -2.60
N SER B 123 -0.26 -13.60 -3.89
CA SER B 123 0.75 -14.44 -4.51
C SER B 123 2.13 -13.79 -4.41
N VAL B 124 2.22 -12.52 -4.79
CA VAL B 124 3.48 -11.79 -4.75
C VAL B 124 3.96 -11.59 -3.32
N LEU B 125 3.03 -11.52 -2.37
CA LEU B 125 3.37 -11.35 -0.97
C LEU B 125 3.87 -12.66 -0.37
N SER B 126 3.39 -13.77 -0.92
CA SER B 126 3.81 -15.09 -0.47
C SER B 126 5.14 -15.48 -1.13
N GLN B 127 5.70 -14.57 -1.91
CA GLN B 127 6.96 -14.83 -2.60
C GLN B 127 8.11 -14.16 -1.84
N ASN B 128 7.79 -13.64 -0.68
CA ASN B 128 8.78 -13.00 0.19
C ASN B 128 9.59 -14.06 0.91
N THR B 129 10.72 -14.44 0.33
CA THR B 129 11.57 -15.46 0.91
C THR B 129 13.06 -15.10 0.75
N ASP B 130 13.31 -13.80 0.69
CA ASP B 130 14.67 -13.27 0.52
C ASP B 130 15.38 -13.91 -0.66
N VAL B 131 14.63 -14.18 -1.73
CA VAL B 131 15.17 -14.88 -2.89
C VAL B 131 16.13 -14.00 -3.68
N ASN B 132 15.93 -12.69 -3.61
CA ASN B 132 16.74 -11.76 -4.39
C ASN B 132 17.40 -10.72 -3.50
N ILE B 133 18.71 -10.82 -3.37
CA ILE B 133 19.49 -9.82 -2.65
C ILE B 133 20.17 -8.87 -3.64
N ILE B 134 19.75 -8.96 -4.89
CA ILE B 134 20.25 -8.09 -5.94
C ILE B 134 19.55 -6.74 -5.88
N SER B 135 20.31 -5.66 -6.00
CA SER B 135 19.77 -4.32 -5.90
C SER B 135 20.63 -3.39 -6.72
N THR B 136 20.47 -3.47 -8.03
CA THR B 136 21.26 -2.66 -8.96
C THR B 136 20.86 -1.19 -8.90
N ALA B 137 19.70 -0.91 -8.33
CA ALA B 137 19.19 0.45 -8.23
C ALA B 137 19.92 1.21 -7.13
N GLY A 1 14.39 -19.20 14.37
CA GLY A 1 13.51 -18.32 13.58
C GLY A 1 14.00 -18.15 12.16
N ALA A 2 13.46 -17.16 11.46
CA ALA A 2 13.79 -16.92 10.05
C ALA A 2 14.43 -15.56 9.87
N VAL A 3 15.12 -15.38 8.75
CA VAL A 3 15.79 -14.12 8.47
C VAL A 3 14.79 -13.12 7.87
N THR A 4 14.67 -11.97 8.51
CA THR A 4 13.74 -10.95 8.06
C THR A 4 14.47 -9.62 7.89
N ALA A 5 14.54 -9.14 6.66
CA ALA A 5 15.26 -7.90 6.36
C ALA A 5 14.30 -6.74 6.10
N VAL A 6 14.18 -5.87 7.09
CA VAL A 6 13.33 -4.68 6.97
C VAL A 6 14.21 -3.43 6.92
N PRO A 7 13.96 -2.54 5.94
CA PRO A 7 14.68 -1.27 5.81
C PRO A 7 14.66 -0.46 7.11
N SER A 8 15.84 0.01 7.53
CA SER A 8 15.99 0.71 8.81
C SER A 8 15.18 2.01 8.84
N VAL A 9 14.83 2.53 7.67
CA VAL A 9 14.00 3.72 7.57
C VAL A 9 12.66 3.50 8.25
N PHE A 10 12.11 2.30 8.06
CA PHE A 10 10.82 1.95 8.63
C PHE A 10 10.99 1.43 10.06
N SER A 11 11.54 2.28 10.91
CA SER A 11 11.76 1.93 12.29
C SER A 11 12.17 3.18 13.08
N SER A 12 12.92 4.05 12.42
CA SER A 12 13.36 5.29 13.04
C SER A 12 12.64 6.47 12.40
N PRO A 13 11.79 7.17 13.18
CA PRO A 13 10.99 8.31 12.69
C PRO A 13 11.83 9.37 12.00
N ASN A 14 13.03 9.60 12.50
CA ASN A 14 13.92 10.62 11.95
C ASN A 14 14.40 10.21 10.57
N LEU A 15 14.58 8.90 10.36
CA LEU A 15 15.02 8.40 9.07
C LEU A 15 13.89 8.48 8.07
N ALA A 16 12.68 8.29 8.54
CA ALA A 16 11.49 8.41 7.71
C ALA A 16 11.38 9.84 7.17
N SER A 17 11.57 10.80 8.07
CA SER A 17 11.55 12.20 7.70
C SER A 17 12.68 12.50 6.72
N GLY A 18 13.88 12.05 7.05
CA GLY A 18 15.02 12.27 6.19
C GLY A 18 14.85 11.66 4.82
N PHE A 19 14.25 10.48 4.78
CA PHE A 19 13.98 9.80 3.52
C PHE A 19 13.01 10.62 2.67
N LEU A 20 11.95 11.11 3.30
CA LEU A 20 10.96 11.93 2.60
C LEU A 20 11.60 13.21 2.06
N GLN A 21 12.51 13.78 2.84
CA GLN A 21 13.20 15.01 2.45
C GLN A 21 14.17 14.76 1.31
N CYS A 22 14.52 13.50 1.10
CA CYS A 22 15.38 13.12 -0.02
C CYS A 22 14.50 12.79 -1.21
N LEU A 23 13.36 12.17 -0.92
CA LEU A 23 12.42 11.74 -1.93
C LEU A 23 11.88 12.94 -2.72
N THR A 24 11.52 13.99 -2.00
CA THR A 24 11.00 15.20 -2.62
C THR A 24 12.04 15.84 -3.54
N PHE A 25 13.31 15.71 -3.16
CA PHE A 25 14.39 16.25 -3.95
C PHE A 25 14.68 15.35 -5.16
N GLY A 26 14.67 14.04 -4.92
CA GLY A 26 14.96 13.08 -5.97
C GLY A 26 13.93 13.08 -7.08
N ILE A 27 12.66 13.01 -6.71
CA ILE A 27 11.57 12.99 -7.71
C ILE A 27 11.60 14.28 -8.52
N GLY A 28 11.97 15.38 -7.88
CA GLY A 28 12.05 16.65 -8.57
C GLY A 28 13.41 16.86 -9.22
N ASN A 29 14.10 15.76 -9.51
CA ASN A 29 15.40 15.81 -10.17
C ASN A 29 15.46 14.82 -11.31
N SER A 30 14.88 13.64 -11.11
CA SER A 30 14.83 12.62 -12.14
C SER A 30 14.19 13.14 -13.43
N PRO A 31 14.78 12.81 -14.59
CA PRO A 31 14.33 13.30 -15.90
C PRO A 31 13.06 12.60 -16.41
N ALA A 32 12.26 12.11 -15.48
CA ALA A 32 11.01 11.44 -15.82
C ALA A 32 9.88 11.87 -14.90
N PHE A 33 10.14 12.87 -14.06
CA PHE A 33 9.15 13.34 -13.11
C PHE A 33 9.09 14.85 -13.07
N PRO A 34 8.05 15.44 -13.66
CA PRO A 34 7.77 16.87 -13.52
C PRO A 34 7.27 17.21 -12.13
N THR A 35 7.22 18.49 -11.78
CA THR A 35 6.77 18.91 -10.46
C THR A 35 5.36 18.42 -10.15
N GLN A 36 4.53 18.33 -11.19
CA GLN A 36 3.16 17.85 -11.03
C GLN A 36 3.14 16.43 -10.46
N GLU A 37 3.93 15.55 -11.06
CA GLU A 37 4.00 14.17 -10.60
C GLU A 37 4.69 14.10 -9.26
N GLN A 38 5.73 14.92 -9.11
CA GLN A 38 6.49 15.00 -7.86
C GLN A 38 5.53 15.28 -6.70
N GLN A 39 4.79 16.38 -6.82
CA GLN A 39 3.91 16.84 -5.76
C GLN A 39 2.80 15.83 -5.44
N ASP A 40 2.35 15.11 -6.45
CA ASP A 40 1.29 14.13 -6.25
C ASP A 40 1.85 12.86 -5.63
N LEU A 41 3.04 12.47 -6.07
CA LEU A 41 3.72 11.29 -5.53
C LEU A 41 4.07 11.49 -4.07
N ASP A 42 4.66 12.64 -3.74
CA ASP A 42 5.08 12.89 -2.36
C ASP A 42 3.87 13.05 -1.46
N ALA A 43 2.74 13.43 -2.05
CA ALA A 43 1.49 13.56 -1.31
C ALA A 43 1.07 12.22 -0.73
N ILE A 44 1.27 11.16 -1.50
CA ILE A 44 0.95 9.82 -1.05
C ILE A 44 2.13 9.22 -0.28
N ALA A 45 3.34 9.51 -0.77
CA ALA A 45 4.56 8.99 -0.16
C ALA A 45 4.69 9.43 1.29
N GLN A 46 4.38 10.70 1.58
CA GLN A 46 4.50 11.23 2.93
C GLN A 46 3.66 10.41 3.91
N VAL A 47 2.53 9.91 3.44
CA VAL A 47 1.62 9.14 4.28
C VAL A 47 2.33 7.91 4.86
N ILE A 48 3.13 7.26 4.03
CA ILE A 48 3.87 6.09 4.46
C ILE A 48 4.92 6.45 5.50
N LEU A 49 5.68 7.51 5.23
CA LEU A 49 6.73 7.94 6.12
C LEU A 49 6.16 8.51 7.43
N ASN A 50 5.04 9.22 7.34
CA ASN A 50 4.37 9.75 8.51
C ASN A 50 3.91 8.61 9.42
N ALA A 51 3.51 7.51 8.80
CA ALA A 51 3.09 6.33 9.54
C ALA A 51 4.27 5.69 10.26
N VAL A 52 5.47 5.90 9.73
CA VAL A 52 6.68 5.40 10.37
C VAL A 52 7.01 6.23 11.60
N SER A 53 6.79 7.54 11.51
CA SER A 53 7.03 8.44 12.63
C SER A 53 6.09 8.10 13.79
N THR A 54 4.92 7.56 13.47
CA THR A 54 3.95 7.18 14.49
C THR A 54 4.09 5.69 14.84
N ASN A 55 5.20 5.09 14.42
CA ASN A 55 5.48 3.69 14.74
C ASN A 55 5.80 3.52 16.21
N THR A 56 4.80 3.14 16.97
CA THR A 56 4.98 2.82 18.37
C THR A 56 4.25 1.53 18.72
N GLY A 57 4.96 0.60 19.34
CA GLY A 57 4.35 -0.64 19.75
C GLY A 57 5.21 -1.84 19.41
N ALA A 58 4.89 -2.98 20.00
CA ALA A 58 5.63 -4.22 19.76
C ALA A 58 5.41 -4.71 18.33
N THR A 59 4.22 -4.45 17.80
CA THR A 59 3.87 -4.90 16.47
C THR A 59 4.25 -3.86 15.40
N ALA A 60 4.97 -2.82 15.83
CA ALA A 60 5.36 -1.75 14.92
C ALA A 60 6.27 -2.27 13.81
N SER A 61 7.08 -3.28 14.13
CA SER A 61 7.99 -3.86 13.17
C SER A 61 7.23 -4.50 11.99
N ALA A 62 6.15 -5.20 12.31
CA ALA A 62 5.32 -5.82 11.30
C ALA A 62 4.60 -4.78 10.47
N ARG A 63 4.13 -3.73 11.13
CA ARG A 63 3.45 -2.64 10.43
C ARG A 63 4.44 -1.87 9.56
N ALA A 64 5.69 -1.83 9.98
CA ALA A 64 6.74 -1.21 9.21
C ALA A 64 6.98 -1.98 7.91
N GLN A 65 6.93 -3.30 8.00
CA GLN A 65 7.04 -4.15 6.83
C GLN A 65 5.84 -3.91 5.91
N ALA A 66 4.67 -3.81 6.50
CA ALA A 66 3.45 -3.51 5.76
C ALA A 66 3.54 -2.16 5.07
N LEU A 67 4.18 -1.20 5.73
CA LEU A 67 4.40 0.12 5.16
C LEU A 67 5.38 0.05 4.00
N SER A 68 6.40 -0.78 4.16
CA SER A 68 7.39 -1.01 3.12
C SER A 68 6.71 -1.48 1.84
N THR A 69 5.79 -2.43 1.99
CA THR A 69 5.02 -2.95 0.87
C THR A 69 4.01 -1.90 0.37
N ALA A 70 3.42 -1.16 1.31
CA ALA A 70 2.43 -0.15 0.97
C ALA A 70 3.02 0.92 0.05
N LEU A 71 4.23 1.37 0.37
CA LEU A 71 4.91 2.38 -0.44
C LEU A 71 5.16 1.84 -1.84
N ALA A 72 5.68 0.61 -1.91
CA ALA A 72 5.99 -0.03 -3.18
C ALA A 72 4.72 -0.28 -3.99
N SER A 73 3.60 -0.37 -3.31
CA SER A 73 2.33 -0.65 -3.95
C SER A 73 1.66 0.65 -4.42
N SER A 74 1.38 1.54 -3.48
CA SER A 74 0.58 2.72 -3.73
C SER A 74 1.25 3.66 -4.73
N LEU A 75 2.53 3.94 -4.52
CA LEU A 75 3.26 4.89 -5.37
C LEU A 75 3.36 4.37 -6.80
N THR A 76 3.54 3.07 -6.94
CA THR A 76 3.65 2.46 -8.26
C THR A 76 2.31 2.51 -9.00
N ASP A 77 1.23 2.22 -8.29
CA ASP A 77 -0.11 2.22 -8.89
C ASP A 77 -0.48 3.62 -9.35
N LEU A 78 -0.24 4.60 -8.49
CA LEU A 78 -0.46 6.00 -8.82
C LEU A 78 0.33 6.39 -10.08
N LEU A 79 1.58 5.95 -10.12
CA LEU A 79 2.46 6.24 -11.25
C LEU A 79 1.88 5.62 -12.52
N ILE A 80 1.68 4.30 -12.52
CA ILE A 80 1.22 3.57 -13.70
C ILE A 80 -0.03 4.19 -14.31
N ALA A 81 -0.99 4.53 -13.46
CA ALA A 81 -2.26 5.06 -13.92
C ALA A 81 -2.11 6.36 -14.71
N GLU A 82 -1.42 7.33 -14.12
CA GLU A 82 -1.37 8.67 -14.71
C GLU A 82 -0.19 8.86 -15.65
N SER A 83 0.50 7.79 -15.98
CA SER A 83 1.61 7.84 -16.92
C SER A 83 1.19 7.29 -18.27
N ALA A 84 -0.08 7.50 -18.57
CA ALA A 84 -0.69 7.13 -19.84
C ALA A 84 -0.91 5.62 -19.93
N GLU A 85 -0.75 4.95 -18.79
CA GLU A 85 -1.08 3.53 -18.64
C GLU A 85 -0.08 2.61 -19.34
N SER A 86 0.52 3.08 -20.42
CA SER A 86 1.45 2.25 -21.18
C SER A 86 2.85 2.85 -21.19
N ASN A 87 2.98 4.11 -20.80
CA ASN A 87 4.28 4.78 -20.83
C ASN A 87 4.84 4.86 -19.41
N TYR A 88 4.22 4.10 -18.52
CA TYR A 88 4.57 4.09 -17.11
C TYR A 88 6.01 3.63 -16.89
N ASN A 89 6.47 2.73 -17.74
CA ASN A 89 7.79 2.12 -17.59
C ASN A 89 8.92 3.15 -17.71
N ASN A 90 8.73 4.13 -18.58
CA ASN A 90 9.74 5.17 -18.80
C ASN A 90 10.03 5.92 -17.50
N GLN A 91 8.98 6.26 -16.77
CA GLN A 91 9.09 7.04 -15.55
C GLN A 91 9.35 6.14 -14.36
N LEU A 92 8.79 4.94 -14.40
CA LEU A 92 8.95 3.94 -13.34
C LEU A 92 10.42 3.56 -13.17
N SER A 93 11.18 3.65 -14.25
CA SER A 93 12.59 3.33 -14.24
C SER A 93 13.35 4.24 -13.25
N GLU A 94 12.91 5.48 -13.14
CA GLU A 94 13.61 6.45 -12.29
C GLU A 94 13.14 6.37 -10.84
N LEU A 95 11.88 5.99 -10.64
CA LEU A 95 11.30 5.93 -9.30
C LEU A 95 12.12 5.03 -8.38
N THR A 96 12.43 3.83 -8.87
CA THR A 96 13.22 2.88 -8.10
C THR A 96 14.61 3.44 -7.79
N GLY A 97 15.19 4.15 -8.75
CA GLY A 97 16.50 4.74 -8.55
C GLY A 97 16.49 5.77 -7.43
N ILE A 98 15.44 6.58 -7.37
CA ILE A 98 15.28 7.56 -6.32
C ILE A 98 15.20 6.88 -4.96
N LEU A 99 14.35 5.87 -4.89
CA LEU A 99 14.11 5.14 -3.64
C LEU A 99 15.39 4.54 -3.10
N SER A 100 16.04 3.69 -3.90
CA SER A 100 17.27 3.02 -3.49
C SER A 100 18.34 4.04 -3.08
N ASN A 101 18.38 5.16 -3.79
CA ASN A 101 19.34 6.22 -3.51
C ASN A 101 19.10 6.81 -2.13
N CYS A 102 17.86 7.18 -1.86
CA CYS A 102 17.49 7.83 -0.60
C CYS A 102 17.56 6.86 0.57
N PHE A 103 17.32 5.57 0.30
CA PHE A 103 17.48 4.55 1.33
C PHE A 103 18.92 4.54 1.85
N ILE A 104 19.87 4.45 0.92
CA ILE A 104 21.28 4.46 1.26
C ILE A 104 21.66 5.69 2.07
N GLN A 105 21.05 6.82 1.75
CA GLN A 105 21.39 8.07 2.41
C GLN A 105 20.90 8.06 3.86
N THR A 106 19.81 7.34 4.11
CA THR A 106 19.21 7.32 5.43
C THR A 106 19.70 6.14 6.26
N THR A 107 19.64 4.95 5.69
CA THR A 107 20.08 3.74 6.38
C THR A 107 21.59 3.68 6.46
N GLY A 108 22.24 4.08 5.37
CA GLY A 108 23.68 3.94 5.27
C GLY A 108 24.07 2.52 4.91
N SER A 109 23.11 1.78 4.35
CA SER A 109 23.30 0.36 4.07
C SER A 109 22.28 -0.13 3.04
N ASP A 110 22.59 -1.23 2.38
CA ASP A 110 21.76 -1.74 1.29
C ASP A 110 20.62 -2.60 1.83
N ASN A 111 19.43 -2.38 1.30
CA ASN A 111 18.28 -3.20 1.64
C ASN A 111 17.43 -3.49 0.39
N PRO A 112 17.85 -4.49 -0.41
CA PRO A 112 17.23 -4.80 -1.70
C PRO A 112 15.82 -5.34 -1.58
N ALA A 113 15.42 -5.68 -0.36
CA ALA A 113 14.10 -6.25 -0.11
C ALA A 113 12.99 -5.32 -0.61
N PHE A 114 13.22 -4.02 -0.49
CA PHE A 114 12.22 -3.03 -0.86
C PHE A 114 11.98 -3.04 -2.36
N VAL A 115 13.07 -2.98 -3.14
CA VAL A 115 12.96 -2.90 -4.58
C VAL A 115 12.40 -4.19 -5.17
N SER A 116 12.68 -5.31 -4.52
CA SER A 116 12.12 -6.59 -4.93
C SER A 116 10.60 -6.57 -4.82
N ARG A 117 10.11 -6.05 -3.70
CA ARG A 117 8.67 -5.93 -3.48
C ARG A 117 8.02 -5.08 -4.58
N ILE A 118 8.71 -4.01 -4.96
CA ILE A 118 8.24 -3.11 -6.00
C ILE A 118 8.01 -3.87 -7.30
N GLN A 119 9.07 -4.54 -7.78
CA GLN A 119 9.06 -5.21 -9.07
C GLN A 119 7.90 -6.21 -9.19
N SER A 120 7.69 -6.99 -8.14
CA SER A 120 6.63 -7.99 -8.13
C SER A 120 5.25 -7.33 -8.20
N LEU A 121 5.09 -6.22 -7.49
CA LEU A 121 3.82 -5.52 -7.44
C LEU A 121 3.53 -4.81 -8.76
N ILE A 122 4.59 -4.38 -9.44
CA ILE A 122 4.47 -3.75 -10.75
C ILE A 122 3.73 -4.67 -11.73
N SER A 123 4.16 -5.93 -11.75
CA SER A 123 3.58 -6.91 -12.65
C SER A 123 2.10 -7.12 -12.35
N VAL A 124 1.72 -6.98 -11.09
CA VAL A 124 0.36 -7.16 -10.67
C VAL A 124 -0.52 -5.97 -11.08
N LEU A 125 -0.06 -4.77 -10.72
CA LEU A 125 -0.84 -3.55 -10.94
C LEU A 125 -1.05 -3.28 -12.44
N SER A 126 -0.08 -3.68 -13.24
CA SER A 126 -0.12 -3.40 -14.67
C SER A 126 -1.06 -4.35 -15.41
N GLN A 127 -1.59 -5.35 -14.71
CA GLN A 127 -2.44 -6.35 -15.36
C GLN A 127 -3.89 -6.25 -14.92
N ASN A 128 -4.26 -5.13 -14.34
CA ASN A 128 -5.65 -4.93 -13.93
C ASN A 128 -6.42 -4.16 -14.99
N THR A 129 -7.40 -4.82 -15.59
CA THR A 129 -8.17 -4.22 -16.66
C THR A 129 -9.56 -4.85 -16.75
N ASP A 130 -10.44 -4.23 -17.55
CA ASP A 130 -11.85 -4.58 -17.61
C ASP A 130 -12.07 -5.96 -18.23
N VAL A 131 -11.07 -6.46 -18.95
CA VAL A 131 -11.19 -7.75 -19.62
C VAL A 131 -11.16 -8.89 -18.61
N ASN A 132 -10.80 -8.59 -17.37
CA ASN A 132 -10.79 -9.60 -16.34
C ASN A 132 -11.15 -8.99 -14.99
N ILE A 133 -12.45 -8.90 -14.75
CA ILE A 133 -12.97 -8.42 -13.47
C ILE A 133 -13.97 -9.42 -12.90
N ILE A 134 -13.99 -10.60 -13.50
CA ILE A 134 -14.94 -11.63 -13.13
C ILE A 134 -14.46 -12.36 -11.88
N SER A 135 -15.18 -12.19 -10.78
CA SER A 135 -14.75 -12.68 -9.48
C SER A 135 -15.13 -14.16 -9.28
N THR A 136 -15.09 -14.90 -10.36
CA THR A 136 -15.45 -16.31 -10.34
C THR A 136 -14.22 -17.20 -10.13
N ALA A 137 -13.06 -16.56 -10.09
CA ALA A 137 -11.80 -17.27 -9.85
C ALA A 137 -11.40 -17.18 -8.38
N GLY B 1 -23.82 -7.44 -10.58
CA GLY B 1 -22.49 -6.98 -10.28
C GLY B 1 -22.06 -5.83 -11.18
N ALA B 2 -21.40 -4.84 -10.60
CA ALA B 2 -20.96 -3.68 -11.35
C ALA B 2 -19.58 -3.91 -11.96
N VAL B 3 -19.52 -3.88 -13.28
CA VAL B 3 -18.28 -4.08 -14.01
C VAL B 3 -17.28 -2.97 -13.67
N THR B 4 -16.14 -3.36 -13.13
CA THR B 4 -15.08 -2.43 -12.75
C THR B 4 -15.62 -1.38 -11.76
N ALA B 5 -16.40 -1.86 -10.78
CA ALA B 5 -16.91 -1.00 -9.72
C ALA B 5 -15.77 -0.45 -8.88
N VAL B 6 -15.49 0.84 -9.03
CA VAL B 6 -14.45 1.50 -8.26
C VAL B 6 -15.02 1.98 -6.92
N PRO B 7 -14.30 1.72 -5.81
CA PRO B 7 -14.74 2.14 -4.48
C PRO B 7 -14.84 3.66 -4.37
N SER B 8 -16.07 4.15 -4.43
CA SER B 8 -16.34 5.58 -4.36
C SER B 8 -15.96 6.14 -2.99
N VAL B 9 -15.79 5.24 -2.03
CA VAL B 9 -15.39 5.60 -0.68
C VAL B 9 -14.08 6.40 -0.66
N PHE B 10 -13.19 6.04 -1.57
CA PHE B 10 -11.86 6.66 -1.62
C PHE B 10 -11.90 7.98 -2.39
N SER B 11 -13.09 8.40 -2.78
CA SER B 11 -13.25 9.65 -3.51
C SER B 11 -14.07 10.64 -2.69
N SER B 12 -14.45 10.23 -1.47
CA SER B 12 -15.22 11.09 -0.58
C SER B 12 -14.79 10.90 0.88
N PRO B 13 -14.30 11.97 1.52
CA PRO B 13 -13.88 11.94 2.93
C PRO B 13 -15.01 11.47 3.86
N ASN B 14 -16.23 11.89 3.55
CA ASN B 14 -17.40 11.50 4.33
C ASN B 14 -17.62 10.00 4.25
N LEU B 15 -17.39 9.42 3.08
CA LEU B 15 -17.52 7.98 2.90
C LEU B 15 -16.37 7.25 3.56
N ALA B 16 -15.19 7.86 3.49
CA ALA B 16 -14.00 7.33 4.14
C ALA B 16 -14.25 7.12 5.63
N SER B 17 -14.84 8.14 6.25
CA SER B 17 -15.20 8.06 7.65
C SER B 17 -16.21 6.93 7.87
N GLY B 18 -17.25 6.91 7.04
CA GLY B 18 -18.28 5.90 7.17
C GLY B 18 -17.74 4.48 7.04
N PHE B 19 -16.85 4.27 6.08
CA PHE B 19 -16.25 2.96 5.87
C PHE B 19 -15.40 2.56 7.08
N LEU B 20 -14.63 3.52 7.57
CA LEU B 20 -13.76 3.29 8.72
C LEU B 20 -14.58 2.87 9.95
N GLN B 21 -15.73 3.51 10.13
CA GLN B 21 -16.61 3.22 11.26
C GLN B 21 -17.07 1.76 11.23
N CYS B 22 -17.23 1.22 10.04
CA CYS B 22 -17.72 -0.15 9.89
C CYS B 22 -16.56 -1.11 9.99
N LEU B 23 -15.45 -0.70 9.39
CA LEU B 23 -14.27 -1.53 9.26
C LEU B 23 -13.75 -1.96 10.63
N THR B 24 -13.51 -0.99 11.49
CA THR B 24 -12.96 -1.28 12.82
C THR B 24 -13.95 -2.08 13.65
N PHE B 25 -15.23 -1.80 13.47
CA PHE B 25 -16.29 -2.48 14.19
C PHE B 25 -16.38 -3.94 13.74
N GLY B 26 -16.34 -4.14 12.43
CA GLY B 26 -16.40 -5.48 11.86
C GLY B 26 -15.23 -6.34 12.30
N ILE B 27 -14.03 -5.74 12.29
CA ILE B 27 -12.83 -6.45 12.74
C ILE B 27 -12.97 -6.87 14.20
N GLY B 28 -13.48 -5.95 15.02
CA GLY B 28 -13.63 -6.21 16.44
C GLY B 28 -14.76 -7.17 16.74
N ASN B 29 -15.60 -7.44 15.75
CA ASN B 29 -16.72 -8.34 15.91
C ASN B 29 -16.51 -9.61 15.10
N SER B 30 -15.28 -9.81 14.62
CA SER B 30 -14.94 -11.03 13.93
C SER B 30 -14.05 -11.90 14.80
N PRO B 31 -14.40 -13.17 15.00
CA PRO B 31 -13.71 -14.08 15.93
C PRO B 31 -12.39 -14.62 15.36
N ALA B 32 -11.84 -13.92 14.39
CA ALA B 32 -10.57 -14.30 13.80
C ALA B 32 -9.55 -13.18 13.93
N PHE B 33 -9.88 -12.18 14.73
CA PHE B 33 -9.00 -11.05 14.94
C PHE B 33 -8.93 -10.68 16.41
N PRO B 34 -7.83 -11.04 17.08
CA PRO B 34 -7.60 -10.69 18.48
C PRO B 34 -7.46 -9.19 18.68
N THR B 35 -7.60 -8.75 19.92
CA THR B 35 -7.57 -7.32 20.26
C THR B 35 -6.35 -6.61 19.67
N GLN B 36 -5.19 -7.26 19.75
CA GLN B 36 -3.96 -6.70 19.21
C GLN B 36 -4.08 -6.48 17.71
N GLU B 37 -4.38 -7.55 16.98
CA GLU B 37 -4.45 -7.47 15.52
C GLU B 37 -5.60 -6.57 15.09
N GLN B 38 -6.67 -6.55 15.88
CA GLN B 38 -7.80 -5.67 15.63
C GLN B 38 -7.32 -4.23 15.58
N GLN B 39 -6.54 -3.83 16.58
CA GLN B 39 -6.02 -2.47 16.67
C GLN B 39 -4.90 -2.22 15.66
N ASP B 40 -4.14 -3.25 15.34
CA ASP B 40 -3.09 -3.11 14.34
C ASP B 40 -3.69 -2.88 12.96
N LEU B 41 -4.72 -3.64 12.64
CA LEU B 41 -5.46 -3.44 11.41
C LEU B 41 -6.14 -2.09 11.41
N ASP B 42 -6.77 -1.77 12.56
CA ASP B 42 -7.39 -0.46 12.78
C ASP B 42 -6.41 0.66 12.44
N ALA B 43 -5.22 0.57 13.01
CA ALA B 43 -4.20 1.61 12.87
C ALA B 43 -3.83 1.85 11.42
N ILE B 44 -3.49 0.79 10.70
CA ILE B 44 -3.05 0.91 9.32
C ILE B 44 -4.21 1.31 8.41
N ALA B 45 -5.38 0.73 8.67
CA ALA B 45 -6.56 0.98 7.86
C ALA B 45 -6.99 2.44 7.94
N GLN B 46 -7.07 2.98 9.15
CA GLN B 46 -7.56 4.34 9.34
C GLN B 46 -6.65 5.35 8.65
N VAL B 47 -5.36 5.05 8.57
CA VAL B 47 -4.41 5.92 7.89
C VAL B 47 -4.80 6.08 6.42
N ILE B 48 -5.25 4.99 5.82
CA ILE B 48 -5.68 5.00 4.43
C ILE B 48 -6.90 5.90 4.26
N LEU B 49 -7.87 5.76 5.16
CA LEU B 49 -9.09 6.56 5.10
C LEU B 49 -8.80 8.02 5.42
N ASN B 50 -7.82 8.26 6.27
CA ASN B 50 -7.38 9.61 6.57
C ASN B 50 -6.76 10.26 5.34
N ALA B 51 -6.09 9.44 4.53
CA ALA B 51 -5.51 9.91 3.27
C ALA B 51 -6.61 10.22 2.26
N VAL B 52 -7.70 9.47 2.34
CA VAL B 52 -8.87 9.72 1.49
C VAL B 52 -9.46 11.10 1.79
N SER B 53 -9.49 11.44 3.06
CA SER B 53 -10.06 12.71 3.50
C SER B 53 -9.21 13.90 3.02
N THR B 54 -7.99 13.62 2.59
CA THR B 54 -7.11 14.68 2.11
C THR B 54 -6.82 14.50 0.62
N ASN B 55 -7.67 13.71 -0.06
CA ASN B 55 -7.49 13.43 -1.47
C ASN B 55 -7.96 14.59 -2.34
N THR B 56 -7.36 15.74 -2.11
CA THR B 56 -7.64 16.89 -2.93
C THR B 56 -6.50 17.08 -3.94
N GLY B 57 -6.84 17.00 -5.21
CA GLY B 57 -5.86 17.23 -6.25
C GLY B 57 -6.44 17.07 -7.64
N ALA B 58 -5.56 16.92 -8.62
CA ALA B 58 -5.99 16.74 -10.00
C ALA B 58 -5.99 15.27 -10.38
N THR B 59 -4.98 14.55 -9.90
CA THR B 59 -4.86 13.14 -10.17
C THR B 59 -5.27 12.34 -8.94
N ALA B 60 -6.11 12.94 -8.12
CA ALA B 60 -6.61 12.31 -6.89
C ALA B 60 -7.44 11.07 -7.21
N SER B 61 -7.94 11.00 -8.43
CA SER B 61 -8.70 9.83 -8.88
C SER B 61 -7.80 8.59 -8.83
N ALA B 62 -6.58 8.73 -9.34
CA ALA B 62 -5.61 7.64 -9.31
C ALA B 62 -5.12 7.41 -7.89
N ARG B 63 -5.00 8.48 -7.12
CA ARG B 63 -4.57 8.36 -5.74
C ARG B 63 -5.59 7.54 -4.94
N ALA B 64 -6.85 7.68 -5.28
CA ALA B 64 -7.91 6.90 -4.66
C ALA B 64 -7.70 5.41 -4.93
N GLN B 65 -7.35 5.08 -6.17
CA GLN B 65 -7.07 3.70 -6.55
C GLN B 65 -5.81 3.23 -5.84
N ALA B 66 -4.80 4.10 -5.79
CA ALA B 66 -3.55 3.82 -5.11
C ALA B 66 -3.78 3.52 -3.62
N LEU B 67 -4.67 4.28 -3.01
CA LEU B 67 -5.03 4.07 -1.61
C LEU B 67 -5.77 2.75 -1.44
N SER B 68 -6.65 2.46 -2.39
CA SER B 68 -7.40 1.21 -2.39
C SER B 68 -6.44 0.02 -2.45
N THR B 69 -5.47 0.10 -3.36
CA THR B 69 -4.46 -0.93 -3.50
C THR B 69 -3.59 -1.02 -2.25
N ALA B 70 -3.22 0.14 -1.71
CA ALA B 70 -2.43 0.20 -0.49
C ALA B 70 -3.15 -0.48 0.67
N LEU B 71 -4.45 -0.21 0.78
CA LEU B 71 -5.26 -0.81 1.83
C LEU B 71 -5.26 -2.34 1.70
N ALA B 72 -5.43 -2.82 0.48
CA ALA B 72 -5.50 -4.25 0.23
C ALA B 72 -4.13 -4.92 0.39
N SER B 73 -3.07 -4.15 0.19
CA SER B 73 -1.71 -4.69 0.23
C SER B 73 -1.10 -4.60 1.63
N SER B 74 -1.20 -3.43 2.25
CA SER B 74 -0.55 -3.19 3.52
C SER B 74 -1.19 -4.02 4.63
N LEU B 75 -2.51 -4.09 4.62
CA LEU B 75 -3.24 -4.80 5.66
C LEU B 75 -2.98 -6.31 5.61
N THR B 76 -2.83 -6.85 4.40
CA THR B 76 -2.57 -8.28 4.25
C THR B 76 -1.16 -8.64 4.67
N ASP B 77 -0.18 -7.86 4.21
CA ASP B 77 1.22 -8.10 4.56
C ASP B 77 1.38 -8.09 6.08
N LEU B 78 0.79 -7.08 6.71
CA LEU B 78 0.78 -6.99 8.17
C LEU B 78 0.11 -8.21 8.78
N LEU B 79 -1.05 -8.57 8.26
CA LEU B 79 -1.82 -9.71 8.75
C LEU B 79 -0.98 -10.98 8.69
N ILE B 80 -0.44 -11.28 7.51
CA ILE B 80 0.33 -12.50 7.28
C ILE B 80 1.46 -12.65 8.31
N ALA B 81 2.14 -11.55 8.59
CA ALA B 81 3.28 -11.56 9.48
C ALA B 81 2.92 -12.02 10.89
N GLU B 82 1.83 -11.50 11.44
CA GLU B 82 1.49 -11.79 12.83
C GLU B 82 0.45 -12.91 12.96
N SER B 83 0.13 -13.55 11.85
CA SER B 83 -0.88 -14.61 11.88
C SER B 83 -0.22 -15.98 11.71
N ALA B 84 1.01 -16.07 12.17
CA ALA B 84 1.79 -17.30 12.18
C ALA B 84 2.28 -17.66 10.78
N GLU B 85 2.16 -16.70 9.87
CA GLU B 85 2.76 -16.76 8.53
C GLU B 85 2.01 -17.72 7.60
N SER B 86 1.67 -18.89 8.11
CA SER B 86 0.99 -19.89 7.29
C SER B 86 -0.47 -20.07 7.73
N ASN B 87 -0.88 -19.38 8.78
CA ASN B 87 -2.25 -19.50 9.29
C ASN B 87 -3.07 -18.26 8.91
N TYR B 88 -2.45 -17.37 8.15
CA TYR B 88 -3.08 -16.10 7.77
C TYR B 88 -4.35 -16.33 6.96
N ASN B 89 -4.43 -17.47 6.29
CA ASN B 89 -5.56 -17.79 5.43
C ASN B 89 -6.86 -17.88 6.23
N ASN B 90 -6.75 -18.22 7.50
CA ASN B 90 -7.92 -18.34 8.36
C ASN B 90 -8.53 -16.97 8.60
N GLN B 91 -7.68 -15.99 8.87
CA GLN B 91 -8.12 -14.64 9.17
C GLN B 91 -8.38 -13.85 7.90
N LEU B 92 -7.70 -14.27 6.83
CA LEU B 92 -7.81 -13.62 5.53
C LEU B 92 -9.26 -13.61 5.03
N SER B 93 -9.95 -14.73 5.19
CA SER B 93 -11.32 -14.86 4.72
C SER B 93 -12.25 -13.91 5.47
N GLU B 94 -11.90 -13.60 6.72
CA GLU B 94 -12.68 -12.68 7.51
C GLU B 94 -12.39 -11.24 7.08
N LEU B 95 -11.12 -10.95 6.86
CA LEU B 95 -10.70 -9.61 6.45
C LEU B 95 -11.37 -9.21 5.14
N THR B 96 -11.28 -10.09 4.15
CA THR B 96 -11.90 -9.85 2.85
C THR B 96 -13.40 -9.68 2.98
N GLY B 97 -13.99 -10.44 3.91
CA GLY B 97 -15.42 -10.33 4.17
C GLY B 97 -15.79 -8.98 4.76
N ILE B 98 -15.08 -8.59 5.82
CA ILE B 98 -15.34 -7.31 6.48
C ILE B 98 -15.21 -6.16 5.49
N LEU B 99 -14.16 -6.19 4.67
CA LEU B 99 -13.95 -5.19 3.63
C LEU B 99 -15.15 -5.13 2.69
N SER B 100 -15.48 -6.26 2.09
CA SER B 100 -16.58 -6.34 1.13
C SER B 100 -17.90 -5.91 1.78
N ASN B 101 -18.11 -6.33 3.02
CA ASN B 101 -19.31 -5.99 3.76
C ASN B 101 -19.42 -4.49 3.99
N CYS B 102 -18.34 -3.91 4.51
CA CYS B 102 -18.34 -2.49 4.86
C CYS B 102 -18.43 -1.61 3.61
N PHE B 103 -17.90 -2.07 2.48
CA PHE B 103 -18.09 -1.37 1.22
C PHE B 103 -19.57 -1.29 0.89
N ILE B 104 -20.24 -2.43 0.96
CA ILE B 104 -21.69 -2.51 0.74
C ILE B 104 -22.42 -1.53 1.64
N GLN B 105 -22.02 -1.49 2.90
CA GLN B 105 -22.72 -0.67 3.87
C GLN B 105 -22.50 0.82 3.61
N THR B 106 -21.35 1.16 3.05
CA THR B 106 -20.96 2.56 2.90
C THR B 106 -21.31 3.09 1.51
N THR B 107 -20.99 2.32 0.47
CA THR B 107 -21.33 2.72 -0.90
C THR B 107 -22.78 2.41 -1.20
N GLY B 108 -23.27 1.31 -0.64
CA GLY B 108 -24.60 0.84 -0.95
C GLY B 108 -24.62 0.08 -2.25
N SER B 109 -23.46 -0.47 -2.62
CA SER B 109 -23.32 -1.17 -3.89
C SER B 109 -22.21 -2.21 -3.82
N ASP B 110 -22.21 -3.13 -4.77
CA ASP B 110 -21.22 -4.20 -4.82
C ASP B 110 -19.87 -3.65 -5.28
N ASN B 111 -18.84 -4.48 -5.17
CA ASN B 111 -17.49 -4.07 -5.56
C ASN B 111 -16.61 -5.31 -5.81
N PRO B 112 -16.61 -5.80 -7.06
CA PRO B 112 -15.78 -6.95 -7.45
C PRO B 112 -14.35 -6.55 -7.80
N ALA B 113 -14.14 -5.26 -8.03
CA ALA B 113 -12.83 -4.77 -8.45
C ALA B 113 -11.84 -4.77 -7.30
N PHE B 114 -12.30 -4.34 -6.14
CA PHE B 114 -11.43 -4.22 -4.97
C PHE B 114 -10.92 -5.60 -4.54
N VAL B 115 -11.80 -6.59 -4.48
CA VAL B 115 -11.42 -7.92 -4.05
C VAL B 115 -10.45 -8.56 -5.04
N SER B 116 -10.56 -8.19 -6.31
CA SER B 116 -9.66 -8.68 -7.34
C SER B 116 -8.24 -8.17 -7.09
N ARG B 117 -8.14 -6.93 -6.62
CA ARG B 117 -6.85 -6.35 -6.27
C ARG B 117 -6.23 -7.08 -5.08
N ILE B 118 -7.07 -7.40 -4.09
CA ILE B 118 -6.60 -8.07 -2.88
C ILE B 118 -5.93 -9.40 -3.19
N GLN B 119 -6.66 -10.29 -3.85
CA GLN B 119 -6.19 -11.65 -4.13
C GLN B 119 -4.89 -11.63 -4.93
N SER B 120 -4.79 -10.69 -5.86
CA SER B 120 -3.63 -10.59 -6.73
C SER B 120 -2.38 -10.20 -5.93
N LEU B 121 -2.58 -9.39 -4.89
CA LEU B 121 -1.46 -8.95 -4.07
C LEU B 121 -1.06 -10.05 -3.08
N ILE B 122 -2.06 -10.78 -2.60
CA ILE B 122 -1.83 -11.89 -1.66
C ILE B 122 -0.87 -12.91 -2.25
N SER B 123 -1.08 -13.24 -3.52
CA SER B 123 -0.27 -14.25 -4.21
C SER B 123 1.22 -13.91 -4.13
N VAL B 124 1.54 -12.63 -4.28
CA VAL B 124 2.91 -12.18 -4.25
C VAL B 124 3.47 -12.22 -2.83
N LEU B 125 2.72 -11.67 -1.89
CA LEU B 125 3.15 -11.57 -0.50
C LEU B 125 3.38 -12.95 0.11
N SER B 126 2.54 -13.91 -0.27
CA SER B 126 2.58 -15.25 0.31
C SER B 126 3.72 -16.08 -0.28
N GLN B 127 4.31 -15.61 -1.37
CA GLN B 127 5.38 -16.35 -2.03
C GLN B 127 6.70 -15.60 -1.91
N ASN B 128 6.76 -14.66 -1.00
CA ASN B 128 7.97 -13.89 -0.76
C ASN B 128 8.75 -14.53 0.39
N THR B 129 9.83 -15.23 0.05
CA THR B 129 10.59 -15.99 1.02
C THR B 129 11.97 -16.28 0.45
N ASP B 130 12.96 -16.25 1.32
CA ASP B 130 14.34 -16.57 0.99
C ASP B 130 15.00 -15.48 0.16
N VAL B 131 14.25 -14.96 -0.78
CA VAL B 131 14.74 -13.98 -1.74
C VAL B 131 15.00 -12.63 -1.08
N ASN B 132 14.22 -12.29 -0.07
CA ASN B 132 14.33 -10.97 0.54
C ASN B 132 14.73 -11.07 2.00
N ILE B 133 15.52 -12.08 2.32
CA ILE B 133 16.10 -12.17 3.66
C ILE B 133 17.47 -11.51 3.65
N ILE B 134 17.85 -10.98 2.48
CA ILE B 134 19.13 -10.31 2.30
C ILE B 134 19.21 -9.09 3.19
N SER B 135 20.02 -9.18 4.23
CA SER B 135 20.13 -8.14 5.22
C SER B 135 21.51 -7.51 5.19
N THR B 136 21.83 -6.98 4.02
CA THR B 136 23.11 -6.34 3.77
C THR B 136 23.22 -4.96 4.43
N ALA B 137 22.63 -4.84 5.62
CA ALA B 137 22.69 -3.62 6.38
C ALA B 137 23.75 -3.73 7.46
N GLY A 1 10.61 -17.46 0.39
CA GLY A 1 11.82 -16.62 0.26
C GLY A 1 12.01 -15.71 1.46
N ALA A 2 13.09 -15.91 2.19
CA ALA A 2 13.37 -15.12 3.38
C ALA A 2 14.56 -14.19 3.14
N VAL A 3 14.28 -12.91 2.99
CA VAL A 3 15.34 -11.92 2.78
C VAL A 3 15.94 -11.49 4.12
N THR A 4 17.26 -11.50 4.19
CA THR A 4 17.97 -11.20 5.42
C THR A 4 18.20 -9.70 5.59
N ALA A 5 17.36 -8.90 4.93
CA ALA A 5 17.52 -7.46 4.96
C ALA A 5 16.26 -6.80 5.52
N VAL A 6 16.36 -6.33 6.76
CA VAL A 6 15.26 -5.61 7.39
C VAL A 6 15.43 -4.09 7.22
N PRO A 7 14.45 -3.44 6.60
CA PRO A 7 14.46 -1.99 6.38
C PRO A 7 14.46 -1.22 7.70
N SER A 8 15.63 -0.76 8.11
CA SER A 8 15.80 -0.06 9.37
C SER A 8 14.98 1.23 9.42
N VAL A 9 14.81 1.86 8.25
CA VAL A 9 14.11 3.14 8.15
C VAL A 9 12.62 2.99 8.49
N PHE A 10 12.06 1.81 8.23
CA PHE A 10 10.64 1.58 8.45
C PHE A 10 10.37 1.16 9.89
N SER A 11 11.41 1.09 10.69
CA SER A 11 11.27 0.80 12.11
C SER A 11 11.86 1.95 12.93
N SER A 12 12.18 3.04 12.24
CA SER A 12 12.79 4.19 12.89
C SER A 12 12.16 5.49 12.39
N PRO A 13 11.27 6.09 13.19
CA PRO A 13 10.58 7.34 12.82
C PRO A 13 11.54 8.50 12.58
N ASN A 14 12.69 8.44 13.24
CA ASN A 14 13.72 9.47 13.09
C ASN A 14 14.37 9.38 11.70
N LEU A 15 14.54 8.16 11.22
CA LEU A 15 15.10 7.95 9.89
C LEU A 15 14.03 8.17 8.83
N ALA A 16 12.78 7.85 9.18
CA ALA A 16 11.65 8.04 8.28
C ALA A 16 11.56 9.49 7.81
N SER A 17 11.77 10.41 8.74
CA SER A 17 11.73 11.83 8.42
C SER A 17 12.81 12.19 7.39
N GLY A 18 14.03 11.72 7.64
CA GLY A 18 15.15 12.02 6.74
C GLY A 18 14.99 11.36 5.39
N PHE A 19 14.44 10.16 5.39
CA PHE A 19 14.21 9.41 4.17
C PHE A 19 13.22 10.14 3.25
N LEU A 20 12.17 10.67 3.86
CA LEU A 20 11.16 11.42 3.12
C LEU A 20 11.75 12.67 2.48
N GLN A 21 12.65 13.32 3.21
CA GLN A 21 13.29 14.55 2.73
C GLN A 21 14.26 14.25 1.60
N CYS A 22 14.62 12.98 1.43
CA CYS A 22 15.51 12.58 0.35
C CYS A 22 14.69 12.25 -0.89
N LEU A 23 13.61 11.52 -0.68
CA LEU A 23 12.71 11.13 -1.76
C LEU A 23 12.27 12.33 -2.57
N THR A 24 11.73 13.33 -1.89
CA THR A 24 11.17 14.51 -2.54
C THR A 24 12.24 15.28 -3.32
N PHE A 25 13.44 15.37 -2.74
CA PHE A 25 14.54 16.06 -3.39
C PHE A 25 15.02 15.28 -4.62
N GLY A 26 15.06 13.95 -4.49
CA GLY A 26 15.44 13.10 -5.60
C GLY A 26 14.47 13.21 -6.76
N ILE A 27 13.17 13.28 -6.44
CA ILE A 27 12.15 13.48 -7.46
C ILE A 27 12.38 14.81 -8.17
N GLY A 28 12.85 15.80 -7.42
CA GLY A 28 13.13 17.10 -7.99
C GLY A 28 14.47 17.14 -8.72
N ASN A 29 15.16 16.01 -8.76
CA ASN A 29 16.43 15.89 -9.46
C ASN A 29 16.31 14.92 -10.62
N SER A 30 15.10 14.48 -10.92
CA SER A 30 14.87 13.54 -12.00
C SER A 30 13.95 14.14 -13.06
N PRO A 31 14.43 14.20 -14.32
CA PRO A 31 13.70 14.86 -15.42
C PRO A 31 12.40 14.14 -15.80
N ALA A 32 12.28 12.88 -15.43
CA ALA A 32 11.09 12.10 -15.74
C ALA A 32 9.92 12.48 -14.83
N PHE A 33 10.18 13.39 -13.90
CA PHE A 33 9.15 13.83 -12.97
C PHE A 33 8.95 15.33 -13.05
N PRO A 34 7.81 15.75 -13.59
CA PRO A 34 7.43 17.15 -13.65
C PRO A 34 7.05 17.71 -12.28
N THR A 35 7.10 19.03 -12.14
CA THR A 35 6.89 19.68 -10.86
C THR A 35 5.45 19.54 -10.37
N GLN A 36 4.50 19.47 -11.28
CA GLN A 36 3.10 19.32 -10.90
C GLN A 36 2.85 17.93 -10.34
N GLU A 37 3.35 16.93 -11.05
CA GLU A 37 3.23 15.55 -10.61
C GLU A 37 4.15 15.28 -9.42
N GLN A 38 5.18 16.11 -9.29
CA GLN A 38 6.05 16.11 -8.12
C GLN A 38 5.22 16.27 -6.85
N GLN A 39 4.30 17.23 -6.87
CA GLN A 39 3.49 17.53 -5.69
C GLN A 39 2.46 16.44 -5.40
N ASP A 40 2.23 15.54 -6.35
CA ASP A 40 1.37 14.40 -6.08
C ASP A 40 2.19 13.31 -5.42
N LEU A 41 3.34 13.01 -6.00
CA LEU A 41 4.27 12.03 -5.45
C LEU A 41 4.72 12.44 -4.05
N ASP A 42 5.02 13.74 -3.91
CA ASP A 42 5.39 14.33 -2.63
C ASP A 42 4.31 14.05 -1.59
N ALA A 43 3.06 14.13 -2.02
CA ALA A 43 1.92 13.96 -1.14
C ALA A 43 1.67 12.50 -0.83
N ILE A 44 1.82 11.64 -1.82
CA ILE A 44 1.59 10.21 -1.64
C ILE A 44 2.67 9.58 -0.76
N ALA A 45 3.93 9.94 -1.01
CA ALA A 45 5.05 9.38 -0.30
C ALA A 45 5.02 9.73 1.19
N GLN A 46 4.67 10.97 1.50
CA GLN A 46 4.71 11.43 2.89
C GLN A 46 3.68 10.71 3.74
N VAL A 47 2.64 10.17 3.11
CA VAL A 47 1.61 9.42 3.83
C VAL A 47 2.23 8.21 4.52
N ILE A 48 3.04 7.46 3.77
CA ILE A 48 3.69 6.27 4.30
C ILE A 48 4.71 6.63 5.36
N LEU A 49 5.48 7.68 5.11
CA LEU A 49 6.53 8.12 6.02
C LEU A 49 5.96 8.71 7.31
N ASN A 50 4.68 9.06 7.30
CA ASN A 50 4.02 9.50 8.51
C ASN A 50 3.39 8.33 9.26
N ALA A 51 3.13 7.25 8.52
CA ALA A 51 2.58 6.04 9.12
C ALA A 51 3.68 5.26 9.84
N VAL A 52 4.90 5.33 9.32
CA VAL A 52 6.05 4.73 9.98
C VAL A 52 6.43 5.55 11.20
N SER A 53 6.03 6.81 11.21
CA SER A 53 6.22 7.66 12.37
C SER A 53 5.05 7.49 13.33
N THR A 54 4.38 6.36 13.20
CA THR A 54 3.23 6.06 13.99
C THR A 54 3.37 4.66 14.65
N ASN A 55 4.35 3.88 14.19
CA ASN A 55 4.50 2.51 14.65
C ASN A 55 4.92 2.41 16.12
N THR A 56 4.66 1.26 16.71
CA THR A 56 5.07 0.97 18.06
C THR A 56 5.81 -0.37 18.10
N GLY A 57 6.82 -0.46 18.94
CA GLY A 57 7.65 -1.66 19.02
C GLY A 57 6.96 -2.84 19.69
N ALA A 58 5.73 -3.10 19.29
CA ALA A 58 5.05 -4.32 19.68
C ALA A 58 4.83 -5.16 18.43
N THR A 59 4.57 -4.46 17.34
CA THR A 59 4.36 -5.09 16.04
C THR A 59 5.00 -4.24 14.95
N ALA A 60 5.95 -3.41 15.35
CA ALA A 60 6.64 -2.49 14.45
C ALA A 60 7.28 -3.23 13.28
N SER A 61 7.74 -4.45 13.53
CA SER A 61 8.41 -5.25 12.50
C SER A 61 7.46 -5.52 11.33
N ALA A 62 6.24 -5.95 11.64
CA ALA A 62 5.25 -6.24 10.62
C ALA A 62 4.78 -4.95 9.94
N ARG A 63 4.64 -3.89 10.73
CA ARG A 63 4.24 -2.59 10.19
C ARG A 63 5.29 -2.10 9.20
N ALA A 64 6.55 -2.28 9.56
CA ALA A 64 7.67 -1.91 8.69
C ALA A 64 7.55 -2.61 7.34
N GLN A 65 7.24 -3.89 7.38
CA GLN A 65 7.05 -4.67 6.16
C GLN A 65 5.87 -4.14 5.37
N ALA A 66 4.73 -4.02 6.03
CA ALA A 66 3.52 -3.54 5.39
C ALA A 66 3.71 -2.15 4.78
N LEU A 67 4.47 -1.30 5.48
CA LEU A 67 4.73 0.05 5.02
C LEU A 67 5.66 0.05 3.81
N SER A 68 6.66 -0.82 3.81
CA SER A 68 7.55 -0.92 2.65
C SER A 68 6.79 -1.42 1.44
N THR A 69 5.85 -2.34 1.68
CA THR A 69 4.98 -2.83 0.62
C THR A 69 4.03 -1.71 0.16
N ALA A 70 3.47 -0.99 1.12
CA ALA A 70 2.53 0.09 0.83
C ALA A 70 3.20 1.23 0.07
N LEU A 71 4.42 1.57 0.47
CA LEU A 71 5.19 2.63 -0.19
C LEU A 71 5.37 2.31 -1.67
N ALA A 72 5.74 1.06 -1.94
CA ALA A 72 5.91 0.61 -3.31
C ALA A 72 4.58 0.61 -4.05
N SER A 73 3.55 0.08 -3.39
CA SER A 73 2.22 -0.05 -3.98
C SER A 73 1.66 1.31 -4.39
N SER A 74 1.56 2.22 -3.43
CA SER A 74 0.93 3.51 -3.65
C SER A 74 1.64 4.31 -4.73
N LEU A 75 2.96 4.43 -4.61
CA LEU A 75 3.74 5.22 -5.56
C LEU A 75 3.68 4.64 -6.97
N THR A 76 3.80 3.32 -7.07
CA THR A 76 3.81 2.67 -8.38
C THR A 76 2.44 2.74 -9.04
N ASP A 77 1.39 2.37 -8.32
CA ASP A 77 0.05 2.30 -8.89
C ASP A 77 -0.43 3.69 -9.31
N LEU A 78 -0.06 4.69 -8.50
CA LEU A 78 -0.34 6.10 -8.83
C LEU A 78 0.39 6.48 -10.11
N LEU A 79 1.67 6.14 -10.17
CA LEU A 79 2.53 6.49 -11.30
C LEU A 79 2.01 5.84 -12.58
N ILE A 80 1.68 4.55 -12.51
CA ILE A 80 1.21 3.80 -13.68
C ILE A 80 0.00 4.47 -14.32
N ALA A 81 -0.97 4.84 -13.49
CA ALA A 81 -2.24 5.38 -13.97
C ALA A 81 -2.05 6.69 -14.75
N GLU A 82 -1.37 7.66 -14.15
CA GLU A 82 -1.29 9.00 -14.73
C GLU A 82 -0.09 9.13 -15.69
N SER A 83 0.49 8.01 -16.08
CA SER A 83 1.60 8.03 -17.02
C SER A 83 1.26 7.25 -18.28
N ALA A 84 0.01 7.37 -18.69
CA ALA A 84 -0.47 6.84 -19.98
C ALA A 84 -0.43 5.31 -20.03
N GLU A 85 -0.18 4.69 -18.88
CA GLU A 85 -0.17 3.23 -18.74
C GLU A 85 0.99 2.57 -19.47
N SER A 86 1.68 3.32 -20.32
CA SER A 86 2.80 2.79 -21.07
C SER A 86 4.08 3.56 -20.79
N ASN A 87 3.94 4.81 -20.36
CA ASN A 87 5.11 5.68 -20.14
C ASN A 87 5.66 5.47 -18.73
N TYR A 88 4.90 4.75 -17.93
CA TYR A 88 5.18 4.61 -16.51
C TYR A 88 6.55 3.97 -16.24
N ASN A 89 6.97 3.05 -17.10
CA ASN A 89 8.17 2.27 -16.85
C ASN A 89 9.44 3.10 -17.08
N ASN A 90 9.28 4.23 -17.76
CA ASN A 90 10.41 5.12 -18.02
C ASN A 90 10.71 5.92 -16.75
N GLN A 91 9.66 6.22 -16.00
CA GLN A 91 9.79 7.01 -14.79
C GLN A 91 10.14 6.14 -13.59
N LEU A 92 9.77 4.87 -13.66
CA LEU A 92 10.08 3.91 -12.60
C LEU A 92 11.58 3.78 -12.40
N SER A 93 12.33 3.82 -13.50
CA SER A 93 13.78 3.72 -13.45
C SER A 93 14.39 4.87 -12.64
N GLU A 94 13.77 6.04 -12.73
CA GLU A 94 14.21 7.19 -11.97
C GLU A 94 13.83 7.03 -10.51
N LEU A 95 12.56 6.69 -10.27
CA LEU A 95 12.03 6.54 -8.93
C LEU A 95 12.82 5.51 -8.12
N THR A 96 13.04 4.35 -8.72
CA THR A 96 13.80 3.29 -8.06
C THR A 96 15.22 3.75 -7.76
N GLY A 97 15.80 4.53 -8.66
CA GLY A 97 17.13 5.08 -8.44
C GLY A 97 17.16 6.00 -7.23
N ILE A 98 16.17 6.90 -7.17
CA ILE A 98 16.00 7.80 -6.04
C ILE A 98 15.84 7.00 -4.76
N LEU A 99 14.89 6.07 -4.80
CA LEU A 99 14.54 5.24 -3.66
C LEU A 99 15.75 4.51 -3.10
N SER A 100 16.46 3.79 -3.96
CA SER A 100 17.63 3.02 -3.55
C SER A 100 18.72 3.95 -3.01
N ASN A 101 18.84 5.13 -3.62
CA ASN A 101 19.81 6.12 -3.19
C ASN A 101 19.48 6.60 -1.78
N CYS A 102 18.22 6.87 -1.52
CA CYS A 102 17.79 7.38 -0.23
C CYS A 102 18.00 6.34 0.88
N PHE A 103 17.83 5.07 0.55
CA PHE A 103 18.15 4.00 1.50
C PHE A 103 19.62 4.08 1.89
N ILE A 104 20.48 4.18 0.89
CA ILE A 104 21.91 4.30 1.12
C ILE A 104 22.25 5.54 1.94
N GLN A 105 21.58 6.65 1.64
CA GLN A 105 21.89 7.90 2.31
C GLN A 105 21.37 7.91 3.74
N THR A 106 20.11 7.52 3.92
CA THR A 106 19.45 7.61 5.21
C THR A 106 19.80 6.43 6.13
N THR A 107 19.75 5.21 5.60
CA THR A 107 20.02 4.04 6.42
C THR A 107 21.51 3.69 6.41
N GLY A 108 22.15 3.92 5.26
CA GLY A 108 23.55 3.63 5.13
C GLY A 108 23.83 2.23 4.64
N SER A 109 22.84 1.63 4.00
CA SER A 109 22.99 0.27 3.51
C SER A 109 22.04 0.00 2.35
N ASP A 110 22.16 -1.18 1.76
CA ASP A 110 21.38 -1.55 0.58
C ASP A 110 20.09 -2.25 0.99
N ASN A 111 19.10 -2.20 0.11
CA ASN A 111 17.82 -2.84 0.38
C ASN A 111 17.31 -3.54 -0.88
N PRO A 112 17.62 -4.84 -1.03
CA PRO A 112 17.14 -5.63 -2.17
C PRO A 112 15.69 -6.09 -1.98
N ALA A 113 15.26 -6.16 -0.72
CA ALA A 113 13.93 -6.66 -0.39
C ALA A 113 12.85 -5.75 -0.97
N PHE A 114 13.02 -4.45 -0.76
CA PHE A 114 12.06 -3.47 -1.23
C PHE A 114 11.93 -3.54 -2.76
N VAL A 115 13.09 -3.60 -3.43
CA VAL A 115 13.13 -3.64 -4.88
C VAL A 115 12.47 -4.91 -5.41
N SER A 116 12.67 -6.02 -4.69
CA SER A 116 12.07 -7.29 -5.06
C SER A 116 10.54 -7.21 -4.98
N ARG A 117 10.04 -6.51 -3.97
CA ARG A 117 8.62 -6.28 -3.83
C ARG A 117 8.10 -5.45 -5.00
N ILE A 118 8.85 -4.41 -5.36
CA ILE A 118 8.47 -3.52 -6.45
C ILE A 118 8.27 -4.29 -7.74
N GLN A 119 9.31 -4.99 -8.18
CA GLN A 119 9.29 -5.74 -9.45
C GLN A 119 8.06 -6.62 -9.56
N SER A 120 7.82 -7.40 -8.51
CA SER A 120 6.72 -8.35 -8.49
C SER A 120 5.37 -7.63 -8.51
N LEU A 121 5.32 -6.47 -7.88
CA LEU A 121 4.09 -5.72 -7.74
C LEU A 121 3.76 -4.98 -9.03
N ILE A 122 4.79 -4.45 -9.70
CA ILE A 122 4.62 -3.71 -10.96
C ILE A 122 3.80 -4.53 -11.95
N SER A 123 4.12 -5.81 -12.04
CA SER A 123 3.48 -6.70 -12.98
C SER A 123 1.97 -6.81 -12.67
N VAL A 124 1.64 -7.09 -11.43
CA VAL A 124 0.26 -7.33 -11.04
C VAL A 124 -0.57 -6.03 -11.04
N LEU A 125 0.10 -4.89 -10.86
CA LEU A 125 -0.60 -3.61 -10.84
C LEU A 125 -0.94 -3.17 -12.26
N SER A 126 -0.05 -3.45 -13.19
CA SER A 126 -0.25 -3.07 -14.58
C SER A 126 -1.07 -4.12 -15.32
N GLN A 127 -0.72 -5.38 -15.11
CA GLN A 127 -1.35 -6.49 -15.82
C GLN A 127 -2.49 -7.06 -14.99
N ASN A 128 -3.59 -6.33 -14.97
CA ASN A 128 -4.78 -6.77 -14.25
C ASN A 128 -5.52 -7.83 -15.07
N THR A 129 -6.00 -8.85 -14.39
CA THR A 129 -6.70 -9.95 -15.04
C THR A 129 -8.13 -9.56 -15.39
N ASP A 130 -8.40 -9.45 -16.69
CA ASP A 130 -9.73 -9.05 -17.17
C ASP A 130 -10.72 -10.21 -17.07
N VAL A 131 -10.25 -11.33 -16.54
CA VAL A 131 -11.09 -12.51 -16.35
C VAL A 131 -12.25 -12.21 -15.42
N ASN A 132 -12.00 -11.52 -14.33
CA ASN A 132 -13.03 -11.27 -13.35
C ASN A 132 -13.65 -9.89 -13.56
N ILE A 133 -14.14 -9.65 -14.78
CA ILE A 133 -14.73 -8.39 -15.22
C ILE A 133 -13.99 -7.17 -14.67
N ILE A 134 -12.67 -7.31 -14.48
CA ILE A 134 -11.86 -6.26 -13.91
C ILE A 134 -11.51 -5.23 -14.98
N SER A 135 -12.36 -4.23 -15.11
CA SER A 135 -12.14 -3.17 -16.07
C SER A 135 -12.60 -1.85 -15.45
N THR A 136 -11.93 -1.48 -14.37
CA THR A 136 -12.30 -0.30 -13.60
C THR A 136 -11.47 0.92 -14.00
N ALA A 137 -10.51 0.70 -14.90
CA ALA A 137 -9.60 1.76 -15.33
C ALA A 137 -9.27 1.60 -16.80
N GLY B 1 -18.78 -8.79 -20.65
CA GLY B 1 -17.59 -8.29 -21.30
C GLY B 1 -16.66 -7.60 -20.33
N ALA B 2 -17.15 -6.54 -19.71
CA ALA B 2 -16.37 -5.78 -18.74
C ALA B 2 -17.29 -5.01 -17.81
N VAL B 3 -16.98 -4.98 -16.53
CA VAL B 3 -17.77 -4.23 -15.58
C VAL B 3 -16.90 -3.22 -14.82
N THR B 4 -17.16 -1.95 -15.08
CA THR B 4 -16.44 -0.88 -14.41
C THR B 4 -17.09 -0.55 -13.07
N ALA B 5 -16.73 -1.31 -12.05
CA ALA B 5 -17.23 -1.09 -10.71
C ALA B 5 -16.34 -0.10 -9.96
N VAL B 6 -16.71 1.17 -10.03
CA VAL B 6 -15.93 2.23 -9.39
C VAL B 6 -16.26 2.30 -7.90
N PRO B 7 -15.27 2.01 -7.04
CA PRO B 7 -15.43 2.09 -5.60
C PRO B 7 -15.68 3.52 -5.14
N SER B 8 -16.95 3.85 -4.95
CA SER B 8 -17.35 5.20 -4.59
C SER B 8 -16.78 5.61 -3.25
N VAL B 9 -16.48 4.64 -2.40
CA VAL B 9 -15.96 4.90 -1.06
C VAL B 9 -14.57 5.54 -1.14
N PHE B 10 -13.87 5.30 -2.24
CA PHE B 10 -12.53 5.88 -2.43
C PHE B 10 -12.63 7.19 -3.20
N SER B 11 -13.85 7.60 -3.50
CA SER B 11 -14.07 8.85 -4.23
C SER B 11 -15.00 9.76 -3.44
N SER B 12 -15.29 9.39 -2.21
CA SER B 12 -16.17 10.15 -1.35
C SER B 12 -15.66 10.14 0.09
N PRO B 13 -15.17 11.29 0.58
CA PRO B 13 -14.62 11.41 1.94
C PRO B 13 -15.62 11.00 3.03
N ASN B 14 -16.90 11.30 2.83
CA ASN B 14 -17.94 10.93 3.77
C ASN B 14 -18.08 9.41 3.83
N LEU B 15 -17.95 8.76 2.68
CA LEU B 15 -17.98 7.31 2.61
C LEU B 15 -16.73 6.72 3.24
N ALA B 16 -15.61 7.38 3.02
CA ALA B 16 -14.35 6.97 3.60
C ALA B 16 -14.45 6.91 5.12
N SER B 17 -14.96 7.99 5.70
CA SER B 17 -15.16 8.07 7.14
C SER B 17 -16.09 6.95 7.61
N GLY B 18 -17.22 6.80 6.94
CA GLY B 18 -18.19 5.78 7.31
C GLY B 18 -17.64 4.37 7.19
N PHE B 19 -16.77 4.17 6.20
CA PHE B 19 -16.16 2.87 5.98
C PHE B 19 -15.10 2.60 7.05
N LEU B 20 -14.29 3.61 7.32
CA LEU B 20 -13.27 3.50 8.35
C LEU B 20 -13.88 3.17 9.71
N GLN B 21 -14.95 3.86 10.04
CA GLN B 21 -15.63 3.67 11.32
C GLN B 21 -16.42 2.37 11.35
N CYS B 22 -16.51 1.69 10.21
CA CYS B 22 -17.17 0.40 10.15
C CYS B 22 -16.14 -0.71 10.23
N LEU B 23 -15.05 -0.50 9.51
CA LEU B 23 -13.99 -1.49 9.39
C LEU B 23 -13.44 -1.90 10.74
N THR B 24 -12.98 -0.91 11.51
CA THR B 24 -12.37 -1.17 12.80
C THR B 24 -13.37 -1.81 13.76
N PHE B 25 -14.63 -1.42 13.66
CA PHE B 25 -15.68 -1.99 14.49
C PHE B 25 -15.91 -3.44 14.12
N GLY B 26 -15.96 -3.72 12.82
CA GLY B 26 -16.13 -5.07 12.34
C GLY B 26 -14.97 -5.97 12.72
N ILE B 27 -13.76 -5.41 12.70
CA ILE B 27 -12.57 -6.12 13.15
C ILE B 27 -12.75 -6.61 14.58
N GLY B 28 -13.34 -5.76 15.42
CA GLY B 28 -13.53 -6.09 16.81
C GLY B 28 -14.72 -7.01 17.03
N ASN B 29 -15.48 -7.26 15.97
CA ASN B 29 -16.63 -8.15 16.06
C ASN B 29 -16.28 -9.52 15.50
N SER B 30 -15.03 -9.68 15.11
CA SER B 30 -14.57 -10.94 14.54
C SER B 30 -13.61 -11.63 15.50
N PRO B 31 -13.92 -12.89 15.87
CA PRO B 31 -13.13 -13.65 16.85
C PRO B 31 -11.81 -14.17 16.28
N ALA B 32 -11.33 -13.54 15.22
CA ALA B 32 -10.06 -13.89 14.62
C ALA B 32 -9.08 -12.73 14.70
N PHE B 33 -9.51 -11.66 15.36
CA PHE B 33 -8.69 -10.46 15.48
C PHE B 33 -8.52 -10.07 16.95
N PRO B 34 -7.30 -10.24 17.46
CA PRO B 34 -6.96 -9.91 18.84
C PRO B 34 -6.82 -8.40 19.07
N THR B 35 -6.69 -8.03 20.34
CA THR B 35 -6.69 -6.64 20.76
C THR B 35 -5.60 -5.79 20.10
N GLN B 36 -4.39 -6.31 20.01
CA GLN B 36 -3.28 -5.54 19.52
C GLN B 36 -3.29 -5.48 18.01
N GLU B 37 -3.77 -6.54 17.38
CA GLU B 37 -3.87 -6.57 15.94
C GLU B 37 -5.06 -5.73 15.48
N GLN B 38 -6.06 -5.60 16.36
CA GLN B 38 -7.16 -4.66 16.14
C GLN B 38 -6.60 -3.25 15.96
N GLN B 39 -5.90 -2.76 16.98
CA GLN B 39 -5.38 -1.40 16.96
C GLN B 39 -4.33 -1.20 15.87
N ASP B 40 -3.71 -2.30 15.44
CA ASP B 40 -2.74 -2.24 14.36
C ASP B 40 -3.45 -2.00 13.04
N LEU B 41 -4.44 -2.85 12.75
CA LEU B 41 -5.24 -2.71 11.55
C LEU B 41 -6.01 -1.39 11.57
N ASP B 42 -6.52 -1.05 12.75
CA ASP B 42 -7.20 0.22 12.99
C ASP B 42 -6.33 1.38 12.53
N ALA B 43 -5.07 1.34 12.94
CA ALA B 43 -4.11 2.39 12.64
C ALA B 43 -3.79 2.45 11.15
N ILE B 44 -3.48 1.30 10.56
CA ILE B 44 -3.11 1.25 9.15
C ILE B 44 -4.30 1.65 8.26
N ALA B 45 -5.49 1.20 8.66
CA ALA B 45 -6.70 1.51 7.91
C ALA B 45 -6.97 3.01 7.87
N GLN B 46 -6.80 3.68 9.00
CA GLN B 46 -7.09 5.11 9.09
C GLN B 46 -5.99 5.93 8.42
N VAL B 47 -4.98 5.26 7.90
CA VAL B 47 -3.97 5.91 7.08
C VAL B 47 -4.46 6.00 5.64
N ILE B 48 -4.96 4.88 5.12
CA ILE B 48 -5.50 4.84 3.77
C ILE B 48 -6.78 5.67 3.70
N LEU B 49 -7.66 5.45 4.66
CA LEU B 49 -8.94 6.14 4.70
C LEU B 49 -8.77 7.62 5.09
N ASN B 50 -7.54 8.00 5.41
CA ASN B 50 -7.25 9.39 5.74
C ASN B 50 -7.06 10.19 4.48
N ALA B 51 -6.35 9.61 3.52
CA ALA B 51 -5.99 10.28 2.29
C ALA B 51 -7.20 10.47 1.39
N VAL B 52 -8.13 9.53 1.45
CA VAL B 52 -9.36 9.62 0.69
C VAL B 52 -10.33 10.63 1.32
N SER B 53 -10.13 10.89 2.61
CA SER B 53 -10.95 11.87 3.30
C SER B 53 -10.44 13.29 3.05
N THR B 54 -9.38 13.40 2.25
CA THR B 54 -8.80 14.68 1.92
C THR B 54 -8.27 14.69 0.49
N ASN B 55 -8.88 13.88 -0.38
CA ASN B 55 -8.47 13.83 -1.77
C ASN B 55 -8.99 15.06 -2.52
N THR B 56 -8.27 15.44 -3.57
CA THR B 56 -8.65 16.59 -4.36
C THR B 56 -8.94 16.18 -5.79
N GLY B 57 -10.03 16.72 -6.33
CA GLY B 57 -10.45 16.42 -7.70
C GLY B 57 -9.54 17.01 -8.76
N ALA B 58 -8.26 16.68 -8.65
CA ALA B 58 -7.29 17.01 -9.67
C ALA B 58 -6.57 15.74 -10.08
N THR B 59 -6.20 14.94 -9.08
CA THR B 59 -5.61 13.64 -9.29
C THR B 59 -6.36 12.58 -8.48
N ALA B 60 -7.54 12.95 -8.00
CA ALA B 60 -8.36 12.05 -7.17
C ALA B 60 -8.63 10.72 -7.87
N SER B 61 -8.70 10.76 -9.20
CA SER B 61 -8.94 9.56 -10.00
C SER B 61 -7.90 8.48 -9.72
N ALA B 62 -6.64 8.80 -9.98
CA ALA B 62 -5.56 7.85 -9.78
C ALA B 62 -5.30 7.58 -8.30
N ARG B 63 -5.49 8.61 -7.48
CA ARG B 63 -5.31 8.46 -6.04
C ARG B 63 -6.32 7.45 -5.48
N ALA B 64 -7.56 7.54 -5.92
CA ALA B 64 -8.60 6.61 -5.48
C ALA B 64 -8.21 5.17 -5.79
N GLN B 65 -7.68 4.97 -6.99
CA GLN B 65 -7.20 3.66 -7.41
C GLN B 65 -6.06 3.21 -6.50
N ALA B 66 -5.06 4.07 -6.36
CA ALA B 66 -3.89 3.77 -5.54
C ALA B 66 -4.28 3.47 -4.10
N LEU B 67 -5.31 4.16 -3.61
CA LEU B 67 -5.78 3.94 -2.24
C LEU B 67 -6.36 2.54 -2.09
N SER B 68 -7.19 2.13 -3.04
CA SER B 68 -7.79 0.80 -2.98
C SER B 68 -6.71 -0.27 -3.11
N THR B 69 -5.72 0.01 -3.95
CA THR B 69 -4.59 -0.90 -4.12
C THR B 69 -3.78 -1.01 -2.84
N ALA B 70 -3.44 0.15 -2.27
CA ALA B 70 -2.64 0.20 -1.05
C ALA B 70 -3.38 -0.45 0.11
N LEU B 71 -4.68 -0.22 0.21
CA LEU B 71 -5.50 -0.80 1.26
C LEU B 71 -5.45 -2.33 1.18
N ALA B 72 -5.66 -2.86 -0.02
CA ALA B 72 -5.65 -4.28 -0.25
C ALA B 72 -4.26 -4.87 0.02
N SER B 73 -3.23 -4.14 -0.37
CA SER B 73 -1.86 -4.61 -0.24
C SER B 73 -1.41 -4.57 1.23
N SER B 74 -1.37 -3.38 1.82
CA SER B 74 -0.75 -3.20 3.13
C SER B 74 -1.47 -3.97 4.23
N LEU B 75 -2.80 -3.87 4.27
CA LEU B 75 -3.58 -4.53 5.30
C LEU B 75 -3.42 -6.05 5.24
N THR B 76 -3.40 -6.59 4.04
CA THR B 76 -3.25 -8.03 3.86
C THR B 76 -1.82 -8.47 4.18
N ASP B 77 -0.83 -7.73 3.68
CA ASP B 77 0.57 -8.04 3.93
C ASP B 77 0.88 -8.02 5.41
N LEU B 78 0.33 -7.01 6.10
CA LEU B 78 0.42 -6.91 7.55
C LEU B 78 -0.23 -8.12 8.22
N LEU B 79 -1.42 -8.44 7.75
CA LEU B 79 -2.20 -9.56 8.28
C LEU B 79 -1.39 -10.85 8.19
N ILE B 80 -0.85 -11.13 7.00
CA ILE B 80 -0.09 -12.35 6.75
C ILE B 80 1.03 -12.52 7.78
N ALA B 81 1.74 -11.45 8.06
CA ALA B 81 2.93 -11.49 8.90
C ALA B 81 2.63 -11.94 10.32
N GLU B 82 1.65 -11.31 10.96
CA GLU B 82 1.39 -11.55 12.38
C GLU B 82 0.29 -12.59 12.60
N SER B 83 -0.06 -13.31 11.55
CA SER B 83 -1.08 -14.35 11.65
C SER B 83 -0.47 -15.73 11.44
N ALA B 84 0.69 -15.93 12.08
CA ALA B 84 1.39 -17.21 12.06
C ALA B 84 1.96 -17.55 10.69
N GLU B 85 1.86 -16.57 9.78
CA GLU B 85 2.48 -16.65 8.45
C GLU B 85 1.74 -17.61 7.51
N SER B 86 1.39 -18.77 8.02
CA SER B 86 0.71 -19.78 7.22
C SER B 86 -0.78 -19.87 7.56
N ASN B 87 -1.16 -19.34 8.72
CA ASN B 87 -2.54 -19.46 9.19
C ASN B 87 -3.31 -18.17 8.91
N TYR B 88 -2.68 -17.26 8.17
CA TYR B 88 -3.26 -15.96 7.89
C TYR B 88 -4.57 -16.08 7.12
N ASN B 89 -4.72 -17.18 6.37
CA ASN B 89 -5.87 -17.38 5.52
C ASN B 89 -7.16 -17.49 6.33
N ASN B 90 -7.04 -17.93 7.58
CA ASN B 90 -8.19 -18.00 8.48
C ASN B 90 -8.69 -16.60 8.79
N GLN B 91 -7.78 -15.74 9.19
CA GLN B 91 -8.11 -14.38 9.58
C GLN B 91 -8.38 -13.50 8.35
N LEU B 92 -7.73 -13.84 7.25
CA LEU B 92 -7.94 -13.14 5.98
C LEU B 92 -9.39 -13.31 5.53
N SER B 93 -9.96 -14.47 5.82
CA SER B 93 -11.34 -14.77 5.48
C SER B 93 -12.29 -13.84 6.23
N GLU B 94 -11.95 -13.53 7.48
CA GLU B 94 -12.77 -12.62 8.28
C GLU B 94 -12.61 -11.19 7.77
N LEU B 95 -11.35 -10.80 7.53
CA LEU B 95 -11.03 -9.45 7.09
C LEU B 95 -11.80 -9.10 5.81
N THR B 96 -11.75 -9.99 4.83
CA THR B 96 -12.46 -9.78 3.58
C THR B 96 -13.97 -9.71 3.80
N GLY B 97 -14.46 -10.53 4.72
CA GLY B 97 -15.88 -10.49 5.06
C GLY B 97 -16.27 -9.15 5.66
N ILE B 98 -15.41 -8.62 6.53
CA ILE B 98 -15.63 -7.32 7.13
C ILE B 98 -15.64 -6.23 6.06
N LEU B 99 -14.71 -6.35 5.11
CA LEU B 99 -14.61 -5.42 3.99
C LEU B 99 -15.93 -5.36 3.22
N SER B 100 -16.36 -6.51 2.68
CA SER B 100 -17.60 -6.57 1.91
C SER B 100 -18.78 -6.06 2.72
N ASN B 101 -18.81 -6.41 4.00
CA ASN B 101 -19.86 -5.95 4.89
C ASN B 101 -19.89 -4.43 4.97
N CYS B 102 -18.73 -3.83 5.19
CA CYS B 102 -18.64 -2.39 5.33
C CYS B 102 -18.89 -1.67 4.02
N PHE B 103 -18.51 -2.28 2.89
CA PHE B 103 -18.89 -1.76 1.59
C PHE B 103 -20.41 -1.65 1.49
N ILE B 104 -21.08 -2.77 1.70
CA ILE B 104 -22.54 -2.83 1.67
C ILE B 104 -23.18 -1.78 2.58
N GLN B 105 -22.62 -1.60 3.77
CA GLN B 105 -23.18 -0.68 4.74
C GLN B 105 -22.90 0.79 4.36
N THR B 106 -21.73 1.04 3.79
CA THR B 106 -21.31 2.40 3.52
C THR B 106 -21.66 2.85 2.11
N THR B 107 -21.35 2.03 1.12
CA THR B 107 -21.60 2.37 -0.28
C THR B 107 -23.01 1.98 -0.67
N GLY B 108 -23.51 0.91 -0.06
CA GLY B 108 -24.84 0.42 -0.39
C GLY B 108 -24.81 -0.64 -1.46
N SER B 109 -23.62 -1.15 -1.77
CA SER B 109 -23.46 -2.14 -2.82
C SER B 109 -22.19 -2.95 -2.61
N ASP B 110 -22.01 -3.95 -3.45
CA ASP B 110 -20.87 -4.86 -3.37
C ASP B 110 -19.92 -4.63 -4.53
N ASN B 111 -18.64 -4.89 -4.31
CA ASN B 111 -17.64 -4.68 -5.34
C ASN B 111 -16.62 -5.82 -5.34
N PRO B 112 -16.77 -6.77 -6.25
CA PRO B 112 -15.87 -7.92 -6.35
C PRO B 112 -14.49 -7.52 -6.84
N ALA B 113 -14.44 -6.46 -7.65
CA ALA B 113 -13.18 -6.03 -8.27
C ALA B 113 -12.13 -5.68 -7.23
N PHE B 114 -12.59 -5.18 -6.08
CA PHE B 114 -11.68 -4.84 -4.99
C PHE B 114 -11.07 -6.13 -4.43
N VAL B 115 -11.92 -7.14 -4.24
CA VAL B 115 -11.47 -8.41 -3.71
C VAL B 115 -10.56 -9.12 -4.71
N SER B 116 -10.87 -8.97 -5.99
CA SER B 116 -10.04 -9.52 -7.05
C SER B 116 -8.62 -8.96 -6.99
N ARG B 117 -8.52 -7.64 -6.77
CA ARG B 117 -7.24 -7.00 -6.57
C ARG B 117 -6.52 -7.62 -5.37
N ILE B 118 -7.25 -7.79 -4.27
CA ILE B 118 -6.69 -8.37 -3.05
C ILE B 118 -6.06 -9.73 -3.34
N GLN B 119 -6.86 -10.65 -3.87
CA GLN B 119 -6.40 -12.01 -4.16
C GLN B 119 -5.17 -12.03 -5.04
N SER B 120 -5.16 -11.15 -6.05
CA SER B 120 -4.04 -11.08 -6.98
C SER B 120 -2.79 -10.53 -6.30
N LEU B 121 -2.98 -9.58 -5.39
CA LEU B 121 -1.86 -8.98 -4.67
C LEU B 121 -1.32 -9.94 -3.63
N ILE B 122 -2.18 -10.78 -3.06
CA ILE B 122 -1.77 -11.79 -2.09
C ILE B 122 -0.69 -12.69 -2.69
N SER B 123 -0.84 -12.99 -3.98
CA SER B 123 0.11 -13.84 -4.69
C SER B 123 1.49 -13.18 -4.75
N VAL B 124 1.54 -11.88 -4.53
CA VAL B 124 2.77 -11.14 -4.52
C VAL B 124 3.26 -10.92 -3.09
N LEU B 125 2.31 -10.82 -2.17
CA LEU B 125 2.61 -10.52 -0.78
C LEU B 125 3.28 -11.69 -0.07
N SER B 126 2.62 -12.85 -0.07
CA SER B 126 3.10 -14.00 0.68
C SER B 126 4.03 -14.88 -0.16
N GLN B 127 4.54 -14.35 -1.26
CA GLN B 127 5.43 -15.10 -2.12
C GLN B 127 6.65 -14.28 -2.50
N ASN B 128 7.71 -14.45 -1.73
CA ASN B 128 9.00 -13.88 -2.07
C ASN B 128 9.78 -14.90 -2.87
N THR B 129 10.31 -14.49 -4.02
CA THR B 129 11.00 -15.40 -4.90
C THR B 129 12.20 -16.05 -4.20
N ASP B 130 12.33 -17.35 -4.36
CA ASP B 130 13.36 -18.11 -3.66
C ASP B 130 14.63 -18.19 -4.49
N VAL B 131 14.74 -17.32 -5.48
CA VAL B 131 15.88 -17.31 -6.38
C VAL B 131 16.88 -16.27 -5.91
N ASN B 132 17.26 -16.42 -4.65
CA ASN B 132 18.38 -15.70 -4.07
C ASN B 132 18.10 -14.21 -3.91
N ILE B 133 17.33 -13.88 -2.87
CA ILE B 133 17.05 -12.48 -2.55
C ILE B 133 17.94 -12.03 -1.40
N ILE B 134 18.88 -12.90 -1.03
CA ILE B 134 19.79 -12.61 0.07
C ILE B 134 21.10 -12.05 -0.47
N SER B 135 21.29 -10.76 -0.25
CA SER B 135 22.52 -10.10 -0.67
C SER B 135 22.67 -8.80 0.10
N THR B 136 23.12 -8.93 1.34
CA THR B 136 23.41 -7.78 2.17
C THR B 136 24.73 -7.16 1.74
N ALA B 137 25.59 -8.00 1.19
CA ALA B 137 26.84 -7.56 0.62
C ALA B 137 27.18 -8.43 -0.57
N GLY A 1 16.73 -15.62 4.94
CA GLY A 1 17.41 -14.31 5.10
C GLY A 1 18.23 -14.23 6.37
N ALA A 2 19.09 -13.23 6.46
CA ALA A 2 19.94 -13.06 7.62
C ALA A 2 20.06 -11.59 7.98
N VAL A 3 20.14 -11.29 9.27
CA VAL A 3 20.20 -9.91 9.72
C VAL A 3 21.61 -9.34 9.59
N THR A 4 21.83 -8.64 8.50
CA THR A 4 23.05 -7.92 8.30
C THR A 4 22.78 -6.46 7.95
N ALA A 5 21.50 -6.16 7.81
CA ALA A 5 21.06 -4.82 7.44
C ALA A 5 19.60 -4.62 7.84
N VAL A 6 19.39 -3.92 8.93
CA VAL A 6 18.06 -3.57 9.38
C VAL A 6 17.66 -2.20 8.83
N PRO A 7 16.63 -2.14 7.98
CA PRO A 7 16.14 -0.88 7.43
C PRO A 7 15.71 0.08 8.52
N SER A 8 16.58 1.02 8.84
CA SER A 8 16.36 1.97 9.90
C SER A 8 15.35 3.04 9.49
N VAL A 9 15.13 3.16 8.19
CA VAL A 9 14.16 4.12 7.67
C VAL A 9 12.72 3.62 7.90
N PHE A 10 12.61 2.33 8.22
CA PHE A 10 11.31 1.73 8.51
C PHE A 10 11.21 1.32 9.97
N SER A 11 11.97 2.01 10.80
CA SER A 11 11.99 1.73 12.23
C SER A 11 12.31 2.98 13.05
N SER A 12 13.07 3.89 12.47
CA SER A 12 13.45 5.12 13.16
C SER A 12 12.76 6.33 12.51
N PRO A 13 11.91 7.03 13.29
CA PRO A 13 11.16 8.20 12.82
C PRO A 13 12.04 9.28 12.20
N ASN A 14 13.21 9.50 12.78
CA ASN A 14 14.10 10.56 12.33
C ASN A 14 14.64 10.26 10.94
N LEU A 15 14.94 8.99 10.66
CA LEU A 15 15.46 8.61 9.36
C LEU A 15 14.34 8.50 8.34
N ALA A 16 13.14 8.18 8.81
CA ALA A 16 11.97 8.19 7.95
C ALA A 16 11.73 9.60 7.41
N SER A 17 11.94 10.58 8.27
CA SER A 17 11.83 11.98 7.88
C SER A 17 12.99 12.36 6.97
N GLY A 18 14.17 11.81 7.24
CA GLY A 18 15.34 12.07 6.42
C GLY A 18 15.20 11.51 5.02
N PHE A 19 14.60 10.33 4.92
CA PHE A 19 14.35 9.70 3.63
C PHE A 19 13.44 10.57 2.79
N LEU A 20 12.45 11.18 3.42
CA LEU A 20 11.53 12.08 2.74
C LEU A 20 12.29 13.26 2.13
N GLN A 21 13.30 13.72 2.86
CA GLN A 21 14.13 14.83 2.41
C GLN A 21 14.88 14.48 1.13
N CYS A 22 15.13 13.20 0.92
CA CYS A 22 15.87 12.76 -0.25
C CYS A 22 14.90 12.37 -1.35
N LEU A 23 13.83 11.69 -0.95
CA LEU A 23 12.85 11.17 -1.88
C LEU A 23 12.25 12.28 -2.72
N THR A 24 11.79 13.34 -2.06
CA THR A 24 11.18 14.47 -2.74
C THR A 24 12.18 15.16 -3.67
N PHE A 25 13.43 15.23 -3.23
CA PHE A 25 14.48 15.84 -4.02
C PHE A 25 14.78 14.96 -5.24
N GLY A 26 14.76 13.66 -5.03
CA GLY A 26 14.98 12.72 -6.12
C GLY A 26 13.88 12.76 -7.16
N ILE A 27 12.64 12.76 -6.69
CA ILE A 27 11.48 12.83 -7.60
C ILE A 27 11.53 14.13 -8.41
N GLY A 28 11.98 15.19 -7.77
CA GLY A 28 12.09 16.48 -8.44
C GLY A 28 13.39 16.61 -9.21
N ASN A 29 14.20 15.55 -9.16
CA ASN A 29 15.51 15.57 -9.82
C ASN A 29 15.46 14.76 -11.10
N SER A 30 14.76 13.62 -11.05
CA SER A 30 14.63 12.75 -12.20
C SER A 30 13.84 13.45 -13.32
N PRO A 31 14.38 13.49 -14.54
CA PRO A 31 13.81 14.24 -15.66
C PRO A 31 12.56 13.60 -16.25
N ALA A 32 12.01 12.60 -15.57
CA ALA A 32 10.83 11.90 -16.05
C ALA A 32 9.58 12.33 -15.29
N PHE A 33 9.76 13.20 -14.30
CA PHE A 33 8.65 13.58 -13.43
C PHE A 33 8.26 15.04 -13.63
N PRO A 34 7.08 15.26 -14.22
CA PRO A 34 6.48 16.58 -14.33
C PRO A 34 5.87 17.01 -13.00
N THR A 35 5.53 18.31 -12.90
CA THR A 35 5.05 18.87 -11.65
C THR A 35 3.78 18.15 -11.15
N GLN A 36 2.92 17.75 -12.07
CA GLN A 36 1.68 17.07 -11.71
C GLN A 36 1.97 15.73 -11.05
N GLU A 37 2.79 14.91 -11.69
CA GLU A 37 3.06 13.57 -11.19
C GLU A 37 3.94 13.62 -9.95
N GLN A 38 4.78 14.64 -9.87
CA GLN A 38 5.62 14.86 -8.70
C GLN A 38 4.76 15.32 -7.51
N GLN A 39 3.64 15.97 -7.81
CA GLN A 39 2.77 16.56 -6.80
C GLN A 39 2.30 15.52 -5.78
N ASP A 40 1.60 14.50 -6.26
CA ASP A 40 0.96 13.56 -5.33
C ASP A 40 1.97 12.53 -4.80
N LEU A 41 3.04 12.31 -5.56
CA LEU A 41 4.12 11.44 -5.10
C LEU A 41 4.73 12.01 -3.82
N ASP A 42 4.86 13.33 -3.78
CA ASP A 42 5.32 14.03 -2.58
C ASP A 42 4.38 13.78 -1.41
N ALA A 43 3.08 13.73 -1.72
CA ALA A 43 2.05 13.57 -0.71
C ALA A 43 2.07 12.18 -0.10
N ILE A 44 1.97 11.16 -0.94
CA ILE A 44 1.91 9.77 -0.47
C ILE A 44 3.20 9.37 0.24
N ALA A 45 4.33 9.89 -0.25
CA ALA A 45 5.62 9.57 0.32
C ALA A 45 5.67 9.88 1.82
N GLN A 46 5.26 11.08 2.19
CA GLN A 46 5.32 11.51 3.57
C GLN A 46 4.26 10.81 4.42
N VAL A 47 3.18 10.37 3.78
CA VAL A 47 2.12 9.63 4.51
C VAL A 47 2.68 8.33 5.08
N ILE A 48 3.34 7.56 4.24
CA ILE A 48 3.92 6.29 4.66
C ILE A 48 5.00 6.51 5.73
N LEU A 49 5.84 7.51 5.49
CA LEU A 49 6.97 7.79 6.38
C LEU A 49 6.50 8.34 7.73
N ASN A 50 5.36 9.03 7.74
CA ASN A 50 4.79 9.51 9.00
C ASN A 50 4.23 8.34 9.80
N ALA A 51 3.81 7.29 9.10
CA ALA A 51 3.35 6.08 9.75
C ALA A 51 4.53 5.32 10.37
N VAL A 52 5.70 5.46 9.74
CA VAL A 52 6.95 4.95 10.31
C VAL A 52 7.31 5.75 11.55
N SER A 53 7.03 7.05 11.48
CA SER A 53 7.33 7.96 12.57
C SER A 53 6.43 7.69 13.78
N THR A 54 5.45 6.82 13.60
CA THR A 54 4.55 6.46 14.68
C THR A 54 4.48 4.94 14.82
N ASN A 55 5.60 4.27 14.58
CA ASN A 55 5.71 2.82 14.83
C ASN A 55 5.63 2.54 16.32
N THR A 56 4.43 2.53 16.84
CA THR A 56 4.19 2.22 18.22
C THR A 56 2.77 1.69 18.39
N GLY A 57 2.67 0.41 18.74
CA GLY A 57 1.37 -0.21 18.94
C GLY A 57 1.48 -1.62 19.45
N ALA A 58 1.00 -2.58 18.66
CA ALA A 58 1.08 -3.97 19.04
C ALA A 58 1.91 -4.74 18.03
N THR A 59 1.50 -4.69 16.79
CA THR A 59 2.19 -5.38 15.71
C THR A 59 2.96 -4.39 14.85
N ALA A 60 3.70 -3.51 15.52
CA ALA A 60 4.47 -2.46 14.83
C ALA A 60 5.57 -3.07 13.97
N SER A 61 6.02 -4.27 14.33
CA SER A 61 7.03 -4.97 13.55
C SER A 61 6.47 -5.31 12.17
N ALA A 62 5.31 -5.95 12.15
CA ALA A 62 4.61 -6.26 10.90
C ALA A 62 4.14 -4.99 10.23
N ARG A 63 3.79 -3.99 11.04
CA ARG A 63 3.37 -2.69 10.52
C ARG A 63 4.48 -2.10 9.67
N ALA A 64 5.72 -2.22 10.12
CA ALA A 64 6.88 -1.71 9.39
C ALA A 64 7.03 -2.42 8.05
N GLN A 65 6.89 -3.75 8.07
CA GLN A 65 6.94 -4.54 6.84
C GLN A 65 5.83 -4.09 5.89
N ALA A 66 4.63 -3.95 6.43
CA ALA A 66 3.48 -3.53 5.66
C ALA A 66 3.65 -2.12 5.11
N LEU A 67 4.46 -1.31 5.78
CA LEU A 67 4.74 0.05 5.34
C LEU A 67 5.64 0.05 4.12
N SER A 68 6.69 -0.78 4.14
CA SER A 68 7.56 -0.91 2.98
C SER A 68 6.78 -1.48 1.79
N THR A 69 5.85 -2.37 2.09
CA THR A 69 4.99 -2.94 1.08
C THR A 69 4.04 -1.87 0.53
N ALA A 70 3.40 -1.13 1.43
CA ALA A 70 2.46 -0.07 1.04
C ALA A 70 3.17 1.04 0.26
N LEU A 71 4.37 1.39 0.70
CA LEU A 71 5.16 2.42 0.03
C LEU A 71 5.37 2.05 -1.43
N ALA A 72 5.89 0.85 -1.67
CA ALA A 72 6.13 0.37 -3.02
C ALA A 72 4.81 0.29 -3.81
N SER A 73 3.80 -0.27 -3.17
CA SER A 73 2.51 -0.49 -3.82
C SER A 73 1.85 0.84 -4.21
N SER A 74 1.70 1.73 -3.23
CA SER A 74 0.96 2.96 -3.44
C SER A 74 1.69 3.89 -4.40
N LEU A 75 3.00 4.03 -4.23
CA LEU A 75 3.78 4.93 -5.07
C LEU A 75 3.75 4.47 -6.53
N THR A 76 3.86 3.16 -6.74
CA THR A 76 3.84 2.62 -8.09
C THR A 76 2.46 2.79 -8.73
N ASP A 77 1.40 2.37 -8.03
CA ASP A 77 0.05 2.43 -8.57
C ASP A 77 -0.36 3.88 -8.86
N LEU A 78 0.03 4.78 -7.95
CA LEU A 78 -0.21 6.21 -8.12
C LEU A 78 0.51 6.72 -9.37
N LEU A 79 1.78 6.37 -9.48
CA LEU A 79 2.61 6.77 -10.62
C LEU A 79 1.98 6.26 -11.92
N ILE A 80 1.64 4.98 -11.95
CA ILE A 80 1.08 4.36 -13.14
C ILE A 80 -0.14 5.12 -13.66
N ALA A 81 -1.04 5.49 -12.76
CA ALA A 81 -2.27 6.16 -13.15
C ALA A 81 -2.03 7.61 -13.55
N GLU A 82 -1.11 8.29 -12.88
CA GLU A 82 -0.81 9.68 -13.19
C GLU A 82 -0.05 9.78 -14.51
N SER A 83 0.67 8.73 -14.85
CA SER A 83 1.40 8.69 -16.11
C SER A 83 0.49 8.21 -17.22
N ALA A 84 0.27 6.91 -17.16
CA ALA A 84 -0.43 6.14 -18.16
C ALA A 84 -0.11 4.68 -17.89
N GLU A 85 -1.12 3.86 -17.81
CA GLU A 85 -0.98 2.43 -17.48
C GLU A 85 0.08 1.70 -18.32
N SER A 86 0.42 2.22 -19.49
CA SER A 86 1.49 1.65 -20.29
C SER A 86 2.76 2.50 -20.21
N ASN A 87 2.59 3.81 -20.10
CA ASN A 87 3.72 4.75 -20.20
C ASN A 87 4.45 4.87 -18.87
N TYR A 88 3.86 4.29 -17.83
CA TYR A 88 4.40 4.37 -16.48
C TYR A 88 5.84 3.87 -16.42
N ASN A 89 6.18 2.99 -17.37
CA ASN A 89 7.51 2.41 -17.45
C ASN A 89 8.57 3.50 -17.58
N ASN A 90 8.20 4.61 -18.20
CA ASN A 90 9.10 5.74 -18.38
C ASN A 90 9.47 6.37 -17.04
N GLN A 91 8.45 6.59 -16.21
CA GLN A 91 8.63 7.20 -14.89
C GLN A 91 9.18 6.18 -13.90
N LEU A 92 8.71 4.94 -14.02
CA LEU A 92 9.14 3.83 -13.16
C LEU A 92 10.66 3.67 -13.24
N SER A 93 11.20 3.92 -14.43
CA SER A 93 12.63 3.86 -14.67
C SER A 93 13.41 4.68 -13.65
N GLU A 94 12.91 5.87 -13.34
CA GLU A 94 13.64 6.78 -12.46
C GLU A 94 13.22 6.57 -11.00
N LEU A 95 11.93 6.30 -10.80
CA LEU A 95 11.36 6.14 -9.46
C LEU A 95 12.13 5.08 -8.68
N THR A 96 12.41 3.96 -9.32
CA THR A 96 13.12 2.87 -8.68
C THR A 96 14.56 3.26 -8.33
N GLY A 97 15.15 4.11 -9.16
CA GLY A 97 16.51 4.58 -8.92
C GLY A 97 16.58 5.51 -7.73
N ILE A 98 15.58 6.38 -7.60
CA ILE A 98 15.51 7.33 -6.50
C ILE A 98 15.52 6.60 -5.15
N LEU A 99 14.79 5.50 -5.10
CA LEU A 99 14.67 4.70 -3.88
C LEU A 99 16.04 4.23 -3.41
N SER A 100 16.73 3.46 -4.26
CA SER A 100 18.05 2.93 -3.94
C SER A 100 19.03 4.06 -3.61
N ASN A 101 18.86 5.19 -4.30
CA ASN A 101 19.69 6.37 -4.09
C ASN A 101 19.52 6.89 -2.66
N CYS A 102 18.27 6.99 -2.22
CA CYS A 102 17.97 7.53 -0.89
C CYS A 102 18.28 6.53 0.21
N PHE A 103 17.98 5.25 -0.01
CA PHE A 103 18.27 4.22 0.98
C PHE A 103 19.74 4.26 1.40
N ILE A 104 20.62 4.33 0.41
CA ILE A 104 22.06 4.40 0.66
C ILE A 104 22.44 5.60 1.51
N GLN A 105 21.80 6.73 1.27
CA GLN A 105 22.16 7.96 1.96
C GLN A 105 21.52 8.03 3.34
N THR A 106 20.26 7.62 3.42
CA THR A 106 19.51 7.69 4.67
C THR A 106 19.94 6.57 5.64
N THR A 107 19.94 5.33 5.17
CA THR A 107 20.23 4.19 6.03
C THR A 107 21.72 3.92 6.06
N GLY A 108 22.37 4.11 4.93
CA GLY A 108 23.78 3.79 4.81
C GLY A 108 23.99 2.41 4.22
N SER A 109 22.95 1.85 3.62
CA SER A 109 23.00 0.52 3.06
C SER A 109 21.97 0.36 1.95
N ASP A 110 22.05 -0.76 1.24
CA ASP A 110 21.14 -1.06 0.14
C ASP A 110 20.20 -2.18 0.54
N ASN A 111 18.99 -2.17 -0.01
CA ASN A 111 17.99 -3.15 0.35
C ASN A 111 17.32 -3.75 -0.88
N PRO A 112 17.78 -4.95 -1.30
CA PRO A 112 17.27 -5.62 -2.49
C PRO A 112 15.85 -6.16 -2.30
N ALA A 113 15.45 -6.37 -1.05
CA ALA A 113 14.14 -6.94 -0.75
C ALA A 113 13.03 -5.97 -1.15
N PHE A 114 13.32 -4.68 -1.07
CA PHE A 114 12.33 -3.66 -1.36
C PHE A 114 11.97 -3.66 -2.84
N VAL A 115 12.99 -3.69 -3.69
CA VAL A 115 12.77 -3.62 -5.13
C VAL A 115 12.11 -4.91 -5.63
N SER A 116 12.39 -6.03 -4.96
CA SER A 116 11.75 -7.29 -5.29
C SER A 116 10.25 -7.21 -5.04
N ARG A 117 9.86 -6.53 -3.97
CA ARG A 117 8.46 -6.30 -3.66
C ARG A 117 7.80 -5.49 -4.77
N ILE A 118 8.50 -4.45 -5.22
CA ILE A 118 7.99 -3.58 -6.29
C ILE A 118 7.72 -4.39 -7.55
N GLN A 119 8.71 -5.18 -7.96
CA GLN A 119 8.60 -6.00 -9.17
C GLN A 119 7.37 -6.90 -9.12
N SER A 120 7.05 -7.39 -7.93
CA SER A 120 5.95 -8.32 -7.75
C SER A 120 4.60 -7.61 -7.89
N LEU A 121 4.61 -6.29 -7.75
CA LEU A 121 3.39 -5.50 -7.78
C LEU A 121 3.22 -4.82 -9.13
N ILE A 122 4.34 -4.45 -9.76
CA ILE A 122 4.32 -3.71 -11.02
C ILE A 122 3.44 -4.40 -12.06
N SER A 123 3.56 -5.71 -12.14
CA SER A 123 2.84 -6.48 -13.15
C SER A 123 1.33 -6.45 -12.89
N VAL A 124 0.93 -6.60 -11.63
CA VAL A 124 -0.48 -6.64 -11.30
C VAL A 124 -1.12 -5.25 -11.34
N LEU A 125 -0.30 -4.22 -11.18
CA LEU A 125 -0.79 -2.85 -11.20
C LEU A 125 -0.93 -2.35 -12.63
N SER A 126 -0.05 -2.83 -13.50
CA SER A 126 -0.09 -2.48 -14.91
C SER A 126 -1.14 -3.34 -15.63
N GLN A 127 -1.65 -4.34 -14.92
CA GLN A 127 -2.63 -5.26 -15.46
C GLN A 127 -4.00 -4.62 -15.35
N ASN A 128 -4.33 -3.87 -16.38
CA ASN A 128 -5.63 -3.22 -16.54
C ASN A 128 -6.77 -4.11 -16.01
N THR A 129 -7.42 -3.66 -14.96
CA THR A 129 -8.46 -4.44 -14.30
C THR A 129 -9.82 -4.24 -14.93
N ASP A 130 -9.81 -3.97 -16.22
CA ASP A 130 -11.04 -3.87 -16.99
C ASP A 130 -11.60 -5.27 -17.21
N VAL A 131 -10.79 -6.26 -16.85
CA VAL A 131 -11.18 -7.66 -16.96
C VAL A 131 -12.18 -8.02 -15.88
N ASN A 132 -11.85 -7.66 -14.65
CA ASN A 132 -12.66 -8.02 -13.49
C ASN A 132 -13.70 -6.94 -13.18
N ILE A 133 -14.55 -6.67 -14.15
CA ILE A 133 -15.62 -5.70 -13.98
C ILE A 133 -16.95 -6.40 -13.79
N ILE A 134 -16.89 -7.72 -13.57
CA ILE A 134 -18.09 -8.52 -13.38
C ILE A 134 -18.76 -8.19 -12.05
N SER A 135 -19.85 -7.46 -12.12
CA SER A 135 -20.52 -6.94 -10.94
C SER A 135 -21.64 -7.88 -10.51
N THR A 136 -21.31 -9.16 -10.44
CA THR A 136 -22.25 -10.17 -10.00
C THR A 136 -22.11 -10.47 -8.51
N ALA A 137 -21.44 -9.58 -7.79
CA ALA A 137 -21.21 -9.77 -6.37
C ALA A 137 -22.05 -8.79 -5.54
N GLY B 1 -14.72 -1.94 -20.82
CA GLY B 1 -14.57 -0.57 -21.25
C GLY B 1 -15.20 0.39 -20.26
N ALA B 2 -16.21 -0.08 -19.56
CA ALA B 2 -16.92 0.75 -18.60
C ALA B 2 -16.98 0.07 -17.25
N VAL B 3 -17.44 0.79 -16.24
CA VAL B 3 -17.58 0.25 -14.91
C VAL B 3 -19.00 0.50 -14.40
N THR B 4 -19.59 -0.48 -13.74
CA THR B 4 -20.99 -0.41 -13.35
C THR B 4 -21.16 0.26 -11.99
N ALA B 5 -20.09 0.81 -11.47
CA ALA B 5 -20.10 1.41 -10.15
C ALA B 5 -18.96 2.40 -9.98
N VAL B 6 -19.16 3.37 -9.11
CA VAL B 6 -18.14 4.36 -8.79
C VAL B 6 -17.79 4.26 -7.31
N PRO B 7 -16.52 4.00 -6.98
CA PRO B 7 -16.05 3.91 -5.60
C PRO B 7 -16.24 5.21 -4.83
N SER B 8 -17.35 5.30 -4.14
CA SER B 8 -17.69 6.50 -3.37
C SER B 8 -16.82 6.63 -2.12
N VAL B 9 -16.32 5.50 -1.63
CA VAL B 9 -15.53 5.49 -0.41
C VAL B 9 -14.11 6.01 -0.66
N PHE B 10 -13.67 5.97 -1.91
CA PHE B 10 -12.34 6.42 -2.27
C PHE B 10 -12.39 7.80 -2.92
N SER B 11 -13.48 8.52 -2.67
CA SER B 11 -13.63 9.85 -3.23
C SER B 11 -14.32 10.79 -2.23
N SER B 12 -15.23 10.24 -1.43
CA SER B 12 -15.94 11.02 -0.43
C SER B 12 -15.34 10.79 0.95
N PRO B 13 -14.76 11.84 1.56
CA PRO B 13 -14.12 11.76 2.89
C PRO B 13 -15.07 11.22 3.96
N ASN B 14 -16.33 11.60 3.86
CA ASN B 14 -17.34 11.19 4.83
C ASN B 14 -17.59 9.68 4.74
N LEU B 15 -17.62 9.16 3.52
CA LEU B 15 -17.86 7.74 3.31
C LEU B 15 -16.63 6.92 3.63
N ALA B 16 -15.46 7.54 3.49
CA ALA B 16 -14.22 6.92 3.90
C ALA B 16 -14.26 6.65 5.41
N SER B 17 -14.77 7.62 6.15
CA SER B 17 -14.95 7.50 7.58
C SER B 17 -16.04 6.47 7.88
N GLY B 18 -17.12 6.53 7.10
CA GLY B 18 -18.22 5.59 7.27
C GLY B 18 -17.79 4.15 7.08
N PHE B 19 -16.96 3.91 6.07
CA PHE B 19 -16.43 2.58 5.81
C PHE B 19 -15.58 2.12 6.99
N LEU B 20 -14.80 3.05 7.55
CA LEU B 20 -13.96 2.77 8.70
C LEU B 20 -14.82 2.30 9.88
N GLN B 21 -15.94 2.96 10.09
CA GLN B 21 -16.84 2.64 11.19
C GLN B 21 -17.50 1.29 11.00
N CYS B 22 -17.50 0.80 9.77
CA CYS B 22 -18.07 -0.51 9.47
C CYS B 22 -16.96 -1.55 9.53
N LEU B 23 -15.81 -1.15 9.03
CA LEU B 23 -14.64 -2.01 9.00
C LEU B 23 -14.22 -2.41 10.41
N THR B 24 -14.06 -1.42 11.27
CA THR B 24 -13.64 -1.66 12.65
C THR B 24 -14.66 -2.53 13.38
N PHE B 25 -15.93 -2.31 13.07
CA PHE B 25 -17.01 -3.08 13.67
C PHE B 25 -16.97 -4.52 13.15
N GLY B 26 -16.73 -4.66 11.84
CA GLY B 26 -16.61 -5.97 11.23
C GLY B 26 -15.43 -6.74 11.77
N ILE B 27 -14.30 -6.06 11.92
CA ILE B 27 -13.10 -6.68 12.49
C ILE B 27 -13.40 -7.19 13.89
N GLY B 28 -14.05 -6.35 14.68
CA GLY B 28 -14.36 -6.68 16.05
C GLY B 28 -15.38 -7.79 16.17
N ASN B 29 -16.27 -7.88 15.18
CA ASN B 29 -17.31 -8.90 15.18
C ASN B 29 -16.82 -10.20 14.56
N SER B 30 -15.52 -10.27 14.28
CA SER B 30 -14.92 -11.48 13.75
C SER B 30 -14.12 -12.18 14.85
N PRO B 31 -14.37 -13.48 15.07
CA PRO B 31 -13.74 -14.25 16.16
C PRO B 31 -12.25 -14.50 15.96
N ALA B 32 -11.75 -14.12 14.80
CA ALA B 32 -10.34 -14.32 14.48
C ALA B 32 -9.50 -13.12 14.87
N PHE B 33 -10.17 -12.04 15.29
CA PHE B 33 -9.49 -10.78 15.57
C PHE B 33 -9.60 -10.41 17.04
N PRO B 34 -8.50 -10.49 17.76
CA PRO B 34 -8.40 -9.99 19.12
C PRO B 34 -8.12 -8.48 19.14
N THR B 35 -8.54 -7.79 20.18
CA THR B 35 -8.42 -6.34 20.25
C THR B 35 -6.98 -5.87 20.02
N GLN B 36 -6.02 -6.65 20.50
CA GLN B 36 -4.60 -6.30 20.37
C GLN B 36 -4.18 -6.21 18.90
N GLU B 37 -4.53 -7.23 18.12
CA GLU B 37 -4.18 -7.24 16.71
C GLU B 37 -5.13 -6.37 15.91
N GLN B 38 -6.38 -6.31 16.36
CA GLN B 38 -7.39 -5.47 15.73
C GLN B 38 -6.97 -4.01 15.74
N GLN B 39 -6.49 -3.54 16.87
CA GLN B 39 -6.19 -2.12 17.06
C GLN B 39 -5.10 -1.63 16.10
N ASP B 40 -4.14 -2.50 15.77
CA ASP B 40 -3.05 -2.10 14.88
C ASP B 40 -3.55 -2.07 13.44
N LEU B 41 -4.38 -3.04 13.08
CA LEU B 41 -5.01 -3.09 11.77
C LEU B 41 -5.97 -1.91 11.62
N ASP B 42 -6.69 -1.62 12.70
CA ASP B 42 -7.56 -0.45 12.80
C ASP B 42 -6.79 0.81 12.44
N ALA B 43 -5.59 0.90 12.98
CA ALA B 43 -4.73 2.05 12.78
C ALA B 43 -4.35 2.19 11.31
N ILE B 44 -3.91 1.11 10.70
CA ILE B 44 -3.50 1.13 9.30
C ILE B 44 -4.69 1.44 8.39
N ALA B 45 -5.82 0.84 8.71
CA ALA B 45 -7.03 1.01 7.91
C ALA B 45 -7.46 2.48 7.85
N GLN B 46 -7.46 3.14 9.01
CA GLN B 46 -7.90 4.53 9.07
C GLN B 46 -6.89 5.46 8.40
N VAL B 47 -5.62 5.05 8.31
CA VAL B 47 -4.61 5.83 7.63
C VAL B 47 -4.94 5.93 6.14
N ILE B 48 -5.29 4.80 5.54
CA ILE B 48 -5.67 4.76 4.13
C ILE B 48 -6.88 5.65 3.87
N LEU B 49 -7.89 5.52 4.73
CA LEU B 49 -9.13 6.25 4.58
C LEU B 49 -8.96 7.74 4.89
N ASN B 50 -7.97 8.07 5.71
CA ASN B 50 -7.65 9.47 5.98
C ASN B 50 -6.98 10.09 4.77
N ALA B 51 -6.30 9.27 3.99
CA ALA B 51 -5.71 9.72 2.74
C ALA B 51 -6.81 10.02 1.72
N VAL B 52 -7.95 9.37 1.89
CA VAL B 52 -9.15 9.67 1.11
C VAL B 52 -9.79 10.94 1.65
N SER B 53 -9.77 11.09 2.97
CA SER B 53 -10.32 12.26 3.62
C SER B 53 -9.56 13.53 3.19
N THR B 54 -8.30 13.36 2.83
CA THR B 54 -7.48 14.47 2.38
C THR B 54 -7.38 14.47 0.84
N ASN B 55 -8.38 13.90 0.19
CA ASN B 55 -8.44 13.93 -1.27
C ASN B 55 -8.78 15.32 -1.77
N THR B 56 -7.74 16.08 -2.05
CA THR B 56 -7.90 17.41 -2.63
C THR B 56 -6.80 17.62 -3.68
N GLY B 57 -7.22 17.94 -4.89
CA GLY B 57 -6.29 18.12 -5.98
C GLY B 57 -6.62 17.22 -7.14
N ALA B 58 -6.05 17.50 -8.30
CA ALA B 58 -6.32 16.72 -9.50
C ALA B 58 -5.64 15.36 -9.42
N THR B 59 -4.51 15.32 -8.74
CA THR B 59 -3.71 14.12 -8.62
C THR B 59 -4.34 13.12 -7.65
N ALA B 60 -5.33 13.59 -6.90
CA ALA B 60 -6.02 12.74 -5.92
C ALA B 60 -6.79 11.62 -6.62
N SER B 61 -7.02 11.80 -7.92
CA SER B 61 -7.72 10.81 -8.72
C SER B 61 -6.95 9.49 -8.75
N ALA B 62 -5.67 9.56 -9.06
CA ALA B 62 -4.82 8.39 -9.08
C ALA B 62 -4.54 7.90 -7.67
N ARG B 63 -4.52 8.84 -6.72
CA ARG B 63 -4.30 8.51 -5.33
C ARG B 63 -5.37 7.54 -4.85
N ALA B 64 -6.63 7.84 -5.19
CA ALA B 64 -7.76 7.00 -4.83
C ALA B 64 -7.54 5.57 -5.33
N GLN B 65 -7.02 5.45 -6.54
CA GLN B 65 -6.74 4.16 -7.13
C GLN B 65 -5.65 3.44 -6.32
N ALA B 66 -4.56 4.15 -6.07
CA ALA B 66 -3.43 3.58 -5.33
C ALA B 66 -3.84 3.16 -3.92
N LEU B 67 -4.74 3.93 -3.32
CA LEU B 67 -5.19 3.67 -1.96
C LEU B 67 -5.93 2.34 -1.86
N SER B 68 -6.68 1.99 -2.91
CA SER B 68 -7.40 0.72 -2.90
C SER B 68 -6.41 -0.44 -2.90
N THR B 69 -5.35 -0.30 -3.67
CA THR B 69 -4.30 -1.30 -3.73
C THR B 69 -3.52 -1.34 -2.43
N ALA B 70 -3.19 -0.16 -1.91
CA ALA B 70 -2.45 -0.05 -0.66
C ALA B 70 -3.22 -0.66 0.50
N LEU B 71 -4.53 -0.40 0.53
CA LEU B 71 -5.40 -0.95 1.57
C LEU B 71 -5.37 -2.48 1.52
N ALA B 72 -5.57 -3.02 0.33
CA ALA B 72 -5.59 -4.46 0.13
C ALA B 72 -4.24 -5.09 0.45
N SER B 73 -3.18 -4.38 0.12
CA SER B 73 -1.82 -4.89 0.29
C SER B 73 -1.39 -4.81 1.75
N SER B 74 -1.39 -3.61 2.30
CA SER B 74 -0.82 -3.36 3.62
C SER B 74 -1.55 -4.15 4.70
N LEU B 75 -2.88 -4.16 4.66
CA LEU B 75 -3.67 -4.85 5.67
C LEU B 75 -3.41 -6.35 5.63
N THR B 76 -3.26 -6.89 4.43
CA THR B 76 -3.03 -8.32 4.27
C THR B 76 -1.59 -8.68 4.63
N ASP B 77 -0.63 -7.87 4.18
CA ASP B 77 0.78 -8.14 4.41
C ASP B 77 1.11 -8.13 5.90
N LEU B 78 0.58 -7.14 6.61
CA LEU B 78 0.74 -7.04 8.06
C LEU B 78 0.14 -8.29 8.71
N LEU B 79 -0.99 -8.71 8.17
CA LEU B 79 -1.77 -9.82 8.73
C LEU B 79 -1.04 -11.16 8.54
N ILE B 80 0.03 -11.17 7.76
CA ILE B 80 0.78 -12.40 7.54
C ILE B 80 2.10 -12.38 8.33
N ALA B 81 2.72 -11.21 8.41
CA ALA B 81 4.09 -11.08 8.92
C ALA B 81 4.31 -11.71 10.29
N GLU B 82 3.99 -10.98 11.36
CA GLU B 82 4.24 -11.49 12.70
C GLU B 82 2.99 -12.16 13.24
N SER B 83 2.01 -12.33 12.36
CA SER B 83 0.73 -12.91 12.73
C SER B 83 0.76 -14.42 12.56
N ALA B 84 1.95 -14.94 12.30
CA ALA B 84 2.15 -16.34 11.97
C ALA B 84 1.58 -16.65 10.60
N GLU B 85 2.47 -16.67 9.64
CA GLU B 85 2.16 -17.03 8.25
C GLU B 85 1.27 -18.27 8.10
N SER B 86 1.25 -19.14 9.10
CA SER B 86 0.39 -20.32 9.05
C SER B 86 -1.00 -19.99 9.58
N ASN B 87 -1.09 -19.04 10.50
CA ASN B 87 -2.35 -18.72 11.17
C ASN B 87 -3.02 -17.50 10.54
N TYR B 88 -2.34 -16.91 9.55
CA TYR B 88 -2.86 -15.71 8.91
C TYR B 88 -4.20 -16.01 8.23
N ASN B 89 -4.40 -17.27 7.84
CA ASN B 89 -5.62 -17.68 7.15
C ASN B 89 -6.84 -17.44 8.03
N ASN B 90 -6.68 -17.65 9.33
CA ASN B 90 -7.74 -17.44 10.30
C ASN B 90 -8.32 -16.04 10.18
N GLN B 91 -7.45 -15.04 10.18
CA GLN B 91 -7.88 -13.66 10.11
C GLN B 91 -8.21 -13.26 8.66
N LEU B 92 -7.44 -13.80 7.72
CA LEU B 92 -7.62 -13.50 6.30
C LEU B 92 -9.05 -13.87 5.85
N SER B 93 -9.51 -15.03 6.32
CA SER B 93 -10.83 -15.54 5.95
C SER B 93 -11.94 -14.57 6.35
N GLU B 94 -11.70 -13.81 7.41
CA GLU B 94 -12.70 -12.86 7.90
C GLU B 94 -12.56 -11.52 7.19
N LEU B 95 -11.30 -11.11 6.99
CA LEU B 95 -10.98 -9.79 6.46
C LEU B 95 -11.63 -9.55 5.09
N THR B 96 -11.54 -10.54 4.21
CA THR B 96 -12.10 -10.42 2.87
C THR B 96 -13.62 -10.20 2.91
N GLY B 97 -14.26 -10.82 3.89
CA GLY B 97 -15.70 -10.69 4.02
C GLY B 97 -16.10 -9.31 4.50
N ILE B 98 -15.38 -8.83 5.51
CA ILE B 98 -15.67 -7.52 6.11
C ILE B 98 -15.61 -6.42 5.06
N LEU B 99 -14.55 -6.43 4.26
CA LEU B 99 -14.36 -5.43 3.20
C LEU B 99 -15.56 -5.41 2.26
N SER B 100 -15.81 -6.54 1.60
CA SER B 100 -16.87 -6.66 0.63
C SER B 100 -18.22 -6.26 1.22
N ASN B 101 -18.46 -6.68 2.46
CA ASN B 101 -19.70 -6.39 3.16
C ASN B 101 -19.88 -4.90 3.40
N CYS B 102 -18.82 -4.25 3.88
CA CYS B 102 -18.88 -2.82 4.18
C CYS B 102 -18.88 -1.97 2.91
N PHE B 103 -18.20 -2.44 1.85
CA PHE B 103 -18.18 -1.70 0.59
C PHE B 103 -19.58 -1.43 0.07
N ILE B 104 -20.40 -2.47 -0.01
CA ILE B 104 -21.77 -2.33 -0.47
C ILE B 104 -22.54 -1.33 0.37
N GLN B 105 -22.41 -1.44 1.69
CA GLN B 105 -23.21 -0.63 2.60
C GLN B 105 -22.72 0.81 2.64
N THR B 106 -21.46 1.03 2.25
CA THR B 106 -20.88 2.36 2.30
C THR B 106 -20.99 3.07 0.95
N THR B 107 -20.65 2.36 -0.12
CA THR B 107 -20.68 2.95 -1.45
C THR B 107 -22.07 2.84 -2.07
N GLY B 108 -22.80 1.82 -1.64
CA GLY B 108 -24.08 1.52 -2.24
C GLY B 108 -23.91 0.90 -3.61
N SER B 109 -22.76 0.26 -3.82
CA SER B 109 -22.43 -0.30 -5.12
C SER B 109 -21.42 -1.45 -4.98
N ASP B 110 -21.21 -2.16 -6.07
CA ASP B 110 -20.32 -3.32 -6.09
C ASP B 110 -18.91 -2.89 -6.48
N ASN B 111 -17.91 -3.67 -6.08
CA ASN B 111 -16.51 -3.33 -6.36
C ASN B 111 -15.68 -4.61 -6.46
N PRO B 112 -15.83 -5.35 -7.58
CA PRO B 112 -15.15 -6.65 -7.77
C PRO B 112 -13.65 -6.53 -7.96
N ALA B 113 -13.23 -5.52 -8.74
CA ALA B 113 -11.82 -5.33 -9.07
C ALA B 113 -10.94 -5.18 -7.83
N PHE B 114 -11.54 -4.69 -6.75
CA PHE B 114 -10.84 -4.51 -5.49
C PHE B 114 -10.40 -5.86 -4.93
N VAL B 115 -11.34 -6.79 -4.85
CA VAL B 115 -11.09 -8.12 -4.30
C VAL B 115 -10.10 -8.88 -5.19
N SER B 116 -10.21 -8.66 -6.49
CA SER B 116 -9.31 -9.27 -7.45
C SER B 116 -7.87 -8.80 -7.21
N ARG B 117 -7.71 -7.52 -6.90
CA ARG B 117 -6.41 -6.97 -6.57
C ARG B 117 -5.87 -7.67 -5.32
N ILE B 118 -6.74 -7.81 -4.31
CA ILE B 118 -6.38 -8.45 -3.05
C ILE B 118 -5.75 -9.83 -3.28
N GLN B 119 -6.50 -10.70 -3.95
CA GLN B 119 -6.07 -12.09 -4.18
C GLN B 119 -4.71 -12.14 -4.87
N SER B 120 -4.52 -11.26 -5.83
CA SER B 120 -3.27 -11.23 -6.59
C SER B 120 -2.12 -10.74 -5.72
N LEU B 121 -2.43 -9.84 -4.80
CA LEU B 121 -1.43 -9.30 -3.89
C LEU B 121 -1.05 -10.35 -2.83
N ILE B 122 -2.05 -11.05 -2.32
CA ILE B 122 -1.84 -12.10 -1.32
C ILE B 122 -0.79 -13.10 -1.82
N SER B 123 -0.86 -13.40 -3.11
CA SER B 123 0.05 -14.34 -3.74
C SER B 123 1.51 -13.91 -3.54
N VAL B 124 1.79 -12.63 -3.77
CA VAL B 124 3.16 -12.13 -3.70
C VAL B 124 3.53 -11.73 -2.27
N LEU B 125 2.52 -11.53 -1.43
CA LEU B 125 2.74 -11.19 -0.03
C LEU B 125 3.15 -12.42 0.76
N SER B 126 2.54 -13.56 0.43
CA SER B 126 2.77 -14.80 1.17
C SER B 126 4.02 -15.53 0.66
N GLN B 127 4.90 -14.81 -0.02
CA GLN B 127 6.12 -15.40 -0.55
C GLN B 127 7.25 -15.33 0.47
N ASN B 128 7.13 -16.14 1.52
CA ASN B 128 8.16 -16.26 2.57
C ASN B 128 8.27 -15.00 3.42
N THR B 129 7.75 -15.06 4.64
CA THR B 129 7.80 -13.93 5.55
C THR B 129 9.07 -13.97 6.39
N ASP B 130 10.10 -14.55 5.81
CA ASP B 130 11.41 -14.66 6.46
C ASP B 130 12.19 -13.37 6.24
N VAL B 131 11.47 -12.32 5.84
CA VAL B 131 12.05 -11.02 5.56
C VAL B 131 12.25 -10.24 6.86
N ASN B 132 11.74 -10.80 7.94
CA ASN B 132 11.74 -10.11 9.22
C ASN B 132 13.01 -10.37 9.99
N ILE B 133 14.07 -9.70 9.55
CA ILE B 133 15.37 -9.80 10.19
C ILE B 133 15.56 -8.64 11.16
N ILE B 134 14.47 -7.92 11.43
CA ILE B 134 14.51 -6.78 12.33
C ILE B 134 14.84 -7.24 13.74
N SER B 135 16.10 -7.07 14.12
CA SER B 135 16.58 -7.55 15.41
C SER B 135 16.84 -6.39 16.34
N THR B 136 15.90 -5.47 16.40
CA THR B 136 16.01 -4.28 17.23
C THR B 136 15.21 -4.43 18.51
N ALA B 137 15.03 -5.66 18.94
CA ALA B 137 14.31 -5.95 20.17
C ALA B 137 15.25 -5.89 21.36
N GLY A 1 7.89 -14.22 7.17
CA GLY A 1 8.42 -14.40 8.55
C GLY A 1 9.53 -13.43 8.85
N ALA A 2 10.43 -13.83 9.75
CA ALA A 2 11.56 -12.99 10.14
C ALA A 2 12.49 -12.73 8.96
N VAL A 3 12.93 -11.49 8.82
CA VAL A 3 13.84 -11.12 7.76
C VAL A 3 15.20 -10.78 8.36
N THR A 4 16.28 -11.17 7.67
CA THR A 4 17.63 -10.95 8.18
C THR A 4 18.16 -9.57 7.79
N ALA A 5 17.28 -8.73 7.29
CA ALA A 5 17.64 -7.41 6.84
C ALA A 5 16.57 -6.40 7.23
N VAL A 6 16.87 -5.59 8.23
CA VAL A 6 15.93 -4.60 8.71
C VAL A 6 16.41 -3.18 8.40
N PRO A 7 15.72 -2.49 7.48
CA PRO A 7 16.02 -1.09 7.17
C PRO A 7 15.52 -0.16 8.26
N SER A 8 16.44 0.54 8.90
CA SER A 8 16.10 1.38 10.05
C SER A 8 15.24 2.58 9.65
N VAL A 9 15.13 2.83 8.35
CA VAL A 9 14.24 3.88 7.85
C VAL A 9 12.80 3.63 8.29
N PHE A 10 12.42 2.35 8.36
CA PHE A 10 11.06 1.97 8.67
C PHE A 10 10.88 1.65 10.15
N SER A 11 11.95 1.76 10.91
CA SER A 11 11.90 1.49 12.35
C SER A 11 12.33 2.72 13.15
N SER A 12 12.81 3.74 12.46
CA SER A 12 13.29 4.95 13.12
C SER A 12 12.69 6.19 12.46
N PRO A 13 11.76 6.85 13.16
CA PRO A 13 11.04 8.04 12.65
C PRO A 13 11.95 9.12 12.07
N ASN A 14 13.15 9.30 12.65
CA ASN A 14 14.06 10.34 12.20
C ASN A 14 14.62 10.02 10.81
N LEU A 15 14.90 8.75 10.56
CA LEU A 15 15.41 8.32 9.27
C LEU A 15 14.30 8.36 8.23
N ALA A 16 13.08 8.09 8.67
CA ALA A 16 11.92 8.20 7.80
C ALA A 16 11.82 9.61 7.23
N SER A 17 11.99 10.59 8.12
CA SER A 17 11.99 11.99 7.71
C SER A 17 13.08 12.25 6.69
N GLY A 18 14.30 11.84 7.01
CA GLY A 18 15.42 12.06 6.13
C GLY A 18 15.23 11.40 4.78
N PHE A 19 14.66 10.20 4.79
CA PHE A 19 14.37 9.47 3.57
C PHE A 19 13.35 10.22 2.72
N LEU A 20 12.30 10.73 3.36
CA LEU A 20 11.27 11.49 2.68
C LEU A 20 11.85 12.77 2.07
N GLN A 21 12.76 13.41 2.80
CA GLN A 21 13.40 14.63 2.33
C GLN A 21 14.27 14.36 1.12
N CYS A 22 14.74 13.12 1.00
CA CYS A 22 15.58 12.73 -0.12
C CYS A 22 14.71 12.38 -1.31
N LEU A 23 13.57 11.77 -1.01
CA LEU A 23 12.61 11.36 -2.02
C LEU A 23 12.16 12.55 -2.87
N THR A 24 11.67 13.59 -2.21
CA THR A 24 11.13 14.75 -2.90
C THR A 24 12.22 15.49 -3.69
N PHE A 25 13.41 15.54 -3.10
CA PHE A 25 14.55 16.19 -3.74
C PHE A 25 15.02 15.36 -4.95
N GLY A 26 14.82 14.05 -4.87
CA GLY A 26 15.16 13.17 -5.96
C GLY A 26 14.12 13.17 -7.05
N ILE A 27 12.85 13.15 -6.66
CA ILE A 27 11.74 13.23 -7.61
C ILE A 27 11.82 14.53 -8.38
N GLY A 28 12.14 15.61 -7.66
CA GLY A 28 12.33 16.90 -8.29
C GLY A 28 13.75 17.08 -8.80
N ASN A 29 14.33 15.98 -9.25
CA ASN A 29 15.70 15.98 -9.76
C ASN A 29 15.78 15.18 -11.05
N SER A 30 15.00 14.11 -11.12
CA SER A 30 14.94 13.28 -12.31
C SER A 30 14.14 13.99 -13.42
N PRO A 31 14.65 13.95 -14.65
CA PRO A 31 14.04 14.68 -15.78
C PRO A 31 12.77 14.02 -16.32
N ALA A 32 12.40 12.88 -15.75
CA ALA A 32 11.21 12.17 -16.20
C ALA A 32 10.00 12.53 -15.35
N PHE A 33 10.20 13.39 -14.36
CA PHE A 33 9.13 13.77 -13.46
C PHE A 33 8.82 15.24 -13.58
N PRO A 34 7.72 15.58 -14.25
CA PRO A 34 7.22 16.95 -14.29
C PRO A 34 6.73 17.37 -12.90
N THR A 35 6.63 18.67 -12.68
CA THR A 35 6.21 19.20 -11.39
C THR A 35 4.87 18.61 -10.97
N GLN A 36 4.03 18.34 -11.95
CA GLN A 36 2.73 17.72 -11.72
C GLN A 36 2.87 16.37 -11.02
N GLU A 37 3.58 15.44 -11.66
CA GLU A 37 3.77 14.11 -11.09
C GLU A 37 4.66 14.19 -9.85
N GLN A 38 5.59 15.14 -9.85
CA GLN A 38 6.46 15.39 -8.71
C GLN A 38 5.63 15.65 -7.45
N GLN A 39 4.64 16.51 -7.58
CA GLN A 39 3.79 16.88 -6.45
C GLN A 39 2.90 15.72 -6.01
N ASP A 40 2.33 15.02 -6.99
CA ASP A 40 1.40 13.94 -6.69
C ASP A 40 2.11 12.76 -6.04
N LEU A 41 3.34 12.50 -6.49
CA LEU A 41 4.16 11.46 -5.88
C LEU A 41 4.51 11.82 -4.44
N ASP A 42 4.88 13.09 -4.23
CA ASP A 42 5.17 13.58 -2.89
C ASP A 42 3.95 13.42 -1.98
N ALA A 43 2.79 13.81 -2.52
CA ALA A 43 1.53 13.73 -1.78
C ALA A 43 1.26 12.31 -1.30
N ILE A 44 1.60 11.33 -2.12
CA ILE A 44 1.38 9.93 -1.77
C ILE A 44 2.48 9.42 -0.84
N ALA A 45 3.73 9.74 -1.18
CA ALA A 45 4.89 9.26 -0.44
C ALA A 45 4.85 9.71 1.02
N GLN A 46 4.51 10.98 1.24
CA GLN A 46 4.51 11.54 2.59
C GLN A 46 3.54 10.80 3.51
N VAL A 47 2.50 10.20 2.92
CA VAL A 47 1.51 9.47 3.72
C VAL A 47 2.14 8.27 4.41
N ILE A 48 2.94 7.52 3.66
CA ILE A 48 3.60 6.33 4.20
C ILE A 48 4.62 6.73 5.27
N LEU A 49 5.39 7.78 4.99
CA LEU A 49 6.41 8.26 5.91
C LEU A 49 5.78 8.87 7.17
N ASN A 50 4.50 9.23 7.09
CA ASN A 50 3.78 9.76 8.24
C ASN A 50 3.32 8.63 9.16
N ALA A 51 3.29 7.42 8.63
CA ALA A 51 2.85 6.27 9.41
C ALA A 51 4.02 5.60 10.12
N VAL A 52 5.23 5.81 9.60
CA VAL A 52 6.43 5.22 10.19
C VAL A 52 6.99 6.12 11.29
N SER A 53 6.78 7.42 11.17
CA SER A 53 7.29 8.35 12.17
C SER A 53 6.40 8.35 13.42
N THR A 54 5.43 7.46 13.46
CA THR A 54 4.51 7.36 14.58
C THR A 54 4.34 5.90 15.03
N ASN A 55 5.26 5.04 14.61
CA ASN A 55 5.16 3.62 14.97
C ASN A 55 5.69 3.39 16.37
N THR A 56 5.13 2.39 17.04
CA THR A 56 5.59 1.98 18.35
C THR A 56 4.82 0.73 18.80
N GLY A 57 5.53 -0.17 19.44
CA GLY A 57 4.90 -1.39 19.93
C GLY A 57 5.59 -2.62 19.39
N ALA A 58 4.95 -3.77 19.57
CA ALA A 58 5.52 -5.04 19.13
C ALA A 58 5.22 -5.27 17.65
N THR A 59 4.07 -4.79 17.21
CA THR A 59 3.65 -4.94 15.83
C THR A 59 4.35 -3.95 14.91
N ALA A 60 5.16 -3.07 15.49
CA ALA A 60 5.86 -2.03 14.73
C ALA A 60 6.79 -2.65 13.69
N SER A 61 7.38 -3.79 14.03
CA SER A 61 8.30 -4.47 13.13
C SER A 61 7.57 -4.93 11.86
N ALA A 62 6.45 -5.62 12.06
CA ALA A 62 5.64 -6.08 10.94
C ALA A 62 5.04 -4.92 10.17
N ARG A 63 4.70 -3.86 10.89
CA ARG A 63 4.14 -2.66 10.26
C ARG A 63 5.16 -2.02 9.33
N ALA A 64 6.44 -2.12 9.71
CA ALA A 64 7.52 -1.60 8.87
C ALA A 64 7.56 -2.34 7.54
N GLN A 65 7.38 -3.66 7.62
CA GLN A 65 7.32 -4.50 6.44
C GLN A 65 6.14 -4.09 5.55
N ALA A 66 4.99 -3.89 6.18
CA ALA A 66 3.79 -3.45 5.48
C ALA A 66 4.00 -2.09 4.84
N LEU A 67 4.61 -1.17 5.59
CA LEU A 67 4.88 0.18 5.10
C LEU A 67 5.76 0.17 3.87
N SER A 68 6.82 -0.64 3.89
CA SER A 68 7.73 -0.72 2.76
C SER A 68 6.99 -1.22 1.51
N THR A 69 6.11 -2.19 1.70
CA THR A 69 5.33 -2.72 0.60
C THR A 69 4.30 -1.70 0.13
N ALA A 70 3.62 -1.07 1.08
CA ALA A 70 2.60 -0.07 0.76
C ALA A 70 3.22 1.12 0.03
N LEU A 71 4.42 1.52 0.45
CA LEU A 71 5.15 2.61 -0.18
C LEU A 71 5.38 2.29 -1.65
N ALA A 72 5.99 1.15 -1.91
CA ALA A 72 6.29 0.71 -3.26
C ALA A 72 5.02 0.55 -4.08
N SER A 73 4.01 -0.06 -3.48
CA SER A 73 2.76 -0.35 -4.17
C SER A 73 2.02 0.93 -4.54
N SER A 74 1.76 1.77 -3.53
CA SER A 74 0.95 2.97 -3.73
C SER A 74 1.61 3.93 -4.71
N LEU A 75 2.94 4.10 -4.56
CA LEU A 75 3.67 5.01 -5.44
C LEU A 75 3.67 4.51 -6.88
N THR A 76 3.90 3.22 -7.07
CA THR A 76 3.96 2.65 -8.40
C THR A 76 2.58 2.64 -9.06
N ASP A 77 1.55 2.30 -8.29
CA ASP A 77 0.18 2.25 -8.80
C ASP A 77 -0.24 3.64 -9.28
N LEU A 78 0.01 4.64 -8.44
CA LEU A 78 -0.28 6.02 -8.77
C LEU A 78 0.53 6.44 -9.99
N LEU A 79 1.79 6.04 -10.03
CA LEU A 79 2.70 6.38 -11.12
C LEU A 79 2.18 5.85 -12.46
N ILE A 80 2.01 4.53 -12.55
CA ILE A 80 1.60 3.89 -13.80
C ILE A 80 0.39 4.58 -14.44
N ALA A 81 -0.58 4.93 -13.61
CA ALA A 81 -1.81 5.55 -14.09
C ALA A 81 -1.57 6.96 -14.65
N GLU A 82 -0.73 7.72 -13.96
CA GLU A 82 -0.49 9.12 -14.34
C GLU A 82 0.66 9.24 -15.34
N SER A 83 1.36 8.14 -15.55
CA SER A 83 2.50 8.12 -16.45
C SER A 83 2.11 7.51 -17.78
N ALA A 84 0.89 7.00 -17.85
CA ALA A 84 0.44 6.17 -18.95
C ALA A 84 1.19 4.84 -18.93
N GLU A 85 0.45 3.75 -18.79
CA GLU A 85 1.02 2.41 -18.76
C GLU A 85 1.90 2.11 -19.98
N SER A 86 1.78 2.92 -21.02
CA SER A 86 2.63 2.79 -22.18
C SER A 86 4.04 3.34 -21.90
N ASN A 87 4.12 4.34 -21.03
CA ASN A 87 5.36 5.08 -20.84
C ASN A 87 5.77 5.08 -19.35
N TYR A 88 5.12 4.26 -18.54
CA TYR A 88 5.38 4.27 -17.10
C TYR A 88 6.81 3.85 -16.76
N ASN A 89 7.42 3.08 -17.66
CA ASN A 89 8.73 2.49 -17.38
C ASN A 89 9.79 3.57 -17.20
N ASN A 90 9.58 4.72 -17.85
CA ASN A 90 10.54 5.81 -17.77
C ASN A 90 10.54 6.39 -16.37
N GLN A 91 9.36 6.77 -15.90
CA GLN A 91 9.19 7.27 -14.54
C GLN A 91 9.56 6.20 -13.52
N LEU A 92 9.16 4.96 -13.80
CA LEU A 92 9.43 3.83 -12.91
C LEU A 92 10.93 3.65 -12.68
N SER A 93 11.69 3.70 -13.77
CA SER A 93 13.13 3.52 -13.72
C SER A 93 13.77 4.62 -12.87
N GLU A 94 13.27 5.85 -13.04
CA GLU A 94 13.77 6.97 -12.27
C GLU A 94 13.38 6.86 -10.80
N LEU A 95 12.10 6.55 -10.58
CA LEU A 95 11.55 6.44 -9.24
C LEU A 95 12.29 5.41 -8.41
N THR A 96 12.46 4.21 -8.95
CA THR A 96 13.15 3.14 -8.26
C THR A 96 14.60 3.53 -7.99
N GLY A 97 15.20 4.26 -8.93
CA GLY A 97 16.54 4.77 -8.74
C GLY A 97 16.62 5.72 -7.56
N ILE A 98 15.65 6.63 -7.49
CA ILE A 98 15.56 7.57 -6.38
C ILE A 98 15.40 6.83 -5.06
N LEU A 99 14.50 5.85 -5.05
CA LEU A 99 14.23 5.04 -3.87
C LEU A 99 15.50 4.37 -3.36
N SER A 100 16.10 3.52 -4.18
CA SER A 100 17.30 2.77 -3.78
C SER A 100 18.47 3.70 -3.46
N ASN A 101 18.50 4.86 -4.10
CA ASN A 101 19.53 5.86 -3.82
C ASN A 101 19.36 6.40 -2.41
N CYS A 102 18.16 6.84 -2.10
CA CYS A 102 17.86 7.41 -0.80
C CYS A 102 17.99 6.36 0.29
N PHE A 103 17.67 5.11 -0.03
CA PHE A 103 17.91 4.01 0.90
C PHE A 103 19.39 3.93 1.25
N ILE A 104 20.24 3.92 0.22
CA ILE A 104 21.68 3.90 0.41
C ILE A 104 22.13 5.07 1.27
N GLN A 105 21.51 6.22 1.08
CA GLN A 105 21.90 7.41 1.79
C GLN A 105 21.43 7.38 3.24
N THR A 106 20.14 7.11 3.43
CA THR A 106 19.51 7.23 4.74
C THR A 106 19.70 5.98 5.60
N THR A 107 19.56 4.79 5.02
CA THR A 107 19.66 3.56 5.81
C THR A 107 20.99 2.86 5.54
N GLY A 108 21.72 3.34 4.54
CA GLY A 108 23.05 2.80 4.26
C GLY A 108 23.00 1.49 3.49
N SER A 109 21.87 1.18 2.89
CA SER A 109 21.73 -0.05 2.13
C SER A 109 20.70 0.12 1.02
N ASP A 110 20.83 -0.68 -0.03
CA ASP A 110 19.95 -0.59 -1.20
C ASP A 110 18.58 -1.18 -0.86
N ASN A 111 18.58 -2.13 0.07
CA ASN A 111 17.36 -2.78 0.55
C ASN A 111 16.81 -3.74 -0.50
N PRO A 112 17.26 -5.02 -0.45
CA PRO A 112 16.86 -6.04 -1.41
C PRO A 112 15.37 -6.38 -1.33
N ALA A 113 14.85 -6.38 -0.12
CA ALA A 113 13.46 -6.76 0.11
C ALA A 113 12.51 -5.77 -0.56
N PHE A 114 12.86 -4.50 -0.48
CA PHE A 114 12.02 -3.44 -1.02
C PHE A 114 11.90 -3.57 -2.54
N VAL A 115 13.05 -3.60 -3.22
CA VAL A 115 13.08 -3.68 -4.67
C VAL A 115 12.44 -4.98 -5.17
N SER A 116 12.60 -6.06 -4.39
CA SER A 116 11.99 -7.33 -4.74
C SER A 116 10.47 -7.24 -4.68
N ARG A 117 9.97 -6.57 -3.65
CA ARG A 117 8.53 -6.37 -3.49
C ARG A 117 7.97 -5.58 -4.67
N ILE A 118 8.68 -4.52 -5.06
CA ILE A 118 8.26 -3.66 -6.16
C ILE A 118 7.95 -4.47 -7.42
N GLN A 119 8.89 -5.34 -7.80
CA GLN A 119 8.80 -6.11 -9.04
C GLN A 119 7.47 -6.87 -9.16
N SER A 120 7.11 -7.60 -8.12
CA SER A 120 5.88 -8.38 -8.14
C SER A 120 4.65 -7.48 -8.03
N LEU A 121 4.80 -6.34 -7.36
CA LEU A 121 3.71 -5.39 -7.25
C LEU A 121 3.40 -4.78 -8.62
N ILE A 122 4.44 -4.51 -9.39
CA ILE A 122 4.28 -3.99 -10.75
C ILE A 122 3.44 -4.94 -11.58
N SER A 123 3.71 -6.24 -11.44
CA SER A 123 3.01 -7.27 -12.18
C SER A 123 1.52 -7.30 -11.82
N VAL A 124 1.18 -6.76 -10.66
CA VAL A 124 -0.19 -6.69 -10.20
C VAL A 124 -0.84 -5.37 -10.63
N LEU A 125 -0.15 -4.28 -10.36
CA LEU A 125 -0.68 -2.94 -10.58
C LEU A 125 -0.94 -2.66 -12.06
N SER A 126 -0.07 -3.15 -12.92
CA SER A 126 -0.18 -2.85 -14.34
C SER A 126 -0.99 -3.91 -15.07
N GLN A 127 -1.47 -4.91 -14.32
CA GLN A 127 -2.18 -6.03 -14.93
C GLN A 127 -3.65 -5.70 -15.16
N ASN A 128 -3.88 -4.86 -16.15
CA ASN A 128 -5.24 -4.54 -16.58
C ASN A 128 -5.52 -5.21 -17.92
N THR A 129 -6.28 -6.29 -17.88
CA THR A 129 -6.57 -7.05 -19.08
C THR A 129 -7.59 -6.34 -19.97
N ASP A 130 -7.10 -5.45 -20.81
CA ASP A 130 -7.96 -4.69 -21.72
C ASP A 130 -8.55 -5.61 -22.77
N VAL A 131 -7.81 -6.66 -23.08
CA VAL A 131 -8.25 -7.67 -24.04
C VAL A 131 -9.58 -8.29 -23.62
N ASN A 132 -9.71 -8.57 -22.33
CA ASN A 132 -10.92 -9.18 -21.81
C ASN A 132 -10.89 -9.20 -20.28
N ILE A 133 -11.90 -8.57 -19.68
CA ILE A 133 -12.00 -8.52 -18.23
C ILE A 133 -12.97 -9.58 -17.71
N ILE A 134 -13.44 -10.45 -18.60
CA ILE A 134 -14.41 -11.44 -18.24
C ILE A 134 -13.73 -12.69 -17.68
N SER A 135 -13.53 -12.69 -16.38
CA SER A 135 -12.92 -13.84 -15.71
C SER A 135 -13.98 -14.65 -14.98
N THR A 136 -15.20 -14.55 -15.45
CA THR A 136 -16.33 -15.19 -14.80
C THR A 136 -16.72 -16.48 -15.52
N ALA A 137 -16.04 -16.77 -16.62
CA ALA A 137 -16.34 -17.97 -17.42
C ALA A 137 -15.92 -19.23 -16.68
N GLY B 1 -12.28 -10.88 -11.13
CA GLY B 1 -13.48 -10.13 -11.44
C GLY B 1 -13.19 -8.67 -11.74
N ALA B 2 -12.50 -8.42 -12.84
CA ALA B 2 -12.15 -7.07 -13.23
C ALA B 2 -13.36 -6.36 -13.83
N VAL B 3 -13.77 -5.27 -13.19
CA VAL B 3 -14.91 -4.50 -13.65
C VAL B 3 -14.69 -3.02 -13.36
N THR B 4 -15.15 -2.17 -14.25
CA THR B 4 -15.01 -0.74 -14.06
C THR B 4 -16.04 -0.20 -13.08
N ALA B 5 -15.79 -0.44 -11.80
CA ALA B 5 -16.67 0.04 -10.74
C ALA B 5 -15.89 0.90 -9.77
N VAL B 6 -16.48 2.00 -9.35
CA VAL B 6 -15.80 2.96 -8.49
C VAL B 6 -16.53 3.11 -7.15
N PRO B 7 -15.86 2.76 -6.06
CA PRO B 7 -16.37 2.98 -4.71
C PRO B 7 -16.34 4.45 -4.33
N SER B 8 -17.51 5.03 -4.09
CA SER B 8 -17.63 6.46 -3.78
C SER B 8 -17.02 6.76 -2.40
N VAL B 9 -16.64 5.72 -1.70
CA VAL B 9 -16.01 5.85 -0.40
C VAL B 9 -14.67 6.58 -0.52
N PHE B 10 -13.95 6.29 -1.60
CA PHE B 10 -12.61 6.84 -1.78
C PHE B 10 -12.65 8.18 -2.51
N SER B 11 -13.83 8.60 -2.91
CA SER B 11 -13.98 9.87 -3.61
C SER B 11 -14.75 10.87 -2.75
N SER B 12 -15.20 10.43 -1.59
CA SER B 12 -15.98 11.27 -0.70
C SER B 12 -15.53 11.12 0.75
N PRO B 13 -14.91 12.17 1.32
CA PRO B 13 -14.37 12.16 2.68
C PRO B 13 -15.40 11.73 3.74
N ASN B 14 -16.66 12.10 3.52
CA ASN B 14 -17.73 11.78 4.45
C ASN B 14 -17.98 10.26 4.47
N LEU B 15 -17.93 9.64 3.30
CA LEU B 15 -18.13 8.20 3.19
C LEU B 15 -16.91 7.45 3.70
N ALA B 16 -15.74 8.07 3.55
CA ALA B 16 -14.51 7.49 4.05
C ALA B 16 -14.59 7.22 5.54
N SER B 17 -15.09 8.19 6.29
CA SER B 17 -15.25 8.03 7.73
C SER B 17 -16.29 6.94 8.02
N GLY B 18 -17.37 6.95 7.25
CA GLY B 18 -18.42 5.94 7.42
C GLY B 18 -17.91 4.53 7.23
N PHE B 19 -17.07 4.35 6.21
CA PHE B 19 -16.44 3.06 5.94
C PHE B 19 -15.56 2.65 7.12
N LEU B 20 -14.77 3.60 7.61
CA LEU B 20 -13.90 3.37 8.76
C LEU B 20 -14.72 3.00 10.00
N GLN B 21 -15.87 3.63 10.15
CA GLN B 21 -16.75 3.35 11.28
C GLN B 21 -17.35 1.95 11.19
N CYS B 22 -17.33 1.37 9.99
CA CYS B 22 -17.86 0.04 9.79
C CYS B 22 -16.75 -0.98 9.94
N LEU B 23 -15.56 -0.61 9.47
CA LEU B 23 -14.40 -1.48 9.54
C LEU B 23 -14.04 -1.83 10.97
N THR B 24 -13.78 -0.80 11.76
CA THR B 24 -13.33 -0.96 13.14
C THR B 24 -14.27 -1.85 13.95
N PHE B 25 -15.56 -1.63 13.76
CA PHE B 25 -16.58 -2.40 14.46
C PHE B 25 -16.67 -3.80 13.87
N GLY B 26 -16.66 -3.89 12.54
CA GLY B 26 -16.78 -5.16 11.84
C GLY B 26 -15.66 -6.13 12.17
N ILE B 27 -14.44 -5.61 12.25
CA ILE B 27 -13.29 -6.44 12.61
C ILE B 27 -13.46 -6.99 14.02
N GLY B 28 -13.88 -6.13 14.93
CA GLY B 28 -14.03 -6.52 16.31
C GLY B 28 -15.16 -7.51 16.53
N ASN B 29 -16.16 -7.47 15.66
CA ASN B 29 -17.30 -8.38 15.77
C ASN B 29 -16.92 -9.78 15.33
N SER B 30 -15.95 -9.87 14.45
CA SER B 30 -15.54 -11.16 13.89
C SER B 30 -14.70 -11.94 14.88
N PRO B 31 -15.19 -13.11 15.31
CA PRO B 31 -14.51 -13.96 16.31
C PRO B 31 -13.26 -14.64 15.76
N ALA B 32 -12.78 -14.14 14.63
CA ALA B 32 -11.55 -14.64 14.05
C ALA B 32 -10.40 -13.70 14.37
N PHE B 33 -10.73 -12.49 14.80
CA PHE B 33 -9.72 -11.46 15.06
C PHE B 33 -9.59 -11.20 16.54
N PRO B 34 -8.44 -11.58 17.10
CA PRO B 34 -8.09 -11.26 18.48
C PRO B 34 -7.69 -9.79 18.64
N THR B 35 -7.54 -9.35 19.88
CA THR B 35 -7.26 -7.97 20.19
C THR B 35 -5.99 -7.48 19.48
N GLN B 36 -4.95 -8.32 19.48
CA GLN B 36 -3.68 -7.99 18.86
C GLN B 36 -3.84 -7.71 17.37
N GLU B 37 -4.48 -8.63 16.67
CA GLU B 37 -4.61 -8.52 15.22
C GLU B 37 -5.59 -7.43 14.83
N GLN B 38 -6.61 -7.22 15.66
CA GLN B 38 -7.55 -6.13 15.42
C GLN B 38 -6.86 -4.78 15.60
N GLN B 39 -6.01 -4.71 16.62
CA GLN B 39 -5.38 -3.46 17.02
C GLN B 39 -4.65 -2.75 15.88
N ASP B 40 -3.76 -3.45 15.19
CA ASP B 40 -2.91 -2.80 14.19
C ASP B 40 -3.69 -2.56 12.91
N LEU B 41 -4.56 -3.50 12.54
CA LEU B 41 -5.42 -3.32 11.37
C LEU B 41 -6.35 -2.13 11.56
N ASP B 42 -6.87 -2.00 12.78
CA ASP B 42 -7.67 -0.85 13.18
C ASP B 42 -6.89 0.43 12.95
N ALA B 43 -5.63 0.41 13.35
CA ALA B 43 -4.74 1.57 13.23
C ALA B 43 -4.47 1.90 11.77
N ILE B 44 -4.07 0.90 11.00
CA ILE B 44 -3.75 1.11 9.59
C ILE B 44 -4.97 1.60 8.81
N ALA B 45 -6.14 1.09 9.16
CA ALA B 45 -7.38 1.49 8.50
C ALA B 45 -7.62 2.98 8.64
N GLN B 46 -7.51 3.49 9.87
CA GLN B 46 -7.75 4.90 10.13
C GLN B 46 -6.63 5.78 9.59
N VAL B 47 -5.57 5.16 9.09
CA VAL B 47 -4.49 5.89 8.43
C VAL B 47 -4.82 6.07 6.95
N ILE B 48 -5.24 5.00 6.29
CA ILE B 48 -5.61 5.06 4.89
C ILE B 48 -6.83 5.97 4.72
N LEU B 49 -7.83 5.78 5.59
CA LEU B 49 -9.04 6.56 5.54
C LEU B 49 -8.81 7.99 6.05
N ASN B 50 -7.58 8.27 6.47
CA ASN B 50 -7.22 9.61 6.93
C ASN B 50 -6.69 10.45 5.77
N ALA B 51 -6.27 9.78 4.70
CA ALA B 51 -5.75 10.46 3.53
C ALA B 51 -6.85 10.77 2.53
N VAL B 52 -7.87 9.93 2.52
CA VAL B 52 -8.99 10.11 1.61
C VAL B 52 -9.95 11.19 2.10
N SER B 53 -9.94 11.43 3.40
CA SER B 53 -10.85 12.39 4.00
C SER B 53 -10.41 13.84 3.77
N THR B 54 -9.43 14.02 2.87
CA THR B 54 -8.93 15.35 2.55
C THR B 54 -8.66 15.50 1.05
N ASN B 55 -9.14 14.55 0.25
CA ASN B 55 -8.90 14.61 -1.19
C ASN B 55 -10.00 15.40 -1.89
N THR B 56 -9.69 15.86 -3.11
CA THR B 56 -10.64 16.57 -3.93
C THR B 56 -10.01 16.85 -5.30
N GLY B 57 -10.78 16.65 -6.36
CA GLY B 57 -10.28 16.91 -7.69
C GLY B 57 -10.60 15.78 -8.65
N ALA B 58 -10.24 15.95 -9.91
CA ALA B 58 -10.52 14.97 -10.94
C ALA B 58 -9.54 13.80 -10.85
N THR B 59 -8.29 14.12 -10.57
CA THR B 59 -7.26 13.09 -10.47
C THR B 59 -7.28 12.42 -9.10
N ALA B 60 -8.28 12.74 -8.29
CA ALA B 60 -8.45 12.13 -6.99
C ALA B 60 -8.71 10.63 -7.13
N SER B 61 -9.27 10.25 -8.28
CA SER B 61 -9.54 8.85 -8.57
C SER B 61 -8.24 8.04 -8.56
N ALA B 62 -7.20 8.59 -9.17
CA ALA B 62 -5.90 7.94 -9.19
C ALA B 62 -5.33 7.80 -7.79
N ARG B 63 -5.54 8.83 -6.96
CA ARG B 63 -5.12 8.78 -5.56
C ARG B 63 -5.92 7.71 -4.82
N ALA B 64 -7.21 7.64 -5.14
CA ALA B 64 -8.11 6.67 -4.53
C ALA B 64 -7.67 5.25 -4.85
N GLN B 65 -7.31 5.01 -6.11
CA GLN B 65 -6.84 3.70 -6.55
C GLN B 65 -5.60 3.30 -5.74
N ALA B 66 -4.65 4.23 -5.63
CA ALA B 66 -3.44 4.00 -4.85
C ALA B 66 -3.76 3.71 -3.39
N LEU B 67 -4.74 4.43 -2.84
CA LEU B 67 -5.16 4.23 -1.45
C LEU B 67 -5.81 2.87 -1.25
N SER B 68 -6.72 2.53 -2.16
CA SER B 68 -7.44 1.25 -2.06
C SER B 68 -6.46 0.08 -2.15
N THR B 69 -5.45 0.21 -3.00
CA THR B 69 -4.43 -0.81 -3.14
C THR B 69 -3.58 -0.89 -1.87
N ALA B 70 -3.19 0.28 -1.34
CA ALA B 70 -2.39 0.34 -0.13
C ALA B 70 -3.15 -0.22 1.06
N LEU B 71 -4.46 0.04 1.10
CA LEU B 71 -5.31 -0.45 2.18
C LEU B 71 -5.25 -1.97 2.25
N ALA B 72 -5.56 -2.62 1.15
CA ALA B 72 -5.55 -4.08 1.08
C ALA B 72 -4.16 -4.65 1.37
N SER B 73 -3.15 -4.02 0.78
CA SER B 73 -1.78 -4.49 0.92
C SER B 73 -1.31 -4.39 2.36
N SER B 74 -1.45 -3.21 2.97
CA SER B 74 -0.91 -2.96 4.30
C SER B 74 -1.62 -3.81 5.35
N LEU B 75 -2.93 -3.96 5.22
CA LEU B 75 -3.70 -4.74 6.18
C LEU B 75 -3.30 -6.22 6.12
N THR B 76 -3.20 -6.74 4.91
CA THR B 76 -2.88 -8.15 4.72
C THR B 76 -1.45 -8.47 5.15
N ASP B 77 -0.49 -7.66 4.70
CA ASP B 77 0.92 -7.91 4.98
C ASP B 77 1.20 -7.87 6.48
N LEU B 78 0.62 -6.87 7.15
CA LEU B 78 0.73 -6.75 8.60
C LEU B 78 0.21 -8.03 9.26
N LEU B 79 -0.97 -8.45 8.82
CA LEU B 79 -1.60 -9.65 9.34
C LEU B 79 -0.71 -10.87 9.14
N ILE B 80 -0.29 -11.10 7.91
CA ILE B 80 0.53 -12.27 7.56
C ILE B 80 1.70 -12.46 8.53
N ALA B 81 2.39 -11.37 8.84
CA ALA B 81 3.57 -11.43 9.69
C ALA B 81 3.21 -11.75 11.15
N GLU B 82 2.23 -11.04 11.69
CA GLU B 82 1.90 -11.16 13.10
C GLU B 82 1.03 -12.40 13.37
N SER B 83 0.42 -12.93 12.32
CA SER B 83 -0.50 -14.05 12.47
C SER B 83 0.17 -15.36 12.14
N ALA B 84 1.41 -15.26 11.66
CA ALA B 84 2.13 -16.39 11.08
C ALA B 84 1.49 -16.78 9.75
N GLU B 85 2.25 -16.65 8.68
CA GLU B 85 1.81 -17.01 7.34
C GLU B 85 1.27 -18.44 7.26
N SER B 86 1.61 -19.27 8.22
CA SER B 86 1.08 -20.62 8.27
C SER B 86 -0.39 -20.61 8.68
N ASN B 87 -0.84 -19.52 9.30
CA ASN B 87 -2.20 -19.46 9.84
C ASN B 87 -2.96 -18.22 9.36
N TYR B 88 -2.26 -17.31 8.69
CA TYR B 88 -2.83 -16.01 8.33
C TYR B 88 -4.07 -16.14 7.45
N ASN B 89 -4.14 -17.23 6.69
CA ASN B 89 -5.22 -17.44 5.73
C ASN B 89 -6.58 -17.52 6.44
N ASN B 90 -6.56 -17.93 7.70
CA ASN B 90 -7.78 -18.07 8.49
C ASN B 90 -8.39 -16.70 8.77
N GLN B 91 -7.58 -15.78 9.26
CA GLN B 91 -8.02 -14.43 9.54
C GLN B 91 -8.32 -13.67 8.25
N LEU B 92 -7.49 -13.92 7.24
CA LEU B 92 -7.63 -13.27 5.95
C LEU B 92 -9.02 -13.50 5.36
N SER B 93 -9.60 -14.66 5.64
CA SER B 93 -10.92 -15.02 5.15
C SER B 93 -11.96 -13.99 5.61
N GLU B 94 -11.84 -13.54 6.86
CA GLU B 94 -12.79 -12.60 7.42
C GLU B 94 -12.47 -11.17 6.99
N LEU B 95 -11.18 -10.86 6.92
CA LEU B 95 -10.74 -9.52 6.54
C LEU B 95 -11.36 -9.10 5.21
N THR B 96 -11.21 -9.95 4.20
CA THR B 96 -11.76 -9.73 2.89
C THR B 96 -13.28 -9.54 2.95
N GLY B 97 -13.93 -10.32 3.81
CA GLY B 97 -15.38 -10.26 3.93
C GLY B 97 -15.84 -8.96 4.55
N ILE B 98 -15.22 -8.56 5.65
CA ILE B 98 -15.58 -7.34 6.37
C ILE B 98 -15.48 -6.13 5.45
N LEU B 99 -14.39 -6.04 4.70
CA LEU B 99 -14.19 -4.95 3.76
C LEU B 99 -15.35 -4.84 2.79
N SER B 100 -15.64 -5.94 2.10
CA SER B 100 -16.70 -5.99 1.11
C SER B 100 -18.08 -5.75 1.75
N ASN B 101 -18.22 -6.21 2.99
CA ASN B 101 -19.46 -6.06 3.73
C ASN B 101 -19.72 -4.58 4.02
N CYS B 102 -18.67 -3.85 4.32
CA CYS B 102 -18.77 -2.42 4.59
C CYS B 102 -18.97 -1.65 3.29
N PHE B 103 -18.31 -2.09 2.22
CA PHE B 103 -18.51 -1.49 0.90
C PHE B 103 -19.97 -1.51 0.51
N ILE B 104 -20.64 -2.63 0.79
CA ILE B 104 -22.07 -2.78 0.53
C ILE B 104 -22.87 -1.65 1.17
N GLN B 105 -22.49 -1.27 2.38
CA GLN B 105 -23.25 -0.28 3.11
C GLN B 105 -22.82 1.13 2.75
N THR B 106 -21.53 1.34 2.59
CA THR B 106 -20.99 2.67 2.42
C THR B 106 -21.01 3.15 0.95
N THR B 107 -20.79 2.24 0.00
CA THR B 107 -20.81 2.62 -1.40
C THR B 107 -21.88 1.82 -2.17
N GLY B 108 -22.63 1.01 -1.44
CA GLY B 108 -23.77 0.30 -2.04
C GLY B 108 -23.37 -0.73 -3.08
N SER B 109 -22.20 -1.34 -2.93
CA SER B 109 -21.74 -2.35 -3.87
C SER B 109 -20.61 -3.18 -3.29
N ASP B 110 -20.47 -4.40 -3.80
CA ASP B 110 -19.43 -5.33 -3.34
C ASP B 110 -18.12 -5.06 -4.08
N ASN B 111 -18.22 -4.96 -5.40
CA ASN B 111 -17.08 -4.66 -6.27
C ASN B 111 -16.05 -5.77 -6.25
N PRO B 112 -16.19 -6.75 -7.18
CA PRO B 112 -15.25 -7.88 -7.27
C PRO B 112 -13.86 -7.46 -7.73
N ALA B 113 -13.75 -6.22 -8.20
CA ALA B 113 -12.47 -5.70 -8.65
C ALA B 113 -11.54 -5.48 -7.46
N PHE B 114 -12.11 -5.13 -6.31
CA PHE B 114 -11.32 -4.85 -5.13
C PHE B 114 -10.70 -6.13 -4.60
N VAL B 115 -11.51 -7.18 -4.51
CA VAL B 115 -11.01 -8.47 -4.02
C VAL B 115 -9.98 -9.07 -4.99
N SER B 116 -10.12 -8.74 -6.27
CA SER B 116 -9.15 -9.17 -7.27
C SER B 116 -7.79 -8.52 -7.01
N ARG B 117 -7.82 -7.26 -6.57
CA ARG B 117 -6.60 -6.55 -6.20
C ARG B 117 -6.01 -7.12 -4.92
N ILE B 118 -6.88 -7.51 -4.00
CA ILE B 118 -6.44 -8.10 -2.74
C ILE B 118 -5.68 -9.40 -2.98
N GLN B 119 -6.31 -10.34 -3.68
CA GLN B 119 -5.73 -11.66 -3.90
C GLN B 119 -4.38 -11.57 -4.59
N SER B 120 -4.26 -10.68 -5.54
CA SER B 120 -3.02 -10.52 -6.29
C SER B 120 -1.92 -9.95 -5.41
N LEU B 121 -2.28 -9.06 -4.50
CA LEU B 121 -1.32 -8.50 -3.55
C LEU B 121 -0.89 -9.57 -2.56
N ILE B 122 -1.85 -10.37 -2.11
CA ILE B 122 -1.57 -11.45 -1.16
C ILE B 122 -0.51 -12.40 -1.71
N SER B 123 -0.60 -12.68 -3.00
CA SER B 123 0.31 -13.59 -3.68
C SER B 123 1.75 -13.06 -3.64
N VAL B 124 1.89 -11.76 -3.39
CA VAL B 124 3.19 -11.14 -3.28
C VAL B 124 3.64 -11.06 -1.83
N LEU B 125 2.68 -10.81 -0.94
CA LEU B 125 2.96 -10.59 0.47
C LEU B 125 3.42 -11.86 1.16
N SER B 126 2.80 -12.98 0.85
CA SER B 126 3.17 -14.25 1.47
C SER B 126 4.19 -14.99 0.61
N GLN B 127 4.73 -14.30 -0.38
CA GLN B 127 5.70 -14.90 -1.29
C GLN B 127 7.11 -14.67 -0.78
N ASN B 128 7.49 -15.43 0.23
CA ASN B 128 8.86 -15.43 0.72
C ASN B 128 9.61 -16.62 0.15
N THR B 129 10.92 -16.64 0.31
CA THR B 129 11.75 -17.69 -0.27
C THR B 129 11.62 -18.99 0.51
N ASP B 130 11.57 -20.11 -0.20
CA ASP B 130 11.45 -21.42 0.43
C ASP B 130 12.77 -21.83 1.06
N VAL B 131 13.85 -21.14 0.68
CA VAL B 131 15.15 -21.35 1.30
C VAL B 131 15.23 -20.54 2.60
N ASN B 132 14.17 -19.75 2.84
CA ASN B 132 14.02 -18.95 4.07
C ASN B 132 14.85 -17.67 4.02
N ILE B 133 14.22 -16.56 4.38
CA ILE B 133 14.93 -15.30 4.57
C ILE B 133 15.32 -15.16 6.04
N ILE B 134 15.04 -16.21 6.80
CA ILE B 134 15.32 -16.22 8.22
C ILE B 134 16.74 -16.70 8.47
N SER B 135 17.66 -15.75 8.53
CA SER B 135 19.05 -16.06 8.82
C SER B 135 19.42 -15.50 10.18
N THR B 136 18.41 -15.30 11.00
CA THR B 136 18.56 -14.66 12.29
C THR B 136 18.86 -15.67 13.39
N ALA B 137 18.90 -16.94 13.00
CA ALA B 137 19.19 -18.03 13.93
C ALA B 137 20.63 -17.95 14.41
#